data_8E6Q
#
_entry.id   8E6Q
#
_cell.length_a   1.00
_cell.length_b   1.00
_cell.length_c   1.00
_cell.angle_alpha   90.00
_cell.angle_beta   90.00
_cell.angle_gamma   90.00
#
_symmetry.space_group_name_H-M   'P 1'
#
loop_
_entity.id
_entity.type
_entity.pdbx_description
1 polymer 'Transient receptor potential cation channel subfamily M member 2'
2 non-polymer ADENOSINE-5-DIPHOSPHORIBOSE
#
_entity_poly.entity_id   1
_entity_poly.type   'polypeptide(L)'
_entity_poly.pdbx_seq_one_letter_code
;MEPSALRKAGSEQEEGFEGLPRRVTDLGMVSNLRRSNSSLFKSWRLQCPFGNNDKQESLSSWIPENIKKKECVYFVESSK
LSDAGKVVCQCGYTHEQHLEEATKPHTFQGTQWDPKKHVQEMPTDAFGDIVFTGLSQKVKKYVRVSQDTPSSVIYHLMTQ
HWGLDVPNLLISVTGGAKNFNMKPRLKSIFRRGLVKVAQTTGAWIITGGSHTGVMKQVGEAVRDFSLSSSYKEGELITIG
VATWGTVHRREGLIHPTGSFPAEYILDEDGQGNLTCLDSNHSHFILVDDGTHGQYGVEIPLRTRLEKFISEQTKERGGVA
IKIPIVCVVLEGGPGTLHTIDNATTNGTPCVVVEGSGRVADVIAQVANLPVSDITISLIQQKLSVFFQEMFETFTESRIV
EWTKKIQDIVRRRQLLTVFREGKDGQQDVDVAILQALLKASRSQDHFGHENWDHQLKLAVAWNRVDIARSEIFMDEWQWK
PSDLHPTMTAALISNKPEFVKLFLENGVQLKEFVTWDTLLYLYENLDPSCLFHSKLQKVLVEDPERPACAPAAPRLQMHH
VAQVLRELLGDFTQPLYPRPRHNDRLRLLLPVPHVKLNVQGVSLRSLYKRSSGHVTFTMDPIRDLLIWAIVQNRRELAGI
IWAQSQDCIAAALACSKILKELSKEEEDTDSSEEMLALAEEYEHRAIGVFTECYRKDEERAQKLLTRVSEAWGKTTCLQL
ALEAKDMKFVSHGGIQAFLTKVWWGQLSVDNGLWRVTLCMLAFPLLLTGLISFREKRLQDVGTPAARARAFFTAPVVVFH
LNILSYFAFLCLFAYVLMVDFQPVPSWCECAIYLWLFSLVCEEMRQLFYDPDECGLMKKAALYFSDFWNKLDVGAILLFV
AGLTCRLIPATLYPGRVILSLDFILFCLRLMHIFTISKTLGPKIIIVKRMMKDVFFFLFLLAVWVVSFGVAKQAILIHNE
RRVDWLFRGAVYHSYLTIFGQIPGYIDGVNFNPEHCSPNGTDPYKPKCPESDATQQRPAFPEWLTVLLLCLYLLFTNILL
LNLLIAMFNYTFQQVQEHTDQIWKFQRHDLIEEYHGRPAAPPPFILLSHLQLFIKRVVLKTPAKRHKQLKNKLEKNEEAA
LLSWEIYLKENYLQNRQFQQKQRPEQKIEDISNKVDAMVDLLDLDPLKRSGSMEQRLASLEEQVAQTAQALHWIVRTLRA
SGFSSEADVPTLASQKAAEEPDAEPGGRKKTEEPGDSYHVNARHLLYPNCPVTRFPVPNEKVPWETEFLIYDPPFYTAER
KDAAAMDPMGDTLEPLSTIQYNVVDGLRDRRSFHGPYTVQAGLPLNPMGRTGLRGRGSLSCFGPNHTLYPMVTRWRRNED
GAICRKSIKKMLEVLVVKLPLSEHWALPGGSREPGEMLPRKLKRILRQEHWPSFENLLKCGMEVYKGYMDDPRNTDNAWI
ETVAVSVHFQDQNDVELNRLNSNLHACDSGASIRWQVVDRRIPLYANHKTLLQKAAAEFGAHY
;
_entity_poly.pdbx_strand_id   A,B,C,D
#
loop_
_chem_comp.id
_chem_comp.type
_chem_comp.name
_chem_comp.formula
APR non-polymer ADENOSINE-5-DIPHOSPHORIBOSE 'C15 H23 N5 O14 P2'
#
# COMPACT_ATOMS: atom_id res chain seq x y z
N GLN A 56 49.66 12.93 -25.30
CA GLN A 56 48.64 12.99 -26.34
C GLN A 56 49.27 13.06 -27.73
N GLU A 57 50.43 13.72 -27.81
CA GLU A 57 51.16 13.82 -29.07
C GLU A 57 51.69 12.49 -29.55
N SER A 58 51.77 11.48 -28.68
CA SER A 58 52.20 10.15 -29.10
C SER A 58 51.26 9.58 -30.15
N LEU A 59 49.95 9.75 -29.96
CA LEU A 59 48.98 9.35 -30.98
C LEU A 59 49.20 10.12 -32.28
N SER A 60 49.39 11.43 -32.17
CA SER A 60 49.54 12.28 -33.34
C SER A 60 50.80 11.96 -34.14
N SER A 61 51.83 11.40 -33.49
CA SER A 61 53.00 10.97 -34.23
C SER A 61 52.89 9.52 -34.69
N TRP A 62 52.18 8.68 -33.93
CA TRP A 62 52.10 7.26 -34.24
C TRP A 62 51.17 6.97 -35.41
N ILE A 63 50.03 7.65 -35.49
CA ILE A 63 49.06 7.36 -36.54
C ILE A 63 49.64 7.56 -37.94
N PRO A 64 50.34 8.68 -38.23
CA PRO A 64 50.94 8.81 -39.57
C PRO A 64 52.02 7.76 -39.85
N GLU A 65 52.62 7.17 -38.82
CA GLU A 65 53.66 6.18 -39.06
C GLU A 65 53.05 4.84 -39.50
N ASN A 66 51.89 4.49 -38.97
CA ASN A 66 51.33 3.14 -39.11
C ASN A 66 50.25 3.05 -40.19
N ILE A 67 49.19 3.85 -40.07
CA ILE A 67 48.01 3.69 -40.89
C ILE A 67 48.21 4.36 -42.24
N LYS A 68 47.74 3.69 -43.29
CA LYS A 68 47.84 4.16 -44.66
C LYS A 68 46.44 4.53 -45.18
N LYS A 69 46.40 5.07 -46.39
CA LYS A 69 45.12 5.43 -47.01
C LYS A 69 45.28 5.34 -48.53
N LYS A 70 44.15 5.10 -49.21
CA LYS A 70 44.15 4.85 -50.64
C LYS A 70 43.83 6.12 -51.42
N GLU A 71 44.42 6.21 -52.62
CA GLU A 71 44.15 7.30 -53.55
C GLU A 71 44.68 6.92 -54.91
N CYS A 72 43.85 7.06 -55.94
CA CYS A 72 44.27 6.75 -57.31
C CYS A 72 45.27 7.79 -57.80
N VAL A 73 46.21 7.35 -58.63
CA VAL A 73 47.29 8.22 -59.10
C VAL A 73 47.29 8.43 -60.61
N TYR A 74 46.44 7.74 -61.35
CA TYR A 74 46.44 7.86 -62.81
C TYR A 74 45.04 8.23 -63.29
N PHE A 75 44.99 9.01 -64.37
CA PHE A 75 43.72 9.49 -64.93
C PHE A 75 43.22 8.51 -65.98
N VAL A 76 42.24 7.70 -65.61
CA VAL A 76 41.56 6.81 -66.55
C VAL A 76 40.12 7.27 -66.69
N GLU A 77 39.85 8.14 -67.66
CA GLU A 77 38.54 8.78 -67.78
C GLU A 77 37.44 7.75 -67.98
N SER A 78 36.37 7.88 -67.20
CA SER A 78 35.25 6.97 -67.30
C SER A 78 34.36 7.34 -68.48
N SER A 79 33.87 6.32 -69.19
CA SER A 79 32.98 6.55 -70.32
C SER A 79 31.67 7.19 -69.88
N LYS A 80 31.10 6.71 -68.77
CA LYS A 80 29.82 7.20 -68.27
C LYS A 80 30.08 8.41 -67.37
N LEU A 81 29.75 9.60 -67.87
CA LEU A 81 29.92 10.81 -67.07
C LEU A 81 28.92 10.85 -65.92
N SER A 82 29.40 11.25 -64.75
CA SER A 82 28.55 11.34 -63.57
C SER A 82 27.69 12.59 -63.62
N ASP A 83 26.66 12.62 -62.76
CA ASP A 83 25.78 13.77 -62.65
C ASP A 83 26.57 14.95 -62.11
N ALA A 84 26.83 15.94 -62.96
CA ALA A 84 27.65 17.11 -62.67
C ALA A 84 29.09 16.74 -62.33
N GLY A 85 29.47 15.47 -62.47
CA GLY A 85 30.83 15.03 -62.23
C GLY A 85 31.45 14.42 -63.46
N LYS A 86 31.22 15.03 -64.63
CA LYS A 86 31.74 14.48 -65.88
C LYS A 86 33.25 14.39 -65.89
N VAL A 87 33.92 15.28 -65.14
CA VAL A 87 35.39 15.23 -65.05
C VAL A 87 35.72 14.29 -63.90
N VAL A 88 35.73 12.99 -64.20
CA VAL A 88 36.00 11.95 -63.22
C VAL A 88 36.69 10.80 -63.93
N CYS A 89 37.87 10.42 -63.45
CA CYS A 89 38.63 9.32 -64.04
C CYS A 89 38.29 8.01 -63.33
N GLN A 90 37.00 7.68 -63.38
CA GLN A 90 36.42 6.45 -62.84
C GLN A 90 36.39 6.45 -61.32
N CYS A 91 37.02 7.44 -60.71
CA CYS A 91 36.87 7.68 -59.28
C CYS A 91 36.52 9.13 -58.96
N GLY A 92 37.16 10.08 -59.64
CA GLY A 92 36.88 11.51 -59.50
C GLY A 92 36.68 12.00 -58.08
N TYR A 93 37.72 11.92 -57.25
CA TYR A 93 37.53 12.26 -55.84
C TYR A 93 37.58 13.77 -55.63
N THR A 94 38.75 14.39 -55.86
CA THR A 94 38.85 15.86 -55.88
C THR A 94 39.92 16.26 -56.91
N HIS A 95 39.48 16.40 -58.16
CA HIS A 95 40.30 16.91 -59.26
C HIS A 95 39.50 16.88 -60.55
N GLU A 96 40.06 17.40 -61.64
CA GLU A 96 39.50 17.12 -62.96
C GLU A 96 39.60 15.65 -63.29
N GLN A 97 40.57 14.95 -62.70
CA GLN A 97 40.75 13.52 -62.86
C GLN A 97 40.65 12.85 -61.49
N HIS A 98 40.93 11.53 -61.47
CA HIS A 98 40.94 10.78 -60.22
C HIS A 98 42.36 10.68 -59.69
N LEU A 99 42.88 11.82 -59.23
CA LEU A 99 44.23 11.87 -58.70
C LEU A 99 44.35 13.06 -57.76
N GLU A 100 45.20 12.91 -56.74
CA GLU A 100 45.52 14.00 -55.81
C GLU A 100 46.87 14.63 -56.14
N GLU A 101 47.47 14.25 -57.27
CA GLU A 101 48.76 14.78 -57.68
C GLU A 101 48.70 15.00 -59.20
N ALA A 102 49.86 15.21 -59.82
CA ALA A 102 49.91 15.41 -61.26
C ALA A 102 49.45 14.15 -61.99
N THR A 103 48.54 14.33 -62.95
CA THR A 103 48.01 13.21 -63.72
C THR A 103 48.96 12.93 -64.88
N LYS A 104 50.15 12.45 -64.53
CA LYS A 104 51.19 12.15 -65.50
C LYS A 104 50.87 10.84 -66.23
N PRO A 105 51.35 10.70 -67.47
CA PRO A 105 51.15 9.43 -68.18
C PRO A 105 51.77 8.24 -67.49
N HIS A 106 52.83 8.46 -66.69
CA HIS A 106 53.53 7.39 -65.97
C HIS A 106 54.07 6.33 -66.92
N THR A 107 54.47 6.74 -68.13
CA THR A 107 55.07 5.88 -69.14
C THR A 107 54.10 4.81 -69.65
N PHE A 108 52.88 4.81 -69.12
CA PHE A 108 51.87 3.84 -69.56
C PHE A 108 50.50 4.38 -69.19
N GLN A 109 49.71 4.75 -70.20
CA GLN A 109 48.35 5.23 -70.00
C GLN A 109 47.39 4.05 -70.14
N GLY A 110 47.49 3.13 -69.18
CA GLY A 110 46.69 1.91 -69.21
C GLY A 110 45.20 2.15 -69.04
N THR A 111 44.43 1.84 -70.08
CA THR A 111 42.99 1.97 -70.00
C THR A 111 42.42 1.00 -68.97
N GLN A 112 41.40 1.46 -68.24
CA GLN A 112 40.79 0.68 -67.16
C GLN A 112 41.84 0.26 -66.14
N TRP A 113 42.44 1.27 -65.51
CA TRP A 113 43.52 1.06 -64.55
C TRP A 113 43.08 0.15 -63.42
N ASP A 114 43.87 -0.88 -63.14
CA ASP A 114 43.54 -1.82 -62.08
C ASP A 114 43.68 -1.15 -60.72
N PRO A 115 42.74 -1.36 -59.79
CA PRO A 115 42.90 -0.77 -58.45
C PRO A 115 44.14 -1.24 -57.73
N LYS A 116 44.58 -2.48 -57.96
CA LYS A 116 45.80 -2.97 -57.31
C LYS A 116 47.04 -2.27 -57.84
N LYS A 117 47.05 -1.92 -59.13
CA LYS A 117 48.22 -1.31 -59.75
C LYS A 117 48.17 0.21 -59.71
N HIS A 118 46.99 0.81 -59.82
CA HIS A 118 46.89 2.27 -59.88
C HIS A 118 46.87 2.88 -58.48
N VAL A 119 46.01 2.36 -57.60
CA VAL A 119 45.84 2.94 -56.28
C VAL A 119 47.01 2.54 -55.38
N GLN A 120 47.58 3.53 -54.71
CA GLN A 120 48.70 3.32 -53.79
C GLN A 120 48.32 3.81 -52.41
N GLU A 121 49.23 3.65 -51.46
CA GLU A 121 48.98 3.97 -50.07
C GLU A 121 49.89 5.10 -49.59
N MET A 122 49.27 6.14 -49.04
CA MET A 122 49.96 7.25 -48.41
C MET A 122 49.70 7.20 -46.90
N PRO A 123 50.63 7.71 -46.10
CA PRO A 123 50.37 7.77 -44.65
C PRO A 123 49.21 8.70 -44.32
N THR A 124 48.49 8.34 -43.27
CA THR A 124 47.26 9.04 -42.88
C THR A 124 47.58 10.27 -42.03
N ASP A 125 46.78 11.32 -42.22
CA ASP A 125 46.84 12.51 -41.39
C ASP A 125 45.46 13.02 -41.00
N ALA A 126 44.39 12.34 -41.42
CA ALA A 126 43.03 12.79 -41.19
C ALA A 126 42.45 12.31 -39.85
N PHE A 127 43.31 12.03 -38.88
CA PHE A 127 42.85 11.56 -37.57
C PHE A 127 42.44 12.75 -36.72
N GLY A 128 42.18 12.51 -35.43
CA GLY A 128 41.82 13.57 -34.52
C GLY A 128 40.52 13.35 -33.78
N ASP A 129 39.85 14.45 -33.44
CA ASP A 129 38.57 14.42 -32.73
C ASP A 129 37.57 15.29 -33.47
N ILE A 130 36.29 15.11 -33.15
CA ILE A 130 35.22 15.90 -33.75
C ILE A 130 34.27 16.35 -32.66
N VAL A 131 33.76 17.58 -32.79
CA VAL A 131 32.66 18.08 -31.99
C VAL A 131 31.62 18.66 -32.92
N PHE A 132 30.39 18.16 -32.81
CA PHE A 132 29.29 18.64 -33.66
C PHE A 132 28.89 20.05 -33.24
N THR A 133 28.72 20.92 -34.24
CA THR A 133 28.48 22.34 -33.99
C THR A 133 27.08 22.55 -33.46
N GLY A 134 26.95 22.60 -32.13
CA GLY A 134 25.69 22.92 -31.49
C GLY A 134 24.77 21.73 -31.25
N LEU A 135 25.00 20.59 -31.89
CA LEU A 135 24.15 19.43 -31.67
C LEU A 135 24.46 18.74 -30.35
N SER A 136 25.72 18.75 -29.93
CA SER A 136 26.12 18.11 -28.68
C SER A 136 27.26 18.94 -28.07
N GLN A 137 27.77 18.47 -26.93
CA GLN A 137 28.88 19.13 -26.25
C GLN A 137 30.06 18.22 -25.98
N LYS A 138 29.91 16.91 -26.07
CA LYS A 138 31.00 16.00 -25.82
C LYS A 138 31.91 15.89 -27.05
N VAL A 139 33.03 15.21 -26.87
CA VAL A 139 34.02 15.02 -27.92
C VAL A 139 33.97 13.56 -28.39
N LYS A 140 34.19 13.37 -29.69
CA LYS A 140 34.13 12.04 -30.30
C LYS A 140 35.41 11.77 -31.06
N LYS A 141 35.92 10.55 -30.96
CA LYS A 141 37.14 10.16 -31.65
C LYS A 141 36.82 9.59 -33.02
N TYR A 142 37.75 9.77 -33.96
CA TYR A 142 37.57 9.26 -35.31
C TYR A 142 38.94 9.06 -35.94
N VAL A 143 39.07 8.00 -36.74
CA VAL A 143 40.30 7.66 -37.43
C VAL A 143 39.97 7.21 -38.85
N ARG A 144 40.68 7.75 -39.83
CA ARG A 144 40.57 7.29 -41.21
C ARG A 144 41.58 6.18 -41.45
N VAL A 145 41.10 5.03 -41.92
CA VAL A 145 41.91 3.83 -42.02
C VAL A 145 41.88 3.32 -43.46
N SER A 146 42.91 2.57 -43.83
CA SER A 146 43.02 2.02 -45.18
C SER A 146 42.04 0.87 -45.38
N GLN A 147 41.87 0.48 -46.65
CA GLN A 147 41.03 -0.66 -46.97
C GLN A 147 41.60 -1.95 -46.39
N ASP A 148 42.91 -2.17 -46.55
CA ASP A 148 43.59 -3.33 -46.02
C ASP A 148 44.50 -2.90 -44.88
N THR A 149 44.14 -3.26 -43.65
CA THR A 149 44.90 -2.92 -42.47
C THR A 149 44.79 -4.08 -41.48
N PRO A 150 45.91 -4.53 -40.92
CA PRO A 150 45.85 -5.58 -39.90
C PRO A 150 45.02 -5.14 -38.71
N SER A 151 44.18 -6.05 -38.21
CA SER A 151 43.31 -5.73 -37.09
C SER A 151 44.08 -5.52 -35.79
N SER A 152 45.29 -6.06 -35.70
CA SER A 152 46.09 -5.87 -34.49
C SER A 152 46.44 -4.39 -34.29
N VAL A 153 46.78 -3.69 -35.37
CA VAL A 153 47.13 -2.27 -35.26
C VAL A 153 45.91 -1.47 -34.80
N ILE A 154 44.75 -1.74 -35.39
CA ILE A 154 43.54 -1.02 -35.00
C ILE A 154 43.19 -1.30 -33.54
N TYR A 155 43.27 -2.56 -33.12
CA TYR A 155 42.96 -2.89 -31.73
C TYR A 155 43.93 -2.23 -30.77
N HIS A 156 45.23 -2.26 -31.09
CA HIS A 156 46.21 -1.57 -30.25
C HIS A 156 45.92 -0.08 -30.16
N LEU A 157 45.54 0.54 -31.29
CA LEU A 157 45.16 1.94 -31.26
C LEU A 157 44.00 2.18 -30.30
N MET A 158 42.91 1.43 -30.46
CA MET A 158 41.72 1.71 -29.67
C MET A 158 41.92 1.36 -28.19
N THR A 159 42.87 0.47 -27.89
CA THR A 159 43.12 0.14 -26.48
C THR A 159 44.07 1.14 -25.83
N GLN A 160 45.23 1.37 -26.43
CA GLN A 160 46.24 2.22 -25.81
C GLN A 160 45.94 3.70 -26.03
N HIS A 161 45.81 4.10 -27.30
CA HIS A 161 45.72 5.51 -27.64
C HIS A 161 44.30 6.07 -27.54
N TRP A 162 43.31 5.22 -27.22
CA TRP A 162 41.95 5.70 -27.04
C TRP A 162 41.37 5.42 -25.65
N GLY A 163 42.08 4.69 -24.80
CA GLY A 163 41.64 4.45 -23.44
C GLY A 163 40.36 3.63 -23.35
N LEU A 164 40.25 2.57 -24.14
CA LEU A 164 39.10 1.68 -24.12
C LEU A 164 39.54 0.31 -23.63
N ASP A 165 38.89 -0.19 -22.58
CA ASP A 165 39.25 -1.47 -22.00
C ASP A 165 38.66 -2.61 -22.83
N VAL A 166 39.03 -3.83 -22.47
CA VAL A 166 38.51 -5.01 -23.18
C VAL A 166 37.01 -5.13 -22.92
N PRO A 167 36.19 -5.40 -23.94
CA PRO A 167 34.75 -5.48 -23.73
C PRO A 167 34.31 -6.82 -23.16
N ASN A 168 32.99 -6.97 -22.97
CA ASN A 168 32.41 -8.21 -22.52
C ASN A 168 31.45 -8.83 -23.53
N LEU A 169 30.79 -8.01 -24.34
CA LEU A 169 29.89 -8.49 -25.38
C LEU A 169 30.09 -7.64 -26.63
N LEU A 170 30.02 -8.29 -27.79
CA LEU A 170 30.19 -7.61 -29.08
C LEU A 170 28.94 -7.84 -29.91
N ILE A 171 28.00 -6.91 -29.84
CA ILE A 171 26.75 -6.97 -30.61
C ILE A 171 26.89 -6.02 -31.80
N SER A 172 26.65 -6.56 -32.99
CA SER A 172 26.73 -5.79 -34.24
C SER A 172 25.33 -5.70 -34.83
N VAL A 173 24.77 -4.48 -34.82
CA VAL A 173 23.45 -4.23 -35.37
C VAL A 173 23.58 -3.66 -36.77
N THR A 174 22.81 -4.22 -37.71
CA THR A 174 22.80 -3.76 -39.08
C THR A 174 21.39 -3.85 -39.65
N GLY A 175 21.11 -3.00 -40.62
CA GLY A 175 19.78 -2.98 -41.20
C GLY A 175 19.70 -1.96 -42.32
N GLY A 176 18.46 -1.73 -42.77
CA GLY A 176 18.23 -0.79 -43.86
C GLY A 176 18.59 0.63 -43.46
N ALA A 177 19.31 1.32 -44.34
CA ALA A 177 19.76 2.69 -44.07
C ALA A 177 18.81 3.72 -44.66
N LYS A 178 18.63 3.71 -45.98
CA LYS A 178 17.91 4.78 -46.65
C LYS A 178 16.40 4.56 -46.65
N ASN A 179 15.93 3.34 -46.94
CA ASN A 179 14.52 3.03 -47.03
C ASN A 179 14.16 2.01 -45.96
N PHE A 180 13.83 2.51 -44.77
CA PHE A 180 13.45 1.67 -43.64
C PHE A 180 12.10 2.11 -43.10
N ASN A 181 11.17 1.19 -42.98
CA ASN A 181 9.86 1.44 -42.40
C ASN A 181 9.63 0.46 -41.25
N MET A 182 9.12 0.99 -40.14
CA MET A 182 9.02 0.22 -38.90
C MET A 182 7.65 0.38 -38.28
N LYS A 183 7.17 -0.69 -37.65
CA LYS A 183 5.94 -0.63 -36.87
C LYS A 183 6.26 -0.21 -35.43
N PRO A 184 5.27 0.36 -34.72
CA PRO A 184 5.55 0.81 -33.34
C PRO A 184 6.00 -0.30 -32.41
N ARG A 185 5.46 -1.51 -32.58
CA ARG A 185 5.95 -2.65 -31.79
C ARG A 185 7.41 -2.93 -32.11
N LEU A 186 7.80 -2.77 -33.37
CA LEU A 186 9.21 -2.90 -33.74
C LEU A 186 10.06 -1.80 -33.10
N LYS A 187 9.53 -0.57 -33.02
CA LYS A 187 10.31 0.52 -32.45
C LYS A 187 10.50 0.34 -30.94
N SER A 188 9.49 -0.21 -30.27
CA SER A 188 9.56 -0.37 -28.82
C SER A 188 10.69 -1.32 -28.42
N ILE A 189 10.91 -2.37 -29.21
CA ILE A 189 11.89 -3.37 -28.81
C ILE A 189 13.30 -2.80 -28.88
N PHE A 190 13.57 -1.98 -29.90
CA PHE A 190 14.83 -1.22 -29.93
C PHE A 190 14.88 -0.20 -28.79
N ARG A 191 13.74 0.41 -28.47
CA ARG A 191 13.74 1.43 -27.42
C ARG A 191 14.11 0.82 -26.07
N ARG A 192 13.79 -0.45 -25.85
CA ARG A 192 13.98 -1.06 -24.53
C ARG A 192 15.08 -2.10 -24.48
N GLY A 193 14.98 -3.18 -25.27
CA GLY A 193 15.80 -4.35 -25.01
C GLY A 193 17.26 -4.16 -25.39
N LEU A 194 17.51 -3.46 -26.49
CA LEU A 194 18.89 -3.19 -26.89
C LEU A 194 19.60 -2.36 -25.83
N VAL A 195 18.90 -1.37 -25.27
CA VAL A 195 19.47 -0.56 -24.20
C VAL A 195 19.73 -1.41 -22.96
N LYS A 196 18.78 -2.30 -22.61
CA LYS A 196 18.99 -3.15 -21.44
C LYS A 196 20.18 -4.08 -21.62
N VAL A 197 20.34 -4.67 -22.80
CA VAL A 197 21.50 -5.55 -23.00
C VAL A 197 22.80 -4.75 -23.11
N ALA A 198 22.73 -3.49 -23.53
CA ALA A 198 23.94 -2.68 -23.63
C ALA A 198 24.42 -2.19 -22.26
N GLN A 199 23.50 -1.85 -21.35
CA GLN A 199 23.92 -1.16 -20.13
C GLN A 199 24.25 -2.12 -18.99
N THR A 200 23.91 -3.41 -19.09
CA THR A 200 24.28 -4.34 -18.02
C THR A 200 25.64 -4.97 -18.27
N THR A 201 25.78 -5.68 -19.39
CA THR A 201 27.02 -6.40 -19.69
C THR A 201 28.17 -5.49 -20.08
N GLY A 202 27.91 -4.20 -20.29
CA GLY A 202 28.94 -3.31 -20.79
C GLY A 202 29.37 -3.70 -22.19
N ALA A 203 28.40 -3.97 -23.05
CA ALA A 203 28.65 -4.45 -24.39
C ALA A 203 29.28 -3.36 -25.25
N TRP A 204 29.58 -3.72 -26.51
CA TRP A 204 30.19 -2.82 -27.48
C TRP A 204 29.27 -2.74 -28.68
N ILE A 205 28.54 -1.63 -28.80
CA ILE A 205 27.61 -1.45 -29.91
C ILE A 205 28.41 -1.02 -31.13
N ILE A 206 28.56 -1.93 -32.10
CA ILE A 206 29.29 -1.66 -33.33
C ILE A 206 28.29 -1.71 -34.48
N THR A 207 28.29 -0.67 -35.31
CA THR A 207 27.37 -0.57 -36.42
C THR A 207 27.93 0.41 -37.45
N GLY A 208 27.16 0.64 -38.51
CA GLY A 208 27.56 1.61 -39.51
C GLY A 208 27.33 3.03 -39.03
N GLY A 209 28.19 3.94 -39.48
CA GLY A 209 28.06 5.33 -39.13
C GLY A 209 27.42 6.16 -40.23
N SER A 210 26.13 6.45 -40.09
CA SER A 210 25.42 7.29 -41.04
C SER A 210 24.19 7.87 -40.36
N HIS A 211 23.58 8.84 -41.03
CA HIS A 211 22.48 9.61 -40.44
C HIS A 211 21.10 9.12 -40.86
N THR A 212 20.97 7.87 -41.29
CA THR A 212 19.69 7.34 -41.74
C THR A 212 19.42 5.95 -41.19
N GLY A 213 18.22 5.77 -40.63
CA GLY A 213 17.67 4.43 -40.48
C GLY A 213 17.88 3.78 -39.12
N VAL A 214 18.07 2.46 -39.15
CA VAL A 214 18.14 1.67 -37.93
C VAL A 214 19.28 2.15 -37.04
N MET A 215 20.38 2.62 -37.65
CA MET A 215 21.45 3.21 -36.86
C MET A 215 21.02 4.52 -36.22
N LYS A 216 20.10 5.26 -36.86
CA LYS A 216 19.52 6.42 -36.18
C LYS A 216 18.66 6.00 -34.99
N GLN A 217 17.90 4.92 -35.13
CA GLN A 217 17.16 4.42 -33.97
C GLN A 217 18.11 4.00 -32.85
N VAL A 218 19.22 3.35 -33.21
CA VAL A 218 20.22 2.98 -32.20
C VAL A 218 20.80 4.21 -31.53
N GLY A 219 21.11 5.24 -32.32
CA GLY A 219 21.67 6.45 -31.76
C GLY A 219 20.71 7.16 -30.82
N GLU A 220 19.44 7.26 -31.19
CA GLU A 220 18.49 7.90 -30.29
C GLU A 220 18.25 7.07 -29.04
N ALA A 221 18.18 5.74 -29.18
CA ALA A 221 18.02 4.85 -28.03
C ALA A 221 19.24 4.82 -27.13
N VAL A 222 20.42 5.21 -27.63
CA VAL A 222 21.58 5.29 -26.76
C VAL A 222 21.77 6.68 -26.16
N ARG A 223 21.29 7.74 -26.84
CA ARG A 223 21.41 9.07 -26.26
C ARG A 223 20.35 9.31 -25.19
N ASP A 224 19.14 8.79 -25.39
CA ASP A 224 18.07 9.06 -24.43
C ASP A 224 18.31 8.32 -23.12
N PHE A 225 18.95 7.16 -23.17
CA PHE A 225 19.31 6.47 -21.94
C PHE A 225 20.38 7.24 -21.16
N SER A 226 21.38 7.77 -21.87
CA SER A 226 22.40 8.56 -21.20
C SER A 226 21.81 9.83 -20.59
N LEU A 227 20.89 10.48 -21.31
CA LEU A 227 20.25 11.68 -20.76
C LEU A 227 19.35 11.33 -19.57
N SER A 228 18.61 10.24 -19.66
CA SER A 228 17.71 9.82 -18.59
C SER A 228 18.43 9.18 -17.42
N SER A 229 19.69 8.75 -17.60
CA SER A 229 20.46 8.21 -16.49
C SER A 229 20.86 9.30 -15.51
N SER A 230 20.69 10.57 -15.88
CA SER A 230 21.01 11.72 -15.03
C SER A 230 22.47 11.70 -14.59
N TYR A 231 23.36 11.69 -15.58
CA TYR A 231 24.81 11.70 -15.36
C TYR A 231 25.25 10.52 -14.51
N LYS A 232 24.79 9.33 -14.87
CA LYS A 232 25.21 8.11 -14.18
C LYS A 232 26.62 7.73 -14.59
N GLU A 233 27.30 6.99 -13.72
CA GLU A 233 28.66 6.55 -13.98
C GLU A 233 28.69 5.55 -15.13
N GLY A 234 29.61 5.77 -16.06
CA GLY A 234 29.73 4.90 -17.22
C GLY A 234 28.70 5.17 -18.28
N GLU A 235 29.07 4.99 -19.55
CA GLU A 235 28.18 5.23 -20.68
C GLU A 235 28.27 4.06 -21.65
N LEU A 236 27.18 3.78 -22.33
CA LEU A 236 27.14 2.71 -23.32
C LEU A 236 27.97 3.13 -24.52
N ILE A 237 29.17 2.56 -24.64
CA ILE A 237 30.08 2.94 -25.72
C ILE A 237 29.57 2.39 -27.04
N THR A 238 29.62 3.24 -28.07
CA THR A 238 29.19 2.85 -29.42
C THR A 238 30.25 3.28 -30.41
N ILE A 239 30.65 2.36 -31.29
CA ILE A 239 31.65 2.62 -32.31
C ILE A 239 30.99 2.44 -33.67
N GLY A 240 31.20 3.40 -34.57
CA GLY A 240 30.62 3.38 -35.90
C GLY A 240 31.70 3.19 -36.95
N VAL A 241 31.38 2.37 -37.96
CA VAL A 241 32.28 2.09 -39.06
C VAL A 241 31.56 2.39 -40.36
N ALA A 242 32.09 3.32 -41.15
CA ALA A 242 31.52 3.67 -42.44
C ALA A 242 32.64 3.94 -43.42
N THR A 243 32.33 3.79 -44.71
CA THR A 243 33.33 4.02 -45.74
C THR A 243 33.65 5.51 -45.86
N TRP A 244 34.93 5.81 -46.07
CA TRP A 244 35.38 7.19 -46.14
C TRP A 244 34.94 7.88 -47.43
N GLY A 245 34.64 7.12 -48.48
CA GLY A 245 34.25 7.73 -49.74
C GLY A 245 32.93 8.48 -49.67
N THR A 246 31.95 7.91 -48.97
CA THR A 246 30.60 8.48 -48.94
C THR A 246 30.40 9.34 -47.69
N VAL A 247 31.11 10.47 -47.67
CA VAL A 247 30.96 11.47 -46.61
C VAL A 247 30.67 12.81 -47.26
N HIS A 248 29.66 13.50 -46.74
CA HIS A 248 29.23 14.76 -47.35
C HIS A 248 30.28 15.85 -47.21
N ARG A 249 30.67 16.17 -45.98
CA ARG A 249 31.54 17.31 -45.70
C ARG A 249 32.88 16.87 -45.12
N ARG A 250 33.47 15.82 -45.70
CA ARG A 250 34.79 15.37 -45.29
C ARG A 250 35.90 16.33 -45.68
N GLU A 251 35.62 17.32 -46.54
CA GLU A 251 36.64 18.27 -46.95
C GLU A 251 37.17 19.09 -45.79
N GLY A 252 36.34 19.37 -44.78
CA GLY A 252 36.83 20.06 -43.60
C GLY A 252 37.49 19.15 -42.58
N LEU A 253 37.27 17.84 -42.69
CA LEU A 253 37.88 16.90 -41.74
C LEU A 253 39.36 16.67 -42.02
N ILE A 254 39.79 16.78 -43.27
CA ILE A 254 41.19 16.54 -43.63
C ILE A 254 42.04 17.68 -43.06
N HIS A 255 43.05 17.33 -42.28
CA HIS A 255 43.99 18.28 -41.71
C HIS A 255 45.40 17.72 -41.78
N PRO A 256 46.36 18.43 -42.36
CA PRO A 256 47.72 17.87 -42.44
C PRO A 256 48.33 17.60 -41.08
N THR A 257 48.04 18.42 -40.07
CA THR A 257 48.60 18.22 -38.74
C THR A 257 47.58 17.52 -37.85
N GLY A 258 47.98 17.30 -36.59
CA GLY A 258 47.09 16.69 -35.63
C GLY A 258 45.95 17.59 -35.24
N SER A 259 44.74 17.26 -35.69
CA SER A 259 43.57 18.09 -35.47
C SER A 259 42.77 17.54 -34.28
N PHE A 260 43.33 17.73 -33.08
CA PHE A 260 42.59 17.35 -31.89
C PHE A 260 41.37 18.26 -31.75
N PRO A 261 41.51 19.61 -31.90
CA PRO A 261 40.30 20.42 -32.10
C PRO A 261 39.78 20.29 -33.52
N ALA A 262 38.46 20.19 -33.68
CA ALA A 262 37.84 20.19 -35.00
C ALA A 262 36.35 20.42 -34.84
N GLU A 263 35.73 20.88 -35.94
CA GLU A 263 34.29 21.14 -35.96
C GLU A 263 33.72 20.58 -37.25
N TYR A 264 32.66 19.77 -37.12
CA TYR A 264 31.94 19.22 -38.26
C TYR A 264 30.47 19.59 -38.11
N ILE A 265 29.92 20.26 -39.11
CA ILE A 265 28.52 20.66 -39.12
C ILE A 265 27.78 19.77 -40.10
N LEU A 266 26.68 19.16 -39.63
CA LEU A 266 25.89 18.28 -40.47
C LEU A 266 24.76 19.06 -41.13
N ASP A 267 24.42 18.64 -42.35
CA ASP A 267 23.36 19.27 -43.12
C ASP A 267 22.65 18.19 -43.92
N GLU A 268 21.34 18.06 -43.71
CA GLU A 268 20.54 17.05 -44.39
C GLU A 268 19.96 17.53 -45.71
N ASP A 269 20.41 18.68 -46.21
CA ASP A 269 19.90 19.23 -47.46
C ASP A 269 20.72 18.78 -48.66
N GLY A 270 22.03 19.00 -48.62
CA GLY A 270 22.89 18.64 -49.73
C GLY A 270 23.31 17.19 -49.73
N GLN A 271 22.35 16.28 -49.60
CA GLN A 271 22.64 14.84 -49.58
C GLN A 271 22.37 14.29 -50.97
N GLY A 272 23.44 14.08 -51.73
CA GLY A 272 23.33 13.47 -53.04
C GLY A 272 23.48 11.98 -52.96
N ASN A 273 24.49 11.42 -53.64
CA ASN A 273 24.82 10.01 -53.44
C ASN A 273 25.49 9.80 -52.09
N LEU A 274 25.94 10.88 -51.46
CA LEU A 274 26.64 10.80 -50.19
C LEU A 274 25.64 10.68 -49.04
N THR A 275 26.17 10.70 -47.82
CA THR A 275 25.34 10.65 -46.62
C THR A 275 26.10 11.30 -45.47
N CYS A 276 25.35 11.72 -44.46
CA CYS A 276 25.91 12.35 -43.27
C CYS A 276 26.27 11.29 -42.24
N LEU A 277 27.03 11.72 -41.23
CA LEU A 277 27.38 10.86 -40.11
C LEU A 277 26.37 11.04 -38.98
N ASP A 278 26.41 10.10 -38.04
CA ASP A 278 25.54 10.17 -36.87
C ASP A 278 26.21 11.03 -35.80
N SER A 279 25.36 11.68 -34.98
CA SER A 279 25.83 12.58 -33.94
C SER A 279 25.79 11.92 -32.56
N ASN A 280 25.61 10.60 -32.51
CA ASN A 280 25.49 9.89 -31.24
C ASN A 280 26.55 8.84 -31.01
N HIS A 281 27.21 8.35 -32.05
CA HIS A 281 28.27 7.36 -31.87
C HIS A 281 29.47 7.98 -31.19
N SER A 282 30.05 7.24 -30.24
CA SER A 282 31.19 7.73 -29.48
C SER A 282 32.51 7.62 -30.23
N HIS A 283 32.67 6.63 -31.11
CA HIS A 283 33.88 6.46 -31.89
C HIS A 283 33.51 6.19 -33.34
N PHE A 284 34.37 6.66 -34.24
CA PHE A 284 34.15 6.53 -35.67
C PHE A 284 35.38 5.95 -36.34
N ILE A 285 35.15 5.07 -37.31
CA ILE A 285 36.21 4.49 -38.14
C ILE A 285 35.80 4.68 -39.60
N LEU A 286 36.67 5.32 -40.37
CA LEU A 286 36.40 5.65 -41.77
C LEU A 286 37.36 4.86 -42.66
N VAL A 287 36.84 3.83 -43.33
CA VAL A 287 37.66 3.04 -44.24
C VAL A 287 37.57 3.62 -45.64
N ASP A 288 38.72 3.78 -46.29
CA ASP A 288 38.78 4.30 -47.65
C ASP A 288 39.31 3.23 -48.60
N ASP A 289 38.86 3.30 -49.85
CA ASP A 289 39.25 2.35 -50.88
C ASP A 289 39.61 2.99 -52.21
N GLY A 290 39.65 4.31 -52.30
CA GLY A 290 39.94 5.01 -53.53
C GLY A 290 38.71 5.41 -54.32
N THR A 291 37.62 4.66 -54.19
CA THR A 291 36.39 5.00 -54.88
C THR A 291 35.67 6.14 -54.16
N HIS A 292 34.62 6.66 -54.80
CA HIS A 292 33.85 7.77 -54.27
C HIS A 292 32.45 7.37 -53.87
N GLY A 293 31.68 6.78 -54.79
CA GLY A 293 30.30 6.41 -54.52
C GLY A 293 30.10 4.94 -54.25
N GLN A 294 31.18 4.22 -53.97
CA GLN A 294 31.09 2.78 -53.73
C GLN A 294 30.36 2.49 -52.42
N TYR A 295 29.49 1.49 -52.45
CA TYR A 295 28.71 1.06 -51.29
C TYR A 295 29.10 -0.37 -50.94
N GLY A 296 29.62 -0.57 -49.73
CA GLY A 296 29.97 -1.90 -49.28
C GLY A 296 31.45 -2.12 -49.12
N VAL A 297 32.21 -1.04 -48.93
CA VAL A 297 33.65 -1.12 -48.78
C VAL A 297 34.02 -1.24 -47.31
N GLU A 298 33.01 -1.38 -46.46
CA GLU A 298 33.22 -1.47 -45.02
C GLU A 298 32.82 -2.82 -44.43
N ILE A 299 32.01 -3.61 -45.13
CA ILE A 299 31.54 -4.90 -44.63
C ILE A 299 32.71 -5.86 -44.39
N PRO A 300 33.61 -6.10 -45.36
CA PRO A 300 34.71 -7.05 -45.09
C PRO A 300 35.64 -6.61 -43.97
N LEU A 301 35.96 -5.31 -43.89
CA LEU A 301 36.83 -4.85 -42.83
C LEU A 301 36.18 -5.01 -41.46
N ARG A 302 34.90 -4.67 -41.35
CA ARG A 302 34.20 -4.84 -40.08
C ARG A 302 34.13 -6.31 -39.69
N THR A 303 33.83 -7.19 -40.66
CA THR A 303 33.74 -8.62 -40.36
C THR A 303 35.08 -9.17 -39.92
N ARG A 304 36.17 -8.75 -40.57
CA ARG A 304 37.50 -9.23 -40.19
C ARG A 304 37.92 -8.70 -38.83
N LEU A 305 37.65 -7.43 -38.55
CA LEU A 305 38.06 -6.86 -37.27
C LEU A 305 37.25 -7.42 -36.11
N GLU A 306 35.97 -7.72 -36.36
CA GLU A 306 35.10 -8.22 -35.29
C GLU A 306 35.58 -9.57 -34.78
N LYS A 307 35.94 -10.48 -35.69
CA LYS A 307 36.45 -11.79 -35.29
C LYS A 307 37.75 -11.66 -34.52
N PHE A 308 38.66 -10.79 -34.97
CA PHE A 308 39.92 -10.59 -34.27
C PHE A 308 39.69 -10.04 -32.86
N ILE A 309 38.76 -9.09 -32.72
CA ILE A 309 38.46 -8.56 -31.39
C ILE A 309 37.87 -9.64 -30.50
N SER A 310 36.96 -10.45 -31.04
CA SER A 310 36.25 -11.41 -30.20
C SER A 310 37.12 -12.59 -29.80
N GLU A 311 37.99 -13.07 -30.70
CA GLU A 311 38.61 -14.38 -30.52
C GLU A 311 40.14 -14.33 -30.53
N GLN A 312 40.75 -13.17 -30.31
CA GLN A 312 42.20 -13.08 -30.33
C GLN A 312 42.81 -12.20 -29.25
N THR A 313 42.06 -11.86 -28.19
CA THR A 313 42.60 -11.02 -27.13
C THR A 313 42.63 -11.68 -25.76
N LYS A 314 41.51 -12.18 -25.26
CA LYS A 314 41.38 -12.57 -23.86
C LYS A 314 41.95 -13.97 -23.67
N GLU A 315 43.04 -14.07 -22.93
CA GLU A 315 43.66 -15.35 -22.56
C GLU A 315 44.09 -15.22 -21.10
N ARG A 316 43.18 -15.60 -20.19
CA ARG A 316 43.41 -15.50 -18.75
C ARG A 316 43.37 -16.90 -18.17
N GLY A 317 44.55 -17.43 -17.83
CA GLY A 317 44.66 -18.74 -17.24
C GLY A 317 44.22 -19.86 -18.16
N GLY A 318 44.95 -20.05 -19.25
CA GLY A 318 44.64 -21.08 -20.21
C GLY A 318 45.14 -20.70 -21.58
N VAL A 319 44.61 -21.40 -22.59
CA VAL A 319 45.02 -21.13 -23.97
C VAL A 319 44.44 -19.80 -24.46
N ALA A 320 43.11 -19.70 -24.48
CA ALA A 320 42.45 -18.48 -24.92
C ALA A 320 41.04 -18.47 -24.37
N ILE A 321 40.45 -17.26 -24.33
CA ILE A 321 39.06 -17.07 -23.92
C ILE A 321 38.38 -16.21 -24.96
N LYS A 322 37.38 -16.76 -25.63
CA LYS A 322 36.70 -16.09 -26.73
C LYS A 322 35.51 -15.30 -26.19
N ILE A 323 35.50 -14.00 -26.45
CA ILE A 323 34.41 -13.13 -26.04
C ILE A 323 33.16 -13.45 -26.86
N PRO A 324 31.98 -13.39 -26.27
CA PRO A 324 30.76 -13.64 -27.05
C PRO A 324 30.53 -12.57 -28.10
N ILE A 325 29.91 -12.99 -29.21
CA ILE A 325 29.74 -12.13 -30.38
C ILE A 325 28.34 -12.35 -30.96
N VAL A 326 27.65 -11.25 -31.28
CA VAL A 326 26.28 -11.31 -31.75
C VAL A 326 26.14 -10.44 -33.00
N CYS A 327 25.53 -11.00 -34.05
CA CYS A 327 25.08 -10.22 -35.19
C CYS A 327 23.57 -10.32 -35.31
N VAL A 328 22.92 -9.17 -35.39
CA VAL A 328 21.45 -9.10 -35.39
C VAL A 328 21.01 -8.15 -36.49
N VAL A 329 19.88 -8.49 -37.13
CA VAL A 329 19.33 -7.71 -38.22
C VAL A 329 17.86 -7.42 -37.92
N LEU A 330 17.37 -6.31 -38.50
CA LEU A 330 15.96 -5.96 -38.43
C LEU A 330 15.30 -5.95 -39.80
N GLU A 331 15.86 -5.22 -40.75
CA GLU A 331 15.37 -5.19 -42.12
C GLU A 331 16.41 -4.51 -42.99
N GLY A 332 16.69 -5.09 -44.14
CA GLY A 332 17.73 -4.57 -45.00
C GLY A 332 17.47 -4.87 -46.45
N GLY A 333 18.57 -5.00 -47.21
CA GLY A 333 18.49 -5.26 -48.63
C GLY A 333 19.72 -5.96 -49.15
N PRO A 334 20.22 -5.51 -50.31
CA PRO A 334 21.39 -6.18 -50.92
C PRO A 334 22.64 -6.17 -50.05
N GLY A 335 22.88 -5.10 -49.29
CA GLY A 335 24.04 -5.08 -48.42
C GLY A 335 23.87 -5.96 -47.19
N THR A 336 22.65 -6.09 -46.69
CA THR A 336 22.40 -6.92 -45.51
C THR A 336 22.68 -8.39 -45.80
N LEU A 337 22.26 -8.89 -46.97
CA LEU A 337 22.53 -10.27 -47.32
C LEU A 337 24.04 -10.53 -47.40
N HIS A 338 24.78 -9.61 -48.03
CA HIS A 338 26.24 -9.77 -48.10
C HIS A 338 26.87 -9.72 -46.72
N THR A 339 26.41 -8.82 -45.86
CA THR A 339 26.95 -8.74 -44.51
C THR A 339 26.71 -10.03 -43.72
N ILE A 340 25.49 -10.57 -43.80
CA ILE A 340 25.17 -11.80 -43.10
C ILE A 340 25.99 -12.96 -43.65
N ASP A 341 26.12 -13.05 -44.98
CA ASP A 341 26.89 -14.12 -45.59
C ASP A 341 28.34 -14.06 -45.19
N ASN A 342 28.93 -12.85 -45.16
CA ASN A 342 30.32 -12.71 -44.77
C ASN A 342 30.53 -12.97 -43.28
N ALA A 343 29.57 -12.59 -42.44
CA ALA A 343 29.72 -12.78 -41.00
C ALA A 343 29.53 -14.24 -40.60
N THR A 344 28.64 -14.96 -41.28
CA THR A 344 28.36 -16.34 -40.92
C THR A 344 29.56 -17.26 -41.15
N THR A 345 30.35 -17.01 -42.20
CA THR A 345 31.52 -17.83 -42.48
C THR A 345 32.62 -17.68 -41.43
N ASN A 346 32.55 -16.65 -40.59
CA ASN A 346 33.55 -16.41 -39.57
C ASN A 346 33.17 -16.99 -38.22
N GLY A 347 32.07 -17.75 -38.15
CA GLY A 347 31.64 -18.37 -36.92
C GLY A 347 30.81 -17.49 -36.01
N THR A 348 30.42 -16.30 -36.46
CA THR A 348 29.62 -15.41 -35.63
C THR A 348 28.15 -15.77 -35.76
N PRO A 349 27.47 -16.14 -34.67
CA PRO A 349 26.05 -16.45 -34.75
C PRO A 349 25.22 -15.23 -35.14
N CYS A 350 24.14 -15.49 -35.86
CA CYS A 350 23.25 -14.43 -36.33
C CYS A 350 21.82 -14.76 -35.91
N VAL A 351 21.14 -13.79 -35.32
CA VAL A 351 19.76 -13.92 -34.90
C VAL A 351 18.91 -12.96 -35.72
N VAL A 352 17.80 -13.46 -36.26
CA VAL A 352 16.89 -12.66 -37.08
C VAL A 352 15.57 -12.53 -36.33
N VAL A 353 14.89 -11.41 -36.56
CA VAL A 353 13.60 -11.12 -35.94
C VAL A 353 12.52 -11.23 -37.01
N GLU A 354 11.48 -12.00 -36.71
CA GLU A 354 10.41 -12.23 -37.67
C GLU A 354 9.33 -11.16 -37.54
N GLY A 355 8.62 -10.96 -38.65
CA GLY A 355 7.60 -9.92 -38.69
C GLY A 355 8.14 -8.52 -38.54
N SER A 356 9.35 -8.27 -39.03
CA SER A 356 10.00 -6.98 -38.90
C SER A 356 10.10 -6.23 -40.23
N GLY A 357 10.62 -6.88 -41.25
CA GLY A 357 10.81 -6.24 -42.53
C GLY A 357 10.70 -7.23 -43.67
N ARG A 358 11.39 -6.93 -44.77
CA ARG A 358 11.34 -7.78 -45.95
C ARG A 358 12.39 -8.88 -45.90
N VAL A 359 13.66 -8.50 -45.74
CA VAL A 359 14.73 -9.48 -45.68
C VAL A 359 14.58 -10.38 -44.46
N ALA A 360 14.24 -9.81 -43.31
CA ALA A 360 14.04 -10.62 -42.12
C ALA A 360 12.92 -11.63 -42.31
N ASP A 361 11.81 -11.20 -42.92
CA ASP A 361 10.68 -12.11 -43.15
C ASP A 361 11.05 -13.22 -44.11
N VAL A 362 11.71 -12.89 -45.23
CA VAL A 362 12.07 -13.92 -46.19
C VAL A 362 13.11 -14.88 -45.63
N ILE A 363 14.01 -14.40 -44.75
CA ILE A 363 14.97 -15.30 -44.11
C ILE A 363 14.26 -16.22 -43.12
N ALA A 364 13.36 -15.66 -42.31
CA ALA A 364 12.66 -16.48 -41.31
C ALA A 364 11.68 -17.47 -41.94
N GLN A 365 11.19 -17.17 -43.16
CA GLN A 365 10.26 -18.09 -43.80
C GLN A 365 10.93 -19.40 -44.21
N VAL A 366 12.25 -19.38 -44.43
CA VAL A 366 12.96 -20.56 -44.90
C VAL A 366 13.87 -21.03 -43.77
N ALA A 367 13.47 -20.73 -42.53
CA ALA A 367 14.28 -21.10 -41.38
C ALA A 367 14.36 -22.62 -41.22
N ASN A 368 13.21 -23.29 -41.22
CA ASN A 368 13.15 -24.73 -41.01
C ASN A 368 13.08 -25.52 -42.30
N LEU A 369 13.05 -24.86 -43.45
CA LEU A 369 12.96 -25.56 -44.72
C LEU A 369 14.26 -26.31 -45.01
N PRO A 370 14.18 -27.51 -45.58
CA PRO A 370 15.39 -28.22 -45.99
C PRO A 370 16.17 -27.43 -47.04
N VAL A 371 17.49 -27.60 -47.02
CA VAL A 371 18.36 -26.84 -47.91
C VAL A 371 18.07 -27.18 -49.37
N SER A 372 17.76 -28.44 -49.67
CA SER A 372 17.50 -28.85 -51.05
C SER A 372 16.12 -28.46 -51.55
N ASP A 373 15.23 -28.00 -50.65
CA ASP A 373 13.87 -27.63 -51.04
C ASP A 373 13.78 -26.21 -51.58
N ILE A 374 14.86 -25.45 -51.57
CA ILE A 374 14.83 -24.08 -52.05
C ILE A 374 14.85 -24.08 -53.58
N THR A 375 13.91 -23.37 -54.18
CA THR A 375 13.85 -23.19 -55.62
C THR A 375 13.92 -21.70 -55.96
N ILE A 376 14.60 -21.39 -57.06
CA ILE A 376 14.75 -20.00 -57.47
C ILE A 376 13.40 -19.35 -57.77
N SER A 377 12.46 -20.10 -58.37
CA SER A 377 11.12 -19.58 -58.59
C SER A 377 10.44 -19.27 -57.26
N LEU A 378 10.58 -20.17 -56.28
CA LEU A 378 10.00 -19.92 -54.96
C LEU A 378 10.64 -18.72 -54.28
N ILE A 379 11.96 -18.58 -54.40
CA ILE A 379 12.66 -17.45 -53.80
C ILE A 379 12.17 -16.14 -54.41
N GLN A 380 12.05 -16.10 -55.74
CA GLN A 380 11.55 -14.90 -56.40
C GLN A 380 10.09 -14.63 -56.04
N GLN A 381 9.29 -15.70 -55.86
CA GLN A 381 7.90 -15.54 -55.48
C GLN A 381 7.78 -14.89 -54.11
N LYS A 382 8.57 -15.34 -53.14
CA LYS A 382 8.54 -14.69 -51.83
C LYS A 382 9.21 -13.33 -51.86
N LEU A 383 10.15 -13.10 -52.78
CA LEU A 383 10.82 -11.81 -52.86
C LEU A 383 9.88 -10.73 -53.36
N SER A 384 9.14 -11.01 -54.44
CA SER A 384 8.31 -10.00 -55.07
C SER A 384 7.16 -9.53 -54.19
N VAL A 385 6.69 -10.38 -53.27
CA VAL A 385 5.52 -10.02 -52.48
C VAL A 385 5.93 -9.18 -51.25
N PHE A 386 7.11 -9.44 -50.69
CA PHE A 386 7.59 -8.58 -49.61
C PHE A 386 8.37 -7.38 -50.13
N PHE A 387 8.85 -7.43 -51.37
CA PHE A 387 9.50 -6.30 -52.02
C PHE A 387 8.57 -5.59 -53.00
N GLN A 388 7.26 -5.52 -52.68
CA GLN A 388 6.28 -5.00 -53.62
C GLN A 388 6.57 -3.56 -54.04
N GLU A 389 7.29 -2.80 -53.23
CA GLU A 389 7.64 -1.44 -53.60
C GLU A 389 8.55 -1.43 -54.84
N MET A 390 9.52 -2.33 -54.87
CA MET A 390 10.48 -2.42 -55.98
C MET A 390 10.60 -3.85 -56.50
N PHE A 391 9.49 -4.58 -56.58
CA PHE A 391 9.53 -5.95 -57.07
C PHE A 391 9.92 -6.00 -58.55
N GLU A 392 9.43 -5.07 -59.35
CA GLU A 392 9.70 -5.08 -60.78
C GLU A 392 11.13 -4.68 -61.11
N THR A 393 11.89 -4.18 -60.13
CA THR A 393 13.26 -3.73 -60.35
C THR A 393 14.29 -4.85 -60.19
N PHE A 394 13.84 -6.11 -60.12
CA PHE A 394 14.73 -7.24 -59.92
C PHE A 394 14.97 -7.97 -61.24
N THR A 395 16.24 -8.29 -61.51
CA THR A 395 16.64 -9.02 -62.70
C THR A 395 17.04 -10.44 -62.32
N GLU A 396 17.24 -11.27 -63.35
CA GLU A 396 17.54 -12.68 -63.12
C GLU A 396 18.85 -12.87 -62.36
N SER A 397 19.88 -12.09 -62.71
CA SER A 397 21.16 -12.20 -62.00
C SER A 397 21.01 -11.84 -60.53
N ARG A 398 20.28 -10.76 -60.23
CA ARG A 398 20.04 -10.40 -58.83
C ARG A 398 19.22 -11.47 -58.12
N ILE A 399 18.22 -12.03 -58.80
CA ILE A 399 17.39 -13.07 -58.17
C ILE A 399 18.23 -14.28 -57.81
N VAL A 400 19.07 -14.75 -58.74
CA VAL A 400 19.89 -15.92 -58.43
C VAL A 400 20.94 -15.60 -57.37
N GLU A 401 21.51 -14.39 -57.40
CA GLU A 401 22.51 -14.03 -56.38
C GLU A 401 21.89 -14.00 -55.00
N TRP A 402 20.70 -13.41 -54.86
CA TRP A 402 20.04 -13.40 -53.55
C TRP A 402 19.60 -14.81 -53.14
N THR A 403 19.14 -15.62 -54.10
CA THR A 403 18.82 -17.01 -53.82
C THR A 403 20.02 -17.74 -53.24
N LYS A 404 21.21 -17.52 -53.81
CA LYS A 404 22.37 -18.26 -53.32
C LYS A 404 22.93 -17.69 -52.03
N LYS A 405 22.76 -16.38 -51.80
CA LYS A 405 23.14 -15.86 -50.49
C LYS A 405 22.23 -16.47 -49.41
N ILE A 406 20.94 -16.59 -49.70
CA ILE A 406 20.03 -17.30 -48.80
C ILE A 406 20.44 -18.76 -48.65
N GLN A 407 20.81 -19.42 -49.75
CA GLN A 407 21.18 -20.84 -49.70
C GLN A 407 22.41 -21.05 -48.81
N ASP A 408 23.47 -20.31 -49.07
CA ASP A 408 24.69 -20.43 -48.27
C ASP A 408 24.46 -20.03 -46.81
N ILE A 409 23.54 -19.10 -46.55
CA ILE A 409 23.23 -18.76 -45.17
C ILE A 409 22.49 -19.91 -44.48
N VAL A 410 21.52 -20.51 -45.17
CA VAL A 410 20.70 -21.56 -44.56
C VAL A 410 21.38 -22.92 -44.55
N ARG A 411 22.52 -23.08 -45.22
CA ARG A 411 23.26 -24.32 -45.10
C ARG A 411 23.69 -24.57 -43.66
N ARG A 412 24.20 -23.54 -42.99
CA ARG A 412 24.69 -23.66 -41.62
C ARG A 412 23.56 -23.36 -40.65
N ARG A 413 22.95 -24.43 -40.14
CA ARG A 413 21.86 -24.31 -39.17
C ARG A 413 22.35 -23.99 -37.77
N GLN A 414 23.63 -24.23 -37.48
CA GLN A 414 24.13 -24.03 -36.12
C GLN A 414 24.31 -22.54 -35.81
N LEU A 415 24.57 -21.73 -36.83
CA LEU A 415 24.92 -20.33 -36.64
C LEU A 415 23.75 -19.39 -36.91
N LEU A 416 22.53 -19.90 -37.00
CA LEU A 416 21.37 -19.08 -37.29
C LEU A 416 20.25 -19.38 -36.30
N THR A 417 19.62 -18.32 -35.80
CA THR A 417 18.46 -18.42 -34.93
C THR A 417 17.45 -17.36 -35.33
N VAL A 418 16.20 -17.59 -34.98
CA VAL A 418 15.10 -16.70 -35.34
C VAL A 418 14.36 -16.26 -34.08
N PHE A 419 13.99 -14.98 -34.04
CA PHE A 419 13.22 -14.47 -32.91
C PHE A 419 11.76 -14.91 -32.99
N ARG A 420 11.31 -15.31 -34.19
CA ARG A 420 10.09 -16.09 -34.37
C ARG A 420 8.81 -15.27 -34.18
N GLU A 421 8.91 -13.94 -34.13
CA GLU A 421 7.71 -13.10 -34.07
C GLU A 421 6.85 -13.51 -32.86
N GLY A 422 7.31 -13.09 -31.69
CA GLY A 422 7.34 -13.93 -30.50
C GLY A 422 6.05 -14.26 -29.80
N LYS A 423 5.97 -13.97 -28.49
CA LYS A 423 5.69 -14.91 -27.40
C LYS A 423 7.03 -15.36 -26.87
N ASP A 424 8.11 -14.83 -27.47
CA ASP A 424 9.41 -14.75 -26.84
C ASP A 424 9.71 -13.36 -26.30
N GLY A 425 9.05 -12.32 -26.82
CA GLY A 425 9.28 -10.97 -26.34
C GLY A 425 8.83 -10.74 -24.91
N GLN A 426 7.70 -11.35 -24.51
CA GLN A 426 7.24 -11.21 -23.13
C GLN A 426 8.23 -11.78 -22.13
N GLN A 427 8.96 -12.84 -22.48
CA GLN A 427 10.07 -13.28 -21.65
C GLN A 427 11.09 -12.15 -21.60
N ASP A 428 11.72 -11.87 -22.73
CA ASP A 428 12.51 -10.68 -23.01
C ASP A 428 13.06 -10.83 -24.41
N VAL A 429 13.61 -9.74 -24.94
CA VAL A 429 14.57 -9.85 -26.04
C VAL A 429 15.99 -9.90 -25.51
N ASP A 430 16.22 -9.41 -24.29
CA ASP A 430 17.50 -9.60 -23.64
C ASP A 430 17.83 -11.09 -23.55
N VAL A 431 16.89 -11.88 -23.03
CA VAL A 431 17.15 -13.30 -22.93
C VAL A 431 17.41 -13.89 -24.31
N ALA A 432 16.54 -13.67 -25.29
CA ALA A 432 16.68 -14.37 -26.56
C ALA A 432 18.05 -14.09 -27.18
N ILE A 433 18.44 -12.82 -27.23
CA ILE A 433 19.75 -12.48 -27.77
C ILE A 433 20.88 -13.02 -26.88
N LEU A 434 20.60 -13.35 -25.62
CA LEU A 434 21.65 -13.86 -24.74
C LEU A 434 21.79 -15.39 -24.73
N GLN A 435 20.71 -16.17 -24.80
CA GLN A 435 20.92 -17.60 -24.98
C GLN A 435 21.04 -17.97 -26.46
N ALA A 436 20.98 -16.99 -27.37
CA ALA A 436 21.50 -17.27 -28.70
C ALA A 436 22.98 -17.61 -28.62
N LEU A 437 23.73 -16.81 -27.86
CA LEU A 437 25.15 -17.09 -27.62
C LEU A 437 25.33 -18.44 -26.93
N LEU A 438 24.53 -18.71 -25.91
CA LEU A 438 24.73 -19.92 -25.14
C LEU A 438 24.24 -21.17 -25.89
N LYS A 439 23.34 -20.99 -26.86
CA LYS A 439 23.00 -22.08 -27.78
C LYS A 439 24.14 -22.34 -28.73
N ALA A 440 24.75 -21.28 -29.28
CA ALA A 440 25.97 -21.46 -30.06
C ALA A 440 27.06 -22.13 -29.22
N SER A 441 27.01 -21.95 -27.90
CA SER A 441 27.97 -22.57 -27.00
C SER A 441 27.68 -24.04 -26.74
N ARG A 442 26.41 -24.42 -26.50
CA ARG A 442 26.11 -25.85 -26.46
C ARG A 442 26.43 -26.53 -27.79
N SER A 443 26.24 -25.83 -28.91
CA SER A 443 26.46 -26.46 -30.20
C SER A 443 27.90 -26.92 -30.39
N GLN A 444 28.87 -26.25 -29.76
CA GLN A 444 30.29 -26.55 -29.93
C GLN A 444 30.95 -26.71 -28.56
N ASP A 445 31.08 -27.95 -28.12
CA ASP A 445 31.88 -28.31 -26.95
C ASP A 445 32.67 -29.57 -27.24
N HIS A 446 33.77 -29.75 -26.51
CA HIS A 446 34.71 -30.81 -26.81
C HIS A 446 35.08 -31.59 -25.56
N PHE A 447 34.93 -32.91 -25.63
CA PHE A 447 35.58 -33.87 -24.73
C PHE A 447 35.15 -33.66 -23.27
N GLY A 448 33.86 -33.90 -23.03
CA GLY A 448 33.35 -34.00 -21.67
C GLY A 448 32.31 -32.94 -21.38
N HIS A 449 32.23 -32.55 -20.11
CA HIS A 449 31.25 -31.59 -19.62
C HIS A 449 31.82 -30.18 -19.54
N GLU A 450 32.74 -29.84 -20.45
CA GLU A 450 33.27 -28.49 -20.50
C GLU A 450 32.21 -27.47 -20.91
N ASN A 451 31.10 -27.92 -21.50
CA ASN A 451 30.04 -27.00 -21.87
C ASN A 451 29.44 -26.32 -20.65
N TRP A 452 29.05 -27.10 -19.64
CA TRP A 452 28.47 -26.55 -18.42
C TRP A 452 29.48 -25.81 -17.58
N ASP A 453 30.78 -25.89 -17.91
CA ASP A 453 31.79 -25.03 -17.33
C ASP A 453 31.96 -23.73 -18.10
N HIS A 454 31.96 -23.80 -19.43
CA HIS A 454 32.11 -22.60 -20.25
C HIS A 454 30.88 -21.69 -20.12
N GLN A 455 29.69 -22.27 -20.05
CA GLN A 455 28.49 -21.45 -19.84
C GLN A 455 28.56 -20.69 -18.52
N LEU A 456 29.03 -21.35 -17.45
CA LEU A 456 29.15 -20.67 -16.17
C LEU A 456 30.27 -19.63 -16.19
N LYS A 457 31.36 -19.92 -16.90
CA LYS A 457 32.40 -18.91 -17.07
C LYS A 457 31.85 -17.66 -17.75
N LEU A 458 31.02 -17.85 -18.78
CA LEU A 458 30.38 -16.69 -19.42
C LEU A 458 29.40 -16.02 -18.48
N ALA A 459 28.57 -16.80 -17.77
CA ALA A 459 27.55 -16.24 -16.90
C ALA A 459 28.14 -15.46 -15.74
N VAL A 460 29.37 -15.76 -15.34
CA VAL A 460 30.05 -14.93 -14.35
C VAL A 460 30.19 -13.50 -14.87
N ALA A 461 30.59 -13.36 -16.14
CA ALA A 461 30.82 -12.04 -16.72
C ALA A 461 29.52 -11.34 -17.13
N TRP A 462 28.39 -12.05 -17.21
CA TRP A 462 27.16 -11.42 -17.66
C TRP A 462 26.56 -10.51 -16.60
N ASN A 463 26.85 -10.76 -15.32
CA ASN A 463 26.24 -10.01 -14.22
C ASN A 463 24.71 -10.14 -14.25
N ARG A 464 24.24 -11.29 -14.73
CA ARG A 464 22.80 -11.57 -14.85
C ARG A 464 22.56 -12.93 -14.19
N VAL A 465 21.81 -12.92 -13.10
CA VAL A 465 21.63 -14.16 -12.33
C VAL A 465 20.56 -15.05 -12.98
N ASP A 466 19.46 -14.46 -13.45
CA ASP A 466 18.36 -15.28 -13.92
C ASP A 466 18.74 -16.07 -15.17
N ILE A 467 19.65 -15.53 -16.00
CA ILE A 467 20.12 -16.31 -17.12
C ILE A 467 21.05 -17.43 -16.66
N ALA A 468 21.82 -17.19 -15.59
CA ALA A 468 22.69 -18.23 -15.07
C ALA A 468 21.87 -19.33 -14.40
N ARG A 469 20.62 -19.02 -14.06
CA ARG A 469 19.76 -19.99 -13.37
C ARG A 469 18.83 -20.71 -14.33
N SER A 470 18.41 -20.03 -15.41
CA SER A 470 17.22 -20.45 -16.15
C SER A 470 17.46 -21.62 -17.11
N GLU A 471 18.68 -21.80 -17.62
CA GLU A 471 18.95 -22.91 -18.53
C GLU A 471 20.08 -23.80 -18.03
N ILE A 472 21.16 -23.22 -17.52
CA ILE A 472 22.36 -23.98 -17.20
C ILE A 472 22.34 -24.42 -15.75
N PHE A 473 21.16 -24.33 -15.12
CA PHE A 473 20.96 -24.90 -13.80
C PHE A 473 19.62 -25.61 -13.70
N MET A 474 18.88 -25.67 -14.82
CA MET A 474 17.62 -26.41 -14.89
C MET A 474 17.77 -27.77 -15.55
N ASP A 475 18.81 -27.99 -16.35
CA ASP A 475 19.03 -29.27 -16.99
C ASP A 475 19.75 -30.22 -16.04
N GLU A 476 20.19 -31.38 -16.55
CA GLU A 476 20.88 -32.37 -15.73
C GLU A 476 22.30 -31.88 -15.50
N TRP A 477 22.52 -31.19 -14.38
CA TRP A 477 23.83 -30.65 -14.04
C TRP A 477 24.66 -31.74 -13.35
N GLN A 478 25.77 -32.11 -13.98
CA GLN A 478 26.70 -33.05 -13.36
C GLN A 478 27.35 -32.38 -12.16
N TRP A 479 27.08 -32.90 -10.97
CA TRP A 479 27.39 -32.16 -9.75
C TRP A 479 28.89 -31.92 -9.59
N LYS A 480 29.64 -32.99 -9.26
CA LYS A 480 31.09 -33.04 -9.07
C LYS A 480 31.60 -31.69 -8.57
N PRO A 481 31.19 -31.27 -7.36
CA PRO A 481 31.20 -29.83 -7.00
C PRO A 481 32.55 -29.13 -7.12
N SER A 482 33.61 -29.86 -7.45
CA SER A 482 34.91 -29.23 -7.65
C SER A 482 34.94 -28.37 -8.91
N ASP A 483 33.92 -28.46 -9.76
CA ASP A 483 33.87 -27.62 -10.95
C ASP A 483 33.75 -26.13 -10.61
N LEU A 484 32.98 -25.81 -9.58
CA LEU A 484 32.63 -24.42 -9.30
C LEU A 484 33.71 -23.69 -8.52
N HIS A 485 34.75 -24.37 -8.04
CA HIS A 485 35.81 -23.70 -7.29
C HIS A 485 36.51 -22.65 -8.16
N PRO A 486 36.92 -22.96 -9.40
CA PRO A 486 37.43 -21.90 -10.27
C PRO A 486 36.41 -20.83 -10.59
N THR A 487 35.13 -21.14 -10.53
CA THR A 487 34.05 -20.17 -10.71
C THR A 487 33.66 -19.48 -9.41
N MET A 488 33.66 -20.21 -8.29
CA MET A 488 33.45 -19.58 -6.99
C MET A 488 34.52 -18.54 -6.70
N THR A 489 35.77 -18.83 -7.07
CA THR A 489 36.84 -17.85 -6.87
C THR A 489 36.59 -16.58 -7.68
N ALA A 490 36.19 -16.71 -8.94
CA ALA A 490 35.91 -15.54 -9.76
C ALA A 490 34.74 -14.74 -9.20
N ALA A 491 33.68 -15.43 -8.77
CA ALA A 491 32.53 -14.76 -8.16
C ALA A 491 32.91 -14.03 -6.88
N LEU A 492 33.73 -14.64 -6.03
CA LEU A 492 34.17 -13.99 -4.81
C LEU A 492 35.04 -12.76 -5.11
N ILE A 493 35.95 -12.89 -6.07
CA ILE A 493 36.85 -11.78 -6.38
C ILE A 493 36.10 -10.61 -6.97
N SER A 494 35.21 -10.87 -7.94
CA SER A 494 34.57 -9.76 -8.64
C SER A 494 33.58 -9.02 -7.74
N ASN A 495 32.75 -9.76 -7.00
CA ASN A 495 31.87 -9.18 -5.98
C ASN A 495 30.92 -8.14 -6.61
N LYS A 496 29.96 -8.60 -7.42
CA LYS A 496 29.40 -9.96 -7.55
C LYS A 496 29.22 -10.79 -6.27
N PRO A 497 28.40 -10.29 -5.33
CA PRO A 497 28.12 -11.08 -4.12
C PRO A 497 26.92 -12.01 -4.30
N GLU A 498 26.11 -11.74 -5.32
CA GLU A 498 24.87 -12.47 -5.49
C GLU A 498 25.09 -13.89 -5.97
N PHE A 499 26.04 -14.12 -6.87
CA PHE A 499 26.34 -15.47 -7.34
C PHE A 499 26.79 -16.38 -6.21
N VAL A 500 27.29 -15.81 -5.11
CA VAL A 500 27.73 -16.61 -3.99
C VAL A 500 26.56 -17.42 -3.44
N LYS A 501 25.43 -16.76 -3.17
CA LYS A 501 24.27 -17.49 -2.67
C LYS A 501 23.83 -18.56 -3.65
N LEU A 502 23.73 -18.19 -4.95
CA LEU A 502 23.30 -19.13 -5.98
C LEU A 502 24.14 -20.39 -5.98
N PHE A 503 25.46 -20.24 -5.81
CA PHE A 503 26.30 -21.42 -5.69
C PHE A 503 26.11 -22.14 -4.36
N LEU A 504 25.73 -21.43 -3.30
CA LEU A 504 25.40 -22.13 -2.06
C LEU A 504 24.15 -23.01 -2.16
N GLU A 505 23.13 -22.65 -2.93
CA GLU A 505 22.04 -23.63 -3.05
C GLU A 505 22.48 -24.89 -3.78
N ASN A 506 23.51 -24.80 -4.64
CA ASN A 506 23.93 -25.94 -5.44
C ASN A 506 25.00 -26.79 -4.76
N GLY A 507 25.03 -26.79 -3.43
CA GLY A 507 25.89 -27.70 -2.70
C GLY A 507 27.36 -27.35 -2.67
N VAL A 508 27.72 -26.09 -2.93
CA VAL A 508 29.10 -25.66 -2.78
C VAL A 508 29.36 -25.38 -1.32
N GLN A 509 29.82 -26.39 -0.59
CA GLN A 509 30.07 -26.25 0.85
C GLN A 509 31.40 -25.56 1.06
N LEU A 510 31.41 -24.53 1.91
CA LEU A 510 32.60 -23.72 2.08
C LEU A 510 33.63 -24.41 2.97
N LYS A 511 33.22 -25.42 3.74
CA LYS A 511 34.13 -26.06 4.68
C LYS A 511 35.31 -26.74 3.99
N GLU A 512 35.09 -27.39 2.86
CA GLU A 512 36.19 -27.99 2.11
C GLU A 512 36.52 -27.26 0.82
N PHE A 513 35.77 -26.21 0.49
CA PHE A 513 36.11 -25.37 -0.66
C PHE A 513 37.34 -24.52 -0.40
N VAL A 514 37.45 -23.96 0.81
CA VAL A 514 38.52 -23.03 1.15
C VAL A 514 39.79 -23.80 1.46
N THR A 515 40.68 -23.89 0.48
CA THR A 515 41.98 -24.51 0.70
C THR A 515 43.02 -23.45 1.00
N TRP A 516 44.21 -23.93 1.41
CA TRP A 516 45.31 -23.02 1.70
C TRP A 516 45.73 -22.23 0.46
N ASP A 517 45.91 -22.93 -0.67
CA ASP A 517 46.29 -22.28 -1.91
C ASP A 517 45.18 -21.38 -2.45
N THR A 518 43.92 -21.76 -2.29
CA THR A 518 42.82 -20.91 -2.75
C THR A 518 42.82 -19.58 -2.00
N LEU A 519 43.02 -19.60 -0.69
CA LEU A 519 43.06 -18.37 0.07
C LEU A 519 44.33 -17.57 -0.22
N LEU A 520 45.45 -18.28 -0.47
CA LEU A 520 46.67 -17.58 -0.86
C LEU A 520 46.48 -16.82 -2.17
N TYR A 521 45.80 -17.45 -3.15
CA TYR A 521 45.45 -16.78 -4.39
C TYR A 521 44.45 -15.65 -4.18
N LEU A 522 43.47 -15.84 -3.29
CA LEU A 522 42.47 -14.82 -3.02
C LEU A 522 43.10 -13.56 -2.41
N TYR A 523 44.01 -13.71 -1.46
CA TYR A 523 44.64 -12.57 -0.83
C TYR A 523 45.59 -11.82 -1.75
N GLU A 524 45.96 -12.39 -2.89
CA GLU A 524 46.76 -11.68 -3.88
C GLU A 524 45.91 -10.87 -4.85
N ASN A 525 44.58 -10.90 -4.71
CA ASN A 525 43.67 -10.19 -5.60
C ASN A 525 42.73 -9.30 -4.79
N LEU A 526 43.29 -8.58 -3.83
CA LEU A 526 42.50 -7.63 -3.05
C LEU A 526 42.12 -6.43 -3.91
N ASP A 527 41.19 -5.63 -3.41
CA ASP A 527 40.78 -4.43 -4.11
C ASP A 527 41.93 -3.42 -4.09
N PRO A 528 42.43 -2.98 -5.24
CA PRO A 528 43.59 -2.07 -5.24
C PRO A 528 43.32 -0.76 -4.52
N SER A 529 42.09 -0.25 -4.57
CA SER A 529 41.76 1.01 -3.92
C SER A 529 41.43 0.85 -2.44
N CYS A 530 41.38 -0.37 -1.92
CA CYS A 530 41.05 -0.60 -0.53
C CYS A 530 42.22 -0.22 0.37
N LEU A 531 41.90 0.11 1.62
CA LEU A 531 42.93 0.47 2.60
C LEU A 531 43.74 -0.75 3.03
N PHE A 532 43.10 -1.90 3.15
CA PHE A 532 43.79 -3.11 3.57
C PHE A 532 44.84 -3.53 2.55
N HIS A 533 44.54 -3.40 1.26
CA HIS A 533 45.54 -3.70 0.23
C HIS A 533 46.73 -2.77 0.32
N SER A 534 46.47 -1.47 0.56
CA SER A 534 47.58 -0.53 0.75
C SER A 534 48.41 -0.88 1.97
N LYS A 535 47.77 -1.32 3.05
CA LYS A 535 48.53 -1.76 4.23
C LYS A 535 49.37 -2.99 3.91
N LEU A 536 48.81 -3.94 3.17
CA LEU A 536 49.55 -5.13 2.75
C LEU A 536 50.57 -4.84 1.65
N GLN A 537 50.45 -3.70 0.97
CA GLN A 537 51.46 -3.25 0.03
C GLN A 537 52.60 -2.52 0.71
N LYS A 538 52.53 -2.36 2.02
CA LYS A 538 53.57 -1.69 2.80
C LYS A 538 54.33 -2.65 3.70
N VAL A 539 53.66 -3.63 4.29
CA VAL A 539 54.35 -4.63 5.09
C VAL A 539 55.35 -5.41 4.25
N LEU A 540 55.00 -5.71 2.99
CA LEU A 540 55.93 -6.33 2.08
C LEU A 540 57.13 -5.42 1.78
N VAL A 541 57.00 -4.12 2.00
CA VAL A 541 58.10 -3.19 1.80
C VAL A 541 58.80 -2.82 3.10
N GLU A 542 58.08 -2.75 4.22
CA GLU A 542 58.76 -2.56 5.50
C GLU A 542 59.68 -3.74 5.81
N ASP A 543 59.28 -4.95 5.40
CA ASP A 543 60.14 -6.12 5.45
C ASP A 543 60.48 -6.51 4.02
N PRO A 544 61.43 -5.82 3.38
CA PRO A 544 61.66 -6.05 1.95
C PRO A 544 62.52 -7.28 1.68
N GLU A 545 62.86 -7.48 0.41
CA GLU A 545 63.52 -8.72 -0.01
C GLU A 545 64.94 -8.83 0.54
N ARG A 546 65.69 -7.74 0.53
CA ARG A 546 67.10 -7.84 0.92
C ARG A 546 67.32 -7.85 2.43
N PRO A 547 66.87 -6.84 3.21
CA PRO A 547 67.38 -6.69 4.58
C PRO A 547 66.62 -7.48 5.64
N ALA A 548 65.32 -7.73 5.46
CA ALA A 548 64.51 -8.33 6.50
C ALA A 548 64.09 -9.75 6.15
N CYS A 549 63.41 -9.95 5.01
CA CYS A 549 63.11 -11.29 4.51
C CYS A 549 64.24 -11.68 3.57
N ALA A 550 65.37 -12.05 4.17
CA ALA A 550 66.65 -11.97 3.48
C ALA A 550 66.70 -12.64 2.10
N PRO A 551 66.17 -13.85 1.88
CA PRO A 551 66.18 -14.40 0.51
C PRO A 551 65.45 -13.51 -0.47
N ALA A 552 64.16 -13.28 -0.24
CA ALA A 552 63.32 -12.44 -1.09
C ALA A 552 61.93 -12.35 -0.46
N ALA A 553 61.20 -11.30 -0.82
CA ALA A 553 59.79 -11.17 -0.45
C ALA A 553 59.07 -10.19 -1.38
N PRO A 554 58.96 -10.52 -2.67
CA PRO A 554 58.05 -9.79 -3.54
C PRO A 554 56.68 -10.42 -3.72
N ARG A 555 56.47 -11.62 -3.18
CA ARG A 555 55.19 -12.32 -3.26
C ARG A 555 54.47 -12.17 -1.92
N LEU A 556 53.19 -11.85 -1.97
CA LEU A 556 52.39 -11.76 -0.75
C LEU A 556 52.03 -13.16 -0.29
N GLN A 557 52.39 -13.49 0.95
CA GLN A 557 52.14 -14.81 1.50
C GLN A 557 51.58 -14.66 2.91
N MET A 558 51.02 -15.76 3.43
CA MET A 558 50.14 -15.73 4.59
C MET A 558 50.78 -15.14 5.85
N HIS A 559 52.10 -15.21 6.01
CA HIS A 559 52.69 -14.62 7.20
C HIS A 559 52.58 -13.09 7.18
N HIS A 560 52.64 -12.50 5.97
CA HIS A 560 52.46 -11.05 5.87
C HIS A 560 51.06 -10.64 6.30
N VAL A 561 50.03 -11.36 5.84
CA VAL A 561 48.68 -11.01 6.25
C VAL A 561 48.44 -11.32 7.72
N ALA A 562 49.09 -12.36 8.27
CA ALA A 562 49.02 -12.60 9.69
C ALA A 562 49.63 -11.45 10.48
N GLN A 563 50.78 -10.94 10.02
CA GLN A 563 51.42 -9.82 10.69
C GLN A 563 50.58 -8.55 10.63
N VAL A 564 49.97 -8.26 9.49
CA VAL A 564 49.13 -7.08 9.41
C VAL A 564 47.84 -7.24 10.20
N LEU A 565 47.30 -8.47 10.29
CA LEU A 565 46.14 -8.71 11.12
C LEU A 565 46.46 -8.55 12.61
N ARG A 566 47.66 -8.98 13.03
CA ARG A 566 48.06 -8.75 14.41
C ARG A 566 48.18 -7.27 14.74
N GLU A 567 48.67 -6.46 13.81
CA GLU A 567 48.63 -5.01 14.00
C GLU A 567 47.18 -4.52 14.08
N LEU A 568 46.31 -5.06 13.22
CA LEU A 568 44.89 -4.73 13.31
C LEU A 568 44.30 -5.20 14.64
N LEU A 569 44.72 -6.37 15.13
CA LEU A 569 44.31 -6.83 16.44
C LEU A 569 45.14 -6.11 17.50
N GLY A 570 44.95 -6.48 18.76
CA GLY A 570 45.63 -5.82 19.87
C GLY A 570 46.96 -6.46 20.21
N ASP A 571 47.26 -6.53 21.50
CA ASP A 571 48.49 -7.10 22.02
C ASP A 571 48.34 -8.59 22.34
N PHE A 572 47.47 -9.29 21.60
CA PHE A 572 47.07 -10.66 21.93
C PHE A 572 48.11 -11.68 21.48
N THR A 573 47.71 -12.95 21.48
CA THR A 573 48.62 -14.04 21.16
C THR A 573 48.90 -14.06 19.66
N GLN A 574 49.56 -15.12 19.23
CA GLN A 574 49.96 -15.27 17.84
C GLN A 574 48.71 -15.32 16.96
N PRO A 575 48.70 -14.63 15.80
CA PRO A 575 47.48 -14.62 14.98
C PRO A 575 47.25 -15.91 14.20
N LEU A 576 46.22 -15.90 13.36
CA LEU A 576 45.62 -17.14 12.88
C LEU A 576 46.58 -17.97 12.04
N TYR A 577 47.63 -17.37 11.50
CA TYR A 577 48.49 -18.14 10.59
C TYR A 577 49.86 -18.37 11.21
N PRO A 578 50.51 -19.49 10.88
CA PRO A 578 51.76 -19.87 11.57
C PRO A 578 52.96 -18.98 11.26
N ARG A 579 53.43 -18.26 12.27
CA ARG A 579 54.67 -17.49 12.26
C ARG A 579 55.95 -18.32 12.17
N PRO A 580 56.13 -19.36 13.02
CA PRO A 580 57.50 -19.85 13.28
C PRO A 580 58.13 -20.61 12.12
N ARG A 581 59.30 -21.20 12.41
CA ARG A 581 60.12 -21.83 11.39
C ARG A 581 59.38 -22.92 10.63
N HIS A 582 58.34 -23.52 11.22
CA HIS A 582 57.57 -24.54 10.52
C HIS A 582 56.91 -23.95 9.27
N ASN A 583 56.33 -22.76 9.38
CA ASN A 583 55.64 -22.09 8.28
C ASN A 583 56.01 -20.62 8.22
N ASP A 584 57.32 -20.32 8.25
CA ASP A 584 57.75 -18.93 8.15
C ASP A 584 57.55 -18.44 6.73
N ARG A 585 56.36 -17.92 6.43
CA ARG A 585 55.96 -17.60 5.06
C ARG A 585 56.35 -16.17 4.69
N LEU A 586 57.66 -15.94 4.58
CA LEU A 586 58.16 -14.63 4.19
C LEU A 586 59.18 -14.71 3.07
N ARG A 587 59.92 -15.81 3.00
CA ARG A 587 61.18 -15.87 2.28
C ARG A 587 61.22 -17.05 1.32
N LEU A 588 60.19 -17.20 0.49
CA LEU A 588 60.17 -18.28 -0.50
C LEU A 588 60.06 -17.68 -1.90
N LEU A 589 61.20 -17.23 -2.42
CA LEU A 589 61.39 -17.05 -3.86
C LEU A 589 62.75 -17.54 -4.36
N LEU A 590 63.77 -17.59 -3.51
CA LEU A 590 65.12 -18.09 -3.68
C LEU A 590 65.19 -19.55 -3.25
N PRO A 591 66.17 -20.31 -3.77
CA PRO A 591 66.22 -21.74 -3.44
C PRO A 591 66.59 -22.00 -1.99
N VAL A 592 65.65 -21.77 -1.08
CA VAL A 592 65.87 -22.10 0.32
C VAL A 592 65.88 -23.61 0.48
N PRO A 593 66.65 -24.17 1.41
CA PRO A 593 66.74 -25.64 1.51
C PRO A 593 65.43 -26.27 1.95
N HIS A 594 65.31 -27.56 1.63
CA HIS A 594 64.15 -28.37 1.94
C HIS A 594 64.15 -28.84 3.39
N VAL A 595 63.37 -29.88 3.68
CA VAL A 595 63.06 -30.39 5.02
C VAL A 595 64.28 -30.37 5.96
N LYS A 596 65.46 -30.59 5.42
CA LYS A 596 66.68 -30.56 6.24
C LYS A 596 66.95 -29.18 6.82
N LEU A 597 66.30 -28.13 6.31
CA LEU A 597 66.57 -26.78 6.78
C LEU A 597 65.82 -26.47 8.06
N ASN A 598 64.48 -26.53 8.02
CA ASN A 598 63.57 -26.30 9.15
C ASN A 598 63.83 -24.96 9.85
N VAL A 599 64.54 -24.04 9.19
CA VAL A 599 64.78 -22.70 9.73
C VAL A 599 64.39 -21.69 8.66
N GLN A 600 63.49 -20.77 9.01
CA GLN A 600 62.93 -19.76 8.10
C GLN A 600 62.65 -20.34 6.72
N GLY A 601 62.05 -21.52 6.71
CA GLY A 601 61.73 -22.21 5.47
C GLY A 601 60.65 -23.24 5.70
N VAL A 602 60.66 -24.28 4.88
CA VAL A 602 59.68 -25.36 4.95
C VAL A 602 60.28 -26.52 5.73
N SER A 603 59.50 -27.02 6.71
CA SER A 603 59.97 -28.11 7.56
C SER A 603 59.13 -29.38 7.38
N LEU A 604 57.81 -29.29 7.53
CA LEU A 604 56.97 -30.48 7.50
C LEU A 604 56.24 -30.68 6.17
N ARG A 605 56.04 -29.61 5.40
CA ARG A 605 55.30 -29.73 4.15
C ARG A 605 56.09 -30.54 3.12
N SER A 606 55.40 -30.92 2.05
CA SER A 606 55.89 -31.96 1.15
C SER A 606 57.04 -31.49 0.26
N LEU A 607 56.80 -30.50 -0.60
CA LEU A 607 57.78 -30.09 -1.59
C LEU A 607 57.93 -28.57 -1.60
N TYR A 608 59.09 -28.12 -2.07
CA TYR A 608 59.37 -26.70 -2.28
C TYR A 608 59.32 -26.42 -3.77
N LYS A 609 58.12 -26.08 -4.25
CA LYS A 609 57.87 -25.83 -5.67
C LYS A 609 57.43 -24.39 -5.88
N ARG A 610 58.16 -23.45 -5.27
CA ARG A 610 57.75 -22.05 -5.20
C ARG A 610 56.41 -21.92 -4.48
N SER A 611 56.16 -22.83 -3.56
CA SER A 611 54.94 -22.88 -2.75
C SER A 611 55.26 -23.65 -1.48
N SER A 612 54.22 -24.04 -0.75
CA SER A 612 54.38 -24.80 0.48
C SER A 612 53.81 -26.21 0.37
N GLY A 613 52.57 -26.34 -0.10
CA GLY A 613 51.88 -27.60 -0.18
C GLY A 613 50.45 -27.42 0.30
N HIS A 614 49.87 -28.52 0.80
CA HIS A 614 48.51 -28.50 1.30
C HIS A 614 48.53 -28.39 2.82
N VAL A 615 48.55 -27.16 3.32
CA VAL A 615 48.25 -26.90 4.72
C VAL A 615 46.73 -27.01 4.82
N THR A 616 46.24 -28.18 5.24
CA THR A 616 44.90 -28.65 4.93
C THR A 616 43.81 -27.60 5.07
N PHE A 617 43.54 -27.16 6.30
CA PHE A 617 42.52 -26.12 6.47
C PHE A 617 42.86 -25.07 7.52
N THR A 618 43.89 -25.28 8.35
CA THR A 618 44.26 -24.36 9.44
C THR A 618 43.09 -24.12 10.40
N MET A 619 42.22 -25.13 10.51
CA MET A 619 41.16 -25.26 11.51
C MET A 619 40.23 -24.04 11.62
N ASP A 620 40.29 -23.12 10.67
CA ASP A 620 39.26 -22.08 10.51
C ASP A 620 39.10 -21.72 9.04
N PRO A 621 38.43 -22.57 8.26
CA PRO A 621 38.22 -22.25 6.85
C PRO A 621 37.10 -21.23 6.62
N ILE A 622 36.13 -21.12 7.52
CA ILE A 622 35.05 -20.17 7.32
C ILE A 622 35.49 -18.77 7.79
N ARG A 623 36.11 -18.70 8.96
CA ARG A 623 36.61 -17.43 9.47
C ARG A 623 37.68 -16.83 8.55
N ASP A 624 38.41 -17.68 7.83
CA ASP A 624 39.39 -17.17 6.88
C ASP A 624 38.73 -16.38 5.76
N LEU A 625 37.62 -16.87 5.21
CA LEU A 625 36.87 -16.09 4.24
C LEU A 625 36.18 -14.90 4.90
N LEU A 626 35.74 -15.05 6.14
CA LEU A 626 35.05 -13.95 6.82
C LEU A 626 35.97 -12.75 6.96
N ILE A 627 37.21 -12.97 7.40
CA ILE A 627 38.17 -11.88 7.54
C ILE A 627 38.46 -11.24 6.19
N TRP A 628 38.65 -12.06 5.15
CA TRP A 628 38.96 -11.52 3.83
C TRP A 628 37.81 -10.70 3.27
N ALA A 629 36.57 -11.11 3.54
CA ALA A 629 35.42 -10.32 3.12
C ALA A 629 35.24 -9.05 3.94
N ILE A 630 35.58 -9.09 5.23
CA ILE A 630 35.44 -7.91 6.08
C ILE A 630 36.46 -6.85 5.71
N VAL A 631 37.73 -7.26 5.50
CA VAL A 631 38.77 -6.27 5.22
C VAL A 631 38.54 -5.55 3.91
N GLN A 632 37.83 -6.16 2.95
CA GLN A 632 37.51 -5.54 1.68
C GLN A 632 36.22 -4.73 1.74
N ASN A 633 35.59 -4.64 2.91
CA ASN A 633 34.35 -3.89 3.12
C ASN A 633 33.22 -4.36 2.21
N ARG A 634 33.13 -5.67 1.98
CA ARG A 634 32.02 -6.24 1.20
C ARG A 634 30.89 -6.56 2.17
N ARG A 635 29.95 -5.62 2.31
CA ARG A 635 28.89 -5.77 3.30
C ARG A 635 27.96 -6.92 2.95
N GLU A 636 27.52 -7.01 1.69
CA GLU A 636 26.57 -8.05 1.31
C GLU A 636 27.21 -9.43 1.30
N LEU A 637 28.49 -9.51 0.94
CA LEU A 637 29.17 -10.80 0.88
C LEU A 637 29.47 -11.34 2.27
N ALA A 638 29.88 -10.46 3.19
CA ALA A 638 30.33 -10.90 4.51
C ALA A 638 29.21 -11.54 5.32
N GLY A 639 27.97 -11.05 5.18
CA GLY A 639 26.87 -11.64 5.92
C GLY A 639 26.58 -13.08 5.52
N ILE A 640 26.75 -13.40 4.23
CA ILE A 640 26.55 -14.77 3.78
C ILE A 640 27.58 -15.70 4.39
N ILE A 641 28.84 -15.28 4.42
CA ILE A 641 29.90 -16.11 5.00
C ILE A 641 29.72 -16.23 6.51
N TRP A 642 29.27 -15.17 7.18
CA TRP A 642 29.05 -15.22 8.62
C TRP A 642 27.99 -16.25 9.02
N ALA A 643 27.05 -16.55 8.13
CA ALA A 643 25.99 -17.51 8.48
C ALA A 643 26.56 -18.90 8.73
N GLN A 644 27.55 -19.31 7.94
CA GLN A 644 28.14 -20.64 8.04
C GLN A 644 29.31 -20.70 9.00
N SER A 645 29.45 -19.71 9.88
CA SER A 645 30.55 -19.68 10.82
C SER A 645 30.33 -20.69 11.94
N GLN A 646 31.44 -21.13 12.54
CA GLN A 646 31.40 -22.06 13.67
C GLN A 646 31.41 -21.34 15.01
N ASP A 647 32.45 -20.53 15.26
CA ASP A 647 32.52 -19.71 16.47
C ASP A 647 31.87 -18.35 16.16
N CYS A 648 30.55 -18.32 16.28
CA CYS A 648 29.78 -17.18 15.79
C CYS A 648 30.07 -15.91 16.59
N ILE A 649 29.98 -15.98 17.92
CA ILE A 649 30.08 -14.78 18.73
C ILE A 649 31.49 -14.19 18.66
N ALA A 650 32.51 -15.03 18.77
CA ALA A 650 33.88 -14.53 18.72
C ALA A 650 34.20 -13.92 17.36
N ALA A 651 33.75 -14.57 16.28
CA ALA A 651 33.97 -14.03 14.94
C ALA A 651 33.27 -12.69 14.75
N ALA A 652 32.02 -12.58 15.21
CA ALA A 652 31.31 -11.31 15.07
C ALA A 652 31.98 -10.20 15.88
N LEU A 653 32.43 -10.52 17.11
CA LEU A 653 33.09 -9.52 17.92
C LEU A 653 34.42 -9.09 17.31
N ALA A 654 35.19 -10.03 16.77
CA ALA A 654 36.44 -9.69 16.11
C ALA A 654 36.20 -8.83 14.87
N CYS A 655 35.17 -9.18 14.09
CA CYS A 655 34.81 -8.36 12.94
C CYS A 655 34.41 -6.95 13.33
N SER A 656 33.65 -6.79 14.42
CA SER A 656 33.31 -5.46 14.89
C SER A 656 34.56 -4.65 15.23
N LYS A 657 35.50 -5.24 15.96
CA LYS A 657 36.73 -4.53 16.33
C LYS A 657 37.55 -4.16 15.11
N ILE A 658 37.73 -5.10 14.17
CA ILE A 658 38.56 -4.82 13.01
C ILE A 658 37.90 -3.75 12.14
N LEU A 659 36.57 -3.78 12.02
CA LEU A 659 35.88 -2.76 11.23
C LEU A 659 36.00 -1.39 11.90
N LYS A 660 35.81 -1.33 13.22
CA LYS A 660 35.95 -0.06 13.92
C LYS A 660 37.34 0.52 13.79
N GLU A 661 38.38 -0.31 13.91
CA GLU A 661 39.74 0.22 13.86
C GLU A 661 40.23 0.47 12.43
N LEU A 662 39.66 -0.22 11.43
CA LEU A 662 39.95 0.10 10.04
C LEU A 662 39.25 1.36 9.57
N SER A 663 38.05 1.63 10.10
CA SER A 663 37.37 2.88 9.78
C SER A 663 38.16 4.08 10.28
N LYS A 664 38.91 3.91 11.36
CA LYS A 664 39.61 5.03 12.00
C LYS A 664 40.88 5.44 11.28
N GLU A 665 41.43 4.60 10.40
CA GLU A 665 42.79 4.89 9.90
C GLU A 665 42.77 5.96 8.82
N GLU A 666 42.23 5.65 7.64
CA GLU A 666 42.18 6.66 6.58
C GLU A 666 41.31 6.30 5.39
N GLU A 667 40.23 7.03 5.15
CA GLU A 667 39.88 7.38 3.78
C GLU A 667 39.30 8.79 3.68
N ASP A 668 38.91 9.39 4.81
CA ASP A 668 38.42 10.76 5.04
C ASP A 668 36.92 10.96 4.78
N THR A 669 36.19 9.97 4.27
CA THR A 669 34.76 10.15 4.04
C THR A 669 34.12 8.84 3.62
N ASP A 670 32.78 8.80 3.66
CA ASP A 670 31.92 8.01 2.80
C ASP A 670 32.18 6.50 2.86
N SER A 671 33.23 6.09 3.57
CA SER A 671 33.52 4.69 3.80
C SER A 671 33.98 4.39 5.21
N SER A 672 34.60 5.35 5.90
CA SER A 672 34.80 5.22 7.33
C SER A 672 33.47 5.26 8.07
N GLU A 673 32.56 6.13 7.63
CA GLU A 673 31.20 6.12 8.15
C GLU A 673 30.51 4.80 7.83
N GLU A 674 30.67 4.30 6.61
CA GLU A 674 30.05 3.03 6.24
C GLU A 674 30.69 1.87 6.99
N MET A 675 32.02 1.92 7.18
CA MET A 675 32.68 0.87 7.96
C MET A 675 32.21 0.87 9.41
N LEU A 676 32.04 2.06 10.00
CA LEU A 676 31.51 2.13 11.36
C LEU A 676 30.07 1.64 11.43
N ALA A 677 29.26 1.96 10.42
CA ALA A 677 27.90 1.46 10.38
C ALA A 677 27.86 -0.06 10.28
N LEU A 678 28.73 -0.65 9.45
CA LEU A 678 28.81 -2.10 9.38
C LEU A 678 29.32 -2.72 10.68
N ALA A 679 30.24 -2.03 11.35
CA ALA A 679 30.71 -2.50 12.65
C ALA A 679 29.58 -2.53 13.67
N GLU A 680 28.76 -1.47 13.70
CA GLU A 680 27.59 -1.47 14.58
C GLU A 680 26.57 -2.52 14.17
N GLU A 681 26.40 -2.75 12.87
CA GLU A 681 25.49 -3.80 12.42
C GLU A 681 25.96 -5.18 12.90
N TYR A 682 27.26 -5.45 12.79
CA TYR A 682 27.79 -6.71 13.32
C TYR A 682 27.71 -6.76 14.83
N GLU A 683 27.81 -5.62 15.50
CA GLU A 683 27.62 -5.57 16.95
C GLU A 683 26.21 -6.02 17.31
N HIS A 684 25.20 -5.45 16.64
CA HIS A 684 23.82 -5.88 16.89
C HIS A 684 23.61 -7.34 16.51
N ARG A 685 24.27 -7.78 15.44
CA ARG A 685 24.19 -9.18 15.04
C ARG A 685 24.72 -10.12 16.12
N ALA A 686 25.85 -9.77 16.74
CA ALA A 686 26.37 -10.56 17.84
C ALA A 686 25.48 -10.47 19.08
N ILE A 687 24.92 -9.29 19.36
CA ILE A 687 24.05 -9.14 20.52
C ILE A 687 22.82 -10.03 20.39
N GLY A 688 22.24 -10.09 19.18
CA GLY A 688 21.11 -10.98 18.96
C GLY A 688 21.42 -12.44 19.19
N VAL A 689 22.54 -12.93 18.67
CA VAL A 689 22.93 -14.32 18.89
C VAL A 689 23.17 -14.59 20.37
N PHE A 690 23.87 -13.67 21.05
CA PHE A 690 24.12 -13.86 22.47
C PHE A 690 22.83 -13.84 23.28
N THR A 691 21.88 -12.98 22.92
CA THR A 691 20.60 -12.96 23.62
C THR A 691 19.85 -14.26 23.41
N GLU A 692 19.84 -14.77 22.18
CA GLU A 692 19.17 -16.05 21.92
C GLU A 692 19.82 -17.19 22.68
N CYS A 693 21.15 -17.19 22.78
CA CYS A 693 21.84 -18.24 23.54
C CYS A 693 21.69 -18.06 25.04
N TYR A 694 21.50 -16.82 25.51
CA TYR A 694 21.41 -16.53 26.93
C TYR A 694 20.02 -16.78 27.48
N ARG A 695 18.99 -16.67 26.64
CA ARG A 695 17.64 -16.92 27.10
C ARG A 695 17.47 -18.35 27.60
N LYS A 696 18.11 -19.31 26.92
CA LYS A 696 18.02 -20.71 27.30
C LYS A 696 19.24 -21.10 28.11
N ASP A 697 19.03 -21.48 29.37
CA ASP A 697 20.08 -22.07 30.22
C ASP A 697 21.28 -21.13 30.35
N GLU A 698 21.02 -20.02 31.07
CA GLU A 698 22.01 -18.96 31.24
C GLU A 698 23.34 -19.47 31.79
N GLU A 699 23.32 -20.57 32.56
CA GLU A 699 24.56 -21.09 33.14
C GLU A 699 25.58 -21.47 32.08
N ARG A 700 25.15 -22.17 31.03
CA ARG A 700 26.08 -22.49 29.95
C ARG A 700 26.41 -21.28 29.08
N ALA A 701 25.48 -20.31 28.99
CA ALA A 701 25.77 -19.09 28.24
C ALA A 701 26.90 -18.30 28.88
N GLN A 702 26.89 -18.19 30.21
CA GLN A 702 27.98 -17.51 30.90
C GLN A 702 29.29 -18.25 30.72
N LYS A 703 29.26 -19.57 30.75
CA LYS A 703 30.47 -20.37 30.55
C LYS A 703 31.02 -20.21 29.13
N LEU A 704 30.13 -20.11 28.15
CA LEU A 704 30.49 -19.79 26.78
C LEU A 704 31.07 -18.38 26.65
N LEU A 705 30.63 -17.45 27.50
CA LEU A 705 31.12 -16.08 27.41
C LEU A 705 32.61 -15.98 27.70
N THR A 706 33.10 -16.70 28.71
CA THR A 706 34.47 -16.56 29.17
C THR A 706 35.42 -17.59 28.59
N ARG A 707 34.96 -18.44 27.68
CA ARG A 707 35.83 -19.46 27.10
C ARG A 707 36.82 -18.83 26.12
N VAL A 708 37.93 -19.52 25.93
CA VAL A 708 38.93 -19.13 24.93
C VAL A 708 38.56 -19.77 23.59
N SER A 709 39.09 -19.23 22.50
CA SER A 709 38.78 -19.74 21.17
C SER A 709 40.08 -19.96 20.41
N GLU A 710 40.46 -21.23 20.24
CA GLU A 710 41.71 -21.57 19.56
C GLU A 710 41.73 -21.09 18.12
N ALA A 711 40.57 -20.86 17.51
CA ALA A 711 40.52 -20.48 16.11
C ALA A 711 40.73 -18.99 15.87
N TRP A 712 40.98 -18.20 16.91
CA TRP A 712 41.05 -16.76 16.77
C TRP A 712 42.22 -16.13 17.53
N GLY A 713 43.19 -16.93 17.98
CA GLY A 713 44.25 -16.29 18.75
C GLY A 713 43.69 -15.86 20.09
N LYS A 714 43.58 -16.79 21.03
CA LYS A 714 42.37 -17.03 21.82
C LYS A 714 41.44 -15.82 21.96
N THR A 715 41.90 -14.71 22.54
CA THR A 715 41.04 -13.54 22.75
C THR A 715 39.64 -13.89 23.25
N THR A 716 39.54 -14.42 24.47
CA THR A 716 38.23 -14.74 25.03
C THR A 716 37.26 -13.59 24.84
N CYS A 717 35.98 -13.93 24.66
CA CYS A 717 35.00 -12.98 24.14
C CYS A 717 34.90 -11.72 24.99
N LEU A 718 34.88 -11.86 26.32
CA LEU A 718 34.79 -10.70 27.18
C LEU A 718 36.01 -9.79 27.01
N GLN A 719 37.21 -10.38 26.94
CA GLN A 719 38.41 -9.57 26.71
C GLN A 719 38.43 -8.99 25.31
N LEU A 720 38.09 -9.79 24.29
CA LEU A 720 38.05 -9.29 22.93
C LEU A 720 37.05 -8.16 22.73
N ALA A 721 36.03 -8.09 23.58
CA ALA A 721 35.00 -7.06 23.41
C ALA A 721 35.50 -5.69 23.85
N LEU A 722 36.35 -5.65 24.88
CA LEU A 722 36.72 -4.38 25.50
C LEU A 722 37.49 -3.48 24.54
N GLU A 723 38.39 -4.03 23.74
CA GLU A 723 39.23 -3.22 22.87
C GLU A 723 38.47 -2.61 21.70
N ALA A 724 37.29 -3.15 21.37
CA ALA A 724 36.41 -2.50 20.41
C ALA A 724 35.57 -1.42 21.06
N LYS A 725 35.59 -1.35 22.40
CA LYS A 725 34.95 -0.35 23.24
C LYS A 725 33.44 -0.51 23.27
N ASP A 726 32.88 -1.28 22.32
CA ASP A 726 31.66 -2.05 22.44
C ASP A 726 30.61 -1.48 23.40
N MET A 727 30.12 -0.26 23.14
CA MET A 727 29.14 0.36 24.02
C MET A 727 27.93 -0.54 24.24
N LYS A 728 27.41 -1.14 23.17
CA LYS A 728 26.11 -1.82 23.27
C LYS A 728 26.23 -3.27 23.76
N PHE A 729 27.27 -3.98 23.34
CA PHE A 729 27.36 -5.41 23.67
C PHE A 729 27.57 -5.64 25.16
N VAL A 730 28.43 -4.83 25.79
CA VAL A 730 28.74 -5.05 27.20
C VAL A 730 27.58 -4.64 28.09
N SER A 731 26.67 -3.79 27.60
CA SER A 731 25.57 -3.29 28.42
C SER A 731 24.32 -4.15 28.36
N HIS A 732 24.37 -5.29 27.65
CA HIS A 732 23.17 -6.10 27.45
C HIS A 732 23.12 -7.22 28.49
N GLY A 733 22.34 -7.00 29.55
CA GLY A 733 21.84 -8.10 30.36
C GLY A 733 22.86 -9.04 30.95
N GLY A 734 22.96 -10.23 30.35
CA GLY A 734 23.82 -11.29 30.85
C GLY A 734 25.28 -10.90 31.00
N ILE A 735 25.75 -9.91 30.24
CA ILE A 735 27.12 -9.43 30.45
C ILE A 735 27.27 -8.84 31.84
N GLN A 736 26.36 -7.94 32.21
CA GLN A 736 26.41 -7.36 33.55
C GLN A 736 26.03 -8.37 34.61
N ALA A 737 25.19 -9.36 34.25
CA ALA A 737 24.94 -10.46 35.16
C ALA A 737 26.20 -11.26 35.48
N PHE A 738 27.02 -11.55 34.47
CA PHE A 738 28.28 -12.24 34.72
C PHE A 738 29.26 -11.36 35.47
N LEU A 739 29.24 -10.05 35.20
CA LEU A 739 30.10 -9.13 35.95
C LEU A 739 29.71 -9.09 37.43
N THR A 740 28.42 -9.12 37.72
CA THR A 740 27.92 -9.21 39.10
C THR A 740 28.05 -10.61 39.66
N LYS A 741 28.33 -11.60 38.80
CA LYS A 741 28.63 -12.95 39.23
C LYS A 741 30.08 -13.15 39.65
N VAL A 742 31.04 -12.57 38.92
CA VAL A 742 32.44 -12.68 39.32
C VAL A 742 32.72 -11.81 40.53
N TRP A 743 32.23 -10.58 40.52
CA TRP A 743 32.10 -9.81 41.75
C TRP A 743 31.03 -10.46 42.61
N TRP A 744 31.11 -10.28 43.92
CA TRP A 744 30.33 -11.09 44.86
C TRP A 744 30.62 -12.57 44.60
N GLY A 745 31.91 -12.89 44.54
CA GLY A 745 32.42 -14.13 44.00
C GLY A 745 31.68 -15.41 44.34
N GLN A 746 31.68 -15.79 45.62
CA GLN A 746 31.11 -17.07 46.03
C GLN A 746 29.94 -16.93 47.00
N LEU A 747 29.56 -15.71 47.38
CA LEU A 747 28.53 -15.58 48.40
C LEU A 747 27.12 -15.69 47.81
N SER A 748 26.74 -14.68 47.02
CA SER A 748 25.39 -14.60 46.47
C SER A 748 25.22 -13.34 45.63
N VAL A 749 24.05 -13.19 44.99
CA VAL A 749 23.66 -11.94 44.35
C VAL A 749 22.44 -11.32 44.99
N ASP A 750 21.95 -11.88 46.10
CA ASP A 750 20.71 -11.41 46.71
C ASP A 750 20.93 -10.61 47.99
N ASN A 751 22.01 -10.85 48.71
CA ASN A 751 22.21 -10.19 49.99
C ASN A 751 22.41 -8.70 49.82
N GLY A 752 21.98 -7.94 50.83
CA GLY A 752 22.10 -6.50 50.76
C GLY A 752 23.49 -6.01 51.09
N LEU A 753 23.80 -4.80 50.61
CA LEU A 753 25.11 -4.22 50.87
C LEU A 753 25.25 -3.82 52.33
N TRP A 754 24.17 -3.34 52.96
CA TRP A 754 24.25 -2.89 54.34
C TRP A 754 24.34 -4.04 55.34
N ARG A 755 24.03 -5.27 54.90
CA ARG A 755 24.05 -6.41 55.81
C ARG A 755 25.37 -7.18 55.77
N VAL A 756 26.18 -6.99 54.75
CA VAL A 756 27.47 -7.67 54.69
C VAL A 756 28.53 -6.90 55.48
N THR A 757 28.38 -5.58 55.60
CA THR A 757 29.37 -4.78 56.30
C THR A 757 29.39 -5.03 57.80
N LEU A 758 28.25 -5.46 58.37
CA LEU A 758 28.24 -5.81 59.80
C LEU A 758 29.01 -7.09 60.04
N CYS A 759 28.81 -8.10 59.20
CA CYS A 759 29.58 -9.33 59.30
C CYS A 759 31.04 -9.11 58.92
N MET A 760 31.34 -8.06 58.16
CA MET A 760 32.73 -7.71 57.87
C MET A 760 33.51 -7.42 59.15
N LEU A 761 33.01 -6.52 59.99
CA LEU A 761 33.76 -6.07 61.15
C LEU A 761 33.64 -7.06 62.31
N ALA A 762 32.48 -7.68 62.48
CA ALA A 762 32.26 -8.66 63.53
C ALA A 762 32.67 -10.03 63.00
N PHE A 763 33.88 -10.46 63.31
CA PHE A 763 34.39 -11.72 62.77
C PHE A 763 33.58 -12.93 63.25
N PRO A 764 33.22 -13.07 64.54
CA PRO A 764 32.24 -14.08 64.90
C PRO A 764 30.97 -14.06 64.07
N LEU A 765 30.51 -12.88 63.64
CA LEU A 765 29.20 -12.77 62.99
C LEU A 765 29.17 -13.44 61.62
N LEU A 766 30.33 -13.80 61.07
CA LEU A 766 30.34 -14.58 59.83
C LEU A 766 29.74 -15.96 60.05
N LEU A 767 30.01 -16.57 61.21
CA LEU A 767 29.65 -17.97 61.45
C LEU A 767 28.18 -18.17 61.79
N THR A 768 27.42 -17.09 62.00
CA THR A 768 26.01 -17.24 62.34
C THR A 768 25.17 -17.40 61.07
N GLY A 769 23.87 -17.56 61.25
CA GLY A 769 22.96 -17.72 60.13
C GLY A 769 22.35 -16.41 59.66
N LEU A 770 23.18 -15.48 59.21
CA LEU A 770 22.73 -14.19 58.72
C LEU A 770 23.03 -13.99 57.24
N ILE A 771 24.27 -14.23 56.82
CA ILE A 771 24.66 -14.04 55.43
C ILE A 771 24.41 -15.34 54.66
N SER A 772 24.31 -15.23 53.33
CA SER A 772 23.99 -16.33 52.45
C SER A 772 25.19 -16.62 51.53
N PHE A 773 25.85 -17.75 51.77
CA PHE A 773 26.90 -18.24 50.89
C PHE A 773 26.34 -19.13 49.79
N ARG A 774 27.23 -19.62 48.93
CA ARG A 774 26.95 -20.74 48.05
C ARG A 774 27.43 -22.06 48.65
N GLU A 775 28.47 -22.02 49.49
CA GLU A 775 28.86 -23.19 50.26
C GLU A 775 27.77 -23.57 51.26
N LYS A 776 27.01 -22.59 51.75
CA LYS A 776 26.04 -22.82 52.81
C LYS A 776 24.85 -23.64 52.33
N ARG A 777 24.29 -23.34 51.15
CA ARG A 777 23.13 -24.10 50.69
C ARG A 777 23.51 -25.54 50.36
N LEU A 778 24.72 -25.75 49.83
CA LEU A 778 25.25 -27.09 49.63
C LEU A 778 25.84 -27.67 50.91
N GLN A 779 25.65 -26.99 52.05
CA GLN A 779 26.18 -27.36 53.36
C GLN A 779 27.60 -27.90 53.28
N ASP A 780 28.43 -27.24 52.47
CA ASP A 780 29.83 -27.62 52.30
C ASP A 780 30.74 -27.03 53.37
N VAL A 781 30.17 -26.60 54.50
CA VAL A 781 30.95 -25.99 55.56
C VAL A 781 31.55 -27.07 56.45
N GLY A 782 32.72 -27.56 56.08
CA GLY A 782 33.43 -28.53 56.90
C GLY A 782 34.56 -27.89 57.68
N THR A 783 34.87 -26.65 57.33
CA THR A 783 35.94 -25.89 57.98
C THR A 783 35.52 -24.43 57.99
N PRO A 784 35.23 -23.84 59.16
CA PRO A 784 34.85 -22.41 59.18
C PRO A 784 35.93 -21.52 58.61
N ALA A 785 37.20 -21.86 58.80
CA ALA A 785 38.28 -21.13 58.16
C ALA A 785 38.18 -21.23 56.64
N ALA A 786 37.81 -22.39 56.11
CA ALA A 786 37.66 -22.53 54.66
C ALA A 786 36.55 -21.65 54.09
N ARG A 787 35.37 -21.61 54.73
CA ARG A 787 34.32 -20.75 54.22
C ARG A 787 34.65 -19.28 54.45
N ALA A 788 35.40 -18.97 55.50
CA ALA A 788 35.93 -17.62 55.67
C ALA A 788 36.92 -17.23 54.58
N ARG A 789 37.77 -18.16 54.14
CA ARG A 789 38.62 -17.91 52.98
C ARG A 789 37.80 -17.71 51.72
N ALA A 790 36.77 -18.53 51.52
CA ALA A 790 35.88 -18.35 50.39
C ALA A 790 35.17 -17.00 50.48
N PHE A 791 34.87 -16.54 51.69
CA PHE A 791 34.29 -15.22 51.87
C PHE A 791 35.27 -14.12 51.50
N PHE A 792 36.52 -14.24 51.97
CA PHE A 792 37.48 -13.16 51.81
C PHE A 792 38.03 -13.08 50.39
N THR A 793 38.09 -14.21 49.68
CA THR A 793 38.61 -14.23 48.32
C THR A 793 37.73 -13.43 47.34
N ALA A 794 36.46 -13.24 47.66
CA ALA A 794 35.57 -12.51 46.78
C ALA A 794 36.02 -11.06 46.65
N PRO A 795 35.94 -10.49 45.45
CA PRO A 795 36.39 -9.10 45.25
C PRO A 795 35.62 -8.07 46.05
N VAL A 796 34.36 -8.35 46.44
CA VAL A 796 33.57 -7.37 47.15
C VAL A 796 34.18 -7.03 48.51
N VAL A 797 34.63 -8.05 49.25
CA VAL A 797 35.22 -7.81 50.56
C VAL A 797 36.65 -7.30 50.46
N VAL A 798 37.39 -7.66 49.41
CA VAL A 798 38.68 -7.02 49.17
C VAL A 798 38.49 -5.52 48.95
N PHE A 799 37.49 -5.14 48.14
CA PHE A 799 37.18 -3.73 47.94
C PHE A 799 36.76 -3.07 49.24
N HIS A 800 35.92 -3.75 50.03
CA HIS A 800 35.45 -3.17 51.29
C HIS A 800 36.62 -2.95 52.26
N LEU A 801 37.52 -3.92 52.36
CA LEU A 801 38.64 -3.76 53.28
C LEU A 801 39.62 -2.72 52.79
N ASN A 802 39.84 -2.64 51.47
CA ASN A 802 40.69 -1.58 50.93
C ASN A 802 40.08 -0.20 51.16
N ILE A 803 38.77 -0.05 50.99
CA ILE A 803 38.13 1.25 51.19
C ILE A 803 38.16 1.62 52.66
N LEU A 804 38.00 0.63 53.56
CA LEU A 804 38.15 0.92 54.98
C LEU A 804 39.58 1.33 55.34
N SER A 805 40.58 0.65 54.78
CA SER A 805 41.97 1.02 55.05
C SER A 805 42.28 2.43 54.54
N TYR A 806 41.81 2.76 53.34
CA TYR A 806 42.03 4.09 52.79
C TYR A 806 41.22 5.16 53.51
N PHE A 807 40.07 4.79 54.10
CA PHE A 807 39.30 5.74 54.89
C PHE A 807 39.95 6.00 56.25
N ALA A 808 40.58 4.97 56.82
CA ALA A 808 41.29 5.10 58.09
C ALA A 808 42.67 5.75 57.94
N PHE A 809 43.30 5.64 56.78
CA PHE A 809 44.60 6.29 56.58
C PHE A 809 44.45 7.80 56.63
N LEU A 810 43.36 8.34 56.09
CA LEU A 810 43.10 9.77 56.19
C LEU A 810 42.87 10.20 57.63
N CYS A 811 42.17 9.40 58.43
CA CYS A 811 42.02 9.72 59.84
C CYS A 811 43.37 9.69 60.56
N LEU A 812 44.22 8.72 60.21
CA LEU A 812 45.56 8.67 60.79
C LEU A 812 46.38 9.92 60.41
N PHE A 813 46.27 10.36 59.15
CA PHE A 813 46.97 11.56 58.73
C PHE A 813 46.42 12.80 59.41
N ALA A 814 45.11 12.86 59.65
CA ALA A 814 44.53 13.96 60.42
C ALA A 814 44.98 13.92 61.87
N TYR A 815 45.26 12.74 62.41
CA TYR A 815 45.74 12.63 63.78
C TYR A 815 47.08 13.32 63.97
N VAL A 816 47.95 13.26 62.97
CA VAL A 816 49.33 13.73 63.13
C VAL A 816 49.46 15.18 62.67
N LEU A 817 48.34 15.89 62.53
CA LEU A 817 48.37 17.31 62.22
C LEU A 817 47.73 18.19 63.27
N MET A 818 46.83 17.65 64.10
CA MET A 818 46.17 18.46 65.11
C MET A 818 46.94 18.46 66.43
N VAL A 819 47.47 17.30 66.83
CA VAL A 819 48.17 17.16 68.10
C VAL A 819 49.64 16.83 67.91
N ASP A 820 49.97 16.03 66.90
CA ASP A 820 51.33 15.53 66.69
C ASP A 820 52.16 16.43 65.79
N PHE A 821 51.89 17.74 65.80
CA PHE A 821 52.66 18.71 65.01
C PHE A 821 54.03 18.88 65.64
N GLN A 822 54.93 17.95 65.30
CA GLN A 822 56.29 17.93 65.81
C GLN A 822 57.27 17.92 64.67
N PRO A 823 58.48 18.46 64.88
CA PRO A 823 59.48 18.47 63.80
C PRO A 823 60.33 17.21 63.75
N VAL A 824 59.89 16.15 64.44
CA VAL A 824 60.65 14.92 64.52
C VAL A 824 59.74 13.76 64.12
N PRO A 825 60.27 12.69 63.50
CA PRO A 825 59.43 11.49 63.27
C PRO A 825 59.05 10.83 64.59
N SER A 826 57.78 10.89 64.93
CA SER A 826 57.30 10.44 66.23
C SER A 826 56.89 8.97 66.15
N TRP A 827 56.19 8.50 67.20
CA TRP A 827 55.74 7.11 67.24
C TRP A 827 54.75 6.83 66.11
N CYS A 828 53.85 7.78 65.83
CA CYS A 828 52.82 7.61 64.81
C CYS A 828 53.20 8.27 63.49
N GLU A 829 54.48 8.26 63.11
CA GLU A 829 54.93 8.89 61.88
C GLU A 829 55.49 7.92 60.85
N CYS A 830 56.25 6.90 61.29
CA CYS A 830 56.77 5.91 60.35
C CYS A 830 55.67 5.07 59.72
N ALA A 831 54.48 5.07 60.33
CA ALA A 831 53.33 4.41 59.71
C ALA A 831 52.99 5.04 58.36
N ILE A 832 53.08 6.36 58.26
CA ILE A 832 52.85 7.03 56.98
C ILE A 832 53.92 6.63 55.97
N TYR A 833 55.18 6.55 56.40
CA TYR A 833 56.24 6.14 55.47
C TYR A 833 56.00 4.74 54.93
N LEU A 834 55.69 3.79 55.80
CA LEU A 834 55.40 2.44 55.34
C LEU A 834 54.13 2.35 54.52
N TRP A 835 53.13 3.18 54.82
CA TRP A 835 51.90 3.23 54.03
C TRP A 835 52.17 3.70 52.60
N LEU A 836 52.95 4.77 52.45
CA LEU A 836 53.34 5.23 51.12
C LEU A 836 54.24 4.24 50.41
N PHE A 837 55.09 3.52 51.15
CA PHE A 837 55.86 2.43 50.55
C PHE A 837 54.95 1.32 50.02
N SER A 838 53.92 0.96 50.77
CA SER A 838 53.03 -0.13 50.37
C SER A 838 52.17 0.24 49.17
N LEU A 839 51.52 1.41 49.21
CA LEU A 839 50.64 1.78 48.10
C LEU A 839 51.38 2.08 46.81
N VAL A 840 52.58 2.65 46.87
CA VAL A 840 53.31 2.91 45.62
C VAL A 840 53.74 1.61 44.94
N CYS A 841 53.89 0.52 45.70
CA CYS A 841 54.33 -0.74 45.13
C CYS A 841 53.20 -1.48 44.40
N GLU A 842 51.94 -1.09 44.64
CA GLU A 842 50.85 -1.61 43.83
C GLU A 842 51.04 -1.27 42.35
N GLU A 843 51.46 -0.04 42.05
CA GLU A 843 51.73 0.34 40.67
C GLU A 843 52.87 -0.47 40.07
N MET A 844 53.93 -0.73 40.85
CA MET A 844 54.99 -1.59 40.33
C MET A 844 54.49 -3.01 40.07
N ARG A 845 53.62 -3.52 40.94
CA ARG A 845 53.01 -4.82 40.66
C ARG A 845 52.20 -4.81 39.37
N GLN A 846 51.38 -3.78 39.16
CA GLN A 846 50.62 -3.65 37.93
C GLN A 846 51.52 -3.48 36.71
N LEU A 847 52.70 -2.89 36.87
CA LEU A 847 53.62 -2.77 35.74
C LEU A 847 54.10 -4.14 35.28
N PHE A 848 54.26 -5.09 36.20
CA PHE A 848 54.66 -6.45 35.89
C PHE A 848 53.46 -7.38 35.72
N TYR A 849 52.24 -6.84 35.72
CA TYR A 849 51.05 -7.69 35.71
C TYR A 849 50.85 -8.36 34.34
N ASP A 850 50.59 -7.55 33.31
CA ASP A 850 50.40 -8.07 31.95
C ASP A 850 51.06 -7.12 30.95
N PRO A 851 52.41 -7.05 30.95
CA PRO A 851 53.08 -6.19 29.98
C PRO A 851 53.47 -6.93 28.70
N ASP A 852 53.95 -6.20 27.70
CA ASP A 852 54.68 -6.83 26.60
C ASP A 852 56.12 -7.06 27.03
N GLU A 853 56.67 -8.21 26.62
CA GLU A 853 57.98 -8.64 27.08
C GLU A 853 59.13 -7.89 26.41
N CYS A 854 58.84 -6.83 25.67
CA CYS A 854 59.89 -6.04 25.04
C CYS A 854 59.70 -4.55 25.30
N GLY A 855 58.45 -4.14 25.55
CA GLY A 855 58.16 -2.73 25.77
C GLY A 855 58.00 -2.34 27.22
N LEU A 856 59.01 -1.68 27.77
CA LEU A 856 58.92 -1.19 29.14
C LEU A 856 58.37 0.23 29.19
N MET A 857 58.80 1.08 28.26
CA MET A 857 58.31 2.45 28.18
C MET A 857 56.99 2.57 27.44
N LYS A 858 56.72 1.67 26.50
CA LYS A 858 55.47 1.70 25.74
C LYS A 858 54.26 1.26 26.56
N LYS A 859 54.49 0.59 27.70
CA LYS A 859 53.39 0.25 28.60
C LYS A 859 53.08 1.38 29.57
N ALA A 860 54.09 2.16 29.97
CA ALA A 860 53.85 3.30 30.83
C ALA A 860 53.07 4.42 30.14
N ALA A 861 52.96 4.38 28.81
CA ALA A 861 52.20 5.39 28.09
C ALA A 861 50.72 5.35 28.46
N LEU A 862 50.14 4.15 28.58
CA LEU A 862 48.74 4.06 28.93
C LEU A 862 48.50 4.48 30.38
N TYR A 863 49.49 4.26 31.26
CA TYR A 863 49.43 4.86 32.58
C TYR A 863 49.47 6.38 32.49
N PHE A 864 50.31 6.93 31.63
CA PHE A 864 50.32 8.38 31.38
C PHE A 864 49.05 8.84 30.67
N SER A 865 48.35 7.94 30.00
CA SER A 865 47.11 8.26 29.31
C SER A 865 45.92 8.37 30.26
N ASP A 866 46.08 7.96 31.51
CA ASP A 866 45.03 8.07 32.52
C ASP A 866 45.35 9.26 33.41
N PHE A 867 44.49 10.27 33.37
CA PHE A 867 44.71 11.46 34.18
C PHE A 867 44.50 11.20 35.67
N TRP A 868 43.81 10.12 36.02
CA TRP A 868 43.70 9.76 37.44
C TRP A 868 45.01 9.15 37.95
N ASN A 869 45.70 8.36 37.12
CA ASN A 869 47.03 7.92 37.49
C ASN A 869 47.98 9.11 37.62
N LYS A 870 47.82 10.11 36.75
CA LYS A 870 48.56 11.35 36.89
C LYS A 870 48.23 12.08 38.18
N LEU A 871 46.96 12.09 38.59
CA LEU A 871 46.59 12.64 39.89
C LEU A 871 47.23 11.89 41.04
N ASP A 872 47.27 10.56 40.98
CA ASP A 872 47.92 9.76 42.02
C ASP A 872 49.41 10.07 42.11
N VAL A 873 50.10 10.10 40.96
CA VAL A 873 51.54 10.38 41.00
C VAL A 873 51.79 11.82 41.40
N GLY A 874 50.90 12.76 41.06
CA GLY A 874 51.03 14.12 41.55
C GLY A 874 50.82 14.24 43.05
N ALA A 875 49.88 13.49 43.61
CA ALA A 875 49.71 13.41 45.05
C ALA A 875 50.94 12.82 45.74
N ILE A 876 51.61 11.87 45.10
CA ILE A 876 52.91 11.39 45.56
C ILE A 876 53.96 12.50 45.50
N LEU A 877 54.01 13.23 44.38
CA LEU A 877 54.96 14.34 44.26
C LEU A 877 54.66 15.46 45.24
N LEU A 878 53.38 15.76 45.48
CA LEU A 878 53.04 16.75 46.49
C LEU A 878 53.44 16.29 47.88
N PHE A 879 53.29 15.00 48.18
CA PHE A 879 53.82 14.46 49.42
C PHE A 879 55.33 14.60 49.52
N VAL A 880 56.05 14.37 48.43
CA VAL A 880 57.50 14.59 48.44
C VAL A 880 57.83 16.06 48.70
N ALA A 881 57.11 16.97 48.07
CA ALA A 881 57.33 18.40 48.26
C ALA A 881 56.95 18.88 49.66
N GLY A 882 56.01 18.21 50.32
CA GLY A 882 55.62 18.60 51.65
C GLY A 882 56.45 17.96 52.75
N LEU A 883 57.00 16.78 52.47
CA LEU A 883 57.85 16.10 53.44
C LEU A 883 59.15 16.86 53.68
N THR A 884 59.73 17.43 52.63
CA THR A 884 60.92 18.26 52.78
C THR A 884 60.68 19.45 53.70
N CYS A 885 59.47 20.01 53.68
CA CYS A 885 59.09 21.06 54.63
C CYS A 885 58.74 20.49 56.00
N ARG A 886 58.30 19.24 56.07
CA ARG A 886 58.00 18.58 57.33
C ARG A 886 59.25 18.25 58.12
N LEU A 887 60.31 17.79 57.44
CA LEU A 887 61.54 17.42 58.15
C LEU A 887 62.38 18.64 58.51
N ILE A 888 62.32 19.71 57.73
CA ILE A 888 63.08 20.92 58.02
C ILE A 888 62.34 21.70 59.12
N PRO A 889 63.01 21.99 60.24
CA PRO A 889 62.31 22.64 61.37
C PRO A 889 62.01 24.11 61.16
N ALA A 890 62.62 24.77 60.18
CA ALA A 890 62.47 26.20 59.98
C ALA A 890 61.33 26.56 59.04
N THR A 891 60.59 25.57 58.55
CA THR A 891 59.51 25.81 57.59
C THR A 891 58.26 25.04 57.99
N LEU A 892 58.00 24.96 59.30
CA LEU A 892 56.79 24.27 59.77
C LEU A 892 55.52 24.98 59.34
N TYR A 893 55.49 26.32 59.39
CA TYR A 893 54.32 27.08 59.00
C TYR A 893 53.97 26.87 57.53
N PRO A 894 54.94 26.95 56.59
CA PRO A 894 54.63 26.55 55.21
C PRO A 894 54.22 25.11 55.08
N GLY A 895 54.75 24.21 55.92
CA GLY A 895 54.32 22.82 55.90
C GLY A 895 52.95 22.59 56.52
N ARG A 896 52.42 23.56 57.25
CA ARG A 896 51.08 23.48 57.80
C ARG A 896 50.01 23.89 56.79
N VAL A 897 50.40 24.58 55.72
CA VAL A 897 49.44 25.04 54.72
C VAL A 897 49.63 24.37 53.37
N ILE A 898 50.76 23.68 53.14
CA ILE A 898 50.99 23.01 51.87
C ILE A 898 50.53 21.55 51.90
N LEU A 899 50.35 20.97 53.07
CA LEU A 899 49.87 19.60 53.19
C LEU A 899 48.37 19.52 53.46
N SER A 900 47.72 20.64 53.79
CA SER A 900 46.27 20.64 53.95
C SER A 900 45.56 20.36 52.63
N LEU A 901 46.07 20.90 51.52
CA LEU A 901 45.50 20.61 50.20
C LEU A 901 45.68 19.15 49.81
N ASP A 902 46.70 18.48 50.35
CA ASP A 902 46.90 17.06 50.06
C ASP A 902 45.76 16.23 50.62
N PHE A 903 45.17 16.66 51.73
CA PHE A 903 44.05 15.93 52.32
C PHE A 903 42.86 15.85 51.37
N ILE A 904 42.78 16.76 50.40
CA ILE A 904 41.63 16.81 49.51
C ILE A 904 42.07 16.36 48.12
N LEU A 905 43.36 16.50 47.84
CA LEU A 905 43.91 15.87 46.64
C LEU A 905 43.81 14.35 46.74
N PHE A 906 43.90 13.82 47.96
CA PHE A 906 43.59 12.42 48.19
C PHE A 906 42.09 12.16 48.22
N CYS A 907 41.28 13.16 48.61
CA CYS A 907 39.84 13.00 48.55
C CYS A 907 39.33 12.86 47.12
N LEU A 908 39.97 13.53 46.16
CA LEU A 908 39.64 13.31 44.76
C LEU A 908 39.90 11.87 44.35
N ARG A 909 41.03 11.31 44.77
CA ARG A 909 41.30 9.89 44.53
C ARG A 909 40.29 8.99 45.22
N LEU A 910 39.85 9.36 46.42
CA LEU A 910 38.86 8.54 47.12
C LEU A 910 37.50 8.61 46.42
N MET A 911 37.19 9.77 45.81
CA MET A 911 36.05 9.87 44.91
C MET A 911 36.21 9.02 43.66
N HIS A 912 37.43 8.86 43.17
CA HIS A 912 37.67 8.03 41.99
C HIS A 912 37.18 6.60 42.21
N ILE A 913 37.45 6.03 43.40
CA ILE A 913 37.09 4.64 43.62
C ILE A 913 35.61 4.46 43.92
N PHE A 914 34.85 5.54 44.06
CA PHE A 914 33.39 5.43 44.15
C PHE A 914 32.73 5.53 42.77
N THR A 915 33.25 4.80 41.80
CA THR A 915 32.53 4.50 40.57
C THR A 915 31.96 3.09 40.68
N ILE A 916 31.11 2.89 41.71
CA ILE A 916 30.66 1.56 42.10
C ILE A 916 29.14 1.49 42.17
N SER A 917 28.50 2.45 42.86
CA SER A 917 27.09 2.33 43.19
C SER A 917 26.21 2.45 41.94
N LYS A 918 25.08 1.74 41.98
CA LYS A 918 24.13 1.77 40.87
C LYS A 918 23.51 3.14 40.66
N THR A 919 23.22 3.87 41.74
CA THR A 919 22.66 5.21 41.63
C THR A 919 23.71 6.31 41.72
N LEU A 920 24.99 5.96 41.84
CA LEU A 920 26.06 6.96 41.93
C LEU A 920 27.03 6.83 40.76
N GLY A 921 27.31 5.61 40.32
CA GLY A 921 28.19 5.36 39.19
C GLY A 921 27.75 6.10 37.94
N PRO A 922 26.55 5.79 37.43
CA PRO A 922 26.00 6.59 36.33
C PRO A 922 25.70 8.03 36.72
N LYS A 923 25.73 8.35 38.02
CA LYS A 923 25.58 9.72 38.49
C LYS A 923 26.91 10.46 38.60
N ILE A 924 27.99 9.76 38.97
CA ILE A 924 29.32 10.38 38.99
C ILE A 924 29.94 10.43 37.60
N ILE A 925 29.50 9.56 36.68
CA ILE A 925 29.89 9.70 35.29
C ILE A 925 29.36 11.01 34.70
N ILE A 926 28.26 11.53 35.24
CA ILE A 926 27.78 12.84 34.83
C ILE A 926 28.76 13.95 35.24
N VAL A 927 29.27 13.90 36.47
CA VAL A 927 30.24 14.92 36.86
C VAL A 927 31.58 14.69 36.19
N LYS A 928 31.82 13.48 35.67
CA LYS A 928 32.96 13.29 34.78
C LYS A 928 32.81 14.08 33.49
N ARG A 929 31.58 14.29 33.00
CA ARG A 929 31.32 15.25 31.94
C ARG A 929 31.46 16.69 32.43
N MET A 930 31.35 16.90 33.74
CA MET A 930 31.31 18.22 34.32
C MET A 930 32.72 18.78 34.51
N MET A 931 33.77 17.95 34.34
CA MET A 931 35.07 18.20 34.96
C MET A 931 35.73 19.46 34.41
N LYS A 932 35.86 19.58 33.09
CA LYS A 932 36.41 20.82 32.55
C LYS A 932 35.43 21.96 32.68
N ASP A 933 34.14 21.68 32.59
CA ASP A 933 33.15 22.71 32.85
C ASP A 933 33.07 23.07 34.33
N VAL A 934 33.57 22.21 35.23
CA VAL A 934 33.78 22.64 36.62
C VAL A 934 34.71 23.84 36.66
N PHE A 935 35.87 23.74 35.99
CA PHE A 935 36.77 24.88 35.88
C PHE A 935 36.14 26.03 35.13
N PHE A 936 35.37 25.76 34.07
CA PHE A 936 34.65 26.79 33.34
C PHE A 936 33.78 27.62 34.28
N PHE A 937 32.93 26.95 35.05
CA PHE A 937 32.01 27.67 35.93
C PHE A 937 32.74 28.27 37.14
N LEU A 938 33.85 27.67 37.57
CA LEU A 938 34.63 28.26 38.66
C LEU A 938 35.24 29.59 38.22
N PHE A 939 35.89 29.60 37.06
CA PHE A 939 36.41 30.83 36.49
C PHE A 939 35.31 31.84 36.22
N LEU A 940 34.12 31.37 35.83
CA LEU A 940 32.99 32.25 35.55
C LEU A 940 32.46 32.91 36.82
N LEU A 941 32.19 32.11 37.84
CA LEU A 941 31.57 32.58 39.07
C LEU A 941 32.54 33.38 39.93
N ALA A 942 33.83 33.03 39.90
CA ALA A 942 34.80 33.86 40.62
C ALA A 942 34.84 35.26 40.03
N VAL A 943 34.77 35.38 38.71
CA VAL A 943 34.75 36.69 38.08
C VAL A 943 33.45 37.43 38.39
N TRP A 944 32.29 36.77 38.33
CA TRP A 944 31.08 37.46 38.80
C TRP A 944 31.21 37.95 40.23
N VAL A 945 31.79 37.15 41.13
CA VAL A 945 31.92 37.56 42.53
C VAL A 945 32.83 38.78 42.65
N VAL A 946 34.00 38.73 41.99
CA VAL A 946 34.97 39.81 42.11
C VAL A 946 34.44 41.10 41.49
N SER A 947 33.67 41.00 40.41
CA SER A 947 33.17 42.18 39.72
C SER A 947 32.43 43.12 40.67
N PHE A 948 31.68 42.58 41.64
CA PHE A 948 31.00 43.42 42.61
C PHE A 948 31.66 43.40 43.98
N GLY A 949 32.59 42.48 44.21
CA GLY A 949 33.43 42.60 45.40
C GLY A 949 34.30 43.82 45.35
N VAL A 950 34.75 44.21 44.16
CA VAL A 950 35.47 45.46 44.00
C VAL A 950 34.54 46.65 44.20
N ALA A 951 33.31 46.56 43.70
CA ALA A 951 32.40 47.71 43.74
C ALA A 951 31.70 47.87 45.09
N LYS A 952 31.75 46.85 45.96
CA LYS A 952 31.08 46.96 47.25
C LYS A 952 31.79 47.94 48.17
N GLN A 953 33.11 47.89 48.22
CA GLN A 953 33.90 48.72 49.12
C GLN A 953 34.24 50.08 48.52
N ALA A 954 33.76 50.39 47.31
CA ALA A 954 34.13 51.64 46.65
C ALA A 954 33.39 52.83 47.25
N ILE A 955 32.06 52.81 47.23
CA ILE A 955 31.29 53.96 47.67
C ILE A 955 31.44 54.17 49.17
N LEU A 956 31.29 53.11 49.96
CA LEU A 956 31.43 53.23 51.39
C LEU A 956 32.90 53.42 51.78
N ILE A 957 33.12 54.18 52.85
CA ILE A 957 34.46 54.53 53.30
C ILE A 957 34.84 53.50 54.36
N HIS A 958 35.54 52.45 53.94
CA HIS A 958 36.06 51.45 54.86
C HIS A 958 37.47 51.81 55.30
N ASN A 959 37.76 51.58 56.58
CA ASN A 959 39.05 51.98 57.15
C ASN A 959 39.78 50.85 57.87
N GLU A 960 39.24 49.63 57.87
CA GLU A 960 39.89 48.50 58.52
C GLU A 960 40.98 47.97 57.59
N ARG A 961 42.24 48.17 57.96
CA ARG A 961 43.37 47.74 57.14
C ARG A 961 44.51 47.26 58.03
N ARG A 962 45.18 46.20 57.57
CA ARG A 962 46.36 45.66 58.23
C ARG A 962 47.28 45.08 57.15
N VAL A 963 48.25 44.27 57.58
CA VAL A 963 49.12 43.54 56.66
C VAL A 963 48.46 42.20 56.35
N ASP A 964 48.08 42.00 55.09
CA ASP A 964 47.38 40.80 54.64
C ASP A 964 46.03 40.62 55.36
N TRP A 965 45.55 41.69 56.00
CA TRP A 965 44.21 41.71 56.56
C TRP A 965 43.37 42.86 56.05
N LEU A 966 43.97 43.87 55.43
CA LEU A 966 43.20 44.78 54.59
C LEU A 966 42.60 44.02 53.40
N PHE A 967 43.37 43.08 52.84
CA PHE A 967 42.83 42.17 51.85
C PHE A 967 41.61 41.43 52.38
N ARG A 968 41.61 41.08 53.67
CA ARG A 968 40.44 40.44 54.26
C ARG A 968 39.21 41.32 54.11
N GLY A 969 39.21 42.48 54.77
CA GLY A 969 38.08 43.39 54.72
C GLY A 969 37.79 43.97 53.36
N ALA A 970 38.65 43.75 52.37
CA ALA A 970 38.41 44.22 51.02
C ALA A 970 37.82 43.17 50.10
N VAL A 971 38.31 41.93 50.14
CA VAL A 971 37.87 40.89 49.22
C VAL A 971 37.25 39.71 49.95
N TYR A 972 37.86 39.28 51.07
CA TYR A 972 37.40 38.08 51.75
C TYR A 972 35.98 38.24 52.29
N HIS A 973 35.59 39.47 52.62
CA HIS A 973 34.24 39.75 53.12
C HIS A 973 33.22 39.91 52.01
N SER A 974 33.63 39.83 50.74
CA SER A 974 32.71 39.89 49.62
C SER A 974 32.04 38.55 49.35
N TYR A 975 32.80 37.45 49.42
CA TYR A 975 32.21 36.13 49.27
C TYR A 975 31.43 35.69 50.50
N LEU A 976 31.79 36.20 51.69
CA LEU A 976 31.02 35.88 52.89
C LEU A 976 29.67 36.56 52.88
N THR A 977 29.54 37.71 52.22
CA THR A 977 28.27 38.40 52.07
C THR A 977 27.35 37.75 51.04
N ILE A 978 27.73 36.60 50.50
CA ILE A 978 26.94 35.92 49.48
C ILE A 978 26.10 34.83 50.14
N PHE A 979 26.70 34.12 51.10
CA PHE A 979 26.07 32.95 51.69
C PHE A 979 25.66 33.15 53.15
N GLY A 980 25.55 34.39 53.61
CA GLY A 980 24.99 34.65 54.93
C GLY A 980 25.71 35.65 55.79
N GLN A 981 27.04 35.71 55.71
CA GLN A 981 27.83 36.58 56.56
C GLN A 981 27.86 37.98 55.95
N ILE A 982 26.79 38.73 56.20
CA ILE A 982 26.68 40.12 55.74
C ILE A 982 26.78 41.02 56.96
N PRO A 983 27.86 41.79 57.11
CA PRO A 983 27.94 42.75 58.23
C PRO A 983 27.02 43.94 58.00
N GLY A 984 25.73 43.77 58.33
CA GLY A 984 24.77 44.83 58.11
C GLY A 984 25.04 46.10 58.86
N TYR A 985 25.65 46.00 60.05
CA TYR A 985 26.03 47.18 60.80
C TYR A 985 27.27 47.86 60.24
N ILE A 986 27.98 47.21 59.32
CA ILE A 986 29.12 47.81 58.63
C ILE A 986 28.79 48.11 57.17
N ASP A 987 28.17 47.16 56.47
CA ASP A 987 27.80 47.40 55.07
C ASP A 987 26.73 48.47 54.95
N GLY A 988 25.83 48.57 55.94
CA GLY A 988 24.79 49.57 55.92
C GLY A 988 24.92 50.58 57.06
N PHE A 1020 23.88 57.66 53.67
CA PHE A 1020 23.26 58.37 52.55
C PHE A 1020 23.06 57.50 51.31
N PRO A 1021 24.10 56.74 50.86
CA PRO A 1021 23.89 55.90 49.68
C PRO A 1021 23.20 54.58 49.99
N GLU A 1022 22.11 54.65 50.78
CA GLU A 1022 21.34 53.45 51.08
C GLU A 1022 20.46 53.02 49.93
N TRP A 1023 19.94 53.98 49.15
CA TRP A 1023 19.10 53.64 48.01
C TRP A 1023 19.89 52.88 46.94
N LEU A 1024 21.12 53.30 46.66
CA LEU A 1024 21.96 52.59 45.70
C LEU A 1024 22.43 51.25 46.22
N THR A 1025 22.68 51.14 47.53
CA THR A 1025 23.03 49.86 48.12
C THR A 1025 21.91 48.83 47.93
N VAL A 1026 20.66 49.25 48.01
CA VAL A 1026 19.54 48.37 47.65
C VAL A 1026 19.59 48.06 46.16
N LEU A 1027 19.86 49.08 45.34
CA LEU A 1027 19.78 48.93 43.89
C LEU A 1027 20.81 47.92 43.38
N LEU A 1028 22.07 48.06 43.77
CA LEU A 1028 23.10 47.18 43.27
C LEU A 1028 23.04 45.79 43.88
N LEU A 1029 22.64 45.69 45.16
CA LEU A 1029 22.51 44.37 45.79
C LEU A 1029 21.43 43.53 45.11
N CYS A 1030 20.34 44.18 44.66
CA CYS A 1030 19.34 43.47 43.89
C CYS A 1030 19.85 43.12 42.50
N LEU A 1031 20.75 43.95 41.96
CA LEU A 1031 21.25 43.72 40.60
C LEU A 1031 22.13 42.49 40.52
N TYR A 1032 23.01 42.29 41.52
CA TYR A 1032 23.89 41.15 41.50
C TYR A 1032 23.11 39.84 41.60
N LEU A 1033 22.17 39.78 42.56
CA LEU A 1033 21.41 38.56 42.78
C LEU A 1033 20.37 38.33 41.70
N LEU A 1034 20.10 39.35 40.86
CA LEU A 1034 19.19 39.17 39.74
C LEU A 1034 19.85 38.37 38.62
N PHE A 1035 21.17 38.52 38.46
CA PHE A 1035 21.91 37.77 37.45
C PHE A 1035 22.49 36.47 37.99
N THR A 1036 22.69 36.35 39.31
CA THR A 1036 23.29 35.13 39.86
C THR A 1036 22.22 34.14 40.31
N ASN A 1037 21.34 34.57 41.21
CA ASN A 1037 20.33 33.65 41.74
C ASN A 1037 19.21 33.37 40.75
N ILE A 1038 19.15 34.10 39.64
CA ILE A 1038 18.11 33.90 38.65
C ILE A 1038 18.73 33.42 37.35
N LEU A 1039 19.77 34.11 36.87
CA LEU A 1039 20.40 33.77 35.60
C LEU A 1039 21.55 32.77 35.75
N LEU A 1040 22.25 32.79 36.87
CA LEU A 1040 23.39 31.90 37.02
C LEU A 1040 23.11 30.72 37.93
N LEU A 1041 21.91 30.64 38.51
CA LEU A 1041 21.54 29.51 39.36
C LEU A 1041 20.54 28.59 38.66
N ASN A 1042 19.46 29.16 38.13
CA ASN A 1042 18.42 28.37 37.49
C ASN A 1042 18.73 28.00 36.05
N LEU A 1043 19.55 28.78 35.35
CA LEU A 1043 19.93 28.40 33.99
C LEU A 1043 20.93 27.27 33.97
N LEU A 1044 21.67 27.07 35.05
CA LEU A 1044 22.51 25.87 35.15
C LEU A 1044 21.66 24.61 35.17
N ILE A 1045 20.49 24.68 35.80
CA ILE A 1045 19.59 23.53 35.88
C ILE A 1045 19.19 23.08 34.47
N ALA A 1046 18.92 24.05 33.58
CA ALA A 1046 18.56 23.70 32.21
C ALA A 1046 19.70 22.99 31.49
N MET A 1047 20.93 23.50 31.58
CA MET A 1047 22.04 22.86 30.89
C MET A 1047 22.63 21.73 31.72
N PHE A 1048 22.14 21.53 32.95
CA PHE A 1048 22.38 20.27 33.66
C PHE A 1048 21.37 19.20 33.25
N ASN A 1049 20.08 19.48 33.44
CA ASN A 1049 19.05 18.47 33.21
C ASN A 1049 18.95 18.07 31.74
N TYR A 1050 19.01 19.02 30.82
CA TYR A 1050 18.91 18.69 29.40
C TYR A 1050 20.10 17.86 28.94
N THR A 1051 21.31 18.27 29.33
CA THR A 1051 22.49 17.48 29.01
C THR A 1051 22.48 16.14 29.73
N PHE A 1052 21.85 16.06 30.91
CA PHE A 1052 21.65 14.77 31.56
C PHE A 1052 20.77 13.85 30.71
N GLN A 1053 19.70 14.40 30.14
CA GLN A 1053 18.85 13.61 29.26
C GLN A 1053 19.54 13.29 27.93
N GLN A 1054 20.49 14.12 27.53
CA GLN A 1054 21.17 13.97 26.24
C GLN A 1054 21.93 12.65 26.14
N VAL A 1055 22.84 12.41 27.08
CA VAL A 1055 23.74 11.27 27.00
C VAL A 1055 23.44 10.24 28.10
N GLN A 1056 22.22 10.26 28.65
CA GLN A 1056 21.89 9.35 29.75
C GLN A 1056 22.04 7.89 29.31
N GLU A 1057 21.60 7.58 28.10
CA GLU A 1057 21.81 6.24 27.56
C GLU A 1057 23.30 5.95 27.41
N HIS A 1058 24.06 6.93 26.92
CA HIS A 1058 25.51 6.76 26.83
C HIS A 1058 26.13 6.60 28.21
N THR A 1059 25.76 7.49 29.14
CA THR A 1059 26.32 7.43 30.49
C THR A 1059 25.96 6.13 31.21
N ASP A 1060 24.77 5.59 30.96
CA ASP A 1060 24.40 4.31 31.55
C ASP A 1060 25.31 3.20 31.05
N GLN A 1061 25.50 3.11 29.73
CA GLN A 1061 26.30 2.03 29.17
C GLN A 1061 27.80 2.28 29.36
N ILE A 1062 28.22 3.55 29.47
CA ILE A 1062 29.62 3.84 29.76
C ILE A 1062 30.00 3.31 31.14
N TRP A 1063 29.14 3.55 32.13
CA TRP A 1063 29.36 2.96 33.45
C TRP A 1063 29.30 1.45 33.40
N LYS A 1064 28.41 0.90 32.55
CA LYS A 1064 28.40 -0.53 32.33
C LYS A 1064 29.72 -1.01 31.72
N PHE A 1065 30.26 -0.25 30.77
CA PHE A 1065 31.54 -0.60 30.17
C PHE A 1065 32.69 -0.40 31.15
N GLN A 1066 32.67 0.69 31.92
CA GLN A 1066 33.74 0.97 32.87
C GLN A 1066 33.68 0.07 34.09
N ARG A 1067 32.60 -0.70 34.26
CA ARG A 1067 32.47 -1.56 35.44
C ARG A 1067 33.50 -2.68 35.44
N HIS A 1068 33.83 -3.23 34.26
CA HIS A 1068 34.76 -4.34 34.21
C HIS A 1068 36.16 -3.94 34.68
N ASP A 1069 36.54 -2.68 34.48
CA ASP A 1069 37.86 -2.24 34.88
C ASP A 1069 38.08 -2.35 36.39
N LEU A 1070 37.08 -1.98 37.19
CA LEU A 1070 37.17 -2.14 38.63
C LEU A 1070 37.26 -3.62 39.00
N ILE A 1071 36.48 -4.46 38.34
CA ILE A 1071 36.52 -5.89 38.62
C ILE A 1071 37.86 -6.50 38.20
N GLU A 1072 38.43 -6.03 37.09
CA GLU A 1072 39.70 -6.57 36.63
C GLU A 1072 40.82 -6.32 37.62
N GLU A 1073 40.87 -5.12 38.21
CA GLU A 1073 41.95 -4.77 39.13
C GLU A 1073 41.87 -5.58 40.43
N TYR A 1074 40.66 -5.74 40.96
CA TYR A 1074 40.49 -6.31 42.29
C TYR A 1074 40.29 -7.82 42.29
N HIS A 1075 40.20 -8.46 41.12
CA HIS A 1075 40.04 -9.91 41.09
C HIS A 1075 41.40 -10.60 41.21
N GLY A 1076 42.35 -10.23 40.37
CA GLY A 1076 43.69 -10.78 40.44
C GLY A 1076 44.54 -10.11 41.51
N ARG A 1077 44.12 -10.27 42.76
CA ARG A 1077 44.80 -9.63 43.88
C ARG A 1077 44.49 -10.38 45.17
N PRO A 1078 45.48 -10.64 46.01
CA PRO A 1078 45.21 -11.33 47.27
C PRO A 1078 44.35 -10.49 48.21
N ALA A 1079 43.62 -11.19 49.08
CA ALA A 1079 42.70 -10.56 50.01
C ALA A 1079 43.38 -10.02 51.26
N ALA A 1080 44.70 -9.92 51.26
CA ALA A 1080 45.41 -9.42 52.43
C ALA A 1080 45.17 -7.91 52.59
N PRO A 1081 45.06 -7.43 53.83
CA PRO A 1081 44.96 -6.00 54.07
C PRO A 1081 46.14 -5.25 53.49
N PRO A 1082 45.94 -4.00 53.06
CA PRO A 1082 47.08 -3.15 52.69
C PRO A 1082 48.07 -3.02 53.84
N PRO A 1083 47.63 -3.05 55.10
CA PRO A 1083 48.60 -3.27 56.18
C PRO A 1083 49.33 -4.59 56.08
N PHE A 1084 48.77 -5.59 55.40
CA PHE A 1084 49.40 -6.91 55.27
C PHE A 1084 49.86 -7.21 53.85
N ILE A 1085 49.57 -6.33 52.88
CA ILE A 1085 50.14 -6.48 51.54
C ILE A 1085 51.64 -6.31 51.54
N LEU A 1086 52.21 -5.68 52.57
CA LEU A 1086 53.66 -5.56 52.68
C LEU A 1086 54.33 -6.93 52.63
N LEU A 1087 53.71 -7.95 53.26
CA LEU A 1087 54.26 -9.30 53.20
C LEU A 1087 54.14 -9.88 51.80
N SER A 1088 52.98 -9.71 51.16
CA SER A 1088 52.79 -10.25 49.82
C SER A 1088 53.62 -9.53 48.78
N HIS A 1089 54.04 -8.29 49.05
CA HIS A 1089 54.93 -7.61 48.12
C HIS A 1089 56.30 -8.29 48.05
N LEU A 1090 56.70 -8.95 49.13
CA LEU A 1090 57.95 -9.70 49.16
C LEU A 1090 57.74 -11.18 48.83
N GLN A 1091 56.50 -11.67 48.88
CA GLN A 1091 56.24 -13.08 48.62
C GLN A 1091 56.64 -13.50 47.21
N LEU A 1092 56.37 -12.65 46.21
CA LEU A 1092 56.80 -12.94 44.85
C LEU A 1092 58.25 -12.57 44.61
N PHE A 1093 58.91 -11.90 45.55
CA PHE A 1093 60.34 -11.61 45.45
C PHE A 1093 61.19 -12.74 45.98
N ILE A 1094 60.82 -13.31 47.13
CA ILE A 1094 61.50 -14.50 47.62
C ILE A 1094 61.23 -15.68 46.71
N LYS A 1095 60.08 -15.70 46.04
CA LYS A 1095 59.79 -16.74 45.06
C LYS A 1095 60.79 -16.70 43.91
N ARG A 1096 61.16 -15.51 43.46
CA ARG A 1096 62.11 -15.35 42.38
C ARG A 1096 63.56 -15.58 42.83
N VAL A 1097 63.79 -15.75 44.13
CA VAL A 1097 65.08 -16.27 44.57
C VAL A 1097 65.26 -17.72 44.16
N VAL A 1098 64.19 -18.52 44.22
CA VAL A 1098 64.20 -19.90 43.76
C VAL A 1098 63.83 -20.01 42.29
N LEU A 1099 62.72 -19.38 41.90
CA LEU A 1099 62.30 -19.38 40.51
C LEU A 1099 63.13 -18.39 39.69
N LYS A 1100 63.05 -18.52 38.37
CA LYS A 1100 63.77 -17.64 37.46
C LYS A 1100 62.92 -17.12 36.30
N THR A 1101 61.82 -17.77 35.94
CA THR A 1101 61.00 -17.34 34.83
C THR A 1101 59.60 -16.95 35.31
N PRO A 1102 58.97 -15.97 34.68
CA PRO A 1102 57.61 -15.57 35.11
C PRO A 1102 56.55 -16.56 34.67
N ALA A 1103 56.45 -17.68 35.40
CA ALA A 1103 55.45 -18.71 35.13
C ALA A 1103 54.80 -19.16 36.43
N LYS A 1104 54.40 -18.21 37.27
CA LYS A 1104 53.84 -18.55 38.58
C LYS A 1104 52.40 -19.03 38.46
N ARG A 1105 51.54 -18.23 37.84
CA ARG A 1105 50.12 -18.53 37.73
C ARG A 1105 49.48 -17.52 36.80
N HIS A 1106 48.27 -17.85 36.33
CA HIS A 1106 47.48 -16.97 35.46
C HIS A 1106 46.11 -16.83 36.10
N LYS A 1107 45.95 -15.84 36.97
CA LYS A 1107 44.67 -15.61 37.64
C LYS A 1107 43.81 -14.62 36.86
N GLN A 1108 43.57 -14.95 35.59
CA GLN A 1108 42.67 -14.21 34.73
C GLN A 1108 41.40 -15.04 34.51
N LEU A 1109 40.44 -14.45 33.80
CA LEU A 1109 39.21 -15.19 33.49
C LEU A 1109 39.58 -16.40 32.63
N LYS A 1110 39.99 -16.15 31.39
CA LYS A 1110 40.77 -17.06 30.55
C LYS A 1110 40.44 -18.54 30.76
N ASN A 1111 39.15 -18.88 30.75
CA ASN A 1111 38.73 -20.24 31.07
C ASN A 1111 39.02 -21.16 29.89
N LYS A 1112 39.97 -22.07 30.07
CA LYS A 1112 40.27 -23.07 29.05
C LYS A 1112 39.30 -24.25 29.15
N LEU A 1113 38.96 -24.83 28.00
CA LEU A 1113 37.97 -25.88 27.93
C LEU A 1113 38.53 -27.12 27.21
N GLU A 1114 37.98 -28.28 27.55
CA GLU A 1114 38.37 -29.55 26.95
C GLU A 1114 37.66 -29.76 25.62
N LYS A 1115 38.15 -30.73 24.84
CA LYS A 1115 37.54 -31.04 23.55
C LYS A 1115 36.13 -31.57 23.73
N ASN A 1116 35.92 -32.45 24.72
CA ASN A 1116 34.62 -33.06 24.95
C ASN A 1116 33.54 -32.06 25.32
N GLU A 1117 33.90 -30.96 25.99
CA GLU A 1117 32.92 -29.93 26.32
C GLU A 1117 32.87 -28.82 25.28
N GLU A 1118 33.99 -28.51 24.64
CA GLU A 1118 34.00 -27.52 23.57
C GLU A 1118 33.09 -27.95 22.42
N ALA A 1119 33.20 -29.21 22.01
CA ALA A 1119 32.31 -29.70 20.97
C ALA A 1119 30.86 -29.75 21.43
N ALA A 1120 30.61 -30.06 22.70
CA ALA A 1120 29.26 -30.08 23.25
C ALA A 1120 28.67 -28.69 23.45
N LEU A 1121 29.49 -27.65 23.36
CA LEU A 1121 29.02 -26.27 23.51
C LEU A 1121 28.92 -25.53 22.19
N LEU A 1122 29.92 -25.67 21.30
CA LEU A 1122 29.83 -25.06 19.98
C LEU A 1122 28.71 -25.65 19.14
N SER A 1123 28.47 -26.97 19.25
CA SER A 1123 27.32 -27.55 18.56
C SER A 1123 26.01 -27.00 19.09
N TRP A 1124 25.95 -26.70 20.38
CA TRP A 1124 24.76 -26.07 20.95
C TRP A 1124 24.57 -24.65 20.43
N GLU A 1125 25.65 -23.88 20.32
CA GLU A 1125 25.56 -22.50 19.85
C GLU A 1125 25.12 -22.42 18.39
N ILE A 1126 25.63 -23.32 17.55
CA ILE A 1126 25.27 -23.31 16.13
C ILE A 1126 23.77 -23.54 15.96
N TYR A 1127 23.20 -24.47 16.74
CA TYR A 1127 21.76 -24.69 16.69
C TYR A 1127 20.99 -23.46 17.11
N LEU A 1128 21.48 -22.72 18.11
CA LEU A 1128 20.85 -21.47 18.49
C LEU A 1128 21.11 -20.34 17.51
N LYS A 1129 22.27 -20.33 16.85
CA LYS A 1129 22.53 -19.29 15.86
C LYS A 1129 21.54 -19.35 14.71
N GLU A 1130 21.28 -20.55 14.20
CA GLU A 1130 20.26 -20.72 13.18
C GLU A 1130 18.86 -20.39 13.69
N ASN A 1131 18.59 -20.67 14.96
CA ASN A 1131 17.32 -20.28 15.55
C ASN A 1131 17.17 -18.76 15.61
N TYR A 1132 18.25 -18.05 15.93
CA TYR A 1132 18.21 -16.60 15.89
C TYR A 1132 18.00 -16.09 14.47
N LEU A 1133 18.65 -16.73 13.48
CA LEU A 1133 18.48 -16.32 12.09
C LEU A 1133 17.05 -16.48 11.63
N GLN A 1134 16.28 -17.36 12.27
CA GLN A 1134 14.86 -17.46 11.99
C GLN A 1134 14.11 -16.17 12.30
N ASN A 1135 14.39 -15.55 13.46
CA ASN A 1135 13.63 -14.39 13.90
C ASN A 1135 13.91 -13.17 13.03
N ARG A 1136 15.20 -12.86 12.81
CA ARG A 1136 15.53 -11.70 11.99
C ARG A 1136 15.06 -11.85 10.55
N GLN A 1137 15.19 -13.05 9.99
CA GLN A 1137 14.63 -13.31 8.67
C GLN A 1137 13.12 -13.14 8.68
N PHE A 1138 12.46 -13.59 9.76
CA PHE A 1138 11.03 -13.35 9.91
C PHE A 1138 10.73 -11.90 10.30
N GLN A 1139 11.63 -11.26 11.03
CA GLN A 1139 11.46 -9.85 11.37
C GLN A 1139 11.49 -8.97 10.14
N GLN A 1140 12.37 -9.27 9.17
CA GLN A 1140 12.44 -8.45 7.96
C GLN A 1140 11.14 -8.54 7.16
N LYS A 1141 10.57 -9.74 7.03
CA LYS A 1141 9.34 -9.91 6.28
C LYS A 1141 8.12 -9.35 7.01
N GLN A 1142 8.14 -9.34 8.34
CA GLN A 1142 7.04 -8.76 9.11
C GLN A 1142 7.08 -7.25 9.17
N ARG A 1143 8.16 -6.61 8.75
CA ARG A 1143 8.24 -5.16 8.77
C ARG A 1143 7.27 -4.58 7.76
N PRO A 1144 6.43 -3.61 8.13
CA PRO A 1144 5.43 -3.09 7.19
C PRO A 1144 6.03 -2.46 5.94
N GLU A 1145 7.20 -1.82 6.06
CA GLU A 1145 7.85 -1.21 4.91
C GLU A 1145 8.29 -2.27 3.90
N GLN A 1146 8.86 -3.38 4.36
CA GLN A 1146 9.26 -4.45 3.45
C GLN A 1146 8.06 -5.03 2.71
N LYS A 1147 6.92 -5.14 3.38
CA LYS A 1147 5.73 -5.66 2.70
C LYS A 1147 5.29 -4.76 1.55
N ILE A 1148 5.72 -3.48 1.56
CA ILE A 1148 5.48 -2.63 0.39
C ILE A 1148 6.35 -3.07 -0.78
N GLU A 1149 7.54 -3.61 -0.52
CA GLU A 1149 8.31 -4.23 -1.60
C GLU A 1149 7.56 -5.39 -2.25
N ASP A 1150 6.89 -6.22 -1.45
CA ASP A 1150 6.27 -7.42 -1.99
C ASP A 1150 5.14 -7.08 -2.96
N ILE A 1151 4.31 -6.09 -2.61
CA ILE A 1151 3.22 -5.71 -3.50
C ILE A 1151 3.76 -5.02 -4.74
N SER A 1152 4.76 -4.16 -4.59
CA SER A 1152 5.25 -3.38 -5.72
C SER A 1152 5.81 -4.26 -6.83
N ASN A 1153 6.62 -5.25 -6.49
CA ASN A 1153 7.19 -6.12 -7.52
C ASN A 1153 6.20 -7.17 -8.02
N LYS A 1154 5.12 -7.44 -7.27
CA LYS A 1154 4.07 -8.33 -7.77
C LYS A 1154 3.19 -7.65 -8.80
N VAL A 1155 2.89 -6.37 -8.62
CA VAL A 1155 2.16 -5.62 -9.64
C VAL A 1155 2.99 -5.48 -10.91
N ASP A 1156 4.31 -5.33 -10.77
CA ASP A 1156 5.18 -5.29 -11.94
C ASP A 1156 5.15 -6.59 -12.72
N ALA A 1157 4.71 -7.69 -12.11
CA ALA A 1157 4.53 -8.94 -12.83
C ALA A 1157 3.20 -9.00 -13.58
N MET A 1158 2.32 -8.01 -13.38
CA MET A 1158 1.04 -7.96 -14.07
C MET A 1158 1.08 -7.18 -15.37
N VAL A 1159 1.99 -6.21 -15.51
CA VAL A 1159 2.06 -5.42 -16.74
C VAL A 1159 2.53 -6.28 -17.90
N ASP A 1160 3.49 -7.17 -17.64
CA ASP A 1160 4.01 -8.05 -18.70
C ASP A 1160 3.17 -9.30 -18.89
N LEU A 1161 2.25 -9.60 -17.97
CA LEU A 1161 1.43 -10.80 -18.09
C LEU A 1161 0.19 -10.59 -18.93
N LEU A 1162 -0.19 -9.34 -19.20
CA LEU A 1162 -1.44 -9.07 -19.91
C LEU A 1162 -1.19 -8.35 -21.23
N ASP A 1163 -0.14 -8.74 -21.96
CA ASP A 1163 0.13 -8.23 -23.29
C ASP A 1163 0.25 -9.37 -24.30
N LEU A 1164 -0.37 -10.51 -24.00
CA LEU A 1164 -0.24 -11.70 -24.83
C LEU A 1164 -1.39 -11.86 -25.83
N ASP A 1165 -2.29 -10.88 -25.90
CA ASP A 1165 -3.42 -10.95 -26.81
C ASP A 1165 -2.96 -10.80 -28.27
N GLY A 1235 16.01 -32.49 -48.65
CA GLY A 1235 15.39 -32.97 -49.87
C GLY A 1235 16.33 -33.78 -50.74
N ASP A 1236 16.44 -33.38 -52.01
CA ASP A 1236 17.32 -34.06 -52.95
C ASP A 1236 18.77 -33.82 -52.55
N SER A 1237 19.44 -34.87 -52.09
CA SER A 1237 20.81 -34.74 -51.61
C SER A 1237 21.75 -34.45 -52.78
N TYR A 1238 22.59 -33.43 -52.62
CA TYR A 1238 23.58 -33.08 -53.62
C TYR A 1238 24.96 -32.98 -52.99
N HIS A 1239 25.95 -32.52 -53.75
CA HIS A 1239 27.29 -32.27 -53.22
C HIS A 1239 27.31 -30.85 -52.63
N VAL A 1240 26.58 -30.71 -51.52
CA VAL A 1240 26.40 -29.39 -50.91
C VAL A 1240 27.70 -28.77 -50.45
N ASN A 1241 28.65 -29.57 -49.97
CA ASN A 1241 29.95 -29.03 -49.55
C ASN A 1241 30.78 -28.56 -50.74
N ALA A 1242 30.63 -29.19 -51.90
CA ALA A 1242 31.40 -28.80 -53.08
C ALA A 1242 31.01 -27.42 -53.57
N ARG A 1243 29.72 -27.09 -53.54
CA ARG A 1243 29.25 -25.79 -54.00
C ARG A 1243 29.61 -24.65 -53.04
N HIS A 1244 30.12 -24.97 -51.85
CA HIS A 1244 30.43 -23.94 -50.88
C HIS A 1244 31.55 -23.03 -51.40
N LEU A 1245 31.40 -21.73 -51.12
CA LEU A 1245 32.34 -20.73 -51.61
C LEU A 1245 33.62 -20.77 -50.76
N LEU A 1246 34.50 -19.79 -51.01
CA LEU A 1246 35.73 -19.60 -50.25
C LEU A 1246 36.62 -20.85 -50.33
N TYR A 1247 37.09 -21.10 -51.56
CA TYR A 1247 37.97 -22.23 -51.82
C TYR A 1247 39.22 -22.14 -50.94
N PRO A 1248 39.57 -23.19 -50.22
CA PRO A 1248 40.72 -23.12 -49.30
C PRO A 1248 42.04 -23.00 -50.05
N ASN A 1249 42.98 -22.27 -49.45
CA ASN A 1249 44.35 -22.11 -49.94
C ASN A 1249 44.40 -21.48 -51.32
N CYS A 1250 43.31 -20.85 -51.75
CA CYS A 1250 43.27 -20.15 -53.04
C CYS A 1250 42.21 -19.07 -52.96
N PRO A 1251 42.61 -17.81 -52.87
CA PRO A 1251 41.62 -16.73 -52.70
C PRO A 1251 40.87 -16.40 -53.99
N VAL A 1252 39.91 -17.24 -54.36
CA VAL A 1252 39.07 -17.04 -55.54
C VAL A 1252 37.62 -17.32 -55.16
N THR A 1253 36.76 -17.30 -56.18
CA THR A 1253 35.34 -17.58 -56.01
C THR A 1253 34.90 -18.52 -57.12
N ARG A 1254 33.69 -19.07 -56.98
CA ARG A 1254 33.14 -19.99 -57.96
C ARG A 1254 31.73 -19.53 -58.34
N PHE A 1255 31.30 -19.94 -59.53
CA PHE A 1255 30.06 -19.45 -60.12
C PHE A 1255 28.84 -20.02 -59.40
N PRO A 1256 27.76 -19.24 -59.32
CA PRO A 1256 26.51 -19.72 -58.72
C PRO A 1256 25.87 -20.85 -59.54
N VAL A 1257 25.69 -22.01 -58.89
CA VAL A 1257 25.04 -23.16 -59.48
C VAL A 1257 23.86 -23.56 -58.59
N PRO A 1258 22.60 -23.33 -59.01
CA PRO A 1258 21.46 -23.56 -58.11
C PRO A 1258 21.20 -25.03 -57.77
N ASN A 1259 20.26 -25.25 -56.86
CA ASN A 1259 19.74 -26.59 -56.61
C ASN A 1259 18.93 -27.14 -57.77
N GLU A 1260 18.50 -26.28 -58.69
CA GLU A 1260 17.78 -26.73 -59.87
C GLU A 1260 18.75 -26.99 -61.03
N LYS A 1261 19.78 -26.16 -61.15
CA LYS A 1261 20.75 -26.26 -62.23
C LYS A 1261 22.01 -27.04 -61.85
N VAL A 1262 22.00 -27.71 -60.70
CA VAL A 1262 23.15 -28.51 -60.28
C VAL A 1262 23.45 -29.67 -61.23
N PRO A 1263 22.48 -30.45 -61.75
CA PRO A 1263 22.85 -31.61 -62.56
C PRO A 1263 23.25 -31.19 -63.97
N TRP A 1264 23.94 -32.11 -64.66
CA TRP A 1264 24.30 -31.89 -66.05
C TRP A 1264 23.12 -32.00 -67.00
N GLU A 1265 22.06 -32.72 -66.62
CA GLU A 1265 20.88 -32.80 -67.47
C GLU A 1265 20.19 -31.45 -67.59
N THR A 1266 20.08 -30.71 -66.49
CA THR A 1266 19.45 -29.41 -66.50
C THR A 1266 20.38 -28.37 -67.12
N GLU A 1267 19.85 -27.60 -68.07
CA GLU A 1267 20.64 -26.59 -68.75
C GLU A 1267 20.55 -25.26 -68.00
N PHE A 1268 21.70 -24.61 -67.82
CA PHE A 1268 21.79 -23.32 -67.15
C PHE A 1268 22.56 -22.39 -68.08
N LEU A 1269 21.83 -21.51 -68.77
CA LEU A 1269 22.41 -20.71 -69.84
C LEU A 1269 23.39 -19.66 -69.35
N ILE A 1270 23.42 -19.38 -68.04
CA ILE A 1270 24.31 -18.37 -67.47
C ILE A 1270 25.60 -18.97 -66.96
N TYR A 1271 25.73 -20.30 -66.97
CA TYR A 1271 26.88 -20.99 -66.38
C TYR A 1271 28.16 -20.59 -67.10
N ASP A 1272 28.98 -19.76 -66.45
CA ASP A 1272 30.28 -19.36 -66.97
C ASP A 1272 31.30 -19.44 -65.84
N PRO A 1273 31.67 -20.66 -65.43
CA PRO A 1273 32.64 -20.79 -64.34
C PRO A 1273 34.04 -20.44 -64.82
N PRO A 1274 34.79 -19.67 -64.04
CA PRO A 1274 36.15 -19.31 -64.46
C PRO A 1274 37.05 -20.54 -64.51
N PHE A 1275 37.98 -20.53 -65.46
CA PHE A 1275 38.95 -21.61 -65.57
C PHE A 1275 40.00 -21.45 -64.48
N TYR A 1276 39.68 -21.87 -63.26
CA TYR A 1276 40.50 -21.63 -62.10
C TYR A 1276 41.44 -22.81 -61.86
N THR A 1277 42.73 -22.52 -61.73
CA THR A 1277 43.74 -23.51 -61.40
C THR A 1277 44.60 -22.99 -60.25
N ALA A 1278 45.02 -23.90 -59.38
CA ALA A 1278 45.82 -23.52 -58.23
C ALA A 1278 47.23 -23.13 -58.66
N GLU A 1279 47.95 -22.50 -57.73
CA GLU A 1279 49.34 -22.13 -58.00
C GLU A 1279 50.19 -23.38 -58.21
N ARG A 1280 49.80 -24.50 -57.63
CA ARG A 1280 50.50 -25.76 -57.78
C ARG A 1280 49.91 -26.64 -58.89
N LYS A 1281 49.15 -26.05 -59.82
CA LYS A 1281 48.64 -26.80 -60.95
C LYS A 1281 49.71 -27.13 -61.98
N ASP A 1282 50.70 -26.27 -62.15
CA ASP A 1282 51.89 -26.53 -62.97
C ASP A 1282 53.01 -26.83 -61.99
N ALA A 1283 53.29 -28.11 -61.79
CA ALA A 1283 54.08 -28.56 -60.65
C ALA A 1283 54.70 -29.92 -60.99
N ALA A 1284 55.09 -30.65 -59.95
CA ALA A 1284 55.78 -31.94 -60.08
C ALA A 1284 54.83 -33.03 -60.52
N ALA A 1285 55.21 -34.29 -60.31
CA ALA A 1285 54.67 -35.47 -60.98
C ALA A 1285 53.15 -35.48 -61.12
N MET A 1286 52.44 -34.76 -60.25
CA MET A 1286 51.00 -34.56 -60.43
C MET A 1286 50.68 -34.06 -61.83
N ASP A 1287 49.46 -34.31 -62.30
CA ASP A 1287 49.14 -34.06 -63.70
C ASP A 1287 49.31 -32.58 -64.04
N PRO A 1288 50.08 -32.27 -65.09
CA PRO A 1288 50.29 -30.86 -65.46
C PRO A 1288 49.17 -30.31 -66.33
N MET A 1289 48.04 -31.01 -66.36
CA MET A 1289 46.94 -30.68 -67.27
C MET A 1289 46.09 -29.51 -66.78
N GLY A 1290 46.59 -28.72 -65.82
CA GLY A 1290 45.84 -27.57 -65.35
C GLY A 1290 45.61 -26.53 -66.42
N ASP A 1291 46.35 -26.59 -67.53
CA ASP A 1291 46.17 -25.71 -68.68
C ASP A 1291 45.96 -26.55 -69.92
N THR A 1292 45.03 -27.51 -69.85
CA THR A 1292 44.86 -28.53 -70.87
C THR A 1292 44.21 -28.01 -72.15
N LEU A 1293 44.14 -26.70 -72.35
CA LEU A 1293 43.70 -26.17 -73.64
C LEU A 1293 44.64 -26.61 -74.76
N GLU A 1294 45.92 -26.78 -74.44
CA GLU A 1294 46.87 -27.34 -75.40
C GLU A 1294 46.60 -28.82 -75.61
N PRO A 1295 47.09 -29.39 -76.71
CA PRO A 1295 46.87 -30.83 -76.96
C PRO A 1295 47.67 -31.74 -76.04
N LEU A 1296 48.31 -31.16 -75.02
CA LEU A 1296 49.08 -31.96 -74.07
C LEU A 1296 48.20 -32.90 -73.26
N SER A 1297 46.90 -32.64 -73.18
CA SER A 1297 45.99 -33.52 -72.44
C SER A 1297 45.75 -34.80 -73.22
N THR A 1298 46.53 -35.85 -72.92
CA THR A 1298 46.39 -37.12 -73.61
C THR A 1298 46.44 -38.31 -72.66
N ILE A 1299 46.29 -38.09 -71.35
CA ILE A 1299 46.33 -39.18 -70.38
C ILE A 1299 45.08 -40.03 -70.53
N GLN A 1300 45.13 -41.27 -70.04
CA GLN A 1300 44.01 -42.18 -70.20
C GLN A 1300 42.87 -41.79 -69.28
N TYR A 1301 41.66 -41.72 -69.83
CA TYR A 1301 40.45 -41.49 -69.06
C TYR A 1301 39.72 -42.80 -68.85
N ASN A 1302 39.16 -42.97 -67.65
CA ASN A 1302 38.40 -44.17 -67.29
C ASN A 1302 39.29 -45.42 -67.39
N VAL A 1303 40.59 -45.23 -67.15
CA VAL A 1303 41.57 -46.29 -67.28
C VAL A 1303 42.78 -45.93 -66.43
N VAL A 1304 43.59 -46.95 -66.11
CA VAL A 1304 44.79 -46.77 -65.31
C VAL A 1304 45.88 -46.26 -66.23
N ASP A 1305 46.21 -44.96 -66.12
CA ASP A 1305 47.28 -44.36 -66.90
C ASP A 1305 48.59 -44.55 -66.16
N GLY A 1306 49.09 -45.78 -66.22
CA GLY A 1306 50.30 -46.13 -65.48
C GLY A 1306 50.09 -46.12 -63.98
N LEU A 1307 50.95 -45.39 -63.26
CA LEU A 1307 50.82 -45.29 -61.82
C LEU A 1307 49.61 -44.46 -61.40
N ARG A 1308 49.08 -43.63 -62.30
CA ARG A 1308 47.91 -42.80 -62.01
C ARG A 1308 46.66 -43.59 -62.40
N ASP A 1309 45.97 -44.12 -61.39
CA ASP A 1309 44.74 -44.88 -61.60
C ASP A 1309 43.59 -43.90 -61.82
N ARG A 1310 43.54 -43.37 -63.03
CA ARG A 1310 42.52 -42.36 -63.39
C ARG A 1310 41.25 -43.05 -63.89
N ARG A 1311 40.68 -43.88 -63.01
CA ARG A 1311 39.40 -44.52 -63.28
C ARG A 1311 38.51 -44.36 -62.07
N SER A 1312 37.25 -44.02 -62.29
CA SER A 1312 36.32 -43.76 -61.20
C SER A 1312 35.79 -45.08 -60.63
N PHE A 1313 35.74 -45.13 -59.30
CA PHE A 1313 35.23 -46.32 -58.61
C PHE A 1313 33.71 -46.42 -58.66
N HIS A 1314 33.01 -45.32 -58.94
CA HIS A 1314 31.55 -45.35 -58.98
C HIS A 1314 31.06 -45.75 -60.37
N GLY A 1315 31.49 -45.02 -61.40
CA GLY A 1315 31.06 -45.28 -62.75
C GLY A 1315 31.78 -44.42 -63.77
N PRO A 1316 31.50 -44.63 -65.05
CA PRO A 1316 32.18 -43.88 -66.11
C PRO A 1316 31.71 -42.43 -66.13
N TYR A 1317 32.67 -41.50 -66.08
CA TYR A 1317 32.35 -40.09 -66.14
C TYR A 1317 32.47 -39.59 -67.58
N THR A 1318 31.58 -38.67 -67.94
CA THR A 1318 31.58 -38.11 -69.29
C THR A 1318 32.76 -37.16 -69.48
N VAL A 1319 33.20 -37.04 -70.73
CA VAL A 1319 34.31 -36.18 -71.11
C VAL A 1319 33.81 -35.15 -72.10
N GLN A 1320 34.06 -33.87 -71.80
CA GLN A 1320 33.65 -32.77 -72.66
C GLN A 1320 34.87 -31.88 -72.92
N ALA A 1321 35.13 -31.60 -74.19
CA ALA A 1321 36.27 -30.77 -74.61
C ALA A 1321 37.58 -31.32 -74.06
N GLY A 1322 37.70 -32.64 -74.00
CA GLY A 1322 38.91 -33.26 -73.52
C GLY A 1322 39.10 -33.23 -72.02
N LEU A 1323 38.08 -32.81 -71.26
CA LEU A 1323 38.18 -32.71 -69.82
C LEU A 1323 37.03 -33.47 -69.17
N PRO A 1324 37.27 -34.12 -68.04
CA PRO A 1324 36.21 -34.83 -67.34
C PRO A 1324 35.21 -33.87 -66.70
N LEU A 1325 33.98 -34.37 -66.54
CA LEU A 1325 32.92 -33.65 -65.86
C LEU A 1325 32.53 -34.38 -64.59
N ASN A 1326 32.10 -33.61 -63.59
CA ASN A 1326 31.73 -34.18 -62.30
C ASN A 1326 30.44 -34.99 -62.46
N PRO A 1327 30.45 -36.30 -62.18
CA PRO A 1327 29.21 -37.09 -62.30
C PRO A 1327 28.11 -36.65 -61.35
N MET A 1328 28.45 -36.06 -60.21
CA MET A 1328 27.44 -35.62 -59.26
C MET A 1328 26.67 -34.42 -59.76
N GLY A 1329 27.31 -33.53 -60.50
CA GLY A 1329 26.64 -32.34 -61.02
C GLY A 1329 27.65 -31.24 -61.31
N ARG A 1330 27.22 -30.01 -61.06
CA ARG A 1330 28.04 -28.83 -61.29
C ARG A 1330 28.48 -28.24 -59.96
N THR A 1331 29.73 -27.78 -59.91
CA THR A 1331 30.30 -27.18 -58.71
C THR A 1331 30.44 -25.67 -58.80
N GLY A 1332 30.60 -25.13 -60.01
CA GLY A 1332 30.76 -23.70 -60.21
C GLY A 1332 32.18 -23.24 -60.42
N LEU A 1333 33.15 -24.15 -60.43
CA LEU A 1333 34.55 -23.78 -60.64
C LEU A 1333 35.15 -24.76 -61.66
N ARG A 1334 35.61 -24.22 -62.78
CA ARG A 1334 36.21 -25.04 -63.83
C ARG A 1334 37.72 -25.05 -63.70
N GLY A 1335 38.31 -26.22 -63.90
CA GLY A 1335 39.74 -26.41 -63.82
C GLY A 1335 40.10 -27.58 -62.94
N ARG A 1336 41.37 -27.66 -62.58
CA ARG A 1336 41.87 -28.74 -61.73
C ARG A 1336 41.89 -28.37 -60.25
N GLY A 1337 42.15 -27.10 -59.94
CA GLY A 1337 42.24 -26.73 -58.54
C GLY A 1337 43.51 -27.24 -57.90
N SER A 1338 43.42 -27.50 -56.60
CA SER A 1338 44.55 -28.00 -55.82
C SER A 1338 44.69 -29.52 -55.90
N LEU A 1339 43.80 -30.20 -56.62
CA LEU A 1339 43.87 -31.65 -56.74
C LEU A 1339 45.06 -32.07 -57.60
N SER A 1340 45.40 -33.35 -57.52
CA SER A 1340 46.55 -33.87 -58.24
C SER A 1340 46.28 -33.94 -59.74
N CYS A 1341 45.25 -34.68 -60.14
CA CYS A 1341 44.93 -34.90 -61.55
C CYS A 1341 43.44 -34.72 -61.77
N PHE A 1342 43.02 -34.86 -63.03
CA PHE A 1342 41.61 -34.80 -63.38
C PHE A 1342 40.88 -36.06 -62.90
N GLY A 1343 39.56 -35.99 -62.94
CA GLY A 1343 38.72 -37.07 -62.49
C GLY A 1343 38.88 -37.30 -61.00
N PRO A 1344 38.70 -38.55 -60.57
CA PRO A 1344 38.89 -38.87 -59.16
C PRO A 1344 40.37 -38.94 -58.78
N ASN A 1345 40.68 -38.36 -57.63
CA ASN A 1345 42.01 -38.47 -57.03
C ASN A 1345 41.91 -39.52 -55.93
N HIS A 1346 42.33 -40.74 -56.25
CA HIS A 1346 42.12 -41.86 -55.35
C HIS A 1346 42.96 -41.72 -54.10
N THR A 1347 42.32 -41.92 -52.95
CA THR A 1347 42.99 -41.87 -51.65
C THR A 1347 42.29 -42.83 -50.70
N LEU A 1348 43.03 -43.28 -49.70
CA LEU A 1348 42.55 -44.25 -48.73
C LEU A 1348 42.43 -43.58 -47.36
N TYR A 1349 41.31 -43.82 -46.68
CA TYR A 1349 41.07 -43.23 -45.37
C TYR A 1349 40.93 -44.34 -44.33
N PRO A 1350 42.03 -44.80 -43.74
CA PRO A 1350 41.92 -45.85 -42.71
C PRO A 1350 41.37 -45.31 -41.41
N MET A 1351 40.58 -46.14 -40.76
CA MET A 1351 39.92 -45.78 -39.50
C MET A 1351 40.14 -46.89 -38.48
N VAL A 1352 40.49 -46.50 -37.26
CA VAL A 1352 40.69 -47.42 -36.16
C VAL A 1352 39.61 -47.16 -35.11
N THR A 1353 38.99 -48.24 -34.64
CA THR A 1353 37.92 -48.13 -33.65
C THR A 1353 38.20 -49.10 -32.51
N ARG A 1354 37.83 -48.67 -31.30
CA ARG A 1354 37.99 -49.51 -30.12
C ARG A 1354 36.95 -49.10 -29.09
N TRP A 1355 36.73 -49.98 -28.11
CA TRP A 1355 35.72 -49.78 -27.09
C TRP A 1355 36.30 -48.97 -25.94
N ARG A 1356 35.44 -48.27 -25.22
CA ARG A 1356 35.87 -47.47 -24.07
C ARG A 1356 35.34 -48.12 -22.80
N ARG A 1357 36.24 -48.45 -21.89
CA ARG A 1357 35.91 -49.16 -20.67
C ARG A 1357 35.85 -48.22 -19.48
N ASN A 1358 35.31 -48.73 -18.37
CA ASN A 1358 35.21 -47.97 -17.14
C ASN A 1358 36.46 -48.23 -16.28
N GLU A 1359 36.42 -47.79 -15.02
CA GLU A 1359 37.54 -48.03 -14.13
C GLU A 1359 37.73 -49.52 -13.83
N ASP A 1360 36.63 -50.25 -13.66
CA ASP A 1360 36.72 -51.68 -13.38
C ASP A 1360 37.15 -52.47 -14.62
N GLY A 1361 36.89 -51.94 -15.81
CA GLY A 1361 37.21 -52.61 -17.06
C GLY A 1361 36.02 -53.02 -17.89
N ALA A 1362 34.79 -52.87 -17.38
CA ALA A 1362 33.61 -53.20 -18.16
C ALA A 1362 33.32 -52.11 -19.18
N ILE A 1363 32.50 -52.45 -20.18
CA ILE A 1363 32.19 -51.54 -21.26
C ILE A 1363 31.29 -50.41 -20.75
N CYS A 1364 31.57 -49.19 -21.18
CA CYS A 1364 30.72 -48.06 -20.84
C CYS A 1364 29.38 -48.17 -21.55
N ARG A 1365 28.34 -47.64 -20.91
CA ARG A 1365 26.96 -47.91 -21.27
C ARG A 1365 26.24 -46.59 -21.56
N LYS A 1366 25.49 -46.56 -22.66
CA LYS A 1366 24.63 -45.42 -22.96
C LYS A 1366 23.19 -45.67 -22.58
N SER A 1367 22.30 -44.79 -23.04
CA SER A 1367 20.88 -45.02 -22.92
C SER A 1367 20.41 -46.12 -23.86
N ILE A 1368 20.91 -46.11 -25.10
CA ILE A 1368 20.47 -47.09 -26.10
C ILE A 1368 21.66 -47.85 -26.68
N LYS A 1369 22.52 -47.16 -27.41
CA LYS A 1369 23.63 -47.82 -28.11
C LYS A 1369 24.87 -47.84 -27.21
N LYS A 1370 26.03 -48.16 -27.78
CA LYS A 1370 27.23 -48.41 -27.00
C LYS A 1370 28.24 -47.28 -27.18
N MET A 1371 29.39 -47.45 -26.51
CA MET A 1371 30.45 -46.44 -26.45
C MET A 1371 31.64 -46.87 -27.30
N LEU A 1372 32.13 -45.94 -28.13
CA LEU A 1372 33.22 -46.23 -29.04
C LEU A 1372 34.30 -45.16 -28.91
N GLU A 1373 35.53 -45.52 -29.28
CA GLU A 1373 36.67 -44.61 -29.33
C GLU A 1373 37.35 -44.70 -30.69
N VAL A 1374 37.99 -43.60 -31.10
CA VAL A 1374 38.77 -43.56 -32.32
C VAL A 1374 40.08 -42.83 -32.05
N LEU A 1375 41.05 -43.05 -32.93
CA LEU A 1375 42.35 -42.39 -32.87
C LEU A 1375 42.42 -41.34 -33.96
N VAL A 1376 42.68 -40.09 -33.58
CA VAL A 1376 42.66 -38.97 -34.50
C VAL A 1376 43.94 -38.15 -34.34
N VAL A 1377 44.24 -37.36 -35.36
CA VAL A 1377 45.47 -36.58 -35.42
C VAL A 1377 45.12 -35.10 -35.55
N LYS A 1378 46.04 -34.24 -35.12
CA LYS A 1378 45.88 -32.80 -35.21
C LYS A 1378 47.21 -32.19 -35.65
N LEU A 1379 47.23 -31.63 -36.86
CA LEU A 1379 48.43 -31.01 -37.37
C LEU A 1379 48.59 -29.60 -36.80
N PRO A 1380 49.83 -29.11 -36.66
CA PRO A 1380 50.04 -27.79 -36.04
C PRO A 1380 49.46 -26.65 -36.83
N LEU A 1381 49.26 -26.80 -38.14
CA LEU A 1381 48.75 -25.72 -38.99
C LEU A 1381 47.35 -26.02 -39.49
N SER A 1382 46.65 -26.94 -38.82
CA SER A 1382 45.30 -27.31 -39.22
C SER A 1382 44.23 -26.81 -38.25
N GLU A 1383 44.51 -26.81 -36.95
CA GLU A 1383 43.55 -26.38 -35.92
C GLU A 1383 42.25 -27.18 -36.00
N HIS A 1384 42.36 -28.46 -36.34
CA HIS A 1384 41.19 -29.33 -36.48
C HIS A 1384 41.61 -30.77 -36.24
N TRP A 1385 40.62 -31.60 -35.89
CA TRP A 1385 40.83 -33.03 -35.73
C TRP A 1385 40.42 -33.75 -37.00
N ALA A 1386 41.27 -34.67 -37.45
CA ALA A 1386 41.03 -35.38 -38.70
C ALA A 1386 41.55 -36.80 -38.60
N LEU A 1387 41.00 -37.66 -39.46
CA LEU A 1387 41.42 -39.05 -39.52
C LEU A 1387 42.78 -39.18 -40.21
N PRO A 1388 43.61 -40.13 -39.80
CA PRO A 1388 44.91 -40.31 -40.43
C PRO A 1388 44.82 -40.99 -41.79
N GLY A 1389 44.36 -40.24 -42.80
CA GLY A 1389 44.23 -40.77 -44.15
C GLY A 1389 45.11 -40.02 -45.13
N GLY A 1390 45.74 -40.76 -46.04
CA GLY A 1390 46.65 -40.16 -46.99
C GLY A 1390 46.33 -40.49 -48.43
N SER A 1391 46.96 -39.78 -49.36
CA SER A 1391 46.70 -40.01 -50.78
C SER A 1391 47.18 -41.39 -51.21
N ARG A 1392 46.40 -42.04 -52.06
CA ARG A 1392 46.73 -43.37 -52.55
C ARG A 1392 47.58 -43.30 -53.82
N GLU A 1393 48.66 -42.52 -53.77
CA GLU A 1393 49.63 -42.50 -54.85
C GLU A 1393 50.55 -43.72 -54.75
N PRO A 1394 51.07 -44.07 -53.57
CA PRO A 1394 51.73 -45.38 -53.43
C PRO A 1394 50.71 -46.51 -53.30
N GLY A 1395 51.18 -47.72 -53.57
CA GLY A 1395 50.33 -48.89 -53.52
C GLY A 1395 49.88 -49.25 -52.12
N GLU A 1396 50.82 -49.69 -51.29
CA GLU A 1396 50.52 -50.09 -49.91
C GLU A 1396 50.91 -49.06 -48.88
N MET A 1397 51.73 -48.07 -49.23
CA MET A 1397 52.19 -47.05 -48.31
C MET A 1397 51.24 -45.87 -48.21
N LEU A 1398 50.00 -46.02 -48.69
CA LEU A 1398 49.00 -44.97 -48.57
C LEU A 1398 48.72 -44.66 -47.09
N PRO A 1399 48.49 -45.67 -46.24
CA PRO A 1399 48.45 -45.38 -44.79
C PRO A 1399 49.76 -44.82 -44.28
N ARG A 1400 50.89 -45.27 -44.82
CA ARG A 1400 52.18 -44.70 -44.45
C ARG A 1400 52.31 -43.25 -44.91
N LYS A 1401 51.77 -42.93 -46.09
CA LYS A 1401 51.84 -41.55 -46.59
C LYS A 1401 51.19 -40.57 -45.61
N LEU A 1402 50.24 -41.05 -44.80
CA LEU A 1402 49.66 -40.22 -43.76
C LEU A 1402 50.28 -40.51 -42.40
N LYS A 1403 50.86 -41.70 -42.23
CA LYS A 1403 51.35 -42.13 -40.92
C LYS A 1403 52.74 -42.75 -41.04
N ARG A 1404 53.62 -42.16 -41.85
CA ARG A 1404 55.02 -42.57 -41.82
C ARG A 1404 55.72 -41.95 -40.62
N ILE A 1405 55.49 -40.66 -40.38
CA ILE A 1405 56.03 -40.00 -39.20
C ILE A 1405 55.13 -40.19 -37.99
N LEU A 1406 53.92 -40.71 -38.20
CA LEU A 1406 52.94 -40.83 -37.12
C LEU A 1406 52.91 -42.24 -36.51
N ARG A 1407 52.82 -43.27 -37.35
CA ARG A 1407 52.66 -44.63 -36.81
C ARG A 1407 54.01 -45.22 -36.37
N GLN A 1408 54.91 -45.42 -37.32
CA GLN A 1408 56.22 -46.02 -37.06
C GLN A 1408 57.04 -45.93 -38.34
N GLU A 1409 58.23 -46.51 -38.32
CA GLU A 1409 59.09 -46.58 -39.50
C GLU A 1409 59.21 -48.00 -40.03
N HIS A 1410 59.57 -48.96 -39.19
CA HIS A 1410 59.64 -50.37 -39.58
C HIS A 1410 58.44 -51.18 -39.11
N TRP A 1411 58.03 -51.00 -37.86
CA TRP A 1411 56.86 -51.69 -37.31
C TRP A 1411 55.60 -51.24 -38.05
N PRO A 1412 55.61 -50.03 -38.64
CA PRO A 1412 54.44 -49.62 -39.44
C PRO A 1412 54.14 -50.56 -40.59
N SER A 1413 55.17 -51.16 -41.20
CA SER A 1413 54.94 -52.18 -42.21
C SER A 1413 54.27 -53.40 -41.63
N PHE A 1414 54.65 -53.81 -40.42
CA PHE A 1414 53.96 -54.90 -39.74
C PHE A 1414 52.51 -54.52 -39.45
N GLU A 1415 52.27 -53.28 -39.03
CA GLU A 1415 50.90 -52.81 -38.84
C GLU A 1415 50.16 -52.74 -40.18
N ASN A 1416 50.87 -52.40 -41.26
CA ASN A 1416 50.26 -52.42 -42.58
C ASN A 1416 49.84 -53.82 -42.99
N LEU A 1417 50.66 -54.82 -42.67
CA LEU A 1417 50.26 -56.21 -42.91
C LEU A 1417 49.06 -56.60 -42.05
N LEU A 1418 48.96 -56.04 -40.85
CA LEU A 1418 47.82 -56.29 -39.98
C LEU A 1418 46.67 -55.32 -40.24
N LYS A 1419 46.81 -54.42 -41.21
CA LYS A 1419 45.78 -53.43 -41.52
C LYS A 1419 44.68 -53.99 -42.42
N CYS A 1420 44.75 -55.27 -42.77
CA CYS A 1420 43.73 -55.90 -43.61
C CYS A 1420 42.45 -56.06 -42.79
N GLY A 1421 41.55 -55.10 -42.89
CA GLY A 1421 40.31 -55.13 -42.13
C GLY A 1421 39.08 -55.23 -43.00
N MET A 1422 38.04 -54.47 -42.65
CA MET A 1422 36.77 -54.48 -43.37
C MET A 1422 36.51 -53.10 -43.98
N GLU A 1423 35.94 -53.11 -45.17
CA GLU A 1423 35.60 -51.88 -45.89
C GLU A 1423 34.16 -51.49 -45.60
N VAL A 1424 33.92 -50.19 -45.43
CA VAL A 1424 32.62 -49.65 -45.08
C VAL A 1424 31.94 -48.99 -46.28
N TYR A 1425 32.54 -47.95 -46.83
CA TYR A 1425 31.95 -47.20 -47.93
C TYR A 1425 32.99 -46.90 -48.99
N LYS A 1426 32.54 -46.75 -50.22
CA LYS A 1426 33.40 -46.50 -51.37
C LYS A 1426 32.68 -45.64 -52.39
N GLY A 1427 33.42 -44.74 -53.03
CA GLY A 1427 32.89 -43.95 -54.12
C GLY A 1427 33.25 -42.48 -53.98
N TYR A 1428 32.45 -41.65 -54.62
CA TYR A 1428 32.70 -40.21 -54.67
C TYR A 1428 32.43 -39.56 -53.31
N MET A 1429 33.32 -38.65 -52.93
CA MET A 1429 33.22 -37.94 -51.65
C MET A 1429 32.87 -36.48 -51.88
N ASP A 1430 32.03 -35.94 -51.00
CA ASP A 1430 31.78 -34.51 -50.99
C ASP A 1430 32.91 -33.80 -50.28
N ASP A 1431 33.50 -32.79 -50.95
CA ASP A 1431 34.68 -32.12 -50.43
C ASP A 1431 34.71 -30.71 -51.00
N PRO A 1432 35.11 -29.71 -50.20
CA PRO A 1432 35.20 -28.34 -50.72
C PRO A 1432 36.25 -28.15 -51.79
N ARG A 1433 37.20 -29.09 -51.93
CA ARG A 1433 38.26 -28.99 -52.93
C ARG A 1433 37.88 -29.64 -54.26
N ASN A 1434 36.60 -29.70 -54.57
CA ASN A 1434 36.10 -30.38 -55.76
C ASN A 1434 35.69 -29.35 -56.81
N THR A 1435 36.35 -29.40 -57.96
CA THR A 1435 35.97 -28.60 -59.11
C THR A 1435 35.04 -29.41 -60.01
N ASP A 1436 34.77 -28.91 -61.20
CA ASP A 1436 33.94 -29.65 -62.16
C ASP A 1436 34.71 -30.76 -62.87
N ASN A 1437 36.03 -30.82 -62.69
CA ASN A 1437 36.86 -31.81 -63.38
C ASN A 1437 37.62 -32.71 -62.43
N ALA A 1438 38.09 -32.21 -61.29
CA ALA A 1438 38.90 -32.96 -60.34
C ALA A 1438 38.13 -33.11 -59.04
N TRP A 1439 37.67 -34.33 -58.76
CA TRP A 1439 36.98 -34.65 -57.53
C TRP A 1439 37.76 -35.68 -56.72
N ILE A 1440 37.19 -36.12 -55.61
CA ILE A 1440 37.86 -37.02 -54.66
C ILE A 1440 37.05 -38.30 -54.53
N GLU A 1441 37.72 -39.44 -54.70
CA GLU A 1441 37.14 -40.75 -54.48
C GLU A 1441 37.97 -41.52 -53.47
N THR A 1442 37.31 -42.22 -52.55
CA THR A 1442 37.99 -42.85 -51.44
C THR A 1442 37.55 -44.29 -51.27
N VAL A 1443 38.39 -45.06 -50.56
CA VAL A 1443 38.02 -46.35 -50.01
C VAL A 1443 38.21 -46.29 -48.50
N ALA A 1444 37.21 -46.74 -47.76
CA ALA A 1444 37.18 -46.61 -46.31
C ALA A 1444 37.32 -48.00 -45.69
N VAL A 1445 38.48 -48.26 -45.07
CA VAL A 1445 38.73 -49.51 -44.38
C VAL A 1445 38.60 -49.27 -42.89
N SER A 1446 38.10 -50.28 -42.17
CA SER A 1446 37.86 -50.17 -40.73
C SER A 1446 38.44 -51.39 -40.03
N VAL A 1447 39.45 -51.16 -39.19
CA VAL A 1447 39.98 -52.18 -38.30
C VAL A 1447 39.53 -51.86 -36.89
N HIS A 1448 39.32 -52.90 -36.09
CA HIS A 1448 38.70 -52.75 -34.79
C HIS A 1448 39.50 -53.48 -33.72
N PHE A 1449 39.42 -52.95 -32.50
CA PHE A 1449 39.99 -53.59 -31.31
C PHE A 1449 38.83 -54.00 -30.40
N GLN A 1450 38.50 -55.29 -30.41
CA GLN A 1450 37.40 -55.79 -29.60
C GLN A 1450 37.78 -55.90 -28.13
N ASP A 1451 38.94 -56.48 -27.84
CA ASP A 1451 39.40 -56.63 -26.46
C ASP A 1451 40.15 -55.39 -26.02
N GLN A 1452 40.10 -55.11 -24.72
CA GLN A 1452 40.76 -53.97 -24.11
C GLN A 1452 41.92 -54.40 -23.22
N ASN A 1453 42.67 -55.41 -23.67
CA ASN A 1453 43.78 -55.95 -22.89
C ASN A 1453 44.93 -56.19 -23.85
N ASP A 1454 45.98 -56.90 -23.44
CA ASP A 1454 47.15 -57.14 -24.26
C ASP A 1454 46.80 -58.10 -25.38
N VAL A 1455 46.94 -57.62 -26.62
CA VAL A 1455 46.62 -58.39 -27.82
C VAL A 1455 47.07 -57.61 -29.04
N GLU A 1456 46.12 -57.30 -29.93
CA GLU A 1456 46.44 -56.48 -31.09
C GLU A 1456 46.74 -55.04 -30.67
N LEU A 1457 46.06 -54.56 -29.63
CA LEU A 1457 46.30 -53.20 -29.15
C LEU A 1457 47.70 -53.05 -28.57
N ASN A 1458 48.28 -54.15 -28.07
CA ASN A 1458 49.64 -54.10 -27.54
C ASN A 1458 50.64 -53.75 -28.62
N ARG A 1459 50.46 -54.30 -29.82
CA ARG A 1459 51.37 -53.98 -30.93
C ARG A 1459 51.28 -52.51 -31.32
N LEU A 1460 50.08 -51.95 -31.33
CA LEU A 1460 49.92 -50.54 -31.71
C LEU A 1460 50.52 -49.59 -30.69
N ASN A 1461 50.63 -50.02 -29.43
CA ASN A 1461 51.16 -49.14 -28.39
C ASN A 1461 52.68 -49.06 -28.44
N SER A 1462 53.34 -50.22 -28.48
CA SER A 1462 54.80 -50.23 -28.47
C SER A 1462 55.37 -49.68 -29.77
N ASN A 1463 54.68 -49.91 -30.88
CA ASN A 1463 55.21 -49.50 -32.18
C ASN A 1463 55.11 -47.99 -32.39
N LEU A 1464 54.42 -47.30 -31.49
CA LEU A 1464 54.14 -45.87 -31.64
C LEU A 1464 55.43 -45.05 -31.72
N HIS A 1465 55.54 -44.25 -32.78
CA HIS A 1465 56.64 -43.32 -32.96
C HIS A 1465 56.10 -41.98 -33.44
N ALA A 1466 55.06 -41.48 -32.77
CA ALA A 1466 54.29 -40.35 -33.28
C ALA A 1466 55.13 -39.09 -33.36
N CYS A 1467 55.94 -38.81 -32.33
CA CYS A 1467 56.62 -37.52 -32.20
C CYS A 1467 57.77 -37.45 -33.20
N ASP A 1468 57.41 -37.32 -34.48
CA ASP A 1468 58.40 -37.11 -35.53
C ASP A 1468 58.22 -35.76 -36.22
N SER A 1469 57.02 -35.52 -36.76
CA SER A 1469 56.71 -34.29 -37.44
C SER A 1469 55.29 -33.78 -37.15
N GLY A 1470 54.56 -34.45 -36.26
CA GLY A 1470 53.20 -34.04 -35.95
C GLY A 1470 53.09 -33.25 -34.67
N ALA A 1471 51.96 -32.56 -34.49
CA ALA A 1471 51.76 -31.76 -33.30
C ALA A 1471 51.30 -32.62 -32.12
N SER A 1472 50.15 -33.29 -32.28
CA SER A 1472 49.61 -34.10 -31.20
C SER A 1472 48.76 -35.22 -31.79
N ILE A 1473 48.63 -36.31 -31.04
CA ILE A 1473 47.81 -37.45 -31.40
C ILE A 1473 47.35 -38.14 -30.12
N ARG A 1474 46.09 -38.57 -30.12
CA ARG A 1474 45.52 -39.23 -28.95
C ARG A 1474 44.25 -39.96 -29.34
N TRP A 1475 43.92 -41.00 -28.57
CA TRP A 1475 42.63 -41.64 -28.70
C TRP A 1475 41.53 -40.68 -28.26
N GLN A 1476 40.35 -40.83 -28.86
CA GLN A 1476 39.29 -39.87 -28.60
C GLN A 1476 37.94 -40.56 -28.58
N VAL A 1477 37.06 -40.06 -27.71
CA VAL A 1477 35.69 -40.55 -27.63
C VAL A 1477 34.92 -40.17 -28.89
N VAL A 1478 34.11 -41.10 -29.38
CA VAL A 1478 33.25 -40.88 -30.55
C VAL A 1478 31.93 -40.32 -30.07
N ASP A 1479 31.50 -39.23 -30.68
CA ASP A 1479 30.26 -38.56 -30.32
C ASP A 1479 29.74 -37.81 -31.53
N ARG A 1480 28.46 -37.40 -31.46
CA ARG A 1480 27.83 -36.66 -32.54
C ARG A 1480 27.94 -35.17 -32.23
N ARG A 1481 28.96 -34.83 -31.44
CA ARG A 1481 29.30 -33.44 -31.16
C ARG A 1481 30.81 -33.28 -31.15
N ILE A 1482 31.53 -34.35 -31.48
CA ILE A 1482 32.99 -34.34 -31.38
C ILE A 1482 33.56 -33.43 -32.46
N PRO A 1483 34.63 -32.69 -32.20
CA PRO A 1483 35.24 -31.87 -33.25
C PRO A 1483 35.92 -32.73 -34.31
N LEU A 1484 35.54 -32.52 -35.56
CA LEU A 1484 36.06 -33.29 -36.67
C LEU A 1484 35.69 -32.62 -37.99
N TYR A 1485 36.36 -32.98 -39.08
CA TYR A 1485 35.97 -32.49 -40.39
C TYR A 1485 34.57 -32.95 -40.73
N ALA A 1486 33.80 -32.07 -41.37
CA ALA A 1486 32.43 -32.42 -41.73
C ALA A 1486 32.37 -33.61 -42.67
N ASN A 1487 33.30 -33.70 -43.61
CA ASN A 1487 33.38 -34.88 -44.46
C ASN A 1487 33.72 -36.12 -43.66
N HIS A 1488 34.67 -36.00 -42.73
CA HIS A 1488 35.08 -37.14 -41.92
C HIS A 1488 33.99 -37.57 -40.94
N LYS A 1489 33.15 -36.64 -40.50
CA LYS A 1489 32.03 -37.01 -39.63
C LYS A 1489 31.04 -37.91 -40.34
N THR A 1490 30.89 -37.74 -41.67
CA THR A 1490 30.03 -38.64 -42.43
C THR A 1490 30.56 -40.06 -42.40
N LEU A 1491 31.88 -40.24 -42.52
CA LEU A 1491 32.46 -41.57 -42.42
C LEU A 1491 32.24 -42.16 -41.03
N LEU A 1492 32.39 -41.34 -39.99
CA LEU A 1492 32.12 -41.83 -38.63
C LEU A 1492 30.66 -42.21 -38.45
N GLN A 1493 29.74 -41.41 -38.99
CA GLN A 1493 28.33 -41.72 -38.88
C GLN A 1493 27.93 -42.94 -39.71
N LYS A 1494 28.55 -43.13 -40.88
CA LYS A 1494 28.21 -44.27 -41.72
C LYS A 1494 28.79 -45.57 -41.20
N ALA A 1495 29.97 -45.51 -40.58
CA ALA A 1495 30.63 -46.71 -40.06
C ALA A 1495 30.26 -47.03 -38.63
N ALA A 1496 29.43 -46.18 -37.99
CA ALA A 1496 29.03 -46.45 -36.61
C ALA A 1496 28.01 -47.58 -36.51
N ALA A 1497 27.30 -47.87 -37.59
CA ALA A 1497 26.32 -48.95 -37.55
C ALA A 1497 26.95 -50.33 -37.58
N GLU A 1498 28.22 -50.43 -37.96
CA GLU A 1498 28.90 -51.71 -38.02
C GLU A 1498 29.24 -52.28 -36.64
N PHE A 1499 29.18 -51.44 -35.60
CA PHE A 1499 29.51 -51.92 -34.26
C PHE A 1499 28.52 -51.45 -33.20
N GLY A 1500 27.38 -50.86 -33.57
CA GLY A 1500 26.41 -50.41 -32.61
C GLY A 1500 26.84 -49.25 -31.74
N ALA A 1501 27.54 -48.27 -32.32
CA ALA A 1501 27.92 -47.06 -31.60
C ALA A 1501 26.71 -46.14 -31.47
N HIS A 1502 26.81 -45.16 -30.58
CA HIS A 1502 25.72 -44.25 -30.30
C HIS A 1502 25.66 -43.17 -31.38
N TYR A 1503 24.71 -42.25 -31.22
CA TYR A 1503 24.62 -41.10 -32.11
C TYR A 1503 23.72 -40.02 -31.50
N GLN B 56 23.19 -48.02 20.83
CA GLN B 56 23.37 -48.07 19.38
C GLN B 56 23.82 -49.46 18.93
N GLU B 57 24.59 -50.13 19.79
CA GLU B 57 25.06 -51.48 19.50
C GLU B 57 23.91 -52.50 19.47
N SER B 58 22.75 -52.16 20.03
CA SER B 58 21.61 -53.05 19.97
C SER B 58 21.20 -53.31 18.52
N LEU B 59 21.18 -52.27 17.70
CA LEU B 59 20.92 -52.45 16.27
C LEU B 59 21.98 -53.34 15.62
N SER B 60 23.25 -53.08 15.94
CA SER B 60 24.35 -53.82 15.32
C SER B 60 24.34 -55.29 15.72
N SER B 61 23.76 -55.64 16.86
CA SER B 61 23.63 -57.05 17.21
C SER B 61 22.31 -57.64 16.70
N TRP B 62 21.26 -56.83 16.62
CA TRP B 62 19.94 -57.32 16.25
C TRP B 62 19.83 -57.62 14.76
N ILE B 63 20.39 -56.76 13.92
CA ILE B 63 20.24 -56.92 12.46
C ILE B 63 20.82 -58.26 11.99
N PRO B 64 22.04 -58.66 12.38
CA PRO B 64 22.52 -59.98 11.96
C PRO B 64 21.68 -61.14 12.50
N GLU B 65 20.94 -60.95 13.58
CA GLU B 65 20.13 -62.04 14.11
C GLU B 65 18.87 -62.27 13.27
N ASN B 66 18.30 -61.19 12.73
CA ASN B 66 16.96 -61.24 12.12
C ASN B 66 17.01 -61.31 10.59
N ILE B 67 17.64 -60.34 9.95
CA ILE B 67 17.55 -60.17 8.51
C ILE B 67 18.52 -61.11 7.81
N LYS B 68 18.06 -61.72 6.71
CA LYS B 68 18.85 -62.63 5.90
C LYS B 68 19.17 -61.98 4.56
N LYS B 69 19.96 -62.70 3.75
CA LYS B 69 20.32 -62.22 2.43
C LYS B 69 20.59 -63.41 1.52
N LYS B 70 20.39 -63.20 0.22
CA LYS B 70 20.47 -64.28 -0.76
C LYS B 70 21.84 -64.33 -1.43
N GLU B 71 22.26 -65.55 -1.77
CA GLU B 71 23.49 -65.77 -2.52
C GLU B 71 23.48 -67.19 -3.06
N CYS B 72 23.76 -67.34 -4.35
CA CYS B 72 23.81 -68.66 -4.98
C CYS B 72 25.03 -69.42 -4.47
N VAL B 73 24.89 -70.75 -4.37
CA VAL B 73 25.94 -71.59 -3.80
C VAL B 73 26.49 -72.61 -4.80
N TYR B 74 25.90 -72.74 -5.99
CA TYR B 74 26.34 -73.75 -6.95
C TYR B 74 26.66 -73.08 -8.27
N PHE B 75 27.65 -73.64 -8.98
CA PHE B 75 28.12 -73.07 -10.24
C PHE B 75 27.36 -73.72 -11.39
N VAL B 76 26.38 -73.00 -11.93
CA VAL B 76 25.66 -73.42 -13.13
C VAL B 76 25.99 -72.46 -14.26
N GLU B 77 27.02 -72.77 -15.04
CA GLU B 77 27.54 -71.84 -16.03
C GLU B 77 26.47 -71.49 -17.06
N SER B 78 26.32 -70.19 -17.33
CA SER B 78 25.34 -69.73 -18.31
C SER B 78 25.87 -69.90 -19.72
N SER B 79 24.99 -70.31 -20.64
CA SER B 79 25.38 -70.48 -22.03
C SER B 79 25.76 -69.15 -22.66
N LYS B 80 25.00 -68.09 -22.37
CA LYS B 80 25.24 -66.77 -22.95
C LYS B 80 26.23 -66.02 -22.08
N LEU B 81 27.45 -65.87 -22.55
CA LEU B 81 28.48 -65.14 -21.81
C LEU B 81 28.15 -63.65 -21.78
N SER B 82 28.32 -63.05 -20.61
CA SER B 82 28.06 -61.63 -20.45
C SER B 82 29.20 -60.79 -21.03
N ASP B 83 28.93 -59.50 -21.21
CA ASP B 83 29.94 -58.56 -21.71
C ASP B 83 31.03 -58.42 -20.67
N ALA B 84 32.20 -58.96 -20.97
CA ALA B 84 33.36 -59.03 -20.08
C ALA B 84 33.07 -59.84 -18.81
N GLY B 85 31.92 -60.48 -18.73
CA GLY B 85 31.57 -61.31 -17.59
C GLY B 85 31.32 -62.76 -17.99
N LYS B 86 32.15 -63.28 -18.90
CA LYS B 86 31.95 -64.64 -19.39
C LYS B 86 32.02 -65.67 -18.28
N VAL B 87 32.78 -65.38 -17.22
CA VAL B 87 32.86 -66.29 -16.06
C VAL B 87 31.72 -65.91 -15.13
N VAL B 88 30.53 -66.44 -15.42
CA VAL B 88 29.33 -66.17 -14.65
C VAL B 88 28.45 -67.41 -14.69
N CYS B 89 28.09 -67.93 -13.53
CA CYS B 89 27.23 -69.12 -13.44
C CYS B 89 25.77 -68.69 -13.32
N GLN B 90 25.33 -67.94 -14.33
CA GLN B 90 23.96 -67.46 -14.50
C GLN B 90 23.62 -66.36 -13.51
N CYS B 91 24.50 -66.11 -12.56
CA CYS B 91 24.40 -64.93 -11.70
C CYS B 91 25.70 -64.14 -11.63
N GLY B 92 26.84 -64.82 -11.54
CA GLY B 92 28.16 -64.22 -11.55
C GLY B 92 28.30 -62.95 -10.72
N TYR B 93 28.15 -63.07 -9.40
CA TYR B 93 28.14 -61.86 -8.57
C TYR B 93 29.56 -61.39 -8.27
N THR B 94 30.34 -62.18 -7.51
CA THR B 94 31.77 -61.92 -7.34
C THR B 94 32.50 -63.26 -7.21
N HIS B 95 32.88 -63.84 -8.35
CA HIS B 95 33.69 -65.05 -8.45
C HIS B 95 33.88 -65.43 -9.90
N GLU B 96 34.67 -66.46 -10.17
CA GLU B 96 34.65 -67.09 -11.48
C GLU B 96 33.30 -67.74 -11.75
N GLN B 97 32.59 -68.13 -10.68
CA GLN B 97 31.26 -68.69 -10.76
C GLN B 97 30.29 -67.81 -9.99
N HIS B 98 29.04 -68.28 -9.85
CA HIS B 98 28.03 -67.58 -9.08
C HIS B 98 27.96 -68.18 -7.67
N LEU B 99 29.01 -67.92 -6.90
CA LEU B 99 29.09 -68.42 -5.53
C LEU B 99 30.04 -67.56 -4.72
N GLU B 100 29.76 -67.42 -3.43
CA GLU B 100 30.64 -66.73 -2.49
C GLU B 100 31.46 -67.72 -1.67
N GLU B 101 31.40 -69.00 -2.00
CA GLU B 101 32.14 -70.03 -1.29
C GLU B 101 32.69 -71.01 -2.32
N ALA B 102 33.14 -72.17 -1.86
CA ALA B 102 33.66 -73.19 -2.75
C ALA B 102 32.56 -73.69 -3.67
N THR B 103 32.85 -73.73 -4.98
CA THR B 103 31.89 -74.20 -5.98
C THR B 103 31.98 -75.72 -6.06
N LYS B 104 31.56 -76.36 -4.99
CA LYS B 104 31.58 -77.81 -4.89
C LYS B 104 30.44 -78.43 -5.70
N PRO B 105 30.63 -79.66 -6.19
CA PRO B 105 29.54 -80.32 -6.92
C PRO B 105 28.29 -80.52 -6.07
N HIS B 106 28.44 -80.61 -4.74
CA HIS B 106 27.32 -80.81 -3.82
C HIS B 106 26.54 -82.09 -4.14
N THR B 107 27.26 -83.11 -4.61
CA THR B 107 26.71 -84.44 -4.90
C THR B 107 25.70 -84.41 -6.05
N PHE B 108 25.44 -83.22 -6.61
CA PHE B 108 24.50 -83.09 -7.71
C PHE B 108 24.81 -81.80 -8.45
N GLN B 109 25.31 -81.91 -9.68
CA GLN B 109 25.59 -80.74 -10.51
C GLN B 109 24.38 -80.49 -11.40
N GLY B 110 23.29 -80.08 -10.77
CA GLY B 110 22.04 -79.86 -11.47
C GLY B 110 22.07 -78.70 -12.45
N THR B 111 21.92 -79.00 -13.73
CA THR B 111 21.88 -77.96 -14.74
C THR B 111 20.65 -77.07 -14.56
N GLN B 112 20.83 -75.78 -14.78
CA GLN B 112 19.79 -74.78 -14.57
C GLN B 112 19.25 -74.85 -13.15
N TRP B 113 20.15 -74.56 -12.21
CA TRP B 113 19.84 -74.65 -10.79
C TRP B 113 18.66 -73.75 -10.43
N ASP B 114 17.68 -74.33 -9.73
CA ASP B 114 16.50 -73.57 -9.35
C ASP B 114 16.86 -72.55 -8.28
N PRO B 115 16.35 -71.31 -8.37
CA PRO B 115 16.64 -70.32 -7.32
C PRO B 115 16.15 -70.74 -5.95
N LYS B 116 15.05 -71.49 -5.88
CA LYS B 116 14.55 -71.94 -4.58
C LYS B 116 15.47 -72.98 -3.96
N LYS B 117 16.10 -73.82 -4.78
CA LYS B 117 16.94 -74.90 -4.27
C LYS B 117 18.41 -74.50 -4.17
N HIS B 118 18.89 -73.63 -5.08
CA HIS B 118 20.30 -73.27 -5.08
C HIS B 118 20.59 -72.12 -4.11
N VAL B 119 19.80 -71.05 -4.20
CA VAL B 119 20.03 -69.86 -3.41
C VAL B 119 19.58 -70.09 -1.98
N GLN B 120 20.45 -69.76 -1.02
CA GLN B 120 20.15 -69.90 0.40
C GLN B 120 20.28 -68.54 1.07
N GLU B 121 20.00 -68.52 2.37
CA GLU B 121 19.98 -67.28 3.15
C GLU B 121 21.05 -67.28 4.22
N MET B 122 21.88 -66.24 4.22
CA MET B 122 22.88 -65.98 5.23
C MET B 122 22.48 -64.76 6.03
N PRO B 123 22.88 -64.67 7.30
CA PRO B 123 22.59 -63.47 8.07
C PRO B 123 23.30 -62.25 7.50
N THR B 124 22.64 -61.09 7.63
CA THR B 124 23.11 -59.85 7.04
C THR B 124 24.14 -59.17 7.94
N ASP B 125 25.12 -58.52 7.30
CA ASP B 125 26.09 -57.70 7.99
C ASP B 125 26.36 -56.39 7.26
N ALA B 126 25.69 -56.13 6.14
CA ALA B 126 25.94 -54.96 5.31
C ALA B 126 25.11 -53.75 5.74
N PHE B 127 24.71 -53.68 7.00
CA PHE B 127 23.92 -52.56 7.50
C PHE B 127 24.84 -51.39 7.84
N GLY B 128 24.29 -50.36 8.49
CA GLY B 128 25.08 -49.23 8.92
C GLY B 128 24.57 -47.90 8.44
N ASP B 129 25.48 -46.95 8.25
CA ASP B 129 25.17 -45.61 7.76
C ASP B 129 26.09 -45.26 6.60
N ILE B 130 25.70 -44.23 5.84
CA ILE B 130 26.49 -43.76 4.71
C ILE B 130 26.59 -42.25 4.78
N VAL B 131 27.75 -41.73 4.39
CA VAL B 131 27.94 -40.30 4.16
C VAL B 131 28.61 -40.14 2.80
N PHE B 132 27.98 -39.37 1.92
CA PHE B 132 28.53 -39.13 0.59
C PHE B 132 29.76 -38.24 0.68
N THR B 133 30.80 -38.63 -0.05
CA THR B 133 32.11 -37.97 0.05
C THR B 133 32.04 -36.60 -0.63
N GLY B 134 31.78 -35.56 0.15
CA GLY B 134 31.81 -34.20 -0.32
C GLY B 134 30.52 -33.69 -0.93
N LEU B 135 29.58 -34.57 -1.27
CA LEU B 135 28.32 -34.12 -1.85
C LEU B 135 27.39 -33.55 -0.79
N SER B 136 27.42 -34.08 0.43
CA SER B 136 26.57 -33.61 1.51
C SER B 136 27.36 -33.73 2.81
N GLN B 137 26.70 -33.37 3.92
CA GLN B 137 27.30 -33.47 5.24
C GLN B 137 26.48 -34.27 6.25
N LYS B 138 25.21 -34.55 5.96
CA LYS B 138 24.37 -35.31 6.87
C LYS B 138 24.64 -36.81 6.72
N VAL B 139 24.06 -37.59 7.63
CA VAL B 139 24.21 -39.04 7.64
C VAL B 139 22.90 -39.67 7.18
N LYS B 140 23.02 -40.79 6.46
CA LYS B 140 21.86 -41.49 5.92
C LYS B 140 21.91 -42.95 6.33
N LYS B 141 20.75 -43.49 6.69
CA LYS B 141 20.65 -44.88 7.10
C LYS B 141 20.37 -45.78 5.90
N TYR B 142 20.85 -47.03 5.98
CA TYR B 142 20.64 -47.99 4.92
C TYR B 142 20.72 -49.39 5.49
N VAL B 143 19.88 -50.28 4.98
CA VAL B 143 19.85 -51.68 5.41
C VAL B 143 19.69 -52.56 4.18
N ARG B 144 20.50 -53.62 4.09
CA ARG B 144 20.36 -54.63 3.06
C ARG B 144 19.43 -55.73 3.56
N VAL B 145 18.38 -56.02 2.80
CA VAL B 145 17.32 -56.91 3.24
C VAL B 145 17.14 -58.02 2.22
N SER B 146 16.60 -59.15 2.68
CA SER B 146 16.38 -60.31 1.84
C SER B 146 15.21 -60.07 0.88
N GLN B 147 15.10 -60.95 -0.12
CA GLN B 147 13.99 -60.89 -1.04
C GLN B 147 12.66 -61.16 -0.33
N ASP B 148 12.63 -62.19 0.51
CA ASP B 148 11.44 -62.53 1.29
C ASP B 148 11.71 -62.22 2.75
N THR B 149 11.04 -61.20 3.27
CA THR B 149 11.17 -60.77 4.65
C THR B 149 9.83 -60.27 5.15
N PRO B 150 9.37 -60.73 6.32
CA PRO B 150 8.12 -60.22 6.86
C PRO B 150 8.20 -58.71 7.08
N SER B 151 7.12 -58.01 6.72
CA SER B 151 7.11 -56.56 6.84
C SER B 151 7.09 -56.09 8.30
N SER B 152 6.66 -56.96 9.22
CA SER B 152 6.67 -56.59 10.64
C SER B 152 8.08 -56.33 11.13
N VAL B 153 9.04 -57.16 10.73
CA VAL B 153 10.43 -56.98 11.15
C VAL B 153 10.97 -55.66 10.63
N ILE B 154 10.72 -55.37 9.35
CA ILE B 154 11.20 -54.13 8.76
C ILE B 154 10.58 -52.92 9.46
N TYR B 155 9.28 -52.97 9.71
CA TYR B 155 8.62 -51.85 10.37
C TYR B 155 9.13 -51.66 11.79
N HIS B 156 9.32 -52.76 12.53
CA HIS B 156 9.89 -52.65 13.87
C HIS B 156 11.28 -52.05 13.82
N LEU B 157 12.10 -52.44 12.84
CA LEU B 157 13.42 -51.85 12.70
C LEU B 157 13.32 -50.34 12.48
N MET B 158 12.51 -49.91 11.51
CA MET B 158 12.49 -48.48 11.18
C MET B 158 11.84 -47.66 12.28
N THR B 159 11.00 -48.27 13.12
CA THR B 159 10.39 -47.52 14.21
C THR B 159 11.30 -47.45 15.43
N GLN B 160 11.79 -48.60 15.91
CA GLN B 160 12.57 -48.62 17.14
C GLN B 160 14.02 -48.24 16.88
N HIS B 161 14.69 -48.95 15.97
CA HIS B 161 16.12 -48.81 15.78
C HIS B 161 16.49 -47.67 14.84
N TRP B 162 15.50 -46.97 14.26
CA TRP B 162 15.77 -45.84 13.40
C TRP B 162 15.14 -44.54 13.88
N GLY B 163 14.32 -44.57 14.92
CA GLY B 163 13.73 -43.36 15.47
C GLY B 163 12.80 -42.64 14.53
N LEU B 164 11.93 -43.38 13.84
CA LEU B 164 10.95 -42.81 12.93
C LEU B 164 9.56 -43.08 13.48
N ASP B 165 8.77 -42.02 13.66
CA ASP B 165 7.44 -42.14 14.21
C ASP B 165 6.45 -42.60 13.14
N VAL B 166 5.22 -42.88 13.55
CA VAL B 166 4.19 -43.31 12.61
C VAL B 166 3.86 -42.16 11.66
N PRO B 167 3.75 -42.42 10.35
CA PRO B 167 3.47 -41.32 9.42
C PRO B 167 2.00 -40.93 9.37
N ASN B 168 1.69 -39.97 8.50
CA ASN B 168 0.31 -39.55 8.28
C ASN B 168 -0.14 -39.78 6.85
N LEU B 169 0.76 -39.73 5.88
CA LEU B 169 0.43 -39.98 4.49
C LEU B 169 1.55 -40.80 3.87
N LEU B 170 1.18 -41.73 2.99
CA LEU B 170 2.14 -42.60 2.31
C LEU B 170 1.98 -42.42 0.81
N ILE B 171 2.77 -41.53 0.23
CA ILE B 171 2.76 -41.26 -1.20
C ILE B 171 3.95 -41.99 -1.83
N SER B 172 3.68 -42.80 -2.84
CA SER B 172 4.71 -43.55 -3.55
C SER B 172 4.80 -43.02 -4.98
N VAL B 173 5.90 -42.37 -5.30
CA VAL B 173 6.14 -41.81 -6.63
C VAL B 173 7.01 -42.78 -7.41
N THR B 174 6.61 -43.05 -8.66
CA THR B 174 7.37 -43.93 -9.54
C THR B 174 7.25 -43.41 -10.97
N GLY B 175 8.27 -43.71 -11.77
CA GLY B 175 8.28 -43.25 -13.14
C GLY B 175 9.51 -43.75 -13.87
N GLY B 176 9.72 -43.20 -15.06
CA GLY B 176 10.85 -43.59 -15.89
C GLY B 176 12.17 -43.22 -15.25
N ALA B 177 13.11 -44.16 -15.25
CA ALA B 177 14.41 -43.95 -14.64
C ALA B 177 15.45 -43.49 -15.65
N LYS B 178 15.73 -44.32 -16.67
CA LYS B 178 16.83 -44.06 -17.58
C LYS B 178 16.46 -43.11 -18.71
N ASN B 179 15.31 -43.30 -19.33
CA ASN B 179 14.88 -42.49 -20.47
C ASN B 179 13.61 -41.73 -20.10
N PHE B 180 13.79 -40.55 -19.52
CA PHE B 180 12.69 -39.70 -19.10
C PHE B 180 12.87 -38.31 -19.71
N ASN B 181 11.84 -37.83 -20.40
CA ASN B 181 11.83 -36.49 -20.96
C ASN B 181 10.61 -35.75 -20.44
N MET B 182 10.81 -34.50 -20.03
CA MET B 182 9.78 -33.74 -19.34
C MET B 182 9.66 -32.34 -19.93
N LYS B 183 8.43 -31.81 -19.95
CA LYS B 183 8.19 -30.44 -20.34
C LYS B 183 8.31 -29.53 -19.12
N PRO B 184 8.60 -28.24 -19.33
CA PRO B 184 8.74 -27.33 -18.17
C PRO B 184 7.51 -27.24 -17.30
N ARG B 185 6.31 -27.27 -17.90
CA ARG B 185 5.10 -27.30 -17.10
C ARG B 185 5.04 -28.56 -16.25
N LEU B 186 5.52 -29.69 -16.78
CA LEU B 186 5.63 -30.92 -16.00
C LEU B 186 6.62 -30.76 -14.86
N LYS B 187 7.74 -30.07 -15.10
CA LYS B 187 8.75 -29.92 -14.07
C LYS B 187 8.26 -29.02 -12.94
N SER B 188 7.47 -27.99 -13.27
CA SER B 188 7.00 -27.05 -12.27
C SER B 188 6.11 -27.74 -11.24
N ILE B 189 5.29 -28.69 -11.68
CA ILE B 189 4.32 -29.29 -10.77
C ILE B 189 5.04 -30.15 -9.72
N PHE B 190 6.10 -30.86 -10.13
CA PHE B 190 6.96 -31.53 -9.16
C PHE B 190 7.70 -30.52 -8.29
N ARG B 191 8.12 -29.39 -8.87
CA ARG B 191 8.85 -28.40 -8.10
C ARG B 191 8.01 -27.83 -6.98
N ARG B 192 6.69 -27.76 -7.16
CA ARG B 192 5.82 -27.09 -6.19
C ARG B 192 4.91 -28.03 -5.41
N GLY B 193 4.04 -28.77 -6.10
CA GLY B 193 2.92 -29.41 -5.41
C GLY B 193 3.34 -30.60 -4.56
N LEU B 194 4.30 -31.39 -5.06
CA LEU B 194 4.78 -32.52 -4.27
C LEU B 194 5.42 -32.04 -2.98
N VAL B 195 6.18 -30.95 -3.06
CA VAL B 195 6.79 -30.38 -1.86
C VAL B 195 5.71 -29.88 -0.90
N LYS B 196 4.69 -29.20 -1.44
CA LYS B 196 3.62 -28.70 -0.58
C LYS B 196 2.88 -29.83 0.13
N VAL B 197 2.58 -30.92 -0.58
CA VAL B 197 1.90 -32.04 0.07
C VAL B 197 2.82 -32.78 1.02
N ALA B 198 4.14 -32.75 0.79
CA ALA B 198 5.06 -33.42 1.68
C ALA B 198 5.29 -32.66 2.98
N GLN B 199 5.31 -31.33 2.93
CA GLN B 199 5.75 -30.58 4.11
C GLN B 199 4.60 -30.20 5.05
N THR B 200 3.35 -30.35 4.64
CA THR B 200 2.23 -30.06 5.54
C THR B 200 1.83 -31.29 6.34
N THR B 201 1.40 -32.35 5.65
CA THR B 201 0.88 -33.53 6.31
C THR B 201 1.98 -34.37 6.97
N GLY B 202 3.25 -34.05 6.73
CA GLY B 202 4.32 -34.88 7.23
C GLY B 202 4.31 -36.25 6.59
N ALA B 203 4.14 -36.27 5.27
CA ALA B 203 3.99 -37.52 4.53
C ALA B 203 5.31 -38.29 4.51
N TRP B 204 5.27 -39.46 3.86
CA TRP B 204 6.43 -40.35 3.74
C TRP B 204 6.69 -40.57 2.26
N ILE B 205 7.71 -39.91 1.73
CA ILE B 205 8.04 -40.04 0.31
C ILE B 205 8.82 -41.34 0.12
N ILE B 206 8.16 -42.34 -0.48
CA ILE B 206 8.77 -43.64 -0.74
C ILE B 206 8.87 -43.81 -2.25
N THR B 207 10.07 -44.16 -2.72
CA THR B 207 10.33 -44.31 -4.14
C THR B 207 11.56 -45.19 -4.34
N GLY B 208 11.94 -45.36 -5.59
CA GLY B 208 13.15 -46.13 -5.89
C GLY B 208 14.39 -45.30 -5.64
N GLY B 209 15.46 -45.98 -5.22
CA GLY B 209 16.72 -45.32 -4.99
C GLY B 209 17.71 -45.48 -6.12
N SER B 210 17.83 -44.46 -6.97
CA SER B 210 18.78 -44.47 -8.07
C SER B 210 19.05 -43.04 -8.48
N HIS B 211 20.09 -42.87 -9.31
CA HIS B 211 20.59 -41.55 -9.67
C HIS B 211 20.07 -41.04 -11.00
N THR B 212 18.94 -41.56 -11.50
CA THR B 212 18.40 -41.15 -12.79
C THR B 212 16.89 -40.90 -12.72
N GLY B 213 16.48 -39.75 -13.25
CA GLY B 213 15.09 -39.60 -13.67
C GLY B 213 14.18 -38.93 -12.65
N VAL B 214 12.93 -39.39 -12.63
CA VAL B 214 11.89 -38.74 -11.82
C VAL B 214 12.28 -38.76 -10.35
N MET B 215 12.97 -39.80 -9.91
CA MET B 215 13.48 -39.82 -8.54
C MET B 215 14.56 -38.77 -8.34
N LYS B 216 15.33 -38.44 -9.38
CA LYS B 216 16.24 -37.31 -9.27
C LYS B 216 15.49 -35.99 -9.15
N GLN B 217 14.39 -35.83 -9.89
CA GLN B 217 13.58 -34.64 -9.69
C GLN B 217 13.02 -34.57 -8.28
N VAL B 218 12.58 -35.71 -7.75
CA VAL B 218 12.08 -35.73 -6.37
C VAL B 218 13.20 -35.36 -5.39
N GLY B 219 14.40 -35.89 -5.61
CA GLY B 219 15.51 -35.57 -4.73
C GLY B 219 15.88 -34.11 -4.76
N GLU B 220 15.94 -33.50 -5.94
CA GLU B 220 16.26 -32.09 -6.01
C GLU B 220 15.15 -31.23 -5.41
N ALA B 221 13.88 -31.60 -5.66
CA ALA B 221 12.75 -30.88 -5.08
C ALA B 221 12.65 -31.05 -3.57
N VAL B 222 13.25 -32.09 -3.00
CA VAL B 222 13.25 -32.23 -1.55
C VAL B 222 14.49 -31.61 -0.91
N ARG B 223 15.62 -31.52 -1.64
CA ARG B 223 16.80 -30.88 -1.06
C ARG B 223 16.67 -29.36 -1.11
N ASP B 224 16.09 -28.82 -2.19
CA ASP B 224 16.03 -27.37 -2.31
C ASP B 224 15.04 -26.76 -1.32
N PHE B 225 13.99 -27.49 -0.97
CA PHE B 225 13.08 -27.03 0.07
C PHE B 225 13.76 -26.99 1.43
N SER B 226 14.54 -28.04 1.75
CA SER B 226 15.27 -28.06 3.01
C SER B 226 16.30 -26.94 3.08
N LEU B 227 17.00 -26.67 1.97
CA LEU B 227 17.96 -25.58 1.94
C LEU B 227 17.28 -24.23 2.05
N SER B 228 16.15 -24.05 1.35
CA SER B 228 15.42 -22.80 1.36
C SER B 228 14.61 -22.59 2.63
N SER B 229 14.35 -23.66 3.40
CA SER B 229 13.67 -23.50 4.68
C SER B 229 14.55 -22.81 5.72
N SER B 230 15.85 -22.67 5.44
CA SER B 230 16.81 -22.00 6.33
C SER B 230 16.83 -22.67 7.70
N TYR B 231 17.13 -23.97 7.70
CA TYR B 231 17.24 -24.76 8.92
C TYR B 231 15.95 -24.73 9.73
N LYS B 232 14.83 -24.96 9.07
CA LYS B 232 13.55 -25.03 9.74
C LYS B 232 13.41 -26.35 10.48
N GLU B 233 12.57 -26.34 11.52
CA GLU B 233 12.34 -27.54 12.31
C GLU B 233 11.62 -28.61 11.49
N GLY B 234 12.14 -29.84 11.56
CA GLY B 234 11.57 -30.94 10.82
C GLY B 234 11.96 -30.94 9.36
N GLU B 235 12.12 -32.14 8.79
CA GLU B 235 12.50 -32.29 7.39
C GLU B 235 11.60 -33.32 6.73
N LEU B 236 11.37 -33.14 5.43
CA LEU B 236 10.54 -34.08 4.66
C LEU B 236 11.31 -35.38 4.52
N ILE B 237 10.90 -36.39 5.28
CA ILE B 237 11.61 -37.68 5.28
C ILE B 237 11.32 -38.41 3.97
N THR B 238 12.36 -38.98 3.38
CA THR B 238 12.26 -39.74 2.14
C THR B 238 13.00 -41.05 2.30
N ILE B 239 12.35 -42.15 1.94
CA ILE B 239 12.94 -43.48 2.02
C ILE B 239 12.99 -44.06 0.61
N GLY B 240 14.15 -44.60 0.23
CA GLY B 240 14.37 -45.17 -1.08
C GLY B 240 14.52 -46.68 -1.00
N VAL B 241 13.92 -47.38 -1.97
CA VAL B 241 14.00 -48.83 -2.05
C VAL B 241 14.49 -49.20 -3.44
N ALA B 242 15.63 -49.89 -3.49
CA ALA B 242 16.21 -50.34 -4.75
C ALA B 242 16.80 -51.73 -4.55
N THR B 243 16.91 -52.47 -5.65
CA THR B 243 17.47 -53.82 -5.59
C THR B 243 18.97 -53.76 -5.31
N TRP B 244 19.43 -54.69 -4.47
CA TRP B 244 20.84 -54.73 -4.08
C TRP B 244 21.75 -55.19 -5.22
N GLY B 245 21.21 -55.91 -6.20
CA GLY B 245 22.05 -56.41 -7.28
C GLY B 245 22.62 -55.30 -8.15
N THR B 246 21.82 -54.30 -8.46
CA THR B 246 22.22 -53.24 -9.40
C THR B 246 22.76 -52.03 -8.66
N VAL B 247 23.92 -52.20 -8.02
CA VAL B 247 24.63 -51.13 -7.35
C VAL B 247 26.05 -51.08 -7.91
N HIS B 248 26.51 -49.88 -8.25
CA HIS B 248 27.82 -49.73 -8.88
C HIS B 248 28.95 -50.08 -7.93
N ARG B 249 29.03 -49.39 -6.80
CA ARG B 249 30.15 -49.49 -5.88
C ARG B 249 29.73 -50.07 -4.53
N ARG B 250 28.91 -51.13 -4.56
CA ARG B 250 28.51 -51.81 -3.33
C ARG B 250 29.64 -52.61 -2.69
N GLU B 251 30.76 -52.79 -3.41
CA GLU B 251 31.88 -53.54 -2.85
C GLU B 251 32.47 -52.88 -1.61
N GLY B 252 32.43 -51.55 -1.54
CA GLY B 252 32.88 -50.86 -0.34
C GLY B 252 31.85 -50.79 0.76
N LEU B 253 30.57 -51.03 0.44
CA LEU B 253 29.52 -50.98 1.44
C LEU B 253 29.50 -52.21 2.34
N ILE B 254 29.95 -53.36 1.83
CA ILE B 254 29.92 -54.59 2.60
C ILE B 254 30.99 -54.49 3.69
N HIS B 255 30.58 -54.70 4.94
CA HIS B 255 31.47 -54.69 6.08
C HIS B 255 31.08 -55.80 7.05
N PRO B 256 32.01 -56.69 7.42
CA PRO B 256 31.62 -57.78 8.34
C PRO B 256 31.11 -57.28 9.68
N THR B 257 31.64 -56.18 10.20
CA THR B 257 31.22 -55.65 11.48
C THR B 257 30.24 -54.49 11.28
N GLY B 258 29.78 -53.92 12.39
CA GLY B 258 28.88 -52.79 12.33
C GLY B 258 29.56 -51.54 11.81
N SER B 259 29.21 -51.14 10.58
CA SER B 259 29.85 -50.00 9.92
C SER B 259 28.97 -48.77 10.08
N PHE B 260 28.94 -48.23 11.31
CA PHE B 260 28.23 -46.98 11.53
C PHE B 260 28.96 -45.86 10.79
N PRO B 261 30.31 -45.74 10.89
CA PRO B 261 31.02 -44.91 9.92
C PRO B 261 31.16 -45.60 8.57
N ALA B 262 30.96 -44.86 7.49
CA ALA B 262 31.19 -45.39 6.15
C ALA B 262 31.23 -44.23 5.16
N GLU B 263 31.86 -44.49 4.01
CA GLU B 263 31.97 -43.50 2.95
C GLU B 263 31.67 -44.17 1.62
N TYR B 264 30.74 -43.57 0.87
CA TYR B 264 30.38 -44.02 -0.46
C TYR B 264 30.55 -42.86 -1.44
N ILE B 265 31.38 -43.05 -2.46
CA ILE B 265 31.62 -42.03 -3.47
C ILE B 265 30.90 -42.45 -4.75
N LEU B 266 30.09 -41.53 -5.29
CA LEU B 266 29.36 -41.81 -6.50
C LEU B 266 30.14 -41.34 -7.73
N ASP B 267 29.98 -42.08 -8.82
CA ASP B 267 30.66 -41.78 -10.08
C ASP B 267 29.70 -42.13 -11.22
N GLU B 268 29.40 -41.14 -12.06
CA GLU B 268 28.49 -41.34 -13.18
C GLU B 268 29.19 -41.77 -14.46
N ASP B 269 30.47 -42.17 -14.36
CA ASP B 269 31.23 -42.58 -15.54
C ASP B 269 31.15 -44.09 -15.76
N GLY B 270 31.48 -44.87 -14.74
CA GLY B 270 31.47 -46.31 -14.86
C GLY B 270 30.10 -46.95 -14.66
N GLN B 271 29.09 -46.43 -15.36
CA GLN B 271 27.72 -46.93 -15.26
C GLN B 271 27.47 -47.87 -16.42
N GLY B 272 27.55 -49.17 -16.14
CA GLY B 272 27.25 -50.17 -17.15
C GLY B 272 25.78 -50.56 -17.10
N ASN B 273 25.50 -51.84 -16.83
CA ASN B 273 24.13 -52.25 -16.58
C ASN B 273 23.69 -51.80 -15.19
N LEU B 274 24.64 -51.39 -14.36
CA LEU B 274 24.35 -50.97 -12.99
C LEU B 274 23.87 -49.51 -12.98
N THR B 275 23.67 -48.99 -11.77
CA THR B 275 23.28 -47.60 -11.59
C THR B 275 23.73 -47.13 -10.22
N CYS B 276 23.83 -45.82 -10.06
CA CYS B 276 24.23 -45.19 -8.81
C CYS B 276 23.01 -44.95 -7.93
N LEU B 277 23.28 -44.63 -6.66
CA LEU B 277 22.24 -44.27 -5.73
C LEU B 277 22.04 -42.76 -5.70
N ASP B 278 20.93 -42.33 -5.13
CA ASP B 278 20.65 -40.91 -4.98
C ASP B 278 21.31 -40.38 -3.71
N SER B 279 21.68 -39.10 -3.75
CA SER B 279 22.35 -38.45 -2.64
C SER B 279 21.41 -37.59 -1.79
N ASN B 280 20.10 -37.75 -1.99
CA ASN B 280 19.12 -36.93 -1.29
C ASN B 280 18.14 -37.72 -0.42
N HIS B 281 17.98 -39.02 -0.67
CA HIS B 281 17.08 -39.82 0.15
C HIS B 281 17.65 -39.99 1.56
N SER B 282 16.78 -39.87 2.56
CA SER B 282 17.21 -39.98 3.95
C SER B 282 17.41 -41.40 4.42
N HIS B 283 16.66 -42.36 3.88
CA HIS B 283 16.78 -43.76 4.24
C HIS B 283 16.81 -44.61 2.98
N PHE B 284 17.56 -45.72 3.06
CA PHE B 284 17.74 -46.62 1.92
C PHE B 284 17.44 -48.05 2.35
N ILE B 285 16.77 -48.79 1.47
CA ILE B 285 16.52 -50.21 1.65
C ILE B 285 16.98 -50.94 0.40
N LEU B 286 17.87 -51.91 0.57
CA LEU B 286 18.47 -52.64 -0.54
C LEU B 286 18.00 -54.10 -0.47
N VAL B 287 17.11 -54.47 -1.38
CA VAL B 287 16.62 -55.85 -1.45
C VAL B 287 17.49 -56.65 -2.40
N ASP B 288 17.90 -57.84 -1.97
CA ASP B 288 18.72 -58.73 -2.79
C ASP B 288 17.95 -60.01 -3.11
N ASP B 289 18.25 -60.57 -4.27
CA ASP B 289 17.60 -61.79 -4.74
C ASP B 289 18.55 -62.82 -5.31
N GLY B 290 19.86 -62.61 -5.24
CA GLY B 290 20.83 -63.52 -5.79
C GLY B 290 21.27 -63.17 -7.20
N THR B 291 20.41 -62.53 -7.98
CA THR B 291 20.77 -62.12 -9.33
C THR B 291 21.65 -60.86 -9.30
N HIS B 292 22.18 -60.50 -10.46
CA HIS B 292 23.07 -59.36 -10.59
C HIS B 292 22.45 -58.23 -11.41
N GLY B 293 22.00 -58.52 -12.62
CA GLY B 293 21.44 -57.50 -13.49
C GLY B 293 19.93 -57.52 -13.58
N GLN B 294 19.27 -58.19 -12.64
CA GLN B 294 17.83 -58.30 -12.66
C GLN B 294 17.18 -56.96 -12.35
N TYR B 295 16.12 -56.64 -13.09
CA TYR B 295 15.37 -55.39 -12.93
C TYR B 295 13.94 -55.74 -12.52
N GLY B 296 13.53 -55.27 -11.34
CA GLY B 296 12.18 -55.49 -10.89
C GLY B 296 12.08 -56.41 -9.68
N VAL B 297 13.16 -56.52 -8.92
CA VAL B 297 13.19 -57.40 -7.76
C VAL B 297 12.79 -56.62 -6.52
N GLU B 298 12.35 -55.37 -6.71
CA GLU B 298 11.96 -54.51 -5.60
C GLU B 298 10.49 -54.14 -5.61
N ILE B 299 9.80 -54.30 -6.73
CA ILE B 299 8.39 -53.93 -6.84
C ILE B 299 7.51 -54.76 -5.89
N PRO B 300 7.60 -56.10 -5.88
CA PRO B 300 6.73 -56.85 -4.97
C PRO B 300 7.00 -56.57 -3.50
N LEU B 301 8.27 -56.43 -3.11
CA LEU B 301 8.58 -56.14 -1.71
C LEU B 301 8.04 -54.78 -1.30
N ARG B 302 8.23 -53.77 -2.15
CA ARG B 302 7.69 -52.44 -1.84
C ARG B 302 6.18 -52.46 -1.75
N THR B 303 5.51 -53.16 -2.68
CA THR B 303 4.06 -53.22 -2.66
C THR B 303 3.56 -53.93 -1.40
N ARG B 304 4.22 -55.01 -1.01
CA ARG B 304 3.80 -55.74 0.20
C ARG B 304 4.05 -54.92 1.46
N LEU B 305 5.20 -54.23 1.55
CA LEU B 305 5.51 -53.47 2.75
C LEU B 305 4.63 -52.24 2.87
N GLU B 306 4.25 -51.63 1.74
CA GLU B 306 3.44 -50.43 1.77
C GLU B 306 2.06 -50.70 2.36
N LYS B 307 1.43 -51.79 1.96
CA LYS B 307 0.12 -52.15 2.50
C LYS B 307 0.20 -52.43 4.00
N PHE B 308 1.24 -53.16 4.42
CA PHE B 308 1.41 -53.43 5.84
C PHE B 308 1.60 -52.16 6.65
N ILE B 309 2.39 -51.22 6.13
CA ILE B 309 2.59 -49.95 6.83
C ILE B 309 1.28 -49.18 6.91
N SER B 310 0.52 -49.15 5.81
CA SER B 310 -0.67 -48.31 5.76
C SER B 310 -1.82 -48.87 6.58
N GLU B 311 -1.99 -50.19 6.60
CA GLU B 311 -3.24 -50.79 7.08
C GLU B 311 -3.04 -51.80 8.21
N GLN B 312 -1.89 -51.79 8.89
CA GLN B 312 -1.66 -52.74 9.97
C GLN B 312 -0.99 -52.16 11.21
N THR B 313 -0.97 -50.84 11.38
CA THR B 313 -0.35 -50.24 12.56
C THR B 313 -1.29 -49.44 13.44
N LYS B 314 -1.98 -48.45 12.90
CA LYS B 314 -2.69 -47.47 13.71
C LYS B 314 -4.03 -48.05 14.15
N GLU B 315 -4.18 -48.26 15.46
CA GLU B 315 -5.44 -48.70 16.06
C GLU B 315 -5.61 -47.92 17.35
N ARG B 316 -6.27 -46.76 17.26
CA ARG B 316 -6.46 -45.87 18.40
C ARG B 316 -7.97 -45.75 18.66
N GLY B 317 -8.42 -46.42 19.71
CA GLY B 317 -9.83 -46.37 20.09
C GLY B 317 -10.75 -47.00 19.07
N GLY B 318 -10.61 -48.31 18.86
CA GLY B 318 -11.43 -49.02 17.91
C GLY B 318 -10.70 -50.24 17.40
N VAL B 319 -11.19 -50.76 16.28
CA VAL B 319 -10.60 -51.96 15.68
C VAL B 319 -9.27 -51.61 15.03
N ALA B 320 -9.29 -50.72 14.04
CA ALA B 320 -8.08 -50.31 13.35
C ALA B 320 -8.33 -48.98 12.68
N ILE B 321 -7.23 -48.29 12.35
CA ILE B 321 -7.28 -47.03 11.61
C ILE B 321 -6.27 -47.11 10.48
N LYS B 322 -6.77 -47.06 9.24
CA LYS B 322 -5.94 -47.23 8.05
C LYS B 322 -5.42 -45.88 7.58
N ILE B 323 -4.10 -45.75 7.50
CA ILE B 323 -3.46 -44.52 7.04
C ILE B 323 -3.71 -44.36 5.55
N PRO B 324 -3.91 -43.14 5.06
CA PRO B 324 -4.11 -42.95 3.62
C PRO B 324 -2.86 -43.30 2.83
N ILE B 325 -3.07 -43.77 1.60
CA ILE B 325 -2.00 -44.28 0.77
C ILE B 325 -2.22 -43.82 -0.68
N VAL B 326 -1.16 -43.33 -1.31
CA VAL B 326 -1.24 -42.78 -2.66
C VAL B 326 -0.13 -43.38 -3.52
N CYS B 327 -0.50 -43.84 -4.71
CA CYS B 327 0.46 -44.18 -5.75
C CYS B 327 0.24 -43.28 -6.96
N VAL B 328 1.30 -42.63 -7.41
CA VAL B 328 1.22 -41.66 -8.48
C VAL B 328 2.34 -41.92 -9.49
N VAL B 329 2.04 -41.70 -10.77
CA VAL B 329 2.99 -41.92 -11.85
C VAL B 329 3.06 -40.67 -12.71
N LEU B 330 4.20 -40.50 -13.39
CA LEU B 330 4.39 -39.43 -14.35
C LEU B 330 4.63 -39.97 -15.75
N GLU B 331 5.61 -40.85 -15.92
CA GLU B 331 5.90 -41.48 -17.20
C GLU B 331 6.86 -42.64 -16.94
N GLY B 332 6.58 -43.79 -17.55
CA GLY B 332 7.38 -44.96 -17.32
C GLY B 332 7.40 -45.89 -18.50
N GLY B 333 7.54 -47.18 -18.20
CA GLY B 333 7.61 -48.20 -19.21
C GLY B 333 7.16 -49.56 -18.70
N PRO B 334 7.91 -50.62 -19.07
CA PRO B 334 7.52 -51.96 -18.66
C PRO B 334 7.46 -52.18 -17.16
N GLY B 335 8.34 -51.54 -16.39
CA GLY B 335 8.30 -51.69 -14.94
C GLY B 335 7.15 -50.92 -14.32
N THR B 336 6.79 -49.77 -14.90
CA THR B 336 5.70 -48.97 -14.37
C THR B 336 4.35 -49.70 -14.46
N LEU B 337 4.10 -50.37 -15.59
CA LEU B 337 2.86 -51.13 -15.72
C LEU B 337 2.78 -52.24 -14.68
N HIS B 338 3.89 -52.97 -14.48
CA HIS B 338 3.91 -54.01 -13.47
C HIS B 338 3.71 -53.44 -12.07
N THR B 339 4.34 -52.31 -11.77
CA THR B 339 4.18 -51.69 -10.46
C THR B 339 2.72 -51.28 -10.22
N ILE B 340 2.10 -50.65 -11.22
CA ILE B 340 0.71 -50.23 -11.07
C ILE B 340 -0.20 -51.44 -10.92
N ASP B 341 0.01 -52.48 -11.72
CA ASP B 341 -0.82 -53.67 -11.64
C ASP B 341 -0.69 -54.35 -10.27
N ASN B 342 0.53 -54.44 -9.74
CA ASN B 342 0.73 -55.04 -8.43
C ASN B 342 0.15 -54.19 -7.31
N ALA B 343 0.24 -52.85 -7.43
CA ALA B 343 -0.25 -51.98 -6.38
C ALA B 343 -1.78 -51.91 -6.36
N THR B 344 -2.41 -51.98 -7.53
CA THR B 344 -3.86 -51.86 -7.60
C THR B 344 -4.57 -53.04 -6.94
N THR B 345 -4.02 -54.24 -7.03
CA THR B 345 -4.63 -55.41 -6.41
C THR B 345 -4.60 -55.35 -4.89
N ASN B 346 -3.79 -54.47 -4.30
CA ASN B 346 -3.69 -54.34 -2.85
C ASN B 346 -4.61 -53.27 -2.29
N GLY B 347 -5.47 -52.68 -3.11
CA GLY B 347 -6.39 -51.65 -2.66
C GLY B 347 -5.82 -50.25 -2.59
N THR B 348 -4.61 -50.03 -3.09
CA THR B 348 -4.01 -48.71 -3.07
C THR B 348 -4.48 -47.91 -4.28
N PRO B 349 -5.15 -46.77 -4.08
CA PRO B 349 -5.58 -45.96 -5.21
C PRO B 349 -4.39 -45.40 -5.99
N CYS B 350 -4.59 -45.25 -7.30
CA CYS B 350 -3.56 -44.75 -8.19
C CYS B 350 -4.11 -43.59 -8.99
N VAL B 351 -3.37 -42.49 -9.03
CA VAL B 351 -3.73 -41.30 -9.79
C VAL B 351 -2.70 -41.10 -10.89
N VAL B 352 -3.18 -40.87 -12.10
CA VAL B 352 -2.32 -40.65 -13.26
C VAL B 352 -2.49 -39.22 -13.74
N VAL B 353 -1.42 -38.67 -14.31
CA VAL B 353 -1.41 -37.31 -14.84
C VAL B 353 -1.39 -37.37 -16.36
N GLU B 354 -2.31 -36.65 -16.99
CA GLU B 354 -2.43 -36.68 -18.43
C GLU B 354 -1.52 -35.63 -19.07
N GLY B 355 -1.15 -35.89 -20.32
CA GLY B 355 -0.24 -35.01 -21.03
C GLY B 355 1.13 -34.93 -20.42
N SER B 356 1.61 -36.03 -19.83
CA SER B 356 2.91 -36.05 -19.16
C SER B 356 3.93 -36.89 -19.91
N GLY B 357 3.58 -38.12 -20.26
CA GLY B 357 4.51 -39.01 -20.92
C GLY B 357 3.80 -39.97 -21.84
N ARG B 358 4.40 -41.14 -22.05
CA ARG B 358 3.83 -42.15 -22.93
C ARG B 358 2.86 -43.06 -22.20
N VAL B 359 3.33 -43.70 -21.12
CA VAL B 359 2.47 -44.60 -20.36
C VAL B 359 1.30 -43.85 -19.73
N ALA B 360 1.56 -42.66 -19.17
CA ALA B 360 0.49 -41.88 -18.58
C ALA B 360 -0.56 -41.51 -19.63
N ASP B 361 -0.12 -41.11 -20.82
CA ASP B 361 -1.06 -40.73 -21.86
C ASP B 361 -1.88 -41.93 -22.33
N VAL B 362 -1.23 -43.08 -22.55
CA VAL B 362 -1.98 -44.24 -23.01
C VAL B 362 -2.94 -44.76 -21.93
N ILE B 363 -2.58 -44.62 -20.65
CA ILE B 363 -3.49 -45.00 -19.58
C ILE B 363 -4.68 -44.04 -19.51
N ALA B 364 -4.42 -42.73 -19.60
CA ALA B 364 -5.50 -41.76 -19.52
C ALA B 364 -6.42 -41.80 -20.74
N GLN B 365 -5.91 -42.26 -21.89
CA GLN B 365 -6.75 -42.31 -23.08
C GLN B 365 -7.87 -43.36 -22.95
N VAL B 366 -7.66 -44.38 -22.12
CA VAL B 366 -8.61 -45.47 -22.00
C VAL B 366 -9.24 -45.37 -20.60
N ALA B 367 -9.27 -44.16 -20.06
CA ALA B 367 -9.80 -43.96 -18.71
C ALA B 367 -11.30 -44.26 -18.66
N ASN B 368 -12.06 -43.65 -19.57
CA ASN B 368 -13.51 -43.79 -19.58
C ASN B 368 -14.00 -44.86 -20.55
N LEU B 369 -13.10 -45.50 -21.29
CA LEU B 369 -13.52 -46.51 -22.25
C LEU B 369 -14.04 -47.75 -21.54
N PRO B 370 -15.08 -48.38 -22.07
CA PRO B 370 -15.55 -49.64 -21.50
C PRO B 370 -14.48 -50.71 -21.57
N VAL B 371 -14.51 -51.61 -20.58
CA VAL B 371 -13.48 -52.65 -20.48
C VAL B 371 -13.52 -53.57 -21.70
N SER B 372 -14.70 -53.88 -22.22
CA SER B 372 -14.83 -54.78 -23.35
C SER B 372 -14.47 -54.12 -24.69
N ASP B 373 -14.32 -52.80 -24.72
CA ASP B 373 -14.02 -52.09 -25.95
C ASP B 373 -12.53 -52.08 -26.27
N ILE B 374 -11.68 -52.62 -25.40
CA ILE B 374 -10.24 -52.61 -25.65
C ILE B 374 -9.90 -53.71 -26.64
N THR B 375 -9.17 -53.35 -27.70
CA THR B 375 -8.68 -54.29 -28.69
C THR B 375 -7.16 -54.23 -28.75
N ILE B 376 -6.54 -55.39 -28.94
CA ILE B 376 -5.09 -55.46 -29.00
C ILE B 376 -4.53 -54.63 -30.16
N SER B 377 -5.22 -54.61 -31.30
CA SER B 377 -4.80 -53.75 -32.41
C SER B 377 -4.87 -52.28 -32.01
N LEU B 378 -5.94 -51.88 -31.32
CA LEU B 378 -6.06 -50.50 -30.85
C LEU B 378 -4.98 -50.16 -29.83
N ILE B 379 -4.68 -51.10 -28.92
CA ILE B 379 -3.65 -50.86 -27.91
C ILE B 379 -2.29 -50.67 -28.58
N GLN B 380 -1.97 -51.53 -29.56
CA GLN B 380 -0.71 -51.37 -30.28
C GLN B 380 -0.68 -50.09 -31.10
N GLN B 381 -1.83 -49.70 -31.65
CA GLN B 381 -1.91 -48.46 -32.42
C GLN B 381 -1.59 -47.25 -31.55
N LYS B 382 -2.17 -47.19 -30.35
CA LYS B 382 -1.84 -46.09 -29.45
C LYS B 382 -0.44 -46.23 -28.87
N LEU B 383 0.09 -47.46 -28.77
CA LEU B 383 1.42 -47.65 -28.23
C LEU B 383 2.48 -47.13 -29.18
N SER B 384 2.37 -47.48 -30.46
CA SER B 384 3.42 -47.15 -31.42
C SER B 384 3.55 -45.65 -31.65
N VAL B 385 2.47 -44.88 -31.47
CA VAL B 385 2.54 -43.45 -31.76
C VAL B 385 3.11 -42.66 -30.58
N PHE B 386 2.85 -43.10 -29.35
CA PHE B 386 3.49 -42.45 -28.20
C PHE B 386 4.85 -43.05 -27.89
N PHE B 387 5.13 -44.26 -28.37
CA PHE B 387 6.44 -44.90 -28.23
C PHE B 387 7.25 -44.80 -29.52
N GLN B 388 7.12 -43.71 -30.26
CA GLN B 388 7.73 -43.60 -31.58
C GLN B 388 9.24 -43.75 -31.55
N GLU B 389 9.87 -43.47 -30.40
CA GLU B 389 11.32 -43.66 -30.29
C GLU B 389 11.69 -45.13 -30.44
N MET B 390 10.93 -46.02 -29.80
CA MET B 390 11.17 -47.46 -29.84
C MET B 390 9.93 -48.24 -30.20
N PHE B 391 9.13 -47.73 -31.14
CA PHE B 391 7.91 -48.43 -31.55
C PHE B 391 8.23 -49.75 -32.24
N GLU B 392 9.27 -49.77 -33.08
CA GLU B 392 9.61 -50.98 -33.82
C GLU B 392 10.21 -52.07 -32.94
N THR B 393 10.55 -51.75 -31.70
CA THR B 393 11.17 -52.72 -30.79
C THR B 393 10.15 -53.54 -30.02
N PHE B 394 8.88 -53.50 -30.39
CA PHE B 394 7.83 -54.21 -29.68
C PHE B 394 7.44 -55.47 -30.44
N THR B 395 7.32 -56.57 -29.70
CA THR B 395 6.93 -57.86 -30.25
C THR B 395 5.50 -58.20 -29.81
N GLU B 396 4.94 -59.25 -30.41
CA GLU B 396 3.56 -59.62 -30.14
C GLU B 396 3.33 -59.99 -28.68
N SER B 397 4.28 -60.74 -28.08
CA SER B 397 4.13 -61.10 -26.68
C SER B 397 4.14 -59.87 -25.79
N ARG B 398 5.05 -58.93 -26.03
CA ARG B 398 5.06 -57.69 -25.26
C ARG B 398 3.79 -56.89 -25.47
N ILE B 399 3.28 -56.84 -26.71
CA ILE B 399 2.06 -56.09 -26.99
C ILE B 399 0.89 -56.68 -26.22
N VAL B 400 0.72 -57.99 -26.24
CA VAL B 400 -0.40 -58.60 -25.53
C VAL B 400 -0.22 -58.47 -24.01
N GLU B 401 1.02 -58.58 -23.50
CA GLU B 401 1.25 -58.43 -22.08
C GLU B 401 0.90 -57.03 -21.60
N TRP B 402 1.32 -56.00 -22.34
CA TRP B 402 0.97 -54.63 -21.98
C TRP B 402 -0.52 -54.39 -22.12
N THR B 403 -1.14 -54.95 -23.17
CA THR B 403 -2.58 -54.86 -23.32
C THR B 403 -3.31 -55.41 -22.11
N LYS B 404 -2.85 -56.56 -21.58
CA LYS B 404 -3.56 -57.15 -20.45
C LYS B 404 -3.23 -56.46 -19.13
N LYS B 405 -2.04 -55.90 -19.01
CA LYS B 405 -1.78 -55.09 -17.82
C LYS B 405 -2.71 -53.87 -17.82
N ILE B 406 -2.88 -53.24 -18.98
CA ILE B 406 -3.87 -52.17 -19.10
C ILE B 406 -5.28 -52.67 -18.81
N GLN B 407 -5.64 -53.85 -19.32
CA GLN B 407 -6.98 -54.40 -19.12
C GLN B 407 -7.27 -54.62 -17.64
N ASP B 408 -6.37 -55.34 -16.95
CA ASP B 408 -6.54 -55.61 -15.53
C ASP B 408 -6.51 -54.33 -14.70
N ILE B 409 -5.76 -53.31 -15.14
CA ILE B 409 -5.78 -52.04 -14.43
C ILE B 409 -7.11 -51.33 -14.60
N VAL B 410 -7.64 -51.32 -15.83
CA VAL B 410 -8.88 -50.58 -16.10
C VAL B 410 -10.13 -51.34 -15.70
N ARG B 411 -10.01 -52.62 -15.31
CA ARG B 411 -11.18 -53.31 -14.78
C ARG B 411 -11.70 -52.63 -13.52
N ARG B 412 -10.80 -52.25 -12.62
CA ARG B 412 -11.17 -51.63 -11.35
C ARG B 412 -11.21 -50.12 -11.53
N ARG B 413 -12.42 -49.60 -11.71
CA ARG B 413 -12.63 -48.17 -11.86
C ARG B 413 -12.59 -47.42 -10.54
N GLN B 414 -12.77 -48.11 -9.41
CA GLN B 414 -12.81 -47.43 -8.12
C GLN B 414 -11.43 -46.98 -7.67
N LEU B 415 -10.38 -47.70 -8.09
CA LEU B 415 -9.03 -47.47 -7.60
C LEU B 415 -8.18 -46.65 -8.57
N LEU B 416 -8.77 -46.03 -9.59
CA LEU B 416 -8.03 -45.28 -10.58
C LEU B 416 -8.67 -43.91 -10.77
N THR B 417 -7.80 -42.89 -10.82
CA THR B 417 -8.22 -41.52 -11.10
C THR B 417 -7.20 -40.89 -12.05
N VAL B 418 -7.64 -39.85 -12.76
CA VAL B 418 -6.80 -39.17 -13.74
C VAL B 418 -6.74 -37.69 -13.42
N PHE B 419 -5.53 -37.12 -13.57
CA PHE B 419 -5.38 -35.68 -13.35
C PHE B 419 -5.93 -34.88 -14.52
N ARG B 420 -6.10 -35.52 -15.68
CA ARG B 420 -6.94 -35.03 -16.77
C ARG B 420 -6.32 -33.86 -17.54
N GLU B 421 -5.04 -33.56 -17.32
CA GLU B 421 -4.36 -32.53 -18.11
C GLU B 421 -5.10 -31.20 -17.97
N GLY B 422 -4.91 -30.58 -16.81
CA GLY B 422 -5.99 -29.94 -16.07
C GLY B 422 -6.60 -28.67 -16.59
N LYS B 423 -6.62 -27.62 -15.75
CA LYS B 423 -7.80 -26.88 -15.30
C LYS B 423 -8.22 -27.50 -13.98
N ASP B 424 -7.46 -28.51 -13.56
CA ASP B 424 -7.39 -28.90 -12.15
C ASP B 424 -6.13 -28.40 -11.47
N GLY B 425 -5.08 -28.08 -12.22
CA GLY B 425 -3.86 -27.58 -11.63
C GLY B 425 -4.00 -26.21 -11.00
N GLN B 426 -4.79 -25.32 -11.61
CA GLN B 426 -5.03 -24.01 -11.02
C GLN B 426 -5.69 -24.09 -9.66
N GLN B 427 -6.57 -25.06 -9.44
CA GLN B 427 -7.06 -25.32 -8.09
C GLN B 427 -5.87 -25.68 -7.21
N ASP B 428 -5.29 -26.84 -7.49
CA ASP B 428 -3.98 -27.28 -6.99
C ASP B 428 -3.77 -28.68 -7.53
N VAL B 429 -2.53 -29.17 -7.39
CA VAL B 429 -2.29 -30.61 -7.42
C VAL B 429 -2.32 -31.18 -6.02
N ASP B 430 -2.09 -30.36 -5.00
CA ASP B 430 -2.30 -30.79 -3.63
C ASP B 430 -3.72 -31.29 -3.43
N VAL B 431 -4.70 -30.48 -3.86
CA VAL B 431 -6.08 -30.91 -3.70
C VAL B 431 -6.31 -32.21 -4.46
N ALA B 432 -5.97 -32.28 -5.75
CA ALA B 432 -6.35 -33.44 -6.54
C ALA B 432 -5.80 -34.72 -5.94
N ILE B 433 -4.52 -34.73 -5.58
CA ILE B 433 -3.93 -35.89 -4.92
C ILE B 433 -4.55 -36.14 -3.55
N LEU B 434 -5.17 -35.13 -2.93
CA LEU B 434 -5.76 -35.32 -1.61
C LEU B 434 -7.22 -35.76 -1.62
N GLN B 435 -8.08 -35.28 -2.53
CA GLN B 435 -9.40 -35.89 -2.60
C GLN B 435 -9.41 -37.09 -3.52
N ALA B 436 -8.26 -37.47 -4.10
CA ALA B 436 -8.20 -38.83 -4.62
C ALA B 436 -8.39 -39.84 -3.50
N LEU B 437 -7.71 -39.62 -2.37
CA LEU B 437 -7.88 -40.44 -1.18
C LEU B 437 -9.33 -40.39 -0.68
N LEU B 438 -9.90 -39.19 -0.63
CA LEU B 438 -11.23 -39.06 -0.04
C LEU B 438 -12.31 -39.56 -1.00
N LYS B 439 -12.02 -39.62 -2.31
CA LYS B 439 -12.90 -40.29 -3.25
C LYS B 439 -12.82 -41.80 -3.06
N ALA B 440 -11.62 -42.34 -2.89
CA ALA B 440 -11.50 -43.74 -2.52
C ALA B 440 -12.23 -44.02 -1.20
N SER B 441 -12.34 -43.01 -0.35
CA SER B 441 -13.05 -43.15 0.92
C SER B 441 -14.57 -43.11 0.76
N ARG B 442 -15.11 -42.19 -0.05
CA ARG B 442 -16.54 -42.30 -0.37
C ARG B 442 -16.87 -43.62 -1.05
N SER B 443 -15.96 -44.12 -1.89
CA SER B 443 -16.25 -45.34 -2.63
C SER B 443 -16.50 -46.54 -1.73
N GLN B 444 -15.91 -46.57 -0.54
CA GLN B 444 -16.02 -47.71 0.38
C GLN B 444 -16.41 -47.20 1.76
N ASP B 445 -17.70 -47.27 2.07
CA ASP B 445 -18.23 -47.05 3.41
C ASP B 445 -19.30 -48.08 3.71
N HIS B 446 -19.53 -48.33 5.00
CA HIS B 446 -20.40 -49.41 5.42
C HIS B 446 -21.40 -48.95 6.46
N PHE B 447 -22.68 -49.20 6.20
CA PHE B 447 -23.74 -49.22 7.21
C PHE B 447 -23.90 -47.85 7.89
N GLY B 448 -24.32 -46.88 7.07
CA GLY B 448 -24.77 -45.61 7.58
C GLY B 448 -23.90 -44.46 7.08
N HIS B 449 -23.83 -43.41 7.91
CA HIS B 449 -23.11 -42.18 7.59
C HIS B 449 -21.70 -42.18 8.16
N GLU B 450 -21.07 -43.35 8.26
CA GLU B 450 -19.69 -43.42 8.72
C GLU B 450 -18.73 -42.78 7.75
N ASN B 451 -19.15 -42.56 6.50
CA ASN B 451 -18.28 -41.91 5.52
C ASN B 451 -17.96 -40.48 5.96
N TRP B 452 -18.98 -39.70 6.27
CA TRP B 452 -18.77 -38.32 6.69
C TRP B 452 -18.14 -38.21 8.07
N ASP B 453 -18.02 -39.32 8.79
CA ASP B 453 -17.20 -39.38 10.00
C ASP B 453 -15.76 -39.75 9.72
N HIS B 454 -15.53 -40.71 8.83
CA HIS B 454 -14.16 -41.10 8.48
C HIS B 454 -13.43 -39.98 7.73
N GLN B 455 -14.14 -39.27 6.84
CA GLN B 455 -13.52 -38.14 6.16
C GLN B 455 -13.07 -37.07 7.14
N LEU B 456 -13.89 -36.78 8.16
CA LEU B 456 -13.51 -35.78 9.14
C LEU B 456 -12.38 -36.30 10.05
N LYS B 457 -12.39 -37.60 10.36
CA LYS B 457 -11.27 -38.17 11.10
C LYS B 457 -9.96 -38.00 10.33
N LEU B 458 -10.00 -38.22 9.02
CA LEU B 458 -8.80 -37.99 8.20
C LEU B 458 -8.45 -36.50 8.14
N ALA B 459 -9.45 -35.64 7.94
CA ALA B 459 -9.22 -34.21 7.81
C ALA B 459 -8.65 -33.60 9.07
N VAL B 460 -8.91 -34.20 10.24
CA VAL B 460 -8.26 -33.76 11.46
C VAL B 460 -6.75 -33.88 11.33
N ALA B 461 -6.28 -35.01 10.80
CA ALA B 461 -4.85 -35.26 10.67
C ALA B 461 -4.22 -34.54 9.49
N TRP B 462 -5.00 -34.00 8.55
CA TRP B 462 -4.41 -33.36 7.39
C TRP B 462 -3.82 -32.00 7.71
N ASN B 463 -4.33 -31.33 8.76
CA ASN B 463 -3.91 -29.98 9.09
C ASN B 463 -4.18 -29.03 7.93
N ARG B 464 -5.24 -29.32 7.18
CA ARG B 464 -5.63 -28.52 6.02
C ARG B 464 -7.11 -28.21 6.17
N VAL B 465 -7.44 -26.92 6.34
CA VAL B 465 -8.82 -26.55 6.62
C VAL B 465 -9.65 -26.50 5.34
N ASP B 466 -9.08 -25.98 4.25
CA ASP B 466 -9.89 -25.77 3.05
C ASP B 466 -10.33 -27.09 2.44
N ILE B 467 -9.53 -28.16 2.60
CA ILE B 467 -10.00 -29.46 2.14
C ILE B 467 -11.09 -30.00 3.07
N ALA B 468 -11.01 -29.70 4.36
CA ALA B 468 -12.05 -30.15 5.28
C ALA B 468 -13.35 -29.39 5.04
N ARG B 469 -13.25 -28.24 4.36
CA ARG B 469 -14.42 -27.41 4.11
C ARG B 469 -15.01 -27.65 2.72
N SER B 470 -14.16 -27.97 1.73
CA SER B 470 -14.52 -27.81 0.33
C SER B 470 -15.40 -28.93 -0.22
N GLU B 471 -15.35 -30.14 0.33
CA GLU B 471 -16.20 -31.23 -0.16
C GLU B 471 -17.06 -31.84 0.94
N ILE B 472 -16.49 -32.05 2.13
CA ILE B 472 -17.18 -32.79 3.17
C ILE B 472 -17.93 -31.85 4.09
N PHE B 473 -18.11 -30.60 3.64
CA PHE B 473 -18.97 -29.66 4.34
C PHE B 473 -19.82 -28.87 3.34
N MET B 474 -19.70 -29.18 2.05
CA MET B 474 -20.53 -28.57 1.02
C MET B 474 -21.69 -29.46 0.58
N ASP B 475 -21.61 -30.77 0.80
CA ASP B 475 -22.69 -31.68 0.45
C ASP B 475 -23.76 -31.68 1.53
N GLU B 476 -24.71 -32.62 1.44
CA GLU B 476 -25.79 -32.73 2.42
C GLU B 476 -25.23 -33.39 3.67
N TRP B 477 -24.78 -32.58 4.62
CA TRP B 477 -24.21 -33.08 5.86
C TRP B 477 -25.32 -33.40 6.85
N GLN B 478 -25.43 -34.66 7.24
CA GLN B 478 -26.39 -35.06 8.27
C GLN B 478 -25.94 -34.48 9.60
N TRP B 479 -26.74 -33.57 10.16
CA TRP B 479 -26.26 -32.74 11.26
C TRP B 479 -25.91 -33.57 12.49
N LYS B 480 -26.94 -34.07 13.18
CA LYS B 480 -26.90 -34.91 14.38
C LYS B 480 -25.64 -34.58 15.20
N PRO B 481 -25.55 -33.35 15.72
CA PRO B 481 -24.24 -32.77 16.09
C PRO B 481 -23.40 -33.57 17.06
N SER B 482 -23.92 -34.69 17.57
CA SER B 482 -23.13 -35.55 18.44
C SER B 482 -22.01 -36.26 17.70
N ASP B 483 -22.00 -36.21 16.37
CA ASP B 483 -20.92 -36.83 15.59
C ASP B 483 -19.59 -36.16 15.86
N LEU B 484 -19.58 -34.84 15.98
CA LEU B 484 -18.34 -34.08 16.03
C LEU B 484 -17.69 -34.07 17.40
N HIS B 485 -18.35 -34.58 18.44
CA HIS B 485 -17.75 -34.60 19.77
C HIS B 485 -16.48 -35.43 19.80
N PRO B 486 -16.45 -36.66 19.26
CA PRO B 486 -15.17 -37.37 19.13
C PRO B 486 -14.17 -36.66 18.24
N THR B 487 -14.63 -35.84 17.30
CA THR B 487 -13.75 -35.04 16.46
C THR B 487 -13.40 -33.69 17.09
N MET B 488 -14.37 -33.06 17.77
CA MET B 488 -14.07 -31.86 18.54
C MET B 488 -13.02 -32.12 19.61
N THR B 489 -13.09 -33.27 20.27
CA THR B 489 -12.07 -33.61 21.26
C THR B 489 -10.69 -33.72 20.64
N ALA B 490 -10.57 -34.39 19.49
CA ALA B 490 -9.28 -34.50 18.82
C ALA B 490 -8.76 -33.14 18.39
N ALA B 491 -9.64 -32.30 17.84
CA ALA B 491 -9.23 -30.95 17.44
C ALA B 491 -8.77 -30.11 18.63
N LEU B 492 -9.47 -30.20 19.76
CA LEU B 492 -9.06 -29.47 20.96
C LEU B 492 -7.73 -29.98 21.49
N ILE B 493 -7.53 -31.30 21.51
CA ILE B 493 -6.31 -31.86 22.07
C ILE B 493 -5.10 -31.51 21.20
N SER B 494 -5.23 -31.67 19.88
CA SER B 494 -4.06 -31.47 19.01
C SER B 494 -3.66 -30.01 18.94
N ASN B 495 -4.62 -29.10 18.76
CA ASN B 495 -4.38 -27.65 18.82
C ASN B 495 -3.33 -27.22 17.79
N LYS B 496 -3.68 -27.28 16.50
CA LYS B 496 -5.03 -27.32 15.88
C LYS B 496 -6.13 -26.48 16.55
N PRO B 497 -5.95 -25.16 16.60
CA PRO B 497 -7.01 -24.29 17.14
C PRO B 497 -7.99 -23.84 16.08
N GLU B 498 -7.59 -23.97 14.81
CA GLU B 498 -8.38 -23.43 13.71
C GLU B 498 -9.64 -24.26 13.44
N PHE B 499 -9.55 -25.59 13.54
CA PHE B 499 -10.73 -26.42 13.34
C PHE B 499 -11.82 -26.13 14.37
N VAL B 500 -11.46 -25.56 15.51
CA VAL B 500 -12.45 -25.23 16.53
C VAL B 500 -13.47 -24.26 15.96
N LYS B 501 -13.01 -23.17 15.35
CA LYS B 501 -13.94 -22.21 14.76
C LYS B 501 -14.81 -22.86 13.70
N LEU B 502 -14.17 -23.63 12.80
CA LEU B 502 -14.88 -24.30 11.72
C LEU B 502 -16.02 -25.16 12.25
N PHE B 503 -15.79 -25.87 13.35
CA PHE B 503 -16.87 -26.62 13.96
C PHE B 503 -17.88 -25.72 14.65
N LEU B 504 -17.47 -24.55 15.13
CA LEU B 504 -18.46 -23.61 15.66
C LEU B 504 -19.42 -23.06 14.61
N GLU B 505 -19.00 -22.84 13.35
CA GLU B 505 -20.04 -22.43 12.39
C GLU B 505 -21.05 -23.54 12.13
N ASN B 506 -20.67 -24.81 12.33
CA ASN B 506 -21.55 -25.93 12.02
C ASN B 506 -22.41 -26.34 13.21
N GLY B 507 -22.71 -25.42 14.12
CA GLY B 507 -23.67 -25.69 15.17
C GLY B 507 -23.18 -26.56 16.31
N VAL B 508 -21.87 -26.69 16.51
CA VAL B 508 -21.35 -27.40 17.66
C VAL B 508 -21.37 -26.46 18.85
N GLN B 509 -22.47 -26.49 19.59
CA GLN B 509 -22.63 -25.59 20.74
C GLN B 509 -21.87 -26.17 21.93
N LEU B 510 -21.07 -25.33 22.58
CA LEU B 510 -20.20 -25.81 23.65
C LEU B 510 -20.96 -26.02 24.95
N LYS B 511 -22.16 -25.44 25.07
CA LYS B 511 -22.88 -25.52 26.33
C LYS B 511 -23.28 -26.94 26.70
N GLU B 512 -23.68 -27.77 25.72
CA GLU B 512 -23.98 -29.17 26.00
C GLU B 512 -22.95 -30.13 25.43
N PHE B 513 -21.93 -29.62 24.74
CA PHE B 513 -20.83 -30.48 24.28
C PHE B 513 -19.93 -30.89 25.44
N VAL B 514 -19.66 -29.97 26.37
CA VAL B 514 -18.72 -30.24 27.46
C VAL B 514 -19.40 -31.04 28.55
N THR B 515 -19.19 -32.34 28.55
CA THR B 515 -19.71 -33.19 29.61
C THR B 515 -18.65 -33.42 30.68
N TRP B 516 -19.07 -34.03 31.78
CA TRP B 516 -18.14 -34.34 32.87
C TRP B 516 -17.06 -35.32 32.40
N ASP B 517 -17.47 -36.40 31.73
CA ASP B 517 -16.50 -37.38 31.24
C ASP B 517 -15.63 -36.82 30.13
N THR B 518 -16.17 -35.96 29.27
CA THR B 518 -15.35 -35.36 28.22
C THR B 518 -14.23 -34.52 28.81
N LEU B 519 -14.53 -33.72 29.84
CA LEU B 519 -13.48 -32.92 30.46
C LEU B 519 -12.53 -33.79 31.28
N LEU B 520 -13.04 -34.86 31.89
CA LEU B 520 -12.16 -35.80 32.58
C LEU B 520 -11.16 -36.42 31.61
N TYR B 521 -11.60 -36.81 30.43
CA TYR B 521 -10.72 -37.31 29.38
C TYR B 521 -9.77 -36.22 28.87
N LEU B 522 -10.26 -34.99 28.72
CA LEU B 522 -9.42 -33.89 28.24
C LEU B 522 -8.28 -33.59 29.20
N TYR B 523 -8.55 -33.56 30.50
CA TYR B 523 -7.52 -33.25 31.48
C TYR B 523 -6.48 -34.35 31.63
N GLU B 524 -6.74 -35.54 31.09
CA GLU B 524 -5.76 -36.61 31.08
C GLU B 524 -4.84 -36.55 29.87
N ASN B 525 -5.03 -35.59 28.97
CA ASN B 525 -4.24 -35.44 27.76
C ASN B 525 -3.65 -34.03 27.67
N LEU B 526 -3.11 -33.55 28.78
CA LEU B 526 -2.45 -32.26 28.78
C LEU B 526 -1.13 -32.34 28.02
N ASP B 527 -0.57 -31.18 27.73
CA ASP B 527 0.72 -31.13 27.05
C ASP B 527 1.81 -31.63 27.98
N PRO B 528 2.54 -32.69 27.62
CA PRO B 528 3.54 -33.23 28.56
C PRO B 528 4.63 -32.24 28.92
N SER B 529 5.01 -31.34 28.03
CA SER B 529 6.04 -30.36 28.31
C SER B 529 5.54 -29.13 29.04
N CYS B 530 4.23 -29.02 29.25
CA CYS B 530 3.66 -27.86 29.93
C CYS B 530 3.95 -27.91 31.42
N LEU B 531 3.95 -26.72 32.04
CA LEU B 531 4.18 -26.64 33.48
C LEU B 531 2.99 -27.14 34.28
N PHE B 532 1.78 -26.90 33.78
CA PHE B 532 0.58 -27.35 34.50
C PHE B 532 0.52 -28.87 34.56
N HIS B 533 0.90 -29.56 33.49
CA HIS B 533 0.94 -31.02 33.52
C HIS B 533 1.95 -31.52 34.53
N SER B 534 3.12 -30.89 34.61
CA SER B 534 4.10 -31.25 35.62
C SER B 534 3.58 -31.03 37.03
N LYS B 535 2.84 -29.93 37.24
CA LYS B 535 2.23 -29.70 38.55
C LYS B 535 1.20 -30.77 38.87
N LEU B 536 0.39 -31.16 37.88
CA LEU B 536 -0.60 -32.22 38.07
C LEU B 536 0.03 -33.60 38.11
N GLN B 537 1.27 -33.74 37.66
CA GLN B 537 2.02 -34.98 37.80
C GLN B 537 2.69 -35.09 39.16
N LYS B 538 2.56 -34.06 40.00
CA LYS B 538 3.14 -34.04 41.34
C LYS B 538 2.08 -34.14 42.44
N VAL B 539 0.92 -33.50 42.25
CA VAL B 539 -0.15 -33.63 43.23
C VAL B 539 -0.63 -35.07 43.34
N LEU B 540 -0.66 -35.79 42.21
CA LEU B 540 -0.96 -37.21 42.26
C LEU B 540 0.10 -38.00 43.02
N VAL B 541 1.30 -37.45 43.17
CA VAL B 541 2.37 -38.11 43.92
C VAL B 541 2.50 -37.56 45.34
N GLU B 542 2.25 -36.27 45.56
CA GLU B 542 2.20 -35.77 46.93
C GLU B 542 1.09 -36.44 47.72
N ASP B 543 -0.03 -36.74 47.07
CA ASP B 543 -1.08 -37.55 47.65
C ASP B 543 -1.12 -38.89 46.93
N PRO B 544 -0.20 -39.81 47.24
CA PRO B 544 -0.09 -41.04 46.45
C PRO B 544 -1.13 -42.08 46.81
N GLU B 545 -1.01 -43.26 46.20
CA GLU B 545 -2.04 -44.28 46.32
C GLU B 545 -2.13 -44.87 47.73
N ARG B 546 -0.99 -45.11 48.36
CA ARG B 546 -1.04 -45.79 49.66
C ARG B 546 -1.36 -44.87 50.83
N PRO B 547 -0.60 -43.79 51.09
CA PRO B 547 -0.71 -43.11 52.38
C PRO B 547 -1.79 -42.03 52.48
N ALA B 548 -2.12 -41.37 51.37
CA ALA B 548 -3.02 -40.22 51.42
C ALA B 548 -4.36 -40.52 50.77
N CYS B 549 -4.37 -40.93 49.49
CA CYS B 549 -5.59 -41.39 48.83
C CYS B 549 -5.64 -42.91 49.01
N ALA B 550 -6.01 -43.31 50.23
CA ALA B 550 -5.66 -44.64 50.72
C ALA B 550 -5.99 -45.81 49.79
N PRO B 551 -7.17 -45.90 49.16
CA PRO B 551 -7.40 -47.01 48.21
C PRO B 551 -6.37 -47.02 47.08
N ALA B 552 -6.34 -45.94 46.29
CA ALA B 552 -5.42 -45.78 45.17
C ALA B 552 -5.62 -44.40 44.56
N ALA B 553 -4.60 -43.93 43.86
CA ALA B 553 -4.71 -42.70 43.07
C ALA B 553 -3.62 -42.66 42.00
N PRO B 554 -3.67 -43.57 41.03
CA PRO B 554 -2.84 -43.42 39.82
C PRO B 554 -3.55 -42.78 38.64
N ARG B 555 -4.86 -42.54 38.75
CA ARG B 555 -5.65 -41.91 37.70
C ARG B 555 -5.88 -40.46 38.08
N LEU B 556 -5.69 -39.55 37.11
CA LEU B 556 -5.95 -38.15 37.34
C LEU B 556 -7.46 -37.90 37.27
N GLN B 557 -8.02 -37.33 38.34
CA GLN B 557 -9.45 -37.09 38.41
C GLN B 557 -9.67 -35.68 38.96
N MET B 558 -10.91 -35.20 38.81
CA MET B 558 -11.23 -33.78 38.93
C MET B 558 -10.88 -33.18 40.29
N HIS B 559 -10.84 -33.95 41.36
CA HIS B 559 -10.47 -33.35 42.64
C HIS B 559 -9.00 -32.95 42.65
N HIS B 560 -8.16 -33.70 41.95
CA HIS B 560 -6.75 -33.32 41.85
C HIS B 560 -6.57 -31.98 41.14
N VAL B 561 -7.27 -31.80 40.01
CA VAL B 561 -7.18 -30.53 39.30
C VAL B 561 -7.83 -29.40 40.09
N ALA B 562 -8.89 -29.68 40.85
CA ALA B 562 -9.45 -28.67 41.74
C ALA B 562 -8.44 -28.25 42.79
N GLN B 563 -7.73 -29.22 43.38
CA GLN B 563 -6.73 -28.91 44.39
C GLN B 563 -5.59 -28.10 43.82
N VAL B 564 -5.10 -28.44 42.63
CA VAL B 564 -4.02 -27.66 42.04
C VAL B 564 -4.49 -26.28 41.61
N LEU B 565 -5.75 -26.15 41.17
CA LEU B 565 -6.29 -24.84 40.84
C LEU B 565 -6.44 -23.96 42.08
N ARG B 566 -6.83 -24.55 43.21
CA ARG B 566 -6.87 -23.79 44.46
C ARG B 566 -5.51 -23.28 44.88
N GLU B 567 -4.45 -24.08 44.69
CA GLU B 567 -3.10 -23.57 44.88
C GLU B 567 -2.79 -22.45 43.90
N LEU B 568 -3.21 -22.60 42.65
CA LEU B 568 -3.06 -21.52 41.68
C LEU B 568 -3.87 -20.30 42.09
N LEU B 569 -5.07 -20.50 42.63
CA LEU B 569 -5.85 -19.40 43.17
C LEU B 569 -5.31 -19.04 44.56
N GLY B 570 -5.96 -18.10 45.23
CA GLY B 570 -5.50 -17.60 46.51
C GLY B 570 -6.06 -18.40 47.67
N ASP B 571 -6.38 -17.68 48.76
CA ASP B 571 -6.94 -18.27 49.97
C ASP B 571 -8.46 -18.29 49.95
N PHE B 572 -9.06 -18.40 48.77
CA PHE B 572 -10.50 -18.23 48.60
C PHE B 572 -11.29 -19.47 48.99
N THR B 573 -12.55 -19.51 48.59
CA THR B 573 -13.45 -20.59 48.96
C THR B 573 -13.11 -21.85 48.17
N GLN B 574 -13.98 -22.85 48.30
CA GLN B 574 -13.76 -24.13 47.66
C GLN B 574 -13.75 -23.94 46.13
N PRO B 575 -12.81 -24.59 45.41
CA PRO B 575 -12.75 -24.36 43.96
C PRO B 575 -13.84 -25.07 43.17
N LEU B 576 -13.75 -24.98 41.84
CA LEU B 576 -14.91 -25.22 40.99
C LEU B 576 -15.43 -26.64 41.08
N TYR B 577 -14.62 -27.59 41.54
CA TYR B 577 -15.08 -28.98 41.52
C TYR B 577 -15.29 -29.51 42.93
N PRO B 578 -16.25 -30.43 43.11
CA PRO B 578 -16.64 -30.86 44.47
C PRO B 578 -15.58 -31.67 45.21
N ARG B 579 -15.07 -31.09 46.30
CA ARG B 579 -14.19 -31.74 47.27
C ARG B 579 -14.84 -32.85 48.09
N PRO B 580 -16.03 -32.60 48.71
CA PRO B 580 -16.42 -33.44 49.85
C PRO B 580 -16.83 -34.86 49.51
N ARG B 581 -17.35 -35.57 50.51
CA ARG B 581 -17.65 -36.99 50.39
C ARG B 581 -18.62 -37.30 49.26
N HIS B 582 -19.43 -36.32 48.84
CA HIS B 582 -20.33 -36.55 47.72
C HIS B 582 -19.57 -36.86 46.45
N ASN B 583 -18.49 -36.12 46.18
CA ASN B 583 -17.67 -36.29 44.99
C ASN B 583 -16.18 -36.23 45.34
N ASP B 584 -15.77 -37.00 46.34
CA ASP B 584 -14.35 -37.04 46.70
C ASP B 584 -13.57 -37.81 45.64
N ARG B 585 -13.14 -37.12 44.60
CA ARG B 585 -12.55 -37.75 43.41
C ARG B 585 -11.04 -37.94 43.57
N LEU B 586 -10.67 -38.82 44.49
CA LEU B 586 -9.25 -39.13 44.69
C LEU B 586 -8.98 -40.62 44.69
N ARG B 587 -9.96 -41.41 45.10
CA ARG B 587 -9.73 -42.78 45.57
C ARG B 587 -10.65 -43.77 44.87
N LEU B 588 -10.72 -43.71 43.54
CA LEU B 588 -11.54 -44.64 42.78
C LEU B 588 -10.66 -45.43 41.82
N LEU B 589 -9.99 -46.45 42.35
CA LEU B 589 -9.47 -47.56 41.54
C LEU B 589 -9.69 -48.93 42.17
N LEU B 590 -9.83 -49.01 43.50
CA LEU B 590 -10.14 -50.14 44.36
C LEU B 590 -11.65 -50.24 44.58
N PRO B 591 -12.17 -51.43 44.90
CA PRO B 591 -13.62 -51.56 45.05
C PRO B 591 -14.16 -50.83 46.27
N VAL B 592 -14.23 -49.50 46.19
CA VAL B 592 -14.85 -48.73 47.27
C VAL B 592 -16.36 -48.98 47.26
N PRO B 593 -17.02 -48.96 48.42
CA PRO B 593 -18.45 -49.29 48.44
C PRO B 593 -19.30 -48.26 47.71
N HIS B 594 -20.49 -48.71 47.31
CA HIS B 594 -21.46 -47.90 46.59
C HIS B 594 -22.25 -46.99 47.53
N VAL B 595 -23.40 -46.51 47.07
CA VAL B 595 -24.22 -45.47 47.69
C VAL B 595 -24.29 -45.60 49.21
N LYS B 596 -24.26 -46.84 49.72
CA LYS B 596 -24.29 -47.04 51.16
C LYS B 596 -23.06 -46.49 51.86
N LEU B 597 -21.99 -46.18 51.12
CA LEU B 597 -20.75 -45.70 51.73
C LEU B 597 -20.82 -44.21 52.06
N ASN B 598 -21.01 -43.38 51.03
CA ASN B 598 -21.12 -41.92 51.13
C ASN B 598 -19.96 -41.28 51.89
N VAL B 599 -18.84 -41.99 52.05
CA VAL B 599 -17.64 -41.47 52.68
C VAL B 599 -16.47 -41.72 51.76
N GLN B 600 -15.75 -40.66 51.39
CA GLN B 600 -14.62 -40.71 50.46
C GLN B 600 -14.91 -41.64 49.27
N GLY B 601 -16.11 -41.52 48.74
CA GLY B 601 -16.53 -42.35 47.62
C GLY B 601 -17.69 -41.71 46.89
N VAL B 602 -18.51 -42.55 46.27
CA VAL B 602 -19.68 -42.10 45.51
C VAL B 602 -20.91 -42.21 46.38
N SER B 603 -21.70 -41.13 46.42
CA SER B 603 -22.89 -41.08 47.25
C SER B 603 -24.16 -40.94 46.42
N LEU B 604 -24.26 -39.94 45.55
CA LEU B 604 -25.48 -39.69 44.81
C LEU B 604 -25.46 -40.19 43.38
N ARG B 605 -24.28 -40.36 42.79
CA ARG B 605 -24.18 -40.78 41.40
C ARG B 605 -24.64 -42.23 41.23
N SER B 606 -24.86 -42.62 39.98
CA SER B 606 -25.61 -43.83 39.67
C SER B 606 -24.84 -45.11 39.96
N LEU B 607 -23.71 -45.33 39.29
CA LEU B 607 -22.99 -46.59 39.39
C LEU B 607 -21.50 -46.34 39.60
N TYR B 608 -20.84 -47.34 40.19
CA TYR B 608 -19.39 -47.34 40.36
C TYR B 608 -18.79 -48.31 39.35
N LYS B 609 -18.48 -47.79 38.17
CA LYS B 609 -17.93 -48.56 37.06
C LYS B 609 -16.53 -48.09 36.70
N ARG B 610 -15.69 -47.91 37.71
CA ARG B 610 -14.38 -47.26 37.57
C ARG B 610 -14.56 -45.83 37.06
N SER B 611 -15.68 -45.23 37.42
CA SER B 611 -16.02 -43.86 37.06
C SER B 611 -17.03 -43.35 38.08
N SER B 612 -17.67 -42.22 37.77
CA SER B 612 -18.67 -41.63 38.64
C SER B 612 -20.06 -41.66 38.04
N GLY B 613 -20.21 -41.21 36.80
CA GLY B 613 -21.49 -41.09 36.14
C GLY B 613 -21.58 -39.77 35.42
N HIS B 614 -22.81 -39.30 35.23
CA HIS B 614 -23.05 -38.02 34.55
C HIS B 614 -23.27 -36.94 35.60
N VAL B 615 -22.18 -36.30 36.03
CA VAL B 615 -22.28 -35.05 36.75
C VAL B 615 -22.56 -33.99 35.69
N THR B 616 -23.84 -33.64 35.53
CA THR B 616 -24.37 -33.09 34.29
C THR B 616 -23.49 -32.02 33.64
N PHE B 617 -23.36 -30.86 34.30
CA PHE B 617 -22.50 -29.82 33.74
C PHE B 617 -21.68 -29.05 34.77
N THR B 618 -21.96 -29.19 36.07
CA THR B 618 -21.28 -28.45 37.14
C THR B 618 -21.38 -26.95 36.93
N MET B 619 -22.47 -26.52 36.28
CA MET B 619 -22.93 -25.13 36.16
C MET B 619 -21.87 -24.16 35.63
N ASP B 620 -20.75 -24.66 35.11
CA ASP B 620 -19.82 -23.84 34.33
C ASP B 620 -19.15 -24.70 33.26
N PRO B 621 -19.88 -25.00 32.17
CA PRO B 621 -19.27 -25.79 31.08
C PRO B 621 -18.34 -24.99 30.19
N ILE B 622 -18.54 -23.67 30.08
CA ILE B 622 -17.67 -22.87 29.22
C ILE B 622 -16.39 -22.50 29.95
N ARG B 623 -16.52 -22.07 31.21
CA ARG B 623 -15.34 -21.74 32.01
C ARG B 623 -14.45 -22.95 32.24
N ASP B 624 -15.03 -24.15 32.25
CA ASP B 624 -14.23 -25.37 32.37
C ASP B 624 -13.28 -25.54 31.20
N LEU B 625 -13.76 -25.30 29.96
CA LEU B 625 -12.84 -25.32 28.82
C LEU B 625 -11.92 -24.11 28.84
N LEU B 626 -12.38 -22.96 29.32
CA LEU B 626 -11.54 -21.78 29.35
C LEU B 626 -10.32 -22.00 30.23
N ILE B 627 -10.51 -22.57 31.41
CA ILE B 627 -9.38 -22.85 32.31
C ILE B 627 -8.42 -23.84 31.67
N TRP B 628 -8.96 -24.91 31.06
CA TRP B 628 -8.12 -25.93 30.45
C TRP B 628 -7.31 -25.37 29.28
N ALA B 629 -7.89 -24.45 28.51
CA ALA B 629 -7.15 -23.81 27.44
C ALA B 629 -6.12 -22.81 27.96
N ILE B 630 -6.42 -22.12 29.06
CA ILE B 630 -5.48 -21.15 29.61
C ILE B 630 -4.26 -21.84 30.20
N VAL B 631 -4.47 -22.92 30.97
CA VAL B 631 -3.36 -23.59 31.63
C VAL B 631 -2.38 -24.20 30.63
N GLN B 632 -2.84 -24.55 29.44
CA GLN B 632 -1.98 -25.09 28.40
C GLN B 632 -1.34 -24.01 27.54
N ASN B 633 -1.58 -22.74 27.85
CA ASN B 633 -1.03 -21.60 27.13
C ASN B 633 -1.40 -21.60 25.65
N ARG B 634 -2.62 -22.01 25.33
CA ARG B 634 -3.12 -21.96 23.95
C ARG B 634 -3.76 -20.61 23.73
N ARG B 635 -2.96 -19.66 23.20
CA ARG B 635 -3.45 -18.28 23.06
C ARG B 635 -4.58 -18.19 22.06
N GLU B 636 -4.42 -18.81 20.88
CA GLU B 636 -5.45 -18.69 19.84
C GLU B 636 -6.71 -19.44 20.21
N LEU B 637 -6.58 -20.57 20.91
CA LEU B 637 -7.76 -21.37 21.27
C LEU B 637 -8.56 -20.71 22.39
N ALA B 638 -7.86 -20.11 23.37
CA ALA B 638 -8.55 -19.58 24.55
C ALA B 638 -9.46 -18.41 24.21
N GLY B 639 -9.09 -17.57 23.24
CA GLY B 639 -9.93 -16.45 22.86
C GLY B 639 -11.26 -16.89 22.28
N ILE B 640 -11.28 -17.98 21.52
CA ILE B 640 -12.52 -18.49 20.95
C ILE B 640 -13.45 -18.96 22.07
N ILE B 641 -12.92 -19.68 23.05
CA ILE B 641 -13.75 -20.16 24.16
C ILE B 641 -14.23 -19.00 25.02
N TRP B 642 -13.40 -17.98 25.21
CA TRP B 642 -13.79 -16.81 26.01
C TRP B 642 -14.98 -16.08 25.41
N ALA B 643 -15.18 -16.15 24.10
CA ALA B 643 -16.28 -15.42 23.48
C ALA B 643 -17.64 -15.95 23.96
N GLN B 644 -17.75 -17.26 24.13
CA GLN B 644 -19.00 -17.89 24.53
C GLN B 644 -19.15 -17.99 26.04
N SER B 645 -18.37 -17.23 26.81
CA SER B 645 -18.44 -17.29 28.25
C SER B 645 -19.70 -16.58 28.76
N GLN B 646 -20.15 -16.98 29.96
CA GLN B 646 -21.30 -16.39 30.60
C GLN B 646 -20.90 -15.26 31.56
N ASP B 647 -20.07 -15.58 32.55
CA ASP B 647 -19.54 -14.57 33.47
C ASP B 647 -18.22 -14.07 32.89
N CYS B 648 -18.35 -13.09 31.98
CA CYS B 648 -17.21 -12.66 31.17
C CYS B 648 -16.13 -11.98 32.02
N ILE B 649 -16.51 -11.00 32.84
CA ILE B 649 -15.52 -10.20 33.55
C ILE B 649 -14.78 -11.05 34.58
N ALA B 650 -15.52 -11.84 35.36
CA ALA B 650 -14.89 -12.67 36.38
C ALA B 650 -13.96 -13.71 35.75
N ALA B 651 -14.40 -14.33 34.64
CA ALA B 651 -13.55 -15.30 33.97
C ALA B 651 -12.28 -14.66 33.42
N ALA B 652 -12.40 -13.48 32.80
CA ALA B 652 -11.21 -12.80 32.28
C ALA B 652 -10.25 -12.42 33.41
N LEU B 653 -10.79 -11.92 34.52
CA LEU B 653 -9.92 -11.54 35.64
C LEU B 653 -9.24 -12.76 36.25
N ALA B 654 -9.96 -13.88 36.38
CA ALA B 654 -9.34 -15.09 36.90
C ALA B 654 -8.27 -15.62 35.97
N CYS B 655 -8.52 -15.57 34.65
CA CYS B 655 -7.51 -15.97 33.68
C CYS B 655 -6.27 -15.08 33.75
N SER B 656 -6.45 -13.77 33.93
CA SER B 656 -5.29 -12.90 34.08
C SER B 656 -4.46 -13.29 35.30
N LYS B 657 -5.10 -13.53 36.45
CA LYS B 657 -4.36 -13.92 37.64
C LYS B 657 -3.65 -15.25 37.48
N ILE B 658 -4.34 -16.25 36.93
CA ILE B 658 -3.71 -17.57 36.78
C ILE B 658 -2.56 -17.50 35.78
N LEU B 659 -2.69 -16.71 34.72
CA LEU B 659 -1.59 -16.57 33.76
C LEU B 659 -0.40 -15.85 34.40
N LYS B 660 -0.66 -14.78 35.15
CA LYS B 660 0.42 -14.06 35.81
C LYS B 660 1.16 -14.95 36.80
N GLU B 661 0.43 -15.76 37.59
CA GLU B 661 1.10 -16.57 38.59
C GLU B 661 1.70 -17.85 38.02
N LEU B 662 1.21 -18.34 36.89
CA LEU B 662 1.85 -19.46 36.21
C LEU B 662 3.11 -19.03 35.46
N SER B 663 3.14 -17.79 34.95
CA SER B 663 4.35 -17.28 34.34
C SER B 663 5.48 -17.16 35.34
N LYS B 664 5.16 -16.93 36.61
CA LYS B 664 6.16 -16.67 37.62
C LYS B 664 6.86 -17.94 38.12
N GLU B 665 6.29 -19.12 37.89
CA GLU B 665 6.81 -20.30 38.58
C GLU B 665 8.10 -20.81 37.93
N GLU B 666 8.01 -21.36 36.71
CA GLU B 666 9.21 -21.85 36.06
C GLU B 666 9.05 -22.21 34.58
N GLU B 667 9.71 -21.48 33.68
CA GLU B 667 10.31 -22.15 32.53
C GLU B 667 11.64 -21.52 32.14
N ASP B 668 11.94 -20.31 32.65
CA ASP B 668 13.15 -19.50 32.55
C ASP B 668 13.25 -18.65 31.27
N THR B 669 12.33 -18.75 30.32
CA THR B 669 12.42 -17.93 29.10
C THR B 669 11.17 -18.11 28.25
N ASP B 670 11.00 -17.20 27.30
CA ASP B 670 10.32 -17.42 26.02
C ASP B 670 8.88 -17.90 26.14
N SER B 671 8.43 -18.20 27.35
CA SER B 671 7.04 -18.56 27.61
C SER B 671 6.49 -17.93 28.88
N SER B 672 7.33 -17.61 29.87
CA SER B 672 6.90 -16.76 30.97
C SER B 672 6.64 -15.34 30.47
N GLU B 673 7.50 -14.85 29.57
CA GLU B 673 7.22 -13.58 28.91
C GLU B 673 5.94 -13.66 28.09
N GLU B 674 5.75 -14.75 27.35
CA GLU B 674 4.54 -14.91 26.55
C GLU B 674 3.31 -15.07 27.44
N MET B 675 3.45 -15.80 28.56
CA MET B 675 2.33 -15.93 29.48
C MET B 675 1.96 -14.58 30.10
N LEU B 676 2.95 -13.77 30.46
CA LEU B 676 2.68 -12.43 30.98
C LEU B 676 2.04 -11.55 29.91
N ALA B 677 2.49 -11.66 28.67
CA ALA B 677 1.87 -10.90 27.59
C ALA B 677 0.41 -11.30 27.38
N LEU B 678 0.12 -12.60 27.43
CA LEU B 678 -1.26 -13.05 27.32
C LEU B 678 -2.10 -12.61 28.53
N ALA B 679 -1.49 -12.58 29.72
CA ALA B 679 -2.19 -12.08 30.89
C ALA B 679 -2.56 -10.60 30.73
N GLU B 680 -1.63 -9.80 30.23
CA GLU B 680 -1.93 -8.40 29.93
C GLU B 680 -2.97 -8.25 28.83
N GLU B 681 -2.92 -9.12 27.82
CA GLU B 681 -3.93 -9.09 26.76
C GLU B 681 -5.32 -9.38 27.33
N TYR B 682 -5.43 -10.38 28.20
CA TYR B 682 -6.72 -10.65 28.84
C TYR B 682 -7.12 -9.53 29.79
N GLU B 683 -6.14 -8.86 30.40
CA GLU B 683 -6.44 -7.69 31.23
C GLU B 683 -7.10 -6.60 30.39
N HIS B 684 -6.50 -6.27 29.24
CA HIS B 684 -7.10 -5.28 28.35
C HIS B 684 -8.45 -5.75 27.83
N ARG B 685 -8.59 -7.06 27.57
CA ARG B 685 -9.86 -7.63 27.14
C ARG B 685 -10.95 -7.42 28.18
N ALA B 686 -10.65 -7.64 29.46
CA ALA B 686 -11.60 -7.39 30.53
C ALA B 686 -11.89 -5.90 30.70
N ILE B 687 -10.86 -5.05 30.56
CA ILE B 687 -11.06 -3.61 30.70
C ILE B 687 -12.01 -3.10 29.62
N GLY B 688 -11.87 -3.59 28.38
CA GLY B 688 -12.79 -3.20 27.33
C GLY B 688 -14.24 -3.58 27.60
N VAL B 689 -14.47 -4.82 28.05
CA VAL B 689 -15.83 -5.24 28.38
C VAL B 689 -16.40 -4.42 29.53
N PHE B 690 -15.58 -4.18 30.56
CA PHE B 690 -16.06 -3.38 31.68
C PHE B 690 -16.35 -1.95 31.26
N THR B 691 -15.54 -1.37 30.39
CA THR B 691 -15.81 -0.02 29.90
C THR B 691 -17.10 0.03 29.11
N GLU B 692 -17.33 -0.96 28.25
CA GLU B 692 -18.57 -1.01 27.48
C GLU B 692 -19.78 -1.15 28.39
N CYS B 693 -19.67 -1.97 29.44
CA CYS B 693 -20.78 -2.13 30.38
C CYS B 693 -20.96 -0.92 31.28
N TYR B 694 -19.87 -0.17 31.54
CA TYR B 694 -19.93 0.96 32.45
C TYR B 694 -20.44 2.22 31.76
N ARG B 695 -20.24 2.33 30.44
CA ARG B 695 -20.73 3.51 29.73
C ARG B 695 -22.24 3.63 29.83
N LYS B 696 -22.94 2.50 29.77
CA LYS B 696 -24.40 2.50 29.85
C LYS B 696 -24.83 2.17 31.27
N ASP B 697 -25.51 3.12 31.93
CA ASP B 697 -26.16 2.89 33.22
C ASP B 697 -25.16 2.42 34.28
N GLU B 698 -24.28 3.36 34.64
CA GLU B 698 -23.18 3.07 35.57
C GLU B 698 -23.66 2.46 36.89
N GLU B 699 -24.90 2.76 37.30
CA GLU B 699 -25.41 2.23 38.57
C GLU B 699 -25.44 0.71 38.58
N ARG B 700 -25.92 0.08 37.53
CA ARG B 700 -25.90 -1.37 37.47
C ARG B 700 -24.51 -1.92 37.22
N ALA B 701 -23.64 -1.17 36.55
CA ALA B 701 -22.26 -1.59 36.36
C ALA B 701 -21.53 -1.70 37.68
N GLN B 702 -21.71 -0.72 38.57
CA GLN B 702 -21.09 -0.79 39.89
C GLN B 702 -21.63 -1.96 40.69
N LYS B 703 -22.93 -2.23 40.58
CA LYS B 703 -23.53 -3.36 41.28
C LYS B 703 -23.00 -4.70 40.77
N LEU B 704 -22.79 -4.78 39.46
CA LEU B 704 -22.13 -5.92 38.84
C LEU B 704 -20.69 -6.07 39.28
N LEU B 705 -20.01 -4.96 39.59
CA LEU B 705 -18.61 -5.03 40.00
C LEU B 705 -18.42 -5.78 41.31
N THR B 706 -19.30 -5.55 42.28
CA THR B 706 -19.13 -6.10 43.63
C THR B 706 -19.90 -7.40 43.86
N ARG B 707 -20.58 -7.93 42.85
CA ARG B 707 -21.34 -9.16 43.03
C ARG B 707 -20.41 -10.36 43.16
N VAL B 708 -20.92 -11.40 43.80
CA VAL B 708 -20.21 -12.68 43.91
C VAL B 708 -20.58 -13.52 42.69
N SER B 709 -19.75 -14.54 42.41
CA SER B 709 -19.98 -15.39 41.25
C SER B 709 -19.90 -16.85 41.69
N GLU B 710 -21.05 -17.51 41.76
CA GLU B 710 -21.11 -18.91 42.20
C GLU B 710 -20.31 -19.84 41.30
N ALA B 711 -20.05 -19.44 40.05
CA ALA B 711 -19.39 -20.33 39.11
C ALA B 711 -17.87 -20.28 39.22
N TRP B 712 -17.32 -19.52 40.16
CA TRP B 712 -15.87 -19.33 40.23
C TRP B 712 -15.32 -19.43 41.64
N GLY B 713 -16.10 -19.94 42.61
CA GLY B 713 -15.55 -19.94 43.95
C GLY B 713 -15.48 -18.52 44.46
N LYS B 714 -16.60 -17.98 44.94
CA LYS B 714 -17.13 -16.67 44.54
C LYS B 714 -16.09 -15.67 44.04
N THR B 715 -15.10 -15.31 44.85
CA THR B 715 -14.10 -14.32 44.44
C THR B 715 -14.69 -13.12 43.71
N THR B 716 -15.49 -12.31 44.41
CA THR B 716 -16.06 -11.12 43.80
C THR B 716 -14.99 -10.34 43.03
N CYS B 717 -15.41 -9.69 41.93
CA CYS B 717 -14.48 -9.20 40.94
C CYS B 717 -13.46 -8.24 41.52
N LEU B 718 -13.90 -7.31 42.38
CA LEU B 718 -12.97 -6.36 42.98
C LEU B 718 -11.93 -7.07 43.84
N GLN B 719 -12.36 -8.06 44.64
CA GLN B 719 -11.40 -8.83 45.43
C GLN B 719 -10.51 -9.71 44.56
N LEU B 720 -11.09 -10.38 43.57
CA LEU B 720 -10.32 -11.23 42.68
C LEU B 720 -9.29 -10.43 41.88
N ALA B 721 -9.51 -9.13 41.69
CA ALA B 721 -8.58 -8.33 40.90
C ALA B 721 -7.29 -8.03 41.67
N LEU B 722 -7.40 -7.86 42.99
CA LEU B 722 -6.27 -7.36 43.76
C LEU B 722 -5.10 -8.34 43.77
N GLU B 723 -5.37 -9.64 43.87
CA GLU B 723 -4.30 -10.62 43.97
C GLU B 723 -3.53 -10.81 42.66
N ALA B 724 -4.10 -10.39 41.54
CA ALA B 724 -3.35 -10.34 40.29
C ALA B 724 -2.52 -9.06 40.18
N LYS B 725 -2.76 -8.11 41.09
CA LYS B 725 -2.03 -6.86 41.25
C LYS B 725 -2.36 -5.86 40.14
N ASP B 726 -2.94 -6.35 39.04
CA ASP B 726 -3.85 -5.62 38.14
C ASP B 726 -3.61 -4.12 38.06
N MET B 727 -2.43 -3.70 37.61
CA MET B 727 -2.11 -2.28 37.52
C MET B 727 -3.16 -1.52 36.70
N LYS B 728 -3.56 -2.08 35.55
CA LYS B 728 -4.37 -1.32 34.61
C LYS B 728 -5.86 -1.39 34.91
N PHE B 729 -6.37 -2.54 35.36
CA PHE B 729 -7.82 -2.70 35.52
C PHE B 729 -8.34 -1.82 36.65
N VAL B 730 -7.62 -1.76 37.78
CA VAL B 730 -8.10 -1.01 38.93
C VAL B 730 -8.03 0.49 38.69
N SER B 731 -7.20 0.93 37.77
CA SER B 731 -7.00 2.37 37.53
C SER B 731 -7.95 2.95 36.49
N HIS B 732 -8.88 2.15 35.98
CA HIS B 732 -9.76 2.60 34.89
C HIS B 732 -11.07 3.12 35.46
N GLY B 733 -11.18 4.44 35.61
CA GLY B 733 -12.48 5.09 35.68
C GLY B 733 -13.42 4.61 36.77
N GLY B 734 -14.42 3.84 36.34
CA GLY B 734 -15.48 3.38 37.24
C GLY B 734 -14.99 2.61 38.45
N ILE B 735 -13.82 1.99 38.37
CA ILE B 735 -13.25 1.34 39.55
C ILE B 735 -12.98 2.37 40.64
N GLN B 736 -12.27 3.45 40.29
CA GLN B 736 -12.01 4.50 41.26
C GLN B 736 -13.27 5.28 41.61
N ALA B 737 -14.22 5.35 40.68
CA ALA B 737 -15.53 5.91 41.01
C ALA B 737 -16.24 5.10 42.09
N PHE B 738 -16.22 3.77 42.01
CA PHE B 738 -16.82 2.95 43.06
C PHE B 738 -16.03 3.05 44.36
N LEU B 739 -14.70 3.17 44.26
CA LEU B 739 -13.90 3.36 45.46
C LEU B 739 -14.22 4.67 46.16
N THR B 740 -14.44 5.74 45.40
CA THR B 740 -14.88 7.02 45.93
C THR B 740 -16.37 7.01 46.30
N LYS B 741 -17.09 5.98 45.86
CA LYS B 741 -18.47 5.76 46.26
C LYS B 741 -18.61 5.06 47.61
N VAL B 742 -17.80 4.04 47.87
CA VAL B 742 -17.85 3.36 49.17
C VAL B 742 -17.25 4.25 50.26
N TRP B 743 -16.10 4.86 49.97
CA TRP B 743 -15.64 5.99 50.76
C TRP B 743 -16.58 7.16 50.48
N TRP B 744 -16.68 8.08 51.44
CA TRP B 744 -17.76 9.07 51.42
C TRP B 744 -19.11 8.36 51.35
N GLY B 745 -19.27 7.39 52.24
CA GLY B 745 -20.31 6.36 52.17
C GLY B 745 -21.69 6.80 51.75
N GLN B 746 -22.35 7.62 52.56
CA GLN B 746 -23.73 7.99 52.33
C GLN B 746 -23.94 9.49 52.11
N LEU B 747 -22.88 10.30 52.18
CA LEU B 747 -23.08 11.75 52.10
C LEU B 747 -23.20 12.22 50.66
N SER B 748 -22.09 12.16 49.92
CA SER B 748 -22.02 12.68 48.56
C SER B 748 -20.64 12.48 47.97
N VAL B 749 -20.46 12.85 46.70
CA VAL B 749 -19.15 12.93 46.07
C VAL B 749 -18.82 14.35 45.64
N ASP B 750 -19.66 15.33 45.96
CA ASP B 750 -19.47 16.69 45.49
C ASP B 750 -18.95 17.65 46.56
N ASN B 751 -19.23 17.38 47.83
CA ASN B 751 -18.86 18.32 48.89
C ASN B 751 -17.36 18.42 49.04
N GLY B 752 -16.88 19.60 49.45
CA GLY B 752 -15.47 19.81 49.59
C GLY B 752 -14.92 19.23 50.89
N LEU B 753 -13.62 18.97 50.89
CA LEU B 753 -12.97 18.42 52.08
C LEU B 753 -12.90 19.46 53.19
N TRP B 754 -12.68 20.73 52.84
CA TRP B 754 -12.54 21.77 53.85
C TRP B 754 -13.88 22.14 54.49
N ARG B 755 -15.00 21.76 53.88
CA ARG B 755 -16.31 22.12 54.41
C ARG B 755 -16.91 21.05 55.31
N VAL B 756 -16.41 19.81 55.24
CA VAL B 756 -16.94 18.76 56.11
C VAL B 756 -16.25 18.80 57.48
N THR B 757 -15.01 19.30 57.55
CA THR B 757 -14.30 19.32 58.81
C THR B 757 -14.88 20.32 59.81
N LEU B 758 -15.53 21.38 59.32
CA LEU B 758 -16.19 22.32 60.22
C LEU B 758 -17.41 21.69 60.87
N CYS B 759 -18.22 20.98 60.07
CA CYS B 759 -19.35 20.25 60.62
C CYS B 759 -18.91 19.07 61.47
N MET B 760 -17.69 18.58 61.26
CA MET B 760 -17.15 17.53 62.13
C MET B 760 -17.07 17.99 63.58
N LEU B 761 -16.45 19.13 63.83
CA LEU B 761 -16.19 19.56 65.20
C LEU B 761 -17.41 20.23 65.82
N ALA B 762 -18.17 20.98 65.01
CA ALA B 762 -19.38 21.65 65.49
C ALA B 762 -20.55 20.68 65.32
N PHE B 763 -20.91 20.00 66.40
CA PHE B 763 -21.96 18.99 66.32
C PHE B 763 -23.32 19.57 65.95
N PRO B 764 -23.77 20.69 66.53
CA PRO B 764 -24.94 21.37 65.97
C PRO B 764 -24.86 21.63 64.47
N LEU B 765 -23.67 21.90 63.93
CA LEU B 765 -23.56 22.33 62.54
C LEU B 765 -23.91 21.22 61.55
N LEU B 766 -24.01 19.98 62.01
CA LEU B 766 -24.49 18.91 61.14
C LEU B 766 -25.94 19.14 60.73
N LEU B 767 -26.75 19.64 61.66
CA LEU B 767 -28.20 19.72 61.45
C LEU B 767 -28.61 20.90 60.57
N THR B 768 -27.71 21.80 60.23
CA THR B 768 -28.08 22.94 59.40
C THR B 768 -28.02 22.55 57.92
N GLY B 769 -28.36 23.50 57.06
CA GLY B 769 -28.34 23.27 55.62
C GLY B 769 -27.04 23.66 54.96
N LEU B 770 -25.95 23.00 55.34
CA LEU B 770 -24.63 23.25 54.77
C LEU B 770 -24.08 22.05 54.03
N ILE B 771 -24.09 20.87 54.65
CA ILE B 771 -23.57 19.66 54.03
C ILE B 771 -24.67 18.98 53.24
N SER B 772 -24.27 18.13 52.29
CA SER B 772 -25.19 17.45 51.38
C SER B 772 -25.14 15.95 51.63
N PHE B 773 -26.22 15.41 52.19
CA PHE B 773 -26.38 13.97 52.35
C PHE B 773 -27.06 13.35 51.13
N ARG B 774 -27.25 12.03 51.19
CA ARG B 774 -28.18 11.34 50.32
C ARG B 774 -29.54 11.13 50.96
N GLU B 775 -29.58 11.04 52.29
CA GLU B 775 -30.85 11.07 53.01
C GLU B 775 -31.54 12.41 52.83
N LYS B 776 -30.77 13.49 52.67
CA LYS B 776 -31.35 14.83 52.64
C LYS B 776 -32.15 15.10 51.37
N ARG B 777 -31.66 14.69 50.20
CA ARG B 777 -32.41 14.97 48.97
C ARG B 777 -33.68 14.13 48.93
N LEU B 778 -33.65 12.91 49.45
CA LEU B 778 -34.84 12.10 49.62
C LEU B 778 -35.64 12.48 50.86
N GLN B 779 -35.26 13.58 51.53
CA GLN B 779 -35.86 14.08 52.77
C GLN B 779 -36.21 12.94 53.73
N ASP B 780 -35.31 11.97 53.85
CA ASP B 780 -35.49 10.83 54.75
C ASP B 780 -35.07 11.13 56.19
N VAL B 781 -34.97 12.41 56.56
CA VAL B 781 -34.52 12.79 57.88
C VAL B 781 -35.72 12.78 58.83
N GLY B 782 -35.99 11.63 59.42
CA GLY B 782 -37.04 11.51 60.41
C GLY B 782 -36.49 11.46 61.83
N THR B 783 -35.17 11.29 61.92
CA THR B 783 -34.47 11.24 63.20
C THR B 783 -33.09 11.86 63.01
N PRO B 784 -32.82 13.02 63.61
CA PRO B 784 -31.48 13.62 63.45
C PRO B 784 -30.37 12.71 63.95
N ALA B 785 -30.63 11.92 64.99
CA ALA B 785 -29.65 10.92 65.42
C ALA B 785 -29.42 9.89 64.33
N ALA B 786 -30.47 9.49 63.61
CA ALA B 786 -30.29 8.51 62.52
C ALA B 786 -29.42 9.05 61.39
N ARG B 787 -29.65 10.30 60.95
CA ARG B 787 -28.81 10.84 59.89
C ARG B 787 -27.39 11.13 60.39
N ALA B 788 -27.25 11.45 61.68
CA ALA B 788 -25.93 11.54 62.29
C ALA B 788 -25.21 10.20 62.32
N ARG B 789 -25.92 9.10 62.58
CA ARG B 789 -25.34 7.77 62.47
C ARG B 789 -24.95 7.46 61.03
N ALA B 790 -25.81 7.80 60.07
CA ALA B 790 -25.47 7.64 58.67
C ALA B 790 -24.25 8.49 58.29
N PHE B 791 -24.10 9.64 58.93
CA PHE B 791 -22.92 10.47 58.71
C PHE B 791 -21.68 9.81 59.28
N PHE B 792 -21.77 9.30 60.51
CA PHE B 792 -20.59 8.79 61.20
C PHE B 792 -20.14 7.44 60.67
N THR B 793 -21.07 6.64 60.15
CA THR B 793 -20.73 5.32 59.63
C THR B 793 -19.83 5.40 58.39
N ALA B 794 -19.85 6.50 57.66
CA ALA B 794 -19.03 6.64 56.48
C ALA B 794 -17.54 6.59 56.84
N PRO B 795 -16.74 5.92 56.02
CA PRO B 795 -15.30 5.81 56.32
C PRO B 795 -14.56 7.13 56.36
N VAL B 796 -15.04 8.16 55.67
CA VAL B 796 -14.33 9.44 55.63
C VAL B 796 -14.25 10.05 57.02
N VAL B 797 -15.35 10.06 57.77
CA VAL B 797 -15.36 10.66 59.09
C VAL B 797 -14.70 9.77 60.13
N VAL B 798 -14.73 8.44 59.95
CA VAL B 798 -13.93 7.57 60.79
C VAL B 798 -12.45 7.88 60.62
N PHE B 799 -12.00 8.05 59.38
CA PHE B 799 -10.62 8.44 59.12
C PHE B 799 -10.31 9.82 59.71
N HIS B 800 -11.23 10.76 59.57
CA HIS B 800 -11.00 12.11 60.11
C HIS B 800 -10.89 12.08 61.63
N LEU B 801 -11.75 11.33 62.30
CA LEU B 801 -11.69 11.28 63.75
C LEU B 801 -10.46 10.52 64.23
N ASN B 802 -10.07 9.45 63.52
CA ASN B 802 -8.84 8.76 63.88
C ASN B 802 -7.62 9.65 63.69
N ILE B 803 -7.58 10.42 62.60
CA ILE B 803 -6.42 11.29 62.37
C ILE B 803 -6.38 12.41 63.39
N LEU B 804 -7.56 12.92 63.81
CA LEU B 804 -7.58 13.89 64.88
C LEU B 804 -7.13 13.30 66.21
N SER B 805 -7.56 12.08 66.53
CA SER B 805 -7.11 11.45 67.77
C SER B 805 -5.60 11.21 67.76
N TYR B 806 -5.07 10.75 66.64
CA TYR B 806 -3.63 10.52 66.54
C TYR B 806 -2.84 11.82 66.51
N PHE B 807 -3.43 12.90 66.01
CA PHE B 807 -2.77 14.21 66.04
C PHE B 807 -2.77 14.79 67.44
N ALA B 808 -3.83 14.54 68.22
CA ALA B 808 -3.91 15.01 69.60
C ALA B 808 -3.10 14.15 70.57
N PHE B 809 -2.90 12.87 70.25
CA PHE B 809 -2.09 12.02 71.12
C PHE B 809 -0.64 12.50 71.18
N LEU B 810 -0.11 12.96 70.04
CA LEU B 810 1.22 13.55 70.02
C LEU B 810 1.31 14.83 70.84
N CYS B 811 0.28 15.67 70.80
CA CYS B 811 0.25 16.85 71.66
C CYS B 811 0.21 16.45 73.13
N LEU B 812 -0.57 15.41 73.46
CA LEU B 812 -0.61 14.93 74.83
C LEU B 812 0.75 14.42 75.28
N PHE B 813 1.46 13.69 74.39
CA PHE B 813 2.79 13.21 74.73
C PHE B 813 3.79 14.34 74.87
N ALA B 814 3.66 15.39 74.06
CA ALA B 814 4.48 16.58 74.23
C ALA B 814 4.18 17.32 75.53
N TYR B 815 2.93 17.23 76.00
CA TYR B 815 2.57 17.86 77.26
C TYR B 815 3.34 17.27 78.43
N VAL B 816 3.59 15.97 78.41
CA VAL B 816 4.15 15.28 79.56
C VAL B 816 5.67 15.21 79.48
N LEU B 817 6.27 16.02 78.60
CA LEU B 817 7.73 16.10 78.53
C LEU B 817 8.28 17.49 78.82
N MET B 818 7.48 18.54 78.67
CA MET B 818 7.97 19.89 78.92
C MET B 818 7.75 20.31 80.37
N VAL B 819 6.59 19.97 80.93
CA VAL B 819 6.24 20.38 82.28
C VAL B 819 6.12 19.20 83.22
N ASP B 820 5.60 18.07 82.73
CA ASP B 820 5.30 16.91 83.56
C ASP B 820 6.47 15.93 83.65
N PHE B 821 7.70 16.42 83.56
CA PHE B 821 8.89 15.58 83.67
C PHE B 821 9.05 15.15 85.13
N GLN B 822 8.33 14.10 85.49
CA GLN B 822 8.33 13.56 86.84
C GLN B 822 8.67 12.08 86.81
N PRO B 823 9.27 11.56 87.89
CA PRO B 823 9.63 10.13 87.90
C PRO B 823 8.50 9.24 88.40
N VAL B 824 7.28 9.78 88.46
CA VAL B 824 6.14 9.04 88.98
C VAL B 824 5.01 9.09 87.96
N PRO B 825 4.17 8.05 87.85
CA PRO B 825 2.99 8.17 86.99
C PRO B 825 2.00 9.19 87.54
N SER B 826 1.85 10.30 86.83
CA SER B 826 1.08 11.43 87.30
C SER B 826 -0.38 11.31 86.83
N TRP B 827 -1.14 12.40 86.98
CA TRP B 827 -2.53 12.41 86.56
C TRP B 827 -2.66 12.20 85.05
N CYS B 828 -1.76 12.80 84.27
CA CYS B 828 -1.80 12.73 82.82
C CYS B 828 -0.82 11.69 82.26
N GLU B 829 -0.63 10.58 82.96
CA GLU B 829 0.31 9.55 82.53
C GLU B 829 -0.35 8.22 82.19
N CYS B 830 -1.34 7.78 82.96
CA CYS B 830 -2.06 6.54 82.65
C CYS B 830 -2.83 6.63 81.34
N ALA B 831 -3.10 7.85 80.86
CA ALA B 831 -3.71 8.02 79.55
C ALA B 831 -2.84 7.42 78.45
N ILE B 832 -1.52 7.61 78.54
CA ILE B 832 -0.62 7.00 77.57
C ILE B 832 -0.67 5.49 77.66
N TYR B 833 -0.71 4.92 78.87
CA TYR B 833 -0.79 3.48 79.02
C TYR B 833 -2.05 2.92 78.38
N LEU B 834 -3.20 3.53 78.66
CA LEU B 834 -4.44 3.07 78.04
C LEU B 834 -4.47 3.31 76.53
N TRP B 835 -3.84 4.39 76.04
CA TRP B 835 -3.73 4.64 74.62
C TRP B 835 -2.93 3.56 73.90
N LEU B 836 -1.77 3.19 74.46
CA LEU B 836 -1.00 2.09 73.90
C LEU B 836 -1.72 0.76 74.02
N PHE B 837 -2.49 0.55 75.09
CA PHE B 837 -3.33 -0.64 75.16
C PHE B 837 -4.36 -0.67 74.06
N SER B 838 -5.00 0.47 73.76
CA SER B 838 -6.06 0.51 72.77
C SER B 838 -5.52 0.32 71.35
N LEU B 839 -4.46 1.05 70.98
CA LEU B 839 -3.94 0.93 69.62
C LEU B 839 -3.28 -0.41 69.32
N VAL B 840 -2.63 -1.04 70.31
CA VAL B 840 -2.02 -2.34 70.04
C VAL B 840 -3.08 -3.41 69.81
N CYS B 841 -4.29 -3.22 70.34
CA CYS B 841 -5.34 -4.22 70.18
C CYS B 841 -6.00 -4.16 68.81
N GLU B 842 -5.82 -3.07 68.06
CA GLU B 842 -6.24 -3.04 66.67
C GLU B 842 -5.57 -4.13 65.85
N GLU B 843 -4.26 -4.34 66.07
CA GLU B 843 -3.56 -5.41 65.37
C GLU B 843 -4.09 -6.79 65.75
N MET B 844 -4.42 -7.00 67.03
CA MET B 844 -5.02 -8.27 67.42
C MET B 844 -6.39 -8.45 66.77
N ARG B 845 -7.18 -7.38 66.65
CA ARG B 845 -8.43 -7.48 65.92
C ARG B 845 -8.21 -7.86 64.46
N GLN B 846 -7.26 -7.22 63.80
CA GLN B 846 -6.93 -7.57 62.42
C GLN B 846 -6.40 -8.99 62.28
N LEU B 847 -5.74 -9.53 63.31
CA LEU B 847 -5.28 -10.91 63.26
C LEU B 847 -6.46 -11.88 63.20
N PHE B 848 -7.56 -11.54 63.85
CA PHE B 848 -8.77 -12.34 63.84
C PHE B 848 -9.76 -11.90 62.76
N TYR B 849 -9.37 -10.95 61.91
CA TYR B 849 -10.31 -10.37 60.95
C TYR B 849 -10.66 -11.36 59.83
N ASP B 850 -9.68 -11.75 59.02
CA ASP B 850 -9.89 -12.71 57.94
C ASP B 850 -8.69 -13.63 57.83
N PRO B 851 -8.48 -14.51 58.84
CA PRO B 851 -7.36 -15.45 58.75
C PRO B 851 -7.76 -16.78 58.13
N ASP B 852 -6.78 -17.63 57.88
CA ASP B 852 -7.07 -19.05 57.64
C ASP B 852 -7.23 -19.76 58.98
N GLU B 853 -8.19 -20.68 59.02
CA GLU B 853 -8.59 -21.33 60.27
C GLU B 853 -7.59 -22.38 60.74
N CYS B 854 -6.43 -22.48 60.10
CA CYS B 854 -5.41 -23.44 60.53
C CYS B 854 -4.05 -22.77 60.67
N GLY B 855 -3.83 -21.68 59.94
CA GLY B 855 -2.55 -21.00 59.98
C GLY B 855 -2.52 -19.77 60.85
N LEU B 856 -1.89 -19.89 62.03
CA LEU B 856 -1.74 -18.74 62.90
C LEU B 856 -0.43 -18.01 62.64
N MET B 857 0.65 -18.76 62.40
CA MET B 857 1.95 -18.17 62.08
C MET B 857 2.10 -17.79 60.62
N LYS B 858 1.41 -18.50 59.72
CA LYS B 858 1.48 -18.19 58.30
C LYS B 858 0.75 -16.92 57.92
N LYS B 859 -0.14 -16.41 58.79
CA LYS B 859 -0.79 -15.12 58.56
C LYS B 859 0.06 -13.97 59.06
N ALA B 860 0.83 -14.17 60.12
CA ALA B 860 1.73 -13.13 60.61
C ALA B 860 2.88 -12.85 59.66
N ALA B 861 3.13 -13.72 58.69
CA ALA B 861 4.20 -13.49 57.72
C ALA B 861 3.93 -12.26 56.87
N LEU B 862 2.68 -12.07 56.42
CA LEU B 862 2.37 -10.90 55.61
C LEU B 862 2.42 -9.62 56.44
N TYR B 863 2.11 -9.71 57.74
CA TYR B 863 2.40 -8.59 58.63
C TYR B 863 3.89 -8.32 58.71
N PHE B 864 4.71 -9.37 58.78
CA PHE B 864 6.16 -9.21 58.74
C PHE B 864 6.64 -8.76 57.37
N SER B 865 5.85 -8.99 56.32
CA SER B 865 6.19 -8.58 54.96
C SER B 865 5.97 -7.09 54.73
N ASP B 866 5.30 -6.40 55.65
CA ASP B 866 5.07 -4.96 55.56
C ASP B 866 6.06 -4.27 56.47
N PHE B 867 6.96 -3.49 55.89
CA PHE B 867 7.96 -2.77 56.68
C PHE B 867 7.34 -1.65 57.51
N TRP B 868 6.15 -1.18 57.14
CA TRP B 868 5.47 -0.19 57.97
C TRP B 868 4.90 -0.84 59.23
N ASN B 869 4.39 -2.06 59.14
CA ASN B 869 4.01 -2.80 60.34
C ASN B 869 5.24 -3.05 61.22
N LYS B 870 6.38 -3.33 60.59
CA LYS B 870 7.64 -3.44 61.34
C LYS B 870 8.02 -2.12 62.00
N LEU B 871 7.81 -0.99 61.34
CA LEU B 871 8.01 0.31 61.97
C LEU B 871 7.09 0.53 63.16
N ASP B 872 5.82 0.15 63.04
CA ASP B 872 4.88 0.27 64.16
C ASP B 872 5.31 -0.58 65.35
N VAL B 873 5.66 -1.84 65.10
CA VAL B 873 6.08 -2.70 66.20
C VAL B 873 7.42 -2.25 66.78
N GLY B 874 8.30 -1.69 65.96
CA GLY B 874 9.52 -1.10 66.48
C GLY B 874 9.30 0.13 67.34
N ALA B 875 8.34 0.98 66.95
CA ALA B 875 7.92 2.09 67.78
C ALA B 875 7.32 1.63 69.10
N ILE B 876 6.61 0.50 69.11
CA ILE B 876 6.17 -0.13 70.34
C ILE B 876 7.37 -0.61 71.16
N LEU B 877 8.34 -1.27 70.52
CA LEU B 877 9.53 -1.74 71.22
C LEU B 877 10.37 -0.58 71.73
N LEU B 878 10.47 0.51 70.97
CA LEU B 878 11.18 1.68 71.47
C LEU B 878 10.46 2.30 72.66
N PHE B 879 9.13 2.31 72.65
CA PHE B 879 8.37 2.73 73.82
C PHE B 879 8.65 1.83 75.03
N VAL B 880 8.75 0.51 74.81
CA VAL B 880 9.10 -0.39 75.90
C VAL B 880 10.49 -0.07 76.44
N ALA B 881 11.45 0.17 75.55
CA ALA B 881 12.81 0.49 75.96
C ALA B 881 12.94 1.85 76.64
N GLY B 882 12.04 2.79 76.33
CA GLY B 882 12.08 4.09 76.97
C GLY B 882 11.29 4.17 78.26
N LEU B 883 10.27 3.33 78.39
CA LEU B 883 9.48 3.30 79.62
C LEU B 883 10.29 2.78 80.79
N THR B 884 11.15 1.78 80.56
CA THR B 884 12.03 1.29 81.62
C THR B 884 12.96 2.39 82.14
N CYS B 885 13.39 3.31 81.28
CA CYS B 885 14.14 4.48 81.71
C CYS B 885 13.26 5.55 82.31
N ARG B 886 11.98 5.60 81.94
CA ARG B 886 11.03 6.55 82.51
C ARG B 886 10.66 6.20 83.94
N LEU B 887 10.46 4.90 84.24
CA LEU B 887 10.08 4.50 85.59
C LEU B 887 11.26 4.49 86.56
N ILE B 888 12.47 4.23 86.06
CA ILE B 888 13.66 4.22 86.91
C ILE B 888 14.09 5.66 87.16
N PRO B 889 14.20 6.09 88.43
CA PRO B 889 14.50 7.51 88.70
C PRO B 889 15.95 7.90 88.45
N ALA B 890 16.86 6.95 88.30
CA ALA B 890 18.28 7.24 88.17
C ALA B 890 18.72 7.41 86.72
N THR B 891 17.80 7.32 85.76
CA THR B 891 18.13 7.41 84.34
C THR B 891 17.17 8.35 83.63
N LEU B 892 16.78 9.44 84.30
CA LEU B 892 15.88 10.40 83.67
C LEU B 892 16.53 11.11 82.49
N TYR B 893 17.81 11.48 82.61
CA TYR B 893 18.52 12.16 81.53
C TYR B 893 18.61 11.29 80.28
N PRO B 894 19.00 10.01 80.38
CA PRO B 894 18.89 9.14 79.20
C PRO B 894 17.46 8.98 78.70
N GLY B 895 16.47 9.01 79.58
CA GLY B 895 15.09 8.96 79.15
C GLY B 895 14.58 10.24 78.52
N ARG B 896 15.31 11.35 78.70
CA ARG B 896 14.96 12.61 78.05
C ARG B 896 15.49 12.70 76.62
N VAL B 897 16.43 11.85 76.25
CA VAL B 897 17.01 11.86 74.91
C VAL B 897 16.67 10.62 74.10
N ILE B 898 16.18 9.55 74.73
CA ILE B 898 15.83 8.34 73.99
C ILE B 898 14.37 8.31 73.57
N LEU B 899 13.52 9.14 74.18
CA LEU B 899 12.11 9.23 73.80
C LEU B 899 11.82 10.39 72.86
N SER B 900 12.77 11.31 72.68
CA SER B 900 12.59 12.39 71.71
C SER B 900 12.55 11.86 70.28
N LEU B 901 13.37 10.86 69.96
CA LEU B 901 13.31 10.23 68.64
C LEU B 901 12.01 9.50 68.40
N ASP B 902 11.35 9.04 69.47
CA ASP B 902 10.05 8.37 69.31
C ASP B 902 9.00 9.33 68.78
N PHE B 903 9.11 10.62 69.11
CA PHE B 903 8.17 11.61 68.62
C PHE B 903 8.17 11.71 67.11
N ILE B 904 9.26 11.28 66.46
CA ILE B 904 9.39 11.42 65.02
C ILE B 904 9.32 10.03 64.38
N LEU B 905 9.65 9.01 65.16
CA LEU B 905 9.37 7.64 64.72
C LEU B 905 7.86 7.43 64.61
N PHE B 906 7.08 8.11 65.45
CA PHE B 906 5.63 8.15 65.27
C PHE B 906 5.22 9.12 64.15
N CYS B 907 6.02 10.15 63.88
CA CYS B 907 5.73 11.04 62.76
C CYS B 907 5.86 10.32 61.42
N LEU B 908 6.80 9.37 61.31
CA LEU B 908 6.87 8.55 60.10
C LEU B 908 5.59 7.74 59.91
N ARG B 909 5.07 7.15 61.01
CA ARG B 909 3.77 6.48 60.93
C ARG B 909 2.64 7.43 60.58
N LEU B 910 2.68 8.65 61.07
CA LEU B 910 1.64 9.62 60.75
C LEU B 910 1.72 10.04 59.28
N MET B 911 2.95 10.07 58.73
CA MET B 911 3.13 10.23 57.29
C MET B 911 2.61 9.04 56.51
N HIS B 912 2.69 7.83 57.08
CA HIS B 912 2.16 6.65 56.40
C HIS B 912 0.68 6.79 56.08
N ILE B 913 -0.11 7.32 57.03
CA ILE B 913 -1.55 7.40 56.81
C ILE B 913 -1.94 8.54 55.89
N PHE B 914 -1.00 9.40 55.50
CA PHE B 914 -1.27 10.40 54.46
C PHE B 914 -0.94 9.89 53.07
N THR B 915 -1.37 8.67 52.75
CA THR B 915 -1.46 8.21 51.37
C THR B 915 -2.91 8.34 50.91
N ILE B 916 -3.42 9.58 50.96
CA ILE B 916 -4.84 9.86 50.79
C ILE B 916 -5.08 10.90 49.70
N SER B 917 -4.38 12.03 49.76
CA SER B 917 -4.70 13.17 48.92
C SER B 917 -4.40 12.90 47.45
N LYS B 918 -5.21 13.51 46.58
CA LYS B 918 -5.03 13.35 45.14
C LYS B 918 -3.72 13.93 44.64
N THR B 919 -3.28 15.06 45.20
CA THR B 919 -2.02 15.67 44.81
C THR B 919 -0.86 15.30 45.74
N LEU B 920 -1.10 14.46 46.74
CA LEU B 920 -0.04 14.05 47.67
C LEU B 920 0.20 12.54 47.61
N GLY B 921 -0.87 11.76 47.43
CA GLY B 921 -0.76 10.32 47.31
C GLY B 921 0.19 9.88 46.20
N PRO B 922 -0.12 10.25 44.95
CA PRO B 922 0.85 10.02 43.87
C PRO B 922 2.13 10.83 44.02
N LYS B 923 2.16 11.80 44.93
CA LYS B 923 3.35 12.56 45.23
C LYS B 923 4.18 11.93 46.35
N ILE B 924 3.54 11.32 47.35
CA ILE B 924 4.27 10.59 48.39
C ILE B 924 4.68 9.20 47.92
N ILE B 925 4.00 8.63 46.93
CA ILE B 925 4.50 7.42 46.29
C ILE B 925 5.83 7.66 45.61
N ILE B 926 6.11 8.89 45.19
CA ILE B 926 7.43 9.23 44.66
C ILE B 926 8.50 9.13 45.74
N VAL B 927 8.25 9.66 46.94
CA VAL B 927 9.24 9.54 48.00
C VAL B 927 9.30 8.11 48.53
N LYS B 928 8.27 7.30 48.27
CA LYS B 928 8.40 5.87 48.50
C LYS B 928 9.44 5.23 47.59
N ARG B 929 9.62 5.74 46.37
CA ARG B 929 10.77 5.40 45.54
C ARG B 929 12.06 5.97 46.09
N MET B 930 11.96 7.03 46.89
CA MET B 930 13.11 7.78 47.36
C MET B 930 13.76 7.11 48.57
N MET B 931 13.09 6.11 49.17
CA MET B 931 13.33 5.74 50.56
C MET B 931 14.74 5.21 50.79
N LYS B 932 15.17 4.21 50.01
CA LYS B 932 16.54 3.75 50.14
C LYS B 932 17.52 4.76 49.60
N ASP B 933 17.14 5.48 48.55
CA ASP B 933 17.98 6.57 48.08
C ASP B 933 17.98 7.76 49.03
N VAL B 934 17.01 7.86 49.94
CA VAL B 934 17.13 8.81 51.04
C VAL B 934 18.39 8.51 51.86
N PHE B 935 18.55 7.25 52.26
CA PHE B 935 19.77 6.84 52.95
C PHE B 935 21.01 6.98 52.07
N PHE B 936 20.88 6.68 50.78
CA PHE B 936 21.98 6.87 49.83
C PHE B 936 22.48 8.31 49.87
N PHE B 937 21.57 9.27 49.70
CA PHE B 937 21.99 10.68 49.67
C PHE B 937 22.36 11.19 51.04
N LEU B 938 21.79 10.63 52.12
CA LEU B 938 22.21 11.01 53.46
C LEU B 938 23.65 10.61 53.72
N PHE B 939 23.99 9.36 53.43
CA PHE B 939 25.38 8.90 53.54
C PHE B 939 26.30 9.66 52.61
N LEU B 940 25.81 10.07 51.44
CA LEU B 940 26.62 10.82 50.48
C LEU B 940 26.91 12.24 50.99
N LEU B 941 25.87 12.95 51.40
CA LEU B 941 25.99 14.34 51.79
C LEU B 941 26.68 14.50 53.15
N ALA B 942 26.48 13.55 54.07
CA ALA B 942 27.21 13.60 55.32
C ALA B 942 28.72 13.49 55.07
N VAL B 943 29.11 12.62 54.14
CA VAL B 943 30.53 12.49 53.81
C VAL B 943 31.05 13.74 53.11
N TRP B 944 30.29 14.33 52.16
CA TRP B 944 30.73 15.61 51.62
C TRP B 944 30.91 16.67 52.71
N VAL B 945 29.98 16.73 53.68
CA VAL B 945 30.09 17.74 54.73
C VAL B 945 31.33 17.50 55.59
N VAL B 946 31.55 16.24 56.01
CA VAL B 946 32.67 15.94 56.89
C VAL B 946 34.00 16.16 56.19
N SER B 947 34.07 15.87 54.89
CA SER B 947 35.33 16.00 54.14
C SER B 947 35.94 17.38 54.30
N PHE B 948 35.12 18.43 54.35
CA PHE B 948 35.66 19.77 54.55
C PHE B 948 35.39 20.31 55.96
N GLY B 949 34.55 19.65 56.73
CA GLY B 949 34.47 19.95 58.15
C GLY B 949 35.77 19.64 58.86
N VAL B 950 36.45 18.57 58.43
CA VAL B 950 37.77 18.27 58.95
C VAL B 950 38.79 19.32 58.49
N ALA B 951 38.69 19.76 57.23
CA ALA B 951 39.69 20.65 56.67
C ALA B 951 39.48 22.11 57.07
N LYS B 952 38.32 22.47 57.60
CA LYS B 952 38.06 23.86 57.97
C LYS B 952 38.88 24.26 59.19
N GLN B 953 38.95 23.40 60.20
CA GLN B 953 39.63 23.72 61.45
C GLN B 953 41.12 23.39 61.41
N ALA B 954 41.64 22.92 60.27
CA ALA B 954 43.04 22.50 60.20
C ALA B 954 43.98 23.69 60.15
N ILE B 955 43.83 24.55 59.14
CA ILE B 955 44.77 25.65 58.95
C ILE B 955 44.65 26.66 60.07
N LEU B 956 43.43 27.07 60.40
CA LEU B 956 43.24 28.03 61.47
C LEU B 956 43.49 27.38 62.83
N ILE B 957 44.01 28.17 63.77
CA ILE B 957 44.38 27.68 65.09
C ILE B 957 43.18 27.94 66.00
N HIS B 958 42.33 26.94 66.17
CA HIS B 958 41.21 27.02 67.09
C HIS B 958 41.62 26.48 68.45
N ASN B 959 41.13 27.14 69.51
CA ASN B 959 41.51 26.79 70.87
C ASN B 959 40.33 26.55 71.80
N GLU B 960 39.10 26.62 71.31
CA GLU B 960 37.93 26.38 72.14
C GLU B 960 37.73 24.87 72.28
N ARG B 961 37.97 24.35 73.49
CA ARG B 961 37.84 22.93 73.74
C ARG B 961 37.30 22.68 75.14
N ARG B 962 36.44 21.67 75.26
CA ARG B 962 35.89 21.22 76.53
C ARG B 962 35.67 19.72 76.45
N VAL B 963 34.88 19.19 77.39
CA VAL B 963 34.48 17.79 77.36
C VAL B 963 33.18 17.69 76.58
N ASP B 964 33.22 17.00 75.43
CA ASP B 964 32.08 16.87 74.52
C ASP B 964 31.62 18.23 73.99
N TRP B 965 32.47 19.25 74.13
CA TRP B 965 32.21 20.54 73.52
C TRP B 965 33.36 21.01 72.65
N LEU B 966 34.55 20.40 72.75
CA LEU B 966 35.52 20.53 71.68
C LEU B 966 35.00 19.91 70.40
N PHE B 967 34.31 18.78 70.52
CA PHE B 967 33.58 18.21 69.39
C PHE B 967 32.61 19.22 68.78
N ARG B 968 31.99 20.05 69.62
CA ARG B 968 31.11 21.11 69.09
C ARG B 968 31.88 22.02 68.15
N GLY B 969 32.86 22.75 68.67
CA GLY B 969 33.63 23.69 67.87
C GLY B 969 34.48 23.05 66.80
N ALA B 970 34.56 21.73 66.76
CA ALA B 970 35.31 21.03 65.72
C ALA B 970 34.43 20.53 64.58
N VAL B 971 33.27 19.94 64.88
CA VAL B 971 32.42 19.33 63.86
C VAL B 971 31.05 19.99 63.81
N TYR B 972 30.44 20.28 64.96
CA TYR B 972 29.08 20.79 64.98
C TYR B 972 28.98 22.15 64.31
N HIS B 973 30.05 22.94 64.33
CA HIS B 973 30.07 24.24 63.69
C HIS B 973 30.36 24.17 62.20
N SER B 974 30.62 22.98 61.66
CA SER B 974 30.83 22.81 60.22
C SER B 974 29.53 22.74 59.45
N TYR B 975 28.52 22.03 59.97
CA TYR B 975 27.21 22.00 59.34
C TYR B 975 26.44 23.30 59.55
N LEU B 976 26.70 24.02 60.64
CA LEU B 976 26.05 25.31 60.85
C LEU B 976 26.57 26.36 59.89
N THR B 977 27.82 26.24 59.44
CA THR B 977 28.39 27.15 58.45
C THR B 977 27.90 26.87 57.04
N ILE B 978 26.94 25.96 56.88
CA ILE B 978 26.43 25.60 55.56
C ILE B 978 25.15 26.37 55.30
N PHE B 979 24.31 26.49 56.32
CA PHE B 979 22.97 27.06 56.15
C PHE B 979 22.80 28.41 56.84
N GLY B 980 23.89 29.11 57.16
CA GLY B 980 23.78 30.47 57.63
C GLY B 980 24.63 30.85 58.83
N GLN B 981 24.84 29.92 59.76
CA GLN B 981 25.58 30.20 60.99
C GLN B 981 27.07 30.07 60.70
N ILE B 982 27.64 31.14 60.14
CA ILE B 982 29.07 31.21 59.85
C ILE B 982 29.68 32.22 60.81
N PRO B 983 30.51 31.78 61.77
CA PRO B 983 31.19 32.76 62.64
C PRO B 983 32.30 33.49 61.91
N GLY B 984 31.94 34.53 61.15
CA GLY B 984 32.91 35.26 60.35
C GLY B 984 34.01 35.91 61.18
N TYR B 985 33.70 36.34 62.40
CA TYR B 985 34.72 36.89 63.28
C TYR B 985 35.63 35.83 63.88
N ILE B 986 35.28 34.55 63.74
CA ILE B 986 36.13 33.45 64.16
C ILE B 986 36.72 32.69 62.98
N ASP B 987 35.90 32.38 61.97
CA ASP B 987 36.40 31.69 60.79
C ASP B 987 37.36 32.57 60.00
N GLY B 988 37.14 33.89 60.00
CA GLY B 988 38.01 34.80 59.29
C GLY B 988 38.74 35.75 60.21
N PHE B 1020 46.26 35.70 57.73
CA PHE B 1020 47.13 35.48 56.58
C PHE B 1020 46.54 34.52 55.53
N PRO B 1021 46.01 33.33 55.95
CA PRO B 1021 45.43 32.43 54.95
C PRO B 1021 44.03 32.82 54.53
N GLU B 1022 43.81 34.11 54.26
CA GLU B 1022 42.49 34.55 53.80
C GLU B 1022 42.25 34.21 52.34
N TRP B 1023 43.30 34.23 51.51
CA TRP B 1023 43.14 33.89 50.11
C TRP B 1023 42.72 32.44 49.91
N LEU B 1024 43.31 31.52 50.68
CA LEU B 1024 42.93 30.10 50.60
C LEU B 1024 41.55 29.86 51.20
N THR B 1025 41.19 30.60 52.25
CA THR B 1025 39.84 30.49 52.80
C THR B 1025 38.78 30.85 51.77
N VAL B 1026 39.05 31.84 50.93
CA VAL B 1026 38.16 32.11 49.79
C VAL B 1026 38.20 30.95 48.81
N LEU B 1027 39.40 30.43 48.54
CA LEU B 1027 39.57 29.42 47.51
C LEU B 1027 38.80 28.13 47.84
N LEU B 1028 38.98 27.62 49.06
CA LEU B 1028 38.34 26.36 49.42
C LEU B 1028 36.85 26.52 49.67
N LEU B 1029 36.43 27.66 50.22
CA LEU B 1029 35.00 27.89 50.45
C LEU B 1029 34.23 27.93 49.14
N CYS B 1030 34.84 28.48 48.08
CA CYS B 1030 34.23 28.43 46.76
C CYS B 1030 34.26 27.03 46.19
N LEU B 1031 35.27 26.23 46.56
CA LEU B 1031 35.40 24.89 46.00
C LEU B 1031 34.31 23.96 46.52
N TYR B 1032 34.00 24.04 47.81
CA TYR B 1032 32.97 23.16 48.37
C TYR B 1032 31.61 23.46 47.76
N LEU B 1033 31.23 24.74 47.70
CA LEU B 1033 29.92 25.12 47.19
C LEU B 1033 29.85 24.99 45.67
N LEU B 1034 30.98 24.80 45.00
CA LEU B 1034 30.98 24.57 43.56
C LEU B 1034 30.52 23.15 43.24
N PHE B 1035 30.83 22.20 44.13
CA PHE B 1035 30.41 20.82 43.95
C PHE B 1035 29.09 20.51 44.65
N THR B 1036 28.70 21.29 45.65
CA THR B 1036 27.45 21.00 46.38
C THR B 1036 26.27 21.79 45.81
N ASN B 1037 26.40 23.12 45.78
CA ASN B 1037 25.29 23.95 45.33
C ASN B 1037 25.12 23.92 43.81
N ILE B 1038 26.08 23.34 43.08
CA ILE B 1038 26.00 23.28 41.63
C ILE B 1038 25.89 21.82 41.19
N LEU B 1039 26.78 20.97 41.69
CA LEU B 1039 26.78 19.57 41.29
C LEU B 1039 25.91 18.68 42.16
N LEU B 1040 25.75 19.01 43.44
CA LEU B 1040 24.97 18.16 44.32
C LEU B 1040 23.58 18.71 44.62
N LEU B 1041 23.25 19.90 44.11
CA LEU B 1041 21.93 20.48 44.32
C LEU B 1041 21.10 20.44 43.04
N ASN B 1042 21.66 20.91 41.93
CA ASN B 1042 20.93 20.96 40.67
C ASN B 1042 20.92 19.65 39.91
N LEU B 1043 21.92 18.78 40.12
CA LEU B 1043 21.91 17.47 39.47
C LEU B 1043 20.90 16.53 40.11
N LEU B 1044 20.54 16.77 41.37
CA LEU B 1044 19.45 16.00 41.96
C LEU B 1044 18.13 16.29 41.25
N ILE B 1045 17.94 17.53 40.80
CA ILE B 1045 16.72 17.90 40.10
C ILE B 1045 16.56 17.06 38.83
N ALA B 1046 17.66 16.83 38.11
CA ALA B 1046 17.60 16.02 36.90
C ALA B 1046 17.18 14.58 37.21
N MET B 1047 17.79 13.95 38.23
CA MET B 1047 17.43 12.58 38.55
C MET B 1047 16.20 12.51 39.45
N PHE B 1048 15.69 13.66 39.89
CA PHE B 1048 14.33 13.72 40.44
C PHE B 1048 13.29 13.84 39.34
N ASN B 1049 13.39 14.90 38.53
CA ASN B 1049 12.35 15.17 37.53
C ASN B 1049 12.28 14.10 36.45
N TYR B 1050 13.43 13.63 35.96
CA TYR B 1050 13.41 12.61 34.91
C TYR B 1050 12.82 11.30 35.42
N THR B 1051 13.25 10.87 36.61
CA THR B 1051 12.68 9.68 37.22
C THR B 1051 11.22 9.89 37.59
N PHE B 1052 10.82 11.12 37.90
CA PHE B 1052 9.40 11.42 38.08
C PHE B 1052 8.62 11.17 36.80
N GLN B 1053 9.16 11.62 35.66
CA GLN B 1053 8.50 11.37 34.38
C GLN B 1053 8.57 9.89 33.99
N GLN B 1054 9.56 9.17 34.49
CA GLN B 1054 9.77 7.77 34.13
C GLN B 1054 8.59 6.88 34.52
N VAL B 1055 8.24 6.89 35.80
CA VAL B 1055 7.23 5.97 36.32
C VAL B 1055 5.97 6.71 36.75
N GLN B 1056 5.74 7.92 36.22
CA GLN B 1056 4.59 8.70 36.63
C GLN B 1056 3.28 7.95 36.35
N GLU B 1057 3.21 7.31 35.19
CA GLU B 1057 2.05 6.47 34.89
C GLU B 1057 1.95 5.30 35.87
N HIS B 1058 3.09 4.69 36.19
CA HIS B 1058 3.09 3.62 37.18
C HIS B 1058 2.69 4.15 38.55
N THR B 1059 3.30 5.26 38.97
CA THR B 1059 3.00 5.85 40.28
C THR B 1059 1.55 6.29 40.39
N ASP B 1060 0.96 6.78 39.29
CA ASP B 1060 -0.46 7.14 39.32
C ASP B 1060 -1.33 5.92 39.58
N GLN B 1061 -1.10 4.84 38.82
CA GLN B 1061 -1.93 3.65 38.98
C GLN B 1061 -1.59 2.86 40.23
N ILE B 1062 -0.34 2.95 40.71
CA ILE B 1062 0.02 2.30 41.96
C ILE B 1062 -0.76 2.90 43.12
N TRP B 1063 -0.83 4.24 43.17
CA TRP B 1063 -1.67 4.89 44.17
C TRP B 1063 -3.14 4.54 43.96
N LYS B 1064 -3.57 4.40 42.70
CA LYS B 1064 -4.92 3.91 42.44
C LYS B 1064 -5.11 2.50 42.97
N PHE B 1065 -4.11 1.64 42.80
CA PHE B 1065 -4.19 0.28 43.34
C PHE B 1065 -4.09 0.26 44.85
N GLN B 1066 -3.20 1.08 45.42
CA GLN B 1066 -3.04 1.11 46.88
C GLN B 1066 -4.20 1.80 47.59
N ARG B 1067 -5.08 2.47 46.83
CA ARG B 1067 -6.18 3.18 47.45
C ARG B 1067 -7.17 2.25 48.13
N HIS B 1068 -7.40 1.06 47.55
CA HIS B 1068 -8.38 0.14 48.12
C HIS B 1068 -7.95 -0.36 49.49
N ASP B 1069 -6.65 -0.46 49.75
CA ASP B 1069 -6.17 -0.94 51.04
C ASP B 1069 -6.60 -0.04 52.18
N LEU B 1070 -6.52 1.29 52.00
CA LEU B 1070 -6.99 2.20 53.03
C LEU B 1070 -8.50 2.06 53.23
N ILE B 1071 -9.25 1.91 52.14
CA ILE B 1071 -10.70 1.76 52.24
C ILE B 1071 -11.05 0.43 52.91
N GLU B 1072 -10.30 -0.64 52.63
CA GLU B 1072 -10.58 -1.93 53.23
C GLU B 1072 -10.44 -1.91 54.74
N GLU B 1073 -9.40 -1.24 55.26
CA GLU B 1073 -9.17 -1.23 56.70
C GLU B 1073 -10.24 -0.44 57.43
N TYR B 1074 -10.65 0.71 56.89
CA TYR B 1074 -11.51 1.64 57.61
C TYR B 1074 -13.00 1.41 57.34
N HIS B 1075 -13.36 0.49 56.45
CA HIS B 1075 -14.79 0.23 56.21
C HIS B 1075 -15.35 -0.74 57.23
N GLY B 1076 -14.70 -1.88 57.40
CA GLY B 1076 -15.11 -2.86 58.40
C GLY B 1076 -14.63 -2.50 59.79
N ARG B 1077 -15.09 -1.36 60.32
CA ARG B 1077 -14.65 -0.87 61.61
C ARG B 1077 -15.70 0.08 62.18
N PRO B 1078 -16.04 -0.04 63.47
CA PRO B 1078 -17.02 0.88 64.05
C PRO B 1078 -16.50 2.30 64.10
N ALA B 1079 -17.44 3.24 64.08
CA ALA B 1079 -17.13 4.67 64.07
C ALA B 1079 -16.82 5.23 65.45
N ALA B 1080 -16.59 4.38 66.44
CA ALA B 1080 -16.29 4.85 67.78
C ALA B 1080 -14.90 5.48 67.82
N PRO B 1081 -14.72 6.55 68.59
CA PRO B 1081 -13.39 7.13 68.79
C PRO B 1081 -12.42 6.10 69.34
N PRO B 1082 -11.13 6.22 69.00
CA PRO B 1082 -10.11 5.41 69.67
C PRO B 1082 -10.14 5.59 71.18
N PRO B 1083 -10.50 6.78 71.70
CA PRO B 1083 -10.85 6.85 73.11
C PRO B 1083 -12.05 5.98 73.49
N PHE B 1084 -12.91 5.64 72.54
CA PHE B 1084 -14.09 4.82 72.82
C PHE B 1084 -14.02 3.44 72.19
N ILE B 1085 -12.98 3.14 71.39
CA ILE B 1085 -12.76 1.78 70.91
C ILE B 1085 -12.45 0.81 72.05
N LEU B 1086 -12.01 1.33 73.20
CA LEU B 1086 -11.78 0.47 74.35
C LEU B 1086 -13.03 -0.33 74.71
N LEU B 1087 -14.20 0.29 74.60
CA LEU B 1087 -15.45 -0.43 74.87
C LEU B 1087 -15.72 -1.49 73.80
N SER B 1088 -15.51 -1.12 72.53
CA SER B 1088 -15.76 -2.08 71.45
C SER B 1088 -14.75 -3.21 71.42
N HIS B 1089 -13.57 -3.01 72.01
CA HIS B 1089 -12.60 -4.11 72.10
C HIS B 1089 -13.12 -5.21 73.02
N LEU B 1090 -13.96 -4.86 74.00
CA LEU B 1090 -14.57 -5.85 74.88
C LEU B 1090 -15.94 -6.30 74.39
N GLN B 1091 -16.55 -5.55 73.46
CA GLN B 1091 -17.89 -5.90 72.99
C GLN B 1091 -17.94 -7.26 72.32
N LEU B 1092 -16.92 -7.59 71.52
CA LEU B 1092 -16.85 -8.90 70.91
C LEU B 1092 -16.29 -9.97 71.85
N PHE B 1093 -15.79 -9.57 73.02
CA PHE B 1093 -15.33 -10.52 74.02
C PHE B 1093 -16.47 -10.97 74.93
N ILE B 1094 -17.32 -10.03 75.38
CA ILE B 1094 -18.51 -10.42 76.13
C ILE B 1094 -19.48 -11.17 75.22
N LYS B 1095 -19.45 -10.88 73.92
CA LYS B 1095 -20.28 -11.63 72.98
C LYS B 1095 -19.88 -13.10 72.94
N ARG B 1096 -18.59 -13.39 73.02
CA ARG B 1096 -18.10 -14.76 73.02
C ARG B 1096 -18.26 -15.45 74.37
N VAL B 1097 -18.71 -14.72 75.40
CA VAL B 1097 -19.18 -15.38 76.61
C VAL B 1097 -20.48 -16.12 76.35
N VAL B 1098 -21.37 -15.56 75.54
CA VAL B 1098 -22.61 -16.21 75.15
C VAL B 1098 -22.41 -17.05 73.89
N LEU B 1099 -21.83 -16.45 72.85
CA LEU B 1099 -21.57 -17.15 71.61
C LEU B 1099 -20.34 -18.05 71.74
N LYS B 1100 -20.18 -18.97 70.79
CA LYS B 1100 -19.05 -19.88 70.79
C LYS B 1100 -18.37 -20.03 69.44
N THR B 1101 -19.03 -19.70 68.33
CA THR B 1101 -18.44 -19.84 67.01
C THR B 1101 -18.32 -18.49 66.32
N PRO B 1102 -17.29 -18.28 65.51
CA PRO B 1102 -17.13 -16.99 64.81
C PRO B 1102 -18.12 -16.82 63.66
N ALA B 1103 -19.36 -16.50 63.98
CA ALA B 1103 -20.41 -16.28 62.99
C ALA B 1103 -21.21 -15.03 63.33
N LYS B 1104 -20.51 -13.93 63.67
CA LYS B 1104 -21.19 -12.72 64.11
C LYS B 1104 -21.78 -11.96 62.92
N ARG B 1105 -20.95 -11.65 61.93
CA ARG B 1105 -21.36 -10.84 60.78
C ARG B 1105 -20.24 -10.85 59.76
N HIS B 1106 -20.57 -10.46 58.54
CA HIS B 1106 -19.61 -10.35 57.44
C HIS B 1106 -19.76 -8.95 56.83
N LYS B 1107 -19.01 -7.99 57.39
CA LYS B 1107 -19.06 -6.62 56.90
C LYS B 1107 -18.03 -6.37 55.81
N GLN B 1108 -18.08 -7.20 54.77
CA GLN B 1108 -17.25 -7.03 53.58
C GLN B 1108 -18.14 -6.54 52.44
N LEU B 1109 -17.51 -6.27 51.29
CA LEU B 1109 -18.29 -5.86 50.12
C LEU B 1109 -19.23 -6.98 49.73
N LYS B 1110 -18.66 -8.09 49.24
CA LYS B 1110 -19.29 -9.41 49.18
C LYS B 1110 -20.79 -9.40 48.96
N ASN B 1111 -21.25 -8.63 47.97
CA ASN B 1111 -22.69 -8.43 47.77
C ASN B 1111 -23.28 -9.69 47.13
N LYS B 1112 -24.11 -10.40 47.88
CA LYS B 1112 -24.81 -11.56 47.35
C LYS B 1112 -26.08 -11.12 46.61
N LEU B 1113 -26.42 -11.85 45.55
CA LEU B 1113 -27.53 -11.49 44.67
C LEU B 1113 -28.51 -12.65 44.53
N GLU B 1114 -29.77 -12.32 44.25
CA GLU B 1114 -30.82 -13.31 44.05
C GLU B 1114 -30.80 -13.84 42.62
N LYS B 1115 -31.52 -14.94 42.39
CA LYS B 1115 -31.59 -15.52 41.06
C LYS B 1115 -32.29 -14.58 40.09
N ASN B 1116 -33.38 -13.95 40.52
CA ASN B 1116 -34.17 -13.06 39.67
C ASN B 1116 -33.38 -11.85 39.19
N GLU B 1117 -32.43 -11.35 39.99
CA GLU B 1117 -31.61 -10.23 39.55
C GLU B 1117 -30.31 -10.67 38.92
N GLU B 1118 -29.75 -11.81 39.35
CA GLU B 1118 -28.55 -12.33 38.71
C GLU B 1118 -28.81 -12.65 37.24
N ALA B 1119 -29.91 -13.31 36.94
CA ALA B 1119 -30.25 -13.58 35.55
C ALA B 1119 -30.55 -12.30 34.78
N ALA B 1120 -31.16 -11.31 35.42
CA ALA B 1120 -31.45 -10.03 34.78
C ALA B 1120 -30.20 -9.17 34.59
N LEU B 1121 -29.08 -9.52 35.22
CA LEU B 1121 -27.83 -8.78 35.07
C LEU B 1121 -26.83 -9.49 34.17
N LEU B 1122 -26.67 -10.81 34.31
CA LEU B 1122 -25.79 -11.55 33.41
C LEU B 1122 -26.28 -11.55 31.98
N SER B 1123 -27.60 -11.61 31.76
CA SER B 1123 -28.13 -11.48 30.41
C SER B 1123 -27.84 -10.11 29.84
N TRP B 1124 -27.85 -9.07 30.67
CA TRP B 1124 -27.49 -7.73 30.22
C TRP B 1124 -26.02 -7.65 29.84
N GLU B 1125 -25.14 -8.26 30.63
CA GLU B 1125 -23.71 -8.21 30.35
C GLU B 1125 -23.35 -8.94 29.05
N ILE B 1126 -23.98 -10.09 28.81
CA ILE B 1126 -23.69 -10.86 27.59
C ILE B 1126 -24.03 -10.03 26.36
N TYR B 1127 -25.16 -9.32 26.39
CA TYR B 1127 -25.52 -8.46 25.26
C TYR B 1127 -24.49 -7.35 25.06
N LEU B 1128 -23.95 -6.80 26.14
CA LEU B 1128 -22.88 -5.81 26.03
C LEU B 1128 -21.54 -6.42 25.65
N LYS B 1129 -21.27 -7.66 26.07
CA LYS B 1129 -20.01 -8.30 25.69
C LYS B 1129 -19.91 -8.47 24.19
N GLU B 1130 -20.99 -8.93 23.56
CA GLU B 1130 -21.02 -9.04 22.10
C GLU B 1130 -20.97 -7.66 21.44
N ASN B 1131 -21.56 -6.64 22.06
CA ASN B 1131 -21.44 -5.29 21.54
C ASN B 1131 -20.00 -4.80 21.59
N TYR B 1132 -19.26 -5.12 22.65
CA TYR B 1132 -17.84 -4.78 22.70
C TYR B 1132 -17.05 -5.54 21.64
N LEU B 1133 -17.39 -6.82 21.42
CA LEU B 1133 -16.70 -7.60 20.40
C LEU B 1133 -16.89 -7.01 19.01
N GLN B 1134 -17.97 -6.24 18.81
CA GLN B 1134 -18.15 -5.53 17.55
C GLN B 1134 -17.04 -4.52 17.31
N ASN B 1135 -16.68 -3.73 18.34
CA ASN B 1135 -15.73 -2.64 18.15
C ASN B 1135 -14.33 -3.16 17.88
N ARG B 1136 -13.85 -4.10 18.70
CA ARG B 1136 -12.49 -4.63 18.50
C ARG B 1136 -12.38 -5.37 17.18
N GLN B 1137 -13.40 -6.14 16.81
CA GLN B 1137 -13.40 -6.77 15.49
C GLN B 1137 -13.41 -5.72 14.39
N PHE B 1138 -14.14 -4.62 14.58
CA PHE B 1138 -14.09 -3.51 13.64
C PHE B 1138 -12.81 -2.69 13.79
N GLN B 1139 -12.26 -2.63 14.99
CA GLN B 1139 -10.99 -1.95 15.20
C GLN B 1139 -9.85 -2.63 14.47
N GLN B 1140 -9.83 -3.97 14.46
CA GLN B 1140 -8.77 -4.69 13.76
C GLN B 1140 -8.81 -4.42 12.26
N LYS B 1141 -10.00 -4.41 11.66
CA LYS B 1141 -10.12 -4.17 10.23
C LYS B 1141 -9.86 -2.72 9.86
N GLN B 1142 -10.15 -1.77 10.75
CA GLN B 1142 -9.88 -0.37 10.50
C GLN B 1142 -8.41 0.01 10.68
N ARG B 1143 -7.60 -0.86 11.26
CA ARG B 1143 -6.18 -0.55 11.44
C ARG B 1143 -5.49 -0.51 10.08
N PRO B 1144 -4.73 0.55 9.78
CA PRO B 1144 -4.10 0.66 8.46
C PRO B 1144 -3.15 -0.48 8.12
N GLU B 1145 -2.45 -1.02 9.11
CA GLU B 1145 -1.53 -2.13 8.88
C GLU B 1145 -2.28 -3.38 8.44
N GLN B 1146 -3.41 -3.69 9.10
CA GLN B 1146 -4.20 -4.85 8.70
C GLN B 1146 -4.72 -4.72 7.28
N LYS B 1147 -5.09 -3.51 6.86
CA LYS B 1147 -5.56 -3.33 5.50
C LYS B 1147 -4.47 -3.66 4.48
N ILE B 1148 -3.20 -3.62 4.88
CA ILE B 1148 -2.14 -4.10 4.00
C ILE B 1148 -2.21 -5.61 3.82
N GLU B 1149 -2.68 -6.35 4.84
CA GLU B 1149 -2.96 -7.77 4.65
C GLU B 1149 -4.01 -8.01 3.57
N ASP B 1150 -5.06 -7.19 3.54
CA ASP B 1150 -6.17 -7.43 2.63
C ASP B 1150 -5.73 -7.29 1.18
N ILE B 1151 -4.95 -6.27 0.87
CA ILE B 1151 -4.48 -6.08 -0.51
C ILE B 1151 -3.48 -7.17 -0.89
N SER B 1152 -2.58 -7.52 0.03
CA SER B 1152 -1.52 -8.47 -0.31
C SER B 1152 -2.07 -9.83 -0.70
N ASN B 1153 -3.03 -10.36 0.06
CA ASN B 1153 -3.58 -11.67 -0.28
C ASN B 1153 -4.58 -11.62 -1.42
N LYS B 1154 -5.12 -10.44 -1.74
CA LYS B 1154 -5.97 -10.30 -2.91
C LYS B 1154 -5.18 -10.29 -4.21
N VAL B 1155 -4.01 -9.66 -4.21
CA VAL B 1155 -3.13 -9.73 -5.37
C VAL B 1155 -2.63 -11.15 -5.59
N ASP B 1156 -2.38 -11.89 -4.52
CA ASP B 1156 -1.98 -13.30 -4.65
C ASP B 1156 -3.08 -14.13 -5.28
N ALA B 1157 -4.32 -13.66 -5.29
CA ALA B 1157 -5.40 -14.35 -6.00
C ALA B 1157 -5.42 -14.00 -7.49
N MET B 1158 -4.59 -13.06 -7.92
CA MET B 1158 -4.52 -12.69 -9.33
C MET B 1158 -3.47 -13.46 -10.11
N VAL B 1159 -2.41 -13.93 -9.45
CA VAL B 1159 -1.36 -14.67 -10.16
C VAL B 1159 -1.88 -16.02 -10.66
N ASP B 1160 -2.70 -16.68 -9.84
CA ASP B 1160 -3.26 -17.96 -10.22
C ASP B 1160 -4.52 -17.84 -11.08
N LEU B 1161 -5.11 -16.65 -11.16
CA LEU B 1161 -6.33 -16.47 -11.94
C LEU B 1161 -6.07 -16.19 -13.41
N LEU B 1162 -4.83 -15.84 -13.77
CA LEU B 1162 -4.54 -15.46 -15.15
C LEU B 1162 -3.52 -16.40 -15.79
N ASP B 1163 -3.64 -17.70 -15.52
CA ASP B 1163 -2.81 -18.70 -16.18
C ASP B 1163 -3.68 -19.77 -16.85
N LEU B 1164 -4.92 -19.42 -17.19
CA LEU B 1164 -5.87 -20.37 -17.74
C LEU B 1164 -5.91 -20.35 -19.27
N ASP B 1165 -5.04 -19.58 -19.90
CA ASP B 1165 -5.01 -19.50 -21.37
C ASP B 1165 -4.51 -20.79 -21.97
N GLY B 1235 -19.04 -52.94 -23.14
CA GLY B 1235 -19.30 -53.51 -24.45
C GLY B 1235 -19.79 -54.94 -24.40
N ASP B 1236 -19.11 -55.83 -25.13
CA ASP B 1236 -19.46 -57.24 -25.15
C ASP B 1236 -19.17 -57.86 -23.79
N SER B 1237 -20.23 -58.21 -23.06
CA SER B 1237 -20.07 -58.75 -21.72
C SER B 1237 -19.44 -60.14 -21.78
N TYR B 1238 -18.39 -60.34 -20.97
CA TYR B 1238 -17.73 -61.64 -20.88
C TYR B 1238 -17.63 -62.07 -19.43
N HIS B 1239 -16.92 -63.16 -19.17
CA HIS B 1239 -16.65 -63.61 -17.80
C HIS B 1239 -15.41 -62.88 -17.28
N VAL B 1240 -15.59 -61.58 -17.07
CA VAL B 1240 -14.48 -60.70 -16.71
C VAL B 1240 -13.84 -61.10 -15.39
N ASN B 1241 -14.62 -61.58 -14.42
CA ASN B 1241 -14.06 -62.00 -13.14
C ASN B 1241 -13.26 -63.30 -13.28
N ALA B 1242 -13.62 -64.17 -14.21
CA ALA B 1242 -12.91 -65.43 -14.40
C ALA B 1242 -11.49 -65.20 -14.91
N ARG B 1243 -11.32 -64.24 -15.82
CA ARG B 1243 -9.99 -63.96 -16.37
C ARG B 1243 -9.08 -63.25 -15.39
N HIS B 1244 -9.59 -62.81 -14.24
CA HIS B 1244 -8.78 -62.09 -13.28
C HIS B 1244 -7.67 -62.97 -12.73
N LEU B 1245 -6.49 -62.39 -12.56
CA LEU B 1245 -5.32 -63.12 -12.10
C LEU B 1245 -5.41 -63.37 -10.59
N LEU B 1246 -4.32 -63.90 -10.03
CA LEU B 1246 -4.18 -64.14 -8.60
C LEU B 1246 -5.27 -65.08 -8.09
N TYR B 1247 -5.20 -66.31 -8.58
CA TYR B 1247 -6.15 -67.35 -8.18
C TYR B 1247 -6.13 -67.54 -6.66
N PRO B 1248 -7.28 -67.51 -6.00
CA PRO B 1248 -7.29 -67.60 -4.53
C PRO B 1248 -6.87 -68.97 -4.05
N ASN B 1249 -6.21 -69.00 -2.89
CA ASN B 1249 -5.80 -70.21 -2.19
C ASN B 1249 -4.88 -71.09 -3.02
N CYS B 1250 -4.28 -70.53 -4.08
CA CYS B 1250 -3.32 -71.25 -4.90
C CYS B 1250 -2.40 -70.24 -5.56
N PRO B 1251 -1.16 -70.14 -5.11
CA PRO B 1251 -0.24 -69.12 -5.65
C PRO B 1251 0.28 -69.45 -7.04
N VAL B 1252 -0.55 -69.28 -8.07
CA VAL B 1252 -0.17 -69.51 -9.45
C VAL B 1252 -0.68 -68.36 -10.30
N THR B 1253 -0.52 -68.50 -11.61
CA THR B 1253 -0.98 -67.51 -12.58
C THR B 1253 -1.69 -68.22 -13.72
N ARG B 1254 -2.37 -67.44 -14.55
CA ARG B 1254 -3.09 -68.00 -15.69
C ARG B 1254 -2.71 -67.22 -16.95
N PHE B 1255 -2.88 -67.88 -18.09
CA PHE B 1255 -2.40 -67.37 -19.37
C PHE B 1255 -3.24 -66.18 -19.84
N PRO B 1256 -2.61 -65.22 -20.52
CA PRO B 1256 -3.34 -64.08 -21.10
C PRO B 1256 -4.31 -64.50 -22.19
N VAL B 1257 -5.60 -64.20 -21.99
CA VAL B 1257 -6.66 -64.45 -22.95
C VAL B 1257 -7.36 -63.13 -23.26
N PRO B 1258 -7.16 -62.54 -24.45
CA PRO B 1258 -7.71 -61.20 -24.71
C PRO B 1258 -9.23 -61.13 -24.80
N ASN B 1259 -9.76 -59.90 -24.91
CA ASN B 1259 -11.16 -59.68 -25.22
C ASN B 1259 -11.51 -60.11 -26.65
N GLU B 1260 -10.52 -60.28 -27.51
CA GLU B 1260 -10.76 -60.75 -28.86
C GLU B 1260 -10.66 -62.27 -28.95
N LYS B 1261 -9.73 -62.85 -28.18
CA LYS B 1261 -9.48 -64.29 -28.19
C LYS B 1261 -10.20 -65.03 -27.07
N VAL B 1262 -11.11 -64.37 -26.36
CA VAL B 1262 -11.85 -65.02 -25.28
C VAL B 1262 -12.74 -66.17 -25.79
N PRO B 1263 -13.47 -66.07 -26.91
CA PRO B 1263 -14.37 -67.17 -27.26
C PRO B 1263 -13.62 -68.33 -27.88
N TRP B 1264 -14.28 -69.49 -27.90
CA TRP B 1264 -13.73 -70.67 -28.54
C TRP B 1264 -13.73 -70.59 -30.06
N GLU B 1265 -14.62 -69.79 -30.65
CA GLU B 1265 -14.63 -69.63 -32.09
C GLU B 1265 -13.37 -68.93 -32.59
N THR B 1266 -12.91 -67.91 -31.87
CA THR B 1266 -11.71 -67.19 -32.25
C THR B 1266 -10.48 -68.01 -31.90
N GLU B 1267 -9.57 -68.16 -32.86
CA GLU B 1267 -8.35 -68.92 -32.65
C GLU B 1267 -7.24 -68.02 -32.12
N PHE B 1268 -6.54 -68.51 -31.09
CA PHE B 1268 -5.43 -67.79 -30.48
C PHE B 1268 -4.23 -68.74 -30.46
N LEU B 1269 -3.30 -68.54 -31.39
CA LEU B 1269 -2.23 -69.50 -31.62
C LEU B 1269 -1.22 -69.55 -30.48
N ILE B 1270 -1.25 -68.58 -29.57
CA ILE B 1270 -0.30 -68.52 -28.46
C ILE B 1270 -0.87 -69.17 -27.19
N TYR B 1271 -2.14 -69.57 -27.21
CA TYR B 1271 -2.81 -70.07 -26.02
C TYR B 1271 -2.14 -71.34 -25.52
N ASP B 1272 -1.40 -71.23 -24.43
CA ASP B 1272 -0.76 -72.37 -23.77
C ASP B 1272 -0.99 -72.26 -22.26
N PRO B 1273 -2.22 -72.48 -21.81
CA PRO B 1273 -2.50 -72.38 -20.37
C PRO B 1273 -1.91 -73.57 -19.63
N PRO B 1274 -1.25 -73.33 -18.50
CA PRO B 1274 -0.68 -74.45 -17.73
C PRO B 1274 -1.77 -75.37 -17.19
N PHE B 1275 -1.45 -76.67 -17.14
CA PHE B 1275 -2.37 -77.64 -16.57
C PHE B 1275 -2.35 -77.52 -15.06
N TYR B 1276 -3.07 -76.54 -14.51
CA TYR B 1276 -3.01 -76.20 -13.11
C TYR B 1276 -4.11 -76.93 -12.35
N THR B 1277 -3.72 -77.62 -11.27
CA THR B 1277 -4.66 -78.29 -10.38
C THR B 1277 -4.32 -77.92 -8.95
N ALA B 1278 -5.36 -77.80 -8.12
CA ALA B 1278 -5.17 -77.41 -6.73
C ALA B 1278 -4.55 -78.56 -5.94
N GLU B 1279 -4.07 -78.23 -4.75
CA GLU B 1279 -3.52 -79.27 -3.86
C GLU B 1279 -4.59 -80.27 -3.46
N ARG B 1280 -5.85 -79.86 -3.45
CA ARG B 1280 -6.96 -80.73 -3.13
C ARG B 1280 -7.63 -81.32 -4.37
N LYS B 1281 -6.92 -81.36 -5.51
CA LYS B 1281 -7.45 -81.99 -6.70
C LYS B 1281 -7.43 -83.51 -6.61
N ASP B 1282 -6.45 -84.09 -5.93
CA ASP B 1282 -6.40 -85.52 -5.62
C ASP B 1282 -6.80 -85.63 -4.15
N ALA B 1283 -8.06 -85.98 -3.91
CA ALA B 1283 -8.67 -85.79 -2.61
C ALA B 1283 -9.85 -86.75 -2.48
N ALA B 1284 -10.76 -86.46 -1.55
CA ALA B 1284 -11.89 -87.30 -1.21
C ALA B 1284 -12.95 -87.24 -2.30
N ALA B 1285 -14.18 -87.65 -1.97
CA ALA B 1285 -15.23 -88.04 -2.91
C ALA B 1285 -15.36 -87.13 -4.13
N MET B 1286 -14.93 -85.88 -4.03
CA MET B 1286 -14.85 -84.99 -5.19
C MET B 1286 -14.09 -85.67 -6.32
N ASP B 1287 -14.35 -85.25 -7.56
CA ASP B 1287 -13.82 -85.98 -8.72
C ASP B 1287 -12.29 -85.99 -8.70
N PRO B 1288 -11.67 -87.16 -8.80
CA PRO B 1288 -10.21 -87.25 -8.79
C PRO B 1288 -9.60 -86.99 -10.16
N MET B 1289 -10.38 -86.43 -11.08
CA MET B 1289 -9.97 -86.27 -12.47
C MET B 1289 -9.03 -85.07 -12.68
N GLY B 1290 -8.44 -84.54 -11.61
CA GLY B 1290 -7.49 -83.44 -11.77
C GLY B 1290 -6.27 -83.80 -12.58
N ASP B 1291 -6.02 -85.10 -12.76
CA ASP B 1291 -4.92 -85.59 -13.59
C ASP B 1291 -5.48 -86.53 -14.65
N THR B 1292 -6.51 -86.10 -15.37
CA THR B 1292 -7.29 -86.94 -16.26
C THR B 1292 -6.57 -87.31 -17.54
N LEU B 1293 -5.26 -87.09 -17.63
CA LEU B 1293 -4.50 -87.60 -18.77
C LEU B 1293 -4.58 -89.11 -18.85
N GLU B 1294 -4.69 -89.78 -17.70
CA GLU B 1294 -4.92 -91.22 -17.68
C GLU B 1294 -6.34 -91.53 -18.14
N PRO B 1295 -6.60 -92.78 -18.55
CA PRO B 1295 -7.96 -93.14 -18.99
C PRO B 1295 -8.97 -93.23 -17.85
N LEU B 1296 -8.57 -92.80 -16.65
CA LEU B 1296 -9.47 -92.82 -15.51
C LEU B 1296 -10.66 -91.88 -15.68
N SER B 1297 -10.55 -90.90 -16.59
CA SER B 1297 -11.66 -89.98 -16.84
C SER B 1297 -12.76 -90.67 -17.63
N THR B 1298 -13.75 -91.22 -16.93
CA THR B 1298 -14.85 -91.91 -17.60
C THR B 1298 -16.21 -91.55 -17.01
N ILE B 1299 -16.31 -90.48 -16.23
CA ILE B 1299 -17.58 -90.06 -15.64
C ILE B 1299 -18.50 -89.54 -16.74
N GLN B 1300 -19.79 -89.51 -16.46
CA GLN B 1300 -20.76 -89.09 -17.47
C GLN B 1300 -20.71 -87.59 -17.67
N TYR B 1301 -20.63 -87.16 -18.93
CA TYR B 1301 -20.70 -85.76 -19.30
C TYR B 1301 -22.10 -85.43 -19.80
N ASN B 1302 -22.59 -84.25 -19.43
CA ASN B 1302 -23.91 -83.77 -19.83
C ASN B 1302 -25.01 -84.72 -19.34
N VAL B 1303 -24.74 -85.36 -18.20
CA VAL B 1303 -25.65 -86.36 -17.64
C VAL B 1303 -25.37 -86.47 -16.15
N VAL B 1304 -26.34 -87.03 -15.43
CA VAL B 1304 -26.23 -87.21 -13.98
C VAL B 1304 -25.41 -88.47 -13.74
N ASP B 1305 -24.15 -88.31 -13.33
CA ASP B 1305 -23.27 -89.43 -13.01
C ASP B 1305 -23.50 -89.80 -11.55
N GLY B 1306 -24.62 -90.48 -11.31
CA GLY B 1306 -25.01 -90.84 -9.95
C GLY B 1306 -25.34 -89.63 -9.12
N LEU B 1307 -24.72 -89.52 -7.94
CA LEU B 1307 -24.96 -88.38 -7.07
C LEU B 1307 -24.37 -87.08 -7.63
N ARG B 1308 -23.41 -87.18 -8.55
CA ARG B 1308 -22.80 -86.00 -9.16
C ARG B 1308 -23.61 -85.63 -10.41
N ASP B 1309 -24.41 -84.58 -10.29
CA ASP B 1309 -25.23 -84.09 -11.39
C ASP B 1309 -24.35 -83.25 -12.32
N ARG B 1310 -23.56 -83.95 -13.13
CA ARG B 1310 -22.62 -83.31 -14.04
C ARG B 1310 -23.29 -82.97 -15.38
N ARG B 1311 -24.35 -82.17 -15.27
CA ARG B 1311 -25.05 -81.67 -16.46
C ARG B 1311 -25.25 -80.17 -16.29
N SER B 1312 -25.00 -79.42 -17.36
CA SER B 1312 -25.09 -77.97 -17.30
C SER B 1312 -26.55 -77.51 -17.40
N PHE B 1313 -26.91 -76.54 -16.56
CA PHE B 1313 -28.26 -76.00 -16.57
C PHE B 1313 -28.50 -75.06 -17.74
N HIS B 1314 -27.45 -74.53 -18.36
CA HIS B 1314 -27.62 -73.61 -19.48
C HIS B 1314 -27.74 -74.35 -20.80
N GLY B 1315 -26.75 -75.19 -21.11
CA GLY B 1315 -26.75 -75.94 -22.35
C GLY B 1315 -25.61 -76.93 -22.42
N PRO B 1316 -25.57 -77.71 -23.50
CA PRO B 1316 -24.52 -78.74 -23.64
C PRO B 1316 -23.16 -78.10 -23.89
N TYR B 1317 -22.18 -78.48 -23.07
CA TYR B 1317 -20.82 -77.99 -23.26
C TYR B 1317 -20.01 -78.97 -24.08
N THR B 1318 -19.12 -78.42 -24.92
CA THR B 1318 -18.29 -79.25 -25.76
C THR B 1318 -17.21 -79.96 -24.95
N VAL B 1319 -16.76 -81.11 -25.45
CA VAL B 1319 -15.73 -81.90 -24.80
C VAL B 1319 -14.56 -82.04 -25.76
N GLN B 1320 -13.36 -81.69 -25.28
CA GLN B 1320 -12.14 -81.78 -26.08
C GLN B 1320 -11.10 -82.55 -25.28
N ALA B 1321 -10.52 -83.58 -25.91
CA ALA B 1321 -9.51 -84.43 -25.28
C ALA B 1321 -10.02 -85.04 -23.98
N GLY B 1322 -11.31 -85.39 -23.96
CA GLY B 1322 -11.90 -85.99 -22.78
C GLY B 1322 -12.18 -85.03 -21.64
N LEU B 1323 -12.04 -83.73 -21.86
CA LEU B 1323 -12.27 -82.74 -20.82
C LEU B 1323 -13.26 -81.70 -21.29
N PRO B 1324 -14.11 -81.20 -20.41
CA PRO B 1324 -15.07 -80.16 -20.78
C PRO B 1324 -14.39 -78.82 -21.03
N LEU B 1325 -15.03 -78.02 -21.87
CA LEU B 1325 -14.58 -76.66 -22.15
C LEU B 1325 -15.63 -75.67 -21.65
N ASN B 1326 -15.15 -74.50 -21.24
CA ASN B 1326 -16.03 -73.47 -20.71
C ASN B 1326 -16.90 -72.91 -21.83
N PRO B 1327 -18.24 -73.03 -21.73
CA PRO B 1327 -19.09 -72.48 -22.79
C PRO B 1327 -19.00 -70.97 -22.94
N MET B 1328 -18.65 -70.24 -21.88
CA MET B 1328 -18.54 -68.79 -21.97
C MET B 1328 -17.33 -68.35 -22.79
N GLY B 1329 -16.24 -69.11 -22.74
CA GLY B 1329 -15.05 -68.75 -23.48
C GLY B 1329 -13.81 -69.36 -22.84
N ARG B 1330 -12.72 -68.62 -22.91
CA ARG B 1330 -11.44 -69.05 -22.37
C ARG B 1330 -11.12 -68.26 -21.09
N THR B 1331 -10.55 -68.94 -20.11
CA THR B 1331 -10.19 -68.32 -18.84
C THR B 1331 -8.68 -68.13 -18.69
N GLY B 1332 -7.87 -68.97 -19.32
CA GLY B 1332 -6.43 -68.88 -19.24
C GLY B 1332 -5.79 -69.87 -18.29
N LEU B 1333 -6.57 -70.74 -17.63
CA LEU B 1333 -6.03 -71.73 -16.71
C LEU B 1333 -6.68 -73.07 -17.03
N ARG B 1334 -5.87 -74.06 -17.39
CA ARG B 1334 -6.37 -75.39 -17.72
C ARG B 1334 -6.25 -76.30 -16.50
N GLY B 1335 -7.29 -77.11 -16.28
CA GLY B 1335 -7.33 -78.05 -15.19
C GLY B 1335 -8.63 -77.92 -14.42
N ARG B 1336 -8.66 -78.54 -13.24
CA ARG B 1336 -9.85 -78.51 -12.39
C ARG B 1336 -9.81 -77.39 -11.36
N GLY B 1337 -8.63 -77.03 -10.87
CA GLY B 1337 -8.56 -76.02 -9.84
C GLY B 1337 -9.08 -76.53 -8.50
N SER B 1338 -9.63 -75.59 -7.72
CA SER B 1338 -10.18 -75.91 -6.42
C SER B 1338 -11.62 -76.42 -6.48
N LEU B 1339 -12.20 -76.50 -7.66
CA LEU B 1339 -13.58 -76.96 -7.80
C LEU B 1339 -13.67 -78.47 -7.52
N SER B 1340 -14.89 -78.93 -7.32
CA SER B 1340 -15.12 -80.33 -6.98
C SER B 1340 -14.88 -81.24 -8.19
N CYS B 1341 -15.61 -81.01 -9.28
CA CYS B 1341 -15.55 -81.85 -10.45
C CYS B 1341 -15.48 -80.98 -11.71
N PHE B 1342 -15.38 -81.63 -12.86
CA PHE B 1342 -15.38 -80.92 -14.13
C PHE B 1342 -16.78 -80.40 -14.44
N GLY B 1343 -16.84 -79.53 -15.46
CA GLY B 1343 -18.08 -78.91 -15.86
C GLY B 1343 -18.62 -78.01 -14.77
N PRO B 1344 -19.94 -77.87 -14.71
CA PRO B 1344 -20.55 -77.08 -13.65
C PRO B 1344 -20.55 -77.80 -12.31
N ASN B 1345 -20.21 -77.06 -11.27
CA ASN B 1345 -20.31 -77.54 -9.89
C ASN B 1345 -21.59 -76.94 -9.31
N HIS B 1346 -22.66 -77.73 -9.31
CA HIS B 1346 -23.97 -77.20 -8.96
C HIS B 1346 -24.02 -76.83 -7.49
N THR B 1347 -24.54 -75.64 -7.21
CA THR B 1347 -24.70 -75.15 -5.84
C THR B 1347 -25.93 -74.24 -5.80
N LEU B 1348 -26.51 -74.12 -4.61
CA LEU B 1348 -27.71 -73.33 -4.40
C LEU B 1348 -27.39 -72.14 -3.52
N TYR B 1349 -27.88 -70.96 -3.91
CA TYR B 1349 -27.63 -69.73 -3.18
C TYR B 1349 -28.95 -69.17 -2.67
N PRO B 1350 -29.43 -69.57 -1.50
CA PRO B 1350 -30.67 -69.03 -0.97
C PRO B 1350 -30.51 -67.60 -0.48
N MET B 1351 -31.54 -66.80 -0.70
CA MET B 1351 -31.54 -65.39 -0.32
C MET B 1351 -32.82 -65.07 0.43
N VAL B 1352 -32.67 -64.35 1.54
CA VAL B 1352 -33.79 -63.91 2.36
C VAL B 1352 -33.89 -62.38 2.28
N THR B 1353 -35.09 -61.89 2.05
CA THR B 1353 -35.33 -60.46 1.92
C THR B 1353 -36.49 -60.05 2.83
N ARG B 1354 -36.39 -58.85 3.38
CA ARG B 1354 -37.44 -58.30 4.22
C ARG B 1354 -37.38 -56.79 4.16
N TRP B 1355 -38.48 -56.16 4.59
CA TRP B 1355 -38.62 -54.71 4.53
C TRP B 1355 -38.03 -54.10 5.79
N ARG B 1356 -37.60 -52.84 5.69
CA ARG B 1356 -37.03 -52.12 6.83
C ARG B 1356 -38.00 -51.02 7.23
N ARG B 1357 -38.43 -51.04 8.49
CA ARG B 1357 -39.43 -50.13 9.00
C ARG B 1357 -38.79 -49.02 9.82
N ASN B 1358 -39.59 -48.00 10.12
CA ASN B 1358 -39.14 -46.88 10.93
C ASN B 1358 -39.45 -47.15 12.40
N GLU B 1359 -39.31 -46.13 13.25
CA GLU B 1359 -39.64 -46.29 14.66
C GLU B 1359 -41.12 -46.56 14.88
N ASP B 1360 -41.98 -45.87 14.12
CA ASP B 1360 -43.41 -46.07 14.27
C ASP B 1360 -43.86 -47.42 13.71
N GLY B 1361 -43.12 -47.97 12.75
CA GLY B 1361 -43.45 -49.22 12.11
C GLY B 1361 -43.78 -49.13 10.64
N ALA B 1362 -43.88 -47.92 10.08
CA ALA B 1362 -44.15 -47.76 8.67
C ALA B 1362 -42.89 -48.04 7.84
N ILE B 1363 -43.08 -48.30 6.55
CA ILE B 1363 -41.97 -48.64 5.67
C ILE B 1363 -41.10 -47.41 5.43
N CYS B 1364 -39.78 -47.62 5.44
CA CYS B 1364 -38.85 -46.55 5.12
C CYS B 1364 -38.94 -46.20 3.64
N ARG B 1365 -38.67 -44.93 3.34
CA ARG B 1365 -38.99 -44.33 2.06
C ARG B 1365 -37.73 -43.75 1.42
N LYS B 1366 -37.53 -44.03 0.14
CA LYS B 1366 -36.44 -43.42 -0.61
C LYS B 1366 -36.92 -42.25 -1.45
N SER B 1367 -36.05 -41.78 -2.34
CA SER B 1367 -36.44 -40.79 -3.34
C SER B 1367 -37.34 -41.41 -4.40
N ILE B 1368 -37.01 -42.62 -4.85
CA ILE B 1368 -37.79 -43.27 -5.91
C ILE B 1368 -38.28 -44.65 -5.48
N LYS B 1369 -37.35 -45.58 -5.26
CA LYS B 1369 -37.71 -46.96 -4.96
C LYS B 1369 -37.81 -47.15 -3.45
N LYS B 1370 -37.88 -48.40 -3.00
CA LYS B 1370 -38.18 -48.70 -1.60
C LYS B 1370 -36.94 -49.23 -0.88
N MET B 1371 -37.12 -49.56 0.40
CA MET B 1371 -36.06 -49.99 1.31
C MET B 1371 -36.16 -51.48 1.59
N LEU B 1372 -35.03 -52.17 1.47
CA LEU B 1372 -34.98 -53.61 1.66
C LEU B 1372 -33.86 -53.99 2.62
N GLU B 1373 -34.01 -55.16 3.26
CA GLU B 1373 -33.01 -55.73 4.14
C GLU B 1373 -32.71 -57.16 3.72
N VAL B 1374 -31.50 -57.61 4.01
CA VAL B 1374 -31.10 -59.00 3.78
C VAL B 1374 -30.32 -59.50 5.00
N LEU B 1375 -30.24 -60.82 5.11
CA LEU B 1375 -29.48 -61.49 6.16
C LEU B 1375 -28.21 -62.07 5.56
N VAL B 1376 -27.06 -61.68 6.11
CA VAL B 1376 -25.77 -62.06 5.56
C VAL B 1376 -24.88 -62.60 6.69
N VAL B 1377 -23.85 -63.34 6.29
CA VAL B 1377 -22.96 -64.02 7.22
C VAL B 1377 -21.53 -63.53 6.98
N LYS B 1378 -20.71 -63.63 8.03
CA LYS B 1378 -19.31 -63.26 7.95
C LYS B 1378 -18.48 -64.31 8.68
N LEU B 1379 -17.67 -65.05 7.95
CA LEU B 1379 -16.83 -66.07 8.54
C LEU B 1379 -15.57 -65.43 9.15
N PRO B 1380 -15.01 -66.04 10.21
CA PRO B 1380 -13.84 -65.44 10.87
C PRO B 1380 -12.61 -65.34 9.99
N LEU B 1381 -12.49 -66.18 8.96
CA LEU B 1381 -11.30 -66.19 8.10
C LEU B 1381 -11.63 -65.69 6.70
N SER B 1382 -12.74 -64.96 6.56
CA SER B 1382 -13.14 -64.43 5.26
C SER B 1382 -13.00 -62.92 5.15
N GLU B 1383 -13.24 -62.18 6.23
CA GLU B 1383 -13.16 -60.72 6.23
C GLU B 1383 -14.06 -60.10 5.16
N HIS B 1384 -15.22 -60.71 4.92
CA HIS B 1384 -16.13 -60.24 3.89
C HIS B 1384 -17.54 -60.68 4.25
N TRP B 1385 -18.52 -59.97 3.70
CA TRP B 1385 -19.92 -60.33 3.85
C TRP B 1385 -20.37 -61.13 2.64
N ALA B 1386 -21.09 -62.22 2.90
CA ALA B 1386 -21.51 -63.12 1.83
C ALA B 1386 -22.86 -63.73 2.17
N LEU B 1387 -23.57 -64.19 1.13
CA LEU B 1387 -24.86 -64.83 1.29
C LEU B 1387 -24.68 -66.24 1.83
N PRO B 1388 -25.62 -66.72 2.66
CA PRO B 1388 -25.51 -68.09 3.18
C PRO B 1388 -25.88 -69.15 2.15
N GLY B 1389 -24.98 -69.39 1.21
CA GLY B 1389 -25.21 -70.38 0.15
C GLY B 1389 -24.16 -71.48 0.23
N GLY B 1390 -24.60 -72.72 0.03
CA GLY B 1390 -23.72 -73.87 0.12
C GLY B 1390 -23.76 -74.75 -1.11
N SER B 1391 -22.80 -75.67 -1.21
CA SER B 1391 -22.73 -76.56 -2.36
C SER B 1391 -23.91 -77.50 -2.39
N ARG B 1392 -24.44 -77.75 -3.60
CA ARG B 1392 -25.58 -78.63 -3.77
C ARG B 1392 -25.15 -80.08 -3.98
N GLU B 1393 -24.29 -80.57 -3.09
CA GLU B 1393 -23.93 -81.98 -3.09
C GLU B 1393 -25.04 -82.80 -2.44
N PRO B 1394 -25.61 -82.39 -1.30
CA PRO B 1394 -26.83 -83.04 -0.82
C PRO B 1394 -28.05 -82.52 -1.56
N GLY B 1395 -29.12 -83.32 -1.49
CA GLY B 1395 -30.35 -82.99 -2.17
C GLY B 1395 -31.07 -81.78 -1.60
N GLU B 1396 -31.58 -81.91 -0.37
CA GLU B 1396 -32.30 -80.83 0.27
C GLU B 1396 -31.49 -80.11 1.33
N MET B 1397 -30.38 -80.68 1.78
CA MET B 1397 -29.55 -80.09 2.82
C MET B 1397 -28.52 -79.11 2.26
N LEU B 1398 -28.69 -78.67 1.02
CA LEU B 1398 -27.79 -77.66 0.44
C LEU B 1398 -27.86 -76.36 1.23
N PRO B 1399 -29.06 -75.84 1.56
CA PRO B 1399 -29.09 -74.72 2.52
C PRO B 1399 -28.53 -75.09 3.87
N ARG B 1400 -28.73 -76.33 4.32
CA ARG B 1400 -28.13 -76.79 5.56
C ARG B 1400 -26.61 -76.86 5.46
N LYS B 1401 -26.09 -77.27 4.30
CA LYS B 1401 -24.65 -77.34 4.12
C LYS B 1401 -23.98 -75.99 4.37
N LEU B 1402 -24.72 -74.90 4.16
CA LEU B 1402 -24.20 -73.58 4.49
C LEU B 1402 -24.73 -73.09 5.83
N LYS B 1403 -25.85 -73.63 6.29
CA LYS B 1403 -26.51 -73.13 7.50
C LYS B 1403 -26.95 -74.28 8.40
N ARG B 1404 -26.11 -75.30 8.55
CA ARG B 1404 -26.36 -76.30 9.58
C ARG B 1404 -25.96 -75.77 10.95
N ILE B 1405 -24.79 -75.14 11.03
CA ILE B 1405 -24.37 -74.51 12.28
C ILE B 1405 -24.90 -73.09 12.39
N LEU B 1406 -25.48 -72.56 11.32
CA LEU B 1406 -25.94 -71.17 11.29
C LEU B 1406 -27.44 -71.04 11.58
N ARG B 1407 -28.27 -71.82 10.88
CA ARG B 1407 -29.72 -71.65 11.02
C ARG B 1407 -30.25 -72.37 12.26
N GLN B 1408 -30.14 -73.70 12.29
CA GLN B 1408 -30.65 -74.51 13.38
C GLN B 1408 -30.20 -75.95 13.14
N GLU B 1409 -30.65 -76.86 13.99
CA GLU B 1409 -30.35 -78.28 13.85
C GLU B 1409 -31.60 -79.07 13.46
N HIS B 1410 -32.69 -78.94 14.22
CA HIS B 1410 -33.96 -79.59 13.92
C HIS B 1410 -34.96 -78.66 13.27
N TRP B 1411 -35.13 -77.44 13.82
CA TRP B 1411 -36.02 -76.44 13.26
C TRP B 1411 -35.55 -76.04 11.87
N PRO B 1412 -34.25 -76.17 11.57
CA PRO B 1412 -33.80 -75.87 10.20
C PRO B 1412 -34.48 -76.71 9.14
N SER B 1413 -34.81 -77.97 9.46
CA SER B 1413 -35.60 -78.78 8.54
C SER B 1413 -36.98 -78.20 8.32
N PHE B 1414 -37.61 -77.68 9.39
CA PHE B 1414 -38.88 -76.99 9.25
C PHE B 1414 -38.74 -75.75 8.40
N GLU B 1415 -37.65 -74.99 8.59
CA GLU B 1415 -37.38 -73.85 7.73
C GLU B 1415 -37.08 -74.29 6.31
N ASN B 1416 -36.44 -75.45 6.13
CA ASN B 1416 -36.23 -75.99 4.80
C ASN B 1416 -37.55 -76.33 4.11
N LEU B 1417 -38.51 -76.88 4.86
CA LEU B 1417 -39.83 -77.11 4.29
C LEU B 1417 -40.52 -75.80 3.94
N LEU B 1418 -40.27 -74.74 4.71
CA LEU B 1418 -40.80 -73.42 4.42
C LEU B 1418 -39.93 -72.62 3.48
N LYS B 1419 -38.82 -73.18 3.00
CA LYS B 1419 -37.91 -72.50 2.10
C LYS B 1419 -38.36 -72.53 0.65
N CYS B 1420 -39.51 -73.13 0.36
CA CYS B 1420 -40.03 -73.20 -1.00
C CYS B 1420 -40.51 -71.82 -1.41
N GLY B 1421 -39.64 -71.06 -2.08
CA GLY B 1421 -39.97 -69.71 -2.49
C GLY B 1421 -39.99 -69.53 -3.98
N MET B 1422 -39.44 -68.43 -4.47
CA MET B 1422 -39.41 -68.09 -5.89
C MET B 1422 -37.98 -68.03 -6.38
N GLU B 1423 -37.76 -68.50 -7.61
CA GLU B 1423 -36.45 -68.50 -8.24
C GLU B 1423 -36.28 -67.24 -9.08
N VAL B 1424 -35.09 -66.67 -9.04
CA VAL B 1424 -34.78 -65.43 -9.74
C VAL B 1424 -33.95 -65.68 -11.00
N TYR B 1425 -32.74 -66.22 -10.84
CA TYR B 1425 -31.85 -66.43 -11.96
C TYR B 1425 -31.20 -67.80 -11.85
N LYS B 1426 -30.82 -68.35 -13.01
CA LYS B 1426 -30.24 -69.68 -13.11
C LYS B 1426 -29.25 -69.72 -14.28
N GLY B 1427 -28.16 -70.47 -14.08
CA GLY B 1427 -27.20 -70.70 -15.13
C GLY B 1427 -25.79 -70.49 -14.65
N TYR B 1428 -24.90 -70.23 -15.63
CA TYR B 1428 -23.48 -70.10 -15.35
C TYR B 1428 -23.18 -68.80 -14.61
N MET B 1429 -22.29 -68.89 -13.62
CA MET B 1429 -21.90 -67.76 -12.78
C MET B 1429 -20.47 -67.35 -13.08
N ASP B 1430 -20.23 -66.04 -13.09
CA ASP B 1430 -18.87 -65.53 -13.16
C ASP B 1430 -18.21 -65.61 -11.79
N ASP B 1431 -17.04 -66.23 -11.73
CA ASP B 1431 -16.38 -66.49 -10.46
C ASP B 1431 -14.88 -66.58 -10.70
N PRO B 1432 -14.05 -66.06 -9.79
CA PRO B 1432 -12.60 -66.17 -9.97
C PRO B 1432 -12.07 -67.59 -9.89
N ARG B 1433 -12.85 -68.52 -9.36
CA ARG B 1433 -12.43 -69.92 -9.22
C ARG B 1433 -12.79 -70.76 -10.43
N ASN B 1434 -12.91 -70.15 -11.60
CA ASN B 1434 -13.36 -70.82 -12.82
C ASN B 1434 -12.17 -71.07 -13.74
N THR B 1435 -11.89 -72.32 -14.02
CA THR B 1435 -10.89 -72.70 -15.01
C THR B 1435 -11.58 -72.91 -16.36
N ASP B 1436 -10.85 -73.47 -17.32
CA ASP B 1436 -11.44 -73.78 -18.62
C ASP B 1436 -12.27 -75.05 -18.61
N ASN B 1437 -12.24 -75.81 -17.52
CA ASN B 1437 -12.96 -77.08 -17.44
C ASN B 1437 -13.98 -77.12 -16.31
N ALA B 1438 -13.69 -76.50 -15.17
CA ALA B 1438 -14.55 -76.54 -13.99
C ALA B 1438 -15.07 -75.14 -13.70
N TRP B 1439 -16.36 -74.93 -13.94
CA TRP B 1439 -17.01 -73.65 -13.67
C TRP B 1439 -18.10 -73.85 -12.62
N ILE B 1440 -18.85 -72.78 -12.34
CA ILE B 1440 -19.86 -72.77 -11.29
C ILE B 1440 -21.21 -72.43 -11.89
N GLU B 1441 -22.22 -73.26 -11.59
CA GLU B 1441 -23.60 -73.03 -11.99
C GLU B 1441 -24.47 -73.04 -10.75
N THR B 1442 -25.43 -72.11 -10.68
CA THR B 1442 -26.22 -71.91 -9.48
C THR B 1442 -27.70 -71.84 -9.80
N VAL B 1443 -28.51 -72.07 -8.77
CA VAL B 1443 -29.93 -71.74 -8.78
C VAL B 1443 -30.18 -70.77 -7.62
N ALA B 1444 -30.89 -69.69 -7.91
CA ALA B 1444 -31.09 -68.61 -6.94
C ALA B 1444 -32.56 -68.59 -6.54
N VAL B 1445 -32.83 -68.98 -5.29
CA VAL B 1445 -34.18 -68.95 -4.74
C VAL B 1445 -34.30 -67.74 -3.81
N SER B 1446 -35.48 -67.14 -3.79
CA SER B 1446 -35.72 -65.93 -3.00
C SER B 1446 -37.00 -66.11 -2.19
N VAL B 1447 -36.87 -66.11 -0.87
CA VAL B 1447 -37.99 -66.08 0.04
C VAL B 1447 -38.05 -64.69 0.67
N HIS B 1448 -39.27 -64.24 0.97
CA HIS B 1448 -39.47 -62.86 1.39
C HIS B 1448 -40.33 -62.80 2.64
N PHE B 1449 -40.11 -61.75 3.43
CA PHE B 1449 -40.93 -61.44 4.60
C PHE B 1449 -41.64 -60.12 4.32
N GLN B 1450 -42.93 -60.21 3.97
CA GLN B 1450 -43.70 -59.02 3.65
C GLN B 1450 -44.11 -58.25 4.91
N ASP B 1451 -44.61 -58.96 5.92
CA ASP B 1451 -45.02 -58.32 7.16
C ASP B 1451 -43.84 -58.19 8.11
N GLN B 1452 -43.87 -57.18 8.96
CA GLN B 1452 -42.83 -56.91 9.94
C GLN B 1452 -43.33 -57.15 11.37
N ASN B 1453 -44.13 -58.20 11.55
CA ASN B 1453 -44.72 -58.51 12.85
C ASN B 1453 -44.61 -60.01 13.04
N ASP B 1454 -45.29 -60.58 14.04
CA ASP B 1454 -45.22 -62.01 14.35
C ASP B 1454 -45.93 -62.79 13.26
N VAL B 1455 -45.18 -63.65 12.57
CA VAL B 1455 -45.70 -64.48 11.48
C VAL B 1455 -44.61 -65.45 11.06
N GLU B 1456 -44.21 -65.39 9.79
CA GLU B 1456 -43.12 -66.23 9.32
C GLU B 1456 -41.79 -65.80 9.92
N LEU B 1457 -41.62 -64.49 10.15
CA LEU B 1457 -40.39 -63.98 10.75
C LEU B 1457 -40.24 -64.48 12.18
N ASN B 1458 -41.36 -64.76 12.87
CA ASN B 1458 -41.28 -65.26 14.23
C ASN B 1458 -40.60 -66.62 14.28
N ARG B 1459 -40.88 -67.49 13.30
CA ARG B 1459 -40.23 -68.80 13.26
C ARG B 1459 -38.73 -68.68 13.05
N LEU B 1460 -38.29 -67.74 12.19
CA LEU B 1460 -36.87 -67.60 11.92
C LEU B 1460 -36.12 -67.05 13.13
N ASN B 1461 -36.80 -66.32 14.02
CA ASN B 1461 -36.14 -65.72 15.17
C ASN B 1461 -35.89 -66.74 16.27
N SER B 1462 -36.93 -67.48 16.65
CA SER B 1462 -36.80 -68.46 17.74
C SER B 1462 -35.92 -69.63 17.34
N ASN B 1463 -35.96 -70.02 16.06
CA ASN B 1463 -35.22 -71.19 15.62
C ASN B 1463 -33.72 -70.91 15.52
N LEU B 1464 -33.32 -69.65 15.66
CA LEU B 1464 -31.93 -69.25 15.46
C LEU B 1464 -30.98 -69.96 16.42
N HIS B 1465 -29.96 -70.60 15.87
CA HIS B 1465 -28.90 -71.25 16.64
C HIS B 1465 -27.55 -70.92 16.02
N ALA B 1466 -27.33 -69.63 15.73
CA ALA B 1466 -26.19 -69.22 14.90
C ALA B 1466 -24.86 -69.54 15.57
N CYS B 1467 -24.75 -69.29 16.87
CA CYS B 1467 -23.47 -69.34 17.56
C CYS B 1467 -23.05 -70.80 17.74
N ASP B 1468 -22.67 -71.44 16.64
CA ASP B 1468 -22.14 -72.79 16.70
C ASP B 1468 -20.70 -72.84 16.20
N SER B 1469 -20.47 -72.38 14.98
CA SER B 1469 -19.14 -72.37 14.37
C SER B 1469 -18.87 -71.11 13.57
N GLY B 1470 -19.79 -70.15 13.57
CA GLY B 1470 -19.61 -68.93 12.79
C GLY B 1470 -19.12 -67.76 13.61
N ALA B 1471 -18.62 -66.71 12.95
CA ALA B 1471 -18.13 -65.55 13.66
C ALA B 1471 -19.27 -64.60 14.03
N SER B 1472 -20.00 -64.11 13.04
CA SER B 1472 -21.09 -63.19 13.29
C SER B 1472 -22.13 -63.29 12.18
N ILE B 1473 -23.36 -62.93 12.51
CA ILE B 1473 -24.46 -62.91 11.57
C ILE B 1473 -25.47 -61.86 12.02
N ARG B 1474 -26.01 -61.11 11.06
CA ARG B 1474 -26.98 -60.07 11.38
C ARG B 1474 -27.73 -59.68 10.11
N TRP B 1475 -28.93 -59.15 10.30
CA TRP B 1475 -29.66 -58.54 9.20
C TRP B 1475 -28.95 -57.27 8.75
N GLN B 1476 -29.08 -56.95 7.47
CA GLN B 1476 -28.30 -55.84 6.93
C GLN B 1476 -29.11 -55.08 5.89
N VAL B 1477 -28.91 -53.77 5.85
CA VAL B 1477 -29.55 -52.92 4.85
C VAL B 1477 -28.98 -53.22 3.47
N VAL B 1478 -29.85 -53.25 2.47
CA VAL B 1478 -29.47 -53.46 1.08
C VAL B 1478 -29.16 -52.10 0.46
N ASP B 1479 -28.01 -52.00 -0.19
CA ASP B 1479 -27.58 -50.76 -0.82
C ASP B 1479 -26.62 -51.10 -1.95
N ARG B 1480 -26.38 -50.12 -2.81
CA ARG B 1480 -25.48 -50.29 -3.95
C ARG B 1480 -24.10 -49.79 -3.55
N ARG B 1481 -23.84 -49.83 -2.24
CA ARG B 1481 -22.52 -49.54 -1.70
C ARG B 1481 -22.22 -50.50 -0.56
N ILE B 1482 -23.11 -51.45 -0.32
CA ILE B 1482 -22.97 -52.35 0.83
C ILE B 1482 -21.78 -53.28 0.60
N PRO B 1483 -21.01 -53.63 1.62
CA PRO B 1483 -19.92 -54.59 1.43
C PRO B 1483 -20.46 -55.99 1.17
N LEU B 1484 -20.00 -56.58 0.06
CA LEU B 1484 -20.45 -57.91 -0.35
C LEU B 1484 -19.54 -58.43 -1.44
N TYR B 1485 -19.59 -59.74 -1.70
CA TYR B 1485 -18.85 -60.30 -2.82
C TYR B 1485 -19.37 -59.72 -4.13
N ALA B 1486 -18.45 -59.46 -5.06
CA ALA B 1486 -18.84 -58.87 -6.35
C ALA B 1486 -19.80 -59.79 -7.10
N ASN B 1487 -19.58 -61.10 -7.05
CA ASN B 1487 -20.53 -62.04 -7.65
C ASN B 1487 -21.87 -61.97 -6.95
N HIS B 1488 -21.87 -61.93 -5.62
CA HIS B 1488 -23.11 -61.88 -4.87
C HIS B 1488 -23.86 -60.57 -5.06
N LYS B 1489 -23.14 -59.47 -5.31
CA LYS B 1489 -23.80 -58.20 -5.58
C LYS B 1489 -24.62 -58.27 -6.87
N THR B 1490 -24.18 -59.07 -7.84
CA THR B 1490 -24.96 -59.24 -9.06
C THR B 1490 -26.30 -59.91 -8.76
N LEU B 1491 -26.31 -60.91 -7.88
CA LEU B 1491 -27.56 -61.54 -7.47
C LEU B 1491 -28.47 -60.54 -6.75
N LEU B 1492 -27.89 -59.71 -5.89
CA LEU B 1492 -28.69 -58.68 -5.22
C LEU B 1492 -29.26 -57.68 -6.21
N GLN B 1493 -28.45 -57.26 -7.19
CA GLN B 1493 -28.92 -56.31 -8.19
C GLN B 1493 -29.95 -56.92 -9.13
N LYS B 1494 -29.80 -58.21 -9.47
CA LYS B 1494 -30.76 -58.85 -10.38
C LYS B 1494 -32.08 -59.18 -9.68
N ALA B 1495 -32.05 -59.50 -8.39
CA ALA B 1495 -33.25 -59.85 -7.64
C ALA B 1495 -33.92 -58.65 -7.00
N ALA B 1496 -33.34 -57.46 -7.11
CA ALA B 1496 -33.95 -56.28 -6.51
C ALA B 1496 -35.16 -55.79 -7.28
N ALA B 1497 -35.28 -56.15 -8.56
CA ALA B 1497 -36.43 -55.72 -9.35
C ALA B 1497 -37.69 -56.49 -9.01
N GLU B 1498 -37.57 -57.63 -8.32
CA GLU B 1498 -38.74 -58.42 -7.95
C GLU B 1498 -39.56 -57.79 -6.83
N PHE B 1499 -39.00 -56.82 -6.11
CA PHE B 1499 -39.72 -56.19 -5.01
C PHE B 1499 -39.59 -54.67 -5.00
N GLY B 1500 -39.05 -54.06 -6.05
CA GLY B 1500 -38.94 -52.61 -6.10
C GLY B 1500 -37.96 -52.02 -5.12
N ALA B 1501 -36.81 -52.67 -4.91
CA ALA B 1501 -35.77 -52.11 -4.05
C ALA B 1501 -35.03 -51.00 -4.79
N HIS B 1502 -34.27 -50.20 -4.04
CA HIS B 1502 -33.55 -49.07 -4.60
C HIS B 1502 -32.27 -49.55 -5.27
N TYR B 1503 -31.52 -48.60 -5.82
CA TYR B 1503 -30.21 -48.89 -6.38
C TYR B 1503 -29.40 -47.61 -6.57
N GLN C 56 -48.88 -11.73 27.23
CA GLN C 56 -48.59 -12.90 26.39
C GLN C 56 -49.79 -13.84 26.32
N GLU C 57 -50.56 -13.90 27.40
CA GLU C 57 -51.76 -14.73 27.44
C GLU C 57 -52.84 -14.23 26.50
N SER C 58 -52.76 -12.98 26.05
CA SER C 58 -53.73 -12.47 25.08
C SER C 58 -53.70 -13.27 23.80
N LEU C 59 -52.50 -13.62 23.31
CA LEU C 59 -52.38 -14.49 22.15
C LEU C 59 -52.98 -15.87 22.43
N SER C 60 -52.68 -16.42 23.60
CA SER C 60 -53.15 -17.76 23.95
C SER C 60 -54.67 -17.82 24.09
N SER C 61 -55.31 -16.71 24.39
CA SER C 61 -56.77 -16.69 24.42
C SER C 61 -57.36 -16.32 23.07
N TRP C 62 -56.66 -15.49 22.30
CA TRP C 62 -57.19 -14.99 21.03
C TRP C 62 -57.15 -16.03 19.93
N ILE C 63 -56.07 -16.81 19.85
CA ILE C 63 -55.92 -17.77 18.75
C ILE C 63 -57.05 -18.81 18.75
N PRO C 64 -57.41 -19.44 19.88
CA PRO C 64 -58.55 -20.36 19.85
C PRO C 64 -59.87 -19.70 19.50
N GLU C 65 -60.01 -18.38 19.69
CA GLU C 65 -61.26 -17.73 19.36
C GLU C 65 -61.42 -17.53 17.85
N ASN C 66 -60.31 -17.29 17.15
CA ASN C 66 -60.37 -16.85 15.76
C ASN C 66 -60.08 -17.97 14.77
N ILE C 67 -58.93 -18.63 14.88
CA ILE C 67 -58.45 -19.54 13.87
C ILE C 67 -59.11 -20.90 14.04
N LYS C 68 -59.49 -21.52 12.92
CA LYS C 68 -60.12 -22.83 12.88
C LYS C 68 -59.16 -23.85 12.27
N LYS C 69 -59.58 -25.11 12.26
CA LYS C 69 -58.79 -26.18 11.68
C LYS C 69 -59.71 -27.28 11.18
N LYS C 70 -59.24 -28.02 10.18
CA LYS C 70 -60.04 -29.02 9.49
C LYS C 70 -59.82 -30.41 10.06
N GLU C 71 -60.87 -31.22 10.04
CA GLU C 71 -60.80 -32.63 10.44
C GLU C 71 -62.06 -33.34 9.97
N CYS C 72 -61.88 -34.47 9.29
CA CYS C 72 -63.01 -35.25 8.81
C CYS C 72 -63.74 -35.89 9.98
N VAL C 73 -65.07 -36.03 9.84
CA VAL C 73 -65.91 -36.53 10.92
C VAL C 73 -66.62 -37.83 10.58
N TYR C 74 -66.54 -38.31 9.36
CA TYR C 74 -67.25 -39.51 8.96
C TYR C 74 -66.27 -40.51 8.36
N PHE C 75 -66.55 -41.80 8.58
CA PHE C 75 -65.68 -42.88 8.12
C PHE C 75 -66.12 -43.34 6.74
N VAL C 76 -65.40 -42.90 5.71
CA VAL C 76 -65.62 -43.38 4.34
C VAL C 76 -64.39 -44.17 3.92
N GLU C 77 -64.41 -45.48 4.12
CA GLU C 77 -63.24 -46.32 3.91
C GLU C 77 -62.78 -46.25 2.46
N SER C 78 -61.47 -46.04 2.28
CA SER C 78 -60.91 -45.97 0.93
C SER C 78 -60.69 -47.37 0.38
N SER C 79 -60.97 -47.52 -0.92
CA SER C 79 -60.78 -48.80 -1.58
C SER C 79 -59.31 -49.20 -1.61
N LYS C 80 -58.43 -48.24 -1.91
CA LYS C 80 -57.00 -48.50 -2.01
C LYS C 80 -56.37 -48.37 -0.63
N LEU C 81 -55.99 -49.49 -0.03
CA LEU C 81 -55.35 -49.47 1.28
C LEU C 81 -53.95 -48.88 1.17
N SER C 82 -53.60 -48.03 2.13
CA SER C 82 -52.29 -47.41 2.15
C SER C 82 -51.24 -48.39 2.68
N ASP C 83 -49.98 -48.03 2.46
CA ASP C 83 -48.85 -48.84 2.94
C ASP C 83 -48.85 -48.79 4.47
N ALA C 84 -49.19 -49.92 5.09
CA ALA C 84 -49.34 -50.07 6.53
C ALA C 84 -50.43 -49.17 7.11
N GLY C 85 -51.19 -48.49 6.26
CA GLY C 85 -52.29 -47.65 6.69
C GLY C 85 -53.61 -48.10 6.12
N LYS C 86 -53.84 -49.42 6.09
CA LYS C 86 -55.06 -49.96 5.50
C LYS C 86 -56.31 -49.45 6.22
N VAL C 87 -56.20 -49.13 7.51
CA VAL C 87 -57.33 -48.59 8.27
C VAL C 87 -57.28 -47.07 8.08
N VAL C 88 -57.84 -46.61 6.97
CA VAL C 88 -57.87 -45.20 6.61
C VAL C 88 -59.15 -44.93 5.83
N CYS C 89 -59.97 -43.99 6.31
CA CYS C 89 -61.21 -43.64 5.64
C CYS C 89 -60.96 -42.48 4.67
N GLN C 90 -60.06 -42.73 3.73
CA GLN C 90 -59.70 -41.83 2.64
C GLN C 90 -58.89 -40.63 3.14
N CYS C 91 -58.77 -40.49 4.45
CA CYS C 91 -57.83 -39.55 5.04
C CYS C 91 -56.95 -40.18 6.10
N GLY C 92 -57.52 -41.03 6.96
CA GLY C 92 -56.79 -41.77 7.98
C GLY C 92 -55.75 -40.98 8.74
N TYR C 93 -56.17 -39.97 9.50
CA TYR C 93 -55.19 -39.09 10.14
C TYR C 93 -54.66 -39.73 11.43
N THR C 94 -55.52 -39.89 12.44
CA THR C 94 -55.16 -40.65 13.64
C THR C 94 -56.42 -41.36 14.16
N HIS C 95 -56.68 -42.57 13.63
CA HIS C 95 -57.75 -43.44 14.07
C HIS C 95 -57.77 -44.69 13.21
N GLU C 96 -58.64 -45.65 13.55
CA GLU C 96 -58.95 -46.71 12.59
C GLU C 96 -59.66 -46.15 11.36
N GLN C 97 -60.34 -45.02 11.52
CA GLN C 97 -61.00 -44.32 10.44
C GLN C 97 -60.42 -42.91 10.31
N HIS C 98 -61.04 -42.11 9.44
CA HIS C 98 -60.63 -40.71 9.27
C HIS C 98 -61.53 -39.81 10.11
N LEU C 99 -61.35 -39.90 11.43
CA LEU C 99 -62.14 -39.10 12.35
C LEU C 99 -61.39 -38.96 13.67
N GLU C 100 -61.57 -37.83 14.33
CA GLU C 100 -61.03 -37.59 15.66
C GLU C 100 -62.08 -37.78 16.75
N GLU C 101 -63.26 -38.28 16.39
CA GLU C 101 -64.35 -38.50 17.32
C GLU C 101 -65.01 -39.82 16.96
N ALA C 102 -66.19 -40.06 17.51
CA ALA C 102 -66.92 -41.29 17.22
C ALA C 102 -67.32 -41.33 15.75
N THR C 103 -67.03 -42.45 15.08
CA THR C 103 -67.35 -42.62 13.67
C THR C 103 -68.79 -43.10 13.55
N LYS C 104 -69.71 -42.21 13.91
CA LYS C 104 -71.13 -42.50 13.88
C LYS C 104 -71.66 -42.47 12.45
N PRO C 105 -72.72 -43.22 12.17
CA PRO C 105 -73.32 -43.15 10.82
C PRO C 105 -73.82 -41.78 10.45
N HIS C 106 -74.20 -40.95 11.43
CA HIS C 106 -74.70 -39.60 11.21
C HIS C 106 -75.95 -39.61 10.33
N THR C 107 -76.76 -40.66 10.45
CA THR C 107 -78.04 -40.81 9.75
C THR C 107 -77.85 -40.94 8.24
N PHE C 108 -76.61 -40.89 7.76
CA PHE C 108 -76.33 -41.02 6.34
C PHE C 108 -74.87 -41.44 6.18
N GLN C 109 -74.65 -42.67 5.72
CA GLN C 109 -73.31 -43.18 5.47
C GLN C 109 -72.98 -42.95 4.00
N GLY C 110 -72.84 -41.67 3.64
CA GLY C 110 -72.59 -41.28 2.27
C GLY C 110 -71.24 -41.72 1.73
N THR C 111 -71.25 -42.61 0.73
CA THR C 111 -70.02 -43.06 0.12
C THR C 111 -69.33 -41.90 -0.60
N GLN C 112 -68.00 -41.88 -0.51
CA GLN C 112 -67.19 -40.80 -1.08
C GLN C 112 -67.63 -39.44 -0.52
N TRP C 113 -67.47 -39.31 0.80
CA TRP C 113 -67.91 -38.12 1.50
C TRP C 113 -67.25 -36.87 0.94
N ASP C 114 -68.05 -35.87 0.65
CA ASP C 114 -67.53 -34.63 0.09
C ASP C 114 -66.73 -33.87 1.15
N PRO C 115 -65.57 -33.31 0.81
CA PRO C 115 -64.81 -32.52 1.80
C PRO C 115 -65.58 -31.33 2.33
N LYS C 116 -66.43 -30.72 1.50
CA LYS C 116 -67.21 -29.56 1.96
C LYS C 116 -68.27 -29.98 2.98
N LYS C 117 -68.83 -31.18 2.82
CA LYS C 117 -69.91 -31.64 3.70
C LYS C 117 -69.39 -32.45 4.89
N HIS C 118 -68.30 -33.21 4.71
CA HIS C 118 -67.81 -34.07 5.78
C HIS C 118 -66.89 -33.30 6.73
N VAL C 119 -65.92 -32.59 6.16
CA VAL C 119 -64.90 -31.91 6.97
C VAL C 119 -65.50 -30.64 7.57
N GLN C 120 -65.31 -30.46 8.87
CA GLN C 120 -65.80 -29.30 9.60
C GLN C 120 -64.61 -28.59 10.25
N GLU C 121 -64.91 -27.47 10.91
CA GLU C 121 -63.90 -26.63 11.51
C GLU C 121 -64.03 -26.58 13.03
N MET C 122 -62.93 -26.88 13.71
CA MET C 122 -62.81 -26.78 15.15
C MET C 122 -61.84 -25.66 15.49
N PRO C 123 -62.00 -25.01 16.64
CA PRO C 123 -61.04 -23.98 17.04
C PRO C 123 -59.66 -24.57 17.27
N THR C 124 -58.64 -23.78 16.97
CA THR C 124 -57.25 -24.21 17.02
C THR C 124 -56.70 -24.11 18.43
N ASP C 125 -55.82 -25.06 18.78
CA ASP C 125 -55.08 -25.03 20.02
C ASP C 125 -53.62 -25.42 19.85
N ALA C 126 -53.19 -25.72 18.62
CA ALA C 126 -51.83 -26.18 18.34
C ALA C 126 -50.84 -25.05 18.12
N PHE C 127 -51.11 -23.86 18.66
CA PHE C 127 -50.21 -22.73 18.50
C PHE C 127 -49.06 -22.83 19.51
N GLY C 128 -48.26 -21.76 19.61
CA GLY C 128 -47.19 -21.72 20.58
C GLY C 128 -45.84 -21.42 19.97
N ASP C 129 -44.79 -21.93 20.60
CA ASP C 129 -43.41 -21.75 20.15
C ASP C 129 -42.72 -23.11 20.07
N ILE C 130 -41.59 -23.15 19.36
CA ILE C 130 -40.80 -24.37 19.24
C ILE C 130 -39.33 -24.04 19.47
N VAL C 131 -38.63 -24.97 20.12
CA VAL C 131 -37.17 -24.92 20.21
C VAL C 131 -36.64 -26.30 19.82
N PHE C 132 -35.76 -26.32 18.82
CA PHE C 132 -35.18 -27.57 18.35
C PHE C 132 -34.21 -28.12 19.38
N THR C 133 -34.32 -29.42 19.64
CA THR C 133 -33.58 -30.06 20.72
C THR C 133 -32.11 -30.18 20.33
N GLY C 134 -31.30 -29.21 20.75
CA GLY C 134 -29.87 -29.25 20.56
C GLY C 134 -29.36 -28.70 19.24
N LEU C 135 -30.24 -28.53 18.25
CA LEU C 135 -29.80 -27.99 16.96
C LEU C 135 -29.57 -26.48 17.03
N SER C 136 -30.36 -25.78 17.82
CA SER C 136 -30.24 -24.33 17.96
C SER C 136 -30.57 -23.95 19.41
N GLN C 137 -30.54 -22.64 19.68
CA GLN C 137 -30.86 -22.13 21.01
C GLN C 137 -31.94 -21.06 21.00
N LYS C 138 -32.28 -20.48 19.85
CA LYS C 138 -33.30 -19.46 19.78
C LYS C 138 -34.69 -20.09 19.75
N VAL C 139 -35.71 -19.24 19.86
CA VAL C 139 -37.10 -19.67 19.88
C VAL C 139 -37.74 -19.28 18.55
N LYS C 140 -38.66 -20.13 18.07
CA LYS C 140 -39.33 -19.91 16.80
C LYS C 140 -40.83 -19.99 17.00
N LYS C 141 -41.55 -19.09 16.33
CA LYS C 141 -43.01 -19.05 16.43
C LYS C 141 -43.64 -19.92 15.34
N TYR C 142 -44.81 -20.48 15.66
CA TYR C 142 -45.53 -21.31 14.71
C TYR C 142 -47.01 -21.29 15.04
N VAL C 143 -47.84 -21.31 14.00
CA VAL C 143 -49.29 -21.30 14.16
C VAL C 143 -49.89 -22.27 13.15
N ARG C 144 -50.80 -23.12 13.61
CA ARG C 144 -51.57 -23.99 12.73
C ARG C 144 -52.84 -23.27 12.30
N VAL C 145 -53.05 -23.17 10.99
CA VAL C 145 -54.13 -22.36 10.43
C VAL C 145 -54.99 -23.23 9.52
N SER C 146 -56.25 -22.81 9.34
CA SER C 146 -57.19 -23.54 8.53
C SER C 146 -56.87 -23.37 7.04
N GLN C 147 -57.51 -24.21 6.22
CA GLN C 147 -57.35 -24.11 4.78
C GLN C 147 -57.90 -22.79 4.26
N ASP C 148 -59.09 -22.41 4.71
CA ASP C 148 -59.72 -21.15 4.33
C ASP C 148 -59.73 -20.21 5.53
N THR C 149 -58.92 -19.16 5.46
CA THR C 149 -58.80 -18.18 6.53
C THR C 149 -58.56 -16.81 5.90
N PRO C 150 -59.32 -15.79 6.30
CA PRO C 150 -59.06 -14.45 5.79
C PRO C 150 -57.64 -13.99 6.11
N SER C 151 -57.00 -13.36 5.13
CA SER C 151 -55.62 -12.93 5.31
C SER C 151 -55.49 -11.78 6.30
N SER C 152 -56.58 -11.04 6.54
CA SER C 152 -56.54 -9.96 7.52
C SER C 152 -56.26 -10.48 8.91
N VAL C 153 -56.88 -11.61 9.29
CA VAL C 153 -56.66 -12.19 10.61
C VAL C 153 -55.21 -12.62 10.77
N ILE C 154 -54.66 -13.28 9.76
CA ILE C 154 -53.28 -13.73 9.82
C ILE C 154 -52.33 -12.55 9.92
N TYR C 155 -52.57 -11.50 9.11
CA TYR C 155 -51.70 -10.33 9.15
C TYR C 155 -51.77 -9.64 10.50
N HIS C 156 -52.99 -9.49 11.05
CA HIS C 156 -53.13 -8.89 12.37
C HIS C 156 -52.40 -9.71 13.43
N LEU C 157 -52.47 -11.04 13.33
CA LEU C 157 -51.73 -11.89 14.26
C LEU C 157 -50.24 -11.63 14.17
N MET C 158 -49.68 -11.67 12.95
CA MET C 158 -48.23 -11.56 12.83
C MET C 158 -47.73 -10.15 13.15
N THR C 159 -48.60 -9.14 13.04
CA THR C 159 -48.18 -7.78 13.38
C THR C 159 -48.29 -7.52 14.88
N GLN C 160 -49.48 -7.76 15.47
CA GLN C 160 -49.69 -7.43 16.87
C GLN C 160 -49.12 -8.49 17.80
N HIS C 161 -49.54 -9.74 17.62
CA HIS C 161 -49.22 -10.80 18.57
C HIS C 161 -47.86 -11.44 18.30
N TRP C 162 -47.16 -11.04 17.25
CA TRP C 162 -45.83 -11.56 16.95
C TRP C 162 -44.74 -10.50 16.91
N GLY C 163 -45.09 -9.22 16.99
CA GLY C 163 -44.11 -8.16 17.02
C GLY C 163 -43.28 -8.03 15.76
N LEU C 164 -43.93 -8.11 14.60
CA LEU C 164 -43.28 -7.98 13.31
C LEU C 164 -43.80 -6.72 12.63
N ASP C 165 -42.89 -5.83 12.25
CA ASP C 165 -43.26 -4.57 11.62
C ASP C 165 -43.56 -4.79 10.14
N VAL C 166 -44.06 -3.74 9.49
CA VAL C 166 -44.36 -3.82 8.07
C VAL C 166 -43.07 -4.01 7.28
N PRO C 167 -43.03 -4.91 6.30
CA PRO C 167 -41.78 -5.14 5.56
C PRO C 167 -41.54 -4.11 4.47
N ASN C 168 -40.45 -4.28 3.73
CA ASN C 168 -40.12 -3.43 2.60
C ASN C 168 -40.07 -4.19 1.28
N LEU C 169 -39.71 -5.47 1.31
CA LEU C 169 -39.69 -6.30 0.11
C LEU C 169 -40.23 -7.67 0.46
N LEU C 170 -40.96 -8.27 -0.46
CA LEU C 170 -41.57 -9.59 -0.27
C LEU C 170 -41.06 -10.51 -1.39
N ILE C 171 -39.99 -11.24 -1.12
CA ILE C 171 -39.41 -12.18 -2.07
C ILE C 171 -39.85 -13.59 -1.66
N SER C 172 -40.44 -14.31 -2.61
CA SER C 172 -40.91 -15.68 -2.38
C SER C 172 -40.06 -16.62 -3.23
N VAL C 173 -39.25 -17.44 -2.57
CA VAL C 173 -38.38 -18.40 -3.24
C VAL C 173 -39.06 -19.77 -3.20
N THR C 174 -39.08 -20.44 -4.35
CA THR C 174 -39.66 -21.77 -4.45
C THR C 174 -38.85 -22.59 -5.44
N GLY C 175 -38.86 -23.90 -5.26
CA GLY C 175 -38.10 -24.78 -6.12
C GLY C 175 -38.30 -26.23 -5.74
N GLY C 176 -37.46 -27.08 -6.34
CA GLY C 176 -37.56 -28.52 -6.10
C GLY C 176 -37.21 -28.85 -4.65
N ALA C 177 -38.03 -29.70 -4.04
CA ALA C 177 -37.82 -30.09 -2.65
C ALA C 177 -37.05 -31.39 -2.52
N LYS C 178 -37.60 -32.48 -3.06
CA LYS C 178 -37.04 -33.81 -2.83
C LYS C 178 -35.90 -34.15 -3.78
N ASN C 179 -36.06 -33.86 -5.07
CA ASN C 179 -35.06 -34.19 -6.08
C ASN C 179 -34.54 -32.90 -6.72
N PHE C 180 -33.50 -32.33 -6.10
CA PHE C 180 -32.87 -31.11 -6.57
C PHE C 180 -31.38 -31.34 -6.73
N ASN C 181 -30.86 -31.03 -7.92
CA ASN C 181 -29.43 -31.11 -8.21
C ASN C 181 -28.95 -29.75 -8.69
N MET C 182 -27.81 -29.31 -8.17
CA MET C 182 -27.33 -27.95 -8.41
C MET C 182 -25.86 -27.97 -8.79
N LYS C 183 -25.48 -27.04 -9.66
CA LYS C 183 -24.08 -26.83 -9.98
C LYS C 183 -23.45 -25.83 -9.02
N PRO C 184 -22.13 -25.88 -8.84
CA PRO C 184 -21.49 -24.95 -7.89
C PRO C 184 -21.72 -23.49 -8.21
N ARG C 185 -21.74 -23.12 -9.49
CA ARG C 185 -22.08 -21.75 -9.86
C ARG C 185 -23.49 -21.40 -9.44
N LEU C 186 -24.41 -22.36 -9.53
CA LEU C 186 -25.76 -22.16 -9.03
C LEU C 186 -25.77 -21.98 -7.51
N LYS C 187 -24.93 -22.74 -6.79
CA LYS C 187 -24.92 -22.64 -5.33
C LYS C 187 -24.35 -21.31 -4.88
N SER C 188 -23.37 -20.78 -5.60
CA SER C 188 -22.72 -19.54 -5.20
C SER C 188 -23.71 -18.37 -5.23
N ILE C 189 -24.61 -18.35 -6.21
CA ILE C 189 -25.50 -17.20 -6.36
C ILE C 189 -26.49 -17.15 -5.20
N PHE C 190 -26.98 -18.31 -4.74
CA PHE C 190 -27.76 -18.35 -3.51
C PHE C 190 -26.91 -17.99 -2.30
N ARG C 191 -25.64 -18.41 -2.30
CA ARG C 191 -24.78 -18.13 -1.16
C ARG C 191 -24.57 -16.63 -0.99
N ARG C 192 -24.59 -15.87 -2.08
CA ARG C 192 -24.25 -14.45 -2.01
C ARG C 192 -25.42 -13.51 -2.24
N GLY C 193 -26.08 -13.59 -3.41
CA GLY C 193 -26.96 -12.50 -3.82
C GLY C 193 -28.26 -12.46 -3.05
N LEU C 194 -28.82 -13.63 -2.73
CA LEU C 194 -30.05 -13.66 -1.94
C LEU C 194 -29.81 -13.05 -0.55
N VAL C 195 -28.66 -13.37 0.04
CA VAL C 195 -28.32 -12.78 1.34
C VAL C 195 -28.14 -11.27 1.21
N LYS C 196 -27.47 -10.82 0.16
CA LYS C 196 -27.29 -9.38 -0.02
C LYS C 196 -28.62 -8.65 -0.18
N VAL C 197 -29.55 -9.21 -0.96
CA VAL C 197 -30.84 -8.54 -1.12
C VAL C 197 -31.69 -8.67 0.14
N ALA C 198 -31.47 -9.70 0.95
CA ALA C 198 -32.23 -9.84 2.18
C ALA C 198 -31.77 -8.89 3.28
N GLN C 199 -30.46 -8.63 3.37
CA GLN C 199 -29.96 -7.91 4.54
C GLN C 199 -29.92 -6.40 4.35
N THR C 200 -30.09 -5.89 3.13
CA THR C 200 -30.12 -4.44 2.94
C THR C 200 -31.53 -3.88 3.06
N THR C 201 -32.44 -4.34 2.21
CA THR C 201 -33.80 -3.81 2.18
C THR C 201 -34.65 -4.26 3.36
N GLY C 202 -34.16 -5.20 4.17
CA GLY C 202 -34.96 -5.75 5.24
C GLY C 202 -36.15 -6.52 4.69
N ALA C 203 -35.89 -7.35 3.68
CA ALA C 203 -36.94 -8.06 2.97
C ALA C 203 -37.56 -9.13 3.87
N TRP C 204 -38.55 -9.84 3.32
CA TRP C 204 -39.27 -10.90 4.03
C TRP C 204 -39.13 -12.17 3.19
N ILE C 205 -38.27 -13.08 3.66
CA ILE C 205 -38.04 -14.34 2.94
C ILE C 205 -39.18 -15.29 3.29
N ILE C 206 -40.08 -15.51 2.32
CA ILE C 206 -41.22 -16.41 2.50
C ILE C 206 -41.04 -17.59 1.54
N THR C 207 -41.15 -18.80 2.09
CA THR C 207 -40.95 -20.01 1.32
C THR C 207 -41.63 -21.17 2.03
N GLY C 208 -41.49 -22.36 1.46
CA GLY C 208 -42.03 -23.55 2.09
C GLY C 208 -41.17 -24.00 3.25
N GLY C 209 -41.81 -24.58 4.26
CA GLY C 209 -41.10 -25.10 5.41
C GLY C 209 -40.90 -26.60 5.36
N SER C 210 -39.71 -27.04 4.96
CA SER C 210 -39.38 -28.45 4.93
C SER C 210 -37.87 -28.60 4.97
N HIS C 211 -37.42 -29.83 5.20
CA HIS C 211 -36.01 -30.12 5.44
C HIS C 211 -35.27 -30.60 4.19
N THR C 212 -35.77 -30.32 2.99
CA THR C 212 -35.14 -30.77 1.76
C THR C 212 -35.07 -29.66 0.72
N GLY C 213 -33.87 -29.51 0.14
CA GLY C 213 -33.77 -28.83 -1.16
C GLY C 213 -33.42 -27.35 -1.09
N VAL C 214 -34.01 -26.61 -2.04
CA VAL C 214 -33.67 -25.20 -2.22
C VAL C 214 -33.98 -24.41 -0.95
N MET C 215 -35.02 -24.81 -0.23
CA MET C 215 -35.29 -24.18 1.06
C MET C 215 -34.21 -24.51 2.09
N LYS C 216 -33.58 -25.68 1.98
CA LYS C 216 -32.41 -25.95 2.82
C LYS C 216 -31.24 -25.05 2.45
N GLN C 217 -31.03 -24.82 1.16
CA GLN C 217 -30.00 -23.86 0.77
C GLN C 217 -30.30 -22.46 1.31
N VAL C 218 -31.57 -22.06 1.26
CA VAL C 218 -31.96 -20.76 1.81
C VAL C 218 -31.70 -20.72 3.31
N GLY C 219 -32.05 -21.80 4.02
CA GLY C 219 -31.83 -21.84 5.45
C GLY C 219 -30.36 -21.76 5.83
N GLU C 220 -29.52 -22.50 5.12
CA GLU C 220 -28.09 -22.43 5.43
C GLU C 220 -27.51 -21.06 5.07
N ALA C 221 -27.94 -20.48 3.94
CA ALA C 221 -27.48 -19.16 3.55
C ALA C 221 -27.99 -18.06 4.47
N VAL C 222 -29.07 -18.29 5.21
CA VAL C 222 -29.53 -17.30 6.17
C VAL C 222 -28.95 -17.54 7.56
N ARG C 223 -28.59 -18.77 7.92
CA ARG C 223 -27.98 -19.00 9.23
C ARG C 223 -26.51 -18.60 9.22
N ASP C 224 -25.80 -18.85 8.11
CA ASP C 224 -24.37 -18.56 8.11
C ASP C 224 -24.10 -17.06 8.08
N PHE C 225 -25.00 -16.28 7.48
CA PHE C 225 -24.86 -14.83 7.54
C PHE C 225 -25.08 -14.32 8.97
N SER C 226 -26.09 -14.84 9.66
CA SER C 226 -26.31 -14.44 11.04
C SER C 226 -25.14 -14.82 11.94
N LEU C 227 -24.57 -16.01 11.74
CA LEU C 227 -23.41 -16.42 12.52
C LEU C 227 -22.19 -15.57 12.18
N SER C 228 -21.97 -15.28 10.90
CA SER C 228 -20.83 -14.48 10.47
C SER C 228 -21.00 -13.00 10.73
N SER C 229 -22.22 -12.53 10.98
CA SER C 229 -22.43 -11.14 11.34
C SER C 229 -21.91 -10.82 12.74
N SER C 230 -21.58 -11.85 13.53
CA SER C 230 -21.04 -11.70 14.87
C SER C 230 -21.98 -10.89 15.76
N TYR C 231 -23.22 -11.41 15.88
CA TYR C 231 -24.25 -10.80 16.72
C TYR C 231 -24.54 -9.35 16.31
N LYS C 232 -24.71 -9.14 15.01
CA LYS C 232 -25.07 -7.82 14.51
C LYS C 232 -26.52 -7.51 14.80
N GLU C 233 -26.84 -6.21 14.86
CA GLU C 233 -28.20 -5.78 15.14
C GLU C 233 -29.12 -6.13 13.98
N GLY C 234 -30.27 -6.70 14.31
CA GLY C 234 -31.23 -7.11 13.30
C GLY C 234 -30.87 -8.42 12.62
N GLU C 235 -31.88 -9.19 12.25
CA GLU C 235 -31.68 -10.48 11.58
C GLU C 235 -32.62 -10.58 10.39
N LEU C 236 -32.18 -11.32 9.37
CA LEU C 236 -32.98 -11.54 8.17
C LEU C 236 -34.14 -12.45 8.54
N ILE C 237 -35.33 -11.87 8.68
CA ILE C 237 -36.50 -12.64 9.08
C ILE C 237 -36.96 -13.55 7.95
N THR C 238 -37.27 -14.80 8.28
CA THR C 238 -37.74 -15.76 7.30
C THR C 238 -38.97 -16.47 7.85
N ILE C 239 -40.02 -16.54 7.05
CA ILE C 239 -41.27 -17.19 7.43
C ILE C 239 -41.51 -18.36 6.49
N GLY C 240 -41.83 -19.52 7.05
CA GLY C 240 -42.07 -20.72 6.29
C GLY C 240 -43.53 -21.13 6.33
N VAL C 241 -44.05 -21.58 5.19
CA VAL C 241 -45.44 -22.02 5.08
C VAL C 241 -45.43 -23.43 4.48
N ALA C 242 -45.98 -24.38 5.23
CA ALA C 242 -46.08 -25.76 4.79
C ALA C 242 -47.40 -26.34 5.24
N THR C 243 -47.87 -27.36 4.54
CA THR C 243 -49.13 -28.00 4.88
C THR C 243 -48.98 -28.79 6.18
N TRP C 244 -50.03 -28.72 7.01
CA TRP C 244 -50.01 -29.39 8.30
C TRP C 244 -50.10 -30.91 8.19
N GLY C 245 -50.63 -31.42 7.07
CA GLY C 245 -50.79 -32.85 6.94
C GLY C 245 -49.48 -33.60 6.86
N THR C 246 -48.50 -33.05 6.14
CA THR C 246 -47.24 -33.74 5.90
C THR C 246 -46.17 -33.29 6.89
N VAL C 247 -46.37 -33.65 8.15
CA VAL C 247 -45.41 -33.40 9.21
C VAL C 247 -45.10 -34.72 9.90
N HIS C 248 -43.80 -34.99 10.09
CA HIS C 248 -43.39 -36.28 10.65
C HIS C 248 -43.83 -36.44 12.10
N ARG C 249 -43.41 -35.52 12.97
CA ARG C 249 -43.61 -35.65 14.41
C ARG C 249 -44.52 -34.55 14.95
N ARG C 250 -45.61 -34.27 14.24
CA ARG C 250 -46.58 -33.29 14.71
C ARG C 250 -47.39 -33.78 15.90
N GLU C 251 -47.29 -35.07 16.25
CA GLU C 251 -48.04 -35.61 17.39
C GLU C 251 -47.61 -34.97 18.71
N GLY C 252 -46.34 -34.57 18.84
CA GLY C 252 -45.91 -33.86 20.03
C GLY C 252 -46.19 -32.38 19.99
N LEU C 253 -46.48 -31.81 18.82
CA LEU C 253 -46.75 -30.39 18.71
C LEU C 253 -48.15 -30.03 19.20
N ILE C 254 -49.11 -30.95 19.10
CA ILE C 254 -50.48 -30.66 19.51
C ILE C 254 -50.52 -30.58 21.03
N HIS C 255 -51.04 -29.47 21.55
CA HIS C 255 -51.21 -29.25 22.97
C HIS C 255 -52.54 -28.57 23.23
N PRO C 256 -53.39 -29.13 24.11
CA PRO C 256 -54.68 -28.48 24.35
C PRO C 256 -54.56 -27.07 24.90
N THR C 257 -53.55 -26.81 25.73
CA THR C 257 -53.37 -25.49 26.32
C THR C 257 -52.32 -24.71 25.54
N GLY C 258 -52.04 -23.48 25.99
CA GLY C 258 -51.03 -22.66 25.38
C GLY C 258 -49.63 -23.20 25.63
N SER C 259 -49.00 -23.74 24.58
CA SER C 259 -47.68 -24.37 24.71
C SER C 259 -46.61 -23.37 24.26
N PHE C 260 -46.38 -22.36 25.10
CA PHE C 260 -45.28 -21.45 24.83
C PHE C 260 -43.96 -22.20 24.95
N PRO C 261 -43.74 -22.99 26.03
CA PRO C 261 -42.63 -23.96 25.98
C PRO C 261 -42.98 -25.16 25.11
N ALA C 262 -42.04 -25.64 24.31
CA ALA C 262 -42.23 -26.86 23.54
C ALA C 262 -40.88 -27.32 23.00
N GLU C 263 -40.82 -28.60 22.68
CA GLU C 263 -39.60 -29.21 22.14
C GLU C 263 -39.98 -30.10 20.96
N TYR C 264 -39.32 -29.87 19.82
CA TYR C 264 -39.49 -30.69 18.63
C TYR C 264 -38.14 -31.22 18.20
N ILE C 265 -38.01 -32.53 18.11
CA ILE C 265 -36.77 -33.19 17.69
C ILE C 265 -36.95 -33.70 16.27
N LEU C 266 -36.02 -33.34 15.39
CA LEU C 266 -36.09 -33.77 14.01
C LEU C 266 -35.29 -35.05 13.80
N ASP C 267 -35.78 -35.89 12.90
CA ASP C 267 -35.14 -37.16 12.58
C ASP C 267 -35.31 -37.42 11.09
N GLU C 268 -34.19 -37.59 10.38
CA GLU C 268 -34.22 -37.81 8.94
C GLU C 268 -34.29 -39.30 8.58
N ASP C 269 -34.56 -40.16 9.55
CA ASP C 269 -34.62 -41.61 9.30
C ASP C 269 -36.05 -42.05 8.96
N GLY C 270 -37.00 -41.73 9.83
CA GLY C 270 -38.37 -42.15 9.62
C GLY C 270 -39.16 -41.25 8.70
N GLN C 271 -38.60 -40.95 7.53
CA GLN C 271 -39.25 -40.07 6.55
C GLN C 271 -39.93 -40.96 5.51
N GLY C 272 -41.25 -41.12 5.64
CA GLY C 272 -42.02 -41.85 4.67
C GLY C 272 -42.55 -40.94 3.59
N ASN C 273 -43.88 -40.87 3.46
CA ASN C 273 -44.47 -39.86 2.59
C ASN C 273 -44.39 -38.48 3.22
N LEU C 274 -44.08 -38.43 4.51
CA LEU C 274 -44.01 -37.18 5.25
C LEU C 274 -42.65 -36.51 5.02
N THR C 275 -42.44 -35.39 5.71
CA THR C 275 -41.17 -34.68 5.66
C THR C 275 -40.98 -33.90 6.95
N CYS C 276 -39.73 -33.55 7.22
CA CYS C 276 -39.37 -32.78 8.40
C CYS C 276 -39.45 -31.28 8.11
N LEU C 277 -39.41 -30.50 9.18
CA LEU C 277 -39.37 -29.05 9.06
C LEU C 277 -37.93 -28.56 9.06
N ASP C 278 -37.75 -27.31 8.65
CA ASP C 278 -36.44 -26.68 8.66
C ASP C 278 -36.14 -26.09 10.04
N SER C 279 -34.85 -26.07 10.39
CA SER C 279 -34.40 -25.58 11.68
C SER C 279 -33.86 -24.16 11.61
N ASN C 280 -34.10 -23.45 10.50
CA ASN C 280 -33.56 -22.12 10.32
C ASN C 280 -34.62 -21.05 10.10
N HIS C 281 -35.84 -21.41 9.71
CA HIS C 281 -36.89 -20.41 9.54
C HIS C 281 -37.31 -19.84 10.89
N SER C 282 -37.51 -18.53 10.92
CA SER C 282 -37.87 -17.85 12.16
C SER C 282 -39.35 -17.98 12.50
N HIS C 283 -40.23 -18.09 11.51
CA HIS C 283 -41.66 -18.24 11.75
C HIS C 283 -42.20 -19.34 10.86
N PHE C 284 -43.21 -20.05 11.37
CA PHE C 284 -43.81 -21.18 10.66
C PHE C 284 -45.33 -21.02 10.62
N ILE C 285 -45.91 -21.37 9.48
CA ILE C 285 -47.35 -21.40 9.31
C ILE C 285 -47.73 -22.76 8.75
N LEU C 286 -48.63 -23.46 9.45
CA LEU C 286 -49.03 -24.82 9.09
C LEU C 286 -50.50 -24.79 8.67
N VAL C 287 -50.74 -24.94 7.37
CA VAL C 287 -52.11 -24.98 6.87
C VAL C 287 -52.59 -26.42 6.80
N ASP C 288 -53.79 -26.67 7.30
CA ASP C 288 -54.39 -27.99 7.29
C ASP C 288 -55.63 -28.00 6.40
N ASP C 289 -55.89 -29.17 5.80
CA ASP C 289 -57.03 -29.34 4.91
C ASP C 289 -57.81 -30.63 5.15
N GLY C 290 -57.48 -31.40 6.18
CA GLY C 290 -58.14 -32.65 6.47
C GLY C 290 -57.45 -33.86 5.87
N THR C 291 -56.74 -33.69 4.77
CA THR C 291 -56.00 -34.79 4.16
C THR C 291 -54.70 -35.06 4.93
N HIS C 292 -54.04 -36.15 4.57
CA HIS C 292 -52.81 -36.56 5.24
C HIS C 292 -51.60 -36.48 4.32
N GLY C 293 -51.65 -37.11 3.15
CA GLY C 293 -50.52 -37.11 2.24
C GLY C 293 -50.67 -36.18 1.06
N GLN C 294 -51.60 -35.22 1.16
CA GLN C 294 -51.84 -34.30 0.06
C GLN C 294 -50.68 -33.34 -0.10
N TYR C 295 -50.31 -33.08 -1.35
CA TYR C 295 -49.21 -32.18 -1.71
C TYR C 295 -49.78 -31.02 -2.51
N GLY C 296 -49.63 -29.80 -1.99
CA GLY C 296 -50.08 -28.63 -2.70
C GLY C 296 -51.25 -27.93 -2.05
N VAL C 297 -51.43 -28.13 -0.75
CA VAL C 297 -52.53 -27.53 -0.02
C VAL C 297 -52.10 -26.20 0.57
N GLU C 298 -50.89 -25.76 0.22
CA GLU C 298 -50.34 -24.51 0.74
C GLU C 298 -50.13 -23.45 -0.32
N ILE C 299 -50.10 -23.82 -1.59
CA ILE C 299 -49.86 -22.87 -2.69
C ILE C 299 -50.96 -21.81 -2.76
N PRO C 300 -52.24 -22.18 -2.79
CA PRO C 300 -53.28 -21.12 -2.89
C PRO C 300 -53.30 -20.20 -1.69
N LEU C 301 -53.14 -20.73 -0.47
CA LEU C 301 -53.14 -19.87 0.71
C LEU C 301 -51.96 -18.91 0.70
N ARG C 302 -50.78 -19.40 0.34
CA ARG C 302 -49.61 -18.53 0.26
C ARG C 302 -49.81 -17.45 -0.80
N THR C 303 -50.33 -17.83 -1.96
CA THR C 303 -50.55 -16.86 -3.04
C THR C 303 -51.56 -15.80 -2.62
N ARG C 304 -52.64 -16.21 -1.95
CA ARG C 304 -53.65 -15.25 -1.51
C ARG C 304 -53.12 -14.34 -0.42
N LEU C 305 -52.36 -14.88 0.54
CA LEU C 305 -51.87 -14.06 1.64
C LEU C 305 -50.78 -13.09 1.16
N GLU C 306 -49.98 -13.50 0.17
CA GLU C 306 -48.89 -12.66 -0.30
C GLU C 306 -49.42 -11.39 -0.94
N LYS C 307 -50.46 -11.50 -1.78
CA LYS C 307 -51.05 -10.34 -2.41
C LYS C 307 -51.66 -9.40 -1.37
N PHE C 308 -52.35 -9.95 -0.38
CA PHE C 308 -52.93 -9.12 0.68
C PHE C 308 -51.86 -8.38 1.46
N ILE C 309 -50.74 -9.05 1.77
CA ILE C 309 -49.65 -8.39 2.48
C ILE C 309 -49.05 -7.29 1.63
N SER C 310 -48.86 -7.55 0.34
CA SER C 310 -48.15 -6.60 -0.51
C SER C 310 -49.00 -5.38 -0.84
N GLU C 311 -50.30 -5.57 -1.07
CA GLU C 311 -51.11 -4.53 -1.72
C GLU C 311 -52.32 -4.10 -0.90
N GLN C 312 -52.34 -4.37 0.41
CA GLN C 312 -53.49 -4.00 1.23
C GLN C 312 -53.14 -3.43 2.60
N THR C 313 -51.89 -3.00 2.83
CA THR C 313 -51.52 -2.45 4.12
C THR C 313 -51.04 -1.02 4.08
N LYS C 314 -50.02 -0.70 3.28
CA LYS C 314 -49.33 0.58 3.37
C LYS C 314 -50.11 1.64 2.63
N GLU C 315 -50.63 2.62 3.38
CA GLU C 315 -51.32 3.79 2.82
C GLU C 315 -50.87 5.00 3.62
N ARG C 316 -49.80 5.63 3.16
CA ARG C 316 -49.21 6.78 3.85
C ARG C 316 -49.30 8.00 2.92
N GLY C 317 -50.23 8.89 3.23
CA GLY C 317 -50.40 10.10 2.45
C GLY C 317 -50.88 9.85 1.03
N GLY C 318 -52.08 9.31 0.90
CA GLY C 318 -52.64 9.02 -0.40
C GLY C 318 -53.64 7.88 -0.30
N VAL C 319 -53.95 7.29 -1.46
CA VAL C 319 -54.91 6.20 -1.51
C VAL C 319 -54.29 4.93 -0.93
N ALA C 320 -53.22 4.45 -1.54
CA ALA C 320 -52.54 3.25 -1.07
C ALA C 320 -51.12 3.24 -1.60
N ILE C 321 -50.26 2.44 -0.95
CA ILE C 321 -48.88 2.25 -1.39
C ILE C 321 -48.61 0.75 -1.41
N LYS C 322 -48.32 0.22 -2.59
CA LYS C 322 -48.14 -1.21 -2.78
C LYS C 322 -46.68 -1.58 -2.61
N ILE C 323 -46.41 -2.48 -1.68
CA ILE C 323 -45.05 -2.95 -1.42
C ILE C 323 -44.58 -3.81 -2.59
N PRO C 324 -43.31 -3.73 -2.96
CA PRO C 324 -42.81 -4.58 -4.05
C PRO C 324 -42.85 -6.06 -3.68
N ILE C 325 -43.05 -6.89 -4.70
CA ILE C 325 -43.26 -8.32 -4.51
C ILE C 325 -42.51 -9.08 -5.60
N VAL C 326 -41.79 -10.14 -5.21
CA VAL C 326 -40.95 -10.90 -6.12
C VAL C 326 -41.23 -12.38 -5.93
N CYS C 327 -41.45 -13.09 -7.03
CA CYS C 327 -41.44 -14.55 -7.04
C CYS C 327 -40.32 -15.05 -7.95
N VAL C 328 -39.48 -15.92 -7.40
CA VAL C 328 -38.31 -16.41 -8.11
C VAL C 328 -38.23 -17.92 -7.97
N VAL C 329 -37.76 -18.58 -9.03
CA VAL C 329 -37.63 -20.04 -9.07
C VAL C 329 -36.21 -20.40 -9.49
N LEU C 330 -35.79 -21.59 -9.09
CA LEU C 330 -34.51 -22.15 -9.51
C LEU C 330 -34.70 -23.44 -10.31
N GLU C 331 -35.42 -24.41 -9.77
CA GLU C 331 -35.71 -25.66 -10.45
C GLU C 331 -36.80 -26.38 -9.67
N GLY C 332 -37.80 -26.89 -10.37
CA GLY C 332 -38.91 -27.54 -9.72
C GLY C 332 -39.55 -28.60 -10.56
N GLY C 333 -40.84 -28.79 -10.36
CA GLY C 333 -41.60 -29.79 -11.08
C GLY C 333 -43.08 -29.45 -11.17
N PRO C 334 -43.94 -30.45 -10.94
CA PRO C 334 -45.39 -30.22 -11.07
C PRO C 334 -45.94 -29.16 -10.12
N GLY C 335 -45.40 -29.05 -8.90
CA GLY C 335 -45.87 -28.03 -7.99
C GLY C 335 -45.38 -26.65 -8.36
N THR C 336 -44.18 -26.54 -8.92
CA THR C 336 -43.62 -25.25 -9.31
C THR C 336 -44.44 -24.61 -10.42
N LEU C 337 -44.86 -25.39 -11.41
CA LEU C 337 -45.70 -24.84 -12.49
C LEU C 337 -47.02 -24.30 -11.93
N HIS C 338 -47.66 -25.07 -11.04
CA HIS C 338 -48.90 -24.60 -10.43
C HIS C 338 -48.68 -23.34 -9.60
N THR C 339 -47.58 -23.29 -8.85
CA THR C 339 -47.30 -22.11 -8.04
C THR C 339 -47.09 -20.88 -8.92
N ILE C 340 -46.32 -21.02 -10.00
CA ILE C 340 -46.09 -19.89 -10.89
C ILE C 340 -47.38 -19.46 -11.56
N ASP C 341 -48.19 -20.42 -12.02
CA ASP C 341 -49.45 -20.09 -12.68
C ASP C 341 -50.40 -19.37 -11.72
N ASN C 342 -50.47 -19.81 -10.48
CA ASN C 342 -51.34 -19.16 -9.50
C ASN C 342 -50.83 -17.79 -9.10
N ALA C 343 -49.49 -17.62 -9.01
CA ALA C 343 -48.94 -16.34 -8.60
C ALA C 343 -49.02 -15.30 -9.71
N THR C 344 -48.88 -15.71 -10.97
CA THR C 344 -48.90 -14.77 -12.08
C THR C 344 -50.26 -14.10 -12.26
N THR C 345 -51.36 -14.82 -12.01
CA THR C 345 -52.68 -14.25 -12.14
C THR C 345 -52.97 -13.17 -11.10
N ASN C 346 -52.16 -13.09 -10.04
CA ASN C 346 -52.36 -12.10 -8.98
C ASN C 346 -51.54 -10.84 -9.19
N GLY C 347 -50.86 -10.71 -10.33
CA GLY C 347 -50.07 -9.54 -10.63
C GLY C 347 -48.67 -9.55 -10.06
N THR C 348 -48.23 -10.66 -9.48
CA THR C 348 -46.88 -10.73 -8.91
C THR C 348 -45.88 -11.08 -10.00
N PRO C 349 -44.89 -10.24 -10.28
CA PRO C 349 -43.89 -10.56 -11.29
C PRO C 349 -43.06 -11.77 -10.89
N CYS C 350 -42.64 -12.53 -11.90
CA CYS C 350 -41.85 -13.73 -11.69
C CYS C 350 -40.60 -13.66 -12.54
N VAL C 351 -39.45 -13.93 -11.93
CA VAL C 351 -38.16 -13.95 -12.62
C VAL C 351 -37.62 -15.37 -12.57
N VAL C 352 -37.16 -15.86 -13.72
CA VAL C 352 -36.62 -17.20 -13.84
C VAL C 352 -35.14 -17.09 -14.18
N VAL C 353 -34.36 -18.08 -13.73
CA VAL C 353 -32.93 -18.14 -13.96
C VAL C 353 -32.64 -19.25 -14.97
N GLU C 354 -31.89 -18.91 -16.01
CA GLU C 354 -31.60 -19.87 -17.07
C GLU C 354 -30.36 -20.69 -16.74
N GLY C 355 -30.29 -21.87 -17.31
CA GLY C 355 -29.18 -22.78 -17.05
C GLY C 355 -29.11 -23.24 -15.61
N SER C 356 -30.25 -23.40 -14.95
CA SER C 356 -30.31 -23.79 -13.55
C SER C 356 -30.85 -25.20 -13.37
N GLY C 357 -31.99 -25.50 -13.95
CA GLY C 357 -32.61 -26.80 -13.78
C GLY C 357 -33.41 -27.19 -15.00
N ARG C 358 -34.44 -28.01 -14.77
CA ARG C 358 -35.27 -28.50 -15.88
C ARG C 358 -36.42 -27.55 -16.17
N VAL C 359 -37.23 -27.24 -15.16
CA VAL C 359 -38.37 -26.34 -15.35
C VAL C 359 -37.89 -24.95 -15.73
N ALA C 360 -36.84 -24.45 -15.08
CA ALA C 360 -36.32 -23.14 -15.41
C ALA C 360 -35.83 -23.09 -16.85
N ASP C 361 -35.12 -24.13 -17.30
CA ASP C 361 -34.63 -24.15 -18.67
C ASP C 361 -35.76 -24.22 -19.68
N VAL C 362 -36.76 -25.08 -19.44
CA VAL C 362 -37.86 -25.17 -20.40
C VAL C 362 -38.70 -23.89 -20.42
N ILE C 363 -38.81 -23.19 -19.28
CA ILE C 363 -39.52 -21.91 -19.28
C ILE C 363 -38.73 -20.85 -20.02
N ALA C 364 -37.42 -20.78 -19.79
CA ALA C 364 -36.59 -19.78 -20.47
C ALA C 364 -36.44 -20.04 -21.96
N GLN C 365 -36.58 -21.30 -22.39
CA GLN C 365 -36.45 -21.60 -23.82
C GLN C 365 -37.61 -21.01 -24.62
N VAL C 366 -38.76 -20.80 -24.01
CA VAL C 366 -39.94 -20.32 -24.72
C VAL C 366 -40.23 -18.90 -24.24
N ALA C 367 -39.17 -18.21 -23.80
CA ALA C 367 -39.34 -16.85 -23.27
C ALA C 367 -39.78 -15.89 -24.37
N ASN C 368 -39.07 -15.88 -25.50
CA ASN C 368 -39.35 -14.96 -26.58
C ASN C 368 -40.21 -15.57 -27.69
N LEU C 369 -40.58 -16.85 -27.56
CA LEU C 369 -41.38 -17.48 -28.59
C LEU C 369 -42.79 -16.91 -28.60
N PRO C 370 -43.39 -16.75 -29.79
CA PRO C 370 -44.79 -16.32 -29.84
C PRO C 370 -45.71 -17.34 -29.17
N VAL C 371 -46.81 -16.83 -28.61
CA VAL C 371 -47.73 -17.68 -27.88
C VAL C 371 -48.36 -18.73 -28.78
N SER C 372 -48.64 -18.39 -30.03
CA SER C 372 -49.28 -19.32 -30.95
C SER C 372 -48.31 -20.34 -31.53
N ASP C 373 -47.00 -20.15 -31.34
CA ASP C 373 -46.01 -21.07 -31.87
C ASP C 373 -45.78 -22.30 -30.99
N ILE C 374 -46.40 -22.36 -29.82
CA ILE C 374 -46.21 -23.49 -28.92
C ILE C 374 -47.01 -24.68 -29.43
N THR C 375 -46.35 -25.83 -29.56
CA THR C 375 -46.99 -27.07 -29.94
C THR C 375 -46.77 -28.12 -28.84
N ILE C 376 -47.79 -28.95 -28.61
CA ILE C 376 -47.69 -29.96 -27.58
C ILE C 376 -46.57 -30.95 -27.88
N SER C 377 -46.37 -31.31 -29.15
CA SER C 377 -45.24 -32.17 -29.50
C SER C 377 -43.92 -31.50 -29.17
N LEU C 378 -43.79 -30.21 -29.47
CA LEU C 378 -42.57 -29.47 -29.14
C LEU C 378 -42.37 -29.39 -27.63
N ILE C 379 -43.44 -29.16 -26.87
CA ILE C 379 -43.34 -29.08 -25.42
C ILE C 379 -42.86 -30.42 -24.85
N GLN C 380 -43.45 -31.52 -25.34
CA GLN C 380 -43.02 -32.83 -24.87
C GLN C 380 -41.59 -33.13 -25.30
N GLN C 381 -41.18 -32.66 -26.49
CA GLN C 381 -39.82 -32.88 -26.96
C GLN C 381 -38.82 -32.18 -26.05
N LYS C 382 -39.10 -30.94 -25.67
CA LYS C 382 -38.20 -30.27 -24.74
C LYS C 382 -38.32 -30.81 -23.32
N LEU C 383 -39.48 -31.38 -22.96
CA LEU C 383 -39.66 -31.93 -21.63
C LEU C 383 -38.84 -33.19 -21.44
N SER C 384 -38.90 -34.11 -22.41
CA SER C 384 -38.25 -35.41 -22.26
C SER C 384 -36.73 -35.31 -22.19
N VAL C 385 -36.13 -34.27 -22.80
CA VAL C 385 -34.68 -34.19 -22.84
C VAL C 385 -34.12 -33.56 -21.57
N PHE C 386 -34.84 -32.61 -20.96
CA PHE C 386 -34.41 -32.08 -19.68
C PHE C 386 -34.93 -32.91 -18.50
N PHE C 387 -35.97 -33.72 -18.71
CA PHE C 387 -36.48 -34.63 -17.71
C PHE C 387 -36.02 -36.06 -17.96
N GLN C 388 -34.81 -36.25 -18.47
CA GLN C 388 -34.35 -37.56 -18.89
C GLN C 388 -34.35 -38.58 -17.76
N GLU C 389 -34.26 -38.13 -16.50
CA GLU C 389 -34.33 -39.06 -15.38
C GLU C 389 -35.69 -39.75 -15.32
N MET C 390 -36.77 -39.00 -15.52
CA MET C 390 -38.13 -39.53 -15.48
C MET C 390 -38.94 -39.13 -16.71
N PHE C 391 -38.31 -39.14 -17.89
CA PHE C 391 -39.01 -38.78 -19.11
C PHE C 391 -40.11 -39.79 -19.45
N GLU C 392 -39.84 -41.09 -19.23
CA GLU C 392 -40.80 -42.12 -19.59
C GLU C 392 -42.00 -42.16 -18.64
N THR C 393 -41.94 -41.42 -17.53
CA THR C 393 -43.02 -41.42 -16.54
C THR C 393 -44.09 -40.39 -16.84
N PHE C 394 -44.09 -39.78 -18.03
CA PHE C 394 -45.04 -38.75 -18.39
C PHE C 394 -46.14 -39.33 -19.27
N THR C 395 -47.38 -38.98 -18.96
CA THR C 395 -48.55 -39.41 -19.73
C THR C 395 -49.11 -38.23 -20.51
N GLU C 396 -50.05 -38.53 -21.40
CA GLU C 396 -50.61 -37.50 -22.28
C GLU C 396 -51.32 -36.41 -21.49
N SER C 397 -52.08 -36.78 -20.46
CA SER C 397 -52.77 -35.78 -19.66
C SER C 397 -51.78 -34.86 -18.96
N ARG C 398 -50.72 -35.42 -18.38
CA ARG C 398 -49.69 -34.59 -17.76
C ARG C 398 -48.99 -33.71 -18.78
N ILE C 399 -48.71 -34.24 -19.97
CA ILE C 399 -48.05 -33.44 -21.00
C ILE C 399 -48.91 -32.25 -21.40
N VAL C 400 -50.20 -32.47 -21.65
CA VAL C 400 -51.05 -31.36 -22.03
C VAL C 400 -51.25 -30.37 -20.88
N GLU C 401 -51.35 -30.86 -19.64
CA GLU C 401 -51.50 -29.96 -18.50
C GLU C 401 -50.28 -29.08 -18.33
N TRP C 402 -49.08 -29.64 -18.44
CA TRP C 402 -47.87 -28.83 -18.34
C TRP C 402 -47.75 -27.88 -19.53
N THR C 403 -48.12 -28.34 -20.72
CA THR C 403 -48.14 -27.47 -21.89
C THR C 403 -49.03 -26.26 -21.65
N LYS C 404 -50.21 -26.45 -21.05
CA LYS C 404 -51.10 -25.32 -20.86
C LYS C 404 -50.71 -24.44 -19.69
N LYS C 405 -50.07 -25.02 -18.67
CA LYS C 405 -49.52 -24.15 -17.63
C LYS C 405 -48.44 -23.25 -18.22
N ILE C 406 -47.57 -23.81 -19.08
CA ILE C 406 -46.61 -22.99 -19.80
C ILE C 406 -47.31 -21.96 -20.69
N GLN C 407 -48.37 -22.37 -21.39
CA GLN C 407 -49.07 -21.45 -22.28
C GLN C 407 -49.65 -20.26 -21.53
N ASP C 408 -50.42 -20.54 -20.47
CA ASP C 408 -51.02 -19.47 -19.66
C ASP C 408 -49.96 -18.61 -18.99
N ILE C 409 -48.80 -19.19 -18.64
CA ILE C 409 -47.73 -18.38 -18.07
C ILE C 409 -47.13 -17.45 -19.12
N VAL C 410 -46.90 -17.96 -20.34
CA VAL C 410 -46.25 -17.17 -21.38
C VAL C 410 -47.20 -16.22 -22.09
N ARG C 411 -48.51 -16.31 -21.85
CA ARG C 411 -49.42 -15.33 -22.40
C ARG C 411 -49.10 -13.93 -21.90
N ARG C 412 -48.83 -13.81 -20.59
CA ARG C 412 -48.57 -12.52 -19.96
C ARG C 412 -47.06 -12.25 -19.99
N ARG C 413 -46.65 -11.46 -20.99
CA ARG C 413 -45.24 -11.10 -21.12
C ARG C 413 -44.80 -10.01 -20.15
N GLN C 414 -45.75 -9.26 -19.57
CA GLN C 414 -45.38 -8.16 -18.70
C GLN C 414 -44.91 -8.66 -17.34
N LEU C 415 -45.41 -9.81 -16.90
CA LEU C 415 -45.15 -10.31 -15.56
C LEU C 415 -44.07 -11.38 -15.51
N LEU C 416 -43.30 -11.55 -16.58
CA LEU C 416 -42.27 -12.57 -16.63
C LEU C 416 -40.96 -11.97 -17.13
N THR C 417 -39.88 -12.34 -16.44
CA THR C 417 -38.53 -11.95 -16.83
C THR C 417 -37.60 -13.14 -16.66
N VAL C 418 -36.48 -13.11 -17.37
CA VAL C 418 -35.52 -14.22 -17.36
C VAL C 418 -34.15 -13.68 -16.97
N PHE C 419 -33.43 -14.46 -16.15
CA PHE C 419 -32.08 -14.07 -15.77
C PHE C 419 -31.09 -14.34 -16.89
N ARG C 420 -31.47 -15.20 -17.84
CA ARG C 420 -30.83 -15.30 -19.16
C ARG C 420 -29.46 -15.98 -19.11
N GLU C 421 -29.09 -16.62 -18.00
CA GLU C 421 -27.85 -17.39 -17.94
C GLU C 421 -26.66 -16.48 -18.30
N GLY C 422 -26.30 -15.64 -17.33
CA GLY C 422 -25.97 -14.26 -17.58
C GLY C 422 -24.67 -13.91 -18.27
N LYS C 423 -23.85 -13.06 -17.65
CA LYS C 423 -23.34 -11.79 -18.17
C LYS C 423 -24.29 -10.72 -17.64
N ASP C 424 -25.29 -11.15 -16.87
CA ASP C 424 -25.98 -10.30 -15.92
C ASP C 424 -25.52 -10.54 -14.49
N GLY C 425 -24.93 -11.70 -14.19
CA GLY C 425 -24.46 -11.98 -12.85
C GLY C 425 -23.30 -11.11 -12.42
N GLN C 426 -22.37 -10.81 -13.35
CA GLN C 426 -21.26 -9.93 -13.02
C GLN C 426 -21.69 -8.55 -12.61
N GLN C 427 -22.78 -8.04 -13.19
CA GLN C 427 -23.38 -6.81 -12.68
C GLN C 427 -23.82 -7.05 -11.24
N ASP C 428 -24.83 -7.91 -11.08
CA ASP C 428 -25.23 -8.53 -9.82
C ASP C 428 -26.45 -9.38 -10.12
N VAL C 429 -26.82 -10.22 -9.16
CA VAL C 429 -28.19 -10.74 -9.11
C VAL C 429 -29.07 -9.86 -8.26
N ASP C 430 -28.47 -9.09 -7.34
CA ASP C 430 -29.22 -8.09 -6.60
C ASP C 430 -29.89 -7.12 -7.57
N VAL C 431 -29.11 -6.58 -8.51
CA VAL C 431 -29.70 -5.65 -9.45
C VAL C 431 -30.81 -6.33 -10.24
N ALA C 432 -30.54 -7.49 -10.85
CA ALA C 432 -31.53 -8.08 -11.75
C ALA C 432 -32.86 -8.31 -11.04
N ILE C 433 -32.82 -8.90 -9.85
CA ILE C 433 -34.03 -9.11 -9.08
C ILE C 433 -34.64 -7.78 -8.63
N LEU C 434 -33.86 -6.69 -8.61
CA LEU C 434 -34.41 -5.41 -8.17
C LEU C 434 -34.98 -4.54 -9.29
N GLN C 435 -34.39 -4.51 -10.48
CA GLN C 435 -35.10 -3.81 -11.57
C GLN C 435 -36.07 -4.75 -12.29
N ALA C 436 -36.18 -6.01 -11.86
CA ALA C 436 -37.38 -6.74 -12.27
C ALA C 436 -38.63 -6.05 -11.72
N LEU C 437 -38.59 -5.65 -10.46
CA LEU C 437 -39.67 -4.88 -9.86
C LEU C 437 -39.88 -3.57 -10.59
N LEU C 438 -38.80 -2.85 -10.88
CA LEU C 438 -38.93 -1.53 -11.47
C LEU C 438 -39.31 -1.61 -12.94
N LYS C 439 -39.04 -2.74 -13.60
CA LYS C 439 -39.57 -2.97 -14.94
C LYS C 439 -41.07 -3.25 -14.88
N ALA C 440 -41.50 -4.05 -13.91
CA ALA C 440 -42.94 -4.19 -13.69
C ALA C 440 -43.58 -2.85 -13.37
N SER C 441 -42.80 -1.93 -12.80
CA SER C 441 -43.30 -0.60 -12.50
C SER C 441 -43.37 0.32 -13.72
N ARG C 442 -42.35 0.32 -14.59
CA ARG C 442 -42.53 1.03 -15.86
C ARG C 442 -43.68 0.45 -16.67
N SER C 443 -43.89 -0.86 -16.60
CA SER C 443 -44.94 -1.48 -17.41
C SER C 443 -46.33 -0.96 -17.08
N GLN C 444 -46.57 -0.52 -15.85
CA GLN C 444 -47.88 -0.05 -15.41
C GLN C 444 -47.74 1.31 -14.74
N ASP C 445 -48.01 2.36 -15.49
CA ASP C 445 -48.15 3.72 -14.96
C ASP C 445 -49.32 4.41 -15.65
N HIS C 446 -49.87 5.41 -14.96
CA HIS C 446 -51.11 6.04 -15.41
C HIS C 446 -50.99 7.55 -15.42
N PHE C 447 -51.32 8.15 -16.56
CA PHE C 447 -51.66 9.58 -16.67
C PHE C 447 -50.51 10.48 -16.23
N GLY C 448 -49.42 10.41 -17.00
CA GLY C 448 -48.34 11.37 -16.90
C GLY C 448 -47.03 10.70 -16.50
N HIS C 449 -46.19 11.48 -15.80
CA HIS C 449 -44.85 11.06 -15.40
C HIS C 449 -44.85 10.52 -13.97
N GLU C 450 -45.94 9.91 -13.53
CA GLU C 450 -45.98 9.31 -12.20
C GLU C 450 -45.03 8.12 -12.09
N ASN C 451 -44.59 7.57 -13.22
CA ASN C 451 -43.65 6.44 -13.18
C ASN C 451 -42.33 6.87 -12.54
N TRP C 452 -41.74 7.96 -13.02
CA TRP C 452 -40.48 8.45 -12.48
C TRP C 452 -40.62 9.03 -11.08
N ASP C 453 -41.85 9.20 -10.59
CA ASP C 453 -42.09 9.50 -9.19
C ASP C 453 -42.24 8.25 -8.34
N HIS C 454 -42.95 7.24 -8.84
CA HIS C 454 -43.11 5.98 -8.10
C HIS C 454 -41.80 5.23 -7.97
N GLN C 455 -40.97 5.24 -9.03
CA GLN C 455 -39.66 4.61 -8.93
C GLN C 455 -38.81 5.26 -7.86
N LEU C 456 -38.82 6.59 -7.77
CA LEU C 456 -38.06 7.27 -6.74
C LEU C 456 -38.64 7.04 -5.36
N LYS C 457 -39.97 6.96 -5.25
CA LYS C 457 -40.58 6.60 -3.98
C LYS C 457 -40.11 5.23 -3.51
N LEU C 458 -40.03 4.26 -4.43
CA LEU C 458 -39.50 2.95 -4.08
C LEU C 458 -38.02 3.01 -3.74
N ALA C 459 -37.24 3.74 -4.54
CA ALA C 459 -35.79 3.83 -4.34
C ALA C 459 -35.42 4.49 -3.03
N VAL C 460 -36.30 5.35 -2.50
CA VAL C 460 -36.09 5.89 -1.16
C VAL C 460 -36.02 4.75 -0.14
N ALA C 461 -36.95 3.81 -0.24
CA ALA C 461 -37.03 2.71 0.71
C ALA C 461 -35.99 1.61 0.45
N TRP C 462 -35.35 1.60 -0.71
CA TRP C 462 -34.40 0.53 -1.01
C TRP C 462 -33.09 0.69 -0.25
N ASN C 463 -32.74 1.92 0.13
CA ASN C 463 -31.46 2.19 0.78
C ASN C 463 -30.29 1.78 -0.13
N ARG C 464 -30.51 1.87 -1.43
CA ARG C 464 -29.52 1.49 -2.44
C ARG C 464 -29.40 2.67 -3.41
N VAL C 465 -28.22 3.30 -3.43
CA VAL C 465 -28.07 4.51 -4.25
C VAL C 465 -27.82 4.16 -5.70
N ASP C 466 -27.00 3.14 -5.97
CA ASP C 466 -26.62 2.87 -7.35
C ASP C 466 -27.80 2.42 -8.19
N ILE C 467 -28.79 1.76 -7.59
CA ILE C 467 -30.00 1.44 -8.32
C ILE C 467 -30.84 2.69 -8.56
N ALA C 468 -30.83 3.63 -7.62
CA ALA C 468 -31.57 4.87 -7.81
C ALA C 468 -30.91 5.73 -8.87
N ARG C 469 -29.64 5.46 -9.17
CA ARG C 469 -28.90 6.26 -10.13
C ARG C 469 -28.87 5.61 -11.51
N SER C 470 -28.87 4.26 -11.56
CA SER C 470 -28.44 3.56 -12.75
C SER C 470 -29.49 3.49 -13.86
N GLU C 471 -30.78 3.56 -13.55
CA GLU C 471 -31.80 3.52 -14.59
C GLU C 471 -32.73 4.73 -14.54
N ILE C 472 -33.14 5.15 -13.35
CA ILE C 472 -34.18 6.17 -13.22
C ILE C 472 -33.53 7.55 -13.08
N PHE C 473 -32.25 7.63 -13.41
CA PHE C 473 -31.57 8.93 -13.52
C PHE C 473 -30.67 8.97 -14.75
N MET C 474 -30.67 7.90 -15.54
CA MET C 474 -29.93 7.87 -16.80
C MET C 474 -30.80 8.12 -18.01
N ASP C 475 -32.12 7.91 -17.92
CA ASP C 475 -33.02 8.17 -19.04
C ASP C 475 -33.39 9.65 -19.09
N GLU C 476 -34.36 10.00 -19.93
CA GLU C 476 -34.79 11.38 -20.08
C GLU C 476 -35.67 11.74 -18.88
N TRP C 477 -35.05 12.31 -17.85
CA TRP C 477 -35.76 12.69 -16.64
C TRP C 477 -36.40 14.06 -16.82
N GLN C 478 -37.72 14.12 -16.75
CA GLN C 478 -38.44 15.39 -16.81
C GLN C 478 -38.12 16.17 -15.53
N TRP C 479 -37.45 17.30 -15.68
CA TRP C 479 -36.85 17.96 -14.52
C TRP C 479 -37.88 18.41 -13.51
N LYS C 480 -38.64 19.46 -13.85
CA LYS C 480 -39.72 20.09 -13.08
C LYS C 480 -39.45 19.91 -11.58
N PRO C 481 -38.37 20.51 -11.06
CA PRO C 481 -37.75 20.03 -9.80
C PRO C 481 -38.67 19.97 -8.59
N SER C 482 -39.92 20.43 -8.73
CA SER C 482 -40.86 20.32 -7.63
C SER C 482 -41.28 18.87 -7.35
N ASP C 483 -40.93 17.94 -8.24
CA ASP C 483 -41.25 16.53 -8.00
C ASP C 483 -40.53 15.99 -6.79
N LEU C 484 -39.28 16.37 -6.59
CA LEU C 484 -38.43 15.75 -5.59
C LEU C 484 -38.66 16.30 -4.18
N HIS C 485 -39.46 17.36 -4.02
CA HIS C 485 -39.71 17.90 -2.69
C HIS C 485 -40.40 16.87 -1.79
N PRO C 486 -41.46 16.19 -2.24
CA PRO C 486 -42.00 15.08 -1.43
C PRO C 486 -41.01 13.95 -1.23
N THR C 487 -40.05 13.77 -2.13
CA THR C 487 -39.00 12.78 -1.98
C THR C 487 -37.79 13.31 -1.19
N MET C 488 -37.44 14.59 -1.40
CA MET C 488 -36.41 15.22 -0.57
C MET C 488 -36.80 15.21 0.90
N THR C 489 -38.08 15.46 1.20
CA THR C 489 -38.53 15.40 2.59
C THR C 489 -38.35 14.01 3.19
N ALA C 490 -38.72 12.97 2.44
CA ALA C 490 -38.57 11.61 2.95
C ALA C 490 -37.10 11.27 3.16
N ALA C 491 -36.24 11.65 2.21
CA ALA C 491 -34.81 11.43 2.35
C ALA C 491 -34.22 12.15 3.54
N LEU C 492 -34.63 13.40 3.78
CA LEU C 492 -34.15 14.15 4.93
C LEU C 492 -34.62 13.52 6.23
N ILE C 493 -35.89 13.10 6.30
CA ILE C 493 -36.44 12.54 7.53
C ILE C 493 -35.78 11.21 7.87
N SER C 494 -35.65 10.32 6.88
CA SER C 494 -35.15 8.99 7.17
C SER C 494 -33.68 8.99 7.54
N ASN C 495 -32.84 9.73 6.78
CA ASN C 495 -31.44 9.94 7.12
C ASN C 495 -30.68 8.61 7.25
N LYS C 496 -30.48 7.92 6.11
CA LYS C 496 -30.52 8.37 4.69
C LYS C 496 -29.96 9.77 4.39
N PRO C 497 -28.67 10.00 4.67
CA PRO C 497 -28.07 11.29 4.31
C PRO C 497 -27.48 11.28 2.90
N GLU C 498 -27.27 10.09 2.35
CA GLU C 498 -26.59 9.97 1.07
C GLU C 498 -27.46 10.42 -0.10
N PHE C 499 -28.76 10.13 -0.08
CA PHE C 499 -29.65 10.57 -1.15
C PHE C 499 -29.70 12.09 -1.24
N VAL C 500 -29.37 12.79 -0.17
CA VAL C 500 -29.38 14.25 -0.19
C VAL C 500 -28.40 14.76 -1.25
N LYS C 501 -27.16 14.27 -1.23
CA LYS C 501 -26.21 14.70 -2.24
C LYS C 501 -26.69 14.37 -3.64
N LEU C 502 -27.16 13.14 -3.83
CA LEU C 502 -27.64 12.69 -5.13
C LEU C 502 -28.70 13.62 -5.69
N PHE C 503 -29.61 14.08 -4.83
CA PHE C 503 -30.60 15.05 -5.29
C PHE C 503 -29.98 16.42 -5.51
N LEU C 504 -28.90 16.76 -4.79
CA LEU C 504 -28.21 18.01 -5.09
C LEU C 504 -27.54 18.04 -6.46
N GLU C 505 -27.00 16.92 -6.98
CA GLU C 505 -26.49 17.02 -8.35
C GLU C 505 -27.61 17.26 -9.35
N ASN C 506 -28.84 16.85 -9.04
CA ASN C 506 -29.95 16.96 -9.98
C ASN C 506 -30.70 18.28 -9.87
N GLY C 507 -30.04 19.33 -9.40
CA GLY C 507 -30.64 20.65 -9.43
C GLY C 507 -31.69 20.94 -8.37
N VAL C 508 -31.72 20.17 -7.30
CA VAL C 508 -32.63 20.47 -6.18
C VAL C 508 -31.99 21.55 -5.33
N GLN C 509 -32.28 22.81 -5.66
CA GLN C 509 -31.70 23.93 -4.94
C GLN C 509 -32.44 24.14 -3.62
N LEU C 510 -31.70 24.25 -2.52
CA LEU C 510 -32.31 24.32 -1.21
C LEU C 510 -32.88 25.70 -0.92
N LYS C 511 -32.47 26.73 -1.67
CA LYS C 511 -32.90 28.09 -1.39
C LYS C 511 -34.41 28.27 -1.54
N GLU C 512 -35.03 27.65 -2.55
CA GLU C 512 -36.47 27.72 -2.71
C GLU C 512 -37.18 26.41 -2.39
N PHE C 513 -36.43 25.36 -2.05
CA PHE C 513 -37.04 24.11 -1.62
C PHE C 513 -37.62 24.24 -0.22
N VAL C 514 -36.91 24.92 0.68
CA VAL C 514 -37.31 25.01 2.08
C VAL C 514 -38.40 26.05 2.25
N THR C 515 -39.65 25.60 2.30
CA THR C 515 -40.76 26.50 2.55
C THR C 515 -41.12 26.49 4.04
N TRP C 516 -42.01 27.42 4.41
CA TRP C 516 -42.45 27.49 5.80
C TRP C 516 -43.19 26.23 6.22
N ASP C 517 -44.12 25.76 5.39
CA ASP C 517 -44.87 24.55 5.68
C ASP C 517 -43.99 23.30 5.63
N THR C 518 -43.02 23.26 4.72
CA THR C 518 -42.12 22.11 4.67
C THR C 518 -41.32 21.98 5.97
N LEU C 519 -40.80 23.10 6.49
CA LEU C 519 -40.07 23.04 7.75
C LEU C 519 -41.00 22.77 8.93
N LEU C 520 -42.22 23.29 8.88
CA LEU C 520 -43.20 22.97 9.92
C LEU C 520 -43.49 21.48 9.97
N TYR C 521 -43.65 20.84 8.80
CA TYR C 521 -43.79 19.40 8.73
C TYR C 521 -42.55 18.65 9.17
N LEU C 522 -41.36 19.16 8.81
CA LEU C 522 -40.11 18.52 9.19
C LEU C 522 -39.91 18.51 10.70
N TYR C 523 -40.20 19.62 11.37
CA TYR C 523 -40.02 19.70 12.82
C TYR C 523 -41.02 18.85 13.59
N GLU C 524 -42.08 18.37 12.94
CA GLU C 524 -43.02 17.46 13.59
C GLU C 524 -42.60 16.00 13.46
N ASN C 525 -41.48 15.73 12.80
CA ASN C 525 -40.99 14.37 12.57
C ASN C 525 -39.54 14.24 13.06
N LEU C 526 -39.27 14.78 14.25
CA LEU C 526 -37.95 14.64 14.84
C LEU C 526 -37.72 13.21 15.30
N ASP C 527 -36.48 12.89 15.62
CA ASP C 527 -36.15 11.57 16.12
C ASP C 527 -36.74 11.39 17.50
N PRO C 528 -37.61 10.40 17.73
CA PRO C 528 -38.25 10.27 19.05
C PRO C 528 -37.26 10.03 20.17
N SER C 529 -36.14 9.36 19.91
CA SER C 529 -35.15 9.10 20.96
C SER C 529 -34.18 10.24 21.17
N CYS C 530 -34.25 11.29 20.35
CA CYS C 530 -33.33 12.41 20.47
C CYS C 530 -33.69 13.28 21.68
N LEU C 531 -32.68 13.98 22.19
CA LEU C 531 -32.90 14.86 23.33
C LEU C 531 -33.68 16.11 22.94
N PHE C 532 -33.47 16.62 21.73
CA PHE C 532 -34.18 17.82 21.29
C PHE C 532 -35.67 17.56 21.16
N HIS C 533 -36.06 16.37 20.68
CA HIS C 533 -37.48 16.04 20.61
C HIS C 533 -38.10 15.96 21.99
N SER C 534 -37.37 15.39 22.96
CA SER C 534 -37.86 15.36 24.33
C SER C 534 -38.01 16.76 24.90
N LYS C 535 -37.07 17.66 24.60
CA LYS C 535 -37.20 19.05 25.03
C LYS C 535 -38.42 19.71 24.40
N LEU C 536 -38.65 19.47 23.11
CA LEU C 536 -39.81 20.01 22.42
C LEU C 536 -41.10 19.29 22.80
N GLN C 537 -41.01 18.12 23.41
CA GLN C 537 -42.17 17.43 23.96
C GLN C 537 -42.51 17.91 25.36
N LYS C 538 -41.73 18.84 25.90
CA LYS C 538 -41.96 19.41 27.22
C LYS C 538 -42.39 20.87 27.16
N VAL C 539 -41.85 21.65 26.24
CA VAL C 539 -42.30 23.04 26.09
C VAL C 539 -43.76 23.09 25.70
N LEU C 540 -44.22 22.15 24.86
CA LEU C 540 -45.65 22.05 24.56
C LEU C 540 -46.47 21.70 25.78
N VAL C 541 -45.85 21.14 26.81
CA VAL C 541 -46.55 20.81 28.05
C VAL C 541 -46.33 21.84 29.14
N GLU C 542 -45.15 22.48 29.21
CA GLU C 542 -44.97 23.59 30.13
C GLU C 542 -45.91 24.73 29.78
N ASP C 543 -46.17 24.95 28.50
CA ASP C 543 -47.19 25.88 28.04
C ASP C 543 -48.32 25.07 27.43
N PRO C 544 -49.20 24.47 28.24
CA PRO C 544 -50.20 23.55 27.70
C PRO C 544 -51.40 24.25 27.09
N GLU C 545 -52.40 23.46 26.68
CA GLU C 545 -53.51 24.00 25.90
C GLU C 545 -54.40 24.92 26.74
N ARG C 546 -54.67 24.56 27.99
CA ARG C 546 -55.62 25.34 28.76
C ARG C 546 -55.02 26.61 29.39
N PRO C 547 -53.95 26.53 30.21
CA PRO C 547 -53.60 27.69 31.04
C PRO C 547 -52.68 28.73 30.40
N ALA C 548 -51.83 28.32 29.46
CA ALA C 548 -50.82 29.21 28.91
C ALA C 548 -51.10 29.57 27.46
N CYS C 549 -51.20 28.58 26.58
CA CYS C 549 -51.63 28.82 25.20
C CYS C 549 -53.15 28.62 25.16
N ALA C 550 -53.85 29.64 25.66
CA ALA C 550 -55.21 29.45 26.15
C ALA C 550 -56.16 28.73 25.19
N PRO C 551 -56.22 29.05 23.89
CA PRO C 551 -57.11 28.27 23.01
C PRO C 551 -56.76 26.78 22.99
N ALA C 552 -55.54 26.46 22.59
CA ALA C 552 -55.04 25.09 22.53
C ALA C 552 -53.59 25.11 22.08
N ALA C 553 -52.86 24.05 22.41
CA ALA C 553 -51.51 23.84 21.90
C ALA C 553 -51.12 22.36 21.99
N PRO C 554 -51.79 21.49 21.23
CA PRO C 554 -51.28 20.12 21.05
C PRO C 554 -50.48 19.92 19.78
N ARG C 555 -50.40 20.92 18.90
CA ARG C 555 -49.63 20.85 17.67
C ARG C 555 -48.32 21.61 17.86
N LEU C 556 -47.22 21.00 17.43
CA LEU C 556 -45.93 21.67 17.50
C LEU C 556 -45.83 22.68 16.37
N GLN C 557 -45.58 23.94 16.70
CA GLN C 557 -45.50 25.00 15.72
C GLN C 557 -44.28 25.86 16.02
N MET C 558 -43.90 26.70 15.05
CA MET C 558 -42.58 27.33 15.01
C MET C 558 -42.26 28.19 16.22
N HIS C 559 -43.26 28.75 16.91
CA HIS C 559 -42.93 29.55 18.08
C HIS C 559 -42.39 28.68 19.21
N HIS C 560 -42.87 27.44 19.31
CA HIS C 560 -42.35 26.53 20.32
C HIS C 560 -40.88 26.22 20.06
N VAL C 561 -40.51 25.93 18.82
CA VAL C 561 -39.12 25.65 18.52
C VAL C 561 -38.26 26.90 18.65
N ALA C 562 -38.81 28.09 18.35
CA ALA C 562 -38.08 29.32 18.61
C ALA C 562 -37.82 29.51 20.10
N GLN C 563 -38.81 29.22 20.93
CA GLN C 563 -38.65 29.35 22.37
C GLN C 563 -37.61 28.36 22.90
N VAL C 564 -37.64 27.11 22.44
CA VAL C 564 -36.63 26.16 22.91
C VAL C 564 -35.24 26.49 22.37
N LEU C 565 -35.14 27.04 21.16
CA LEU C 565 -33.86 27.48 20.65
C LEU C 565 -33.30 28.66 21.44
N ARG C 566 -34.16 29.58 21.87
CA ARG C 566 -33.72 30.67 22.72
C ARG C 566 -33.17 30.18 24.05
N GLU C 567 -33.81 29.15 24.64
CA GLU C 567 -33.22 28.51 25.81
C GLU C 567 -31.88 27.87 25.48
N LEU C 568 -31.79 27.22 24.31
CA LEU C 568 -30.51 26.69 23.87
C LEU C 568 -29.49 27.81 23.64
N LEU C 569 -29.93 28.94 23.10
CA LEU C 569 -29.06 30.11 22.96
C LEU C 569 -28.97 30.80 24.32
N GLY C 570 -28.28 31.94 24.36
CA GLY C 570 -28.04 32.66 25.60
C GLY C 570 -29.12 33.66 25.91
N ASP C 571 -28.71 34.81 26.44
CA ASP C 571 -29.61 35.91 26.79
C ASP C 571 -29.78 36.91 25.66
N PHE C 572 -29.67 36.44 24.41
CA PHE C 572 -29.61 37.32 23.25
C PHE C 572 -30.98 37.83 22.83
N THR C 573 -31.05 38.38 21.62
CA THR C 573 -32.28 38.98 21.12
C THR C 573 -33.29 37.91 20.74
N GLN C 574 -34.36 38.34 20.10
CA GLN C 574 -35.44 37.45 19.73
C GLN C 574 -34.93 36.40 18.75
N PRO C 575 -35.30 35.12 18.90
CA PRO C 575 -34.74 34.10 18.00
C PRO C 575 -35.36 34.11 16.61
N LEU C 576 -34.97 33.13 15.78
CA LEU C 576 -35.11 33.22 14.34
C LEU C 576 -36.57 33.32 13.90
N TYR C 577 -37.51 32.88 14.74
CA TYR C 577 -38.89 32.84 14.28
C TYR C 577 -39.75 33.86 15.02
N PRO C 578 -40.78 34.41 14.36
CA PRO C 578 -41.53 35.53 14.95
C PRO C 578 -42.39 35.17 16.16
N ARG C 579 -42.03 35.72 17.30
CA ARG C 579 -42.78 35.69 18.56
C ARG C 579 -44.10 36.45 18.53
N PRO C 580 -44.13 37.73 18.09
CA PRO C 580 -45.23 38.61 18.51
C PRO C 580 -46.57 38.30 17.85
N ARG C 581 -47.54 39.20 18.09
CA ARG C 581 -48.92 38.98 17.67
C ARG C 581 -49.05 38.74 16.18
N HIS C 582 -48.09 39.21 15.37
CA HIS C 582 -48.15 38.97 13.93
C HIS C 582 -48.10 37.48 13.63
N ASN C 583 -47.21 36.75 14.30
CA ASN C 583 -47.02 35.32 14.09
C ASN C 583 -46.89 34.59 15.44
N ASP C 584 -47.83 34.85 16.35
CA ASP C 584 -47.80 34.15 17.63
C ASP C 584 -48.24 32.70 17.44
N ARG C 585 -47.28 31.83 17.13
CA ARG C 585 -47.57 30.46 16.71
C ARG C 585 -47.63 29.52 17.92
N LEU C 586 -48.66 29.71 18.74
CA LEU C 586 -48.86 28.85 19.90
C LEU C 586 -50.29 28.32 19.98
N ARG C 587 -51.25 29.09 19.47
CA ARG C 587 -52.65 28.94 19.85
C ARG C 587 -53.54 28.82 18.62
N LEU C 588 -53.20 27.94 17.69
CA LEU C 588 -54.01 27.73 16.49
C LEU C 588 -54.47 26.27 16.44
N LEU C 589 -55.51 25.96 17.20
CA LEU C 589 -56.35 24.80 16.95
C LEU C 589 -57.85 25.08 17.11
N LEU C 590 -58.23 26.08 17.89
CA LEU C 590 -59.56 26.63 18.14
C LEU C 590 -59.84 27.77 17.18
N PRO C 591 -61.12 28.07 16.91
CA PRO C 591 -61.44 29.11 15.93
C PRO C 591 -61.05 30.51 16.40
N VAL C 592 -59.76 30.80 16.40
CA VAL C 592 -59.31 32.16 16.72
C VAL C 592 -59.70 33.10 15.58
N PRO C 593 -60.01 34.37 15.86
CA PRO C 593 -60.48 35.26 14.80
C PRO C 593 -59.40 35.55 13.77
N HIS C 594 -59.86 35.95 12.58
CA HIS C 594 -59.01 36.28 11.44
C HIS C 594 -58.42 37.67 11.56
N VAL C 595 -57.96 38.23 10.43
CA VAL C 595 -57.19 39.46 10.34
C VAL C 595 -57.66 40.56 11.29
N LYS C 596 -58.96 40.60 11.55
CA LYS C 596 -59.49 41.61 12.48
C LYS C 596 -58.99 41.40 13.90
N LEU C 597 -58.42 40.25 14.22
CA LEU C 597 -57.97 39.96 15.58
C LEU C 597 -56.61 40.58 15.86
N ASN C 598 -55.59 40.18 15.11
CA ASN C 598 -54.20 40.66 15.20
C ASN C 598 -53.64 40.58 16.63
N VAL C 599 -54.25 39.78 17.49
CA VAL C 599 -53.76 39.55 18.86
C VAL C 599 -53.69 38.05 19.08
N GLN C 600 -52.51 37.57 19.46
CA GLN C 600 -52.24 36.13 19.66
C GLN C 600 -52.90 35.27 18.59
N GLY C 601 -52.78 35.72 17.35
CA GLY C 601 -53.37 35.02 16.22
C GLY C 601 -52.71 35.42 14.93
N VAL C 602 -53.46 35.33 13.84
CA VAL C 602 -52.97 35.67 12.51
C VAL C 602 -53.39 37.09 12.16
N SER C 603 -52.44 37.89 11.70
CA SER C 603 -52.69 39.30 11.36
C SER C 603 -52.51 39.58 9.89
N LEU C 604 -51.35 39.25 9.32
CA LEU C 604 -51.05 39.61 7.93
C LEU C 604 -51.21 38.46 6.95
N ARG C 605 -51.13 37.21 7.43
CA ARG C 605 -51.22 36.07 6.53
C ARG C 605 -52.63 35.92 5.96
N SER C 606 -52.75 35.09 4.93
CA SER C 606 -53.92 35.09 4.08
C SER C 606 -55.15 34.48 4.74
N LEU C 607 -55.10 33.20 5.10
CA LEU C 607 -56.27 32.50 5.61
C LEU C 607 -55.94 31.71 6.87
N TYR C 608 -56.98 31.45 7.67
CA TYR C 608 -56.86 30.61 8.87
C TYR C 608 -57.52 29.27 8.55
N LYS C 609 -56.71 28.35 8.04
CA LYS C 609 -57.16 27.03 7.62
C LYS C 609 -56.48 25.94 8.46
N ARG C 610 -56.45 26.15 9.78
CA ARG C 610 -55.66 25.32 10.70
C ARG C 610 -54.18 25.41 10.33
N SER C 611 -53.79 26.55 9.80
CA SER C 611 -52.41 26.85 9.41
C SER C 611 -52.24 28.35 9.39
N SER C 612 -51.15 28.82 8.80
CA SER C 612 -50.88 30.25 8.70
C SER C 612 -50.91 30.74 7.26
N GLY C 613 -50.20 30.06 6.36
CA GLY C 613 -50.07 30.47 4.97
C GLY C 613 -48.63 30.33 4.53
N HIS C 614 -48.25 31.13 3.54
CA HIS C 614 -46.89 31.10 3.02
C HIS C 614 -46.10 32.24 3.63
N VAL C 615 -45.47 31.98 4.77
CA VAL C 615 -44.42 32.85 5.28
C VAL C 615 -43.19 32.52 4.44
N THR C 616 -42.94 33.34 3.42
CA THR C 616 -42.18 32.94 2.24
C THR C 616 -40.91 32.16 2.55
N PHE C 617 -39.92 32.80 3.18
CA PHE C 617 -38.70 32.07 3.52
C PHE C 617 -38.11 32.44 4.87
N THR C 618 -38.56 33.51 5.52
CA THR C 618 -38.02 33.99 6.81
C THR C 618 -36.52 34.26 6.70
N MET C 619 -36.07 34.62 5.50
CA MET C 619 -34.74 35.16 5.19
C MET C 619 -33.58 34.31 5.70
N ASP C 620 -33.83 33.09 6.14
CA ASP C 620 -32.77 32.10 6.36
C ASP C 620 -33.29 30.69 6.07
N PRO C 621 -33.41 30.34 4.79
CA PRO C 621 -33.87 28.99 4.45
C PRO C 621 -32.80 27.92 4.61
N ILE C 622 -31.53 28.27 4.48
CA ILE C 622 -30.46 27.28 4.62
C ILE C 622 -30.14 27.03 6.08
N ARG C 623 -30.02 28.10 6.87
CA ARG C 623 -29.77 27.97 8.29
C ARG C 623 -30.91 27.25 9.01
N ASP C 624 -32.13 27.36 8.49
CA ASP C 624 -33.25 26.64 9.07
C ASP C 624 -33.06 25.13 8.98
N LEU C 625 -32.60 24.63 7.82
CA LEU C 625 -32.27 23.21 7.73
C LEU C 625 -31.01 22.88 8.52
N LEU C 626 -30.05 23.81 8.58
CA LEU C 626 -28.82 23.54 9.33
C LEU C 626 -29.11 23.30 10.80
N ILE C 627 -29.96 24.13 11.41
CA ILE C 627 -30.31 23.95 12.82
C ILE C 627 -31.04 22.62 13.01
N TRP C 628 -31.99 22.31 12.12
CA TRP C 628 -32.76 21.07 12.26
C TRP C 628 -31.88 19.84 12.13
N ALA C 629 -30.87 19.89 11.25
CA ALA C 629 -29.92 18.79 11.13
C ALA C 629 -28.97 18.71 12.32
N ILE C 630 -28.58 19.85 12.89
CA ILE C 630 -27.67 19.84 14.03
C ILE C 630 -28.36 19.28 15.28
N VAL C 631 -29.60 19.72 15.54
CA VAL C 631 -30.28 19.29 16.76
C VAL C 631 -30.55 17.79 16.76
N GLN C 632 -30.66 17.16 15.60
CA GLN C 632 -30.87 15.73 15.50
C GLN C 632 -29.57 14.94 15.47
N ASN C 633 -28.42 15.63 15.61
CA ASN C 633 -27.10 15.01 15.63
C ASN C 633 -26.81 14.21 14.37
N ARG C 634 -27.26 14.70 13.21
CA ARG C 634 -26.95 14.06 11.92
C ARG C 634 -25.64 14.64 11.42
N ARG C 635 -24.54 13.97 11.73
CA ARG C 635 -23.22 14.51 11.38
C ARG C 635 -23.01 14.57 9.88
N GLU C 636 -23.33 13.50 9.16
CA GLU C 636 -23.09 13.46 7.72
C GLU C 636 -24.02 14.39 6.96
N LEU C 637 -25.27 14.54 7.44
CA LEU C 637 -26.23 15.40 6.76
C LEU C 637 -25.92 16.87 6.96
N ALA C 638 -25.51 17.24 8.18
CA ALA C 638 -25.31 18.65 8.50
C ALA C 638 -24.20 19.30 7.69
N GLY C 639 -23.12 18.56 7.39
CA GLY C 639 -22.04 19.11 6.60
C GLY C 639 -22.47 19.49 5.18
N ILE C 640 -23.36 18.69 4.59
CA ILE C 640 -23.85 19.01 3.25
C ILE C 640 -24.65 20.31 3.26
N ILE C 641 -25.51 20.49 4.26
CA ILE C 641 -26.30 21.71 4.36
C ILE C 641 -25.43 22.91 4.67
N TRP C 642 -24.40 22.72 5.49
CA TRP C 642 -23.49 23.82 5.83
C TRP C 642 -22.75 24.37 4.61
N ALA C 643 -22.55 23.55 3.58
CA ALA C 643 -21.81 24.01 2.40
C ALA C 643 -22.57 25.13 1.68
N GLN C 644 -23.89 25.02 1.60
CA GLN C 644 -24.71 26.00 0.89
C GLN C 644 -25.17 27.15 1.79
N SER C 645 -24.53 27.35 2.93
CA SER C 645 -24.92 28.41 3.84
C SER C 645 -24.47 29.77 3.31
N GLN C 646 -25.18 30.81 3.74
CA GLN C 646 -24.85 32.19 3.37
C GLN C 646 -23.94 32.85 4.39
N ASP C 647 -24.39 32.93 5.65
CA ASP C 647 -23.57 33.47 6.73
C ASP C 647 -22.81 32.30 7.36
N CYS C 648 -21.68 31.97 6.73
CA CYS C 648 -20.96 30.74 7.07
C CYS C 648 -20.40 30.77 8.50
N ILE C 649 -19.66 31.83 8.84
CA ILE C 649 -18.95 31.86 10.11
C ILE C 649 -19.92 31.91 11.28
N ALA C 650 -20.94 32.77 11.19
CA ALA C 650 -21.92 32.87 12.27
C ALA C 650 -22.68 31.57 12.45
N ALA C 651 -23.08 30.93 11.34
CA ALA C 651 -23.78 29.66 11.45
C ALA C 651 -22.91 28.58 12.06
N ALA C 652 -21.64 28.49 11.66
CA ALA C 652 -20.76 27.48 12.24
C ALA C 652 -20.54 27.74 13.73
N LEU C 653 -20.36 29.00 14.12
CA LEU C 653 -20.16 29.31 15.53
C LEU C 653 -21.41 28.99 16.35
N ALA C 654 -22.59 29.32 15.82
CA ALA C 654 -23.82 28.99 16.53
C ALA C 654 -24.02 27.49 16.65
N CYS C 655 -23.70 26.74 15.59
CA CYS C 655 -23.76 25.28 15.66
C CYS C 655 -22.80 24.72 16.69
N SER C 656 -21.59 25.26 16.78
CA SER C 656 -20.67 24.80 17.82
C SER C 656 -21.23 25.01 19.21
N LYS C 657 -21.79 26.20 19.49
CA LYS C 657 -22.37 26.48 20.79
C LYS C 657 -23.54 25.56 21.10
N ILE C 658 -24.46 25.39 20.15
CA ILE C 658 -25.63 24.57 20.42
C ILE C 658 -25.23 23.12 20.61
N LEU C 659 -24.24 22.63 19.86
CA LEU C 659 -23.78 21.26 20.05
C LEU C 659 -23.11 21.08 21.40
N LYS C 660 -22.27 22.03 21.80
CA LYS C 660 -21.61 21.95 23.10
C LYS C 660 -22.62 21.95 24.24
N GLU C 661 -23.65 22.81 24.16
CA GLU C 661 -24.60 22.89 25.26
C GLU C 661 -25.65 21.79 25.23
N LEU C 662 -25.93 21.20 24.07
CA LEU C 662 -26.78 20.02 24.01
C LEU C 662 -26.07 18.76 24.46
N SER C 663 -24.76 18.67 24.24
CA SER C 663 -24.00 17.54 24.76
C SER C 663 -24.00 17.52 26.29
N LYS C 664 -24.09 18.69 26.91
CA LYS C 664 -23.98 18.81 28.36
C LYS C 664 -25.25 18.41 29.10
N GLU C 665 -26.40 18.34 28.43
CA GLU C 665 -27.65 18.20 29.18
C GLU C 665 -27.87 16.77 29.66
N GLU C 666 -28.13 15.83 28.74
CA GLU C 666 -28.34 14.46 29.15
C GLU C 666 -28.37 13.44 28.01
N GLU C 667 -27.40 12.53 27.95
CA GLU C 667 -27.73 11.16 27.58
C GLU C 667 -26.89 10.16 28.36
N ASP C 668 -25.81 10.59 29.00
CA ASP C 668 -24.88 9.90 29.90
C ASP C 668 -23.75 9.13 29.19
N THR C 669 -23.72 9.04 27.86
CA THR C 669 -22.65 8.30 27.18
C THR C 669 -22.76 8.50 25.68
N ASP C 670 -21.68 8.15 24.98
CA ASP C 670 -21.68 7.63 23.61
C ASP C 670 -22.31 8.57 22.58
N SER C 671 -22.92 9.66 23.05
CA SER C 671 -23.46 10.69 22.16
C SER C 671 -23.20 12.10 22.65
N SER C 672 -23.03 12.32 23.96
CA SER C 672 -22.48 13.58 24.44
C SER C 672 -21.03 13.73 24.02
N GLU C 673 -20.26 12.64 24.10
CA GLU C 673 -18.92 12.64 23.55
C GLU C 673 -18.93 12.90 22.05
N GLU C 674 -19.85 12.24 21.33
CA GLU C 674 -19.94 12.46 19.89
C GLU C 674 -20.42 13.87 19.57
N MET C 675 -21.35 14.39 20.35
CA MET C 675 -21.80 15.77 20.13
C MET C 675 -20.67 16.76 20.37
N LEU C 676 -19.87 16.54 21.42
CA LEU C 676 -18.73 17.41 21.67
C LEU C 676 -17.69 17.29 20.56
N ALA C 677 -17.47 16.07 20.05
CA ALA C 677 -16.55 15.90 18.93
C ALA C 677 -17.04 16.62 17.69
N LEU C 678 -18.34 16.56 17.40
CA LEU C 678 -18.88 17.30 16.26
C LEU C 678 -18.82 18.81 16.49
N ALA C 679 -18.99 19.25 17.74
CA ALA C 679 -18.84 20.67 18.04
C ALA C 679 -17.41 21.14 17.78
N GLU C 680 -16.42 20.35 18.19
CA GLU C 680 -15.03 20.68 17.88
C GLU C 680 -14.74 20.61 16.39
N GLU C 681 -15.35 19.67 15.67
CA GLU C 681 -15.19 19.60 14.23
C GLU C 681 -15.73 20.85 13.55
N TYR C 682 -16.91 21.31 13.97
CA TYR C 682 -17.44 22.56 13.44
C TYR C 682 -16.62 23.77 13.87
N GLU C 683 -16.00 23.70 15.05
CA GLU C 683 -15.08 24.76 15.46
C GLU C 683 -13.91 24.85 14.50
N HIS C 684 -13.27 23.72 14.20
CA HIS C 684 -12.17 23.73 13.25
C HIS C 684 -12.64 24.15 11.86
N ARG C 685 -13.87 23.75 11.49
CA ARG C 685 -14.44 24.15 10.21
C ARG C 685 -14.59 25.67 10.11
N ALA C 686 -15.05 26.31 11.18
CA ALA C 686 -15.15 27.76 11.20
C ALA C 686 -13.77 28.42 11.23
N ILE C 687 -12.82 27.84 11.97
CA ILE C 687 -11.47 28.41 12.02
C ILE C 687 -10.83 28.40 10.64
N GLY C 688 -11.01 27.31 9.88
CA GLY C 688 -10.49 27.27 8.53
C GLY C 688 -11.06 28.33 7.61
N VAL C 689 -12.39 28.53 7.63
CA VAL C 689 -13.01 29.56 6.81
C VAL C 689 -12.53 30.94 7.23
N PHE C 690 -12.45 31.20 8.54
CA PHE C 690 -11.97 32.49 9.00
C PHE C 690 -10.52 32.72 8.62
N THR C 691 -9.68 31.70 8.68
CA THR C 691 -8.28 31.84 8.27
C THR C 691 -8.19 32.16 6.78
N GLU C 692 -8.99 31.46 5.96
CA GLU C 692 -8.97 31.73 4.53
C GLU C 692 -9.44 33.15 4.22
N CYS C 693 -10.45 33.63 4.95
CA CYS C 693 -10.93 34.99 4.74
C CYS C 693 -9.98 36.04 5.30
N TYR C 694 -9.21 35.68 6.33
CA TYR C 694 -8.32 36.62 7.00
C TYR C 694 -7.00 36.76 6.26
N ARG C 695 -6.57 35.72 5.53
CA ARG C 695 -5.32 35.81 4.79
C ARG C 695 -5.38 36.92 3.75
N LYS C 696 -6.52 37.10 3.10
CA LYS C 696 -6.69 38.12 2.07
C LYS C 696 -7.37 39.34 2.68
N ASP C 697 -6.67 40.48 2.69
CA ASP C 697 -7.24 41.77 3.06
C ASP C 697 -7.84 41.74 4.46
N GLU C 698 -6.93 41.63 5.44
CA GLU C 698 -7.30 41.50 6.84
C GLU C 698 -8.24 42.60 7.32
N GLU C 699 -8.16 43.79 6.70
CA GLU C 699 -9.00 44.91 7.13
C GLU C 699 -10.49 44.58 7.00
N ARG C 700 -10.91 44.01 5.89
CA ARG C 700 -12.31 43.61 5.75
C ARG C 700 -12.64 42.38 6.57
N ALA C 701 -11.67 41.50 6.82
CA ALA C 701 -11.90 40.35 7.69
C ALA C 701 -12.24 40.77 9.10
N GLN C 702 -11.51 41.75 9.64
CA GLN C 702 -11.81 42.26 10.97
C GLN C 702 -13.18 42.91 11.01
N LYS C 703 -13.55 43.63 9.95
CA LYS C 703 -14.86 44.27 9.89
C LYS C 703 -15.98 43.24 9.83
N LEU C 704 -15.74 42.15 9.11
CA LEU C 704 -16.65 41.01 9.09
C LEU C 704 -16.75 40.33 10.45
N LEU C 705 -15.67 40.36 11.24
CA LEU C 705 -15.69 39.70 12.54
C LEU C 705 -16.70 40.33 13.50
N THR C 706 -16.79 41.65 13.51
CA THR C 706 -17.60 42.36 14.50
C THR C 706 -18.98 42.75 13.98
N ARG C 707 -19.34 42.35 12.77
CA ARG C 707 -20.64 42.71 12.23
C ARG C 707 -21.74 41.90 12.90
N VAL C 708 -22.96 42.45 12.87
CA VAL C 708 -24.14 41.75 13.36
C VAL C 708 -24.73 40.94 12.23
N SER C 709 -25.56 39.95 12.55
CA SER C 709 -26.15 39.07 11.54
C SER C 709 -27.65 39.00 11.79
N GLU C 710 -28.43 39.66 10.93
CA GLU C 710 -29.88 39.69 11.08
C GLU C 710 -30.51 38.31 10.98
N ALA C 711 -29.82 37.34 10.37
CA ALA C 711 -30.39 36.02 10.15
C ALA C 711 -30.22 35.09 11.36
N TRP C 712 -29.64 35.57 12.46
CA TRP C 712 -29.33 34.71 13.59
C TRP C 712 -29.70 35.32 14.93
N GLY C 713 -30.49 36.39 14.96
CA GLY C 713 -30.74 36.98 16.27
C GLY C 713 -29.47 37.63 16.78
N LYS C 714 -29.15 38.85 16.31
CA LYS C 714 -27.86 39.22 15.76
C LYS C 714 -26.67 38.40 16.27
N THR C 715 -26.40 38.41 17.58
CA THR C 715 -25.25 37.68 18.11
C THR C 715 -23.99 37.84 17.28
N THR C 716 -23.43 39.04 17.23
CA THR C 716 -22.20 39.27 16.49
C THR C 716 -21.16 38.19 16.83
N CYS C 717 -20.33 37.86 15.83
CA CYS C 717 -19.54 36.64 15.89
C CYS C 717 -18.63 36.60 17.12
N LEU C 718 -17.98 37.72 17.44
CA LEU C 718 -17.09 37.74 18.60
C LEU C 718 -17.87 37.50 19.89
N GLN C 719 -19.04 38.12 20.03
CA GLN C 719 -19.88 37.87 21.20
C GLN C 719 -20.45 36.45 21.21
N LEU C 720 -20.93 35.98 20.06
CA LEU C 720 -21.48 34.62 19.97
C LEU C 720 -20.43 33.56 20.27
N ALA C 721 -19.14 33.88 20.08
CA ALA C 721 -18.10 32.88 20.30
C ALA C 721 -17.85 32.65 21.78
N LEU C 722 -17.99 33.69 22.61
CA LEU C 722 -17.57 33.61 24.00
C LEU C 722 -18.40 32.60 24.79
N GLU C 723 -19.71 32.55 24.55
CA GLU C 723 -20.58 31.68 25.34
C GLU C 723 -20.40 30.20 25.02
N ALA C 724 -19.80 29.87 23.88
CA ALA C 724 -19.38 28.51 23.61
C ALA C 724 -18.04 28.18 24.24
N LYS C 725 -17.34 29.20 24.75
CA LYS C 725 -16.09 29.12 25.50
C LYS C 725 -14.91 28.78 24.59
N ASP C 726 -15.20 28.28 23.38
CA ASP C 726 -14.38 28.41 22.18
C ASP C 726 -12.89 28.55 22.42
N MET C 727 -12.25 27.53 23.02
CA MET C 727 -10.83 27.60 23.30
C MET C 727 -10.02 27.89 22.04
N LYS C 728 -10.33 27.22 20.94
CA LYS C 728 -9.47 27.27 19.77
C LYS C 728 -9.75 28.45 18.85
N PHE C 729 -11.02 28.83 18.69
CA PHE C 729 -11.35 29.89 17.72
C PHE C 729 -10.82 31.24 18.16
N VAL C 730 -10.93 31.58 19.45
CA VAL C 730 -10.52 32.89 19.91
C VAL C 730 -8.99 33.02 19.94
N SER C 731 -8.27 31.90 19.96
CA SER C 731 -6.81 31.94 20.06
C SER C 731 -6.11 31.98 18.71
N HIS C 732 -6.86 32.04 17.61
CA HIS C 732 -6.26 31.97 16.27
C HIS C 732 -6.02 33.36 15.72
N GLY C 733 -4.79 33.85 15.85
CA GLY C 733 -4.30 34.92 15.00
C GLY C 733 -5.11 36.20 14.98
N GLY C 734 -5.86 36.39 13.90
CA GLY C 734 -6.61 37.62 13.68
C GLY C 734 -7.57 37.97 14.79
N ILE C 735 -8.04 36.98 15.56
CA ILE C 735 -8.89 37.30 16.72
C ILE C 735 -8.10 38.12 17.72
N GLN C 736 -6.90 37.66 18.10
CA GLN C 736 -6.08 38.42 19.02
C GLN C 736 -5.54 39.69 18.38
N ALA C 737 -5.35 39.69 17.06
CA ALA C 737 -5.01 40.92 16.36
C ALA C 737 -6.10 41.97 16.50
N PHE C 738 -7.38 41.58 16.35
CA PHE C 738 -8.47 42.52 16.55
C PHE C 738 -8.59 42.94 18.01
N LEU C 739 -8.31 42.02 18.93
CA LEU C 739 -8.32 42.39 20.35
C LEU C 739 -7.24 43.41 20.68
N THR C 740 -6.06 43.26 20.09
CA THR C 740 -4.97 44.24 20.22
C THR C 740 -5.23 45.48 19.36
N LYS C 741 -6.19 45.41 18.44
CA LYS C 741 -6.63 46.57 17.69
C LYS C 741 -7.63 47.44 18.43
N VAL C 742 -8.60 46.85 19.12
CA VAL C 742 -9.55 47.65 19.90
C VAL C 742 -8.88 48.22 21.14
N TRP C 743 -8.11 47.40 21.86
CA TRP C 743 -7.14 47.91 22.80
C TRP C 743 -6.04 48.61 22.03
N TRP C 744 -5.37 49.58 22.65
CA TRP C 744 -4.51 50.52 21.93
C TRP C 744 -5.33 51.19 20.82
N GLY C 745 -6.49 51.71 21.23
CA GLY C 745 -7.56 52.11 20.33
C GLY C 745 -7.18 52.83 19.06
N GLN C 746 -6.63 54.04 19.18
CA GLN C 746 -6.35 54.88 18.03
C GLN C 746 -4.89 55.21 17.85
N LEU C 747 -4.00 54.76 18.74
CA LEU C 747 -2.60 55.18 18.65
C LEU C 747 -1.83 54.33 17.64
N SER C 748 -1.61 53.05 17.97
CA SER C 748 -0.79 52.16 17.15
C SER C 748 -0.71 50.78 17.76
N VAL C 749 -0.06 49.84 17.07
CA VAL C 749 0.30 48.54 17.62
C VAL C 749 1.80 48.35 17.70
N ASP C 750 2.60 49.37 17.37
CA ASP C 750 4.04 49.22 17.30
C ASP C 750 4.78 49.86 18.47
N ASN C 751 4.20 50.89 19.09
CA ASN C 751 4.91 51.61 20.14
C ASN C 751 5.13 50.73 21.37
N GLY C 752 6.22 50.98 22.09
CA GLY C 752 6.54 50.19 23.25
C GLY C 752 5.73 50.61 24.47
N LEU C 753 5.61 49.68 25.41
CA LEU C 753 4.88 49.97 26.64
C LEU C 753 5.64 50.96 27.52
N TRP C 754 6.97 50.85 27.55
CA TRP C 754 7.77 51.72 28.41
C TRP C 754 7.85 53.15 27.89
N ARG C 755 7.50 53.39 26.61
CA ARG C 755 7.60 54.71 26.03
C ARG C 755 6.30 55.50 26.10
N VAL C 756 5.17 54.83 26.32
CA VAL C 756 3.91 55.55 26.44
C VAL C 756 3.70 56.07 27.86
N THR C 757 4.30 55.41 28.86
CA THR C 757 4.10 55.84 30.24
C THR C 757 4.80 57.16 30.55
N LEU C 758 5.86 57.50 29.83
CA LEU C 758 6.51 58.79 30.03
C LEU C 758 5.62 59.92 29.50
N CYS C 759 5.04 59.74 28.31
CA CYS C 759 4.10 60.71 27.79
C CYS C 759 2.80 60.73 28.58
N MET C 760 2.49 59.66 29.31
CA MET C 760 1.35 59.66 30.20
C MET C 760 1.46 60.75 31.27
N LEU C 761 2.58 60.78 31.99
CA LEU C 761 2.71 61.69 33.13
C LEU C 761 3.11 63.09 32.69
N ALA C 762 3.92 63.19 31.65
CA ALA C 762 4.35 64.49 31.13
C ALA C 762 3.34 64.93 30.07
N PHE C 763 2.39 65.78 30.48
CA PHE C 763 1.32 66.18 29.57
C PHE C 763 1.84 66.96 28.36
N PRO C 764 2.75 67.94 28.49
CA PRO C 764 3.42 68.47 27.30
C PRO C 764 4.01 67.42 26.39
N LEU C 765 4.52 66.31 26.93
CA LEU C 765 5.26 65.34 26.13
C LEU C 765 4.37 64.61 25.11
N LEU C 766 3.05 64.72 25.25
CA LEU C 766 2.16 64.18 24.23
C LEU C 766 2.33 64.90 22.90
N LEU C 767 2.53 66.23 22.95
CA LEU C 767 2.51 67.05 21.75
C LEU C 767 3.81 66.99 20.95
N THR C 768 4.85 66.35 21.47
CA THR C 768 6.10 66.27 20.73
C THR C 768 6.06 65.09 19.75
N GLY C 769 7.16 64.93 18.99
CA GLY C 769 7.25 63.86 18.03
C GLY C 769 7.90 62.60 18.58
N LEU C 770 7.28 62.00 19.59
CA LEU C 770 7.78 60.78 20.22
C LEU C 770 6.85 59.60 20.02
N ILE C 771 5.57 59.77 20.33
CA ILE C 771 4.59 58.70 20.22
C ILE C 771 3.99 58.72 18.81
N SER C 772 3.42 57.58 18.41
CA SER C 772 2.88 57.38 17.07
C SER C 772 1.36 57.18 17.15
N PHE C 773 0.61 58.17 16.69
CA PHE C 773 -0.84 58.06 16.57
C PHE C 773 -1.22 57.50 15.20
N ARG C 774 -2.54 57.36 14.99
CA ARG C 774 -3.11 57.19 13.66
C ARG C 774 -3.58 58.50 13.07
N GLU C 775 -3.97 59.46 13.93
CA GLU C 775 -4.24 60.81 13.47
C GLU C 775 -2.96 61.47 12.94
N LYS C 776 -1.80 61.10 13.48
CA LYS C 776 -0.56 61.76 13.15
C LYS C 776 -0.09 61.47 11.73
N ARG C 777 -0.17 60.22 11.28
CA ARG C 777 0.29 59.90 9.93
C ARG C 777 -0.64 60.53 8.89
N LEU C 778 -1.93 60.59 9.17
CA LEU C 778 -2.88 61.32 8.33
C LEU C 778 -2.86 62.82 8.60
N GLN C 779 -1.91 63.30 9.42
CA GLN C 779 -1.77 64.69 9.84
C GLN C 779 -3.11 65.33 10.14
N ASP C 780 -4.00 64.60 10.81
CA ASP C 780 -5.32 65.09 11.18
C ASP C 780 -5.31 65.89 12.47
N VAL C 781 -4.14 66.39 12.89
CA VAL C 781 -4.02 67.13 14.14
C VAL C 781 -4.37 68.58 13.90
N GLY C 782 -5.65 68.92 14.00
CA GLY C 782 -6.09 70.30 13.87
C GLY C 782 -6.40 70.91 15.22
N THR C 783 -6.46 70.06 16.25
CA THR C 783 -6.73 70.50 17.61
C THR C 783 -5.95 69.59 18.55
N PRO C 784 -4.93 70.10 19.25
CA PRO C 784 -4.18 69.23 20.18
C PRO C 784 -5.06 68.63 21.27
N ALA C 785 -6.09 69.37 21.71
CA ALA C 785 -7.06 68.79 22.64
C ALA C 785 -7.79 67.61 21.99
N ALA C 786 -8.13 67.71 20.71
CA ALA C 786 -8.80 66.60 20.05
C ALA C 786 -7.93 65.34 19.96
N ARG C 787 -6.65 65.47 19.60
CA ARG C 787 -5.81 64.29 19.56
C ARG C 787 -5.50 63.76 20.95
N ALA C 788 -5.46 64.66 21.94
CA ALA C 788 -5.38 64.23 23.34
C ALA C 788 -6.62 63.46 23.79
N ARG C 789 -7.82 63.87 23.34
CA ARG C 789 -9.02 63.08 23.60
C ARG C 789 -8.95 61.73 22.91
N ALA C 790 -8.49 61.71 21.66
CA ALA C 790 -8.30 60.45 20.96
C ALA C 790 -7.28 59.58 21.67
N PHE C 791 -6.27 60.19 22.30
CA PHE C 791 -5.30 59.44 23.09
C PHE C 791 -5.96 58.86 24.34
N PHE C 792 -6.74 59.68 25.05
CA PHE C 792 -7.26 59.27 26.35
C PHE C 792 -8.41 58.28 26.22
N THR C 793 -9.18 58.33 25.12
CA THR C 793 -10.29 57.43 24.91
C THR C 793 -9.86 55.97 24.76
N ALA C 794 -8.61 55.74 24.34
CA ALA C 794 -8.13 54.38 24.17
C ALA C 794 -8.11 53.64 25.51
N PRO C 795 -8.50 52.35 25.51
CA PRO C 795 -8.54 51.59 26.77
C PRO C 795 -7.19 51.43 27.44
N VAL C 796 -6.08 51.51 26.70
CA VAL C 796 -4.76 51.30 27.30
C VAL C 796 -4.47 52.38 28.34
N VAL C 797 -4.74 53.64 28.02
CA VAL C 797 -4.46 54.72 28.95
C VAL C 797 -5.50 54.80 30.06
N VAL C 798 -6.74 54.40 29.81
CA VAL C 798 -7.70 54.25 30.91
C VAL C 798 -7.21 53.22 31.91
N PHE C 799 -6.72 52.08 31.42
CA PHE C 799 -6.14 51.07 32.31
C PHE C 799 -4.92 51.60 33.03
N HIS C 800 -4.06 52.34 32.34
CA HIS C 800 -2.85 52.88 32.98
C HIS C 800 -3.21 53.88 34.08
N LEU C 801 -4.17 54.75 33.81
CA LEU C 801 -4.54 55.72 34.83
C LEU C 801 -5.26 55.07 35.99
N ASN C 802 -6.10 54.07 35.73
CA ASN C 802 -6.73 53.33 36.82
C ASN C 802 -5.71 52.58 37.67
N ILE C 803 -4.70 51.98 37.04
CA ILE C 803 -3.70 51.24 37.80
C ILE C 803 -2.83 52.21 38.60
N LEU C 804 -2.55 53.39 38.05
CA LEU C 804 -1.85 54.40 38.83
C LEU C 804 -2.67 54.90 40.01
N SER C 805 -3.98 55.14 39.81
CA SER C 805 -4.83 55.56 40.92
C SER C 805 -4.91 54.50 42.00
N TYR C 806 -5.05 53.24 41.62
CA TYR C 806 -5.10 52.16 42.59
C TYR C 806 -3.76 51.91 43.26
N PHE C 807 -2.66 52.21 42.58
CA PHE C 807 -1.33 52.10 43.18
C PHE C 807 -1.08 53.22 44.17
N ALA C 808 -1.60 54.42 43.89
CA ALA C 808 -1.47 55.56 44.79
C ALA C 808 -2.45 55.51 45.96
N PHE C 809 -3.59 54.85 45.80
CA PHE C 809 -4.53 54.74 46.93
C PHE C 809 -3.93 53.91 48.06
N LEU C 810 -3.17 52.87 47.72
CA LEU C 810 -2.47 52.11 48.76
C LEU C 810 -1.41 52.93 49.46
N CYS C 811 -0.68 53.78 48.73
CA CYS C 811 0.26 54.68 49.39
C CYS C 811 -0.45 55.66 50.30
N LEU C 812 -1.61 56.17 49.87
CA LEU C 812 -2.40 57.05 50.72
C LEU C 812 -2.86 56.34 51.99
N PHE C 813 -3.28 55.08 51.86
CA PHE C 813 -3.71 54.31 53.03
C PHE C 813 -2.53 54.02 53.96
N ALA C 814 -1.35 53.77 53.40
CA ALA C 814 -0.15 53.62 54.21
C ALA C 814 0.24 54.92 54.91
N TYR C 815 -0.08 56.06 54.30
CA TYR C 815 0.22 57.35 54.93
C TYR C 815 -0.54 57.53 56.23
N VAL C 816 -1.78 57.04 56.30
CA VAL C 816 -2.64 57.32 57.44
C VAL C 816 -2.54 56.23 58.49
N LEU C 817 -1.50 55.39 58.41
CA LEU C 817 -1.26 54.39 59.45
C LEU C 817 0.08 54.55 60.16
N MET C 818 1.05 55.23 59.55
CA MET C 818 2.35 55.39 60.19
C MET C 818 2.42 56.67 61.03
N VAL C 819 1.84 57.75 60.52
CA VAL C 819 1.90 59.05 61.19
C VAL C 819 0.53 59.52 61.64
N ASP C 820 -0.50 59.25 60.84
CA ASP C 820 -1.85 59.76 61.09
C ASP C 820 -2.70 58.82 61.92
N PHE C 821 -2.08 58.05 62.82
CA PHE C 821 -2.81 57.14 63.71
C PHE C 821 -3.53 57.97 64.76
N GLN C 822 -4.70 58.47 64.40
CA GLN C 822 -5.53 59.31 65.25
C GLN C 822 -6.92 58.70 65.36
N PRO C 823 -7.61 58.95 66.49
CA PRO C 823 -8.96 58.39 66.65
C PRO C 823 -10.05 59.28 66.08
N VAL C 824 -9.67 60.25 65.27
CA VAL C 824 -10.61 61.22 64.71
C VAL C 824 -10.45 61.25 63.19
N PRO C 825 -11.52 61.51 62.42
CA PRO C 825 -11.34 61.71 60.97
C PRO C 825 -10.56 62.98 60.69
N SER C 826 -9.34 62.83 60.19
CA SER C 826 -8.42 63.95 60.02
C SER C 826 -8.58 64.56 58.63
N TRP C 827 -7.63 65.42 58.25
CA TRP C 827 -7.66 66.06 56.94
C TRP C 827 -7.55 65.03 55.83
N CYS C 828 -6.69 64.02 56.01
CA CYS C 828 -6.45 62.99 55.00
C CYS C 828 -7.23 61.71 55.27
N GLU C 829 -8.45 61.82 55.80
CA GLU C 829 -9.25 60.64 56.12
C GLU C 829 -10.53 60.53 55.29
N CYS C 830 -11.23 61.65 55.04
CA CYS C 830 -12.43 61.60 54.21
C CYS C 830 -12.12 61.22 52.77
N ALA C 831 -10.86 61.33 52.36
CA ALA C 831 -10.46 60.86 51.04
C ALA C 831 -10.70 59.35 50.90
N ILE C 832 -10.41 58.59 51.95
CA ILE C 832 -10.70 57.16 51.92
C ILE C 832 -12.19 56.90 51.83
N TYR C 833 -13.00 57.66 52.56
CA TYR C 833 -14.46 57.47 52.48
C TYR C 833 -14.97 57.72 51.07
N LEU C 834 -14.56 58.83 50.46
CA LEU C 834 -14.99 59.11 49.09
C LEU C 834 -14.42 58.12 48.09
N TRP C 835 -13.21 57.61 48.31
CA TRP C 835 -12.63 56.59 47.45
C TRP C 835 -13.43 55.28 47.49
N LEU C 836 -13.80 54.83 48.69
CA LEU C 836 -14.67 53.65 48.80
C LEU C 836 -16.06 53.91 48.24
N PHE C 837 -16.57 55.14 48.37
CA PHE C 837 -17.83 55.47 47.70
C PHE C 837 -17.72 55.38 46.18
N SER C 838 -16.61 55.86 45.61
CA SER C 838 -16.46 55.86 44.17
C SER C 838 -16.27 54.45 43.60
N LEU C 839 -15.37 53.66 44.20
CA LEU C 839 -15.12 52.32 43.67
C LEU C 839 -16.29 51.35 43.85
N VAL C 840 -17.05 51.46 44.94
CA VAL C 840 -18.20 50.58 45.10
C VAL C 840 -19.29 50.87 44.08
N CYS C 841 -19.35 52.09 43.56
CA CYS C 841 -20.39 52.45 42.59
C CYS C 841 -20.08 51.94 41.19
N GLU C 842 -18.84 51.52 40.92
CA GLU C 842 -18.54 50.84 39.67
C GLU C 842 -19.34 49.55 39.54
N GLU C 843 -19.46 48.78 40.63
CA GLU C 843 -20.27 47.57 40.60
C GLU C 843 -21.75 47.88 40.36
N MET C 844 -22.27 48.96 40.95
CA MET C 844 -23.65 49.33 40.66
C MET C 844 -23.82 49.74 39.20
N ARG C 845 -22.83 50.43 38.64
CA ARG C 845 -22.89 50.72 37.20
C ARG C 845 -22.91 49.45 36.37
N GLN C 846 -22.04 48.50 36.67
CA GLN C 846 -22.04 47.22 35.96
C GLN C 846 -23.33 46.43 36.16
N LEU C 847 -24.01 46.61 37.28
CA LEU C 847 -25.30 45.94 37.48
C LEU C 847 -26.34 46.45 36.49
N PHE C 848 -26.27 47.74 36.14
CA PHE C 848 -27.17 48.34 35.17
C PHE C 848 -26.59 48.34 33.76
N TYR C 849 -25.44 47.70 33.55
CA TYR C 849 -24.76 47.78 32.26
C TYR C 849 -25.50 47.00 31.18
N ASP C 850 -25.59 45.67 31.34
CA ASP C 850 -26.30 44.82 30.37
C ASP C 850 -27.06 43.72 31.12
N PRO C 851 -28.10 44.09 31.87
CA PRO C 851 -28.89 43.06 32.57
C PRO C 851 -30.08 42.59 31.76
N ASP C 852 -30.76 41.56 32.25
CA ASP C 852 -32.09 41.25 31.76
C ASP C 852 -33.11 42.15 32.47
N GLU C 853 -34.11 42.60 31.72
CA GLU C 853 -35.05 43.60 32.21
C GLU C 853 -36.09 43.02 33.17
N CYS C 854 -35.91 41.77 33.61
CA CYS C 854 -36.84 41.17 34.56
C CYS C 854 -36.08 40.52 35.72
N GLY C 855 -34.84 40.12 35.48
CA GLY C 855 -34.07 39.44 36.50
C GLY C 855 -33.07 40.33 37.22
N LEU C 856 -33.39 40.72 38.45
CA LEU C 856 -32.45 41.51 39.25
C LEU C 856 -31.56 40.61 40.10
N MET C 857 -32.12 39.55 40.67
CA MET C 857 -31.35 38.61 41.47
C MET C 857 -30.64 37.56 40.63
N LYS C 858 -31.18 37.21 39.47
CA LYS C 858 -30.57 36.23 38.58
C LYS C 858 -29.32 36.75 37.89
N LYS C 859 -29.12 38.07 37.86
CA LYS C 859 -27.88 38.63 37.33
C LYS C 859 -26.78 38.69 38.38
N ALA C 860 -27.14 38.88 39.65
CA ALA C 860 -26.15 38.88 40.72
C ALA C 860 -25.55 37.50 40.96
N ALA C 861 -26.16 36.45 40.42
CA ALA C 861 -25.62 35.10 40.59
C ALA C 861 -24.26 34.96 39.91
N LEU C 862 -24.09 35.52 38.71
CA LEU C 862 -22.81 35.43 38.02
C LEU C 862 -21.75 36.27 38.72
N TYR C 863 -22.16 37.38 39.35
CA TYR C 863 -21.24 38.08 40.25
C TYR C 863 -20.84 37.21 41.43
N PHE C 864 -21.81 36.48 42.01
CA PHE C 864 -21.49 35.52 43.05
C PHE C 864 -20.71 34.33 42.53
N SER C 865 -20.77 34.06 41.22
CA SER C 865 -20.03 32.97 40.61
C SER C 865 -18.56 33.30 40.40
N ASP C 866 -18.16 34.56 40.58
CA ASP C 866 -16.78 34.98 40.46
C ASP C 866 -16.21 35.13 41.86
N PHE C 867 -15.22 34.29 42.20
CA PHE C 867 -14.62 34.35 43.52
C PHE C 867 -13.77 35.61 43.71
N TRP C 868 -13.35 36.26 42.62
CA TRP C 868 -12.66 37.54 42.75
C TRP C 868 -13.61 38.66 43.12
N ASN C 869 -14.83 38.64 42.59
CA ASN C 869 -15.85 39.57 43.05
C ASN C 869 -16.17 39.32 44.52
N LYS C 870 -16.19 38.05 44.93
CA LYS C 870 -16.33 37.72 46.34
C LYS C 870 -15.18 38.24 47.17
N LEU C 871 -13.95 38.18 46.67
CA LEU C 871 -12.81 38.79 47.34
C LEU C 871 -12.96 40.30 47.48
N ASP C 872 -13.43 40.97 46.42
CA ASP C 872 -13.65 42.42 46.48
C ASP C 872 -14.70 42.78 47.54
N VAL C 873 -15.84 42.07 47.52
CA VAL C 873 -16.87 42.38 48.50
C VAL C 873 -16.44 41.99 49.90
N GLY C 874 -15.61 40.96 50.06
CA GLY C 874 -15.04 40.66 51.36
C GLY C 874 -14.07 41.70 51.86
N ALA C 875 -13.26 42.26 50.97
CA ALA C 875 -12.40 43.39 51.30
C ALA C 875 -13.20 44.62 51.70
N ILE C 876 -14.36 44.83 51.09
CA ILE C 876 -15.31 45.84 51.54
C ILE C 876 -15.84 45.52 52.93
N LEU C 877 -16.24 44.27 53.16
CA LEU C 877 -16.73 43.86 54.49
C LEU C 877 -15.63 43.94 55.54
N LEU C 878 -14.40 43.58 55.19
CA LEU C 878 -13.30 43.74 56.14
C LEU C 878 -13.03 45.20 56.45
N PHE C 879 -13.16 46.09 55.46
CA PHE C 879 -13.10 47.51 55.72
C PHE C 879 -14.22 47.97 56.67
N VAL C 880 -15.43 47.46 56.48
CA VAL C 880 -16.52 47.78 57.40
C VAL C 880 -16.19 47.31 58.81
N ALA C 881 -15.66 46.09 58.95
CA ALA C 881 -15.30 45.55 60.25
C ALA C 881 -14.13 46.27 60.91
N GLY C 882 -13.24 46.87 60.11
CA GLY C 882 -12.11 47.59 60.67
C GLY C 882 -12.41 49.05 60.96
N LEU C 883 -13.35 49.63 60.22
CA LEU C 883 -13.75 51.02 60.45
C LEU C 883 -14.42 51.19 61.81
N THR C 884 -15.25 50.23 62.21
CA THR C 884 -15.87 50.27 63.53
C THR C 884 -14.84 50.28 64.64
N CYS C 885 -13.71 49.60 64.46
CA CYS C 885 -12.60 49.67 65.39
C CYS C 885 -11.78 50.94 65.23
N ARG C 886 -11.79 51.53 64.04
CA ARG C 886 -11.09 52.79 63.79
C ARG C 886 -11.79 53.98 64.45
N LEU C 887 -13.12 54.01 64.41
CA LEU C 887 -13.85 55.12 64.99
C LEU C 887 -13.96 55.03 66.51
N ILE C 888 -13.99 53.82 67.05
CA ILE C 888 -14.07 53.62 68.50
C ILE C 888 -12.69 53.85 69.10
N PRO C 889 -12.55 54.77 70.06
CA PRO C 889 -11.21 55.09 70.58
C PRO C 889 -10.62 54.05 71.51
N ALA C 890 -11.42 53.11 72.02
CA ALA C 890 -10.96 52.14 73.00
C ALA C 890 -10.43 50.86 72.37
N THR C 891 -10.39 50.77 71.04
CA THR C 891 -9.95 49.57 70.35
C THR C 891 -8.98 49.93 69.23
N LEU C 892 -8.12 50.91 69.47
CA LEU C 892 -7.13 51.29 68.46
C LEU C 892 -6.11 50.18 68.21
N TYR C 893 -5.65 49.51 69.27
CA TYR C 893 -4.68 48.43 69.13
C TYR C 893 -5.24 47.27 68.29
N PRO C 894 -6.46 46.78 68.55
CA PRO C 894 -7.05 45.82 67.60
C PRO C 894 -7.23 46.38 66.20
N GLY C 895 -7.50 47.67 66.06
CA GLY C 895 -7.59 48.27 64.74
C GLY C 895 -6.26 48.46 64.05
N ARG C 896 -5.15 48.37 64.80
CA ARG C 896 -3.81 48.43 64.21
C ARG C 896 -3.35 47.09 63.64
N VAL C 897 -4.01 45.99 64.03
CA VAL C 897 -3.62 44.67 63.56
C VAL C 897 -4.68 44.03 62.67
N ILE C 898 -5.91 44.55 62.64
CA ILE C 898 -6.95 43.98 61.80
C ILE C 898 -7.03 44.65 60.43
N LEU C 899 -6.44 45.84 60.28
CA LEU C 899 -6.42 46.52 58.99
C LEU C 899 -5.11 46.32 58.23
N SER C 900 -4.07 45.78 58.89
CA SER C 900 -2.84 45.45 58.19
C SER C 900 -3.03 44.35 57.17
N LEU C 901 -3.85 43.34 57.47
CA LEU C 901 -4.16 42.30 56.51
C LEU C 901 -4.96 42.83 55.32
N ASP C 902 -5.71 43.92 55.51
CA ASP C 902 -6.44 44.51 54.39
C ASP C 902 -5.50 45.06 53.34
N PHE C 903 -4.32 45.53 53.74
CA PHE C 903 -3.34 46.04 52.79
C PHE C 903 -2.91 44.98 51.79
N ILE C 904 -3.07 43.70 52.13
CA ILE C 904 -2.60 42.62 51.27
C ILE C 904 -3.81 41.90 50.69
N LEU C 905 -4.93 41.99 51.38
CA LEU C 905 -6.19 41.55 50.76
C LEU C 905 -6.52 42.41 49.55
N PHE C 906 -6.12 43.70 49.59
CA PHE C 906 -6.19 44.54 48.40
C PHE C 906 -5.04 44.25 47.43
N CYS C 907 -3.90 43.77 47.92
CA CYS C 907 -2.82 43.36 47.03
C CYS C 907 -3.20 42.16 46.18
N LEU C 908 -4.00 41.24 46.71
CA LEU C 908 -4.53 40.15 45.89
C LEU C 908 -5.39 40.68 44.76
N ARG C 909 -6.25 41.66 45.06
CA ARG C 909 -7.02 42.30 44.00
C ARG C 909 -6.13 43.03 42.99
N LEU C 910 -5.05 43.65 43.46
CA LEU C 910 -4.14 44.34 42.54
C LEU C 910 -3.40 43.33 41.66
N MET C 911 -3.12 42.14 42.21
CA MET C 911 -2.63 41.03 41.38
C MET C 911 -3.66 40.55 40.38
N HIS C 912 -4.95 40.63 40.73
CA HIS C 912 -5.99 40.22 39.79
C HIS C 912 -5.92 41.00 38.49
N ILE C 913 -5.71 42.32 38.59
CA ILE C 913 -5.74 43.14 37.38
C ILE C 913 -4.45 43.03 36.57
N PHE C 914 -3.44 42.32 37.07
CA PHE C 914 -2.26 42.00 36.26
C PHE C 914 -2.42 40.68 35.53
N THR C 915 -3.57 40.46 34.90
CA THR C 915 -3.70 39.43 33.88
C THR C 915 -3.63 40.11 32.52
N ILE C 916 -2.48 40.76 32.26
CA ILE C 916 -2.31 41.65 31.12
C ILE C 916 -1.09 41.28 30.29
N SER C 917 0.06 41.11 30.94
CA SER C 917 1.33 41.01 30.23
C SER C 917 1.43 39.70 29.45
N LYS C 918 2.14 39.76 28.32
CA LYS C 918 2.32 38.59 27.47
C LYS C 918 3.12 37.49 28.17
N THR C 919 4.14 37.86 28.95
CA THR C 919 4.94 36.88 29.68
C THR C 919 4.49 36.69 31.12
N LEU C 920 3.42 37.36 31.54
CA LEU C 920 2.91 37.22 32.91
C LEU C 920 1.50 36.66 32.93
N GLY C 921 0.67 37.06 31.95
CA GLY C 921 -0.68 36.57 31.84
C GLY C 921 -0.77 35.05 31.77
N PRO C 922 -0.16 34.46 30.74
CA PRO C 922 -0.04 32.99 30.71
C PRO C 922 0.83 32.44 31.82
N LYS C 923 1.58 33.29 32.52
CA LYS C 923 2.37 32.88 33.68
C LYS C 923 1.58 32.98 34.98
N ILE C 924 0.70 33.97 35.13
CA ILE C 924 -0.16 34.06 36.30
C ILE C 924 -1.37 33.12 36.20
N ILE C 925 -1.75 32.74 34.98
CA ILE C 925 -2.75 31.68 34.83
C ILE C 925 -2.22 30.36 35.38
N ILE C 926 -0.90 30.17 35.40
CA ILE C 926 -0.32 28.99 36.05
C ILE C 926 -0.55 29.02 37.55
N VAL C 927 -0.34 30.17 38.20
CA VAL C 927 -0.60 30.22 39.64
C VAL C 927 -2.10 30.23 39.92
N LYS C 928 -2.93 30.54 38.92
CA LYS C 928 -4.36 30.28 39.06
C LYS C 928 -4.67 28.79 39.18
N ARG C 929 -3.87 27.93 38.53
CA ARG C 929 -3.92 26.50 38.80
C ARG C 929 -3.34 26.15 40.17
N MET C 930 -2.50 27.04 40.71
CA MET C 930 -1.77 26.78 41.94
C MET C 930 -2.63 27.05 43.16
N MET C 931 -3.80 27.69 42.99
CA MET C 931 -4.45 28.43 44.08
C MET C 931 -4.87 27.53 45.23
N LYS C 932 -5.63 26.47 44.95
CA LYS C 932 -5.97 25.54 46.01
C LYS C 932 -4.76 24.71 46.45
N ASP C 933 -3.86 24.40 45.53
CA ASP C 933 -2.62 23.76 45.91
C ASP C 933 -1.68 24.72 46.66
N VAL C 934 -1.89 26.04 46.54
CA VAL C 934 -1.20 26.95 47.46
C VAL C 934 -1.56 26.63 48.90
N PHE C 935 -2.86 26.51 49.19
CA PHE C 935 -3.29 26.08 50.52
C PHE C 935 -2.82 24.67 50.85
N PHE C 936 -2.84 23.77 49.88
CA PHE C 936 -2.33 22.42 50.07
C PHE C 936 -0.89 22.44 50.59
N PHE C 937 -0.01 23.15 49.88
CA PHE C 937 1.39 23.18 50.27
C PHE C 937 1.63 24.02 51.52
N LEU C 938 0.78 25.03 51.77
CA LEU C 938 0.90 25.80 52.99
C LEU C 938 0.59 24.93 54.21
N PHE C 939 -0.53 24.20 54.16
CA PHE C 939 -0.86 23.26 55.22
C PHE C 939 0.19 22.16 55.34
N LEU C 940 0.80 21.75 54.23
CA LEU C 940 1.81 20.71 54.24
C LEU C 940 3.10 21.20 54.93
N LEU C 941 3.60 22.36 54.48
CA LEU C 941 4.87 22.88 54.95
C LEU C 941 4.79 23.42 56.37
N ALA C 942 3.64 23.98 56.76
CA ALA C 942 3.49 24.39 58.15
C ALA C 942 3.59 23.18 59.07
N VAL C 943 2.98 22.06 58.68
CA VAL C 943 3.08 20.85 59.49
C VAL C 943 4.51 20.30 59.52
N TRP C 944 5.20 20.27 58.37
CA TRP C 944 6.62 19.90 58.43
C TRP C 944 7.40 20.80 59.38
N VAL C 945 7.17 22.11 59.35
CA VAL C 945 7.92 23.02 60.21
C VAL C 945 7.61 22.75 61.67
N VAL C 946 6.33 22.61 62.02
CA VAL C 946 5.95 22.42 63.42
C VAL C 946 6.45 21.08 63.95
N SER C 947 6.47 20.05 63.10
CA SER C 947 6.88 18.72 63.55
C SER C 947 8.25 18.74 64.22
N PHE C 948 9.18 19.57 63.73
CA PHE C 948 10.49 19.66 64.36
C PHE C 948 10.66 20.95 65.15
N GLY C 949 9.75 21.92 64.99
CA GLY C 949 9.73 23.04 65.91
C GLY C 949 9.38 22.61 67.32
N VAL C 950 8.52 21.61 67.45
CA VAL C 950 8.25 21.02 68.76
C VAL C 950 9.46 20.26 69.27
N ALA C 951 10.16 19.54 68.40
CA ALA C 951 11.26 18.69 68.83
C ALA C 951 12.56 19.45 69.06
N LYS C 952 12.66 20.69 68.58
CA LYS C 952 13.90 21.44 68.75
C LYS C 952 14.10 21.85 70.20
N GLN C 953 13.05 22.32 70.86
CA GLN C 953 13.15 22.82 72.23
C GLN C 953 12.99 21.72 73.27
N ALA C 954 12.83 20.47 72.85
CA ALA C 954 12.58 19.38 73.81
C ALA C 954 13.85 18.99 74.57
N ILE C 955 14.89 18.58 73.85
CA ILE C 955 16.09 18.08 74.51
C ILE C 955 16.81 19.19 75.26
N LEU C 956 17.01 20.33 74.61
CA LEU C 956 17.68 21.45 75.26
C LEU C 956 16.77 22.10 76.29
N ILE C 957 17.38 22.58 77.36
CA ILE C 957 16.64 23.17 78.49
C ILE C 957 16.57 24.67 78.23
N HIS C 958 15.47 25.11 77.64
CA HIS C 958 15.23 26.53 77.43
C HIS C 958 14.45 27.11 78.59
N ASN C 959 14.80 28.34 78.99
CA ASN C 959 14.19 28.96 80.16
C ASN C 959 13.63 30.36 79.88
N GLU C 960 13.69 30.85 78.65
CA GLU C 960 13.15 32.16 78.32
C GLU C 960 11.64 32.04 78.16
N ARG C 961 10.89 32.62 79.10
CA ARG C 961 9.43 32.54 79.06
C ARG C 961 8.83 33.85 79.57
N ARG C 962 7.73 34.25 78.94
CA ARG C 962 6.96 35.42 79.33
C ARG C 962 5.49 35.16 79.01
N VAL C 963 4.70 36.23 79.01
CA VAL C 963 3.30 36.16 78.59
C VAL C 963 3.26 36.44 77.08
N ASP C 964 2.84 35.44 76.30
CA ASP C 964 2.81 35.53 74.84
C ASP C 964 4.21 35.76 74.25
N TRP C 965 5.24 35.55 75.06
CA TRP C 965 6.61 35.59 74.56
C TRP C 965 7.38 34.30 74.86
N LEU C 966 6.88 33.45 75.75
CA LEU C 966 7.34 32.07 75.78
C LEU C 966 6.98 31.36 74.49
N PHE C 967 5.79 31.65 73.96
CA PHE C 967 5.42 31.20 72.62
C PHE C 967 6.44 31.65 71.59
N ARG C 968 7.00 32.85 71.74
CA ARG C 968 8.05 33.30 70.84
C ARG C 968 9.21 32.34 70.85
N GLY C 969 9.91 32.23 71.97
CA GLY C 969 11.07 31.37 72.08
C GLY C 969 10.78 29.89 71.95
N ALA C 970 9.51 29.50 71.88
CA ALA C 970 9.14 28.10 71.67
C ALA C 970 8.83 27.76 70.22
N VAL C 971 8.08 28.61 69.52
CA VAL C 971 7.63 28.32 68.16
C VAL C 971 8.14 29.34 67.16
N TYR C 972 8.10 30.63 67.51
CA TYR C 972 8.46 31.67 66.55
C TYR C 972 9.92 31.58 66.13
N HIS C 973 10.78 31.06 67.00
CA HIS C 973 12.19 30.90 66.70
C HIS C 973 12.49 29.63 65.92
N SER C 974 11.49 28.81 65.65
CA SER C 974 11.67 27.61 64.83
C SER C 974 11.65 27.91 63.34
N TYR C 975 10.73 28.78 62.90
CA TYR C 975 10.73 29.20 61.49
C TYR C 975 11.85 30.17 61.17
N LEU C 976 12.33 30.93 62.15
CA LEU C 976 13.46 31.82 61.91
C LEU C 976 14.76 31.04 61.73
N THR C 977 14.87 29.86 62.35
CA THR C 977 16.02 28.99 62.18
C THR C 977 16.03 28.24 60.86
N ILE C 978 15.08 28.55 59.97
CA ILE C 978 14.99 27.87 58.68
C ILE C 978 15.66 28.72 57.61
N PHE C 979 15.46 30.04 57.68
CA PHE C 979 15.91 30.94 56.63
C PHE C 979 17.05 31.86 57.07
N GLY C 980 17.76 31.52 58.15
CA GLY C 980 18.97 32.25 58.48
C GLY C 980 19.15 32.61 59.95
N GLN C 981 18.06 32.93 60.65
CA GLN C 981 18.13 33.37 62.04
C GLN C 981 18.22 32.14 62.95
N ILE C 982 19.43 31.60 63.07
CA ILE C 982 19.71 30.47 63.93
C ILE C 982 20.54 30.98 65.12
N PRO C 983 19.99 31.01 66.34
CA PRO C 983 20.80 31.39 67.49
C PRO C 983 21.78 30.31 67.89
N GLY C 984 22.93 30.25 67.19
CA GLY C 984 23.91 29.22 67.44
C GLY C 984 24.47 29.22 68.85
N TYR C 985 24.57 30.39 69.48
CA TYR C 985 25.02 30.46 70.87
C TYR C 985 23.93 30.03 71.85
N ILE C 986 22.69 29.87 71.40
CA ILE C 986 21.62 29.35 72.22
C ILE C 986 21.21 27.94 71.81
N ASP C 987 21.06 27.70 70.50
CA ASP C 987 20.70 26.37 70.02
C ASP C 987 21.83 25.37 70.28
N GLY C 988 23.08 25.83 70.22
CA GLY C 988 24.21 24.95 70.46
C GLY C 988 25.00 25.35 71.69
N PHE C 1020 26.26 18.57 75.59
CA PHE C 1020 26.39 17.12 75.45
C PHE C 1020 25.64 16.55 74.23
N PRO C 1021 24.34 16.92 74.03
CA PRO C 1021 23.63 16.38 72.86
C PRO C 1021 23.96 17.12 71.57
N GLU C 1022 25.25 17.38 71.33
CA GLU C 1022 25.65 18.02 70.09
C GLU C 1022 25.62 17.07 68.90
N TRP C 1023 25.93 15.79 69.13
CA TRP C 1023 25.91 14.81 68.04
C TRP C 1023 24.50 14.62 67.49
N LEU C 1024 23.50 14.56 68.37
CA LEU C 1024 22.11 14.43 67.92
C LEU C 1024 21.59 15.71 67.29
N THR C 1025 22.05 16.87 67.77
CA THR C 1025 21.68 18.13 67.14
C THR C 1025 22.15 18.20 65.69
N VAL C 1026 23.33 17.65 65.40
CA VAL C 1026 23.75 17.50 64.01
C VAL C 1026 22.86 16.51 63.29
N LEU C 1027 22.53 15.39 63.95
CA LEU C 1027 21.80 14.31 63.31
C LEU C 1027 20.40 14.76 62.87
N LEU C 1028 19.64 15.38 63.77
CA LEU C 1028 18.28 15.77 63.44
C LEU C 1028 18.23 16.98 62.52
N LEU C 1029 19.18 17.92 62.66
CA LEU C 1029 19.20 19.07 61.78
C LEU C 1029 19.47 18.67 60.33
N CYS C 1030 20.29 17.65 60.13
CA CYS C 1030 20.49 17.11 58.78
C CYS C 1030 19.25 16.36 58.31
N LEU C 1031 18.49 15.76 59.24
CA LEU C 1031 17.34 14.96 58.86
C LEU C 1031 16.21 15.84 58.33
N TYR C 1032 15.96 16.99 58.97
CA TYR C 1032 14.89 17.87 58.51
C TYR C 1032 15.18 18.41 57.12
N LEU C 1033 16.40 18.91 56.90
CA LEU C 1033 16.74 19.50 55.63
C LEU C 1033 16.95 18.45 54.55
N LEU C 1034 17.04 17.18 54.92
CA LEU C 1034 17.13 16.11 53.94
C LEU C 1034 15.78 15.86 53.27
N PHE C 1035 14.69 16.05 54.02
CA PHE C 1035 13.35 15.89 53.47
C PHE C 1035 12.76 17.19 52.94
N THR C 1036 13.25 18.34 53.39
CA THR C 1036 12.68 19.61 52.92
C THR C 1036 13.47 20.18 51.75
N ASN C 1037 14.77 20.40 51.92
CA ASN C 1037 15.57 21.00 50.86
C ASN C 1037 15.86 20.03 49.72
N ILE C 1038 15.56 18.74 49.90
CA ILE C 1038 15.82 17.75 48.86
C ILE C 1038 14.50 17.17 48.37
N LEU C 1039 13.64 16.73 49.29
CA LEU C 1039 12.38 16.13 48.92
C LEU C 1039 11.24 17.12 48.79
N LEU C 1040 11.25 18.21 49.55
CA LEU C 1040 10.14 19.16 49.49
C LEU C 1040 10.48 20.42 48.71
N LEU C 1041 11.72 20.55 48.22
CA LEU C 1041 12.10 21.71 47.43
C LEU C 1041 12.26 21.35 45.96
N ASN C 1042 13.03 20.30 45.67
CA ASN C 1042 13.29 19.91 44.29
C ASN C 1042 12.19 19.06 43.68
N LEU C 1043 11.39 18.34 44.48
CA LEU C 1043 10.28 17.59 43.92
C LEU C 1043 9.12 18.49 43.54
N LEU C 1044 9.02 19.68 44.13
CA LEU C 1044 8.04 20.65 43.66
C LEU C 1044 8.34 21.08 42.24
N ILE C 1045 9.63 21.19 41.90
CA ILE C 1045 10.03 21.59 40.55
C ILE C 1045 9.48 20.61 39.52
N ALA C 1046 9.53 19.30 39.84
CA ALA C 1046 9.00 18.31 38.92
C ALA C 1046 7.51 18.47 38.70
N MET C 1047 6.73 18.63 39.78
CA MET C 1047 5.29 18.78 39.62
C MET C 1047 4.90 20.22 39.32
N PHE C 1048 5.86 21.14 39.31
CA PHE C 1048 5.66 22.44 38.69
C PHE C 1048 5.92 22.39 37.19
N ASN C 1049 7.15 22.00 36.80
CA ASN C 1049 7.53 22.04 35.39
C ASN C 1049 6.73 21.08 34.53
N TYR C 1050 6.49 19.86 35.01
CA TYR C 1050 5.74 18.88 34.21
C TYR C 1050 4.30 19.32 34.02
N THR C 1051 3.66 19.78 35.10
CA THR C 1051 2.30 20.33 34.98
C THR C 1051 2.28 21.61 34.17
N PHE C 1052 3.37 22.38 34.17
CA PHE C 1052 3.47 23.52 33.28
C PHE C 1052 3.44 23.08 31.82
N GLN C 1053 4.18 22.01 31.49
CA GLN C 1053 4.16 21.48 30.14
C GLN C 1053 2.84 20.82 29.80
N GLN C 1054 2.10 20.35 30.82
CA GLN C 1054 0.86 19.63 30.61
C GLN C 1054 -0.21 20.48 29.94
N VAL C 1055 -0.53 21.63 30.53
CA VAL C 1055 -1.63 22.45 30.07
C VAL C 1055 -1.13 23.77 29.48
N GLN C 1056 0.13 23.82 29.05
CA GLN C 1056 0.68 25.07 28.54
C GLN C 1056 -0.10 25.57 27.32
N GLU C 1057 -0.48 24.64 26.44
CA GLU C 1057 -1.34 25.01 25.32
C GLU C 1057 -2.70 25.50 25.80
N HIS C 1058 -3.26 24.81 26.81
CA HIS C 1058 -4.52 25.27 27.40
C HIS C 1058 -4.35 26.63 28.06
N THR C 1059 -3.30 26.78 28.88
CA THR C 1059 -3.06 28.04 29.57
C THR C 1059 -2.80 29.19 28.61
N ASP C 1060 -2.15 28.92 27.47
CA ASP C 1060 -1.93 29.97 26.48
C ASP C 1060 -3.26 30.45 25.90
N GLN C 1061 -4.12 29.51 25.49
CA GLN C 1061 -5.39 29.90 24.87
C GLN C 1061 -6.40 30.37 25.91
N ILE C 1062 -6.29 29.90 27.16
CA ILE C 1062 -7.18 30.39 28.21
C ILE C 1062 -6.93 31.87 28.45
N TRP C 1063 -5.66 32.27 28.55
CA TRP C 1063 -5.33 33.69 28.64
C TRP C 1063 -5.77 34.44 27.39
N LYS C 1064 -5.67 33.80 26.22
CA LYS C 1064 -6.22 34.40 25.00
C LYS C 1064 -7.72 34.57 25.11
N PHE C 1065 -8.41 33.58 25.67
CA PHE C 1065 -9.86 33.69 25.86
C PHE C 1065 -10.22 34.71 26.94
N GLN C 1066 -9.46 34.71 28.05
CA GLN C 1066 -9.74 35.64 29.14
C GLN C 1066 -9.35 37.07 28.81
N ARG C 1067 -8.61 37.28 27.72
CA ARG C 1067 -8.17 38.62 27.37
C ARG C 1067 -9.33 39.53 27.01
N HIS C 1068 -10.38 39.01 26.36
CA HIS C 1068 -11.49 39.85 25.95
C HIS C 1068 -12.24 40.42 27.14
N ASP C 1069 -12.26 39.71 28.27
CA ASP C 1069 -12.97 40.20 29.44
C ASP C 1069 -12.40 41.50 29.96
N LEU C 1070 -11.07 41.63 30.01
CA LEU C 1070 -10.46 42.88 30.42
C LEU C 1070 -10.78 44.00 29.43
N ILE C 1071 -10.76 43.69 28.14
CA ILE C 1071 -11.09 44.69 27.12
C ILE C 1071 -12.56 45.09 27.20
N GLU C 1072 -13.45 44.14 27.48
CA GLU C 1072 -14.88 44.45 27.57
C GLU C 1072 -15.17 45.44 28.69
N GLU C 1073 -14.54 45.27 29.85
CA GLU C 1073 -14.83 46.13 30.99
C GLU C 1073 -14.33 47.55 30.75
N TYR C 1074 -13.14 47.71 30.18
CA TYR C 1074 -12.49 49.01 30.09
C TYR C 1074 -12.79 49.76 28.79
N HIS C 1075 -13.52 49.16 27.86
CA HIS C 1075 -13.86 49.87 26.63
C HIS C 1075 -15.09 50.74 26.82
N GLY C 1076 -16.18 50.16 27.33
CA GLY C 1076 -17.38 50.92 27.61
C GLY C 1076 -17.29 51.67 28.93
N ARG C 1077 -16.36 52.60 29.02
CA ARG C 1077 -16.13 53.35 30.25
C ARG C 1077 -15.44 54.68 29.92
N PRO C 1078 -15.88 55.78 30.53
CA PRO C 1078 -15.22 57.06 30.27
C PRO C 1078 -13.80 57.08 30.79
N ALA C 1079 -12.98 57.92 30.17
CA ALA C 1079 -11.56 58.03 30.49
C ALA C 1079 -11.30 58.94 31.69
N ALA C 1080 -12.32 59.29 32.46
CA ALA C 1080 -12.13 60.15 33.61
C ALA C 1080 -11.40 59.40 34.73
N PRO C 1081 -10.52 60.07 35.46
CA PRO C 1081 -9.88 59.46 36.61
C PRO C 1081 -10.89 58.97 37.61
N PRO C 1082 -10.57 57.91 38.36
CA PRO C 1082 -11.42 57.50 39.49
C PRO C 1082 -11.57 58.63 40.49
N PRO C 1083 -10.57 59.51 40.67
CA PRO C 1083 -10.87 60.78 41.36
C PRO C 1083 -11.91 61.63 40.66
N PHE C 1084 -12.11 61.45 39.35
CA PHE C 1084 -13.09 62.25 38.61
C PHE C 1084 -14.28 61.43 38.13
N ILE C 1085 -14.28 60.11 38.35
CA ILE C 1085 -15.47 59.30 38.07
C ILE C 1085 -16.63 59.68 38.99
N LEU C 1086 -16.34 60.32 40.13
CA LEU C 1086 -17.42 60.79 41.00
C LEU C 1086 -18.40 61.68 40.24
N LEU C 1087 -17.89 62.53 39.35
CA LEU C 1087 -18.77 63.38 38.56
C LEU C 1087 -19.58 62.56 37.56
N SER C 1088 -18.93 61.60 36.89
CA SER C 1088 -19.63 60.78 35.91
C SER C 1088 -20.62 59.83 36.55
N HIS C 1089 -20.44 59.50 37.83
CA HIS C 1089 -21.43 58.67 38.52
C HIS C 1089 -22.75 59.40 38.66
N LEU C 1090 -22.72 60.73 38.73
CA LEU C 1090 -23.94 61.54 38.78
C LEU C 1090 -24.40 62.00 37.41
N GLN C 1091 -23.53 61.93 36.39
CA GLN C 1091 -23.89 62.41 35.07
C GLN C 1091 -25.06 61.64 34.47
N LEU C 1092 -25.10 60.33 34.66
CA LEU C 1092 -26.24 59.53 34.20
C LEU C 1092 -27.41 59.59 35.16
N PHE C 1093 -27.24 60.16 36.35
CA PHE C 1093 -28.34 60.35 37.28
C PHE C 1093 -29.10 61.65 37.01
N ILE C 1094 -28.38 62.75 36.76
CA ILE C 1094 -29.03 63.98 36.34
C ILE C 1094 -29.66 63.81 34.96
N LYS C 1095 -29.08 62.93 34.13
CA LYS C 1095 -29.68 62.65 32.83
C LYS C 1095 -31.06 62.02 32.98
N ARG C 1096 -31.22 61.14 33.97
CA ARG C 1096 -32.50 60.50 34.23
C ARG C 1096 -33.49 61.41 34.95
N VAL C 1097 -33.06 62.60 35.38
CA VAL C 1097 -34.02 63.61 35.78
C VAL C 1097 -34.81 64.12 34.58
N VAL C 1098 -34.17 64.28 33.43
CA VAL C 1098 -34.84 64.67 32.19
C VAL C 1098 -35.34 63.45 31.43
N LEU C 1099 -34.47 62.46 31.22
CA LEU C 1099 -34.85 61.25 30.52
C LEU C 1099 -35.63 60.32 31.45
N LYS C 1100 -36.29 59.32 30.86
CA LYS C 1100 -37.06 58.35 31.63
C LYS C 1100 -36.83 56.91 31.21
N THR C 1101 -36.34 56.65 30.01
CA THR C 1101 -36.12 55.28 29.56
C THR C 1101 -34.64 55.03 29.29
N PRO C 1102 -34.14 53.81 29.52
CA PRO C 1102 -32.73 53.52 29.28
C PRO C 1102 -32.40 53.40 27.80
N ALA C 1103 -32.29 54.53 27.11
CA ALA C 1103 -31.94 54.57 25.69
C ALA C 1103 -30.90 55.64 25.44
N LYS C 1104 -29.84 55.67 26.26
CA LYS C 1104 -28.84 56.71 26.14
C LYS C 1104 -27.89 56.44 24.98
N ARG C 1105 -27.28 55.26 24.95
CA ARG C 1105 -26.28 54.91 23.94
C ARG C 1105 -25.94 53.43 24.10
N HIS C 1106 -25.33 52.87 23.05
CA HIS C 1106 -24.87 51.49 23.04
C HIS C 1106 -23.41 51.49 22.64
N LYS C 1107 -22.52 51.60 23.64
CA LYS C 1107 -21.08 51.62 23.39
C LYS C 1107 -20.50 50.20 23.45
N GLN C 1108 -21.06 49.31 22.63
CA GLN C 1108 -20.56 47.96 22.46
C GLN C 1108 -19.91 47.85 21.09
N LEU C 1109 -19.33 46.68 20.81
CA LEU C 1109 -18.75 46.47 19.49
C LEU C 1109 -19.85 46.56 18.44
N LYS C 1110 -20.74 45.57 18.43
CA LYS C 1110 -22.07 45.63 17.83
C LYS C 1110 -22.15 46.49 16.57
N ASN C 1111 -21.24 46.27 15.63
CA ASN C 1111 -21.15 47.13 14.46
C ASN C 1111 -22.28 46.78 13.49
N LYS C 1112 -23.22 47.70 13.31
CA LYS C 1112 -24.29 47.51 12.35
C LYS C 1112 -23.83 47.93 10.96
N LEU C 1113 -24.33 47.24 9.93
CA LEU C 1113 -23.89 47.44 8.56
C LEU C 1113 -25.09 47.72 7.64
N GLU C 1114 -24.82 48.43 6.56
CA GLU C 1114 -25.84 48.77 5.57
C GLU C 1114 -26.03 47.61 4.59
N LYS C 1115 -27.13 47.69 3.82
CA LYS C 1115 -27.39 46.65 2.82
C LYS C 1115 -26.33 46.64 1.73
N ASN C 1116 -25.93 47.83 1.26
CA ASN C 1116 -24.95 47.95 0.18
C ASN C 1116 -23.59 47.37 0.54
N GLU C 1117 -23.20 47.42 1.82
CA GLU C 1117 -21.93 46.83 2.22
C GLU C 1117 -22.08 45.40 2.72
N GLU C 1118 -23.23 45.07 3.34
CA GLU C 1118 -23.47 43.70 3.76
C GLU C 1118 -23.47 42.75 2.56
N ALA C 1119 -24.17 43.13 1.48
CA ALA C 1119 -24.14 42.30 0.28
C ALA C 1119 -22.76 42.26 -0.35
N ALA C 1120 -22.00 43.35 -0.29
CA ALA C 1120 -20.64 43.38 -0.83
C ALA C 1120 -19.64 42.61 0.03
N LEU C 1121 -20.02 42.23 1.25
CA LEU C 1121 -19.15 41.47 2.13
C LEU C 1121 -19.53 39.99 2.21
N LEU C 1122 -20.82 39.69 2.32
CA LEU C 1122 -21.25 38.29 2.32
C LEU C 1122 -20.97 37.60 0.99
N SER C 1123 -21.11 38.31 -0.13
CA SER C 1123 -20.74 37.75 -1.42
C SER C 1123 -19.24 37.46 -1.48
N TRP C 1124 -18.43 38.30 -0.85
CA TRP C 1124 -16.99 38.05 -0.77
C TRP C 1124 -16.69 36.82 0.06
N GLU C 1125 -17.37 36.65 1.19
CA GLU C 1125 -17.12 35.51 2.07
C GLU C 1125 -17.49 34.18 1.41
N ILE C 1126 -18.61 34.16 0.68
CA ILE C 1126 -19.06 32.92 0.03
C ILE C 1126 -18.02 32.46 -0.98
N TYR C 1127 -17.44 33.40 -1.73
CA TYR C 1127 -16.39 33.05 -2.69
C TYR C 1127 -15.17 32.48 -1.98
N LEU C 1128 -14.83 33.02 -0.81
CA LEU C 1128 -13.74 32.46 -0.02
C LEU C 1128 -14.11 31.16 0.68
N LYS C 1129 -15.38 30.98 1.05
CA LYS C 1129 -15.78 29.72 1.69
C LYS C 1129 -15.60 28.55 0.73
N GLU C 1130 -16.02 28.72 -0.53
CA GLU C 1130 -15.79 27.69 -1.53
C GLU C 1130 -14.31 27.50 -1.81
N ASN C 1131 -13.51 28.57 -1.75
CA ASN C 1131 -12.08 28.43 -1.91
C ASN C 1131 -11.47 27.62 -0.77
N TYR C 1132 -11.94 27.81 0.46
CA TYR C 1132 -11.48 26.98 1.57
C TYR C 1132 -11.90 25.54 1.38
N LEU C 1133 -13.12 25.30 0.88
CA LEU C 1133 -13.58 23.94 0.65
C LEU C 1133 -12.72 23.22 -0.37
N GLN C 1134 -12.04 23.97 -1.25
CA GLN C 1134 -11.08 23.37 -2.16
C GLN C 1134 -9.93 22.69 -1.42
N ASN C 1135 -9.37 23.35 -0.41
CA ASN C 1135 -8.18 22.85 0.25
C ASN C 1135 -8.48 21.60 1.08
N ARG C 1136 -9.53 21.64 1.90
CA ARG C 1136 -9.86 20.49 2.72
C ARG C 1136 -10.27 19.30 1.87
N GLN C 1137 -11.03 19.52 0.81
CA GLN C 1137 -11.35 18.45 -0.13
C GLN C 1137 -10.09 17.91 -0.79
N PHE C 1138 -9.13 18.80 -1.10
CA PHE C 1138 -7.84 18.36 -1.61
C PHE C 1138 -6.96 17.80 -0.51
N GLN C 1139 -7.10 18.30 0.72
CA GLN C 1139 -6.36 17.76 1.85
C GLN C 1139 -6.75 16.32 2.14
N GLN C 1140 -8.05 15.99 2.04
CA GLN C 1140 -8.48 14.62 2.30
C GLN C 1140 -7.88 13.65 1.30
N LYS C 1141 -7.86 14.02 0.02
CA LYS C 1141 -7.31 13.15 -1.01
C LYS C 1141 -5.79 13.05 -0.96
N GLN C 1142 -5.12 14.09 -0.49
CA GLN C 1142 -3.67 14.06 -0.35
C GLN C 1142 -3.20 13.30 0.88
N ARG C 1143 -4.09 12.96 1.80
CA ARG C 1143 -3.69 12.22 3.00
C ARG C 1143 -3.27 10.81 2.59
N PRO C 1144 -2.11 10.33 3.05
CA PRO C 1144 -1.63 9.00 2.63
C PRO C 1144 -2.57 7.88 3.02
N GLU C 1145 -3.24 7.97 4.17
CA GLU C 1145 -4.17 6.94 4.60
C GLU C 1145 -5.37 6.85 3.65
N GLN C 1146 -5.93 7.99 3.23
CA GLN C 1146 -7.05 7.96 2.29
C GLN C 1146 -6.65 7.33 0.96
N LYS C 1147 -5.41 7.56 0.51
CA LYS C 1147 -4.98 6.95 -0.75
C LYS C 1147 -4.95 5.42 -0.65
N ILE C 1148 -4.89 4.87 0.56
CA ILE C 1148 -5.05 3.44 0.74
C ILE C 1148 -6.49 3.01 0.44
N GLU C 1149 -7.48 3.87 0.72
CA GLU C 1149 -8.84 3.59 0.26
C GLU C 1149 -8.93 3.46 -1.25
N ASP C 1150 -8.23 4.33 -1.98
CA ASP C 1150 -8.37 4.37 -3.43
C ASP C 1150 -7.87 3.08 -4.07
N ILE C 1151 -6.73 2.57 -3.61
CA ILE C 1151 -6.19 1.34 -4.17
C ILE C 1151 -7.06 0.15 -3.78
N SER C 1152 -7.52 0.11 -2.53
CA SER C 1152 -8.24 -1.05 -2.04
C SER C 1152 -9.54 -1.29 -2.80
N ASN C 1153 -10.32 -0.23 -3.06
CA ASN C 1153 -11.57 -0.39 -3.79
C ASN C 1153 -11.36 -0.54 -5.29
N LYS C 1154 -10.21 -0.13 -5.82
CA LYS C 1154 -9.89 -0.35 -7.22
C LYS C 1154 -9.51 -1.80 -7.50
N VAL C 1155 -8.78 -2.44 -6.58
CA VAL C 1155 -8.50 -3.86 -6.72
C VAL C 1155 -9.76 -4.69 -6.60
N ASP C 1156 -10.71 -4.27 -5.76
CA ASP C 1156 -11.99 -4.94 -5.66
C ASP C 1156 -12.79 -4.86 -6.97
N ALA C 1157 -12.44 -3.93 -7.86
CA ALA C 1157 -13.06 -3.88 -9.18
C ALA C 1157 -12.40 -4.83 -10.15
N MET C 1158 -11.29 -5.47 -9.77
CA MET C 1158 -10.61 -6.44 -10.62
C MET C 1158 -11.08 -7.87 -10.43
N VAL C 1159 -11.58 -8.22 -9.24
CA VAL C 1159 -12.03 -9.59 -9.00
C VAL C 1159 -13.27 -9.90 -9.82
N ASP C 1160 -14.18 -8.93 -9.94
CA ASP C 1160 -15.40 -9.13 -10.71
C ASP C 1160 -15.21 -8.87 -12.20
N LEU C 1161 -14.09 -8.27 -12.60
CA LEU C 1161 -13.87 -7.94 -14.00
C LEU C 1161 -13.24 -9.11 -14.77
N LEU C 1162 -12.70 -10.10 -14.08
CA LEU C 1162 -11.99 -11.19 -14.75
C LEU C 1162 -12.65 -12.54 -14.50
N ASP C 1163 -13.98 -12.58 -14.51
CA ASP C 1163 -14.73 -13.82 -14.41
C ASP C 1163 -15.70 -13.97 -15.59
N LEU C 1164 -15.41 -13.31 -16.71
CA LEU C 1164 -16.29 -13.28 -17.86
C LEU C 1164 -15.95 -14.34 -18.90
N ASP C 1165 -14.96 -15.19 -18.62
CA ASP C 1165 -14.55 -16.22 -19.57
C ASP C 1165 -15.62 -17.29 -19.71
N GLY C 1235 -47.97 -15.93 -33.78
CA GLY C 1235 -48.24 -16.82 -34.89
C GLY C 1235 -49.70 -16.79 -35.32
N ASP C 1236 -50.31 -17.97 -35.39
CA ASP C 1236 -51.72 -18.08 -35.78
C ASP C 1236 -52.59 -17.45 -34.71
N SER C 1237 -53.21 -16.32 -35.03
CA SER C 1237 -54.03 -15.60 -34.06
C SER C 1237 -55.29 -16.38 -33.73
N TYR C 1238 -55.56 -16.55 -32.44
CA TYR C 1238 -56.76 -17.23 -31.99
C TYR C 1238 -57.51 -16.37 -30.98
N HIS C 1239 -58.56 -16.92 -30.36
CA HIS C 1239 -59.27 -16.23 -29.29
C HIS C 1239 -58.55 -16.51 -27.98
N VAL C 1240 -57.36 -15.94 -27.86
CA VAL C 1240 -56.48 -16.22 -26.72
C VAL C 1240 -57.10 -15.80 -25.40
N ASN C 1241 -57.86 -14.71 -25.37
CA ASN C 1241 -58.51 -14.27 -24.14
C ASN C 1241 -59.64 -15.21 -23.73
N ALA C 1242 -60.32 -15.83 -24.70
CA ALA C 1242 -61.43 -16.73 -24.39
C ALA C 1242 -60.95 -17.98 -23.66
N ARG C 1243 -59.80 -18.52 -24.07
CA ARG C 1243 -59.27 -19.73 -23.44
C ARG C 1243 -58.71 -19.47 -22.05
N HIS C 1244 -58.59 -18.22 -21.63
CA HIS C 1244 -58.03 -17.90 -20.32
C HIS C 1244 -58.90 -18.46 -19.20
N LEU C 1245 -58.25 -18.99 -18.18
CA LEU C 1245 -58.95 -19.62 -17.06
C LEU C 1245 -59.55 -18.55 -16.14
N LEU C 1246 -60.08 -19.01 -15.00
CA LEU C 1246 -60.61 -18.13 -13.96
C LEU C 1246 -61.74 -17.25 -14.50
N TYR C 1247 -62.83 -17.94 -14.87
CA TYR C 1247 -64.01 -17.28 -15.39
C TYR C 1247 -64.53 -16.26 -14.37
N PRO C 1248 -64.77 -15.01 -14.78
CA PRO C 1248 -65.18 -13.98 -13.81
C PRO C 1248 -66.59 -14.24 -13.30
N ASN C 1249 -66.81 -13.86 -12.03
CA ASN C 1249 -68.10 -13.92 -11.36
C ASN C 1249 -68.67 -15.34 -11.30
N CYS C 1250 -67.83 -16.34 -11.51
CA CYS C 1250 -68.25 -17.73 -11.42
C CYS C 1250 -67.02 -18.58 -11.09
N PRO C 1251 -66.91 -19.06 -9.86
CA PRO C 1251 -65.71 -19.83 -9.48
C PRO C 1251 -65.67 -21.23 -10.03
N VAL C 1252 -65.35 -21.37 -11.32
CA VAL C 1252 -65.23 -22.65 -11.99
C VAL C 1252 -63.96 -22.65 -12.83
N THR C 1253 -63.78 -23.72 -13.61
CA THR C 1253 -62.66 -23.87 -14.51
C THR C 1253 -63.17 -24.37 -15.86
N ARG C 1254 -62.30 -24.33 -16.86
CA ARG C 1254 -62.64 -24.79 -18.20
C ARG C 1254 -61.58 -25.75 -18.70
N PHE C 1255 -61.97 -26.60 -19.64
CA PHE C 1255 -61.14 -27.70 -20.10
C PHE C 1255 -59.96 -27.20 -20.94
N PRO C 1256 -58.82 -27.88 -20.86
CA PRO C 1256 -57.65 -27.53 -21.68
C PRO C 1256 -57.92 -27.76 -23.17
N VAL C 1257 -57.80 -26.69 -23.96
CA VAL C 1257 -57.92 -26.73 -25.41
C VAL C 1257 -56.65 -26.17 -26.03
N PRO C 1258 -55.79 -27.01 -26.64
CA PRO C 1258 -54.49 -26.52 -27.12
C PRO C 1258 -54.55 -25.56 -28.29
N ASN C 1259 -53.39 -24.99 -28.65
CA ASN C 1259 -53.25 -24.23 -29.88
C ASN C 1259 -53.38 -25.10 -31.12
N GLU C 1260 -53.25 -26.41 -30.98
CA GLU C 1260 -53.42 -27.32 -32.11
C GLU C 1260 -54.87 -27.80 -32.20
N LYS C 1261 -55.51 -28.02 -31.05
CA LYS C 1261 -56.87 -28.53 -30.99
C LYS C 1261 -57.91 -27.43 -30.83
N VAL C 1262 -57.52 -26.16 -30.97
CA VAL C 1262 -58.47 -25.06 -30.86
C VAL C 1262 -59.56 -25.09 -31.94
N PRO C 1263 -59.29 -25.37 -33.21
CA PRO C 1263 -60.36 -25.27 -34.21
C PRO C 1263 -61.27 -26.49 -34.16
N TRP C 1264 -62.46 -26.33 -34.75
CA TRP C 1264 -63.40 -27.44 -34.86
C TRP C 1264 -62.98 -28.48 -35.87
N GLU C 1265 -62.17 -28.12 -36.86
CA GLU C 1265 -61.69 -29.11 -37.83
C GLU C 1265 -60.77 -30.14 -37.17
N THR C 1266 -59.90 -29.69 -36.27
CA THR C 1266 -58.99 -30.60 -35.58
C THR C 1266 -59.75 -31.36 -34.49
N GLU C 1267 -59.58 -32.67 -34.47
CA GLU C 1267 -60.25 -33.52 -33.50
C GLU C 1267 -59.39 -33.66 -32.25
N PHE C 1268 -60.01 -33.53 -31.09
CA PHE C 1268 -59.35 -33.67 -29.80
C PHE C 1268 -60.15 -34.66 -28.98
N LEU C 1269 -59.66 -35.90 -28.90
CA LEU C 1269 -60.43 -37.00 -28.33
C LEU C 1269 -60.64 -36.87 -26.82
N ILE C 1270 -59.90 -35.99 -26.16
CA ILE C 1270 -60.00 -35.82 -24.72
C ILE C 1270 -60.97 -34.69 -24.34
N TYR C 1271 -61.48 -33.95 -25.32
CA TYR C 1271 -62.30 -32.77 -25.07
C TYR C 1271 -63.58 -33.16 -24.33
N ASP C 1272 -63.64 -32.84 -23.04
CA ASP C 1272 -64.83 -33.07 -22.22
C ASP C 1272 -65.09 -31.83 -21.37
N PRO C 1273 -65.52 -30.75 -21.99
CA PRO C 1273 -65.79 -29.52 -21.24
C PRO C 1273 -67.04 -29.66 -20.40
N PRO C 1274 -67.01 -29.24 -19.14
CA PRO C 1274 -68.20 -29.34 -18.29
C PRO C 1274 -69.32 -28.45 -18.82
N PHE C 1275 -70.56 -28.92 -18.65
CA PHE C 1275 -71.72 -28.13 -19.02
C PHE C 1275 -71.95 -27.05 -17.98
N TYR C 1276 -71.19 -25.95 -18.07
CA TYR C 1276 -71.17 -24.91 -17.06
C TYR C 1276 -72.16 -23.81 -17.43
N THR C 1277 -73.03 -23.47 -16.49
CA THR C 1277 -73.97 -22.37 -16.63
C THR C 1277 -73.91 -21.49 -15.38
N ALA C 1278 -74.07 -20.19 -15.59
CA ALA C 1278 -74.00 -19.24 -14.49
C ALA C 1278 -75.22 -19.36 -13.60
N GLU C 1279 -75.12 -18.75 -12.41
CA GLU C 1279 -76.26 -18.74 -11.50
C GLU C 1279 -77.44 -17.98 -12.10
N ARG C 1280 -77.17 -17.03 -13.00
CA ARG C 1280 -78.20 -16.26 -13.68
C ARG C 1280 -78.57 -16.85 -15.04
N LYS C 1281 -78.26 -18.12 -15.28
CA LYS C 1281 -78.66 -18.77 -16.52
C LYS C 1281 -80.16 -19.08 -16.57
N ASP C 1282 -80.77 -19.37 -15.43
CA ASP C 1282 -82.22 -19.52 -15.30
C ASP C 1282 -82.70 -18.25 -14.62
N ALA C 1283 -83.22 -17.31 -15.43
CA ALA C 1283 -83.40 -15.94 -14.99
C ALA C 1283 -84.48 -15.29 -15.85
N ALA C 1284 -84.48 -13.95 -15.88
CA ALA C 1284 -85.49 -13.16 -16.55
C ALA C 1284 -85.29 -13.21 -18.07
N ALA C 1285 -85.88 -12.25 -18.79
CA ALA C 1285 -86.15 -12.30 -20.21
C ALA C 1285 -85.01 -12.88 -21.06
N MET C 1286 -83.77 -12.79 -20.58
CA MET C 1286 -82.65 -13.47 -21.21
C MET C 1286 -82.98 -14.94 -21.47
N ASP C 1287 -82.32 -15.55 -22.45
CA ASP C 1287 -82.70 -16.88 -22.89
C ASP C 1287 -82.57 -17.89 -21.76
N PRO C 1288 -83.64 -18.66 -21.46
CA PRO C 1288 -83.57 -19.65 -20.38
C PRO C 1288 -82.94 -20.95 -20.81
N MET C 1289 -82.27 -20.96 -21.96
CA MET C 1289 -81.76 -22.17 -22.58
C MET C 1289 -80.47 -22.67 -21.93
N GLY C 1290 -80.13 -22.19 -20.73
CA GLY C 1290 -78.94 -22.67 -20.05
C GLY C 1290 -78.98 -24.14 -19.72
N ASP C 1291 -80.17 -24.75 -19.76
CA ASP C 1291 -80.35 -26.18 -19.54
C ASP C 1291 -81.09 -26.78 -20.73
N THR C 1292 -80.60 -26.49 -21.95
CA THR C 1292 -81.30 -26.80 -23.18
C THR C 1292 -81.29 -28.29 -23.54
N LEU C 1293 -80.93 -29.16 -22.61
CA LEU C 1293 -81.09 -30.59 -22.85
C LEU C 1293 -82.55 -30.96 -23.09
N GLU C 1294 -83.47 -30.21 -22.46
CA GLU C 1294 -84.88 -30.39 -22.71
C GLU C 1294 -85.24 -29.83 -24.10
N PRO C 1295 -86.37 -30.25 -24.67
CA PRO C 1295 -86.76 -29.74 -26.00
C PRO C 1295 -87.20 -28.28 -25.98
N LEU C 1296 -87.01 -27.60 -24.85
CA LEU C 1296 -87.38 -26.18 -24.76
C LEU C 1296 -86.54 -25.31 -25.69
N SER C 1297 -85.39 -25.78 -26.13
CA SER C 1297 -84.55 -25.01 -27.04
C SER C 1297 -85.15 -25.00 -28.44
N THR C 1298 -85.94 -23.97 -28.75
CA THR C 1298 -86.57 -23.87 -30.06
C THR C 1298 -86.49 -22.47 -30.65
N ILE C 1299 -85.63 -21.61 -30.12
CA ILE C 1299 -85.48 -20.25 -30.62
C ILE C 1299 -84.83 -20.29 -31.99
N GLN C 1300 -84.99 -19.22 -32.77
CA GLN C 1300 -84.45 -19.20 -34.12
C GLN C 1300 -82.94 -19.02 -34.10
N TYR C 1301 -82.24 -19.86 -34.86
CA TYR C 1301 -80.80 -19.75 -35.04
C TYR C 1301 -80.51 -19.10 -36.38
N ASN C 1302 -79.50 -18.24 -36.41
CA ASN C 1302 -79.08 -17.53 -37.61
C ASN C 1302 -80.22 -16.68 -38.18
N VAL C 1303 -81.07 -16.20 -37.26
CA VAL C 1303 -82.25 -15.43 -37.64
C VAL C 1303 -82.67 -14.58 -36.44
N VAL C 1304 -83.46 -13.55 -36.72
CA VAL C 1304 -83.96 -12.64 -35.68
C VAL C 1304 -85.15 -13.31 -35.02
N ASP C 1305 -84.95 -13.82 -33.80
CA ASP C 1305 -86.03 -14.45 -33.03
C ASP C 1305 -86.75 -13.34 -32.25
N GLY C 1306 -87.57 -12.58 -32.97
CA GLY C 1306 -88.25 -11.45 -32.38
C GLY C 1306 -87.30 -10.34 -31.97
N LEU C 1307 -87.40 -9.91 -30.71
CA LEU C 1307 -86.51 -8.86 -30.21
C LEU C 1307 -85.08 -9.35 -30.06
N ARG C 1308 -84.86 -10.66 -29.98
CA ARG C 1308 -83.53 -11.22 -29.83
C ARG C 1308 -82.97 -11.49 -31.22
N ASP C 1309 -82.05 -10.62 -31.66
CA ASP C 1309 -81.42 -10.75 -32.97
C ASP C 1309 -80.32 -11.79 -32.87
N ARG C 1310 -80.73 -13.06 -32.89
CA ARG C 1310 -79.80 -14.18 -32.75
C ARG C 1310 -79.24 -14.60 -34.11
N ARG C 1311 -78.60 -13.64 -34.77
CA ARG C 1311 -77.91 -13.89 -36.02
C ARG C 1311 -76.52 -13.29 -35.95
N SER C 1312 -75.52 -14.04 -36.42
CA SER C 1312 -74.14 -13.59 -36.33
C SER C 1312 -73.82 -12.60 -37.44
N PHE C 1313 -73.10 -11.53 -37.07
CA PHE C 1313 -72.71 -10.52 -38.03
C PHE C 1313 -71.55 -10.95 -38.92
N HIS C 1314 -70.80 -11.98 -38.51
CA HIS C 1314 -69.67 -12.45 -39.30
C HIS C 1314 -70.11 -13.47 -40.34
N GLY C 1315 -70.76 -14.54 -39.89
CA GLY C 1315 -71.20 -15.60 -40.77
C GLY C 1315 -72.03 -16.63 -40.06
N PRO C 1316 -72.54 -17.61 -40.81
CA PRO C 1316 -73.40 -18.65 -40.22
C PRO C 1316 -72.59 -19.58 -39.32
N TYR C 1317 -73.05 -19.76 -38.08
CA TYR C 1317 -72.40 -20.66 -37.17
C TYR C 1317 -73.08 -22.03 -37.19
N THR C 1318 -72.27 -23.07 -37.05
CA THR C 1318 -72.80 -24.43 -37.07
C THR C 1318 -73.56 -24.73 -35.77
N VAL C 1319 -74.51 -25.65 -35.87
CA VAL C 1319 -75.33 -26.06 -34.74
C VAL C 1319 -75.13 -27.55 -34.52
N GLN C 1320 -74.77 -27.93 -33.30
CA GLN C 1320 -74.58 -29.32 -32.93
C GLN C 1320 -75.39 -29.64 -31.69
N ALA C 1321 -76.19 -30.71 -31.76
CA ALA C 1321 -77.05 -31.14 -30.66
C ALA C 1321 -77.99 -30.01 -30.21
N GLY C 1322 -78.46 -29.23 -31.18
CA GLY C 1322 -79.36 -28.14 -30.87
C GLY C 1322 -78.72 -26.92 -30.25
N LEU C 1323 -77.40 -26.86 -30.18
CA LEU C 1323 -76.69 -25.75 -29.57
C LEU C 1323 -75.67 -25.18 -30.55
N PRO C 1324 -75.49 -23.86 -30.55
CA PRO C 1324 -74.48 -23.26 -31.43
C PRO C 1324 -73.07 -23.56 -30.98
N LEU C 1325 -72.16 -23.55 -31.95
CA LEU C 1325 -70.74 -23.72 -31.70
C LEU C 1325 -69.97 -22.45 -32.06
N ASN C 1326 -68.89 -22.20 -31.34
CA ASN C 1326 -68.10 -21.00 -31.56
C ASN C 1326 -67.40 -21.08 -32.91
N PRO C 1327 -67.67 -20.15 -33.83
CA PRO C 1327 -66.99 -20.20 -35.14
C PRO C 1327 -65.48 -20.02 -35.05
N MET C 1328 -64.98 -19.34 -34.01
CA MET C 1328 -63.54 -19.14 -33.88
C MET C 1328 -62.81 -20.41 -33.50
N GLY C 1329 -63.45 -21.27 -32.72
CA GLY C 1329 -62.82 -22.52 -32.30
C GLY C 1329 -63.43 -23.03 -31.02
N ARG C 1330 -62.58 -23.64 -30.18
CA ARG C 1330 -62.99 -24.20 -28.91
C ARG C 1330 -62.48 -23.32 -27.78
N THR C 1331 -63.31 -23.16 -26.74
CA THR C 1331 -62.96 -22.37 -25.57
C THR C 1331 -62.66 -23.21 -24.35
N GLY C 1332 -63.25 -24.40 -24.25
CA GLY C 1332 -63.04 -25.28 -23.10
C GLY C 1332 -64.15 -25.27 -22.08
N LEU C 1333 -65.20 -24.48 -22.29
CA LEU C 1333 -66.33 -24.43 -21.35
C LEU C 1333 -67.62 -24.51 -22.15
N ARG C 1334 -68.41 -25.54 -21.87
CA ARG C 1334 -69.67 -25.75 -22.56
C ARG C 1334 -70.83 -25.18 -21.74
N GLY C 1335 -71.76 -24.54 -22.42
CA GLY C 1335 -72.92 -23.94 -21.80
C GLY C 1335 -73.10 -22.50 -22.23
N ARG C 1336 -73.96 -21.80 -21.50
CA ARG C 1336 -74.25 -20.39 -21.82
C ARG C 1336 -73.39 -19.42 -21.02
N GLY C 1337 -73.04 -19.77 -19.79
CA GLY C 1337 -72.27 -18.86 -18.97
C GLY C 1337 -73.13 -17.69 -18.50
N SER C 1338 -72.45 -16.55 -18.31
CA SER C 1338 -73.11 -15.33 -17.86
C SER C 1338 -73.73 -14.53 -19.01
N LEU C 1339 -73.60 -15.01 -20.25
CA LEU C 1339 -74.15 -14.29 -21.39
C LEU C 1339 -75.68 -14.39 -21.38
N SER C 1340 -76.31 -13.53 -22.20
CA SER C 1340 -77.76 -13.47 -22.25
C SER C 1340 -78.34 -14.70 -22.95
N CYS C 1341 -77.95 -14.93 -24.20
CA CYS C 1341 -78.49 -16.01 -25.01
C CYS C 1341 -77.36 -16.73 -25.72
N PHE C 1342 -77.72 -17.78 -26.47
CA PHE C 1342 -76.76 -18.51 -27.27
C PHE C 1342 -76.31 -17.68 -28.47
N GLY C 1343 -75.25 -18.15 -29.13
CA GLY C 1343 -74.68 -17.47 -30.26
C GLY C 1343 -74.09 -16.13 -29.86
N PRO C 1344 -74.12 -15.17 -30.78
CA PRO C 1344 -73.64 -13.83 -30.46
C PRO C 1344 -74.65 -13.06 -29.63
N ASN C 1345 -74.13 -12.36 -28.62
CA ASN C 1345 -74.92 -11.44 -27.81
C ASN C 1345 -74.58 -10.03 -28.32
N HIS C 1346 -75.46 -9.50 -29.17
CA HIS C 1346 -75.16 -8.25 -29.86
C HIS C 1346 -75.14 -7.08 -28.90
N THR C 1347 -74.10 -6.27 -29.00
CA THR C 1347 -73.95 -5.08 -28.17
C THR C 1347 -73.20 -4.02 -28.97
N LEU C 1348 -73.40 -2.76 -28.59
CA LEU C 1348 -72.81 -1.64 -29.29
C LEU C 1348 -71.82 -0.95 -28.36
N TYR C 1349 -70.64 -0.62 -28.89
CA TYR C 1349 -69.58 0.02 -28.12
C TYR C 1349 -69.28 1.39 -28.72
N PRO C 1350 -69.99 2.44 -28.31
CA PRO C 1350 -69.70 3.77 -28.84
C PRO C 1350 -68.41 4.34 -28.27
N MET C 1351 -67.70 5.07 -29.11
CA MET C 1351 -66.42 5.66 -28.75
C MET C 1351 -66.40 7.12 -29.17
N VAL C 1352 -65.93 7.98 -28.27
CA VAL C 1352 -65.81 9.41 -28.51
C VAL C 1352 -64.32 9.77 -28.51
N THR C 1353 -63.91 10.53 -29.52
CA THR C 1353 -62.51 10.92 -29.66
C THR C 1353 -62.44 12.43 -29.89
N ARG C 1354 -61.39 13.03 -29.35
CA ARG C 1354 -61.15 14.46 -29.52
C ARG C 1354 -59.66 14.74 -29.39
N TRP C 1355 -59.26 15.91 -29.87
CA TRP C 1355 -57.86 16.30 -29.90
C TRP C 1355 -57.49 16.95 -28.57
N ARG C 1356 -56.21 16.88 -28.22
CA ARG C 1356 -55.71 17.48 -26.98
C ARG C 1356 -54.83 18.67 -27.35
N ARG C 1357 -55.17 19.83 -26.82
CA ARG C 1357 -54.50 21.08 -27.16
C ARG C 1357 -53.55 21.50 -26.03
N ASN C 1358 -52.71 22.47 -26.35
CA ASN C 1358 -51.76 23.01 -25.38
C ASN C 1358 -52.39 24.20 -24.66
N GLU C 1359 -51.58 24.94 -23.91
CA GLU C 1359 -52.08 26.12 -23.21
C GLU C 1359 -52.53 27.20 -24.19
N ASP C 1360 -51.79 27.40 -25.28
CA ASP C 1360 -52.15 28.41 -26.26
C ASP C 1360 -53.38 27.99 -27.07
N GLY C 1361 -53.62 26.70 -27.20
CA GLY C 1361 -54.73 26.18 -27.97
C GLY C 1361 -54.33 25.37 -29.19
N ALA C 1362 -53.05 25.32 -29.54
CA ALA C 1362 -52.60 24.53 -30.67
C ALA C 1362 -52.56 23.05 -30.30
N ILE C 1363 -52.53 22.21 -31.34
CA ILE C 1363 -52.57 20.76 -31.14
C ILE C 1363 -51.24 20.29 -30.55
N CYS C 1364 -51.31 19.38 -29.59
CA CYS C 1364 -50.10 18.79 -29.03
C CYS C 1364 -49.44 17.87 -30.05
N ARG C 1365 -48.12 17.77 -29.96
CA ARG C 1365 -47.27 17.21 -31.00
C ARG C 1365 -46.45 16.06 -30.45
N LYS C 1366 -46.41 14.95 -31.18
CA LYS C 1366 -45.53 13.85 -30.82
C LYS C 1366 -44.26 13.84 -31.65
N SER C 1367 -43.53 12.73 -31.57
CA SER C 1367 -42.38 12.52 -32.45
C SER C 1367 -42.83 12.22 -33.87
N ILE C 1368 -43.87 11.40 -34.03
CA ILE C 1368 -44.34 11.01 -35.35
C ILE C 1368 -45.82 11.33 -35.54
N LYS C 1369 -46.68 10.64 -34.79
CA LYS C 1369 -48.12 10.77 -34.96
C LYS C 1369 -48.66 11.87 -34.04
N LYS C 1370 -49.97 11.95 -33.88
CA LYS C 1370 -50.62 13.07 -33.19
C LYS C 1370 -51.17 12.62 -31.83
N MET C 1371 -51.79 13.58 -31.14
CA MET C 1371 -52.29 13.42 -29.79
C MET C 1371 -53.81 13.33 -29.79
N LEU C 1372 -54.36 12.34 -29.09
CA LEU C 1372 -55.78 12.10 -29.04
C LEU C 1372 -56.25 11.95 -27.60
N GLU C 1373 -57.54 12.22 -27.38
CA GLU C 1373 -58.19 12.05 -26.10
C GLU C 1373 -59.47 11.23 -26.26
N VAL C 1374 -59.85 10.53 -25.21
CA VAL C 1374 -61.10 9.77 -25.17
C VAL C 1374 -61.78 9.99 -23.84
N LEU C 1375 -63.07 9.70 -23.81
CA LEU C 1375 -63.89 9.80 -22.59
C LEU C 1375 -64.19 8.39 -22.10
N VAL C 1376 -63.81 8.10 -20.85
CA VAL C 1376 -63.93 6.77 -20.29
C VAL C 1376 -64.62 6.85 -18.93
N VAL C 1377 -65.15 5.71 -18.49
CA VAL C 1377 -65.91 5.61 -17.25
C VAL C 1377 -65.26 4.60 -16.32
N LYS C 1378 -65.51 4.78 -15.02
CA LYS C 1378 -64.99 3.88 -14.01
C LYS C 1378 -66.09 3.60 -12.99
N LEU C 1379 -66.56 2.36 -12.95
CA LEU C 1379 -67.60 1.99 -12.01
C LEU C 1379 -67.00 1.73 -10.62
N PRO C 1380 -67.77 1.96 -9.55
CA PRO C 1380 -67.20 1.80 -8.20
C PRO C 1380 -66.80 0.38 -7.85
N LEU C 1381 -67.36 -0.64 -8.52
CA LEU C 1381 -67.07 -2.03 -8.22
C LEU C 1381 -66.30 -2.69 -9.36
N SER C 1382 -65.67 -1.88 -10.22
CA SER C 1382 -64.90 -2.40 -11.34
C SER C 1382 -63.40 -2.23 -11.19
N GLU C 1383 -62.95 -1.13 -10.59
CA GLU C 1383 -61.53 -0.84 -10.41
C GLU C 1383 -60.78 -0.86 -11.74
N HIS C 1384 -61.43 -0.41 -12.81
CA HIS C 1384 -60.83 -0.41 -14.13
C HIS C 1384 -61.48 0.68 -14.97
N TRP C 1385 -60.77 1.10 -16.01
CA TRP C 1385 -61.29 2.06 -16.97
C TRP C 1385 -61.84 1.32 -18.20
N ALA C 1386 -63.03 1.73 -18.62
CA ALA C 1386 -63.70 1.04 -19.72
C ALA C 1386 -64.50 2.05 -20.54
N LEU C 1387 -64.78 1.66 -21.79
CA LEU C 1387 -65.57 2.48 -22.69
C LEU C 1387 -67.04 2.43 -22.32
N PRO C 1388 -67.79 3.52 -22.49
CA PRO C 1388 -69.22 3.50 -22.17
C PRO C 1388 -70.05 2.76 -23.21
N GLY C 1389 -69.98 1.44 -23.20
CA GLY C 1389 -70.73 0.62 -24.14
C GLY C 1389 -71.70 -0.29 -23.42
N GLY C 1390 -72.90 -0.42 -23.97
CA GLY C 1390 -73.94 -1.20 -23.35
C GLY C 1390 -74.53 -2.26 -24.26
N SER C 1391 -75.31 -3.19 -23.70
CA SER C 1391 -75.90 -4.26 -24.48
C SER C 1391 -76.93 -3.70 -25.46
N ARG C 1392 -76.94 -4.26 -26.67
CA ARG C 1392 -77.88 -3.84 -27.71
C ARG C 1392 -79.18 -4.61 -27.64
N GLU C 1393 -79.78 -4.67 -26.45
CA GLU C 1393 -81.11 -5.23 -26.30
C GLU C 1393 -82.16 -4.22 -26.75
N PRO C 1394 -82.08 -2.95 -26.36
CA PRO C 1394 -82.93 -1.93 -27.00
C PRO C 1394 -82.39 -1.53 -28.36
N GLY C 1395 -83.29 -0.95 -29.16
CA GLY C 1395 -82.94 -0.54 -30.51
C GLY C 1395 -81.96 0.62 -30.56
N GLU C 1396 -82.42 1.80 -30.13
CA GLU C 1396 -81.59 3.00 -30.15
C GLU C 1396 -81.05 3.38 -28.78
N MET C 1397 -81.60 2.81 -27.70
CA MET C 1397 -81.17 3.13 -26.34
C MET C 1397 -80.00 2.28 -25.88
N LEU C 1398 -79.29 1.61 -26.80
CA LEU C 1398 -78.11 0.85 -26.44
C LEU C 1398 -77.03 1.76 -25.86
N PRO C 1399 -76.72 2.90 -26.49
CA PRO C 1399 -75.85 3.87 -25.79
C PRO C 1399 -76.45 4.37 -24.49
N ARG C 1400 -77.78 4.52 -24.45
CA ARG C 1400 -78.44 4.91 -23.20
C ARG C 1400 -78.33 3.81 -22.15
N LYS C 1401 -78.42 2.53 -22.58
CA LYS C 1401 -78.31 1.43 -21.63
C LYS C 1401 -76.99 1.48 -20.87
N LEU C 1402 -75.96 2.08 -21.47
CA LEU C 1402 -74.70 2.28 -20.76
C LEU C 1402 -74.58 3.70 -20.21
N LYS C 1403 -75.32 4.64 -20.78
CA LYS C 1403 -75.18 6.05 -20.42
C LYS C 1403 -76.53 6.72 -20.23
N ARG C 1404 -77.47 6.03 -19.59
CA ARG C 1404 -78.70 6.69 -19.17
C ARG C 1404 -78.45 7.52 -17.91
N ILE C 1405 -77.75 6.94 -16.94
CA ILE C 1405 -77.37 7.68 -15.75
C ILE C 1405 -76.07 8.46 -15.96
N LEU C 1406 -75.38 8.21 -17.06
CA LEU C 1406 -74.07 8.82 -17.31
C LEU C 1406 -74.16 10.05 -18.22
N ARG C 1407 -74.85 9.92 -19.36
CA ARG C 1407 -74.86 11.03 -20.32
C ARG C 1407 -75.88 12.09 -19.94
N GLN C 1408 -77.16 11.73 -19.95
CA GLN C 1408 -78.25 12.66 -19.66
C GLN C 1408 -79.54 11.84 -19.60
N GLU C 1409 -80.67 12.54 -19.43
CA GLU C 1409 -81.99 11.91 -19.43
C GLU C 1409 -82.78 12.28 -20.67
N HIS C 1410 -82.93 13.58 -20.95
CA HIS C 1410 -83.62 14.05 -22.15
C HIS C 1410 -82.67 14.49 -23.25
N TRP C 1411 -81.64 15.27 -22.91
CA TRP C 1411 -80.62 15.70 -23.86
C TRP C 1411 -79.87 14.49 -24.41
N PRO C 1412 -79.82 13.38 -23.66
CA PRO C 1412 -79.17 12.18 -24.21
C PRO C 1412 -79.81 11.69 -25.50
N SER C 1413 -81.13 11.85 -25.63
CA SER C 1413 -81.78 11.52 -26.89
C SER C 1413 -81.31 12.44 -28.01
N PHE C 1414 -81.12 13.72 -27.72
CA PHE C 1414 -80.54 14.63 -28.71
C PHE C 1414 -79.13 14.22 -29.07
N GLU C 1415 -78.33 13.81 -28.08
CA GLU C 1415 -77.00 13.28 -28.36
C GLU C 1415 -77.08 11.97 -29.13
N ASN C 1416 -78.11 11.16 -28.85
CA ASN C 1416 -78.30 9.93 -29.63
C ASN C 1416 -78.61 10.24 -31.09
N LEU C 1417 -79.41 11.29 -31.35
CA LEU C 1417 -79.63 11.72 -32.73
C LEU C 1417 -78.35 12.24 -33.37
N LEU C 1418 -77.48 12.85 -32.58
CA LEU C 1418 -76.19 13.32 -33.07
C LEU C 1418 -75.11 12.25 -33.00
N LYS C 1419 -75.45 11.05 -32.54
CA LYS C 1419 -74.48 9.96 -32.40
C LYS C 1419 -74.23 9.22 -33.71
N CYS C 1420 -74.87 9.65 -34.81
CA CYS C 1420 -74.67 9.01 -36.11
C CYS C 1420 -73.29 9.36 -36.62
N GLY C 1421 -72.32 8.49 -36.36
CA GLY C 1421 -70.95 8.73 -36.78
C GLY C 1421 -70.45 7.72 -37.78
N MET C 1422 -69.20 7.28 -37.61
CA MET C 1422 -68.56 6.33 -38.52
C MET C 1422 -68.25 5.04 -37.78
N GLU C 1423 -68.41 3.92 -38.48
CA GLU C 1423 -68.13 2.60 -37.92
C GLU C 1423 -66.71 2.18 -38.26
N VAL C 1424 -66.04 1.53 -37.31
CA VAL C 1424 -64.65 1.13 -37.45
C VAL C 1424 -64.53 -0.37 -37.70
N TYR C 1425 -64.98 -1.18 -36.74
CA TYR C 1425 -64.83 -2.63 -36.85
C TYR C 1425 -66.12 -3.30 -36.41
N LYS C 1426 -66.35 -4.50 -36.94
CA LYS C 1426 -67.56 -5.27 -36.69
C LYS C 1426 -67.25 -6.75 -36.73
N GLY C 1427 -67.90 -7.52 -35.86
CA GLY C 1427 -67.79 -8.96 -35.87
C GLY C 1427 -67.56 -9.53 -34.49
N TYR C 1428 -66.99 -10.73 -34.46
CA TYR C 1428 -66.78 -11.46 -33.21
C TYR C 1428 -65.67 -10.82 -32.39
N MET C 1429 -65.89 -10.74 -31.08
CA MET C 1429 -64.95 -10.14 -30.15
C MET C 1429 -64.34 -11.21 -29.25
N ASP C 1430 -63.04 -11.07 -28.98
CA ASP C 1430 -62.40 -11.91 -27.98
C ASP C 1430 -62.71 -11.39 -26.58
N ASP C 1431 -63.22 -12.27 -25.73
CA ASP C 1431 -63.69 -11.87 -24.40
C ASP C 1431 -63.58 -13.06 -23.46
N PRO C 1432 -63.19 -12.85 -22.21
CA PRO C 1432 -63.10 -13.97 -21.26
C PRO C 1432 -64.45 -14.59 -20.93
N ARG C 1433 -65.56 -13.92 -21.22
CA ARG C 1433 -66.90 -14.42 -20.93
C ARG C 1433 -67.47 -15.24 -22.08
N ASN C 1434 -66.62 -15.85 -22.91
CA ASN C 1434 -67.06 -16.57 -24.10
C ASN C 1434 -66.96 -18.06 -23.85
N THR C 1435 -68.10 -18.75 -23.93
CA THR C 1435 -68.14 -20.20 -23.88
C THR C 1435 -68.10 -20.75 -25.31
N ASP C 1436 -68.35 -22.05 -25.46
CA ASP C 1436 -68.41 -22.65 -26.78
C ASP C 1436 -69.73 -22.38 -27.49
N ASN C 1437 -70.72 -21.81 -26.81
CA ASN C 1437 -72.03 -21.56 -27.38
C ASN C 1437 -72.44 -20.09 -27.38
N ALA C 1438 -72.06 -19.34 -26.35
CA ALA C 1438 -72.45 -17.94 -26.21
C ALA C 1438 -71.20 -17.07 -26.29
N TRP C 1439 -71.08 -16.33 -27.38
CA TRP C 1439 -69.97 -15.40 -27.59
C TRP C 1439 -70.51 -13.98 -27.72
N ILE C 1440 -69.60 -13.03 -27.99
CA ILE C 1440 -69.93 -11.61 -28.03
C ILE C 1440 -69.61 -11.06 -29.41
N GLU C 1441 -70.57 -10.37 -30.01
CA GLU C 1441 -70.39 -9.68 -31.28
C GLU C 1441 -70.78 -8.21 -31.10
N THR C 1442 -69.99 -7.31 -31.69
CA THR C 1442 -70.15 -5.89 -31.46
C THR C 1442 -70.15 -5.12 -32.77
N VAL C 1443 -70.68 -3.90 -32.69
CA VAL C 1443 -70.50 -2.88 -33.72
C VAL C 1443 -69.85 -1.68 -33.05
N ALA C 1444 -68.80 -1.15 -33.69
CA ALA C 1444 -68.00 -0.07 -33.11
C ALA C 1444 -68.22 1.19 -33.92
N VAL C 1445 -68.89 2.16 -33.33
CA VAL C 1445 -69.12 3.46 -33.94
C VAL C 1445 -68.18 4.47 -33.31
N SER C 1446 -67.72 5.42 -34.12
CA SER C 1446 -66.74 6.42 -33.68
C SER C 1446 -67.22 7.80 -34.10
N VAL C 1447 -67.51 8.65 -33.11
CA VAL C 1447 -67.80 10.06 -33.35
C VAL C 1447 -66.61 10.87 -32.85
N HIS C 1448 -66.36 11.99 -33.51
CA HIS C 1448 -65.14 12.74 -33.28
C HIS C 1448 -65.44 14.21 -33.07
N PHE C 1449 -64.59 14.88 -32.29
CA PHE C 1449 -64.63 16.32 -32.10
C PHE C 1449 -63.36 16.91 -32.71
N GLN C 1450 -63.49 17.49 -33.90
CA GLN C 1450 -62.34 18.06 -34.59
C GLN C 1450 -61.92 19.40 -33.98
N ASP C 1451 -62.88 20.29 -33.74
CA ASP C 1451 -62.58 21.59 -33.16
C ASP C 1451 -62.57 21.50 -31.64
N GLN C 1452 -61.76 22.37 -31.02
CA GLN C 1452 -61.63 22.43 -29.56
C GLN C 1452 -62.23 23.71 -29.01
N ASN C 1453 -63.38 24.13 -29.56
CA ASN C 1453 -64.02 25.36 -29.14
C ASN C 1453 -65.52 25.09 -29.06
N ASP C 1454 -66.35 26.12 -28.94
CA ASP C 1454 -67.79 25.96 -28.79
C ASP C 1454 -68.39 25.48 -30.11
N VAL C 1455 -68.98 24.28 -30.08
CA VAL C 1455 -69.59 23.66 -31.26
C VAL C 1455 -70.33 22.42 -30.81
N GLU C 1456 -69.95 21.27 -31.37
CA GLU C 1456 -70.55 20.01 -30.94
C GLU C 1456 -70.13 19.65 -29.52
N LEU C 1457 -68.90 20.01 -29.14
CA LEU C 1457 -68.43 19.73 -27.79
C LEU C 1457 -69.21 20.53 -26.75
N ASN C 1458 -69.75 21.69 -27.15
CA ASN C 1458 -70.54 22.49 -26.23
C ASN C 1458 -71.80 21.76 -25.78
N ARG C 1459 -72.44 21.04 -26.72
CA ARG C 1459 -73.63 20.28 -26.37
C ARG C 1459 -73.32 19.16 -25.39
N LEU C 1460 -72.19 18.48 -25.56
CA LEU C 1460 -71.83 17.38 -24.68
C LEU C 1460 -71.50 17.86 -23.28
N ASN C 1461 -71.07 19.11 -23.14
CA ASN C 1461 -70.67 19.62 -21.82
C ASN C 1461 -71.89 20.00 -20.99
N SER C 1462 -72.80 20.79 -21.56
CA SER C 1462 -73.96 21.25 -20.81
C SER C 1462 -74.92 20.10 -20.53
N ASN C 1463 -75.02 19.13 -21.44
CA ASN C 1463 -75.99 18.05 -21.28
C ASN C 1463 -75.55 17.05 -20.21
N LEU C 1464 -74.32 17.18 -19.73
CA LEU C 1464 -73.75 16.21 -18.80
C LEU C 1464 -74.56 16.10 -17.52
N HIS C 1465 -74.95 14.88 -17.18
CA HIS C 1465 -75.64 14.56 -15.93
C HIS C 1465 -75.05 13.30 -15.32
N ALA C 1466 -73.72 13.25 -15.25
CA ALA C 1466 -73.02 12.01 -14.93
C ALA C 1466 -73.35 11.51 -13.52
N CYS C 1467 -73.38 12.42 -12.55
CA CYS C 1467 -73.46 12.04 -11.14
C CYS C 1467 -74.86 11.55 -10.83
N ASP C 1468 -75.21 10.37 -11.33
CA ASP C 1468 -76.48 9.75 -11.01
C ASP C 1468 -76.27 8.41 -10.28
N SER C 1469 -75.53 7.51 -10.90
CA SER C 1469 -75.24 6.20 -10.31
C SER C 1469 -73.82 5.74 -10.55
N GLY C 1470 -72.98 6.57 -11.15
CA GLY C 1470 -71.60 6.19 -11.44
C GLY C 1470 -70.61 6.72 -10.44
N ALA C 1471 -69.40 6.15 -10.43
CA ALA C 1471 -68.37 6.60 -9.50
C ALA C 1471 -67.66 7.85 -10.02
N SER C 1472 -67.03 7.74 -11.19
CA SER C 1472 -66.29 8.86 -11.75
C SER C 1472 -66.25 8.74 -13.27
N ILE C 1473 -66.10 9.88 -13.93
CA ILE C 1473 -65.98 9.96 -15.38
C ILE C 1473 -65.16 11.19 -15.74
N ARG C 1474 -64.28 11.04 -16.73
CA ARG C 1474 -63.43 12.15 -17.13
C ARG C 1474 -62.84 11.85 -18.51
N TRP C 1475 -62.50 12.91 -19.23
CA TRP C 1475 -61.73 12.76 -20.46
C TRP C 1475 -60.32 12.26 -20.13
N GLN C 1476 -59.73 11.51 -21.05
CA GLN C 1476 -58.46 10.87 -20.76
C GLN C 1476 -57.58 10.85 -21.99
N VAL C 1477 -56.27 11.00 -21.77
CA VAL C 1477 -55.29 10.91 -22.83
C VAL C 1477 -55.21 9.47 -23.36
N VAL C 1478 -55.11 9.35 -24.68
CA VAL C 1478 -54.96 8.05 -25.34
C VAL C 1478 -53.48 7.74 -25.42
N ASP C 1479 -53.11 6.52 -25.00
CA ASP C 1479 -51.73 6.08 -25.00
C ASP C 1479 -51.71 4.56 -25.08
N ARG C 1480 -50.53 4.01 -25.39
CA ARG C 1480 -50.35 2.57 -25.51
C ARG C 1480 -49.82 2.06 -24.17
N ARG C 1481 -50.13 2.80 -23.11
CA ARG C 1481 -49.84 2.37 -21.75
C ARG C 1481 -50.99 2.76 -20.83
N ILE C 1482 -52.06 3.29 -21.42
CA ILE C 1482 -53.18 3.81 -20.62
C ILE C 1482 -53.91 2.64 -19.98
N PRO C 1483 -54.41 2.78 -18.74
CA PRO C 1483 -55.18 1.69 -18.14
C PRO C 1483 -56.54 1.53 -18.82
N LEU C 1484 -56.81 0.31 -19.26
CA LEU C 1484 -58.04 0.01 -19.98
C LEU C 1484 -58.21 -1.50 -20.09
N TYR C 1485 -59.43 -1.96 -20.38
CA TYR C 1485 -59.66 -3.38 -20.64
C TYR C 1485 -58.84 -3.81 -21.85
N ALA C 1486 -58.29 -5.03 -21.77
CA ALA C 1486 -57.48 -5.54 -22.87
C ALA C 1486 -58.29 -5.65 -24.16
N ASN C 1487 -59.55 -6.08 -24.06
CA ASN C 1487 -60.41 -6.08 -25.24
C ASN C 1487 -60.65 -4.68 -25.77
N HIS C 1488 -60.89 -3.72 -24.87
CA HIS C 1488 -61.15 -2.35 -25.28
C HIS C 1488 -59.90 -1.69 -25.86
N LYS C 1489 -58.72 -2.09 -25.41
CA LYS C 1489 -57.49 -1.55 -25.98
C LYS C 1489 -57.34 -1.93 -27.45
N THR C 1490 -57.86 -3.10 -27.84
CA THR C 1490 -57.84 -3.48 -29.25
C THR C 1490 -58.67 -2.54 -30.08
N LEU C 1491 -59.85 -2.13 -29.58
CA LEU C 1491 -60.67 -1.16 -30.29
C LEU C 1491 -59.96 0.18 -30.40
N LEU C 1492 -59.29 0.61 -29.33
CA LEU C 1492 -58.53 1.86 -29.39
C LEU C 1492 -57.39 1.76 -30.40
N GLN C 1493 -56.67 0.63 -30.42
CA GLN C 1493 -55.58 0.45 -31.36
C GLN C 1493 -56.07 0.33 -32.79
N LYS C 1494 -57.22 -0.30 -33.02
CA LYS C 1494 -57.73 -0.46 -34.38
C LYS C 1494 -58.33 0.84 -34.92
N ALA C 1495 -58.93 1.65 -34.06
CA ALA C 1495 -59.57 2.89 -34.48
C ALA C 1495 -58.62 4.09 -34.45
N ALA C 1496 -57.38 3.89 -33.99
CA ALA C 1496 -56.43 4.99 -33.94
C ALA C 1496 -55.90 5.38 -35.33
N ALA C 1497 -55.98 4.46 -36.30
CA ALA C 1497 -55.49 4.76 -37.64
C ALA C 1497 -56.45 5.68 -38.41
N GLU C 1498 -57.69 5.81 -37.95
CA GLU C 1498 -58.65 6.67 -38.63
C GLU C 1498 -58.38 8.15 -38.44
N PHE C 1499 -57.55 8.52 -37.46
CA PHE C 1499 -57.25 9.92 -37.20
C PHE C 1499 -55.77 10.21 -36.99
N GLY C 1500 -54.89 9.25 -37.24
CA GLY C 1500 -53.47 9.47 -37.08
C GLY C 1500 -53.00 9.65 -35.65
N ALA C 1501 -53.57 8.89 -34.71
CA ALA C 1501 -53.13 8.93 -33.33
C ALA C 1501 -51.81 8.17 -33.18
N HIS C 1502 -51.13 8.38 -32.05
CA HIS C 1502 -49.83 7.78 -31.81
C HIS C 1502 -50.02 6.33 -31.35
N TYR C 1503 -48.90 5.67 -31.08
CA TYR C 1503 -48.93 4.32 -30.51
C TYR C 1503 -47.56 3.95 -29.93
N GLN D 56 -22.37 49.15 -18.72
CA GLN D 56 -23.29 48.09 -19.15
C GLN D 56 -24.31 48.62 -20.15
N GLU D 57 -24.68 49.90 -20.00
CA GLU D 57 -25.61 50.53 -20.93
C GLU D 57 -25.03 50.70 -22.32
N SER D 58 -23.71 50.60 -22.47
CA SER D 58 -23.10 50.68 -23.79
C SER D 58 -23.60 49.56 -24.69
N LEU D 59 -23.70 48.35 -24.16
CA LEU D 59 -24.28 47.23 -24.90
C LEU D 59 -25.73 47.52 -25.27
N SER D 60 -26.51 48.02 -24.31
CA SER D 60 -27.93 48.27 -24.52
C SER D 60 -28.17 49.37 -25.55
N SER D 61 -27.22 50.27 -25.74
CA SER D 61 -27.36 51.26 -26.81
C SER D 61 -26.76 50.78 -28.12
N TRP D 62 -25.70 49.95 -28.06
CA TRP D 62 -25.00 49.53 -29.25
C TRP D 62 -25.76 48.48 -30.04
N ILE D 63 -26.40 47.52 -29.35
CA ILE D 63 -27.08 46.42 -30.04
C ILE D 63 -28.19 46.93 -30.95
N PRO D 64 -29.08 47.83 -30.52
CA PRO D 64 -30.09 48.35 -31.45
C PRO D 64 -29.51 49.13 -32.61
N GLU D 65 -28.29 49.66 -32.49
CA GLU D 65 -27.70 50.41 -33.59
C GLU D 65 -27.19 49.49 -34.70
N ASN D 66 -26.69 48.31 -34.33
CA ASN D 66 -25.96 47.47 -35.26
C ASN D 66 -26.80 46.31 -35.81
N ILE D 67 -27.34 45.48 -34.93
CA ILE D 67 -27.97 44.22 -35.31
C ILE D 67 -29.39 44.47 -35.79
N LYS D 68 -29.78 43.78 -36.86
CA LYS D 68 -31.10 43.88 -37.46
C LYS D 68 -31.86 42.57 -37.23
N LYS D 69 -33.13 42.56 -37.65
CA LYS D 69 -33.96 41.36 -37.52
C LYS D 69 -35.00 41.37 -38.62
N LYS D 70 -35.45 40.17 -39.00
CA LYS D 70 -36.35 39.99 -40.13
C LYS D 70 -37.81 39.92 -39.68
N GLU D 71 -38.68 40.42 -40.54
CA GLU D 71 -40.13 40.33 -40.32
C GLU D 71 -40.84 40.67 -41.63
N CYS D 72 -41.78 39.80 -42.03
CA CYS D 72 -42.54 40.03 -43.25
C CYS D 72 -43.49 41.21 -43.06
N VAL D 73 -43.73 41.95 -44.14
CA VAL D 73 -44.54 43.17 -44.07
C VAL D 73 -45.80 43.11 -44.92
N TYR D 74 -45.99 42.05 -45.72
CA TYR D 74 -47.14 41.98 -46.61
C TYR D 74 -47.88 40.67 -46.35
N PHE D 75 -49.21 40.71 -46.51
CA PHE D 75 -50.06 39.55 -46.26
C PHE D 75 -50.25 38.76 -47.54
N VAL D 76 -49.52 37.65 -47.66
CA VAL D 76 -49.71 36.72 -48.77
C VAL D 76 -50.25 35.40 -48.21
N GLU D 77 -51.58 35.27 -48.19
CA GLU D 77 -52.22 34.16 -47.52
C GLU D 77 -51.79 32.83 -48.14
N SER D 78 -51.41 31.88 -47.28
CA SER D 78 -50.98 30.57 -47.75
C SER D 78 -52.20 29.69 -48.08
N SER D 79 -52.09 28.94 -49.17
CA SER D 79 -53.17 28.04 -49.56
C SER D 79 -53.39 26.94 -48.53
N LYS D 80 -52.31 26.38 -48.00
CA LYS D 80 -52.40 25.30 -47.02
C LYS D 80 -52.51 25.88 -45.62
N LEU D 81 -53.70 25.80 -45.03
CA LEU D 81 -53.90 26.30 -43.68
C LEU D 81 -53.16 25.43 -42.67
N SER D 82 -52.52 26.08 -41.70
CA SER D 82 -51.79 25.37 -40.67
C SER D 82 -52.74 24.81 -39.62
N ASP D 83 -52.22 23.90 -38.81
CA ASP D 83 -52.99 23.31 -37.71
C ASP D 83 -53.28 24.40 -36.68
N ALA D 84 -54.55 24.81 -36.61
CA ALA D 84 -55.04 25.90 -35.77
C ALA D 84 -54.40 27.25 -36.12
N GLY D 85 -53.62 27.30 -37.20
CA GLY D 85 -53.01 28.53 -37.66
C GLY D 85 -53.46 28.90 -39.06
N LYS D 86 -54.76 28.73 -39.34
CA LYS D 86 -55.27 29.00 -40.68
C LYS D 86 -55.07 30.46 -41.08
N VAL D 87 -55.03 31.37 -40.12
CA VAL D 87 -54.79 32.79 -40.41
C VAL D 87 -53.27 32.97 -40.38
N VAL D 88 -52.64 32.66 -41.51
CA VAL D 88 -51.19 32.77 -41.66
C VAL D 88 -50.89 33.11 -43.11
N CYS D 89 -50.16 34.21 -43.32
CA CYS D 89 -49.80 34.64 -44.67
C CYS D 89 -48.43 34.07 -45.04
N GLN D 90 -48.38 32.74 -45.02
CA GLN D 90 -47.23 31.93 -45.41
C GLN D 90 -46.10 32.02 -44.39
N CYS D 91 -46.24 32.91 -43.42
CA CYS D 91 -45.35 32.93 -42.26
C CYS D 91 -46.12 32.94 -40.94
N GLY D 92 -47.19 33.73 -40.85
CA GLY D 92 -48.06 33.80 -39.69
C GLY D 92 -47.35 33.83 -38.36
N TYR D 93 -46.58 34.88 -38.08
CA TYR D 93 -45.78 34.89 -36.86
C TYR D 93 -46.62 35.30 -35.65
N THR D 94 -47.08 36.56 -35.62
CA THR D 94 -48.06 37.00 -34.61
C THR D 94 -48.98 38.04 -35.26
N HIS D 95 -50.06 37.55 -35.88
CA HIS D 95 -51.12 38.39 -36.45
C HIS D 95 -52.14 37.50 -37.14
N GLU D 96 -53.24 38.09 -37.63
CA GLU D 96 -54.09 37.37 -38.57
C GLU D 96 -53.35 37.11 -39.87
N GLN D 97 -52.36 37.93 -40.19
CA GLN D 97 -51.49 37.76 -41.35
C GLN D 97 -50.04 37.61 -40.91
N HIS D 98 -49.13 37.58 -41.87
CA HIS D 98 -47.70 37.51 -41.59
C HIS D 98 -47.10 38.92 -41.62
N LEU D 99 -47.46 39.70 -40.61
CA LEU D 99 -46.97 41.08 -40.52
C LEU D 99 -47.05 41.55 -39.08
N GLU D 100 -46.12 42.41 -38.69
CA GLU D 100 -46.12 43.04 -37.37
C GLU D 100 -46.65 44.47 -37.44
N GLU D 101 -47.18 44.88 -38.59
CA GLU D 101 -47.71 46.22 -38.79
C GLU D 101 -48.98 46.09 -39.63
N ALA D 102 -49.46 47.22 -40.15
CA ALA D 102 -50.66 47.21 -40.97
C ALA D 102 -50.41 46.42 -42.25
N THR D 103 -51.32 45.50 -42.57
CA THR D 103 -51.22 44.66 -43.77
C THR D 103 -51.79 45.44 -44.95
N LYS D 104 -51.10 46.50 -45.31
CA LYS D 104 -51.51 47.36 -46.42
C LYS D 104 -51.22 46.70 -47.75
N PRO D 105 -52.00 47.03 -48.79
CA PRO D 105 -51.71 46.49 -50.12
C PRO D 105 -50.32 46.88 -50.64
N HIS D 106 -49.79 48.02 -50.20
CA HIS D 106 -48.47 48.51 -50.63
C HIS D 106 -48.42 48.71 -52.14
N THR D 107 -49.55 49.09 -52.74
CA THR D 107 -49.67 49.41 -54.16
C THR D 107 -49.43 48.19 -55.04
N PHE D 108 -49.16 47.03 -54.43
CA PHE D 108 -48.94 45.80 -55.18
C PHE D 108 -49.17 44.62 -54.24
N GLN D 109 -50.24 43.86 -54.48
CA GLN D 109 -50.54 42.67 -53.70
C GLN D 109 -49.95 41.46 -54.43
N GLY D 110 -48.62 41.41 -54.45
CA GLY D 110 -47.92 40.36 -55.16
C GLY D 110 -48.10 38.98 -54.55
N THR D 111 -48.73 38.08 -55.30
CA THR D 111 -48.91 36.71 -54.83
C THR D 111 -47.56 36.02 -54.71
N GLN D 112 -47.41 35.20 -53.67
CA GLN D 112 -46.17 34.51 -53.36
C GLN D 112 -45.02 35.52 -53.22
N TRP D 113 -45.17 36.36 -52.21
CA TRP D 113 -44.22 37.44 -51.98
C TRP D 113 -42.80 36.89 -51.77
N ASP D 114 -41.85 37.45 -52.48
CA ASP D 114 -40.46 36.98 -52.37
C ASP D 114 -39.90 37.39 -51.02
N PRO D 115 -39.15 36.50 -50.35
CA PRO D 115 -38.54 36.89 -49.06
C PRO D 115 -37.56 38.05 -49.19
N LYS D 116 -36.87 38.17 -50.33
CA LYS D 116 -35.95 39.27 -50.51
C LYS D 116 -36.68 40.60 -50.63
N LYS D 117 -37.87 40.59 -51.25
CA LYS D 117 -38.61 41.82 -51.49
C LYS D 117 -39.60 42.14 -50.37
N HIS D 118 -40.19 41.12 -49.75
CA HIS D 118 -41.21 41.36 -48.74
C HIS D 118 -40.58 41.58 -47.36
N VAL D 119 -39.68 40.70 -46.96
CA VAL D 119 -39.09 40.76 -45.63
C VAL D 119 -38.05 41.87 -45.58
N GLN D 120 -38.15 42.71 -44.55
CA GLN D 120 -37.22 43.82 -44.33
C GLN D 120 -36.55 43.66 -42.98
N GLU D 121 -35.65 44.59 -42.67
CA GLU D 121 -34.87 44.53 -41.45
C GLU D 121 -35.17 45.72 -40.53
N MET D 122 -35.51 45.39 -39.29
CA MET D 122 -35.70 46.36 -38.22
C MET D 122 -34.60 46.21 -37.20
N PRO D 123 -34.23 47.29 -36.50
CA PRO D 123 -33.23 47.17 -35.45
C PRO D 123 -33.72 46.29 -34.31
N THR D 124 -32.77 45.57 -33.70
CA THR D 124 -33.07 44.59 -32.68
C THR D 124 -33.22 45.25 -31.30
N ASP D 125 -34.14 44.69 -30.50
CA ASP D 125 -34.30 45.09 -29.12
C ASP D 125 -34.49 43.90 -28.18
N ALA D 126 -34.46 42.67 -28.71
CA ALA D 126 -34.72 41.46 -27.93
C ALA D 126 -33.47 40.91 -27.26
N PHE D 127 -32.48 41.74 -27.00
CA PHE D 127 -31.25 41.29 -26.36
C PHE D 127 -31.44 41.23 -24.85
N GLY D 128 -30.35 41.02 -24.11
CA GLY D 128 -30.41 41.00 -22.66
C GLY D 128 -29.85 39.74 -22.04
N ASP D 129 -30.39 39.36 -20.88
CA ASP D 129 -29.97 38.18 -20.15
C ASP D 129 -31.20 37.35 -19.79
N ILE D 130 -30.97 36.09 -19.43
CA ILE D 130 -32.04 35.18 -19.03
C ILE D 130 -31.63 34.45 -17.76
N VAL D 131 -32.60 34.23 -16.87
CA VAL D 131 -32.43 33.34 -15.73
C VAL D 131 -33.62 32.39 -15.71
N PHE D 132 -33.33 31.09 -15.72
CA PHE D 132 -34.38 30.08 -15.71
C PHE D 132 -35.04 30.04 -14.33
N THR D 133 -36.37 30.00 -14.34
CA THR D 133 -37.16 30.12 -13.11
C THR D 133 -37.04 28.84 -12.30
N GLY D 134 -36.11 28.82 -11.35
CA GLY D 134 -35.96 27.73 -10.42
C GLY D 134 -35.09 26.59 -10.89
N LEU D 135 -34.79 26.51 -12.18
CA LEU D 135 -33.94 25.42 -12.67
C LEU D 135 -32.47 25.66 -12.35
N SER D 136 -32.04 26.92 -12.35
CA SER D 136 -30.65 27.27 -12.06
C SER D 136 -30.64 28.59 -11.31
N GLN D 137 -29.43 29.07 -11.00
CA GLN D 137 -29.26 30.35 -10.32
C GLN D 137 -28.33 31.31 -11.04
N LYS D 138 -27.54 30.85 -12.02
CA LYS D 138 -26.64 31.72 -12.75
C LYS D 138 -27.40 32.49 -13.84
N VAL D 139 -26.70 33.44 -14.45
CA VAL D 139 -27.26 34.27 -15.51
C VAL D 139 -26.64 33.85 -16.84
N LYS D 140 -27.45 33.92 -17.90
CA LYS D 140 -27.02 33.51 -19.23
C LYS D 140 -27.30 34.63 -20.22
N LYS D 141 -26.36 34.84 -21.13
CA LYS D 141 -26.48 35.88 -22.15
C LYS D 141 -27.16 35.33 -23.39
N TYR D 142 -27.88 36.21 -24.10
CA TYR D 142 -28.56 35.82 -25.32
C TYR D 142 -28.75 37.05 -26.18
N VAL D 143 -28.63 36.86 -27.50
CA VAL D 143 -28.80 37.93 -28.47
C VAL D 143 -29.58 37.39 -29.67
N ARG D 144 -30.60 38.13 -30.10
CA ARG D 144 -31.33 37.82 -31.32
C ARG D 144 -30.67 38.52 -32.49
N VAL D 145 -30.30 37.76 -33.51
CA VAL D 145 -29.50 38.25 -34.62
C VAL D 145 -30.23 37.99 -35.93
N SER D 146 -29.91 38.79 -36.94
CA SER D 146 -30.53 38.67 -38.25
C SER D 146 -30.01 37.44 -38.99
N GLN D 147 -30.71 37.09 -40.07
CA GLN D 147 -30.28 35.98 -40.92
C GLN D 147 -28.93 36.28 -41.57
N ASP D 148 -28.79 37.49 -42.13
CA ASP D 148 -27.54 37.92 -42.75
C ASP D 148 -26.90 38.99 -41.89
N THR D 149 -25.78 38.65 -41.25
CA THR D 149 -25.06 39.56 -40.38
C THR D 149 -23.57 39.27 -40.52
N PRO D 150 -22.74 40.29 -40.72
CA PRO D 150 -21.29 40.06 -40.78
C PRO D 150 -20.79 39.45 -39.48
N SER D 151 -19.89 38.47 -39.61
CA SER D 151 -19.37 37.79 -38.44
C SER D 151 -18.47 38.68 -37.60
N SER D 152 -17.91 39.74 -38.19
CA SER D 152 -17.08 40.66 -37.43
C SER D 152 -17.86 41.35 -36.32
N VAL D 153 -19.10 41.76 -36.61
CA VAL D 153 -19.93 42.42 -35.62
C VAL D 153 -20.23 41.47 -34.46
N ILE D 154 -20.60 40.23 -34.79
CA ILE D 154 -20.91 39.25 -33.76
C ILE D 154 -19.69 38.96 -32.90
N TYR D 155 -18.52 38.79 -33.53
CA TYR D 155 -17.31 38.51 -32.77
C TYR D 155 -16.94 39.68 -31.88
N HIS D 156 -17.03 40.91 -32.40
CA HIS D 156 -16.77 42.08 -31.57
C HIS D 156 -17.72 42.16 -30.40
N LEU D 157 -18.99 41.83 -30.62
CA LEU D 157 -19.94 41.80 -29.51
C LEU D 157 -19.52 40.81 -28.44
N MET D 158 -19.23 39.56 -28.85
CA MET D 158 -18.95 38.53 -27.84
C MET D 158 -17.62 38.76 -27.16
N THR D 159 -16.70 39.49 -27.79
CA THR D 159 -15.41 39.77 -27.15
C THR D 159 -15.49 40.97 -26.23
N GLN D 160 -15.98 42.11 -26.72
CA GLN D 160 -15.99 43.33 -25.92
C GLN D 160 -17.17 43.36 -24.95
N HIS D 161 -18.38 43.23 -25.47
CA HIS D 161 -19.59 43.44 -24.68
C HIS D 161 -20.01 42.21 -23.91
N TRP D 162 -19.32 41.08 -24.07
CA TRP D 162 -19.63 39.87 -23.31
C TRP D 162 -18.47 39.36 -22.46
N GLY D 163 -17.29 39.95 -22.57
CA GLY D 163 -16.16 39.56 -21.73
C GLY D 163 -15.68 38.14 -21.97
N LEU D 164 -15.57 37.73 -23.22
CA LEU D 164 -15.09 36.41 -23.59
C LEU D 164 -13.76 36.57 -24.34
N ASP D 165 -12.72 35.90 -23.85
CA ASP D 165 -11.40 35.99 -24.45
C ASP D 165 -11.32 35.09 -25.69
N VAL D 166 -10.21 35.20 -26.40
CA VAL D 166 -10.01 34.36 -27.59
C VAL D 166 -9.88 32.91 -27.17
N PRO D 167 -10.54 31.98 -27.86
CA PRO D 167 -10.47 30.57 -27.46
C PRO D 167 -9.20 29.88 -27.93
N ASN D 168 -9.10 28.58 -27.63
CA ASN D 168 -7.98 27.75 -28.07
C ASN D 168 -8.43 26.61 -28.97
N LEU D 169 -9.64 26.09 -28.79
CA LEU D 169 -10.18 25.03 -29.62
C LEU D 169 -11.64 25.33 -29.89
N LEU D 170 -12.09 25.01 -31.11
CA LEU D 170 -13.47 25.25 -31.52
C LEU D 170 -14.06 23.91 -31.98
N ILE D 171 -14.72 23.22 -31.04
CA ILE D 171 -15.37 21.95 -31.32
C ILE D 171 -16.87 22.20 -31.48
N SER D 172 -17.42 21.75 -32.61
CA SER D 172 -18.84 21.91 -32.90
C SER D 172 -19.49 20.53 -32.91
N VAL D 173 -20.35 20.26 -31.93
CA VAL D 173 -21.04 18.99 -31.82
C VAL D 173 -22.45 19.15 -32.38
N THR D 174 -22.85 18.20 -33.22
CA THR D 174 -24.18 18.20 -33.81
C THR D 174 -24.67 16.77 -33.95
N GLY D 175 -25.99 16.61 -33.92
CA GLY D 175 -26.56 15.28 -34.01
C GLY D 175 -28.07 15.35 -34.01
N GLY D 176 -28.69 14.17 -33.86
CA GLY D 176 -30.14 14.08 -33.87
C GLY D 176 -30.75 14.79 -32.67
N ALA D 177 -31.79 15.58 -32.94
CA ALA D 177 -32.45 16.35 -31.88
C ALA D 177 -33.67 15.62 -31.32
N LYS D 178 -34.67 15.35 -32.17
CA LYS D 178 -35.94 14.83 -31.70
C LYS D 178 -35.94 13.32 -31.52
N ASN D 179 -35.40 12.57 -32.47
CA ASN D 179 -35.40 11.11 -32.44
C ASN D 179 -33.96 10.62 -32.37
N PHE D 180 -33.44 10.49 -31.15
CA PHE D 180 -32.08 10.03 -30.91
C PHE D 180 -32.11 8.87 -29.93
N ASN D 181 -31.50 7.75 -30.31
CA ASN D 181 -31.37 6.58 -29.45
C ASN D 181 -29.89 6.23 -29.33
N MET D 182 -29.47 5.94 -28.10
CA MET D 182 -28.05 5.76 -27.81
C MET D 182 -27.83 4.52 -26.96
N LYS D 183 -26.70 3.85 -27.21
CA LYS D 183 -26.29 2.74 -26.37
C LYS D 183 -25.47 3.24 -25.18
N PRO D 184 -25.42 2.48 -24.08
CA PRO D 184 -24.66 2.95 -22.90
C PRO D 184 -23.19 3.21 -23.18
N ARG D 185 -22.55 2.40 -24.03
CA ARG D 185 -21.18 2.67 -24.42
C ARG D 185 -21.08 4.00 -25.15
N LEU D 186 -22.09 4.32 -25.96
CA LEU D 186 -22.14 5.62 -26.61
C LEU D 186 -22.30 6.75 -25.60
N LYS D 187 -23.11 6.53 -24.57
CA LYS D 187 -23.34 7.58 -23.57
C LYS D 187 -22.08 7.83 -22.74
N SER D 188 -21.32 6.78 -22.45
CA SER D 188 -20.12 6.93 -21.62
C SER D 188 -19.09 7.83 -22.28
N ILE D 189 -18.96 7.74 -23.60
CA ILE D 189 -17.89 8.49 -24.27
C ILE D 189 -18.20 9.99 -24.23
N PHE D 190 -19.47 10.37 -24.37
CA PHE D 190 -19.86 11.75 -24.13
C PHE D 190 -19.69 12.13 -22.67
N ARG D 191 -19.97 11.19 -21.76
CA ARG D 191 -19.86 11.50 -20.34
C ARG D 191 -18.43 11.82 -19.95
N ARG D 192 -17.45 11.23 -20.64
CA ARG D 192 -16.06 11.39 -20.24
C ARG D 192 -15.21 12.22 -21.19
N GLY D 193 -15.10 11.81 -22.46
CA GLY D 193 -14.05 12.34 -23.30
C GLY D 193 -14.30 13.77 -23.74
N LEU D 194 -15.57 14.10 -24.03
CA LEU D 194 -15.89 15.47 -24.41
C LEU D 194 -15.59 16.43 -23.27
N VAL D 195 -15.91 16.02 -22.04
CA VAL D 195 -15.59 16.84 -20.88
C VAL D 195 -14.08 16.99 -20.72
N LYS D 196 -13.33 15.90 -20.89
CA LYS D 196 -11.88 15.99 -20.77
C LYS D 196 -11.28 16.92 -21.81
N VAL D 197 -11.73 16.86 -23.07
CA VAL D 197 -11.19 17.76 -24.08
C VAL D 197 -11.68 19.19 -23.87
N ALA D 198 -12.83 19.39 -23.24
CA ALA D 198 -13.31 20.73 -22.99
C ALA D 198 -12.59 21.43 -21.84
N GLN D 199 -12.23 20.68 -20.79
CA GLN D 199 -11.73 21.33 -19.59
C GLN D 199 -10.22 21.54 -19.57
N THR D 200 -9.48 20.89 -20.48
CA THR D 200 -8.03 21.11 -20.51
C THR D 200 -7.67 22.27 -21.44
N THR D 201 -8.01 22.16 -22.73
CA THR D 201 -7.62 23.17 -23.70
C THR D 201 -8.41 24.46 -23.57
N GLY D 202 -9.44 24.50 -22.74
CA GLY D 202 -10.31 25.66 -22.66
C GLY D 202 -11.03 25.89 -23.97
N ALA D 203 -11.60 24.80 -24.52
CA ALA D 203 -12.24 24.84 -25.82
C ALA D 203 -13.54 25.64 -25.75
N TRP D 204 -14.21 25.74 -26.90
CA TRP D 204 -15.47 26.48 -27.05
C TRP D 204 -16.50 25.49 -27.59
N ILE D 205 -17.40 25.04 -26.72
CA ILE D 205 -18.43 24.10 -27.12
C ILE D 205 -19.54 24.88 -27.82
N ILE D 206 -19.64 24.75 -29.13
CA ILE D 206 -20.66 25.41 -29.93
C ILE D 206 -21.59 24.34 -30.51
N THR D 207 -22.89 24.52 -30.32
CA THR D 207 -23.88 23.57 -30.79
C THR D 207 -25.22 24.25 -30.90
N GLY D 208 -26.24 23.48 -31.26
CA GLY D 208 -27.58 24.01 -31.34
C GLY D 208 -28.20 24.16 -29.95
N GLY D 209 -29.04 25.17 -29.80
CA GLY D 209 -29.73 25.39 -28.55
C GLY D 209 -31.15 24.89 -28.54
N SER D 210 -31.37 23.71 -27.96
CA SER D 210 -32.70 23.14 -27.84
C SER D 210 -32.70 22.12 -26.71
N HIS D 211 -33.90 21.70 -26.31
CA HIS D 211 -34.09 20.86 -25.13
C HIS D 211 -34.21 19.38 -25.45
N THR D 212 -33.72 18.93 -26.61
CA THR D 212 -33.83 17.53 -27.00
C THR D 212 -32.51 16.99 -27.56
N GLY D 213 -32.10 15.83 -27.05
CA GLY D 213 -31.16 14.99 -27.77
C GLY D 213 -29.70 15.16 -27.38
N VAL D 214 -28.83 15.04 -28.39
CA VAL D 214 -27.39 15.02 -28.15
C VAL D 214 -26.94 16.30 -27.46
N MET D 215 -27.58 17.42 -27.79
CA MET D 215 -27.28 18.66 -27.08
C MET D 215 -27.73 18.60 -25.62
N LYS D 216 -28.78 17.83 -25.31
CA LYS D 216 -29.11 17.58 -23.91
C LYS D 216 -28.04 16.75 -23.22
N GLN D 217 -27.49 15.74 -23.91
CA GLN D 217 -26.37 15.00 -23.33
C GLN D 217 -25.17 15.91 -23.10
N VAL D 218 -24.89 16.81 -24.04
CA VAL D 218 -23.80 17.76 -23.86
C VAL D 218 -24.06 18.67 -22.67
N GLY D 219 -25.31 19.15 -22.53
CA GLY D 219 -25.64 20.02 -21.41
C GLY D 219 -25.51 19.32 -20.07
N GLU D 220 -25.97 18.08 -19.97
CA GLU D 220 -25.83 17.38 -18.70
C GLU D 220 -24.36 17.05 -18.40
N ALA D 221 -23.59 16.66 -19.43
CA ALA D 221 -22.18 16.39 -19.26
C ALA D 221 -21.36 17.64 -18.96
N VAL D 222 -21.88 18.83 -19.26
CA VAL D 222 -21.16 20.04 -18.88
C VAL D 222 -21.64 20.60 -17.54
N ARG D 223 -22.88 20.32 -17.14
CA ARG D 223 -23.32 20.79 -15.82
C ARG D 223 -22.78 19.91 -14.72
N ASP D 224 -22.71 18.58 -14.94
CA ASP D 224 -22.29 17.69 -13.87
C ASP D 224 -20.80 17.85 -13.58
N PHE D 225 -20.00 18.20 -14.59
CA PHE D 225 -18.59 18.49 -14.34
C PHE D 225 -18.43 19.75 -13.51
N SER D 226 -19.20 20.80 -13.82
CA SER D 226 -19.14 22.02 -13.03
C SER D 226 -19.59 21.79 -11.59
N LEU D 227 -20.64 20.99 -11.40
CA LEU D 227 -21.09 20.69 -10.04
C LEU D 227 -20.07 19.84 -9.30
N SER D 228 -19.48 18.85 -9.98
CA SER D 228 -18.50 17.96 -9.36
C SER D 228 -17.13 18.61 -9.20
N SER D 229 -16.86 19.70 -9.91
CA SER D 229 -15.60 20.42 -9.71
C SER D 229 -15.56 21.14 -8.37
N SER D 230 -16.69 21.24 -7.68
CA SER D 230 -16.79 21.87 -6.37
C SER D 230 -16.31 23.33 -6.41
N TYR D 231 -16.95 24.10 -7.28
CA TYR D 231 -16.65 25.53 -7.44
C TYR D 231 -15.20 25.76 -7.82
N LYS D 232 -14.71 25.00 -8.80
CA LYS D 232 -13.35 25.18 -9.30
C LYS D 232 -13.26 26.44 -10.16
N GLU D 233 -12.06 26.99 -10.25
CA GLU D 233 -11.84 28.19 -11.05
C GLU D 233 -12.00 27.89 -12.53
N GLY D 234 -12.76 28.77 -13.20
CA GLY D 234 -13.03 28.60 -14.62
C GLY D 234 -14.10 27.57 -14.91
N GLU D 235 -14.88 27.81 -15.95
CA GLU D 235 -15.96 26.90 -16.35
C GLU D 235 -15.90 26.65 -17.84
N LEU D 236 -16.33 25.47 -18.26
CA LEU D 236 -16.35 25.10 -19.68
C LEU D 236 -17.45 25.92 -20.36
N ILE D 237 -17.03 26.94 -21.11
CA ILE D 237 -17.99 27.83 -21.75
C ILE D 237 -18.66 27.11 -22.92
N THR D 238 -19.98 27.27 -23.02
CA THR D 238 -20.76 26.66 -24.09
C THR D 238 -21.68 27.71 -24.68
N ILE D 239 -21.68 27.82 -26.01
CA ILE D 239 -22.52 28.77 -26.73
C ILE D 239 -23.48 27.99 -27.62
N GLY D 240 -24.75 28.33 -27.57
CA GLY D 240 -25.78 27.68 -28.35
C GLY D 240 -26.32 28.58 -29.43
N VAL D 241 -26.56 28.02 -30.61
CA VAL D 241 -27.11 28.75 -31.74
C VAL D 241 -28.34 28.00 -32.24
N ALA D 242 -29.49 28.68 -32.22
CA ALA D 242 -30.73 28.11 -32.69
C ALA D 242 -31.53 29.19 -33.42
N THR D 243 -32.42 28.75 -34.30
CA THR D 243 -33.24 29.69 -35.05
C THR D 243 -34.28 30.33 -34.14
N TRP D 244 -34.50 31.63 -34.36
CA TRP D 244 -35.44 32.39 -33.53
C TRP D 244 -36.89 32.01 -33.78
N GLY D 245 -37.19 31.46 -34.96
CA GLY D 245 -38.57 31.13 -35.28
C GLY D 245 -39.14 30.03 -34.41
N THR D 246 -38.35 29.01 -34.13
CA THR D 246 -38.84 27.82 -33.41
C THR D 246 -38.51 27.92 -31.93
N VAL D 247 -39.16 28.88 -31.25
CA VAL D 247 -39.06 29.04 -29.81
C VAL D 247 -40.46 29.02 -29.22
N HIS D 248 -40.64 28.24 -28.15
CA HIS D 248 -41.96 28.06 -27.57
C HIS D 248 -42.48 29.34 -26.94
N ARG D 249 -41.75 29.89 -25.98
CA ARG D 249 -42.20 31.02 -25.17
C ARG D 249 -41.35 32.26 -25.40
N ARG D 250 -41.03 32.55 -26.67
CA ARG D 250 -40.29 33.76 -26.99
C ARG D 250 -41.11 35.03 -26.84
N GLU D 251 -42.42 34.92 -26.64
CA GLU D 251 -43.26 36.09 -26.45
C GLU D 251 -42.89 36.89 -25.22
N GLY D 252 -42.42 36.23 -24.16
CA GLY D 252 -41.94 36.95 -22.99
C GLY D 252 -40.52 37.46 -23.11
N LEU D 253 -39.75 36.95 -24.06
CA LEU D 253 -38.37 37.38 -24.24
C LEU D 253 -38.27 38.74 -24.91
N ILE D 254 -39.23 39.09 -25.76
CA ILE D 254 -39.19 40.35 -26.48
C ILE D 254 -39.46 41.50 -25.48
N HIS D 255 -38.55 42.46 -25.45
CA HIS D 255 -38.66 43.62 -24.60
C HIS D 255 -38.19 44.86 -25.35
N PRO D 256 -39.01 45.91 -25.45
CA PRO D 256 -38.56 47.10 -26.20
C PRO D 256 -37.31 47.74 -25.62
N THR D 257 -37.13 47.71 -24.31
CA THR D 257 -35.96 48.31 -23.68
C THR D 257 -34.93 47.24 -23.35
N GLY D 258 -33.82 47.67 -22.76
CA GLY D 258 -32.78 46.74 -22.36
C GLY D 258 -33.21 45.87 -21.20
N SER D 259 -33.44 44.59 -21.47
CA SER D 259 -33.95 43.65 -20.47
C SER D 259 -32.78 42.85 -19.90
N PHE D 260 -31.96 43.52 -19.08
CA PHE D 260 -30.90 42.82 -18.39
C PHE D 260 -31.52 41.86 -17.38
N PRO D 261 -32.50 42.28 -16.55
CA PRO D 261 -33.32 41.29 -15.84
C PRO D 261 -34.34 40.63 -16.77
N ALA D 262 -34.52 39.32 -16.64
CA ALA D 262 -35.55 38.62 -17.40
C ALA D 262 -35.74 37.23 -16.80
N GLU D 263 -36.91 36.66 -17.05
CA GLU D 263 -37.25 35.33 -16.57
C GLU D 263 -37.89 34.53 -17.69
N TYR D 264 -37.37 33.34 -17.95
CA TYR D 264 -37.91 32.43 -18.94
C TYR D 264 -38.19 31.10 -18.26
N ILE D 265 -39.43 30.64 -18.33
CA ILE D 265 -39.84 29.38 -17.73
C ILE D 265 -40.04 28.37 -18.85
N LEU D 266 -39.41 27.21 -18.73
CA LEU D 266 -39.53 26.17 -19.74
C LEU D 266 -40.65 25.20 -19.38
N ASP D 267 -41.30 24.69 -20.41
CA ASP D 267 -42.41 23.73 -20.24
C ASP D 267 -42.34 22.74 -21.39
N GLU D 268 -42.24 21.45 -21.05
CA GLU D 268 -42.15 20.39 -22.04
C GLU D 268 -43.50 19.84 -22.45
N ASP D 269 -44.59 20.51 -22.07
CA ASP D 269 -45.95 20.03 -22.39
C ASP D 269 -46.45 20.64 -23.70
N GLY D 270 -46.43 21.96 -23.81
CA GLY D 270 -46.92 22.63 -24.99
C GLY D 270 -45.92 22.71 -26.12
N GLN D 271 -45.32 21.58 -26.47
CA GLN D 271 -44.32 21.51 -27.54
C GLN D 271 -45.02 21.02 -28.80
N GLY D 272 -45.33 21.96 -29.70
CA GLY D 272 -45.92 21.61 -30.98
C GLY D 272 -44.84 21.41 -32.02
N ASN D 273 -44.88 22.21 -33.09
CA ASN D 273 -43.77 22.22 -34.04
C ASN D 273 -42.56 22.93 -33.45
N LEU D 274 -42.76 23.65 -32.35
CA LEU D 274 -41.70 24.42 -31.71
C LEU D 274 -40.87 23.52 -30.81
N THR D 275 -39.92 24.12 -30.09
CA THR D 275 -39.08 23.40 -29.15
C THR D 275 -38.59 24.37 -28.09
N CYS D 276 -38.18 23.82 -26.95
CA CYS D 276 -37.67 24.60 -25.84
C CYS D 276 -36.16 24.79 -25.98
N LEU D 277 -35.63 25.70 -25.17
CA LEU D 277 -34.20 25.93 -25.11
C LEU D 277 -33.57 25.07 -24.01
N ASP D 278 -32.25 24.96 -24.06
CA ASP D 278 -31.51 24.24 -23.04
C ASP D 278 -31.22 25.16 -21.85
N SER D 279 -31.14 24.55 -20.67
CA SER D 279 -30.91 25.29 -19.43
C SER D 279 -29.45 25.21 -18.98
N ASN D 280 -28.56 24.74 -19.84
CA ASN D 280 -27.16 24.56 -19.47
C ASN D 280 -26.18 25.36 -20.31
N HIS D 281 -26.57 25.81 -21.50
CA HIS D 281 -25.67 26.62 -22.32
C HIS D 281 -25.45 27.99 -21.68
N SER D 282 -24.20 28.45 -21.71
CA SER D 282 -23.86 29.72 -21.10
C SER D 282 -24.21 30.92 -21.97
N HIS D 283 -24.18 30.77 -23.29
CA HIS D 283 -24.53 31.85 -24.21
C HIS D 283 -25.47 31.33 -25.28
N PHE D 284 -26.36 32.20 -25.75
CA PHE D 284 -27.36 31.84 -26.74
C PHE D 284 -27.35 32.85 -27.88
N ILE D 285 -27.50 32.34 -29.10
CA ILE D 285 -27.63 33.17 -30.29
C ILE D 285 -28.87 32.72 -31.04
N LEU D 286 -29.79 33.65 -31.29
CA LEU D 286 -31.06 33.35 -31.93
C LEU D 286 -31.10 34.03 -33.30
N VAL D 287 -30.99 33.24 -34.36
CA VAL D 287 -31.04 33.78 -35.71
C VAL D 287 -32.48 33.72 -36.22
N ASP D 288 -32.95 34.82 -36.79
CA ASP D 288 -34.29 34.90 -37.35
C ASP D 288 -34.23 35.10 -38.86
N ASP D 289 -35.25 34.57 -39.53
CA ASP D 289 -35.34 34.65 -40.98
C ASP D 289 -36.73 35.04 -41.49
N GLY D 290 -37.67 35.39 -40.62
CA GLY D 290 -39.01 35.73 -41.02
C GLY D 290 -39.99 34.57 -40.98
N THR D 291 -39.51 33.35 -41.19
CA THR D 291 -40.37 32.19 -41.13
C THR D 291 -40.65 31.80 -39.68
N HIS D 292 -41.57 30.85 -39.51
CA HIS D 292 -42.00 30.42 -38.18
C HIS D 292 -41.58 28.98 -37.89
N GLY D 293 -41.94 28.03 -38.76
CA GLY D 293 -41.63 26.63 -38.53
C GLY D 293 -40.48 26.11 -39.36
N GLN D 294 -39.68 27.02 -39.92
CA GLN D 294 -38.56 26.62 -40.76
C GLN D 294 -37.47 25.95 -39.93
N TYR D 295 -36.91 24.87 -40.48
CA TYR D 295 -35.85 24.10 -39.83
C TYR D 295 -34.60 24.17 -40.71
N GLY D 296 -33.52 24.72 -40.16
CA GLY D 296 -32.27 24.79 -40.88
C GLY D 296 -31.85 26.19 -41.25
N VAL D 297 -32.35 27.19 -40.53
CA VAL D 297 -32.04 28.58 -40.82
C VAL D 297 -30.84 29.02 -39.99
N GLU D 298 -30.21 28.08 -39.30
CA GLU D 298 -29.07 28.37 -38.46
C GLU D 298 -27.77 27.72 -38.93
N ILE D 299 -27.85 26.70 -39.78
CA ILE D 299 -26.67 25.98 -40.27
C ILE D 299 -25.74 26.91 -41.05
N PRO D 300 -26.21 27.66 -42.06
CA PRO D 300 -25.27 28.51 -42.80
C PRO D 300 -24.65 29.61 -41.95
N LEU D 301 -25.41 30.23 -41.05
CA LEU D 301 -24.85 31.28 -40.20
C LEU D 301 -23.78 30.71 -39.26
N ARG D 302 -24.06 29.54 -38.67
CA ARG D 302 -23.08 28.92 -37.79
C ARG D 302 -21.81 28.54 -38.56
N THR D 303 -21.98 27.97 -39.75
CA THR D 303 -20.83 27.58 -40.56
C THR D 303 -19.99 28.80 -40.95
N ARG D 304 -20.65 29.90 -41.33
CA ARG D 304 -19.91 31.10 -41.71
C ARG D 304 -19.21 31.74 -40.53
N LEU D 305 -19.87 31.79 -39.37
CA LEU D 305 -19.27 32.42 -38.20
C LEU D 305 -18.12 31.59 -37.64
N GLU D 306 -18.22 30.26 -37.74
CA GLU D 306 -17.19 29.40 -37.19
C GLU D 306 -15.86 29.58 -37.92
N LYS D 307 -15.90 29.65 -39.26
CA LYS D 307 -14.69 29.87 -40.03
C LYS D 307 -14.06 31.23 -39.71
N PHE D 308 -14.90 32.27 -39.60
CA PHE D 308 -14.38 33.59 -39.27
C PHE D 308 -13.72 33.60 -37.89
N ILE D 309 -14.33 32.94 -36.91
CA ILE D 309 -13.75 32.87 -35.57
C ILE D 309 -12.42 32.11 -35.62
N SER D 310 -12.37 31.01 -36.37
CA SER D 310 -11.19 30.15 -36.32
C SER D 310 -10.02 30.76 -37.09
N GLU D 311 -10.27 31.42 -38.22
CA GLU D 311 -9.22 31.74 -39.18
C GLU D 311 -9.10 33.22 -39.49
N GLN D 312 -9.66 34.11 -38.66
CA GLN D 312 -9.58 35.54 -38.93
C GLN D 312 -9.30 36.41 -37.70
N THR D 313 -8.82 35.84 -36.60
CA THR D 313 -8.53 36.64 -35.41
C THR D 313 -7.07 36.63 -34.98
N LYS D 314 -6.50 35.46 -34.74
CA LYS D 314 -5.21 35.35 -34.07
C LYS D 314 -4.09 35.60 -35.06
N GLU D 315 -3.36 36.69 -34.87
CA GLU D 315 -2.17 37.03 -35.68
C GLU D 315 -1.13 37.57 -34.71
N ARG D 316 -0.30 36.69 -34.18
CA ARG D 316 0.72 37.05 -33.20
C ARG D 316 2.08 36.73 -33.80
N GLY D 317 2.80 37.78 -34.21
CA GLY D 317 4.13 37.61 -34.77
C GLY D 317 4.14 36.87 -36.08
N GLY D 318 3.53 37.44 -37.10
CA GLY D 318 3.48 36.83 -38.41
C GLY D 318 2.26 37.30 -39.17
N VAL D 319 1.91 36.54 -40.22
CA VAL D 319 0.76 36.90 -41.04
C VAL D 319 -0.54 36.61 -40.28
N ALA D 320 -0.77 35.34 -39.94
CA ALA D 320 -1.96 34.95 -39.22
C ALA D 320 -1.71 33.62 -38.51
N ILE D 321 -2.53 33.34 -37.51
CA ILE D 321 -2.49 32.07 -36.79
C ILE D 321 -3.91 31.52 -36.72
N LYS D 322 -4.13 30.37 -37.34
CA LYS D 322 -5.46 29.78 -37.44
C LYS D 322 -5.70 28.84 -36.26
N ILE D 323 -6.77 29.11 -35.51
CA ILE D 323 -7.14 28.30 -34.36
C ILE D 323 -7.66 26.96 -34.86
N PRO D 324 -7.38 25.85 -34.17
CA PRO D 324 -7.90 24.55 -34.60
C PRO D 324 -9.42 24.51 -34.49
N ILE D 325 -10.03 23.71 -35.38
CA ILE D 325 -11.48 23.67 -35.51
C ILE D 325 -11.90 22.22 -35.74
N VAL D 326 -12.93 21.77 -35.03
CA VAL D 326 -13.40 20.39 -35.07
C VAL D 326 -14.91 20.36 -35.26
N CYS D 327 -15.37 19.56 -36.21
CA CYS D 327 -16.77 19.22 -36.32
C CYS D 327 -16.94 17.72 -36.14
N VAL D 328 -17.83 17.34 -35.22
CA VAL D 328 -18.03 15.94 -34.86
C VAL D 328 -19.53 15.64 -34.82
N VAL D 329 -19.88 14.42 -35.23
CA VAL D 329 -21.26 13.98 -35.28
C VAL D 329 -21.39 12.65 -34.54
N LEU D 330 -22.59 12.38 -34.04
CA LEU D 330 -22.91 11.10 -33.42
C LEU D 330 -23.99 10.36 -34.19
N GLU D 331 -25.13 10.99 -34.43
CA GLU D 331 -26.22 10.42 -35.20
C GLU D 331 -27.20 11.52 -35.53
N GLY D 332 -27.65 11.57 -36.79
CA GLY D 332 -28.53 12.63 -37.21
C GLY D 332 -29.44 12.21 -38.34
N GLY D 333 -29.80 13.18 -39.17
CA GLY D 333 -30.69 12.94 -40.29
C GLY D 333 -30.49 13.93 -41.41
N PRO D 334 -31.59 14.43 -41.98
CA PRO D 334 -31.48 15.36 -43.12
C PRO D 334 -30.73 16.63 -42.81
N GLY D 335 -30.84 17.18 -41.59
CA GLY D 335 -30.09 18.37 -41.25
C GLY D 335 -28.62 18.11 -41.03
N THR D 336 -28.28 16.93 -40.51
CA THR D 336 -26.89 16.58 -40.26
C THR D 336 -26.09 16.48 -41.56
N LEU D 337 -26.68 15.88 -42.60
CA LEU D 337 -25.99 15.80 -43.89
C LEU D 337 -25.73 17.18 -44.45
N HIS D 338 -26.73 18.07 -44.38
CA HIS D 338 -26.54 19.44 -44.86
C HIS D 338 -25.48 20.18 -44.05
N THR D 339 -25.48 20.00 -42.73
CA THR D 339 -24.48 20.65 -41.89
C THR D 339 -23.08 20.18 -42.24
N ILE D 340 -22.91 18.87 -42.40
CA ILE D 340 -21.58 18.33 -42.74
C ILE D 340 -21.15 18.81 -44.12
N ASP D 341 -22.06 18.81 -45.08
CA ASP D 341 -21.72 19.26 -46.44
C ASP D 341 -21.32 20.73 -46.44
N ASN D 342 -22.04 21.56 -45.70
CA ASN D 342 -21.72 22.99 -45.65
C ASN D 342 -20.41 23.24 -44.88
N ALA D 343 -20.14 22.46 -43.84
CA ALA D 343 -18.93 22.68 -43.05
C ALA D 343 -17.68 22.19 -43.78
N THR D 344 -17.80 21.10 -44.55
CA THR D 344 -16.64 20.55 -45.23
C THR D 344 -16.09 21.48 -46.31
N THR D 345 -16.95 22.22 -47.00
CA THR D 345 -16.49 23.15 -48.03
C THR D 345 -15.71 24.33 -47.46
N ASN D 346 -15.78 24.56 -46.15
CA ASN D 346 -15.09 25.66 -45.52
C ASN D 346 -13.73 25.26 -44.96
N GLY D 347 -13.28 24.03 -45.20
CA GLY D 347 -12.00 23.56 -44.73
C GLY D 347 -11.99 23.03 -43.32
N THR D 348 -13.15 22.90 -42.68
CA THR D 348 -13.21 22.38 -41.32
C THR D 348 -13.21 20.86 -41.33
N PRO D 349 -12.23 20.22 -40.72
CA PRO D 349 -12.23 18.75 -40.68
C PRO D 349 -13.41 18.20 -39.89
N CYS D 350 -13.87 17.03 -40.31
CA CYS D 350 -15.01 16.37 -39.67
C CYS D 350 -14.62 14.95 -39.32
N VAL D 351 -14.89 14.56 -38.07
CA VAL D 351 -14.64 13.22 -37.58
C VAL D 351 -15.97 12.56 -37.25
N VAL D 352 -16.15 11.32 -37.72
CA VAL D 352 -17.36 10.56 -37.50
C VAL D 352 -17.03 9.37 -36.62
N VAL D 353 -18.01 8.95 -35.82
CA VAL D 353 -17.87 7.82 -34.92
C VAL D 353 -18.70 6.65 -35.46
N GLU D 354 -18.06 5.49 -35.58
CA GLU D 354 -18.73 4.33 -36.15
C GLU D 354 -19.46 3.55 -35.06
N GLY D 355 -20.49 2.81 -35.49
CA GLY D 355 -21.30 2.05 -34.56
C GLY D 355 -22.06 2.92 -33.58
N SER D 356 -22.48 4.12 -34.00
CA SER D 356 -23.17 5.05 -33.13
C SER D 356 -24.64 5.22 -33.52
N GLY D 357 -24.92 5.50 -34.78
CA GLY D 357 -26.28 5.73 -35.22
C GLY D 357 -26.48 5.30 -36.65
N ARG D 358 -27.42 5.95 -37.33
CA ARG D 358 -27.75 5.61 -38.70
C ARG D 358 -26.87 6.39 -39.70
N VAL D 359 -26.87 7.72 -39.60
CA VAL D 359 -26.07 8.54 -40.49
C VAL D 359 -24.59 8.28 -40.29
N ALA D 360 -24.14 8.16 -39.03
CA ALA D 360 -22.73 7.88 -38.78
C ALA D 360 -22.32 6.54 -39.38
N ASP D 361 -23.17 5.51 -39.23
CA ASP D 361 -22.85 4.21 -39.77
C ASP D 361 -22.79 4.23 -41.30
N VAL D 362 -23.77 4.87 -41.94
CA VAL D 362 -23.77 4.89 -43.40
C VAL D 362 -22.61 5.73 -43.94
N ILE D 363 -22.19 6.78 -43.22
CA ILE D 363 -21.03 7.55 -43.64
C ILE D 363 -19.75 6.73 -43.47
N ALA D 364 -19.60 6.04 -42.34
CA ALA D 364 -18.40 5.25 -42.09
C ALA D 364 -18.31 4.03 -43.00
N GLN D 365 -19.44 3.52 -43.50
CA GLN D 365 -19.41 2.36 -44.37
C GLN D 365 -18.77 2.68 -45.72
N VAL D 366 -18.82 3.94 -46.15
CA VAL D 366 -18.32 4.33 -47.47
C VAL D 366 -17.07 5.18 -47.24
N ALA D 367 -16.39 4.96 -46.12
CA ALA D 367 -15.21 5.75 -45.79
C ALA D 367 -14.09 5.49 -46.78
N ASN D 368 -13.76 4.22 -47.00
CA ASN D 368 -12.65 3.84 -47.87
C ASN D 368 -13.09 3.49 -49.29
N LEU D 369 -14.38 3.53 -49.57
CA LEU D 369 -14.86 3.19 -50.90
C LEU D 369 -14.45 4.25 -51.92
N PRO D 370 -14.08 3.85 -53.13
CA PRO D 370 -13.80 4.84 -54.18
C PRO D 370 -15.03 5.69 -54.49
N VAL D 371 -14.77 6.94 -54.88
CA VAL D 371 -15.85 7.88 -55.14
C VAL D 371 -16.74 7.40 -56.29
N SER D 372 -16.15 6.79 -57.32
CA SER D 372 -16.92 6.34 -58.47
C SER D 372 -17.69 5.05 -58.21
N ASP D 373 -17.42 4.37 -57.10
CA ASP D 373 -18.08 3.11 -56.79
C ASP D 373 -19.44 3.30 -56.13
N ILE D 374 -19.83 4.53 -55.81
CA ILE D 374 -21.10 4.78 -55.14
C ILE D 374 -22.23 4.68 -56.17
N THR D 375 -23.24 3.88 -55.86
CA THR D 375 -24.44 3.76 -56.68
C THR D 375 -25.66 4.13 -55.86
N ILE D 376 -26.62 4.79 -56.52
CA ILE D 376 -27.84 5.23 -55.84
C ILE D 376 -28.61 4.04 -55.28
N SER D 377 -28.66 2.92 -56.01
CA SER D 377 -29.30 1.72 -55.48
C SER D 377 -28.58 1.23 -54.22
N LEU D 378 -27.25 1.23 -54.24
CA LEU D 378 -26.48 0.83 -53.06
C LEU D 378 -26.72 1.78 -51.89
N ILE D 379 -26.77 3.09 -52.16
CA ILE D 379 -27.01 4.06 -51.11
C ILE D 379 -28.38 3.85 -50.48
N GLN D 380 -29.40 3.64 -51.31
CA GLN D 380 -30.74 3.37 -50.79
C GLN D 380 -30.78 2.05 -50.04
N GLN D 381 -30.03 1.05 -50.50
CA GLN D 381 -30.00 -0.25 -49.82
C GLN D 381 -29.43 -0.10 -48.41
N LYS D 382 -28.33 0.63 -48.27
CA LYS D 382 -27.79 0.86 -46.93
C LYS D 382 -28.64 1.82 -46.12
N LEU D 383 -29.39 2.71 -46.78
CA LEU D 383 -30.23 3.66 -46.06
C LEU D 383 -31.42 2.95 -45.41
N SER D 384 -32.10 2.09 -46.17
CA SER D 384 -33.32 1.47 -45.69
C SER D 384 -33.09 0.53 -44.52
N VAL D 385 -31.89 -0.06 -44.41
CA VAL D 385 -31.66 -1.04 -43.35
C VAL D 385 -31.27 -0.36 -42.04
N PHE D 386 -30.57 0.77 -42.10
CA PHE D 386 -30.29 1.51 -40.88
C PHE D 386 -31.40 2.50 -40.55
N PHE D 387 -32.24 2.86 -41.52
CA PHE D 387 -33.40 3.71 -41.29
C PHE D 387 -34.69 2.89 -41.23
N GLN D 388 -34.63 1.68 -40.68
CA GLN D 388 -35.76 0.76 -40.72
C GLN D 388 -37.01 1.34 -40.04
N GLU D 389 -36.84 2.28 -39.11
CA GLU D 389 -38.00 2.91 -38.48
C GLU D 389 -38.81 3.69 -39.49
N MET D 390 -38.15 4.44 -40.37
CA MET D 390 -38.80 5.25 -41.39
C MET D 390 -38.23 5.00 -42.79
N PHE D 391 -37.93 3.74 -43.10
CA PHE D 391 -37.37 3.43 -44.42
C PHE D 391 -38.39 3.68 -45.52
N GLU D 392 -39.66 3.36 -45.28
CA GLU D 392 -40.69 3.51 -46.31
C GLU D 392 -41.06 4.98 -46.56
N THR D 393 -40.58 5.89 -45.72
CA THR D 393 -40.91 7.31 -45.85
C THR D 393 -39.94 8.06 -46.78
N PHE D 394 -39.10 7.35 -47.52
CA PHE D 394 -38.12 7.97 -48.40
C PHE D 394 -38.59 7.93 -49.84
N THR D 395 -38.45 9.06 -50.53
CA THR D 395 -38.81 9.19 -51.93
C THR D 395 -37.55 9.28 -52.78
N GLU D 396 -37.74 9.20 -54.10
CA GLU D 396 -36.60 9.18 -55.02
C GLU D 396 -35.79 10.47 -54.93
N SER D 397 -36.45 11.62 -54.84
CA SER D 397 -35.73 12.88 -54.74
C SER D 397 -34.89 12.93 -53.46
N ARG D 398 -35.46 12.51 -52.33
CA ARG D 398 -34.69 12.47 -51.10
C ARG D 398 -33.53 11.48 -51.20
N ILE D 399 -33.76 10.33 -51.83
CA ILE D 399 -32.69 9.34 -51.96
C ILE D 399 -31.53 9.90 -52.77
N VAL D 400 -31.82 10.53 -53.91
CA VAL D 400 -30.75 11.07 -54.72
C VAL D 400 -30.07 12.26 -54.03
N GLU D 401 -30.83 13.09 -53.30
CA GLU D 401 -30.23 14.21 -52.58
C GLU D 401 -29.27 13.72 -51.50
N TRP D 402 -29.68 12.72 -50.73
CA TRP D 402 -28.78 12.17 -49.71
C TRP D 402 -27.59 11.46 -50.33
N THR D 403 -27.81 10.76 -51.45
CA THR D 403 -26.70 10.15 -52.18
C THR D 403 -25.67 11.19 -52.58
N LYS D 404 -26.12 12.35 -53.08
CA LYS D 404 -25.15 13.34 -53.52
C LYS D 404 -24.52 14.11 -52.38
N LYS D 405 -25.24 14.27 -51.27
CA LYS D 405 -24.57 14.84 -50.10
C LYS D 405 -23.46 13.92 -49.62
N ILE D 406 -23.73 12.61 -49.61
CA ILE D 406 -22.68 11.64 -49.31
C ILE D 406 -21.55 11.71 -50.34
N GLN D 407 -21.89 11.82 -51.63
CA GLN D 407 -20.88 11.88 -52.69
C GLN D 407 -19.95 13.07 -52.51
N ASP D 408 -20.53 14.27 -52.39
CA ASP D 408 -19.74 15.48 -52.21
C ASP D 408 -18.94 15.46 -50.92
N ILE D 409 -19.46 14.80 -49.88
CA ILE D 409 -18.69 14.68 -48.64
C ILE D 409 -17.50 13.75 -48.83
N VAL D 410 -17.70 12.62 -49.51
CA VAL D 410 -16.64 11.63 -49.67
C VAL D 410 -15.66 11.97 -50.77
N ARG D 411 -15.94 13.00 -51.59
CA ARG D 411 -14.94 13.44 -52.56
C ARG D 411 -13.67 13.90 -51.87
N ARG D 412 -13.81 14.68 -50.80
CA ARG D 412 -12.67 15.24 -50.09
C ARG D 412 -12.26 14.29 -48.98
N ARG D 413 -11.23 13.49 -49.27
CA ARG D 413 -10.70 12.53 -48.29
C ARG D 413 -9.82 13.20 -47.24
N GLN D 414 -9.31 14.41 -47.49
CA GLN D 414 -8.39 15.04 -46.56
C GLN D 414 -9.13 15.57 -45.33
N LEU D 415 -10.41 15.94 -45.49
CA LEU D 415 -11.16 16.62 -44.45
C LEU D 415 -12.10 15.68 -43.69
N LEU D 416 -11.95 14.37 -43.86
CA LEU D 416 -12.83 13.41 -43.20
C LEU D 416 -12.01 12.33 -42.51
N THR D 417 -12.41 12.00 -41.28
CA THR D 417 -11.80 10.92 -40.51
C THR D 417 -12.91 10.16 -39.81
N VAL D 418 -12.61 8.92 -39.45
CA VAL D 418 -13.58 8.03 -38.82
C VAL D 418 -13.01 7.52 -37.50
N PHE D 419 -13.87 7.45 -36.48
CA PHE D 419 -13.44 6.91 -35.19
C PHE D 419 -13.35 5.39 -35.23
N ARG D 420 -14.02 4.76 -36.22
CA ARG D 420 -13.76 3.39 -36.63
C ARG D 420 -14.29 2.34 -35.63
N GLU D 421 -15.12 2.75 -34.67
CA GLU D 421 -15.75 1.78 -33.77
C GLU D 421 -14.68 0.95 -33.06
N GLY D 422 -14.04 1.59 -32.08
CA GLY D 422 -12.60 1.51 -31.90
C GLY D 422 -11.99 0.22 -31.38
N LYS D 423 -11.22 0.32 -30.29
CA LYS D 423 -9.81 -0.08 -30.16
C LYS D 423 -8.98 1.17 -30.43
N ASP D 424 -9.68 2.28 -30.69
CA ASP D 424 -9.13 3.61 -30.50
C ASP D 424 -9.63 4.27 -29.22
N GLY D 425 -10.76 3.82 -28.67
CA GLY D 425 -11.29 4.40 -27.45
C GLY D 425 -10.42 4.13 -26.23
N GLN D 426 -9.83 2.92 -26.16
CA GLN D 426 -8.94 2.61 -25.04
C GLN D 426 -7.72 3.52 -24.99
N GLN D 427 -7.22 3.95 -26.14
CA GLN D 427 -6.20 5.00 -26.15
C GLN D 427 -6.80 6.24 -25.53
N ASP D 428 -7.76 6.83 -26.23
CA ASP D 428 -8.68 7.86 -25.74
C ASP D 428 -9.57 8.25 -26.91
N VAL D 429 -10.64 9.00 -26.61
CA VAL D 429 -11.28 9.81 -27.62
C VAL D 429 -10.71 11.21 -27.63
N ASP D 430 -10.11 11.65 -26.51
CA ASP D 430 -9.37 12.90 -26.51
C ASP D 430 -8.29 12.88 -27.56
N VAL D 431 -7.48 11.82 -27.58
CA VAL D 431 -6.42 11.75 -28.59
C VAL D 431 -7.03 11.77 -29.98
N ALA D 432 -7.99 10.89 -30.28
CA ALA D 432 -8.45 10.77 -31.65
C ALA D 432 -8.97 12.11 -32.18
N ILE D 433 -9.80 12.79 -31.40
CA ILE D 433 -10.30 14.10 -31.80
C ILE D 433 -9.18 15.13 -31.85
N LEU D 434 -8.04 14.89 -31.18
CA LEU D 434 -6.95 15.86 -31.19
C LEU D 434 -5.92 15.64 -32.29
N GLN D 435 -5.57 14.40 -32.65
CA GLN D 435 -4.72 14.26 -33.85
C GLN D 435 -5.56 14.18 -35.12
N ALA D 436 -6.89 14.27 -35.01
CA ALA D 436 -7.64 14.61 -36.23
C ALA D 436 -7.21 15.98 -36.74
N LEU D 437 -7.11 16.95 -35.84
CA LEU D 437 -6.60 18.28 -36.18
C LEU D 437 -5.18 18.20 -36.72
N LEU D 438 -4.32 17.44 -36.06
CA LEU D 438 -2.92 17.41 -36.45
C LEU D 438 -2.71 16.60 -37.72
N LYS D 439 -3.64 15.69 -38.05
CA LYS D 439 -3.62 15.04 -39.35
C LYS D 439 -4.04 16.00 -40.44
N ALA D 440 -5.09 16.80 -40.18
CA ALA D 440 -5.42 17.88 -41.10
C ALA D 440 -4.25 18.84 -41.26
N SER D 441 -3.40 18.94 -40.23
CA SER D 441 -2.23 19.80 -40.30
C SER D 441 -1.08 19.19 -41.11
N ARG D 442 -0.78 17.90 -40.94
CA ARG D 442 0.17 17.27 -41.85
C ARG D 442 -0.32 17.33 -43.30
N SER D 443 -1.64 17.22 -43.51
CA SER D 443 -2.17 17.19 -44.87
C SER D 443 -1.87 18.47 -45.63
N GLN D 444 -1.75 19.61 -44.95
CA GLN D 444 -1.52 20.90 -45.60
C GLN D 444 -0.34 21.61 -44.95
N ASP D 445 0.84 21.49 -45.56
CA ASP D 445 2.00 22.28 -45.22
C ASP D 445 2.71 22.73 -46.48
N HIS D 446 3.48 23.81 -46.36
CA HIS D 446 4.06 24.45 -47.54
C HIS D 446 5.54 24.72 -47.33
N PHE D 447 6.35 24.27 -48.29
CA PHE D 447 7.71 24.75 -48.52
C PHE D 447 8.61 24.50 -47.30
N GLY D 448 8.82 23.21 -47.02
CA GLY D 448 9.84 22.79 -46.08
C GLY D 448 9.24 22.05 -44.89
N HIS D 449 9.93 22.16 -43.75
CA HIS D 449 9.56 21.47 -42.52
C HIS D 449 8.74 22.36 -41.59
N GLU D 450 7.93 23.25 -42.17
CA GLU D 450 7.04 24.07 -41.35
C GLU D 450 5.96 23.25 -40.67
N ASN D 451 5.72 22.02 -41.12
CA ASN D 451 4.72 21.18 -40.49
C ASN D 451 5.12 20.84 -39.06
N TRP D 452 6.34 20.36 -38.86
CA TRP D 452 6.83 20.02 -37.52
C TRP D 452 7.07 21.25 -36.65
N ASP D 453 6.99 22.45 -37.22
CA ASP D 453 6.96 23.68 -36.44
C ASP D 453 5.54 24.10 -36.07
N HIS D 454 4.59 23.97 -37.02
CA HIS D 454 3.20 24.32 -36.73
C HIS D 454 2.57 23.36 -35.73
N GLN D 455 2.90 22.06 -35.82
CA GLN D 455 2.40 21.12 -34.84
C GLN D 455 2.88 21.46 -33.44
N LEU D 456 4.15 21.84 -33.30
CA LEU D 456 4.66 22.21 -31.98
C LEU D 456 4.07 23.54 -31.50
N LYS D 457 3.83 24.48 -32.42
CA LYS D 457 3.14 25.71 -32.06
C LYS D 457 1.77 25.41 -31.50
N LEU D 458 1.04 24.49 -32.13
CA LEU D 458 -0.26 24.08 -31.60
C LEU D 458 -0.11 23.35 -30.26
N ALA D 459 0.84 22.42 -30.17
CA ALA D 459 1.03 21.62 -28.96
C ALA D 459 1.42 22.47 -27.77
N VAL D 460 2.04 23.62 -27.99
CA VAL D 460 2.28 24.55 -26.90
C VAL D 460 0.97 24.98 -26.26
N ALA D 461 -0.02 25.30 -27.08
CA ALA D 461 -1.31 25.78 -26.58
C ALA D 461 -2.21 24.66 -26.08
N TRP D 462 -1.90 23.39 -26.38
CA TRP D 462 -2.77 22.31 -25.95
C TRP D 462 -2.66 22.01 -24.47
N ASN D 463 -1.52 22.32 -23.86
CA ASN D 463 -1.26 21.99 -22.45
C ASN D 463 -1.34 20.49 -22.23
N ARG D 464 -0.98 19.73 -23.26
CA ARG D 464 -1.03 18.27 -23.22
C ARG D 464 0.34 17.77 -23.70
N VAL D 465 1.08 17.12 -22.80
CA VAL D 465 2.44 16.72 -23.13
C VAL D 465 2.46 15.42 -23.95
N ASP D 466 1.60 14.46 -23.60
CA ASP D 466 1.69 13.16 -24.25
C ASP D 466 1.32 13.26 -25.73
N ILE D 467 0.44 14.19 -26.10
CA ILE D 467 0.17 14.39 -27.52
C ILE D 467 1.35 15.07 -28.20
N ALA D 468 2.05 15.96 -27.50
CA ALA D 468 3.22 16.60 -28.08
C ALA D 468 4.36 15.60 -28.23
N ARG D 469 4.29 14.49 -27.51
CA ARG D 469 5.36 13.49 -27.55
C ARG D 469 5.03 12.34 -28.50
N SER D 470 3.74 12.00 -28.63
CA SER D 470 3.35 10.70 -29.17
C SER D 470 3.44 10.59 -30.69
N GLU D 471 3.30 11.69 -31.43
CA GLU D 471 3.39 11.63 -32.89
C GLU D 471 4.46 12.55 -33.44
N ILE D 472 4.56 13.77 -32.93
CA ILE D 472 5.42 14.79 -33.53
C ILE D 472 6.78 14.77 -32.86
N PHE D 473 7.08 13.70 -32.12
CA PHE D 473 8.42 13.49 -31.60
C PHE D 473 8.82 12.02 -31.74
N MET D 474 7.97 11.20 -32.35
CA MET D 474 8.28 9.82 -32.65
C MET D 474 8.71 9.58 -34.09
N ASP D 475 8.35 10.48 -35.01
CA ASP D 475 8.76 10.36 -36.41
C ASP D 475 10.18 10.90 -36.61
N GLU D 476 10.60 11.02 -37.86
CA GLU D 476 11.93 11.53 -38.18
C GLU D 476 11.92 13.04 -38.00
N TRP D 477 12.31 13.49 -36.80
CA TRP D 477 12.34 14.92 -36.49
C TRP D 477 13.64 15.53 -36.98
N GLN D 478 13.55 16.47 -37.92
CA GLN D 478 14.72 17.20 -38.38
C GLN D 478 15.23 18.08 -37.24
N TRP D 479 16.43 17.79 -36.75
CA TRP D 479 16.88 18.36 -35.49
C TRP D 479 16.98 19.88 -35.54
N LYS D 480 18.00 20.39 -36.25
CA LYS D 480 18.33 21.79 -36.48
C LYS D 480 17.86 22.63 -35.30
N PRO D 481 18.43 22.42 -34.10
CA PRO D 481 17.75 22.79 -32.85
C PRO D 481 17.33 24.25 -32.73
N SER D 482 17.67 25.09 -33.71
CA SER D 482 17.22 26.47 -33.68
C SER D 482 15.73 26.61 -33.90
N ASP D 483 15.05 25.54 -34.31
CA ASP D 483 13.60 25.59 -34.50
C ASP D 483 12.87 25.85 -33.19
N LEU D 484 13.34 25.24 -32.11
CA LEU D 484 12.60 25.26 -30.85
C LEU D 484 12.79 26.54 -30.05
N HIS D 485 13.70 27.42 -30.45
CA HIS D 485 13.92 28.66 -29.70
C HIS D 485 12.65 29.52 -29.69
N PRO D 486 11.98 29.75 -30.84
CA PRO D 486 10.67 30.42 -30.76
C PRO D 486 9.62 29.65 -29.99
N THR D 487 9.75 28.33 -29.89
CA THR D 487 8.86 27.51 -29.08
C THR D 487 9.33 27.39 -27.63
N MET D 488 10.65 27.30 -27.40
CA MET D 488 11.17 27.34 -26.04
C MET D 488 10.80 28.65 -25.35
N THR D 489 10.84 29.77 -26.07
CA THR D 489 10.45 31.04 -25.49
C THR D 489 8.98 31.02 -25.06
N ALA D 490 8.09 30.51 -25.91
CA ALA D 490 6.68 30.44 -25.56
C ALA D 490 6.46 29.53 -24.35
N ALA D 491 7.13 28.38 -24.34
CA ALA D 491 7.01 27.48 -23.20
C ALA D 491 7.52 28.11 -21.90
N LEU D 492 8.64 28.83 -21.95
CA LEU D 492 9.15 29.50 -20.77
C LEU D 492 8.20 30.60 -20.30
N ILE D 493 7.65 31.38 -21.23
CA ILE D 493 6.79 32.49 -20.85
C ILE D 493 5.49 31.99 -20.25
N SER D 494 4.86 30.99 -20.87
CA SER D 494 3.55 30.57 -20.41
C SER D 494 3.62 29.84 -19.07
N ASN D 495 4.59 28.93 -18.90
CA ASN D 495 4.86 28.28 -17.62
C ASN D 495 3.62 27.56 -17.08
N LYS D 496 3.22 26.46 -17.74
CA LYS D 496 3.96 25.60 -18.68
C LYS D 496 5.45 25.32 -18.37
N PRO D 497 5.74 24.72 -17.21
CA PRO D 497 7.13 24.36 -16.90
C PRO D 497 7.50 22.97 -17.41
N GLU D 498 6.48 22.16 -17.72
CA GLU D 498 6.72 20.77 -18.08
C GLU D 498 7.32 20.62 -19.47
N PHE D 499 6.90 21.43 -20.44
CA PHE D 499 7.49 21.37 -21.78
C PHE D 499 8.97 21.68 -21.77
N VAL D 500 9.45 22.39 -20.75
CA VAL D 500 10.86 22.71 -20.67
C VAL D 500 11.69 21.43 -20.61
N LYS D 501 11.34 20.51 -19.71
CA LYS D 501 12.08 19.26 -19.64
C LYS D 501 12.01 18.51 -20.96
N LEU D 502 10.81 18.40 -21.54
CA LEU D 502 10.61 17.68 -22.79
C LEU D 502 11.54 18.22 -23.88
N PHE D 503 11.70 19.53 -23.95
CA PHE D 503 12.64 20.08 -24.91
C PHE D 503 14.09 19.84 -24.49
N LEU D 504 14.37 19.72 -23.19
CA LEU D 504 15.71 19.33 -22.79
C LEU D 504 16.11 17.91 -23.21
N GLU D 505 15.20 16.94 -23.23
CA GLU D 505 15.65 15.64 -23.77
C GLU D 505 15.99 15.72 -25.26
N ASN D 506 15.39 16.68 -25.98
CA ASN D 506 15.59 16.77 -27.42
C ASN D 506 16.77 17.65 -27.81
N GLY D 507 17.76 17.79 -26.93
CA GLY D 507 18.99 18.47 -27.30
C GLY D 507 18.92 19.98 -27.34
N VAL D 508 17.94 20.59 -26.69
CA VAL D 508 17.89 22.06 -26.61
C VAL D 508 18.82 22.48 -25.48
N GLN D 509 20.08 22.74 -25.82
CA GLN D 509 21.07 23.12 -24.82
C GLN D 509 20.90 24.60 -24.48
N LEU D 510 20.85 24.91 -23.18
CA LEU D 510 20.55 26.27 -22.75
C LEU D 510 21.78 27.18 -22.89
N LYS D 511 22.98 26.60 -23.01
CA LYS D 511 24.19 27.41 -23.04
C LYS D 511 24.25 28.34 -24.23
N GLU D 512 23.82 27.90 -25.41
CA GLU D 512 23.77 28.76 -26.58
C GLU D 512 22.36 29.14 -26.99
N PHE D 513 21.34 28.64 -26.29
CA PHE D 513 19.98 29.07 -26.55
C PHE D 513 19.73 30.48 -26.03
N VAL D 514 20.26 30.80 -24.85
CA VAL D 514 20.00 32.08 -24.20
C VAL D 514 20.86 33.17 -24.82
N THR D 515 20.29 33.94 -25.75
CA THR D 515 20.99 35.06 -26.33
C THR D 515 20.62 36.36 -25.61
N TRP D 516 21.34 37.42 -25.94
CA TRP D 516 21.07 38.73 -25.34
C TRP D 516 19.67 39.22 -25.70
N ASP D 517 19.31 39.13 -26.98
CA ASP D 517 17.99 39.56 -27.43
C ASP D 517 16.88 38.66 -26.91
N THR D 518 17.14 37.35 -26.79
CA THR D 518 16.14 36.45 -26.25
C THR D 518 15.80 36.82 -24.81
N LEU D 519 16.81 37.11 -23.99
CA LEU D 519 16.55 37.49 -22.61
C LEU D 519 15.94 38.89 -22.53
N LEU D 520 16.33 39.79 -23.43
CA LEU D 520 15.70 41.10 -23.48
C LEU D 520 14.21 40.98 -23.78
N TYR D 521 13.83 40.11 -24.71
CA TYR D 521 12.43 39.83 -24.98
C TYR D 521 11.74 39.13 -23.82
N LEU D 522 12.42 38.21 -23.14
CA LEU D 522 11.85 37.50 -22.01
C LEU D 522 11.52 38.44 -20.85
N TYR D 523 12.43 39.37 -20.54
CA TYR D 523 12.20 40.29 -19.44
C TYR D 523 11.10 41.32 -19.72
N GLU D 524 10.67 41.45 -20.98
CA GLU D 524 9.55 42.31 -21.30
C GLU D 524 8.21 41.60 -21.19
N ASN D 525 8.20 40.32 -20.82
CA ASN D 525 6.98 39.53 -20.70
C ASN D 525 6.90 38.89 -19.33
N LEU D 526 7.19 39.67 -18.30
CA LEU D 526 7.06 39.18 -16.93
C LEU D 526 5.58 39.03 -16.56
N ASP D 527 5.34 38.34 -15.45
CA ASP D 527 3.98 38.17 -14.96
C ASP D 527 3.44 39.52 -14.49
N PRO D 528 2.34 40.02 -15.06
CA PRO D 528 1.85 41.35 -14.66
C PRO D 528 1.48 41.45 -13.19
N SER D 529 1.00 40.36 -12.59
CA SER D 529 0.61 40.39 -11.19
C SER D 529 1.78 40.15 -10.24
N CYS D 530 2.97 39.86 -10.77
CA CYS D 530 4.11 39.59 -9.92
C CYS D 530 4.65 40.89 -9.31
N LEU D 531 5.32 40.75 -8.17
CA LEU D 531 5.91 41.90 -7.49
C LEU D 531 7.12 42.44 -8.25
N PHE D 532 7.92 41.55 -8.86
CA PHE D 532 9.09 41.99 -9.59
C PHE D 532 8.72 42.84 -10.80
N HIS D 533 7.64 42.48 -11.50
CA HIS D 533 7.18 43.29 -12.62
C HIS D 533 6.75 44.67 -12.16
N SER D 534 6.05 44.74 -11.02
CA SER D 534 5.67 46.03 -10.47
C SER D 534 6.88 46.86 -10.09
N LYS D 535 7.92 46.22 -9.53
CA LYS D 535 9.15 46.94 -9.23
C LYS D 535 9.82 47.45 -10.50
N LEU D 536 9.84 46.64 -11.56
CA LEU D 536 10.40 47.05 -12.84
C LEU D 536 9.50 48.01 -13.59
N GLN D 537 8.22 48.10 -13.22
CA GLN D 537 7.32 49.11 -13.76
C GLN D 537 7.45 50.45 -13.04
N LYS D 538 8.30 50.52 -12.02
CA LYS D 538 8.55 51.74 -11.26
C LYS D 538 9.92 52.33 -11.51
N VAL D 539 10.95 51.49 -11.67
CA VAL D 539 12.28 52.00 -12.00
C VAL D 539 12.27 52.71 -13.34
N LEU D 540 11.49 52.21 -14.31
CA LEU D 540 11.32 52.91 -15.57
C LEU D 540 10.62 54.25 -15.39
N VAL D 541 9.91 54.44 -14.29
CA VAL D 541 9.25 55.70 -14.00
C VAL D 541 10.04 56.58 -13.03
N GLU D 542 10.76 55.98 -12.06
CA GLU D 542 11.65 56.78 -11.24
C GLU D 542 12.76 57.42 -12.07
N ASP D 543 13.21 56.73 -13.11
CA ASP D 543 14.10 57.30 -14.10
C ASP D 543 13.35 57.43 -15.42
N PRO D 544 12.49 58.45 -15.56
CA PRO D 544 11.61 58.52 -16.73
C PRO D 544 12.31 59.05 -17.98
N GLU D 545 11.54 59.24 -19.04
CA GLU D 545 12.12 59.55 -20.34
C GLU D 545 12.74 60.95 -20.38
N ARG D 546 12.08 61.93 -19.77
CA ARG D 546 12.58 63.30 -19.89
C ARG D 546 13.73 63.63 -18.94
N PRO D 547 13.57 63.48 -17.61
CA PRO D 547 14.55 64.11 -16.70
C PRO D 547 15.79 63.29 -16.38
N ALA D 548 15.68 61.96 -16.40
CA ALA D 548 16.78 61.10 -15.95
C ALA D 548 17.42 60.34 -17.10
N CYS D 549 16.65 59.55 -17.85
CA CYS D 549 17.13 58.91 -19.07
C CYS D 549 16.80 59.85 -20.23
N ALA D 550 17.60 60.90 -20.34
CA ALA D 550 17.17 62.11 -21.03
C ALA D 550 16.59 61.90 -22.42
N PRO D 551 17.19 61.09 -23.32
CA PRO D 551 16.54 60.87 -24.63
C PRO D 551 15.14 60.28 -24.49
N ALA D 552 15.03 59.10 -23.88
CA ALA D 552 13.76 58.42 -23.66
C ALA D 552 14.03 57.14 -22.88
N ALA D 553 13.00 56.65 -22.20
CA ALA D 553 13.05 55.33 -21.56
C ALA D 553 11.65 54.80 -21.32
N PRO D 554 10.89 54.51 -22.39
CA PRO D 554 9.66 53.72 -22.23
C PRO D 554 9.82 52.24 -22.51
N ARG D 555 10.99 51.80 -22.96
CA ARG D 555 11.27 50.39 -23.22
C ARG D 555 12.09 49.84 -22.06
N LEU D 556 11.72 48.66 -21.59
CA LEU D 556 12.48 48.00 -20.53
C LEU D 556 13.72 47.36 -21.13
N GLN D 557 14.89 47.72 -20.63
CA GLN D 557 16.15 47.22 -21.15
C GLN D 557 17.04 46.83 -19.97
N MET D 558 18.10 46.07 -20.28
CA MET D 558 18.86 45.32 -19.30
C MET D 558 19.46 46.16 -18.18
N HIS D 559 19.75 47.44 -18.41
CA HIS D 559 20.30 48.25 -17.33
C HIS D 559 19.25 48.49 -16.24
N HIS D 560 17.98 48.58 -16.63
CA HIS D 560 16.93 48.74 -15.63
C HIS D 560 16.84 47.51 -14.73
N VAL D 561 16.87 46.31 -15.33
CA VAL D 561 16.80 45.10 -14.51
C VAL D 561 18.08 44.93 -13.69
N ALA D 562 19.23 45.35 -14.22
CA ALA D 562 20.45 45.34 -13.41
C ALA D 562 20.33 46.26 -12.20
N GLN D 563 19.77 47.45 -12.41
CA GLN D 563 19.59 48.39 -11.31
C GLN D 563 18.62 47.86 -10.26
N VAL D 564 17.51 47.25 -10.68
CA VAL D 564 16.58 46.70 -9.70
C VAL D 564 17.16 45.47 -9.01
N LEU D 565 17.98 44.67 -9.70
CA LEU D 565 18.65 43.55 -9.05
C LEU D 565 19.67 44.02 -8.02
N ARG D 566 20.38 45.11 -8.31
CA ARG D 566 21.30 45.67 -7.32
C ARG D 566 20.58 46.14 -6.07
N GLU D 567 19.39 46.74 -6.23
CA GLU D 567 18.57 47.04 -5.06
C GLU D 567 18.15 45.76 -4.34
N LEU D 568 17.80 44.73 -5.09
CA LEU D 568 17.51 43.43 -4.49
C LEU D 568 18.74 42.85 -3.80
N LEU D 569 19.91 43.02 -4.41
CA LEU D 569 21.17 42.61 -3.76
C LEU D 569 21.56 43.68 -2.74
N GLY D 570 22.71 43.51 -2.11
CA GLY D 570 23.15 44.40 -1.05
C GLY D 570 23.96 45.57 -1.58
N ASP D 571 25.00 45.94 -0.83
CA ASP D 571 25.89 47.04 -1.17
C ASP D 571 27.09 46.57 -1.99
N PHE D 572 26.94 45.51 -2.77
CA PHE D 572 28.04 44.85 -3.44
C PHE D 572 28.49 45.58 -4.71
N THR D 573 29.29 44.90 -5.51
CA THR D 573 29.87 45.50 -6.71
C THR D 573 28.79 45.65 -7.79
N GLN D 574 29.25 46.02 -8.98
CA GLN D 574 28.35 46.27 -10.10
C GLN D 574 27.61 44.98 -10.45
N PRO D 575 26.29 45.03 -10.71
CA PRO D 575 25.56 43.79 -10.98
C PRO D 575 25.80 43.21 -12.37
N LEU D 576 25.07 42.14 -12.70
CA LEU D 576 25.48 41.24 -13.77
C LEU D 576 25.52 41.91 -15.14
N TYR D 577 24.82 43.03 -15.30
CA TYR D 577 24.74 43.61 -16.64
C TYR D 577 25.48 44.95 -16.71
N PRO D 578 26.06 45.29 -17.87
CA PRO D 578 26.94 46.47 -17.94
C PRO D 578 26.23 47.80 -17.79
N ARG D 579 26.56 48.51 -16.71
CA ARG D 579 26.16 49.89 -16.44
C ARG D 579 26.77 50.93 -17.37
N PRO D 580 28.10 50.94 -17.60
CA PRO D 580 28.76 52.17 -18.07
C PRO D 580 28.48 52.52 -19.52
N ARG D 581 29.18 53.53 -20.01
CA ARG D 581 28.93 54.10 -21.33
C ARG D 581 29.02 53.08 -22.45
N HIS D 582 29.75 51.98 -22.23
CA HIS D 582 29.83 50.94 -23.25
C HIS D 582 28.45 50.34 -23.53
N ASN D 583 27.68 50.07 -22.48
CA ASN D 583 26.36 49.46 -22.59
C ASN D 583 25.38 50.16 -21.65
N ASP D 584 25.32 51.49 -21.71
CA ASP D 584 24.37 52.23 -20.89
C ASP D 584 22.97 52.04 -21.45
N ARG D 585 22.28 50.98 -21.01
CA ARG D 585 21.02 50.56 -21.61
C ARG D 585 19.83 51.25 -20.92
N LEU D 586 19.73 52.56 -21.13
CA LEU D 586 18.62 53.32 -20.56
C LEU D 586 17.94 54.20 -21.59
N ARG D 587 18.70 54.65 -22.59
CA ARG D 587 18.34 55.82 -23.39
C ARG D 587 18.40 55.51 -24.88
N LEU D 588 17.79 54.41 -25.31
CA LEU D 588 17.76 54.05 -26.73
C LEU D 588 16.32 53.99 -27.21
N LEU D 589 15.75 55.15 -27.50
CA LEU D 589 14.58 55.27 -28.37
C LEU D 589 14.67 56.44 -29.34
N LEU D 590 15.43 57.48 -29.04
CA LEU D 590 15.78 58.66 -29.81
C LEU D 590 17.06 58.43 -30.59
N PRO D 591 17.28 59.16 -31.69
CA PRO D 591 18.48 58.91 -32.49
C PRO D 591 19.76 59.32 -31.79
N VAL D 592 20.18 58.52 -30.81
CA VAL D 592 21.48 58.78 -30.17
C VAL D 592 22.60 58.44 -31.14
N PRO D 593 23.73 59.13 -31.09
CA PRO D 593 24.79 58.90 -32.08
C PRO D 593 25.40 57.51 -31.95
N HIS D 594 26.02 57.07 -33.05
CA HIS D 594 26.67 55.77 -33.17
C HIS D 594 28.05 55.79 -32.54
N VAL D 595 28.89 54.81 -32.91
CA VAL D 595 30.18 54.51 -32.30
C VAL D 595 30.98 55.75 -31.94
N LYS D 596 30.85 56.82 -32.73
CA LYS D 596 31.55 58.06 -32.43
C LYS D 596 31.10 58.69 -31.11
N LEU D 597 29.96 58.26 -30.56
CA LEU D 597 29.43 58.87 -29.35
C LEU D 597 30.11 58.31 -28.10
N ASN D 598 29.98 57.00 -27.89
CA ASN D 598 30.57 56.26 -26.76
C ASN D 598 30.24 56.87 -25.40
N VAL D 599 29.21 57.72 -25.34
CA VAL D 599 28.74 58.31 -24.09
C VAL D 599 27.24 58.08 -23.99
N GLN D 600 26.80 57.44 -22.90
CA GLN D 600 25.40 57.06 -22.67
C GLN D 600 24.73 56.54 -23.94
N GLY D 601 25.45 55.69 -24.65
CA GLY D 601 24.96 55.13 -25.89
C GLY D 601 25.70 53.85 -26.23
N VAL D 602 25.78 53.57 -27.53
CA VAL D 602 26.45 52.38 -28.04
C VAL D 602 27.87 52.74 -28.47
N SER D 603 28.85 51.96 -28.01
CA SER D 603 30.24 52.21 -28.31
C SER D 603 30.87 51.10 -29.14
N LEU D 604 30.80 49.85 -28.69
CA LEU D 604 31.48 48.76 -29.37
C LEU D 604 30.56 47.90 -30.23
N ARG D 605 29.25 47.90 -29.94
CA ARG D 605 28.33 47.05 -30.69
C ARG D 605 28.18 47.55 -32.13
N SER D 606 27.58 46.71 -32.96
CA SER D 606 27.64 46.88 -34.41
C SER D 606 26.78 48.03 -34.93
N LEU D 607 25.47 47.96 -34.74
CA LEU D 607 24.56 48.94 -35.32
C LEU D 607 23.56 49.43 -34.28
N TYR D 608 23.02 50.62 -34.53
CA TYR D 608 21.96 51.21 -33.72
C TYR D 608 20.66 51.10 -34.52
N LYS D 609 19.96 49.99 -34.34
CA LYS D 609 18.72 49.69 -35.03
C LYS D 609 17.55 49.58 -34.05
N ARG D 610 17.47 50.55 -33.13
CA ARG D 610 16.54 50.48 -32.00
C ARG D 610 16.86 49.26 -31.14
N SER D 611 18.12 48.89 -31.13
CA SER D 611 18.63 47.76 -30.34
C SER D 611 20.11 47.99 -30.12
N SER D 612 20.81 46.94 -29.66
CA SER D 612 22.25 47.02 -29.43
C SER D 612 23.03 46.13 -30.37
N GLY D 613 22.65 44.87 -30.51
CA GLY D 613 23.37 43.89 -31.30
C GLY D 613 23.47 42.59 -30.55
N HIS D 614 24.51 41.81 -30.87
CA HIS D 614 24.73 40.53 -30.22
C HIS D 614 25.78 40.69 -29.13
N VAL D 615 25.33 41.04 -27.93
CA VAL D 615 26.18 40.90 -26.74
C VAL D 615 26.16 39.42 -26.41
N THR D 616 27.22 38.71 -26.85
CA THR D 616 27.15 37.27 -27.11
C THR D 616 26.46 36.47 -26.01
N PHE D 617 27.04 36.40 -24.82
CA PHE D 617 26.39 35.67 -23.74
C PHE D 617 26.51 36.32 -22.37
N THR D 618 27.36 37.33 -22.20
CA THR D 618 27.59 37.98 -20.90
C THR D 618 28.04 36.99 -19.84
N MET D 619 28.69 35.92 -20.28
CA MET D 619 29.42 34.94 -19.46
C MET D 619 28.60 34.33 -18.32
N ASP D 620 27.29 34.53 -18.31
CA ASP D 620 26.39 33.76 -17.45
C ASP D 620 25.04 33.57 -18.14
N PRO D 621 24.96 32.65 -19.11
CA PRO D 621 23.68 32.41 -19.78
C PRO D 621 22.72 31.56 -18.97
N ILE D 622 23.22 30.70 -18.07
CA ILE D 622 22.33 29.87 -17.27
C ILE D 622 21.79 30.64 -16.07
N ARG D 623 22.68 31.36 -15.38
CA ARG D 623 22.26 32.18 -14.25
C ARG D 623 21.29 33.27 -14.66
N ASP D 624 21.39 33.74 -15.91
CA ASP D 624 20.45 34.73 -16.41
C ASP D 624 19.02 34.19 -16.44
N LEU D 625 18.84 32.95 -16.92
CA LEU D 625 17.52 32.33 -16.83
C LEU D 625 17.15 31.98 -15.40
N LEU D 626 18.13 31.62 -14.58
CA LEU D 626 17.83 31.26 -13.20
C LEU D 626 17.24 32.45 -12.44
N ILE D 627 17.83 33.62 -12.60
CA ILE D 627 17.31 34.81 -11.94
C ILE D 627 15.90 35.14 -12.43
N TRP D 628 15.70 35.05 -13.76
CA TRP D 628 14.39 35.39 -14.33
C TRP D 628 13.31 34.41 -13.86
N ALA D 629 13.66 33.14 -13.70
CA ALA D 629 12.71 32.18 -13.16
C ALA D 629 12.47 32.36 -11.67
N ILE D 630 13.48 32.78 -10.91
CA ILE D 630 13.31 32.97 -9.48
C ILE D 630 12.43 34.19 -9.19
N VAL D 631 12.67 35.29 -9.90
CA VAL D 631 11.92 36.52 -9.62
C VAL D 631 10.44 36.35 -9.93
N GLN D 632 10.08 35.46 -10.84
CA GLN D 632 8.69 35.19 -11.17
C GLN D 632 8.06 34.13 -10.28
N ASN D 633 8.80 33.62 -9.29
CA ASN D 633 8.34 32.61 -8.34
C ASN D 633 7.87 31.34 -9.04
N ARG D 634 8.55 30.93 -10.10
CA ARG D 634 8.25 29.67 -10.78
C ARG D 634 9.06 28.58 -10.11
N ARG D 635 8.46 27.89 -9.13
CA ARG D 635 9.18 26.90 -8.35
C ARG D 635 9.60 25.71 -9.19
N GLU D 636 8.67 25.16 -9.99
CA GLU D 636 8.99 23.97 -10.77
C GLU D 636 9.96 24.28 -11.90
N LEU D 637 9.87 25.47 -12.50
CA LEU D 637 10.76 25.83 -13.60
C LEU D 637 12.18 26.10 -13.13
N ALA D 638 12.32 26.78 -11.98
CA ALA D 638 13.63 27.20 -11.51
C ALA D 638 14.54 26.03 -11.18
N GLY D 639 14.00 24.93 -10.65
CA GLY D 639 14.82 23.79 -10.34
C GLY D 639 15.45 23.15 -11.55
N ILE D 640 14.73 23.13 -12.68
CA ILE D 640 15.28 22.59 -13.91
C ILE D 640 16.46 23.42 -14.39
N ILE D 641 16.33 24.75 -14.35
CA ILE D 641 17.40 25.62 -14.79
C ILE D 641 18.59 25.53 -13.84
N TRP D 642 18.33 25.40 -12.54
CA TRP D 642 19.42 25.28 -11.57
C TRP D 642 20.29 24.05 -11.79
N ALA D 643 19.75 22.99 -12.39
CA ALA D 643 20.53 21.79 -12.61
C ALA D 643 21.69 22.03 -13.55
N GLN D 644 21.48 22.82 -14.60
CA GLN D 644 22.50 23.10 -15.61
C GLN D 644 23.37 24.31 -15.26
N SER D 645 23.36 24.74 -14.01
CA SER D 645 24.16 25.88 -13.61
C SER D 645 25.64 25.52 -13.52
N GLN D 646 26.49 26.54 -13.67
CA GLN D 646 27.93 26.37 -13.58
C GLN D 646 28.45 26.65 -12.17
N ASP D 647 28.20 27.86 -11.67
CA ASP D 647 28.56 28.21 -10.30
C ASP D 647 27.37 27.88 -9.40
N CYS D 648 27.30 26.61 -9.00
CA CYS D 648 26.10 26.09 -8.34
C CYS D 648 25.89 26.73 -6.97
N ILE D 649 26.91 26.72 -6.12
CA ILE D 649 26.73 27.16 -4.74
C ILE D 649 26.41 28.65 -4.67
N ALA D 650 27.17 29.47 -5.42
CA ALA D 650 26.92 30.91 -5.42
C ALA D 650 25.54 31.24 -5.96
N ALA D 651 25.13 30.58 -7.04
CA ALA D 651 23.81 30.82 -7.60
C ALA D 651 22.70 30.43 -6.61
N ALA D 652 22.85 29.28 -5.95
CA ALA D 652 21.83 28.88 -4.98
C ALA D 652 21.76 29.84 -3.81
N LEU D 653 22.92 30.30 -3.31
CA LEU D 653 22.93 31.23 -2.20
C LEU D 653 22.32 32.57 -2.60
N ALA D 654 22.62 33.05 -3.80
CA ALA D 654 22.04 34.30 -4.27
C ALA D 654 20.53 34.17 -4.45
N CYS D 655 20.06 33.03 -4.97
CA CYS D 655 18.64 32.80 -5.08
C CYS D 655 17.95 32.75 -3.73
N SER D 656 18.58 32.14 -2.72
CA SER D 656 18.00 32.15 -1.39
C SER D 656 17.84 33.57 -0.85
N LYS D 657 18.88 34.41 -1.00
CA LYS D 657 18.80 35.78 -0.52
C LYS D 657 17.73 36.58 -1.26
N ILE D 658 17.68 36.47 -2.58
CA ILE D 658 16.70 37.25 -3.34
C ILE D 658 15.29 36.79 -3.02
N LEU D 659 15.09 35.48 -2.83
CA LEU D 659 13.76 34.99 -2.47
C LEU D 659 13.36 35.47 -1.08
N LYS D 660 14.28 35.40 -0.11
CA LYS D 660 13.97 35.88 1.23
C LYS D 660 13.62 37.36 1.24
N GLU D 661 14.37 38.19 0.50
CA GLU D 661 14.11 39.62 0.54
C GLU D 661 12.94 40.03 -0.34
N LEU D 662 12.60 39.26 -1.36
CA LEU D 662 11.39 39.51 -2.14
C LEU D 662 10.13 39.07 -1.40
N SER D 663 10.22 38.01 -0.58
CA SER D 663 9.09 37.62 0.25
C SER D 663 8.74 38.70 1.26
N LYS D 664 9.72 39.48 1.70
CA LYS D 664 9.53 40.46 2.76
C LYS D 664 8.84 41.73 2.29
N GLU D 665 8.81 42.01 0.98
CA GLU D 665 8.39 43.34 0.55
C GLU D 665 6.87 43.49 0.59
N GLU D 666 6.14 42.81 -0.29
CA GLU D 666 4.69 42.91 -0.26
C GLU D 666 3.95 41.89 -1.13
N GLU D 667 3.19 40.99 -0.52
CA GLU D 667 1.90 40.63 -1.12
C GLU D 667 0.83 40.39 -0.05
N ASP D 668 1.22 40.24 1.22
CA ASP D 668 0.45 40.09 2.45
C ASP D 668 -0.02 38.66 2.76
N THR D 669 0.18 37.68 1.89
CA THR D 669 -0.26 36.32 2.17
C THR D 669 0.24 35.36 1.09
N ASP D 670 0.17 34.06 1.40
CA ASP D 670 -0.03 32.97 0.45
C ASP D 670 1.04 32.88 -0.64
N SER D 671 1.93 33.86 -0.69
CA SER D 671 3.07 33.84 -1.61
C SER D 671 4.36 34.33 -0.98
N SER D 672 4.29 35.20 0.03
CA SER D 672 5.47 35.48 0.84
C SER D 672 5.85 34.25 1.66
N GLU D 673 4.86 33.53 2.20
CA GLU D 673 5.12 32.25 2.83
C GLU D 673 5.70 31.25 1.84
N GLU D 674 5.14 31.20 0.63
CA GLU D 674 5.64 30.28 -0.38
C GLU D 674 7.04 30.70 -0.85
N MET D 675 7.28 32.00 -0.98
CA MET D 675 8.61 32.46 -1.36
C MET D 675 9.64 32.12 -0.28
N LEU D 676 9.28 32.28 0.99
CA LEU D 676 10.18 31.88 2.07
C LEU D 676 10.41 30.38 2.08
N ALA D 677 9.37 29.59 1.82
CA ALA D 677 9.54 28.14 1.73
C ALA D 677 10.47 27.75 0.60
N LEU D 678 10.33 28.40 -0.57
CA LEU D 678 11.25 28.13 -1.67
C LEU D 678 12.67 28.59 -1.35
N ALA D 679 12.81 29.69 -0.61
CA ALA D 679 14.13 30.15 -0.19
C ALA D 679 14.79 29.11 0.72
N GLU D 680 14.04 28.57 1.67
CA GLU D 680 14.56 27.50 2.51
C GLU D 680 14.86 26.23 1.73
N GLU D 681 14.04 25.91 0.73
CA GLU D 681 14.30 24.76 -0.12
C GLU D 681 15.62 24.93 -0.87
N TYR D 682 15.85 26.12 -1.44
CA TYR D 682 17.12 26.39 -2.10
C TYR D 682 18.28 26.41 -1.11
N GLU D 683 18.03 26.83 0.13
CA GLU D 683 19.04 26.75 1.17
C GLU D 683 19.48 25.32 1.41
N HIS D 684 18.50 24.42 1.59
CA HIS D 684 18.82 23.00 1.76
C HIS D 684 19.49 22.44 0.52
N ARG D 685 19.07 22.89 -0.66
CA ARG D 685 19.69 22.46 -1.91
C ARG D 685 21.16 22.83 -1.97
N ALA D 686 21.50 24.06 -1.56
CA ALA D 686 22.90 24.47 -1.50
C ALA D 686 23.67 23.73 -0.42
N ILE D 687 23.04 23.48 0.73
CA ILE D 687 23.71 22.75 1.81
C ILE D 687 24.07 21.34 1.36
N GLY D 688 23.17 20.67 0.63
CA GLY D 688 23.48 19.36 0.11
C GLY D 688 24.66 19.33 -0.84
N VAL D 689 24.70 20.27 -1.79
CA VAL D 689 25.83 20.34 -2.72
C VAL D 689 27.12 20.64 -1.98
N PHE D 690 27.08 21.57 -1.03
CA PHE D 690 28.29 21.88 -0.27
C PHE D 690 28.75 20.70 0.57
N THR D 691 27.82 19.95 1.16
CA THR D 691 28.20 18.76 1.92
C THR D 691 28.84 17.72 1.01
N GLU D 692 28.27 17.49 -0.16
CA GLU D 692 28.85 16.53 -1.09
C GLU D 692 30.24 16.96 -1.54
N CYS D 693 30.45 18.26 -1.77
CA CYS D 693 31.76 18.74 -2.16
C CYS D 693 32.75 18.75 -1.00
N TYR D 694 32.25 18.89 0.24
CA TYR D 694 33.11 18.98 1.40
C TYR D 694 33.54 17.61 1.90
N ARG D 695 32.74 16.58 1.65
CA ARG D 695 33.12 15.24 2.09
C ARG D 695 34.42 14.80 1.43
N LYS D 696 34.61 15.13 0.16
CA LYS D 696 35.81 14.75 -0.56
C LYS D 696 36.79 15.92 -0.58
N ASP D 697 37.96 15.72 0.04
CA ASP D 697 39.08 16.66 -0.05
C ASP D 697 38.68 18.05 0.45
N GLU D 698 38.45 18.12 1.77
CA GLU D 698 37.97 19.33 2.41
C GLU D 698 38.85 20.54 2.13
N GLU D 699 40.14 20.34 1.86
CA GLU D 699 41.04 21.45 1.60
C GLU D 699 40.61 22.28 0.40
N ARG D 700 40.26 21.63 -0.71
CA ARG D 700 39.76 22.37 -1.85
C ARG D 700 38.35 22.89 -1.65
N ALA D 701 37.55 22.22 -0.83
CA ALA D 701 36.21 22.72 -0.51
C ALA D 701 36.27 24.05 0.23
N GLN D 702 37.18 24.17 1.19
CA GLN D 702 37.35 25.43 1.90
C GLN D 702 37.84 26.53 0.97
N LYS D 703 38.73 26.18 0.04
CA LYS D 703 39.23 27.16 -0.93
C LYS D 703 38.14 27.62 -1.87
N LEU D 704 37.26 26.70 -2.27
CA LEU D 704 36.06 27.02 -3.03
C LEU D 704 35.10 27.90 -2.25
N LEU D 705 35.05 27.76 -0.92
CA LEU D 705 34.12 28.54 -0.11
C LEU D 705 34.42 30.04 -0.17
N THR D 706 35.70 30.41 -0.13
CA THR D 706 36.09 31.81 -0.01
C THR D 706 36.43 32.46 -1.36
N ARG D 707 36.27 31.74 -2.46
CA ARG D 707 36.61 32.30 -3.76
C ARG D 707 35.57 33.33 -4.18
N VAL D 708 35.98 34.24 -5.06
CA VAL D 708 35.08 35.21 -5.66
C VAL D 708 34.48 34.60 -6.92
N SER D 709 33.37 35.16 -7.40
CA SER D 709 32.68 34.65 -8.58
C SER D 709 32.40 35.80 -9.52
N GLU D 710 33.16 35.86 -10.62
CA GLU D 710 33.00 36.93 -11.60
C GLU D 710 31.61 36.96 -12.23
N ALA D 711 30.89 35.85 -12.20
CA ALA D 711 29.59 35.77 -12.86
C ALA D 711 28.45 36.30 -12.00
N TRP D 712 28.73 36.80 -10.80
CA TRP D 712 27.66 37.20 -9.89
C TRP D 712 27.93 38.54 -9.20
N GLY D 713 28.89 39.34 -9.69
CA GLY D 713 29.14 40.56 -8.96
C GLY D 713 29.79 40.22 -7.64
N LYS D 714 31.10 39.97 -7.62
CA LYS D 714 31.72 38.80 -7.01
C LYS D 714 30.93 38.18 -5.85
N THR D 715 30.67 38.93 -4.77
CA THR D 715 29.97 38.39 -3.61
C THR D 715 30.43 36.99 -3.23
N THR D 716 31.67 36.86 -2.76
CA THR D 716 32.18 35.56 -2.33
C THR D 716 31.17 34.87 -1.41
N CYS D 717 31.14 33.54 -1.49
CA CYS D 717 30.02 32.77 -0.95
C CYS D 717 29.81 33.03 0.54
N LEU D 718 30.89 33.07 1.33
CA LEU D 718 30.74 33.33 2.75
C LEU D 718 30.14 34.70 3.02
N GLN D 719 30.59 35.72 2.29
CA GLN D 719 30.01 37.06 2.44
C GLN D 719 28.58 37.11 1.91
N LEU D 720 28.32 36.51 0.75
CA LEU D 720 26.97 36.49 0.20
C LEU D 720 25.99 35.76 1.09
N ALA D 721 26.46 34.85 1.93
CA ALA D 721 25.55 34.08 2.78
C ALA D 721 25.03 34.91 3.94
N LEU D 722 25.84 35.82 4.46
CA LEU D 722 25.49 36.52 5.69
C LEU D 722 24.25 37.40 5.53
N GLU D 723 24.13 38.09 4.40
CA GLU D 723 23.02 39.03 4.22
C GLU D 723 21.68 38.33 4.03
N ALA D 724 21.67 37.05 3.69
CA ALA D 724 20.45 36.26 3.71
C ALA D 724 20.13 35.75 5.10
N LYS D 725 21.07 35.88 6.03
CA LYS D 725 20.97 35.56 7.46
C LYS D 725 20.95 34.06 7.70
N ASP D 726 20.70 33.27 6.65
CA ASP D 726 21.19 31.90 6.45
C ASP D 726 21.41 31.10 7.72
N MET D 727 20.36 30.88 8.52
CA MET D 727 20.51 30.15 9.77
C MET D 727 21.15 28.78 9.55
N LYS D 728 20.70 28.06 8.52
CA LYS D 728 21.09 26.65 8.39
C LYS D 728 22.42 26.48 7.66
N PHE D 729 22.70 27.28 6.64
CA PHE D 729 23.90 27.06 5.83
C PHE D 729 25.17 27.33 6.62
N VAL D 730 25.19 28.39 7.42
CA VAL D 730 26.41 28.76 8.13
C VAL D 730 26.69 27.79 9.28
N SER D 731 25.67 27.07 9.76
CA SER D 731 25.83 26.19 10.90
C SER D 731 26.23 24.77 10.52
N HIS D 732 26.47 24.49 9.24
CA HIS D 732 26.75 23.13 8.79
C HIS D 732 28.25 22.91 8.69
N GLY D 733 28.83 22.29 9.73
CA GLY D 733 30.09 21.60 9.59
C GLY D 733 31.26 22.43 9.09
N GLY D 734 31.61 22.20 7.82
CA GLY D 734 32.77 22.83 7.21
C GLY D 734 32.77 24.34 7.26
N ILE D 735 31.60 24.97 7.35
CA ILE D 735 31.56 26.42 7.53
C ILE D 735 32.22 26.81 8.84
N GLN D 736 31.81 26.17 9.94
CA GLN D 736 32.42 26.46 11.24
C GLN D 736 33.84 25.93 11.31
N ALA D 737 34.16 24.87 10.56
CA ALA D 737 35.54 24.44 10.43
C ALA D 737 36.42 25.50 9.79
N PHE D 738 35.95 26.16 8.73
CA PHE D 738 36.72 27.24 8.12
C PHE D 738 36.78 28.45 9.04
N LEU D 739 35.71 28.71 9.80
CA LEU D 739 35.75 29.81 10.75
C LEU D 739 36.77 29.55 11.85
N THR D 740 36.89 28.32 12.33
CA THR D 740 37.91 27.91 13.29
C THR D 740 39.28 27.76 12.62
N LYS D 741 39.31 27.73 11.29
CA LYS D 741 40.56 27.75 10.54
C LYS D 741 41.15 29.15 10.36
N VAL D 742 40.32 30.16 10.07
CA VAL D 742 40.83 31.52 9.95
C VAL D 742 41.18 32.09 11.32
N TRP D 743 40.31 31.90 12.30
CA TRP D 743 40.70 32.04 13.69
C TRP D 743 41.65 30.91 14.03
N TRP D 744 42.52 31.14 15.03
CA TRP D 744 43.68 30.27 15.24
C TRP D 744 44.49 30.19 13.95
N GLY D 745 44.79 31.37 13.41
CA GLY D 745 45.26 31.52 12.05
C GLY D 745 46.29 30.54 11.53
N GLN D 746 47.48 30.55 12.10
CA GLN D 746 48.58 29.74 11.60
C GLN D 746 49.10 28.71 12.60
N LEU D 747 48.54 28.65 13.80
CA LEU D 747 49.11 27.75 14.82
C LEU D 747 48.59 26.33 14.65
N SER D 748 47.30 26.12 14.93
CA SER D 748 46.71 24.78 14.92
C SER D 748 45.23 24.85 15.29
N VAL D 749 44.55 23.70 15.24
CA VAL D 749 43.20 23.57 15.78
C VAL D 749 43.14 22.56 16.92
N ASP D 750 44.29 22.04 17.37
CA ASP D 750 44.30 21.00 18.38
C ASP D 750 44.74 21.49 19.76
N ASN D 751 45.54 22.55 19.83
CA ASN D 751 46.08 23.00 21.10
C ASN D 751 44.98 23.52 22.02
N GLY D 752 45.18 23.36 23.32
CA GLY D 752 44.19 23.79 24.29
C GLY D 752 44.25 25.28 24.53
N LEU D 753 43.12 25.83 25.00
CA LEU D 753 43.05 27.25 25.30
C LEU D 753 43.89 27.60 26.53
N TRP D 754 43.92 26.71 27.53
CA TRP D 754 44.66 27.00 28.76
C TRP D 754 46.17 26.89 28.58
N ARG D 755 46.63 26.28 27.49
CA ARG D 755 48.06 26.09 27.27
C ARG D 755 48.68 27.19 26.41
N VAL D 756 47.87 27.95 25.67
CA VAL D 756 48.42 29.04 24.88
C VAL D 756 48.58 30.31 25.71
N THR D 757 47.79 30.47 26.76
CA THR D 757 47.87 31.68 27.57
C THR D 757 49.16 31.74 28.39
N LEU D 758 49.75 30.60 28.73
CA LEU D 758 51.03 30.61 29.43
C LEU D 758 52.16 31.09 28.51
N CYS D 759 52.17 30.58 27.28
CA CYS D 759 53.14 31.07 26.30
C CYS D 759 52.85 32.50 25.87
N MET D 760 51.62 32.97 26.06
CA MET D 760 51.31 34.38 25.80
C MET D 760 52.14 35.31 26.68
N LEU D 761 52.12 35.08 27.99
CA LEU D 761 52.76 36.01 28.91
C LEU D 761 54.27 35.75 29.02
N ALA D 762 54.68 34.50 28.94
CA ALA D 762 56.10 34.14 29.00
C ALA D 762 56.65 34.17 27.57
N PHE D 763 57.28 35.28 27.21
CA PHE D 763 57.77 35.44 25.84
C PHE D 763 58.85 34.42 25.48
N PRO D 764 59.86 34.13 26.32
CA PRO D 764 60.72 32.97 26.06
C PRO D 764 59.96 31.68 25.80
N LEU D 765 58.80 31.47 26.45
CA LEU D 765 58.12 30.18 26.39
C LEU D 765 57.55 29.89 25.00
N LEU D 766 57.49 30.88 24.12
CA LEU D 766 57.09 30.62 22.74
C LEU D 766 58.11 29.74 22.04
N LEU D 767 59.40 29.95 22.32
CA LEU D 767 60.46 29.30 21.56
C LEU D 767 60.70 27.85 21.98
N THR D 768 60.08 27.37 23.06
CA THR D 768 60.29 26.00 23.48
C THR D 768 59.37 25.06 22.71
N GLY D 769 59.49 23.77 23.00
CA GLY D 769 58.66 22.76 22.35
C GLY D 769 57.40 22.43 23.10
N LEU D 770 56.52 23.42 23.28
CA LEU D 770 55.25 23.25 23.97
C LEU D 770 54.05 23.46 23.06
N ILE D 771 54.02 24.58 22.34
CA ILE D 771 52.90 24.89 21.45
C ILE D 771 53.17 24.30 20.07
N SER D 772 52.10 24.13 19.29
CA SER D 772 52.15 23.49 17.97
C SER D 772 51.78 24.51 16.90
N PHE D 773 52.77 24.91 16.10
CA PHE D 773 52.55 25.76 14.95
C PHE D 773 52.27 24.92 13.70
N ARG D 774 52.05 25.61 12.58
CA ARG D 774 52.12 25.01 11.26
C ARG D 774 53.47 25.21 10.61
N GLU D 775 54.17 26.29 10.97
CA GLU D 775 55.56 26.46 10.57
C GLU D 775 56.45 25.40 11.20
N LYS D 776 56.08 24.93 12.39
CA LYS D 776 56.92 24.00 13.15
C LYS D 776 57.00 22.63 12.52
N ARG D 777 55.87 22.06 12.07
CA ARG D 777 55.92 20.72 11.48
C ARG D 777 56.66 20.74 10.14
N LEU D 778 56.53 21.82 9.38
CA LEU D 778 57.33 22.02 8.18
C LEU D 778 58.72 22.55 8.48
N GLN D 779 59.10 22.61 9.76
CA GLN D 779 60.36 23.14 10.26
C GLN D 779 60.80 24.39 9.50
N ASP D 780 59.84 25.28 9.25
CA ASP D 780 60.10 26.55 8.56
C ASP D 780 60.60 27.63 9.49
N VAL D 781 61.10 27.28 10.67
CA VAL D 781 61.56 28.26 11.65
C VAL D 781 62.99 28.65 11.33
N GLY D 782 63.16 29.65 10.48
CA GLY D 782 64.48 30.17 10.17
C GLY D 782 64.75 31.48 10.89
N THR D 783 63.70 32.05 11.48
CA THR D 783 63.78 33.30 12.22
C THR D 783 62.78 33.24 13.36
N PRO D 784 63.22 33.18 14.62
CA PRO D 784 62.25 33.14 15.73
C PRO D 784 61.34 34.35 15.75
N ALA D 785 61.85 35.52 15.35
CA ALA D 785 60.99 36.68 15.20
C ALA D 785 59.91 36.45 14.15
N ALA D 786 60.26 35.78 13.04
CA ALA D 786 59.26 35.50 12.02
C ALA D 786 58.14 34.58 12.52
N ARG D 787 58.48 33.50 13.23
CA ARG D 787 57.43 32.63 13.73
C ARG D 787 56.64 33.30 14.85
N ALA D 788 57.30 34.19 15.62
CA ALA D 788 56.57 35.02 16.57
C ALA D 788 55.60 35.99 15.90
N ARG D 789 55.98 36.56 14.76
CA ARG D 789 55.04 37.36 13.97
C ARG D 789 53.88 36.51 13.45
N ALA D 790 54.20 35.31 12.96
CA ALA D 790 53.14 34.40 12.54
C ALA D 790 52.23 34.02 13.71
N PHE D 791 52.80 33.94 14.91
CA PHE D 791 52.00 33.69 16.10
C PHE D 791 51.09 34.87 16.42
N PHE D 792 51.65 36.09 16.38
CA PHE D 792 50.91 37.26 16.82
C PHE D 792 49.86 37.70 15.80
N THR D 793 50.08 37.44 14.52
CA THR D 793 49.14 37.84 13.48
C THR D 793 47.81 37.10 13.60
N ALA D 794 47.79 35.92 14.23
CA ALA D 794 46.56 35.16 14.36
C ALA D 794 45.54 35.93 15.20
N PRO D 795 44.26 35.89 14.83
CA PRO D 795 43.23 36.63 15.58
C PRO D 795 43.07 36.18 17.02
N VAL D 796 43.42 34.93 17.35
CA VAL D 796 43.22 34.44 18.70
C VAL D 796 44.06 35.22 19.70
N VAL D 797 45.33 35.48 19.38
CA VAL D 797 46.20 36.20 20.29
C VAL D 797 45.94 37.70 20.28
N VAL D 798 45.47 38.26 19.15
CA VAL D 798 45.00 39.62 19.17
C VAL D 798 43.82 39.78 20.12
N PHE D 799 42.87 38.84 20.07
CA PHE D 799 41.76 38.85 21.01
C PHE D 799 42.24 38.69 22.45
N HIS D 800 43.19 37.78 22.68
CA HIS D 800 43.69 37.56 24.03
C HIS D 800 44.38 38.81 24.59
N LEU D 801 45.19 39.47 23.76
CA LEU D 801 45.88 40.66 24.23
C LEU D 801 44.91 41.82 24.43
N ASN D 802 43.90 41.95 23.56
CA ASN D 802 42.89 42.98 23.77
C ASN D 802 42.09 42.72 25.04
N ILE D 803 41.74 41.47 25.32
CA ILE D 803 40.96 41.17 26.51
C ILE D 803 41.80 41.39 27.76
N LEU D 804 43.10 41.09 27.69
CA LEU D 804 43.98 41.40 28.80
C LEU D 804 44.12 42.91 29.02
N SER D 805 44.25 43.68 27.94
CA SER D 805 44.35 45.13 28.08
C SER D 805 43.07 45.72 28.67
N TYR D 806 41.91 45.24 28.21
CA TYR D 806 40.64 45.72 28.74
C TYR D 806 40.38 45.24 30.16
N PHE D 807 40.95 44.09 30.55
CA PHE D 807 40.83 43.62 31.92
C PHE D 807 41.73 44.41 32.85
N ALA D 808 42.90 44.84 32.37
CA ALA D 808 43.82 45.66 33.16
C ALA D 808 43.42 47.12 33.21
N PHE D 809 42.69 47.63 32.21
CA PHE D 809 42.24 49.01 32.26
C PHE D 809 41.26 49.23 33.41
N LEU D 810 40.39 48.25 33.66
CA LEU D 810 39.50 48.33 34.80
C LEU D 810 40.25 48.33 36.13
N CYS D 811 41.31 47.52 36.25
CA CYS D 811 42.13 47.55 37.45
C CYS D 811 42.81 48.92 37.60
N LEU D 812 43.28 49.49 36.50
CA LEU D 812 43.87 50.82 36.55
C LEU D 812 42.85 51.87 37.00
N PHE D 813 41.62 51.77 36.50
CA PHE D 813 40.57 52.70 36.91
C PHE D 813 40.20 52.51 38.38
N ALA D 814 40.20 51.27 38.87
CA ALA D 814 39.99 51.02 40.28
C ALA D 814 41.14 51.56 41.14
N TYR D 815 42.35 51.60 40.58
CA TYR D 815 43.49 52.14 41.32
C TYR D 815 43.30 53.62 41.64
N VAL D 816 42.68 54.37 40.73
CA VAL D 816 42.62 55.83 40.87
C VAL D 816 41.33 56.26 41.57
N LEU D 817 40.66 55.32 42.22
CA LEU D 817 39.48 55.65 43.02
C LEU D 817 39.61 55.31 44.49
N MET D 818 40.50 54.39 44.85
CA MET D 818 40.65 54.01 46.25
C MET D 818 41.71 54.85 46.96
N VAL D 819 42.81 55.13 46.29
CA VAL D 819 43.93 55.87 46.87
C VAL D 819 44.15 57.21 46.20
N ASP D 820 43.95 57.26 44.87
CA ASP D 820 44.27 58.45 44.08
C ASP D 820 43.08 59.40 43.94
N PHE D 821 42.20 59.44 44.94
CA PHE D 821 41.05 60.35 44.92
C PHE D 821 41.55 61.77 45.17
N GLN D 822 41.99 62.41 44.08
CA GLN D 822 42.53 63.75 44.11
C GLN D 822 41.77 64.62 43.12
N PRO D 823 41.70 65.93 43.37
CA PRO D 823 40.99 66.81 42.44
C PRO D 823 41.86 67.34 41.31
N VAL D 824 43.03 66.73 41.12
CA VAL D 824 43.99 67.19 40.12
C VAL D 824 44.37 66.01 39.24
N PRO D 825 44.68 66.22 37.95
CA PRO D 825 45.22 65.12 37.13
C PRO D 825 46.60 64.71 37.61
N SER D 826 46.68 63.51 38.18
CA SER D 826 47.90 63.03 38.82
C SER D 826 48.78 62.29 37.82
N TRP D 827 49.80 61.59 38.34
CA TRP D 827 50.70 60.82 37.47
C TRP D 827 49.95 59.71 36.74
N CYS D 828 49.02 59.05 37.43
CA CYS D 828 48.28 57.93 36.86
C CYS D 828 46.90 58.34 36.36
N GLU D 829 46.76 59.55 35.82
CA GLU D 829 45.47 60.05 35.35
C GLU D 829 45.41 60.29 33.85
N CYS D 830 46.47 60.83 33.24
CA CYS D 830 46.49 61.03 31.79
C CYS D 830 46.48 59.72 31.03
N ALA D 831 46.81 58.60 31.70
CA ALA D 831 46.67 57.30 31.07
C ALA D 831 45.22 57.01 30.69
N ILE D 832 44.28 57.39 31.55
CA ILE D 832 42.87 57.22 31.22
C ILE D 832 42.49 58.08 30.03
N TYR D 833 42.98 59.32 29.96
CA TYR D 833 42.66 60.19 28.83
C TYR D 833 43.18 59.60 27.52
N LEU D 834 44.43 59.13 27.51
CA LEU D 834 44.95 58.52 26.30
C LEU D 834 44.27 57.20 25.97
N TRP D 835 43.85 56.43 26.97
CA TRP D 835 43.11 55.20 26.75
C TRP D 835 41.75 55.46 26.09
N LEU D 836 41.01 56.45 26.58
CA LEU D 836 39.76 56.84 25.93
C LEU D 836 39.99 57.42 24.55
N PHE D 837 41.09 58.14 24.34
CA PHE D 837 41.44 58.58 22.99
C PHE D 837 41.70 57.41 22.05
N SER D 838 42.40 56.37 22.52
CA SER D 838 42.73 55.24 21.67
C SER D 838 41.51 54.40 21.33
N LEU D 839 40.70 54.04 22.33
CA LEU D 839 39.54 53.18 22.05
C LEU D 839 38.46 53.87 21.23
N VAL D 840 38.25 55.18 21.42
CA VAL D 840 37.23 55.85 20.62
C VAL D 840 37.63 55.91 19.14
N CYS D 841 38.93 55.86 18.84
CA CYS D 841 39.38 55.96 17.46
C CYS D 841 39.22 54.63 16.71
N GLU D 842 39.01 53.52 17.42
CA GLU D 842 38.64 52.28 16.75
C GLU D 842 37.35 52.42 15.97
N GLU D 843 36.35 53.10 16.55
CA GLU D 843 35.09 53.33 15.84
C GLU D 843 35.30 54.21 14.61
N MET D 844 36.16 55.24 14.70
CA MET D 844 36.45 56.03 13.51
C MET D 844 37.15 55.20 12.44
N ARG D 845 38.04 54.30 12.85
CA ARG D 845 38.65 53.39 11.88
C ARG D 845 37.60 52.51 11.20
N GLN D 846 36.68 51.93 11.98
CA GLN D 846 35.60 51.13 11.41
C GLN D 846 34.66 51.94 10.53
N LEU D 847 34.52 53.24 10.78
CA LEU D 847 33.70 54.08 9.91
C LEU D 847 34.31 54.19 8.52
N PHE D 848 35.64 54.20 8.44
CA PHE D 848 36.35 54.24 7.17
C PHE D 848 36.72 52.85 6.65
N TYR D 849 36.25 51.80 7.31
CA TYR D 849 36.69 50.45 6.96
C TYR D 849 36.09 49.99 5.63
N ASP D 850 34.76 49.86 5.56
CA ASP D 850 34.08 49.45 4.33
C ASP D 850 32.78 50.22 4.20
N PRO D 851 32.87 51.54 3.95
CA PRO D 851 31.63 52.32 3.76
C PRO D 851 31.23 52.43 2.30
N ASP D 852 30.05 52.99 2.04
CA ASP D 852 29.73 53.46 0.71
C ASP D 852 30.33 54.84 0.50
N GLU D 853 30.84 55.08 -0.71
CA GLU D 853 31.60 56.29 -1.00
C GLU D 853 30.72 57.52 -1.17
N CYS D 854 29.44 57.42 -0.85
CA CYS D 854 28.55 58.57 -0.93
C CYS D 854 27.74 58.76 0.35
N GLY D 855 27.53 57.67 1.08
CA GLY D 855 26.73 57.72 2.28
C GLY D 855 27.53 57.77 3.57
N LEU D 856 27.59 58.94 4.19
CA LEU D 856 28.28 59.07 5.47
C LEU D 856 27.32 58.87 6.63
N MET D 857 26.10 59.41 6.53
CA MET D 857 25.09 59.26 7.55
C MET D 857 24.33 57.93 7.44
N LYS D 858 24.19 57.39 6.23
CA LYS D 858 23.50 56.13 6.02
C LYS D 858 24.28 54.92 6.53
N LYS D 859 25.59 55.07 6.75
CA LYS D 859 26.38 54.01 7.36
C LYS D 859 26.32 54.03 8.88
N ALA D 860 26.19 55.21 9.47
CA ALA D 860 26.05 55.32 10.92
C ALA D 860 24.72 54.77 11.42
N ALA D 861 23.74 54.55 10.52
CA ALA D 861 22.47 53.99 10.94
C ALA D 861 22.62 52.58 11.49
N LEU D 862 23.45 51.75 10.85
CA LEU D 862 23.64 50.39 11.33
C LEU D 862 24.41 50.37 12.64
N TYR D 863 25.30 51.34 12.85
CA TYR D 863 25.88 51.54 14.18
C TYR D 863 24.80 51.91 15.19
N PHE D 864 23.87 52.78 14.81
CA PHE D 864 22.74 53.11 15.68
C PHE D 864 21.78 51.93 15.81
N SER D 865 21.81 50.99 14.88
CA SER D 865 20.96 49.80 14.93
C SER D 865 21.47 48.75 15.90
N ASP D 866 22.69 48.91 16.41
CA ASP D 866 23.27 47.99 17.39
C ASP D 866 23.17 48.66 18.76
N PHE D 867 22.38 48.04 19.65
CA PHE D 867 22.21 48.60 20.99
C PHE D 867 23.47 48.45 21.83
N TRP D 868 24.38 47.55 21.46
CA TRP D 868 25.66 47.48 22.16
C TRP D 868 26.57 48.63 21.79
N ASN D 869 26.55 49.06 20.52
CA ASN D 869 27.24 50.29 20.15
C ASN D 869 26.65 51.49 20.87
N LYS D 870 25.32 51.49 21.04
CA LYS D 870 24.67 52.51 21.85
C LYS D 870 25.11 52.46 23.31
N LEU D 871 25.29 51.27 23.86
CA LEU D 871 25.84 51.13 25.21
C LEU D 871 27.27 51.66 25.30
N ASP D 872 28.11 51.40 24.30
CA ASP D 872 29.47 51.92 24.29
C ASP D 872 29.48 53.45 24.24
N VAL D 873 28.68 54.03 23.33
CA VAL D 873 28.66 55.48 23.24
C VAL D 873 28.03 56.10 24.48
N GLY D 874 27.07 55.43 25.12
CA GLY D 874 26.54 55.90 26.39
C GLY D 874 27.54 55.85 27.52
N ALA D 875 28.37 54.80 27.56
CA ALA D 875 29.48 54.74 28.51
C ALA D 875 30.50 55.84 28.27
N ILE D 876 30.72 56.22 27.02
CA ILE D 876 31.50 57.41 26.70
C ILE D 876 30.83 58.68 27.21
N LEU D 877 29.53 58.82 26.98
CA LEU D 877 28.79 59.98 27.47
C LEU D 877 28.75 60.02 28.99
N LEU D 878 28.59 58.86 29.65
CA LEU D 878 28.65 58.85 31.10
C LEU D 878 30.04 59.23 31.61
N PHE D 879 31.09 58.82 30.92
CA PHE D 879 32.44 59.29 31.26
C PHE D 879 32.56 60.81 31.09
N VAL D 880 31.96 61.36 30.03
CA VAL D 880 31.97 62.82 29.86
C VAL D 880 31.23 63.49 31.02
N ALA D 881 30.08 62.96 31.41
CA ALA D 881 29.30 63.52 32.51
C ALA D 881 29.98 63.37 33.86
N GLY D 882 30.82 62.36 34.03
CA GLY D 882 31.52 62.17 35.29
C GLY D 882 32.83 62.91 35.38
N LEU D 883 33.46 63.15 34.22
CA LEU D 883 34.71 63.89 34.20
C LEU D 883 34.52 65.34 34.62
N THR D 884 33.41 65.96 34.20
CA THR D 884 33.10 67.32 34.62
C THR D 884 32.97 67.43 36.13
N CYS D 885 32.45 66.38 36.79
CA CYS D 885 32.43 66.33 38.25
C CYS D 885 33.78 65.97 38.84
N ARG D 886 34.63 65.26 38.09
CA ARG D 886 35.98 64.91 38.53
C ARG D 886 36.90 66.11 38.54
N LEU D 887 36.81 66.98 37.53
CA LEU D 887 37.70 68.14 37.46
C LEU D 887 37.25 69.26 38.39
N ILE D 888 35.95 69.38 38.64
CA ILE D 888 35.43 70.43 39.53
C ILE D 888 35.66 69.99 40.97
N PRO D 889 36.36 70.78 41.79
CA PRO D 889 36.69 70.33 43.15
C PRO D 889 35.53 70.37 44.13
N ALA D 890 34.43 71.04 43.80
CA ALA D 890 33.31 71.21 44.72
C ALA D 890 32.27 70.11 44.60
N THR D 891 32.48 69.13 43.74
CA THR D 891 31.51 68.06 43.51
C THR D 891 32.20 66.70 43.51
N LEU D 892 33.19 66.53 44.38
CA LEU D 892 33.88 65.25 44.47
C LEU D 892 32.97 64.14 44.97
N TYR D 893 32.12 64.43 45.96
CA TYR D 893 31.20 63.43 46.51
C TYR D 893 30.21 62.93 45.45
N PRO D 894 29.57 63.82 44.68
CA PRO D 894 28.77 63.31 43.55
C PRO D 894 29.60 62.57 42.51
N GLY D 895 30.87 62.94 42.32
CA GLY D 895 31.73 62.20 41.42
C GLY D 895 32.20 60.87 41.95
N ARG D 896 32.06 60.64 43.26
CA ARG D 896 32.38 59.36 43.86
C ARG D 896 31.26 58.34 43.72
N VAL D 897 30.04 58.79 43.42
CA VAL D 897 28.89 57.90 43.29
C VAL D 897 28.36 57.82 41.87
N ILE D 898 28.76 58.74 40.98
CA ILE D 898 28.28 58.71 39.60
C ILE D 898 29.23 57.94 38.68
N LEU D 899 30.48 57.71 39.09
CA LEU D 899 31.42 56.93 38.30
C LEU D 899 31.53 55.49 38.75
N SER D 900 30.96 55.14 39.92
CA SER D 900 30.92 53.75 40.35
C SER D 900 30.07 52.89 39.42
N LEU D 901 28.93 53.42 38.96
CA LEU D 901 28.11 52.71 38.00
C LEU D 901 28.80 52.52 36.66
N ASP D 902 29.74 53.39 36.31
CA ASP D 902 30.48 53.23 35.06
C ASP D 902 31.34 51.98 35.09
N PHE D 903 31.82 51.59 36.28
CA PHE D 903 32.63 50.38 36.40
C PHE D 903 31.86 49.15 35.98
N ILE D 904 30.54 49.19 35.99
CA ILE D 904 29.73 48.02 35.70
C ILE D 904 29.04 48.24 34.35
N LEU D 905 28.85 49.50 33.97
CA LEU D 905 28.44 49.80 32.60
C LEU D 905 29.51 49.35 31.62
N PHE D 906 30.78 49.42 32.03
CA PHE D 906 31.86 48.80 31.25
C PHE D 906 31.90 47.30 31.42
N CYS D 907 31.44 46.77 32.56
CA CYS D 907 31.37 45.32 32.73
C CYS D 907 30.35 44.69 31.80
N LEU D 908 29.26 45.39 31.49
CA LEU D 908 28.32 44.91 30.47
C LEU D 908 29.01 44.81 29.12
N ARG D 909 29.80 45.81 28.75
CA ARG D 909 30.58 45.72 27.53
C ARG D 909 31.60 44.58 27.56
N LEU D 910 32.21 44.33 28.72
CA LEU D 910 33.17 43.24 28.84
C LEU D 910 32.46 41.89 28.72
N MET D 911 31.21 41.81 29.20
CA MET D 911 30.37 40.65 28.93
C MET D 911 30.02 40.52 27.46
N HIS D 912 29.88 41.63 26.75
CA HIS D 912 29.58 41.58 25.32
C HIS D 912 30.65 40.79 24.56
N ILE D 913 31.92 41.00 24.87
CA ILE D 913 32.99 40.36 24.12
C ILE D 913 33.18 38.90 24.51
N PHE D 914 32.49 38.43 25.55
CA PHE D 914 32.48 36.99 25.85
C PHE D 914 31.33 36.27 25.15
N THR D 915 31.15 36.53 23.86
CA THR D 915 30.36 35.66 23.00
C THR D 915 31.33 34.80 22.19
N ILE D 916 32.12 34.01 22.92
CA ILE D 916 33.27 33.29 22.35
C ILE D 916 33.21 31.80 22.67
N SER D 917 33.02 31.46 23.95
CA SER D 917 33.20 30.09 24.41
C SER D 917 32.12 29.17 23.85
N LYS D 918 32.50 27.91 23.63
CA LYS D 918 31.57 26.92 23.12
C LYS D 918 30.44 26.62 24.08
N THR D 919 30.73 26.59 25.39
CA THR D 919 29.70 26.34 26.40
C THR D 919 29.14 27.62 27.01
N LEU D 920 29.59 28.79 26.56
CA LEU D 920 29.10 30.06 27.08
C LEU D 920 28.41 30.89 26.00
N GLY D 921 28.93 30.84 24.77
CA GLY D 921 28.35 31.55 23.65
C GLY D 921 26.88 31.19 23.44
N PRO D 922 26.59 29.92 23.15
CA PRO D 922 25.19 29.49 23.11
C PRO D 922 24.50 29.56 24.46
N LYS D 923 25.24 29.77 25.55
CA LYS D 923 24.67 29.97 26.86
C LYS D 923 24.39 31.44 27.17
N ILE D 924 25.24 32.36 26.69
CA ILE D 924 24.98 33.79 26.84
C ILE D 924 23.98 34.30 25.81
N ILE D 925 23.83 33.60 24.68
CA ILE D 925 22.73 33.90 23.76
C ILE D 925 21.39 33.65 24.41
N ILE D 926 21.32 32.74 25.39
CA ILE D 926 20.10 32.54 26.16
C ILE D 926 19.76 33.78 27.00
N VAL D 927 20.76 34.36 27.68
CA VAL D 927 20.47 35.57 28.46
C VAL D 927 20.27 36.76 27.54
N LYS D 928 20.70 36.67 26.27
CA LYS D 928 20.28 37.66 25.29
C LYS D 928 18.78 37.61 25.04
N ARG D 929 18.16 36.43 25.12
CA ARG D 929 16.71 36.30 25.16
C ARG D 929 16.13 36.82 26.47
N MET D 930 16.95 36.85 27.52
CA MET D 930 16.50 37.17 28.86
C MET D 930 16.41 38.69 29.07
N MET D 931 16.94 39.49 28.14
CA MET D 931 17.36 40.86 28.44
C MET D 931 16.19 41.76 28.83
N LYS D 932 15.15 41.81 28.00
CA LYS D 932 13.97 42.57 28.39
C LYS D 932 13.21 41.90 29.52
N ASP D 933 13.20 40.57 29.54
CA ASP D 933 12.61 39.88 30.67
C ASP D 933 13.47 39.99 31.92
N VAL D 934 14.76 40.36 31.81
CA VAL D 934 15.52 40.76 32.99
C VAL D 934 14.85 41.94 33.67
N PHE D 935 14.54 42.99 32.89
CA PHE D 935 13.78 44.12 33.43
C PHE D 935 12.39 43.72 33.89
N PHE D 936 11.72 42.83 33.16
CA PHE D 936 10.42 42.31 33.56
C PHE D 936 10.48 41.73 34.97
N PHE D 937 11.41 40.81 35.20
CA PHE D 937 11.50 40.16 36.51
C PHE D 937 12.06 41.09 37.57
N LEU D 938 12.90 42.06 37.19
CA LEU D 938 13.38 43.03 38.16
C LEU D 938 12.25 43.90 38.69
N PHE D 939 11.43 44.44 37.77
CA PHE D 939 10.25 45.20 38.15
C PHE D 939 9.26 44.33 38.93
N LEU D 940 9.17 43.05 38.60
CA LEU D 940 8.27 42.12 39.29
C LEU D 940 8.72 41.88 40.73
N LEU D 941 9.99 41.50 40.89
CA LEU D 941 10.52 41.10 42.19
C LEU D 941 10.73 42.28 43.11
N ALA D 942 11.06 43.46 42.57
CA ALA D 942 11.14 44.64 43.41
C ALA D 942 9.78 44.97 44.02
N VAL D 943 8.71 44.82 43.23
CA VAL D 943 7.38 45.05 43.74
C VAL D 943 6.98 43.99 44.78
N TRP D 944 7.27 42.71 44.52
CA TRP D 944 7.04 41.73 45.59
C TRP D 944 7.78 42.08 46.87
N VAL D 945 9.04 42.51 46.76
CA VAL D 945 9.80 42.85 47.96
C VAL D 945 9.19 44.03 48.70
N VAL D 946 8.85 45.10 47.97
CA VAL D 946 8.31 46.30 48.61
C VAL D 946 6.95 46.04 49.23
N SER D 947 6.14 45.17 48.61
CA SER D 947 4.79 44.91 49.11
C SER D 947 4.80 44.48 50.57
N PHE D 948 5.80 43.71 50.99
CA PHE D 948 5.88 43.32 52.39
C PHE D 948 6.99 44.05 53.15
N GLY D 949 7.87 44.77 52.45
CA GLY D 949 8.75 45.70 53.12
C GLY D 949 7.99 46.82 53.77
N VAL D 950 6.89 47.26 53.14
CA VAL D 950 6.01 48.23 53.78
C VAL D 950 5.28 47.62 54.97
N ALA D 951 4.85 46.37 54.84
CA ALA D 951 4.03 45.75 55.88
C ALA D 951 4.85 45.22 57.06
N LYS D 952 6.17 45.09 56.90
CA LYS D 952 6.98 44.56 57.98
C LYS D 952 7.10 45.55 59.14
N GLN D 953 7.30 46.84 58.84
CA GLN D 953 7.48 47.85 59.86
C GLN D 953 6.17 48.46 60.35
N ALA D 954 5.03 47.97 59.87
CA ALA D 954 3.75 48.56 60.23
C ALA D 954 3.32 48.18 61.65
N ILE D 955 3.19 46.87 61.91
CA ILE D 955 2.68 46.43 63.20
C ILE D 955 3.66 46.73 64.32
N LEU D 956 4.94 46.40 64.12
CA LEU D 956 5.94 46.68 65.13
C LEU D 956 6.25 48.17 65.20
N ILE D 957 6.55 48.64 66.39
CA ILE D 957 6.80 50.07 66.65
C ILE D 957 8.30 50.27 66.54
N HIS D 958 8.75 50.69 65.35
CA HIS D 958 10.15 51.02 65.16
C HIS D 958 10.37 52.51 65.39
N ASN D 959 11.51 52.85 66.01
CA ASN D 959 11.80 54.22 66.39
C ASN D 959 13.15 54.72 65.90
N GLU D 960 13.90 53.91 65.15
CA GLU D 960 15.20 54.34 64.63
C GLU D 960 14.96 55.21 63.39
N ARG D 961 15.24 56.50 63.50
CA ARG D 961 15.03 57.43 62.40
C ARG D 961 16.12 58.49 62.39
N ARG D 962 16.55 58.86 61.19
CA ARG D 962 17.51 59.93 60.97
C ARG D 962 17.19 60.61 59.64
N VAL D 963 18.14 61.39 59.14
CA VAL D 963 18.03 62.00 57.82
C VAL D 963 18.63 61.03 56.81
N ASP D 964 17.78 60.52 55.91
CA ASP D 964 18.18 59.52 54.91
C ASP D 964 18.69 58.23 55.56
N TRP D 965 18.41 58.06 56.86
CA TRP D 965 18.69 56.80 57.53
C TRP D 965 17.46 56.22 58.21
N LEU D 966 16.38 56.99 58.38
CA LEU D 966 15.08 56.38 58.63
C LEU D 966 14.65 55.54 57.44
N PHE D 967 14.92 56.02 56.23
CA PHE D 967 14.74 55.21 55.03
C PHE D 967 15.51 53.90 55.13
N ARG D 968 16.70 53.92 55.73
CA ARG D 968 17.45 52.69 55.94
C ARG D 968 16.63 51.69 56.74
N GLY D 969 16.34 52.00 58.00
CA GLY D 969 15.59 51.11 58.86
C GLY D 969 14.16 50.86 58.44
N ALA D 970 13.68 51.56 57.43
CA ALA D 970 12.33 51.34 56.92
C ALA D 970 12.29 50.45 55.69
N VAL D 971 13.19 50.64 54.73
CA VAL D 971 13.15 49.92 53.47
C VAL D 971 14.43 49.10 53.25
N TYR D 972 15.59 49.66 53.56
CA TYR D 972 16.85 48.99 53.26
C TYR D 972 17.00 47.70 54.05
N HIS D 973 16.39 47.62 55.23
CA HIS D 973 16.45 46.43 56.06
C HIS D 973 15.42 45.39 55.66
N SER D 974 14.57 45.68 54.68
CA SER D 974 13.62 44.69 54.18
C SER D 974 14.23 43.72 53.18
N TYR D 975 15.09 44.21 52.28
CA TYR D 975 15.80 43.32 51.36
C TYR D 975 16.92 42.56 52.05
N LEU D 976 17.50 43.12 53.12
CA LEU D 976 18.52 42.39 53.87
C LEU D 976 17.93 41.23 54.65
N THR D 977 16.66 41.33 55.06
CA THR D 977 15.98 40.23 55.73
C THR D 977 15.55 39.12 54.78
N ILE D 978 15.95 39.19 53.52
CA ILE D 978 15.57 38.18 52.54
C ILE D 978 16.70 37.17 52.39
N PHE D 979 17.93 37.66 52.38
CA PHE D 979 19.09 36.82 52.09
C PHE D 979 19.99 36.58 53.30
N GLY D 980 19.50 36.80 54.51
CA GLY D 980 20.25 36.40 55.69
C GLY D 980 20.30 37.41 56.83
N GLN D 981 20.34 38.71 56.51
CA GLN D 981 20.47 39.74 57.53
C GLN D 981 19.08 40.05 58.10
N ILE D 982 18.66 39.20 59.04
CA ILE D 982 17.40 39.37 59.74
C ILE D 982 17.71 39.78 61.19
N PRO D 983 17.42 41.01 61.59
CA PRO D 983 17.62 41.39 62.99
C PRO D 983 16.57 40.76 63.91
N GLY D 984 16.80 39.50 64.28
CA GLY D 984 15.84 38.78 65.10
C GLY D 984 15.58 39.42 66.45
N TYR D 985 16.59 40.06 67.04
CA TYR D 985 16.40 40.77 68.30
C TYR D 985 15.66 42.09 68.13
N ILE D 986 15.47 42.55 66.90
CA ILE D 986 14.68 43.73 66.62
C ILE D 986 13.36 43.38 65.93
N ASP D 987 13.40 42.51 64.92
CA ASP D 987 12.18 42.09 64.24
C ASP D 987 11.27 41.29 65.17
N GLY D 988 11.85 40.52 66.08
CA GLY D 988 11.07 39.74 67.02
C GLY D 988 11.25 40.19 68.46
N PHE D 1020 3.95 40.55 71.49
CA PHE D 1020 2.58 40.03 71.38
C PHE D 1020 2.22 39.52 69.97
N PRO D 1021 2.50 40.32 68.90
CA PRO D 1021 2.16 39.85 67.55
C PRO D 1021 3.19 38.89 66.99
N GLU D 1022 3.62 37.91 67.80
CA GLU D 1022 4.57 36.91 67.32
C GLU D 1022 3.90 35.87 66.44
N TRP D 1023 2.64 35.53 66.72
CA TRP D 1023 1.93 34.56 65.90
C TRP D 1023 1.72 35.05 64.47
N LEU D 1024 1.37 36.33 64.31
CA LEU D 1024 1.20 36.89 62.98
C LEU D 1024 2.54 37.09 62.27
N THR D 1025 3.59 37.40 63.02
CA THR D 1025 4.92 37.49 62.41
C THR D 1025 5.35 36.16 61.80
N VAL D 1026 5.01 35.04 62.44
CA VAL D 1026 5.21 33.74 61.82
C VAL D 1026 4.32 33.60 60.60
N LEU D 1027 3.05 34.03 60.71
CA LEU D 1027 2.07 33.81 59.65
C LEU D 1027 2.47 34.52 58.37
N LEU D 1028 2.80 35.81 58.46
CA LEU D 1028 3.11 36.58 57.25
C LEU D 1028 4.49 36.24 56.69
N LEU D 1029 5.45 35.92 57.55
CA LEU D 1029 6.77 35.55 57.07
C LEU D 1029 6.73 34.25 56.27
N CYS D 1030 5.86 33.32 56.66
CA CYS D 1030 5.65 32.11 55.86
C CYS D 1030 4.90 32.42 54.58
N LEU D 1031 4.04 33.44 54.60
CA LEU D 1031 3.24 33.76 53.44
C LEU D 1031 4.09 34.34 52.31
N TYR D 1032 5.04 35.22 52.64
CA TYR D 1032 5.88 35.81 51.60
C TYR D 1032 6.74 34.76 50.93
N LEU D 1033 7.41 33.91 51.73
CA LEU D 1033 8.30 32.90 51.17
C LEU D 1033 7.54 31.76 50.52
N LEU D 1034 6.22 31.68 50.75
CA LEU D 1034 5.41 30.66 50.07
C LEU D 1034 5.19 31.04 48.62
N PHE D 1035 5.09 32.33 48.33
CA PHE D 1035 4.93 32.80 46.95
C PHE D 1035 6.25 33.12 46.26
N THR D 1036 7.31 33.37 47.00
CA THR D 1036 8.59 33.71 46.37
C THR D 1036 9.48 32.48 46.20
N ASN D 1037 9.79 31.80 47.31
CA ASN D 1037 10.69 30.65 47.23
C ASN D 1037 10.02 29.43 46.62
N ILE D 1038 8.71 29.46 46.41
CA ILE D 1038 7.99 28.32 45.84
C ILE D 1038 7.42 28.70 44.48
N LEU D 1039 6.69 29.83 44.44
CA LEU D 1039 6.06 30.26 43.20
C LEU D 1039 6.94 31.16 42.33
N LEU D 1040 7.82 31.94 42.94
CA LEU D 1040 8.64 32.85 42.16
C LEU D 1040 10.08 32.37 41.99
N LEU D 1041 10.44 31.24 42.58
CA LEU D 1041 11.78 30.68 42.42
C LEU D 1041 11.78 29.45 41.53
N ASN D 1042 10.89 28.49 41.83
CA ASN D 1042 10.85 27.25 41.06
C ASN D 1042 10.05 27.34 39.77
N LEU D 1043 9.10 28.28 39.67
CA LEU D 1043 8.37 28.45 38.42
C LEU D 1043 9.21 29.16 37.37
N LEU D 1044 10.22 29.92 37.78
CA LEU D 1044 11.17 30.46 36.81
C LEU D 1044 11.94 29.35 36.12
N ILE D 1045 12.24 28.28 36.85
CA ILE D 1045 12.97 27.14 36.29
C ILE D 1045 12.18 26.55 35.12
N ALA D 1046 10.87 26.43 35.27
CA ALA D 1046 10.04 25.91 34.19
C ALA D 1046 10.09 26.79 32.95
N MET D 1047 9.94 28.10 33.11
CA MET D 1047 9.97 28.99 31.95
C MET D 1047 11.40 29.36 31.55
N PHE D 1048 12.39 28.93 32.34
CA PHE D 1048 13.78 28.92 31.87
C PHE D 1048 14.07 27.67 31.06
N ASN D 1049 13.91 26.50 31.67
CA ASN D 1049 14.29 25.25 31.02
C ASN D 1049 13.47 24.95 29.78
N TYR D 1050 12.15 25.16 29.83
CA TYR D 1050 11.31 24.87 28.67
C TYR D 1050 11.64 25.80 27.51
N THR D 1051 11.79 27.10 27.79
CA THR D 1051 12.20 28.04 26.75
C THR D 1051 13.62 27.77 26.28
N PHE D 1052 14.48 27.23 27.15
CA PHE D 1052 15.79 26.79 26.72
C PHE D 1052 15.68 25.67 25.70
N GLN D 1053 14.78 24.71 25.94
CA GLN D 1053 14.58 23.62 24.98
C GLN D 1053 13.87 24.12 23.72
N GLN D 1054 13.11 25.21 23.82
CA GLN D 1054 12.34 25.73 22.71
C GLN D 1054 13.20 26.16 21.53
N VAL D 1055 14.15 27.06 21.78
CA VAL D 1055 14.94 27.65 20.71
C VAL D 1055 16.40 27.21 20.79
N GLN D 1056 16.68 26.07 21.44
CA GLN D 1056 18.06 25.62 21.59
C GLN D 1056 18.73 25.40 20.24
N GLU D 1057 17.99 24.81 19.30
CA GLU D 1057 18.51 24.67 17.94
C GLU D 1057 18.73 26.04 17.30
N HIS D 1058 17.80 26.97 17.50
CA HIS D 1058 17.98 28.32 17.00
C HIS D 1058 19.16 29.00 17.68
N THR D 1059 19.24 28.92 19.00
CA THR D 1059 20.33 29.54 19.73
C THR D 1059 21.68 28.95 19.37
N ASP D 1060 21.75 27.65 19.08
CA ASP D 1060 23.00 27.04 18.65
C ASP D 1060 23.45 27.63 17.32
N GLN D 1061 22.56 27.69 16.34
CA GLN D 1061 22.94 28.19 15.02
C GLN D 1061 23.06 29.71 15.00
N ILE D 1062 22.34 30.41 15.87
CA ILE D 1062 22.49 31.86 15.96
C ILE D 1062 23.90 32.21 16.42
N TRP D 1063 24.39 31.52 17.45
CA TRP D 1063 25.79 31.69 17.86
C TRP D 1063 26.74 31.27 16.76
N LYS D 1064 26.39 30.23 16.00
CA LYS D 1064 27.19 29.87 14.83
C LYS D 1064 27.19 30.99 13.80
N PHE D 1065 26.03 31.61 13.59
CA PHE D 1065 25.95 32.74 12.65
C PHE D 1065 26.65 33.97 13.19
N GLN D 1066 26.48 34.26 14.48
CA GLN D 1066 27.12 35.43 15.08
C GLN D 1066 28.62 35.27 15.26
N ARG D 1067 29.14 34.05 15.08
CA ARG D 1067 30.57 33.81 15.28
C ARG D 1067 31.42 34.55 14.25
N HIS D 1068 30.94 34.66 13.00
CA HIS D 1068 31.74 35.30 11.97
C HIS D 1068 31.95 36.78 12.25
N ASP D 1069 31.01 37.43 12.93
CA ASP D 1069 31.14 38.85 13.23
C ASP D 1069 32.35 39.14 14.11
N LEU D 1070 32.60 38.31 15.12
CA LEU D 1070 33.79 38.50 15.95
C LEU D 1070 35.06 38.27 15.13
N ILE D 1071 35.05 37.25 14.25
CA ILE D 1071 36.21 36.99 13.41
C ILE D 1071 36.44 38.10 12.40
N GLU D 1072 35.36 38.69 11.86
CA GLU D 1072 35.49 39.77 10.89
C GLU D 1072 36.17 40.99 11.50
N GLU D 1073 35.82 41.35 12.73
CA GLU D 1073 36.38 42.56 13.34
C GLU D 1073 37.87 42.39 13.66
N TYR D 1074 38.25 41.22 14.16
CA TYR D 1074 39.60 41.02 14.68
C TYR D 1074 40.59 40.48 13.65
N HIS D 1075 40.14 40.16 12.44
CA HIS D 1075 41.06 39.67 11.41
C HIS D 1075 41.75 40.83 10.71
N GLY D 1076 40.96 41.78 10.20
CA GLY D 1076 41.51 42.95 9.55
C GLY D 1076 41.95 44.01 10.55
N ARG D 1077 42.93 43.67 11.37
CA ARG D 1077 43.41 44.56 12.42
C ARG D 1077 44.83 44.18 12.82
N PRO D 1078 45.73 45.15 12.97
CA PRO D 1078 47.10 44.83 13.38
C PRO D 1078 47.15 44.27 14.79
N ALA D 1079 48.18 43.46 15.04
CA ALA D 1079 48.36 42.78 16.31
C ALA D 1079 49.00 43.67 17.38
N ALA D 1080 49.06 44.98 17.16
CA ALA D 1080 49.67 45.86 18.14
C ALA D 1080 48.77 45.99 19.37
N PRO D 1081 49.36 46.08 20.55
CA PRO D 1081 48.57 46.34 21.76
C PRO D 1081 47.75 47.61 21.64
N PRO D 1082 46.60 47.68 22.29
CA PRO D 1082 45.88 48.95 22.40
C PRO D 1082 46.73 50.03 23.04
N PRO D 1083 47.64 49.69 23.96
CA PRO D 1083 48.69 50.66 24.30
C PRO D 1083 49.57 51.07 23.13
N PHE D 1084 49.66 50.23 22.09
CA PHE D 1084 50.50 50.53 20.93
C PHE D 1084 49.70 50.79 19.67
N ILE D 1085 48.36 50.64 19.71
CA ILE D 1085 47.53 51.06 18.59
C ILE D 1085 47.57 52.56 18.37
N LEU D 1086 47.97 53.33 19.38
CA LEU D 1086 48.12 54.77 19.21
C LEU D 1086 49.05 55.09 18.05
N LEU D 1087 50.13 54.33 17.89
CA LEU D 1087 51.03 54.53 16.77
C LEU D 1087 50.38 54.17 15.45
N SER D 1088 49.66 53.04 15.40
CA SER D 1088 49.02 52.62 14.17
C SER D 1088 47.84 53.52 13.79
N HIS D 1089 47.26 54.23 14.76
CA HIS D 1089 46.21 55.19 14.43
C HIS D 1089 46.75 56.35 13.61
N LEU D 1090 48.03 56.67 13.76
CA LEU D 1090 48.68 57.70 12.96
C LEU D 1090 49.39 57.14 11.74
N GLN D 1091 49.62 55.83 11.70
CA GLN D 1091 50.36 55.23 10.58
C GLN D 1091 49.62 55.42 9.26
N LEU D 1092 48.29 55.27 9.25
CA LEU D 1092 47.51 55.51 8.05
C LEU D 1092 47.22 56.99 7.82
N PHE D 1093 47.55 57.86 8.79
CA PHE D 1093 47.41 59.29 8.60
C PHE D 1093 48.65 59.91 7.96
N ILE D 1094 49.84 59.50 8.41
CA ILE D 1094 51.07 59.92 7.75
C ILE D 1094 51.15 59.32 6.35
N LYS D 1095 50.54 58.15 6.15
CA LYS D 1095 50.49 57.55 4.82
C LYS D 1095 49.71 58.44 3.85
N ARG D 1096 48.61 59.04 4.33
CA ARG D 1096 47.81 59.93 3.50
C ARG D 1096 48.43 61.31 3.33
N VAL D 1097 49.54 61.59 4.01
CA VAL D 1097 50.34 62.76 3.65
C VAL D 1097 51.01 62.56 2.30
N VAL D 1098 51.49 61.35 2.01
CA VAL D 1098 52.07 61.00 0.72
C VAL D 1098 51.00 60.51 -0.26
N LEU D 1099 50.18 59.56 0.17
CA LEU D 1099 49.12 59.03 -0.66
C LEU D 1099 47.94 59.99 -0.69
N LYS D 1100 47.04 59.78 -1.65
CA LYS D 1100 45.85 60.61 -1.77
C LYS D 1100 44.55 59.83 -1.98
N THR D 1101 44.61 58.59 -2.45
CA THR D 1101 43.42 57.80 -2.69
C THR D 1101 43.38 56.57 -1.79
N PRO D 1102 42.19 56.14 -1.37
CA PRO D 1102 42.11 54.94 -0.50
C PRO D 1102 42.35 53.65 -1.26
N ALA D 1103 43.61 53.35 -1.54
CA ALA D 1103 44.01 52.13 -2.24
C ALA D 1103 45.20 51.49 -1.55
N LYS D 1104 45.15 51.39 -0.23
CA LYS D 1104 46.30 50.88 0.53
C LYS D 1104 46.39 49.35 0.44
N ARG D 1105 45.31 48.65 0.78
CA ARG D 1105 45.29 47.19 0.81
C ARG D 1105 43.86 46.74 1.05
N HIS D 1106 43.60 45.46 0.77
CA HIS D 1106 42.31 44.82 0.99
C HIS D 1106 42.55 43.57 1.82
N LYS D 1107 42.53 43.71 3.14
CA LYS D 1107 42.74 42.57 4.04
C LYS D 1107 41.42 41.91 4.41
N GLN D 1108 40.68 41.50 3.38
CA GLN D 1108 39.45 40.73 3.53
C GLN D 1108 39.72 39.30 3.09
N LEU D 1109 38.70 38.43 3.24
CA LEU D 1109 38.85 37.07 2.78
C LEU D 1109 39.05 37.07 1.27
N LYS D 1110 38.00 37.44 0.53
CA LYS D 1110 38.06 37.92 -0.85
C LYS D 1110 39.16 37.27 -1.69
N ASN D 1111 39.26 35.94 -1.66
CA ASN D 1111 40.36 35.25 -2.32
C ASN D 1111 40.12 35.22 -3.83
N LYS D 1112 40.95 35.95 -4.56
CA LYS D 1112 40.87 35.92 -6.02
C LYS D 1112 41.64 34.73 -6.57
N LEU D 1113 41.14 34.18 -7.68
CA LEU D 1113 41.69 32.96 -8.27
C LEU D 1113 42.04 33.17 -9.74
N GLU D 1114 42.99 32.39 -10.22
CA GLU D 1114 43.43 32.43 -11.60
C GLU D 1114 42.52 31.60 -12.49
N LYS D 1115 42.64 31.80 -13.81
CA LYS D 1115 41.83 31.02 -14.75
C LYS D 1115 42.17 29.54 -14.69
N ASN D 1116 43.46 29.20 -14.62
CA ASN D 1116 43.92 27.82 -14.61
C ASN D 1116 43.42 27.04 -13.40
N GLU D 1117 43.23 27.70 -12.26
CA GLU D 1117 42.69 27.01 -11.09
C GLU D 1117 41.18 27.14 -10.99
N GLU D 1118 40.61 28.25 -11.44
CA GLU D 1118 39.15 28.39 -11.45
C GLU D 1118 38.50 27.33 -12.32
N ALA D 1119 39.03 27.11 -13.52
CA ALA D 1119 38.50 26.05 -14.36
C ALA D 1119 38.73 24.67 -13.77
N ALA D 1120 39.86 24.46 -13.09
CA ALA D 1120 40.15 23.19 -12.43
C ALA D 1120 39.31 22.96 -11.18
N LEU D 1121 38.64 23.98 -10.67
CA LEU D 1121 37.79 23.86 -9.49
C LEU D 1121 36.30 23.83 -9.83
N LEU D 1122 35.85 24.68 -10.75
CA LEU D 1122 34.45 24.65 -11.16
C LEU D 1122 34.11 23.36 -11.90
N SER D 1123 35.03 22.82 -12.70
CA SER D 1123 34.80 21.53 -13.33
C SER D 1123 34.69 20.42 -12.29
N TRP D 1124 35.45 20.54 -11.19
CA TRP D 1124 35.33 19.57 -10.11
C TRP D 1124 33.99 19.67 -9.41
N GLU D 1125 33.50 20.89 -9.17
CA GLU D 1125 32.23 21.08 -8.48
C GLU D 1125 31.05 20.56 -9.30
N ILE D 1126 31.07 20.78 -10.61
CA ILE D 1126 29.98 20.32 -11.47
C ILE D 1126 29.85 18.81 -11.41
N TYR D 1127 31.00 18.10 -11.43
CA TYR D 1127 30.97 16.66 -11.31
C TYR D 1127 30.38 16.21 -9.97
N LEU D 1128 30.69 16.94 -8.90
CA LEU D 1128 30.07 16.65 -7.60
C LEU D 1128 28.62 17.09 -7.51
N LYS D 1129 28.23 18.16 -8.21
CA LYS D 1129 26.84 18.59 -8.18
C LYS D 1129 25.93 17.52 -8.78
N GLU D 1130 26.32 16.94 -9.91
CA GLU D 1130 25.57 15.84 -10.49
C GLU D 1130 25.60 14.60 -9.60
N ASN D 1131 26.71 14.37 -8.89
CA ASN D 1131 26.75 13.26 -7.94
C ASN D 1131 25.77 13.48 -6.79
N TYR D 1132 25.64 14.72 -6.31
CA TYR D 1132 24.64 15.01 -5.29
C TYR D 1132 23.23 14.82 -5.84
N LEU D 1133 23.00 15.22 -7.08
CA LEU D 1133 21.67 15.05 -7.68
C LEU D 1133 21.29 13.58 -7.78
N GLN D 1134 22.28 12.68 -7.81
CA GLN D 1134 21.99 11.26 -7.75
C GLN D 1134 21.29 10.86 -6.47
N ASN D 1135 21.78 11.36 -5.32
CA ASN D 1135 21.26 10.93 -4.03
C ASN D 1135 19.83 11.42 -3.79
N ARG D 1136 19.58 12.71 -4.02
CA ARG D 1136 18.24 13.24 -3.80
C ARG D 1136 17.23 12.64 -4.76
N GLN D 1137 17.62 12.45 -6.03
CA GLN D 1137 16.75 11.74 -6.96
C GLN D 1137 16.51 10.31 -6.50
N PHE D 1138 17.53 9.65 -5.95
CA PHE D 1138 17.35 8.33 -5.37
C PHE D 1138 16.66 8.40 -4.02
N GLN D 1139 16.85 9.49 -3.27
CA GLN D 1139 16.14 9.67 -2.00
C GLN D 1139 14.65 9.81 -2.21
N GLN D 1140 14.22 10.52 -3.25
CA GLN D 1140 12.80 10.68 -3.49
C GLN D 1140 12.12 9.34 -3.80
N LYS D 1141 12.78 8.50 -4.62
CA LYS D 1141 12.20 7.21 -4.96
C LYS D 1141 12.26 6.21 -3.81
N GLN D 1142 13.23 6.33 -2.92
CA GLN D 1142 13.31 5.47 -1.75
C GLN D 1142 12.35 5.85 -0.64
N ARG D 1143 11.74 7.02 -0.71
CA ARG D 1143 10.79 7.44 0.33
C ARG D 1143 9.56 6.54 0.27
N PRO D 1144 9.11 5.98 1.39
CA PRO D 1144 7.96 5.06 1.37
C PRO D 1144 6.69 5.70 0.85
N GLU D 1145 6.46 6.98 1.12
CA GLU D 1145 5.27 7.67 0.64
C GLU D 1145 5.26 7.76 -0.88
N GLN D 1146 6.41 8.11 -1.49
CA GLN D 1146 6.47 8.17 -2.95
C GLN D 1146 6.19 6.83 -3.59
N LYS D 1147 6.65 5.73 -2.96
CA LYS D 1147 6.37 4.41 -3.52
C LYS D 1147 4.88 4.12 -3.55
N ILE D 1148 4.08 4.81 -2.74
CA ILE D 1148 2.63 4.70 -2.85
C ILE D 1148 2.13 5.35 -4.14
N GLU D 1149 2.81 6.40 -4.62
CA GLU D 1149 2.49 6.92 -5.96
C GLU D 1149 2.71 5.87 -7.04
N ASP D 1150 3.78 5.08 -6.95
CA ASP D 1150 4.12 4.16 -8.02
C ASP D 1150 3.06 3.08 -8.17
N ILE D 1151 2.58 2.53 -7.05
CA ILE D 1151 1.56 1.49 -7.13
C ILE D 1151 0.23 2.07 -7.60
N SER D 1152 -0.12 3.26 -7.11
CA SER D 1152 -1.43 3.82 -7.41
C SER D 1152 -1.62 4.08 -8.90
N ASN D 1153 -0.62 4.66 -9.56
CA ASN D 1153 -0.75 4.93 -10.98
C ASN D 1153 -0.53 3.69 -11.85
N LYS D 1154 0.09 2.65 -11.31
CA LYS D 1154 0.22 1.39 -12.03
C LYS D 1154 -1.08 0.60 -12.05
N VAL D 1155 -1.83 0.63 -10.94
CA VAL D 1155 -3.15 0.01 -10.92
C VAL D 1155 -4.11 0.75 -11.85
N ASP D 1156 -3.98 2.08 -11.95
CA ASP D 1156 -4.78 2.84 -12.90
C ASP D 1156 -4.50 2.46 -14.34
N ALA D 1157 -3.37 1.81 -14.62
CA ALA D 1157 -3.09 1.29 -15.94
C ALA D 1157 -3.73 -0.06 -16.18
N MET D 1158 -4.32 -0.67 -15.15
CA MET D 1158 -5.00 -1.95 -15.29
C MET D 1158 -6.48 -1.83 -15.62
N VAL D 1159 -7.13 -0.74 -15.23
CA VAL D 1159 -8.56 -0.59 -15.49
C VAL D 1159 -8.81 -0.42 -16.98
N ASP D 1160 -7.94 0.33 -17.66
CA ASP D 1160 -8.08 0.55 -19.10
C ASP D 1160 -7.48 -0.58 -19.93
N LEU D 1161 -6.69 -1.46 -19.33
CA LEU D 1161 -6.05 -2.54 -20.08
C LEU D 1161 -6.94 -3.77 -20.22
N LEU D 1162 -8.01 -3.87 -19.42
CA LEU D 1162 -8.84 -5.06 -19.43
C LEU D 1162 -10.27 -4.76 -19.85
N ASP D 1163 -10.44 -3.88 -20.85
CA ASP D 1163 -11.75 -3.61 -21.44
C ASP D 1163 -11.72 -3.84 -22.94
N LEU D 1164 -10.81 -4.67 -23.43
CA LEU D 1164 -10.62 -4.89 -24.85
C LEU D 1164 -11.37 -6.11 -25.37
N ASP D 1165 -12.16 -6.77 -24.52
CA ASP D 1165 -12.90 -7.95 -24.93
C ASP D 1165 -14.03 -7.58 -25.89
N GLY D 1235 -12.88 4.24 -59.13
CA GLY D 1235 -13.52 3.44 -60.14
C GLY D 1235 -13.55 4.10 -61.51
N ASP D 1236 -14.73 4.20 -62.10
CA ASP D 1236 -14.90 4.82 -63.41
C ASP D 1236 -14.61 6.31 -63.28
N SER D 1237 -13.50 6.75 -63.87
CA SER D 1237 -13.09 8.15 -63.77
C SER D 1237 -14.07 9.04 -64.55
N TYR D 1238 -14.53 10.10 -63.91
CA TYR D 1238 -15.42 11.07 -64.55
C TYR D 1238 -14.88 12.48 -64.35
N HIS D 1239 -15.66 13.48 -64.77
CA HIS D 1239 -15.30 14.88 -64.52
C HIS D 1239 -15.79 15.28 -63.13
N VAL D 1240 -15.14 14.69 -62.12
CA VAL D 1240 -15.58 14.85 -60.74
C VAL D 1240 -15.53 16.30 -60.28
N ASN D 1241 -14.55 17.08 -60.73
CA ASN D 1241 -14.46 18.49 -60.36
C ASN D 1241 -15.57 19.31 -61.00
N ALA D 1242 -16.03 18.93 -62.19
CA ALA D 1242 -17.08 19.68 -62.88
C ALA D 1242 -18.40 19.59 -62.13
N ARG D 1243 -18.73 18.41 -61.59
CA ARG D 1243 -19.99 18.22 -60.87
C ARG D 1243 -19.99 18.90 -59.51
N HIS D 1244 -18.85 19.41 -59.05
CA HIS D 1244 -18.78 20.04 -57.73
C HIS D 1244 -19.66 21.28 -57.67
N LEU D 1245 -20.33 21.46 -56.54
CA LEU D 1245 -21.26 22.57 -56.36
C LEU D 1245 -20.48 23.87 -56.11
N LEU D 1246 -21.23 24.92 -55.77
CA LEU D 1246 -20.67 26.23 -55.40
C LEU D 1246 -19.81 26.80 -56.54
N TYR D 1247 -20.50 27.09 -57.63
CA TYR D 1247 -19.86 27.66 -58.81
C TYR D 1247 -19.15 28.97 -58.45
N PRO D 1248 -17.88 29.12 -58.80
CA PRO D 1248 -17.14 30.32 -58.38
C PRO D 1248 -17.64 31.57 -59.09
N ASN D 1249 -17.58 32.70 -58.38
CA ASN D 1249 -17.91 34.03 -58.89
C ASN D 1249 -19.35 34.11 -59.38
N CYS D 1250 -20.20 33.16 -58.98
CA CYS D 1250 -21.62 33.20 -59.33
C CYS D 1250 -22.38 32.42 -58.27
N PRO D 1251 -23.11 33.10 -57.40
CA PRO D 1251 -23.81 32.41 -56.31
C PRO D 1251 -25.05 31.65 -56.76
N VAL D 1252 -24.86 30.50 -57.40
CA VAL D 1252 -25.95 29.65 -57.85
C VAL D 1252 -25.64 28.20 -57.48
N THR D 1253 -26.48 27.29 -57.93
CA THR D 1253 -26.32 25.87 -57.72
C THR D 1253 -26.55 25.13 -59.03
N ARG D 1254 -26.21 23.84 -59.06
CA ARG D 1254 -26.38 23.02 -60.24
C ARG D 1254 -27.11 21.74 -59.85
N PHE D 1255 -27.76 21.13 -60.85
CA PHE D 1255 -28.64 20.00 -60.62
C PHE D 1255 -27.85 18.74 -60.27
N PRO D 1256 -28.42 17.88 -59.42
CA PRO D 1256 -27.78 16.59 -59.08
C PRO D 1256 -27.69 15.66 -60.29
N VAL D 1257 -26.47 15.27 -60.65
CA VAL D 1257 -26.20 14.32 -61.72
C VAL D 1257 -25.40 13.15 -61.15
N PRO D 1258 -25.99 11.95 -60.98
CA PRO D 1258 -25.27 10.87 -60.29
C PRO D 1258 -24.09 10.30 -61.05
N ASN D 1259 -23.35 9.40 -60.39
CA ASN D 1259 -22.32 8.61 -61.05
C ASN D 1259 -22.90 7.61 -62.05
N GLU D 1260 -24.20 7.32 -61.95
CA GLU D 1260 -24.85 6.43 -62.90
C GLU D 1260 -25.43 7.21 -64.07
N LYS D 1261 -25.97 8.41 -63.80
CA LYS D 1261 -26.61 9.23 -64.80
C LYS D 1261 -25.69 10.30 -65.39
N VAL D 1262 -24.39 10.22 -65.10
CA VAL D 1262 -23.43 11.20 -65.64
C VAL D 1262 -23.33 11.15 -67.16
N PRO D 1263 -23.30 9.99 -67.84
CA PRO D 1263 -23.10 10.02 -69.29
C PRO D 1263 -24.38 10.38 -70.02
N TRP D 1264 -24.22 10.79 -71.28
CA TRP D 1264 -25.36 11.08 -72.14
C TRP D 1264 -26.11 9.84 -72.59
N GLU D 1265 -25.45 8.68 -72.61
CA GLU D 1265 -26.14 7.45 -72.98
C GLU D 1265 -27.19 7.07 -71.94
N THR D 1266 -26.88 7.23 -70.65
CA THR D 1266 -27.82 6.91 -69.60
C THR D 1266 -28.87 8.01 -69.48
N GLU D 1267 -30.14 7.60 -69.45
CA GLU D 1267 -31.24 8.55 -69.35
C GLU D 1267 -31.58 8.83 -67.89
N PHE D 1268 -31.76 10.10 -67.57
CA PHE D 1268 -32.10 10.54 -66.21
C PHE D 1268 -33.34 11.43 -66.34
N LEU D 1269 -34.50 10.87 -66.02
CA LEU D 1269 -35.77 11.54 -66.30
C LEU D 1269 -36.00 12.77 -65.43
N ILE D 1270 -35.21 12.96 -64.38
CA ILE D 1270 -35.37 14.09 -63.47
C ILE D 1270 -34.48 15.26 -63.85
N TYR D 1271 -33.59 15.08 -64.83
CA TYR D 1271 -32.58 16.07 -65.18
C TYR D 1271 -33.26 17.35 -65.67
N ASP D 1272 -33.24 18.38 -64.82
CA ASP D 1272 -33.76 19.71 -65.17
C ASP D 1272 -32.78 20.76 -64.71
N PRO D 1273 -31.62 20.87 -65.36
CA PRO D 1273 -30.62 21.86 -64.95
C PRO D 1273 -31.08 23.26 -65.33
N PRO D 1274 -30.94 24.23 -64.43
CA PRO D 1274 -31.35 25.60 -64.76
C PRO D 1274 -30.48 26.18 -65.87
N PHE D 1275 -31.10 27.01 -66.71
CA PHE D 1275 -30.37 27.71 -67.76
C PHE D 1275 -29.57 28.85 -67.15
N TYR D 1276 -28.42 28.53 -66.56
CA TYR D 1276 -27.63 29.48 -65.80
C TYR D 1276 -26.59 30.12 -66.70
N THR D 1277 -26.54 31.45 -66.68
CA THR D 1277 -25.54 32.24 -67.39
C THR D 1277 -24.96 33.27 -66.45
N ALA D 1278 -23.66 33.54 -66.62
CA ALA D 1278 -22.98 34.48 -65.75
C ALA D 1278 -23.42 35.91 -66.07
N GLU D 1279 -23.08 36.83 -65.16
CA GLU D 1279 -23.38 38.24 -65.39
C GLU D 1279 -22.64 38.77 -66.61
N ARG D 1280 -21.49 38.16 -66.93
CA ARG D 1280 -20.70 38.55 -68.09
C ARG D 1280 -21.00 37.69 -69.32
N LYS D 1281 -22.15 37.01 -69.35
CA LYS D 1281 -22.54 36.25 -70.53
C LYS D 1281 -22.98 37.14 -71.69
N ASP D 1282 -23.59 38.30 -71.40
CA ASP D 1282 -23.90 39.31 -72.40
C ASP D 1282 -22.86 40.41 -72.21
N ALA D 1283 -21.84 40.40 -73.05
CA ALA D 1283 -20.62 41.15 -72.79
C ALA D 1283 -19.90 41.40 -74.12
N ALA D 1284 -18.60 41.70 -74.04
CA ALA D 1284 -17.78 42.07 -75.18
C ALA D 1284 -17.48 40.86 -76.05
N ALA D 1285 -16.45 40.96 -76.90
CA ALA D 1285 -16.22 40.10 -78.06
C ALA D 1285 -16.46 38.61 -77.82
N MET D 1286 -16.37 38.16 -76.57
CA MET D 1286 -16.77 36.80 -76.21
C MET D 1286 -18.17 36.50 -76.74
N ASP D 1287 -18.48 35.22 -76.95
CA ASP D 1287 -19.72 34.86 -77.63
C ASP D 1287 -20.93 35.34 -76.85
N PRO D 1288 -21.84 36.07 -77.49
CA PRO D 1288 -23.03 36.58 -76.79
C PRO D 1288 -24.15 35.55 -76.73
N MET D 1289 -23.82 34.28 -76.99
CA MET D 1289 -24.82 33.22 -77.12
C MET D 1289 -25.32 32.72 -75.77
N GLY D 1290 -25.09 33.45 -74.68
CA GLY D 1290 -25.57 33.03 -73.39
C GLY D 1290 -27.09 32.96 -73.30
N ASP D 1291 -27.78 33.58 -74.25
CA ASP D 1291 -29.23 33.52 -74.35
C ASP D 1291 -29.63 33.03 -75.73
N THR D 1292 -29.03 31.90 -76.16
CA THR D 1292 -29.13 31.42 -77.54
C THR D 1292 -30.49 30.83 -77.87
N LEU D 1293 -31.52 31.04 -77.05
CA LEU D 1293 -32.87 30.64 -77.44
C LEU D 1293 -33.31 31.36 -78.70
N GLU D 1294 -32.82 32.58 -78.91
CA GLU D 1294 -33.08 33.31 -80.14
C GLU D 1294 -32.27 32.68 -81.29
N PRO D 1295 -32.65 32.95 -82.54
CA PRO D 1295 -31.91 32.37 -83.67
C PRO D 1295 -30.55 33.02 -83.89
N LEU D 1296 -30.11 33.86 -82.94
CA LEU D 1296 -28.81 34.48 -83.04
C LEU D 1296 -27.66 33.48 -82.98
N SER D 1297 -27.91 32.28 -82.44
CA SER D 1297 -26.87 31.25 -82.37
C SER D 1297 -26.62 30.66 -83.76
N THR D 1298 -25.63 31.20 -84.48
CA THR D 1298 -25.30 30.72 -85.81
C THR D 1298 -23.81 30.57 -86.03
N ILE D 1299 -22.99 30.57 -84.98
CA ILE D 1299 -21.55 30.43 -85.11
C ILE D 1299 -21.23 29.02 -85.54
N GLN D 1300 -20.04 28.82 -86.11
CA GLN D 1300 -19.66 27.51 -86.61
C GLN D 1300 -19.34 26.56 -85.46
N TYR D 1301 -19.92 25.37 -85.51
CA TYR D 1301 -19.62 24.31 -84.56
C TYR D 1301 -18.67 23.31 -85.18
N ASN D 1302 -17.72 22.81 -84.39
CA ASN D 1302 -16.73 21.84 -84.84
C ASN D 1302 -15.89 22.41 -85.98
N VAL D 1303 -15.71 23.72 -85.97
CA VAL D 1303 -15.00 24.42 -87.04
C VAL D 1303 -14.48 25.74 -86.49
N VAL D 1304 -13.50 26.31 -87.18
CA VAL D 1304 -12.90 27.58 -86.79
C VAL D 1304 -13.82 28.69 -87.28
N ASP D 1305 -14.56 29.31 -86.36
CA ASP D 1305 -15.44 30.43 -86.69
C ASP D 1305 -14.63 31.72 -86.61
N GLY D 1306 -13.80 31.92 -87.64
CA GLY D 1306 -12.91 33.06 -87.67
C GLY D 1306 -11.83 32.98 -86.62
N LEU D 1307 -11.70 34.04 -85.81
CA LEU D 1307 -10.70 34.04 -84.75
C LEU D 1307 -11.06 33.09 -83.62
N ARG D 1308 -12.33 32.70 -83.50
CA ARG D 1308 -12.78 31.77 -82.46
C ARG D 1308 -12.67 30.36 -83.00
N ASP D 1309 -11.64 29.64 -82.55
CA ASP D 1309 -11.41 28.26 -82.96
C ASP D 1309 -12.33 27.35 -82.15
N ARG D 1310 -13.60 27.33 -82.57
CA ARG D 1310 -14.63 26.55 -81.87
C ARG D 1310 -14.67 25.11 -82.39
N ARG D 1311 -13.53 24.44 -82.29
CA ARG D 1311 -13.43 23.03 -82.64
C ARG D 1311 -12.72 22.30 -81.51
N SER D 1312 -13.25 21.13 -81.14
CA SER D 1312 -12.69 20.38 -80.03
C SER D 1312 -11.45 19.61 -80.46
N PHE D 1313 -10.43 19.64 -79.61
CA PHE D 1313 -9.18 18.93 -79.88
C PHE D 1313 -9.30 17.43 -79.65
N HIS D 1314 -10.30 16.99 -78.90
CA HIS D 1314 -10.46 15.56 -78.62
C HIS D 1314 -11.28 14.88 -79.71
N GLY D 1315 -12.48 15.38 -79.97
CA GLY D 1315 -13.35 14.80 -80.97
C GLY D 1315 -14.60 15.62 -81.19
N PRO D 1316 -15.44 15.20 -82.15
CA PRO D 1316 -16.66 15.95 -82.46
C PRO D 1316 -17.68 15.84 -81.34
N TYR D 1317 -18.16 16.98 -80.86
CA TYR D 1317 -19.19 17.00 -79.82
C TYR D 1317 -20.57 17.11 -80.45
N THR D 1318 -21.54 16.43 -79.84
CA THR D 1318 -22.90 16.46 -80.34
C THR D 1318 -23.56 17.81 -80.05
N VAL D 1319 -24.53 18.17 -80.90
CA VAL D 1319 -25.26 19.42 -80.78
C VAL D 1319 -26.74 19.09 -80.60
N GLN D 1320 -27.34 19.65 -79.55
CA GLN D 1320 -28.75 19.45 -79.25
C GLN D 1320 -29.41 20.80 -79.06
N ALA D 1321 -30.51 21.03 -79.77
CA ALA D 1321 -31.26 22.29 -79.71
C ALA D 1321 -30.37 23.48 -80.03
N GLY D 1322 -29.43 23.30 -80.95
CA GLY D 1322 -28.53 24.36 -81.34
C GLY D 1322 -27.43 24.66 -80.35
N LEU D 1323 -27.25 23.85 -79.33
CA LEU D 1323 -26.23 24.07 -78.31
C LEU D 1323 -25.36 22.83 -78.17
N PRO D 1324 -24.06 23.01 -77.93
CA PRO D 1324 -23.19 21.85 -77.74
C PRO D 1324 -23.43 21.16 -76.41
N LEU D 1325 -23.11 19.87 -76.38
CA LEU D 1325 -23.19 19.06 -75.18
C LEU D 1325 -21.80 18.60 -74.76
N ASN D 1326 -21.62 18.44 -73.46
CA ASN D 1326 -20.32 18.04 -72.93
C ASN D 1326 -20.02 16.60 -73.32
N PRO D 1327 -18.95 16.33 -74.06
CA PRO D 1327 -18.64 14.94 -74.43
C PRO D 1327 -18.34 14.05 -73.24
N MET D 1328 -17.85 14.60 -72.14
CA MET D 1328 -17.54 13.79 -70.97
C MET D 1328 -18.78 13.28 -70.27
N GLY D 1329 -19.86 14.05 -70.28
CA GLY D 1329 -21.10 13.64 -69.63
C GLY D 1329 -21.94 14.85 -69.26
N ARG D 1330 -22.61 14.74 -68.12
CA ARG D 1330 -23.49 15.78 -67.62
C ARG D 1330 -22.85 16.45 -66.41
N THR D 1331 -22.99 17.77 -66.33
CA THR D 1331 -22.44 18.55 -65.22
C THR D 1331 -23.51 19.03 -64.24
N GLY D 1332 -24.74 19.22 -64.71
CA GLY D 1332 -25.82 19.69 -63.85
C GLY D 1332 -26.15 21.16 -63.99
N LEU D 1333 -25.45 21.90 -64.85
CA LEU D 1333 -25.71 23.31 -65.05
C LEU D 1333 -25.76 23.59 -66.55
N ARG D 1334 -26.90 24.07 -67.02
CA ARG D 1334 -27.08 24.38 -68.43
C ARG D 1334 -26.83 25.86 -68.69
N GLY D 1335 -26.13 26.15 -69.79
CA GLY D 1335 -25.81 27.50 -70.18
C GLY D 1335 -24.34 27.64 -70.50
N ARG D 1336 -23.90 28.89 -70.61
CA ARG D 1336 -22.51 29.19 -70.93
C ARG D 1336 -21.66 29.41 -69.69
N GLY D 1337 -22.23 29.97 -68.62
CA GLY D 1337 -21.45 30.26 -67.44
C GLY D 1337 -20.49 31.43 -67.67
N SER D 1338 -19.37 31.37 -66.96
CA SER D 1338 -18.35 32.41 -67.06
C SER D 1338 -17.39 32.19 -68.22
N LEU D 1339 -17.56 31.11 -68.99
CA LEU D 1339 -16.68 30.84 -70.10
C LEU D 1339 -16.92 31.82 -71.24
N SER D 1340 -15.97 31.86 -72.18
CA SER D 1340 -16.05 32.81 -73.29
C SER D 1340 -17.14 32.42 -74.27
N CYS D 1341 -17.05 31.22 -74.83
CA CYS D 1341 -17.97 30.75 -75.87
C CYS D 1341 -18.40 29.32 -75.56
N PHE D 1342 -19.29 28.79 -76.41
CA PHE D 1342 -19.73 27.41 -76.28
C PHE D 1342 -18.61 26.45 -76.69
N GLY D 1343 -18.81 25.18 -76.37
CA GLY D 1343 -17.84 24.15 -76.66
C GLY D 1343 -16.57 24.36 -75.86
N PRO D 1344 -15.44 23.93 -76.43
CA PRO D 1344 -14.16 24.16 -75.76
C PRO D 1344 -13.70 25.61 -75.88
N ASN D 1345 -13.19 26.13 -74.77
CA ASN D 1345 -12.55 27.44 -74.74
C ASN D 1345 -11.05 27.19 -74.73
N HIS D 1346 -10.44 27.28 -75.91
CA HIS D 1346 -9.05 26.88 -76.07
C HIS D 1346 -8.13 27.83 -75.30
N THR D 1347 -7.19 27.25 -74.54
CA THR D 1347 -6.21 28.02 -73.79
C THR D 1347 -4.94 27.19 -73.69
N LEU D 1348 -3.82 27.88 -73.50
CA LEU D 1348 -2.51 27.26 -73.44
C LEU D 1348 -1.94 27.42 -72.03
N TYR D 1349 -1.39 26.33 -71.50
CA TYR D 1349 -0.84 26.32 -70.15
C TYR D 1349 0.65 26.02 -70.22
N PRO D 1350 1.51 27.02 -70.39
CA PRO D 1350 2.95 26.75 -70.44
C PRO D 1350 3.50 26.44 -69.06
N MET D 1351 4.47 25.52 -69.04
CA MET D 1351 5.09 25.07 -67.81
C MET D 1351 6.61 25.10 -67.96
N VAL D 1352 7.28 25.63 -66.94
CA VAL D 1352 8.74 25.70 -66.91
C VAL D 1352 9.23 24.80 -65.79
N THR D 1353 10.24 23.98 -66.09
CA THR D 1353 10.80 23.05 -65.13
C THR D 1353 12.31 23.18 -65.11
N ARG D 1354 12.89 23.01 -63.93
CA ARG D 1354 14.34 23.06 -63.76
C ARG D 1354 14.72 22.23 -62.55
N TRP D 1355 16.01 21.89 -62.48
CA TRP D 1355 16.53 21.03 -61.45
C TRP D 1355 16.91 21.87 -60.23
N ARG D 1356 16.89 21.25 -59.05
CA ARG D 1356 17.25 21.94 -57.81
C ARG D 1356 18.57 21.37 -57.31
N ARG D 1357 19.56 22.24 -57.13
CA ARG D 1357 20.91 21.85 -56.76
C ARG D 1357 21.16 22.11 -55.28
N ASN D 1358 22.26 21.55 -54.79
CA ASN D 1358 22.66 21.73 -53.40
C ASN D 1358 23.58 22.94 -53.30
N GLU D 1359 24.22 23.10 -52.14
CA GLU D 1359 25.16 24.21 -51.96
C GLU D 1359 26.39 24.06 -52.86
N ASP D 1360 26.89 22.84 -53.03
CA ASP D 1360 28.06 22.62 -53.88
C ASP D 1360 27.71 22.76 -55.36
N GLY D 1361 26.45 22.52 -55.72
CA GLY D 1361 26.00 22.60 -57.10
C GLY D 1361 25.53 21.28 -57.68
N ALA D 1362 25.70 20.17 -56.96
CA ALA D 1362 25.22 18.88 -57.45
C ALA D 1362 23.70 18.78 -57.29
N ILE D 1363 23.12 17.83 -58.02
CA ILE D 1363 21.67 17.66 -58.01
C ILE D 1363 21.22 17.08 -56.68
N CYS D 1364 20.11 17.60 -56.15
CA CYS D 1364 19.53 17.06 -54.94
C CYS D 1364 18.94 15.68 -55.19
N ARG D 1365 18.96 14.84 -54.15
CA ARG D 1365 18.73 13.42 -54.28
C ARG D 1365 17.58 13.00 -53.38
N LYS D 1366 16.67 12.19 -53.92
CA LYS D 1366 15.60 11.60 -53.12
C LYS D 1366 15.91 10.17 -52.73
N SER D 1367 14.89 9.49 -52.21
CA SER D 1367 15.00 8.05 -51.97
C SER D 1367 14.98 7.27 -53.28
N ILE D 1368 14.10 7.66 -54.21
CA ILE D 1368 13.98 6.94 -55.47
C ILE D 1368 14.17 7.87 -56.67
N LYS D 1369 13.25 8.81 -56.86
CA LYS D 1369 13.27 9.68 -58.04
C LYS D 1369 14.08 10.95 -57.73
N LYS D 1370 13.99 11.95 -58.59
CA LYS D 1370 14.85 13.12 -58.52
C LYS D 1370 14.07 14.36 -58.05
N MET D 1371 14.78 15.48 -57.99
CA MET D 1371 14.28 16.75 -57.47
C MET D 1371 14.04 17.72 -58.60
N LEU D 1372 12.87 18.36 -58.60
CA LEU D 1372 12.49 19.28 -59.65
C LEU D 1372 11.97 20.58 -59.04
N GLU D 1373 12.06 21.66 -59.83
CA GLU D 1373 11.54 22.97 -59.46
C GLU D 1373 10.66 23.50 -60.58
N VAL D 1374 9.69 24.35 -60.22
CA VAL D 1374 8.82 25.02 -61.17
C VAL D 1374 8.68 26.48 -60.76
N LEU D 1375 8.26 27.30 -61.72
CA LEU D 1375 8.00 28.72 -61.50
C LEU D 1375 6.49 28.94 -61.50
N VAL D 1376 5.99 29.52 -60.41
CA VAL D 1376 4.55 29.69 -60.22
C VAL D 1376 4.25 31.13 -59.82
N VAL D 1377 3.00 31.54 -60.00
CA VAL D 1377 2.56 32.90 -59.75
C VAL D 1377 1.44 32.89 -58.72
N LYS D 1378 1.30 34.01 -58.03
CA LYS D 1378 0.25 34.19 -57.03
C LYS D 1378 -0.35 35.58 -57.18
N LEU D 1379 -1.61 35.63 -57.60
CA LEU D 1379 -2.29 36.91 -57.76
C LEU D 1379 -2.78 37.43 -56.40
N PRO D 1380 -2.87 38.76 -56.24
CA PRO D 1380 -3.28 39.31 -54.93
C PRO D 1380 -4.68 38.95 -54.52
N LEU D 1381 -5.58 38.61 -55.46
CA LEU D 1381 -6.96 38.31 -55.14
C LEU D 1381 -7.28 36.84 -55.38
N SER D 1382 -6.24 36.00 -55.43
CA SER D 1382 -6.42 34.57 -55.66
C SER D 1382 -6.14 33.72 -54.42
N GLU D 1383 -5.15 34.10 -53.61
CA GLU D 1383 -4.77 33.34 -52.42
C GLU D 1383 -4.42 31.89 -52.75
N HIS D 1384 -3.81 31.68 -53.91
CA HIS D 1384 -3.45 30.34 -54.35
C HIS D 1384 -2.28 30.43 -55.32
N TRP D 1385 -1.57 29.32 -55.46
CA TRP D 1385 -0.48 29.20 -56.41
C TRP D 1385 -0.99 28.53 -57.68
N ALA D 1386 -0.63 29.10 -58.83
CA ALA D 1386 -1.11 28.61 -60.10
C ALA D 1386 -0.03 28.79 -61.16
N LEU D 1387 -0.16 28.00 -62.24
CA LEU D 1387 0.76 28.08 -63.36
C LEU D 1387 0.47 29.31 -64.21
N PRO D 1388 1.50 29.94 -64.79
CA PRO D 1388 1.26 31.11 -65.64
C PRO D 1388 0.69 30.76 -67.00
N GLY D 1389 -0.59 30.41 -67.05
CA GLY D 1389 -1.26 30.05 -68.29
C GLY D 1389 -2.39 31.01 -68.59
N GLY D 1390 -2.51 31.37 -69.87
CA GLY D 1390 -3.52 32.32 -70.29
C GLY D 1390 -4.41 31.82 -71.41
N SER D 1391 -5.50 32.53 -71.67
CA SER D 1391 -6.43 32.12 -72.71
C SER D 1391 -5.78 32.24 -74.09
N ARG D 1392 -6.06 31.26 -74.94
CA ARG D 1392 -5.51 31.24 -76.29
C ARG D 1392 -6.41 31.98 -77.28
N GLU D 1393 -6.78 33.21 -76.93
CA GLU D 1393 -7.51 34.08 -77.85
C GLU D 1393 -6.52 34.69 -78.86
N PRO D 1394 -5.37 35.19 -78.44
CA PRO D 1394 -4.34 35.55 -79.42
C PRO D 1394 -3.59 34.32 -79.90
N GLY D 1395 -2.93 34.47 -81.05
CA GLY D 1395 -2.21 33.38 -81.67
C GLY D 1395 -0.97 32.97 -80.89
N GLU D 1396 0.03 33.85 -80.85
CA GLU D 1396 1.28 33.56 -80.17
C GLU D 1396 1.40 34.25 -78.82
N MET D 1397 0.56 35.26 -78.55
CA MET D 1397 0.62 36.00 -77.30
C MET D 1397 -0.19 35.36 -76.18
N LEU D 1398 -0.57 34.09 -76.33
CA LEU D 1398 -1.28 33.38 -75.28
C LEU D 1398 -0.41 33.27 -74.02
N PRO D 1399 0.88 32.89 -74.12
CA PRO D 1399 1.75 33.04 -72.94
C PRO D 1399 1.88 34.47 -72.48
N ARG D 1400 1.90 35.43 -73.42
CA ARG D 1400 1.92 36.84 -73.05
C ARG D 1400 0.63 37.25 -72.35
N LYS D 1401 -0.51 36.72 -72.80
CA LYS D 1401 -1.78 37.07 -72.16
C LYS D 1401 -1.77 36.73 -70.67
N LEU D 1402 -0.95 35.76 -70.26
CA LEU D 1402 -0.79 35.48 -68.85
C LEU D 1402 0.47 36.12 -68.28
N LYS D 1403 1.45 36.42 -69.14
CA LYS D 1403 2.75 36.90 -68.68
C LYS D 1403 3.22 38.09 -69.51
N ARG D 1404 2.31 39.01 -69.84
CA ARG D 1404 2.73 40.28 -70.41
C ARG D 1404 3.29 41.20 -69.33
N ILE D 1405 2.58 41.29 -68.20
CA ILE D 1405 3.08 42.07 -67.07
C ILE D 1405 4.00 41.22 -66.20
N LEU D 1406 4.09 39.92 -66.44
CA LEU D 1406 4.86 39.03 -65.59
C LEU D 1406 6.24 38.72 -66.17
N ARG D 1407 6.30 38.33 -67.44
CA ARG D 1407 7.59 37.90 -68.01
C ARG D 1407 8.43 39.11 -68.44
N GLN D 1408 7.95 39.87 -69.41
CA GLN D 1408 8.68 41.02 -69.96
C GLN D 1408 7.75 41.73 -70.94
N GLU D 1409 8.26 42.76 -71.60
CA GLU D 1409 7.53 43.49 -72.62
C GLU D 1409 8.08 43.23 -74.02
N HIS D 1410 9.38 43.42 -74.22
CA HIS D 1410 10.04 43.15 -75.50
C HIS D 1410 10.79 41.83 -75.49
N TRP D 1411 11.58 41.56 -74.44
CA TRP D 1411 12.31 40.31 -74.31
C TRP D 1411 11.34 39.14 -74.20
N PRO D 1412 10.11 39.37 -73.74
CA PRO D 1412 9.13 38.28 -73.71
C PRO D 1412 8.87 37.68 -75.08
N SER D 1413 8.91 38.49 -76.14
CA SER D 1413 8.81 37.97 -77.49
C SER D 1413 10.00 37.07 -77.83
N PHE D 1414 11.20 37.45 -77.39
CA PHE D 1414 12.35 36.57 -77.55
C PHE D 1414 12.18 35.27 -76.78
N GLU D 1415 11.65 35.36 -75.56
CA GLU D 1415 11.33 34.15 -74.80
C GLU D 1415 10.22 33.36 -75.48
N ASN D 1416 9.26 34.04 -76.11
CA ASN D 1416 8.23 33.34 -76.87
C ASN D 1416 8.83 32.57 -78.04
N LEU D 1417 9.82 33.16 -78.73
CA LEU D 1417 10.51 32.44 -79.79
C LEU D 1417 11.28 31.25 -79.23
N LEU D 1418 11.80 31.37 -78.01
CA LEU D 1418 12.49 30.27 -77.35
C LEU D 1418 11.55 29.36 -76.58
N LYS D 1419 10.25 29.63 -76.61
CA LYS D 1419 9.26 28.84 -75.89
C LYS D 1419 8.86 27.57 -76.65
N CYS D 1420 9.44 27.31 -77.81
CA CYS D 1420 9.13 26.11 -78.58
C CYS D 1420 9.74 24.90 -77.87
N GLY D 1421 8.92 24.25 -77.05
CA GLY D 1421 9.39 23.10 -76.30
C GLY D 1421 8.68 21.81 -76.67
N MET D 1422 8.34 21.01 -75.66
CA MET D 1422 7.69 19.72 -75.87
C MET D 1422 6.30 19.74 -75.24
N GLU D 1423 5.35 19.09 -75.91
CA GLU D 1423 3.98 18.99 -75.44
C GLU D 1423 3.79 17.70 -74.64
N VAL D 1424 3.03 17.79 -73.56
CA VAL D 1424 2.80 16.67 -72.65
C VAL D 1424 1.42 16.07 -72.84
N TYR D 1425 0.36 16.86 -72.59
CA TYR D 1425 -1.00 16.35 -72.66
C TYR D 1425 -1.89 17.36 -73.37
N LYS D 1426 -2.95 16.86 -73.99
CA LYS D 1426 -3.87 17.68 -74.77
C LYS D 1426 -5.28 17.08 -74.69
N GLY D 1427 -6.28 17.97 -74.64
CA GLY D 1427 -7.66 17.55 -74.68
C GLY D 1427 -8.48 18.25 -73.62
N TYR D 1428 -9.60 17.62 -73.28
CA TYR D 1428 -10.56 18.19 -72.34
C TYR D 1428 -10.01 18.18 -70.92
N MET D 1429 -10.25 19.29 -70.21
CA MET D 1429 -9.78 19.45 -68.83
C MET D 1429 -10.95 19.43 -67.86
N ASP D 1430 -10.74 18.80 -66.71
CA ASP D 1430 -11.71 18.89 -65.64
C ASP D 1430 -11.55 20.21 -64.89
N ASP D 1431 -12.64 20.95 -64.76
CA ASP D 1431 -12.59 22.29 -64.19
C ASP D 1431 -13.94 22.61 -63.58
N PRO D 1432 -13.98 23.30 -62.43
CA PRO D 1432 -15.27 23.65 -61.82
C PRO D 1432 -16.09 24.64 -62.64
N ARG D 1433 -15.48 25.33 -63.61
CA ARG D 1433 -16.17 26.31 -64.44
C ARG D 1433 -16.76 25.69 -65.69
N ASN D 1434 -17.08 24.39 -65.66
CA ASN D 1434 -17.56 23.67 -66.83
C ASN D 1434 -19.06 23.43 -66.71
N THR D 1435 -19.82 23.98 -67.65
CA THR D 1435 -21.24 23.70 -67.76
C THR D 1435 -21.45 22.54 -68.73
N ASP D 1436 -22.70 22.29 -69.11
CA ASP D 1436 -23.00 21.26 -70.09
C ASP D 1436 -22.73 21.69 -71.53
N ASN D 1437 -22.42 22.97 -71.75
CA ASN D 1437 -22.19 23.49 -73.09
C ASN D 1437 -20.80 24.09 -73.27
N ALA D 1438 -20.25 24.75 -72.26
CA ALA D 1438 -18.97 25.44 -72.34
C ALA D 1438 -17.98 24.75 -71.40
N TRP D 1439 -17.00 24.06 -71.98
CA TRP D 1439 -15.95 23.40 -71.23
C TRP D 1439 -14.60 23.99 -71.61
N ILE D 1440 -13.53 23.41 -71.06
CA ILE D 1440 -12.17 23.93 -71.22
C ILE D 1440 -11.30 22.86 -71.86
N GLU D 1441 -10.60 23.23 -72.92
CA GLU D 1441 -9.63 22.37 -73.59
C GLU D 1441 -8.28 23.10 -73.64
N THR D 1442 -7.20 22.36 -73.38
CA THR D 1442 -5.89 22.96 -73.24
C THR D 1442 -4.86 22.22 -74.05
N VAL D 1443 -3.75 22.90 -74.31
CA VAL D 1443 -2.51 22.30 -74.79
C VAL D 1443 -1.42 22.60 -73.78
N ALA D 1444 -0.67 21.58 -73.38
CA ALA D 1444 0.33 21.70 -72.32
C ALA D 1444 1.72 21.56 -72.93
N VAL D 1445 2.46 22.67 -72.96
CA VAL D 1445 3.83 22.68 -73.44
C VAL D 1445 4.77 22.73 -72.25
N SER D 1446 5.91 22.06 -72.37
CA SER D 1446 6.89 21.97 -71.29
C SER D 1446 8.28 22.31 -71.82
N VAL D 1447 8.84 23.39 -71.30
CA VAL D 1447 10.23 23.75 -71.57
C VAL D 1447 11.03 23.50 -70.29
N HIS D 1448 12.29 23.12 -70.47
CA HIS D 1448 13.09 22.64 -69.35
C HIS D 1448 14.45 23.34 -69.33
N PHE D 1449 15.00 23.47 -68.13
CA PHE D 1449 16.35 23.97 -67.91
C PHE D 1449 17.18 22.83 -67.35
N GLN D 1450 18.01 22.21 -68.19
CA GLN D 1450 18.83 21.08 -67.76
C GLN D 1450 20.03 21.54 -66.94
N ASP D 1451 20.74 22.56 -67.43
CA ASP D 1451 21.91 23.07 -66.71
C ASP D 1451 21.49 24.12 -65.70
N GLN D 1452 22.27 24.23 -64.62
CA GLN D 1452 22.03 25.18 -63.54
C GLN D 1452 23.08 26.27 -63.52
N ASN D 1453 23.49 26.74 -64.71
CA ASN D 1453 24.54 27.76 -64.81
C ASN D 1453 24.10 28.74 -65.89
N ASP D 1454 24.99 29.63 -66.35
CA ASP D 1454 24.66 30.64 -67.33
C ASP D 1454 24.42 30.00 -68.68
N VAL D 1455 23.19 30.14 -69.19
CA VAL D 1455 22.79 29.56 -70.48
C VAL D 1455 21.41 30.08 -70.82
N GLU D 1456 20.45 29.17 -71.00
CA GLU D 1456 19.07 29.59 -71.25
C GLU D 1456 18.45 30.23 -70.01
N LEU D 1457 18.85 29.77 -68.83
CA LEU D 1457 18.32 30.35 -67.59
C LEU D 1457 18.79 31.79 -67.41
N ASN D 1458 19.95 32.13 -68.00
CA ASN D 1458 20.44 33.50 -67.90
C ASN D 1458 19.51 34.47 -68.60
N ARG D 1459 18.96 34.08 -69.74
CA ARG D 1459 18.02 34.94 -70.45
C ARG D 1459 16.75 35.17 -69.66
N LEU D 1460 16.25 34.14 -68.99
CA LEU D 1460 15.01 34.27 -68.22
C LEU D 1460 15.20 35.16 -66.99
N ASN D 1461 16.43 35.27 -66.48
CA ASN D 1461 16.68 36.05 -65.28
C ASN D 1461 16.74 37.55 -65.59
N SER D 1462 17.54 37.92 -66.59
CA SER D 1462 17.70 39.33 -66.92
C SER D 1462 16.43 39.91 -67.52
N ASN D 1463 15.67 39.10 -68.27
CA ASN D 1463 14.49 39.61 -68.96
C ASN D 1463 13.34 39.84 -68.00
N LEU D 1464 13.47 39.40 -66.76
CA LEU D 1464 12.39 39.45 -65.78
C LEU D 1464 11.91 40.88 -65.53
N HIS D 1465 10.61 41.10 -65.69
CA HIS D 1465 9.96 42.37 -65.40
C HIS D 1465 8.67 42.13 -64.64
N ALA D 1466 8.73 41.27 -63.61
CA ALA D 1466 7.53 40.75 -62.98
C ALA D 1466 6.71 41.85 -62.31
N CYS D 1467 7.38 42.77 -61.62
CA CYS D 1467 6.68 43.73 -60.77
C CYS D 1467 5.99 44.79 -61.64
N ASP D 1468 4.93 44.37 -62.32
CA ASP D 1468 4.12 45.31 -63.09
C ASP D 1468 2.69 45.38 -62.55
N SER D 1469 2.02 44.23 -62.48
CA SER D 1469 0.65 44.16 -61.98
C SER D 1469 0.40 42.94 -61.10
N GLY D 1470 1.42 42.15 -60.82
CA GLY D 1470 1.25 40.94 -60.03
C GLY D 1470 1.66 41.11 -58.58
N ALA D 1471 1.22 40.18 -57.73
CA ALA D 1471 1.56 40.26 -56.32
C ALA D 1471 2.96 39.71 -56.04
N SER D 1472 3.17 38.43 -56.36
CA SER D 1472 4.46 37.80 -56.11
C SER D 1472 4.68 36.67 -57.11
N ILE D 1473 5.95 36.36 -57.34
CA ILE D 1473 6.35 35.27 -58.22
C ILE D 1473 7.72 34.77 -57.76
N ARG D 1474 7.87 33.44 -57.78
CA ARG D 1474 9.13 32.83 -57.34
C ARG D 1474 9.19 31.40 -57.84
N TRP D 1475 10.43 30.90 -57.99
CA TRP D 1475 10.62 29.48 -58.25
C TRP D 1475 10.22 28.67 -57.03
N GLN D 1476 9.74 27.45 -57.28
CA GLN D 1476 9.18 26.67 -56.19
C GLN D 1476 9.52 25.20 -56.36
N VAL D 1477 9.75 24.53 -55.23
CA VAL D 1477 10.00 23.09 -55.23
C VAL D 1477 8.73 22.33 -55.62
N VAL D 1478 8.92 21.30 -56.43
CA VAL D 1478 7.82 20.43 -56.87
C VAL D 1478 7.67 19.32 -55.85
N ASP D 1479 6.45 19.09 -55.39
CA ASP D 1479 6.16 18.07 -54.39
C ASP D 1479 4.70 17.65 -54.55
N ARG D 1480 4.36 16.52 -53.93
CA ARG D 1480 3.00 15.98 -53.99
C ARG D 1480 2.27 16.45 -52.74
N ARG D 1481 2.72 17.59 -52.20
CA ARG D 1481 2.03 18.26 -51.10
C ARG D 1481 2.09 19.77 -51.31
N ILE D 1482 2.63 20.19 -52.45
CA ILE D 1482 2.84 21.62 -52.70
C ILE D 1482 1.49 22.29 -52.91
N PRO D 1483 1.30 23.53 -52.44
CA PRO D 1483 0.03 24.22 -52.69
C PRO D 1483 -0.10 24.61 -54.16
N LEU D 1484 -1.22 24.19 -54.76
CA LEU D 1484 -1.48 24.43 -56.17
C LEU D 1484 -2.94 24.12 -56.48
N TYR D 1485 -3.44 24.62 -57.62
CA TYR D 1485 -4.78 24.25 -58.06
C TYR D 1485 -4.86 22.75 -58.30
N ALA D 1486 -5.99 22.15 -57.93
CA ALA D 1486 -6.17 20.71 -58.10
C ALA D 1486 -6.07 20.31 -59.57
N ASN D 1487 -6.63 21.13 -60.47
CA ASN D 1487 -6.48 20.86 -61.90
C ASN D 1487 -5.01 20.97 -62.31
N HIS D 1488 -4.31 21.99 -61.83
CA HIS D 1488 -2.91 22.18 -62.19
C HIS D 1488 -2.01 21.10 -61.60
N LYS D 1489 -2.38 20.54 -60.46
CA LYS D 1489 -1.60 19.44 -59.89
C LYS D 1489 -1.64 18.21 -60.78
N THR D 1490 -2.74 18.02 -61.51
CA THR D 1490 -2.80 16.91 -62.46
C THR D 1490 -1.78 17.08 -63.59
N LEU D 1491 -1.62 18.32 -64.08
CA LEU D 1491 -0.61 18.59 -65.10
C LEU D 1491 0.79 18.35 -64.54
N LEU D 1492 1.05 18.76 -63.29
CA LEU D 1492 2.34 18.49 -62.67
C LEU D 1492 2.59 17.00 -62.51
N GLN D 1493 1.57 16.25 -62.08
CA GLN D 1493 1.71 14.81 -61.92
C GLN D 1493 1.87 14.09 -63.25
N LYS D 1494 1.18 14.55 -64.29
CA LYS D 1494 1.28 13.89 -65.59
C LYS D 1494 2.59 14.20 -66.30
N ALA D 1495 3.13 15.40 -66.12
CA ALA D 1495 4.36 15.81 -66.77
C ALA D 1495 5.61 15.48 -65.95
N ALA D 1496 5.45 14.93 -64.75
CA ALA D 1496 6.61 14.59 -63.93
C ALA D 1496 7.33 13.35 -64.43
N ALA D 1497 6.66 12.49 -65.21
CA ALA D 1497 7.30 11.29 -65.73
C ALA D 1497 8.25 11.59 -66.87
N GLU D 1498 8.16 12.78 -67.49
CA GLU D 1498 9.04 13.13 -68.59
C GLU D 1498 10.46 13.43 -68.14
N PHE D 1499 10.68 13.64 -66.85
CA PHE D 1499 12.02 13.96 -66.35
C PHE D 1499 12.40 13.19 -65.09
N GLY D 1500 11.62 12.20 -64.68
CA GLY D 1500 11.94 11.43 -63.50
C GLY D 1500 11.85 12.18 -62.19
N ALA D 1501 10.84 13.04 -62.04
CA ALA D 1501 10.61 13.74 -60.79
C ALA D 1501 9.98 12.79 -59.76
N HIS D 1502 10.01 13.19 -58.50
CA HIS D 1502 9.49 12.36 -57.42
C HIS D 1502 7.98 12.47 -57.35
N TYR D 1503 7.39 11.78 -56.40
CA TYR D 1503 5.95 11.88 -56.14
C TYR D 1503 5.60 11.30 -54.78
N1 APR E . 24.69 4.87 -45.85
C2 APR E . 23.43 5.19 -46.21
N3 APR E . 22.68 4.70 -47.19
C4 APR E . 23.35 3.75 -47.86
C5 APR E . 24.63 3.30 -47.61
C6 APR E . 25.32 3.91 -46.55
N6 APR E . 26.57 3.57 -46.19
N7 APR E . 24.97 2.29 -48.51
C8 APR E . 23.91 2.15 -49.27
N9 APR E . 22.89 3.01 -48.91
C1' APR E . 21.57 3.14 -49.54
C2' APR E . 21.51 2.72 -51.01
O2' APR E . 22.06 3.68 -51.88
C3' APR E . 20.00 2.54 -51.17
O3' APR E . 19.38 3.80 -51.38
O4' APR E . 20.68 2.24 -48.90
C4' APR E . 19.57 1.99 -49.79
C5' APR E . 19.23 0.52 -49.74
O5' APR E . 18.65 0.23 -48.44
PA APR E . 18.48 -1.30 -47.98
O1A APR E . 17.51 -1.37 -46.86
O2A APR E . 18.24 -2.15 -49.19
O3A APR E . 19.95 -1.61 -47.40
PB APR E . 21.31 -2.15 -48.05
O1B APR E . 21.54 -1.48 -49.36
O2B APR E . 21.28 -3.65 -48.01
O5D APR E . 22.39 -1.62 -46.99
C5D APR E . 22.36 -2.10 -45.63
O4D APR E . 23.51 -1.95 -43.50
O1D APR E . 25.07 -2.18 -41.80
C1D APR E . 24.75 -1.52 -42.98
O2D APR E . 26.95 -1.14 -44.09
C2D APR E . 25.72 -1.82 -44.12
O3D APR E . 25.27 -0.43 -46.12
C3D APR E . 24.90 -1.59 -45.39
C4D APR E . 23.46 -1.43 -44.84
N1 APR F . 37.04 -30.58 -44.40
C2 APR F . 37.75 -29.49 -44.03
N3 APR F . 38.89 -29.02 -44.53
C4 APR F . 39.32 -29.80 -45.53
C5 APR F . 38.71 -30.93 -46.03
C6 APR F . 37.51 -31.33 -45.42
N6 APR F . 36.81 -32.40 -45.79
N7 APR F . 39.46 -31.46 -47.08
C8 APR F . 40.48 -30.65 -47.20
N9 APR F . 40.45 -29.62 -46.29
C1' APR F . 41.43 -28.55 -46.12
C2' APR F . 42.71 -28.92 -45.40
O2' APR F . 42.56 -29.07 -44.01
C3' APR F . 43.60 -27.75 -45.83
O3' APR F . 43.27 -26.62 -45.04
O4' APR F . 41.85 -28.13 -47.40
C4' APR F . 43.17 -27.53 -47.28
C5' APR F . 44.06 -28.14 -48.35
O5' APR F . 44.17 -29.57 -48.12
PA APR F . 45.61 -30.16 -47.73
O1A APR F . 46.33 -29.15 -46.90
O2A APR F . 46.28 -30.70 -48.95
O3A APR F . 45.16 -31.38 -46.80
PB APR F . 45.92 -32.52 -45.96
O1B APR F . 44.90 -33.41 -45.33
O2B APR F . 46.97 -33.15 -46.83
O5D APR F . 46.63 -31.66 -44.81
C5D APR F . 47.90 -31.02 -45.09
O4D APR F . 49.54 -29.47 -44.21
O1D APR F . 50.66 -27.52 -43.66
C1D APR F . 49.60 -28.36 -43.34
O2D APR F . 47.83 -26.79 -42.54
C2D APR F . 48.24 -27.70 -43.54
O3D APR F . 46.43 -29.14 -42.65
C3D APR F . 47.29 -28.88 -43.76
C4D APR F . 48.24 -30.06 -43.97
N1 APR G . 17.44 -47.97 -12.01
C2 APR G . 17.71 -47.32 -13.14
N3 APR G . 17.36 -47.63 -14.39
C4 APR G . 16.65 -48.77 -14.41
C5 APR G . 16.29 -49.55 -13.34
C6 APR G . 16.71 -49.11 -12.06
N6 APR G . 16.44 -49.76 -10.93
N7 APR G . 15.56 -50.65 -13.75
C8 APR G . 15.49 -50.52 -15.06
N9 APR G . 16.13 -49.40 -15.52
C1' APR G . 16.25 -48.94 -16.90
C2' APR G . 16.18 -50.03 -17.96
O2' APR G . 17.37 -50.79 -18.06
C3' APR G . 15.89 -49.19 -19.20
O3' APR G . 17.09 -48.64 -19.70
O4' APR G . 15.16 -48.10 -17.20
C4' APR G . 15.00 -48.05 -18.65
C5' APR G . 13.53 -48.13 -18.97
O5' APR G . 12.90 -46.89 -18.56
PA APR G . 11.30 -46.80 -18.49
O1A APR G . 10.88 -45.37 -18.46
O2A APR G . 10.72 -47.70 -19.54
O3A APR G . 11.02 -47.44 -17.04
PB APR G . 10.77 -48.93 -16.51
O1B APR G . 11.74 -49.86 -17.16
O2B APR G . 9.32 -49.24 -16.62
O5D APR G . 11.16 -48.77 -14.95
C5D APR G . 10.39 -47.90 -14.10
O4D APR G . 10.17 -47.10 -11.82
O1D APR G . 9.74 -46.99 -9.56
C1D APR G . 10.61 -47.46 -10.53
O2D APR G . 11.45 -49.62 -9.60
C2D APR G . 10.66 -48.99 -10.60
O3D APR G . 12.42 -49.78 -12.14
C3D APR G . 11.09 -49.29 -12.03
C4D APR G . 10.97 -47.91 -12.72
N1 APR H . -15.99 -63.41 -4.56
C2 APR H . -14.96 -63.37 -3.71
N3 APR H . -14.27 -64.36 -3.16
C4 APR H . -14.75 -65.55 -3.57
C5 APR H . -15.81 -65.77 -4.44
C6 APR H . -16.44 -64.63 -4.96
N6 APR H . -17.47 -64.69 -5.80
N7 APR H . -15.99 -67.12 -4.62
C8 APR H . -15.09 -67.70 -3.87
N9 APR H . -14.29 -66.79 -3.21
C1' APR H . -13.20 -67.07 -2.31
C2' APR H . -13.59 -67.50 -0.90
O2' APR H . -14.06 -66.44 -0.09
C3' APR H . -12.27 -68.12 -0.44
O3' APR H . -11.37 -67.07 -0.08
O4' APR H . -12.46 -68.16 -2.81
C4' APR H . -11.77 -68.82 -1.71
C5' APR H . -12.03 -70.30 -1.81
O5' APR H . -13.45 -70.55 -1.68
PA APR H . -13.97 -71.36 -0.40
O1A APR H . -13.11 -71.02 0.77
O2A APR H . -14.15 -72.81 -0.76
O3A APR H . -15.42 -70.69 -0.19
PB APR H . -16.63 -70.86 0.85
O1B APR H . -17.73 -69.94 0.43
O2B APR H . -16.93 -72.31 0.99
O5D APR H . -15.97 -70.32 2.21
C5D APR H . -15.16 -71.21 3.01
O4D APR H . -13.69 -71.31 4.92
O1D APR H . -11.81 -71.20 6.26
C1D APR H . -12.80 -70.47 5.63
O2D APR H . -11.64 -68.36 4.97
C2D APR H . -12.26 -69.55 4.53
O3D APR H . -14.04 -68.06 3.68
C3D APR H . -13.46 -69.35 3.59
C4D APR H . -14.45 -70.42 4.08
N1 APR I . -42.02 -31.17 1.03
C2 APR I . -41.10 -32.00 0.52
N3 APR I . -41.16 -32.73 -0.60
C4 APR I . -42.33 -32.54 -1.22
C5 APR I . -43.36 -31.72 -0.83
C6 APR I . -43.18 -31.00 0.36
N6 APR I . -44.09 -30.17 0.88
N7 APR I . -44.40 -31.79 -1.74
C8 APR I . -43.99 -32.63 -2.65
N9 APR I . -42.73 -33.12 -2.40
C1' APR I . -41.97 -34.08 -3.19
C2' APR I . -42.80 -35.03 -4.04
O2' APR I . -43.40 -36.07 -3.29
C3' APR I . -41.74 -35.52 -5.02
O3' APR I . -40.97 -36.55 -4.42
O4' APR I . -41.20 -33.37 -4.13
C4' APR I . -40.85 -34.27 -5.22
C5' APR I . -41.00 -33.54 -6.52
O5' APR I . -39.95 -32.54 -6.62
PA APR I . -40.04 -31.41 -7.76
O1A APR I . -38.70 -30.78 -7.94
O2A APR I . -40.73 -31.97 -8.96
O3A APR I . -41.01 -30.34 -7.04
PB APR I . -42.60 -30.14 -6.98
O1B APR I . -43.25 -31.47 -6.78
O2B APR I . -43.02 -29.33 -8.16
O5D APR I . -42.76 -29.28 -5.64
C5D APR I . -42.17 -27.94 -5.58
O4D APR I . -41.95 -26.01 -4.16
O1D APR I . -42.39 -24.08 -2.96
C1D APR I . -42.54 -25.45 -2.99
O2D APR I . -44.76 -25.85 -1.92
C2D APR I . -43.99 -25.89 -3.11
O3D APR I . -44.25 -28.35 -2.91
C3D APR I . -43.92 -27.27 -3.78
C4D APR I . -42.45 -27.36 -4.22
N1 APR J . -61.99 -7.24 -19.93
C2 APR J . -62.04 -7.31 -18.60
N3 APR J . -63.05 -7.61 -17.80
C4 APR J . -64.16 -7.86 -18.52
C5 APR J . -64.28 -7.82 -19.89
C6 APR J . -63.12 -7.49 -20.63
N6 APR J . -63.09 -7.42 -21.96
N7 APR J . -65.58 -8.14 -20.28
C8 APR J . -66.22 -8.35 -19.15
N9 APR J . -65.40 -8.20 -18.05
C1' APR J . -65.76 -8.35 -16.65
C2' APR J . -66.53 -7.19 -16.04
O2' APR J . -65.74 -6.06 -15.76
C3' APR J . -67.11 -7.89 -14.79
O3' APR J . -66.09 -7.99 -13.81
O4' APR J . -66.63 -9.45 -16.53
C4' APR J . -67.45 -9.28 -15.34
C5' APR J . -68.89 -9.52 -15.71
O5' APR J . -69.31 -8.55 -16.70
PA APR J . -70.43 -7.48 -16.29
O1A APR J . -70.28 -7.15 -14.84
O2A APR J . -71.76 -7.96 -16.78
O3A APR J . -69.97 -6.22 -17.17
PB APR J . -70.49 -4.72 -17.38
O1B APR J . -69.62 -4.06 -18.40
O2B APR J . -71.96 -4.75 -17.63
O5D APR J . -70.20 -4.06 -15.95
C5D APR J . -71.17 -4.25 -14.88
O4D APR J . -71.55 -3.88 -12.52
O1D APR J . -71.56 -4.17 -10.22
C1D APR J . -70.81 -3.79 -11.31
O2D APR J . -68.49 -4.53 -10.74
C2D APR J . -69.61 -4.70 -11.58
O3D APR J . -68.15 -3.78 -13.35
C3D APR J . -69.33 -4.53 -13.07
C4D APR J . -70.57 -3.77 -13.58
N1 APR K . -34.74 21.49 -32.60
C2 APR K . -35.35 20.33 -32.33
N3 APR K . -35.81 19.41 -33.17
C4 APR K . -35.61 19.78 -34.44
C5 APR K . -35.00 20.93 -34.88
C6 APR K . -34.55 21.84 -33.90
N6 APR K . -33.95 22.99 -34.17
N7 APR K . -34.97 20.97 -36.27
C8 APR K . -35.55 19.85 -36.64
N9 APR K . -35.95 19.08 -35.57
C1' APR K . -36.63 17.79 -35.61
C2' APR K . -37.45 17.52 -36.86
O2' APR K . -38.68 18.21 -36.89
C3' APR K . -37.60 16.00 -36.76
O3' APR K . -38.66 15.69 -35.88
O4' APR K . -35.66 16.77 -35.62
C4' APR K . -36.26 15.56 -36.14
C5' APR K . -35.27 14.90 -37.08
O5' APR K . -34.17 14.37 -36.29
PA APR K . -32.84 13.89 -37.03
O1A APR K . -32.05 13.01 -36.11
O2A APR K . -33.18 13.36 -38.39
O3A APR K . -32.05 15.28 -37.19
PB APR K . -32.04 16.43 -38.32
O1B APR K . -33.44 16.70 -38.76
O2B APR K . -31.03 16.06 -39.35
O5D APR K . -31.51 17.68 -37.47
C5D APR K . -30.17 17.65 -36.90
O4D APR K . -28.58 18.96 -35.62
O1D APR K . -27.03 20.54 -35.00
C1D APR K . -28.37 20.30 -35.25
O2D APR K . -29.22 22.44 -36.21
C2D APR K . -28.92 21.08 -36.44
O3D APR K . -31.36 20.82 -36.68
C3D APR K . -30.09 20.24 -36.94
C4D APR K . -29.93 18.94 -36.15
N1 APR L . -8.92 25.41 -59.60
C2 APR L . -9.29 26.38 -58.75
N3 APR L . -9.86 27.55 -58.99
C4 APR L . -10.05 27.72 -60.31
C5 APR L . -9.73 26.83 -61.32
C6 APR L . -9.13 25.61 -60.93
N6 APR L . -8.77 24.66 -61.78
N7 APR L . -10.08 27.35 -62.55
C8 APR L . -10.60 28.52 -62.28
N9 APR L . -10.61 28.79 -60.94
C1' APR L . -11.11 30.00 -60.28
C2' APR L . -10.19 31.21 -60.36
O2' APR L . -9.07 31.14 -59.50
C3' APR L . -11.20 32.31 -60.00
O3' APR L . -11.42 32.31 -58.60
O4' APR L . -12.29 30.41 -60.92
C4' APR L . -12.47 31.84 -60.73
C5' APR L . -12.77 32.47 -62.06
O5' APR L . -11.64 32.27 -62.95
PA APR L . -10.81 33.56 -63.43
O1A APR L . -10.79 34.56 -62.33
O2A APR L . -11.30 33.98 -64.78
O3A APR L . -9.35 32.91 -63.58
PB APR L . -7.89 33.45 -64.00
O1B APR L . -6.94 32.31 -63.99
O2B APR L . -8.03 34.26 -65.25
O5D APR L . -7.55 34.44 -62.78
C5D APR L . -8.06 35.80 -62.79
O4D APR L . -8.27 37.81 -61.47
O1D APR L . -9.05 39.38 -59.96
C1D APR L . -8.36 38.19 -60.12
O2D APR L . -8.98 36.88 -58.07
C2D APR L . -9.07 36.99 -59.47
O3D APR L . -7.64 34.99 -59.50
C3D APR L . -8.54 35.78 -60.24
C4D APR L . -7.83 36.43 -61.45
#